data_6H9C
#
_entry.id   6H9C
#
_cell.length_a   1
_cell.length_b   1
_cell.length_c   1
_cell.angle_alpha   90
_cell.angle_beta   90
_cell.angle_gamma   90
#
_symmetry.space_group_name_H-M   'P 1'
#
loop_
_entity.id
_entity.type
_entity.pdbx_description
1 polymer VP7
2 polymer VP9
3 polymer 'GPS-III molecule located underneath the capsomer close to the icosahedral three-fold axis.'
4 polymer 'GPS-II protein located underneath the two-tower capsomer NOT sitting on the icosahedral 2-fold axis.'
5 polymer '(Half) GPS-II protein located underneath the two-tower capsomer sitting ON the icosahedral 2-fold axis.'
6 polymer 'Peripentonal unknown polypeptide'
7 polymer VP4
#
loop_
_entity_poly.entity_id
_entity_poly.type
_entity_poly.pdbx_seq_one_letter_code
_entity_poly.pdbx_strand_id
1 'polypeptide(L)'
;MGNIGNLSAEKQISLYDGQPFISEQDVAAGDPNTPALTIEGPDGYVIAVDAGTPIAPEFRDSNGEKLDPSTRVIVQKCDR
QGNPLGDGIIFNDTLGRFNYNKMRTDPDYMRKTAKSLMVDEREIVKVFVDVPDGANGYDAERSRFTLGDDTSDFGKAVEI
VDHDDLTEGETQAVKSASQRSGGA
;
D,F,E,R,T,S,W,K,J,M,N,I,L,a,Y
2 'polypeptide(L)'
;MRDNQDLLVKRLGRLVNVLESKEFGGTTTVDKDLDVTKNVTRTDEPNEDNTPDYFSTGKDRVLVPDTEEWERLGFGIVAK
TVNVRTTDDVLLAFANPNTNGPTFKIRSNESPFTIGGDAGIDTAFMWLKKAESAQNDPAVEIIAYR
;
b
3 'polypeptide(L)'
;(UNK)(UNK)(UNK)(UNK)(UNK)(UNK)(UNK)(UNK)(UNK)(UNK)(UNK)(UNK)(UNK)(UNK)(UNK)(UNK)
(UNK)(UNK)(UNK)(UNK)(UNK)(UNK)(UNK)(UNK)(UNK)(UNK)(UNK)(UNK)(UNK)(UNK)(UNK)(UNK)
(UNK)(UNK)(UNK)(UNK)(UNK)(UNK)(UNK)(UNK)(UNK)(UNK)(UNK)(UNK)(UNK)(UNK)(UNK)(UNK)
(UNK)(UNK)(UNK)(UNK)(UNK)(UNK)(UNK)(UNK)(UNK)(UNK)(UNK)(UNK)(UNK)(UNK)(UNK)(UNK)
(UNK)(UNK)(UNK)(UNK)(UNK)(UNK)(UNK)(UNK)(UNK)(UNK)(UNK)(UNK)(UNK)(UNK)(UNK)(UNK)
(UNK)(UNK)(UNK)(UNK)(UNK)(UNK)(UNK)(UNK)(UNK)(UNK)(UNK)(UNK)(UNK)(UNK)(UNK)(UNK)
(UNK)(UNK)(UNK)(UNK)(UNK)(UNK)(UNK)(UNK)(UNK)(UNK)(UNK)(UNK)
;
c
4 'polypeptide(L)'
;(UNK)(UNK)(UNK)(UNK)(UNK)(UNK)(UNK)(UNK)(UNK)(UNK)(UNK)(UNK)(UNK)(UNK)(UNK)(UNK)
(UNK)(UNK)(UNK)(UNK)(UNK)(UNK)(UNK)(UNK)(UNK)(UNK)(UNK)(UNK)(UNK)(UNK)(UNK)(UNK)
(UNK)(UNK)(UNK)(UNK)(UNK)(UNK)(UNK)(UNK)(UNK)(UNK)(UNK)(UNK)(UNK)(UNK)(UNK)(UNK)
(UNK)(UNK)(UNK)(UNK)(UNK)(UNK)(UNK)(UNK)(UNK)(UNK)(UNK)(UNK)(UNK)(UNK)(UNK)(UNK)
(UNK)(UNK)(UNK)(UNK)(UNK)(UNK)(UNK)(UNK)(UNK)(UNK)(UNK)
;
d
5 'polypeptide(L)'
;(UNK)(UNK)(UNK)(UNK)(UNK)(UNK)(UNK)(UNK)(UNK)(UNK)(UNK)(UNK)(UNK)(UNK)(UNK)(UNK)
(UNK)(UNK)(UNK)(UNK)(UNK)(UNK)(UNK)(UNK)(UNK)(UNK)(UNK)(UNK)(UNK)(UNK)(UNK)(UNK)
(UNK)(UNK)(UNK)(UNK)(UNK)(UNK)(UNK)(UNK)(UNK)(UNK)(UNK)(UNK)(UNK)(UNK)
;
e
6 'polypeptide(L)'
;(UNK)(UNK)(UNK)(UNK)(UNK)(UNK)(UNK)(UNK)(UNK)(UNK)(UNK)(UNK)(UNK)(UNK)(UNK)(UNK)
(UNK)(UNK)
;
f
7 'polypeptide(L)'
;MADQTQEYTLSHTGGLLGSSKVTTASNQTAPQRETAIISFEVPRKFSEIEYVGQRDATRFVPRTTEEITGTANDDTVVQL
QANIQPIAGEEDMADQDYPVVVAYNVTQGAQVEIADVNYATDEVTLATDPADGDTVKLWPIMGDGEVQFRLVNQFGQEEG
RVYPWATPLYRWHDFPQLKRGREINLHGSVTWQENETVEVLLDAPQAITWEDADYPEGQYVSTFEQDVEITL
;
Z,A,B,C,P,Q,O,V,U,H,G,X
#
# COMPACT_ATOMS: atom_id res chain seq x y z
N ASN A 3 -45.42 7.67 -60.70
CA ASN A 3 -44.68 7.19 -61.87
C ASN A 3 -44.81 5.67 -62.01
N ILE A 4 -44.71 5.21 -63.25
CA ILE A 4 -44.69 3.80 -63.57
C ILE A 4 -43.51 3.55 -64.49
N GLY A 5 -42.91 2.37 -64.34
CA GLY A 5 -41.81 1.98 -65.20
C GLY A 5 -42.32 1.50 -66.55
N ASN A 6 -41.66 1.97 -67.60
CA ASN A 6 -41.99 1.55 -68.94
C ASN A 6 -41.76 0.05 -69.09
N LEU A 7 -42.44 -0.54 -70.06
CA LEU A 7 -42.37 -1.97 -70.31
C LEU A 7 -42.32 -2.23 -71.80
N SER A 8 -41.79 -3.40 -72.14
CA SER A 8 -41.70 -3.82 -73.52
C SER A 8 -43.05 -4.35 -73.99
N ALA A 9 -43.15 -4.55 -75.30
CA ALA A 9 -44.33 -5.21 -75.85
C ALA A 9 -44.37 -6.66 -75.42
N GLU A 10 -43.21 -7.29 -75.30
CA GLU A 10 -43.15 -8.68 -74.86
C GLU A 10 -43.58 -8.76 -73.41
N LYS A 11 -44.47 -9.69 -73.10
CA LYS A 11 -44.96 -9.85 -71.74
C LYS A 11 -45.07 -11.32 -71.38
N GLN A 12 -44.68 -11.63 -70.16
CA GLN A 12 -44.54 -13.00 -69.68
C GLN A 12 -45.75 -13.34 -68.82
N ILE A 13 -46.48 -14.38 -69.22
CA ILE A 13 -47.80 -14.67 -68.68
C ILE A 13 -47.95 -16.17 -68.47
N SER A 14 -49.11 -16.55 -67.97
CA SER A 14 -49.46 -17.94 -67.72
C SER A 14 -50.96 -18.08 -67.93
N LEU A 15 -51.36 -18.95 -68.84
CA LEU A 15 -52.75 -19.06 -69.24
C LEU A 15 -53.51 -20.03 -68.35
N TYR A 16 -54.82 -20.00 -68.46
CA TYR A 16 -55.65 -20.90 -67.67
C TYR A 16 -57.08 -20.88 -68.19
N ASP A 17 -57.97 -21.53 -67.43
CA ASP A 17 -59.34 -21.76 -67.84
C ASP A 17 -60.15 -20.47 -67.83
N GLY A 18 -60.27 -19.84 -66.67
CA GLY A 18 -61.14 -18.69 -66.54
C GLY A 18 -60.62 -17.44 -67.23
N GLN A 19 -60.57 -17.49 -68.54
CA GLN A 19 -60.21 -16.36 -69.39
C GLN A 19 -61.26 -16.19 -70.46
N PRO A 20 -61.33 -15.03 -71.09
CA PRO A 20 -62.41 -14.81 -72.08
C PRO A 20 -62.20 -15.55 -73.39
N PHE A 21 -60.99 -15.45 -73.93
CA PHE A 21 -60.76 -15.90 -75.30
C PHE A 21 -60.62 -17.41 -75.37
N ILE A 22 -60.07 -18.03 -74.34
CA ILE A 22 -60.10 -19.48 -74.24
C ILE A 22 -61.55 -19.95 -74.20
N SER A 23 -61.75 -21.22 -74.57
CA SER A 23 -63.04 -21.86 -74.48
C SER A 23 -62.86 -23.29 -74.01
N GLU A 24 -63.95 -23.90 -73.55
CA GLU A 24 -63.93 -25.25 -73.05
C GLU A 24 -65.28 -25.91 -73.28
N GLN A 25 -65.38 -27.15 -72.84
CA GLN A 25 -66.60 -27.93 -72.93
C GLN A 25 -66.39 -29.23 -72.18
N ASP A 26 -67.50 -29.85 -71.78
CA ASP A 26 -67.42 -31.15 -71.16
C ASP A 26 -67.16 -32.21 -72.22
N VAL A 27 -66.77 -33.40 -71.77
CA VAL A 27 -66.40 -34.50 -72.64
C VAL A 27 -66.88 -35.79 -72.00
N ALA A 28 -67.22 -36.76 -72.84
CA ALA A 28 -67.62 -38.09 -72.44
C ALA A 28 -66.54 -39.09 -72.82
N ALA A 29 -66.61 -40.26 -72.20
CA ALA A 29 -65.61 -41.29 -72.43
C ALA A 29 -65.67 -41.81 -73.86
N GLY A 30 -64.54 -42.30 -74.33
CA GLY A 30 -64.49 -42.92 -75.64
C GLY A 30 -64.80 -41.97 -76.77
N ASP A 31 -64.41 -40.71 -76.65
CA ASP A 31 -64.65 -39.70 -77.68
C ASP A 31 -63.44 -38.79 -77.74
N PRO A 32 -62.30 -39.32 -78.18
CA PRO A 32 -61.06 -38.53 -78.16
C PRO A 32 -61.11 -37.31 -79.05
N ASN A 33 -61.91 -37.33 -80.09
CA ASN A 33 -61.96 -36.21 -81.01
C ASN A 33 -62.63 -34.98 -80.43
N THR A 34 -63.24 -35.07 -79.26
CA THR A 34 -63.88 -33.90 -78.67
C THR A 34 -62.84 -33.08 -77.90
N PRO A 35 -62.54 -31.85 -78.32
CA PRO A 35 -61.60 -31.04 -77.54
C PRO A 35 -62.27 -30.46 -76.31
N ALA A 36 -61.64 -30.68 -75.15
CA ALA A 36 -62.13 -30.11 -73.91
C ALA A 36 -61.68 -28.67 -73.73
N LEU A 37 -60.64 -28.25 -74.43
CA LEU A 37 -60.18 -26.87 -74.41
C LEU A 37 -59.85 -26.41 -75.81
N THR A 38 -60.26 -25.19 -76.10
CA THR A 38 -60.13 -24.59 -77.42
C THR A 38 -59.54 -23.20 -77.21
N ILE A 39 -58.24 -23.10 -77.34
CA ILE A 39 -57.57 -21.81 -77.32
C ILE A 39 -57.71 -21.20 -78.71
N GLU A 40 -57.74 -19.87 -78.74
CA GLU A 40 -58.25 -19.16 -79.89
C GLU A 40 -57.56 -17.80 -79.96
N GLY A 41 -56.78 -17.57 -81.00
CA GLY A 41 -56.00 -16.38 -81.15
C GLY A 41 -56.81 -15.10 -81.02
N PRO A 42 -56.46 -14.23 -80.07
CA PRO A 42 -57.08 -12.90 -80.05
C PRO A 42 -56.57 -12.03 -81.18
N ASP A 43 -57.38 -11.05 -81.53
CA ASP A 43 -57.08 -10.17 -82.66
C ASP A 43 -56.02 -9.16 -82.26
N GLY A 44 -54.97 -9.06 -83.07
CA GLY A 44 -53.87 -8.16 -82.78
C GLY A 44 -53.04 -8.56 -81.60
N TYR A 45 -52.93 -9.86 -81.33
CA TYR A 45 -52.12 -10.33 -80.21
C TYR A 45 -51.52 -11.67 -80.60
N VAL A 46 -50.28 -11.64 -81.01
CA VAL A 46 -49.52 -12.87 -81.21
C VAL A 46 -49.04 -13.37 -79.86
N ILE A 47 -48.98 -14.69 -79.71
CA ILE A 47 -48.42 -15.32 -78.52
C ILE A 47 -47.36 -16.32 -78.97
N ALA A 48 -46.55 -16.74 -78.00
CA ALA A 48 -45.39 -17.54 -78.31
C ALA A 48 -45.03 -18.42 -77.13
N VAL A 49 -44.52 -19.60 -77.47
CA VAL A 49 -44.13 -20.62 -76.53
C VAL A 49 -42.79 -21.17 -77.01
N ASP A 50 -41.79 -21.15 -76.13
CA ASP A 50 -40.47 -21.63 -76.52
C ASP A 50 -40.47 -23.16 -76.43
N ALA A 51 -39.28 -23.76 -76.49
CA ALA A 51 -39.17 -25.20 -76.63
C ALA A 51 -39.77 -25.94 -75.45
N GLY A 52 -39.69 -25.37 -74.26
CA GLY A 52 -40.16 -26.02 -73.06
C GLY A 52 -40.89 -25.09 -72.13
N THR A 53 -42.14 -25.42 -71.80
CA THR A 53 -42.95 -24.65 -70.90
C THR A 53 -43.87 -25.58 -70.14
N PRO A 54 -44.15 -25.32 -68.86
CA PRO A 54 -44.95 -26.25 -68.09
C PRO A 54 -46.37 -26.35 -68.60
N ILE A 55 -47.05 -27.40 -68.15
CA ILE A 55 -48.48 -27.54 -68.30
C ILE A 55 -48.98 -28.11 -66.97
N ALA A 56 -50.20 -27.76 -66.60
CA ALA A 56 -50.89 -28.33 -65.45
C ALA A 56 -52.17 -29.03 -65.92
N PRO A 57 -52.04 -30.17 -66.56
CA PRO A 57 -53.22 -30.79 -67.16
C PRO A 57 -54.14 -31.37 -66.11
N GLU A 58 -54.84 -30.49 -65.40
CA GLU A 58 -55.77 -30.91 -64.36
C GLU A 58 -57.11 -31.23 -64.98
N PHE A 59 -57.40 -32.52 -65.11
CA PHE A 59 -58.56 -33.02 -65.81
C PHE A 59 -59.24 -34.05 -64.93
N ARG A 60 -60.17 -33.60 -64.11
CA ARG A 60 -60.80 -34.43 -63.10
C ARG A 60 -62.23 -34.78 -63.50
N ASP A 61 -62.82 -35.64 -62.68
CA ASP A 61 -64.16 -36.13 -62.84
C ASP A 61 -65.16 -35.10 -62.30
N SER A 62 -66.43 -35.32 -62.65
CA SER A 62 -67.53 -34.61 -62.00
C SER A 62 -67.42 -34.67 -60.50
N ASN A 63 -67.02 -35.83 -59.97
CA ASN A 63 -66.88 -36.06 -58.54
C ASN A 63 -65.51 -35.63 -58.03
N GLY A 64 -64.79 -34.80 -58.77
CA GLY A 64 -63.53 -34.26 -58.32
C GLY A 64 -62.47 -35.32 -58.13
N GLU A 65 -62.19 -36.05 -59.21
CA GLU A 65 -61.20 -37.12 -59.19
C GLU A 65 -60.50 -37.14 -60.52
N LYS A 66 -59.18 -37.27 -60.49
CA LYS A 66 -58.44 -37.37 -61.74
C LYS A 66 -58.88 -38.62 -62.47
N LEU A 67 -59.07 -38.49 -63.78
CA LEU A 67 -59.62 -39.58 -64.55
C LEU A 67 -58.60 -40.71 -64.64
N ASP A 68 -58.96 -41.74 -65.39
CA ASP A 68 -58.19 -42.97 -65.37
C ASP A 68 -56.77 -42.71 -65.84
N PRO A 69 -55.78 -43.39 -65.26
CA PRO A 69 -54.40 -43.15 -65.69
C PRO A 69 -54.15 -43.53 -67.11
N SER A 70 -54.96 -44.44 -67.66
CA SER A 70 -54.88 -44.78 -69.07
C SER A 70 -55.35 -43.64 -69.96
N THR A 71 -56.02 -42.64 -69.39
CA THR A 71 -56.39 -41.46 -70.15
C THR A 71 -55.16 -40.81 -70.74
N ARG A 72 -55.35 -40.14 -71.87
CA ARG A 72 -54.27 -39.42 -72.53
C ARG A 72 -54.72 -38.03 -72.92
N VAL A 73 -53.73 -37.17 -73.05
CA VAL A 73 -53.89 -35.79 -73.45
C VAL A 73 -53.02 -35.56 -74.66
N ILE A 74 -53.56 -34.83 -75.62
CA ILE A 74 -52.84 -34.42 -76.82
C ILE A 74 -53.16 -32.95 -77.02
N VAL A 75 -52.18 -32.10 -76.81
CA VAL A 75 -52.28 -30.74 -77.28
C VAL A 75 -52.02 -30.75 -78.77
N GLN A 76 -52.64 -29.84 -79.50
CA GLN A 76 -52.49 -29.87 -80.94
C GLN A 76 -52.80 -28.52 -81.55
N LYS A 77 -51.91 -28.06 -82.42
CA LYS A 77 -52.14 -26.84 -83.16
C LYS A 77 -53.24 -27.04 -84.18
N CYS A 78 -53.88 -25.95 -84.54
CA CYS A 78 -54.89 -25.94 -85.56
C CYS A 78 -54.84 -24.59 -86.25
N ASP A 79 -54.94 -24.60 -87.57
CA ASP A 79 -55.14 -23.37 -88.30
C ASP A 79 -56.61 -22.99 -88.16
N ARG A 80 -57.08 -22.08 -89.00
CA ARG A 80 -58.50 -21.79 -89.06
C ARG A 80 -59.20 -23.00 -89.68
N GLN A 81 -60.49 -22.85 -89.96
CA GLN A 81 -61.35 -23.90 -90.51
C GLN A 81 -61.64 -24.99 -89.50
N GLY A 82 -61.34 -24.76 -88.21
CA GLY A 82 -61.55 -25.78 -87.20
C GLY A 82 -60.81 -27.06 -87.50
N ASN A 83 -59.69 -26.96 -88.21
CA ASN A 83 -59.05 -28.10 -88.81
C ASN A 83 -57.86 -28.52 -87.97
N PRO A 84 -57.76 -29.77 -87.51
CA PRO A 84 -56.53 -30.20 -86.85
C PRO A 84 -55.39 -30.25 -87.84
N LEU A 85 -54.19 -30.50 -87.30
CA LEU A 85 -52.99 -30.48 -88.11
C LEU A 85 -51.94 -31.36 -87.45
N GLY A 86 -51.28 -32.19 -88.25
CA GLY A 86 -50.24 -33.06 -87.75
C GLY A 86 -48.90 -32.34 -87.75
N ASP A 87 -48.66 -31.56 -88.80
CA ASP A 87 -47.47 -30.73 -88.84
C ASP A 87 -47.63 -29.60 -87.84
N GLY A 88 -47.14 -29.82 -86.63
CA GLY A 88 -47.34 -28.90 -85.53
C GLY A 88 -48.22 -29.52 -84.48
N ILE A 89 -47.60 -30.00 -83.41
CA ILE A 89 -48.32 -30.68 -82.35
C ILE A 89 -47.40 -30.74 -81.15
N ILE A 90 -47.98 -30.60 -79.97
CA ILE A 90 -47.25 -30.52 -78.72
C ILE A 90 -47.88 -31.47 -77.73
N PHE A 91 -47.06 -32.01 -76.83
CA PHE A 91 -47.54 -32.63 -75.59
C PHE A 91 -48.54 -33.75 -75.87
N ASN A 92 -47.99 -34.83 -76.39
CA ASN A 92 -48.66 -36.12 -76.40
C ASN A 92 -48.21 -36.87 -75.16
N ASP A 93 -49.14 -37.10 -74.22
CA ASP A 93 -48.75 -37.69 -72.95
C ASP A 93 -49.98 -38.32 -72.32
N THR A 94 -49.76 -39.07 -71.25
CA THR A 94 -50.85 -39.71 -70.53
C THR A 94 -51.49 -38.70 -69.56
N LEU A 95 -52.34 -39.22 -68.67
CA LEU A 95 -52.93 -38.44 -67.58
C LEU A 95 -52.40 -38.88 -66.24
N GLY A 96 -52.53 -40.16 -65.89
CA GLY A 96 -52.24 -40.59 -64.53
C GLY A 96 -50.77 -40.71 -64.27
N ARG A 97 -50.09 -39.59 -64.46
CA ARG A 97 -48.65 -39.51 -64.35
C ARG A 97 -48.17 -38.27 -63.63
N PHE A 98 -48.95 -37.21 -63.53
CA PHE A 98 -48.36 -35.92 -63.26
C PHE A 98 -48.09 -35.69 -61.78
N ASN A 99 -48.88 -36.28 -60.89
CA ASN A 99 -48.82 -35.97 -59.47
C ASN A 99 -49.06 -34.47 -59.25
N TYR A 100 -50.32 -34.14 -59.56
CA TYR A 100 -50.84 -32.77 -59.62
C TYR A 100 -50.33 -31.86 -58.51
N ASN A 101 -50.48 -32.36 -57.28
CA ASN A 101 -50.35 -31.56 -56.08
C ASN A 101 -49.00 -30.88 -55.97
N LYS A 102 -47.97 -31.53 -56.48
CA LYS A 102 -46.61 -31.02 -56.47
C LYS A 102 -46.14 -30.56 -57.83
N MET A 103 -46.62 -31.20 -58.89
CA MET A 103 -46.13 -30.88 -60.21
C MET A 103 -46.51 -29.49 -60.66
N ARG A 104 -47.52 -28.88 -60.04
CA ARG A 104 -47.64 -27.45 -60.31
C ARG A 104 -46.50 -26.63 -59.72
N THR A 105 -45.65 -27.22 -58.88
CA THR A 105 -44.67 -26.49 -58.08
C THR A 105 -43.25 -26.84 -58.44
N ASP A 106 -42.88 -28.11 -58.35
CA ASP A 106 -41.48 -28.48 -58.33
C ASP A 106 -40.86 -28.32 -59.72
N PRO A 107 -39.56 -28.03 -59.80
CA PRO A 107 -38.91 -28.04 -61.12
C PRO A 107 -38.88 -29.39 -61.77
N ASP A 108 -39.02 -30.47 -61.00
CA ASP A 108 -38.67 -31.80 -61.51
C ASP A 108 -39.86 -32.47 -62.19
N TYR A 109 -40.97 -32.60 -61.46
CA TYR A 109 -42.21 -33.04 -62.09
C TYR A 109 -42.51 -32.25 -63.34
N MET A 110 -42.24 -30.95 -63.29
CA MET A 110 -42.66 -29.95 -64.26
C MET A 110 -42.46 -30.42 -65.69
N ARG A 111 -43.58 -30.53 -66.40
CA ARG A 111 -43.58 -31.14 -67.73
C ARG A 111 -43.59 -30.08 -68.80
N LYS A 112 -42.51 -30.04 -69.55
CA LYS A 112 -42.30 -29.06 -70.58
C LYS A 112 -42.75 -29.61 -71.92
N THR A 113 -42.77 -28.72 -72.90
CA THR A 113 -43.28 -29.04 -74.21
C THR A 113 -42.26 -29.82 -75.01
N ALA A 114 -42.66 -30.22 -76.22
CA ALA A 114 -41.77 -30.91 -77.14
C ALA A 114 -40.99 -29.94 -78.00
N LYS A 115 -41.61 -28.83 -78.37
CA LYS A 115 -40.96 -27.84 -79.20
C LYS A 115 -41.67 -26.50 -79.01
N SER A 116 -41.32 -25.53 -79.84
CA SER A 116 -41.81 -24.18 -79.70
C SER A 116 -43.15 -24.05 -80.42
N LEU A 117 -43.64 -22.82 -80.54
CA LEU A 117 -44.93 -22.57 -81.14
C LEU A 117 -45.12 -21.08 -81.36
N MET A 118 -45.96 -20.75 -82.34
CA MET A 118 -46.40 -19.38 -82.57
C MET A 118 -47.85 -19.42 -83.02
N VAL A 119 -48.57 -18.37 -82.69
CA VAL A 119 -50.02 -18.31 -82.87
C VAL A 119 -50.37 -16.92 -83.35
N ASP A 120 -50.83 -16.81 -84.59
CA ASP A 120 -51.18 -15.53 -85.18
C ASP A 120 -52.49 -15.05 -84.58
N GLU A 121 -53.02 -13.96 -85.14
CA GLU A 121 -54.15 -13.26 -84.55
C GLU A 121 -55.41 -14.11 -84.50
N ARG A 122 -55.51 -15.14 -85.35
CA ARG A 122 -56.61 -16.10 -85.24
C ARG A 122 -56.06 -17.45 -85.67
N GLU A 123 -55.62 -18.22 -84.69
CA GLU A 123 -55.24 -19.60 -84.90
C GLU A 123 -55.62 -20.36 -83.65
N ILE A 124 -56.03 -21.60 -83.83
CA ILE A 124 -56.70 -22.35 -82.79
C ILE A 124 -55.71 -23.37 -82.24
N VAL A 125 -55.90 -23.74 -80.99
CA VAL A 125 -55.20 -24.87 -80.41
C VAL A 125 -56.24 -25.65 -79.63
N LYS A 126 -56.09 -26.97 -79.65
CA LYS A 126 -57.07 -27.87 -79.08
C LYS A 126 -56.40 -28.85 -78.15
N VAL A 127 -57.20 -29.33 -77.21
CA VAL A 127 -56.75 -30.27 -76.20
C VAL A 127 -57.63 -31.50 -76.32
N PHE A 128 -57.19 -32.46 -77.10
CA PHE A 128 -57.91 -33.71 -77.24
C PHE A 128 -57.60 -34.62 -76.07
N VAL A 129 -58.61 -35.37 -75.64
CA VAL A 129 -58.57 -36.13 -74.41
C VAL A 129 -59.07 -37.53 -74.72
N ASP A 130 -58.15 -38.49 -74.78
CA ASP A 130 -58.49 -39.88 -75.07
C ASP A 130 -58.77 -40.57 -73.75
N VAL A 131 -60.04 -40.59 -73.38
CA VAL A 131 -60.54 -41.50 -72.35
C VAL A 131 -60.77 -42.86 -73.00
N PRO A 132 -60.32 -43.98 -72.41
CA PRO A 132 -60.34 -45.24 -73.14
C PRO A 132 -61.73 -45.71 -73.53
N ASP A 133 -62.57 -45.96 -72.54
CA ASP A 133 -64.00 -46.21 -72.68
C ASP A 133 -64.54 -46.51 -71.28
N GLY A 134 -65.85 -46.48 -71.15
CA GLY A 134 -66.51 -46.95 -69.94
C GLY A 134 -66.06 -46.32 -68.64
N ALA A 135 -65.37 -45.19 -68.73
CA ALA A 135 -64.81 -44.52 -67.57
C ALA A 135 -65.81 -43.48 -67.07
N ASN A 136 -65.36 -42.63 -66.15
CA ASN A 136 -66.16 -41.51 -65.72
C ASN A 136 -65.99 -40.36 -66.70
N GLY A 137 -67.08 -39.65 -66.95
CA GLY A 137 -67.04 -38.53 -67.85
C GLY A 137 -66.18 -37.41 -67.32
N TYR A 138 -66.01 -36.40 -68.18
CA TYR A 138 -65.21 -35.22 -67.86
C TYR A 138 -66.11 -34.05 -67.51
N ASP A 139 -65.67 -33.25 -66.55
CA ASP A 139 -66.20 -31.91 -66.33
C ASP A 139 -65.06 -30.92 -66.25
N ALA A 140 -65.38 -29.66 -66.53
CA ALA A 140 -64.42 -28.59 -66.59
C ALA A 140 -64.41 -27.73 -65.34
N GLU A 141 -65.59 -27.46 -64.77
CA GLU A 141 -65.67 -26.64 -63.57
C GLU A 141 -64.90 -27.25 -62.41
N ARG A 142 -64.84 -28.58 -62.35
CA ARG A 142 -64.00 -29.28 -61.39
C ARG A 142 -62.61 -29.54 -61.94
N SER A 143 -62.16 -28.73 -62.90
CA SER A 143 -60.91 -28.96 -63.57
C SER A 143 -60.27 -27.62 -63.89
N ARG A 144 -58.99 -27.67 -64.24
CA ARG A 144 -58.22 -26.49 -64.60
C ARG A 144 -57.29 -26.88 -65.74
N PHE A 145 -56.40 -25.97 -66.09
CA PHE A 145 -55.38 -26.19 -67.09
C PHE A 145 -54.50 -24.97 -67.08
N THR A 146 -53.22 -25.15 -67.37
CA THR A 146 -52.31 -24.01 -67.47
C THR A 146 -51.24 -24.31 -68.51
N LEU A 147 -50.39 -23.32 -68.74
CA LEU A 147 -49.32 -23.45 -69.74
C LEU A 147 -48.00 -22.80 -69.35
N GLY A 148 -47.91 -22.10 -68.22
CA GLY A 148 -46.72 -21.31 -67.95
C GLY A 148 -46.44 -21.14 -66.47
N ASP A 149 -45.22 -20.68 -66.20
CA ASP A 149 -44.74 -20.38 -64.86
C ASP A 149 -44.08 -19.01 -64.95
N ASP A 150 -44.88 -17.97 -64.75
CA ASP A 150 -44.43 -16.59 -64.89
C ASP A 150 -44.11 -15.93 -63.56
N THR A 151 -44.74 -16.37 -62.48
CA THR A 151 -44.46 -15.77 -61.19
C THR A 151 -43.08 -16.19 -60.68
N SER A 152 -42.67 -17.41 -60.96
CA SER A 152 -41.50 -17.99 -60.34
C SER A 152 -40.23 -17.46 -60.99
N ASP A 153 -39.10 -18.11 -60.66
CA ASP A 153 -37.79 -17.69 -61.12
C ASP A 153 -37.06 -18.76 -61.91
N PHE A 154 -37.46 -20.03 -61.81
CA PHE A 154 -36.84 -21.10 -62.60
C PHE A 154 -37.65 -21.48 -63.82
N GLY A 155 -38.97 -21.36 -63.75
CA GLY A 155 -39.81 -21.81 -64.84
C GLY A 155 -39.95 -20.79 -65.96
N LYS A 156 -40.48 -21.27 -67.08
CA LYS A 156 -40.72 -20.43 -68.25
C LYS A 156 -42.15 -19.91 -68.25
N ALA A 157 -42.42 -19.03 -69.20
CA ALA A 157 -43.70 -18.36 -69.30
C ALA A 157 -44.04 -18.12 -70.76
N VAL A 158 -45.31 -17.85 -71.01
CA VAL A 158 -45.79 -17.57 -72.35
C VAL A 158 -45.49 -16.12 -72.68
N GLU A 159 -45.09 -15.87 -73.92
CA GLU A 159 -44.65 -14.54 -74.33
C GLU A 159 -45.67 -13.97 -75.31
N ILE A 160 -46.36 -12.94 -74.89
CA ILE A 160 -47.36 -12.27 -75.73
C ILE A 160 -46.78 -10.96 -76.25
N VAL A 161 -47.22 -10.61 -77.46
CA VAL A 161 -46.87 -9.35 -78.11
C VAL A 161 -48.10 -8.84 -78.83
N ASP A 162 -48.25 -7.52 -78.84
CA ASP A 162 -49.28 -6.86 -79.63
C ASP A 162 -48.77 -6.70 -81.06
N HIS A 163 -49.61 -7.07 -82.02
CA HIS A 163 -49.19 -7.12 -83.42
C HIS A 163 -48.78 -5.75 -83.93
N ASP A 164 -49.32 -4.68 -83.36
CA ASP A 164 -49.03 -3.35 -83.87
C ASP A 164 -47.59 -2.95 -83.64
N ASP A 165 -46.94 -3.52 -82.63
CA ASP A 165 -45.63 -3.09 -82.18
C ASP A 165 -44.50 -3.81 -82.90
N LEU A 166 -44.73 -4.26 -84.14
CA LEU A 166 -43.72 -5.00 -84.88
C LEU A 166 -43.75 -4.60 -86.35
N THR A 167 -42.63 -4.91 -87.01
CA THR A 167 -42.49 -4.79 -88.45
C THR A 167 -42.27 -6.13 -89.14
N GLU A 168 -42.12 -7.21 -88.37
CA GLU A 168 -42.00 -8.57 -88.90
C GLU A 168 -43.34 -9.30 -88.87
N GLY A 169 -44.44 -8.59 -88.58
CA GLY A 169 -45.73 -9.24 -88.50
C GLY A 169 -46.14 -9.86 -89.82
N GLU A 170 -45.79 -9.21 -90.94
CA GLU A 170 -46.06 -9.80 -92.24
C GLU A 170 -45.28 -11.10 -92.40
N THR A 171 -44.05 -11.13 -91.91
CA THR A 171 -43.24 -12.34 -92.04
C THR A 171 -43.87 -13.48 -91.25
N GLN A 172 -44.23 -13.23 -90.00
CA GLN A 172 -44.87 -14.27 -89.20
C GLN A 172 -46.23 -14.66 -89.77
N ALA A 173 -46.91 -13.73 -90.44
CA ALA A 173 -48.15 -14.08 -91.12
C ALA A 173 -47.88 -15.04 -92.26
N VAL A 174 -46.78 -14.84 -92.99
CA VAL A 174 -46.41 -15.78 -94.04
C VAL A 174 -46.04 -17.13 -93.43
N LYS A 175 -45.42 -17.11 -92.26
CA LYS A 175 -45.11 -18.36 -91.57
C LYS A 175 -46.38 -19.14 -91.27
N SER A 176 -47.31 -18.52 -90.56
CA SER A 176 -48.58 -19.16 -90.20
C SER A 176 -48.35 -20.43 -89.39
N VAL B 16 -26.60 -18.97 -124.66
CA VAL B 16 -27.57 -19.68 -123.83
C VAL B 16 -28.93 -19.01 -123.88
N ASN B 17 -28.95 -17.69 -124.12
CA ASN B 17 -30.22 -16.99 -124.25
C ASN B 17 -30.99 -17.46 -125.49
N VAL B 18 -30.31 -17.53 -126.63
CA VAL B 18 -30.96 -18.08 -127.82
C VAL B 18 -31.24 -19.57 -127.67
N LEU B 19 -30.48 -20.27 -126.84
CA LEU B 19 -30.80 -21.66 -126.54
C LEU B 19 -32.12 -21.76 -125.80
N GLU B 20 -32.33 -20.87 -124.81
CA GLU B 20 -33.61 -20.81 -124.12
C GLU B 20 -34.72 -20.43 -125.09
N SER B 21 -34.41 -19.55 -126.05
CA SER B 21 -35.41 -19.19 -127.06
C SER B 21 -35.82 -20.40 -127.90
N LYS B 22 -34.84 -21.19 -128.33
CA LYS B 22 -35.14 -22.39 -129.09
C LYS B 22 -35.95 -23.38 -128.25
N GLU B 23 -35.62 -23.49 -126.96
CA GLU B 23 -36.36 -24.37 -126.08
C GLU B 23 -37.81 -23.91 -125.93
N PHE B 24 -38.01 -22.60 -125.79
CA PHE B 24 -39.36 -22.06 -125.68
C PHE B 24 -40.13 -22.27 -126.99
N GLY B 25 -39.45 -22.13 -128.13
CA GLY B 25 -40.10 -22.40 -129.40
C GLY B 25 -40.54 -23.85 -129.51
N GLY B 26 -39.67 -24.77 -129.09
CA GLY B 26 -40.05 -26.18 -129.13
C GLY B 26 -41.19 -26.48 -128.16
N THR B 27 -41.20 -25.80 -127.01
CA THR B 27 -42.28 -26.01 -126.04
C THR B 27 -43.61 -25.49 -126.58
N THR B 28 -43.58 -24.30 -127.18
CA THR B 28 -44.78 -23.76 -127.82
C THR B 28 -45.23 -24.64 -128.97
N THR B 29 -44.28 -25.25 -129.69
CA THR B 29 -44.63 -26.15 -130.77
C THR B 29 -45.35 -27.39 -130.25
N VAL B 30 -44.79 -28.01 -129.21
CA VAL B 30 -45.43 -29.18 -128.60
C VAL B 30 -46.79 -28.82 -128.00
N ASP B 31 -46.94 -27.59 -127.51
CA ASP B 31 -48.21 -27.19 -126.91
C ASP B 31 -49.27 -26.97 -127.98
N LYS B 32 -48.98 -26.15 -128.98
CA LYS B 32 -49.95 -25.84 -130.02
C LYS B 32 -50.24 -27.06 -130.90
N ASP B 33 -49.24 -27.89 -131.13
CA ASP B 33 -49.34 -29.02 -132.07
C ASP B 33 -49.72 -28.54 -133.47
N LEU B 34 -49.33 -27.31 -133.81
CA LEU B 34 -49.58 -26.71 -135.12
C LEU B 34 -48.33 -26.66 -135.98
N ASP B 35 -47.24 -26.11 -135.46
CA ASP B 35 -45.97 -26.12 -136.16
C ASP B 35 -45.28 -27.49 -136.07
N VAL B 36 -45.63 -28.30 -135.08
CA VAL B 36 -45.07 -29.65 -134.96
C VAL B 36 -45.67 -30.54 -136.03
N THR B 37 -44.86 -30.91 -137.02
CA THR B 37 -45.29 -31.82 -138.08
C THR B 37 -45.28 -33.28 -137.64
N LYS B 38 -45.01 -33.57 -136.37
CA LYS B 38 -45.05 -34.94 -135.88
C LYS B 38 -46.45 -35.54 -136.02
N ASN B 39 -47.48 -34.69 -136.03
CA ASN B 39 -48.84 -35.19 -136.12
C ASN B 39 -49.08 -35.91 -137.44
N VAL B 40 -48.42 -35.46 -138.51
CA VAL B 40 -48.63 -36.08 -139.82
C VAL B 40 -48.22 -37.54 -139.83
N THR B 41 -47.20 -37.90 -139.05
CA THR B 41 -46.78 -39.28 -138.91
C THR B 41 -47.52 -39.97 -137.77
N ARG B 42 -47.91 -39.22 -136.75
CA ARG B 42 -48.65 -39.78 -135.63
C ARG B 42 -49.98 -40.34 -136.08
N THR B 43 -50.64 -39.63 -136.99
CA THR B 43 -51.94 -40.08 -137.48
C THR B 43 -51.85 -41.36 -138.30
N ASP B 44 -50.66 -41.71 -138.79
CA ASP B 44 -50.51 -42.94 -139.57
C ASP B 44 -50.76 -44.17 -138.70
N GLU B 45 -50.17 -44.18 -137.51
CA GLU B 45 -50.29 -45.32 -136.61
C GLU B 45 -49.94 -44.84 -135.20
N PRO B 46 -50.38 -45.57 -134.17
CA PRO B 46 -50.10 -45.10 -132.81
C PRO B 46 -48.64 -45.30 -132.44
N ASN B 47 -48.18 -44.42 -131.56
CA ASN B 47 -46.85 -44.53 -130.98
C ASN B 47 -46.89 -43.88 -129.60
N GLU B 48 -45.73 -43.72 -128.98
CA GLU B 48 -45.66 -43.03 -127.70
C GLU B 48 -46.10 -41.57 -127.84
N ASP B 49 -45.91 -40.98 -129.03
CA ASP B 49 -46.23 -39.58 -129.22
C ASP B 49 -47.73 -39.38 -129.41
N ASN B 50 -48.33 -40.14 -130.32
CA ASN B 50 -49.78 -40.10 -130.46
C ASN B 50 -50.46 -40.48 -129.16
N THR B 51 -50.19 -41.70 -128.70
CA THR B 51 -50.81 -42.26 -127.51
C THR B 51 -50.49 -41.41 -126.29
N PRO B 52 -51.44 -40.68 -125.70
CA PRO B 52 -51.13 -39.98 -124.46
C PRO B 52 -51.04 -40.95 -123.31
N ASP B 53 -50.22 -40.59 -122.33
CA ASP B 53 -50.13 -41.33 -121.08
C ASP B 53 -51.11 -40.73 -120.08
N TYR B 54 -51.69 -41.58 -119.26
CA TYR B 54 -52.65 -41.15 -118.25
C TYR B 54 -52.83 -42.27 -117.23
N PHE B 55 -53.82 -42.12 -116.36
CA PHE B 55 -54.16 -43.14 -115.39
C PHE B 55 -55.67 -43.28 -115.32
N SER B 56 -56.09 -44.50 -115.04
CA SER B 56 -57.48 -44.82 -114.80
C SER B 56 -57.49 -46.01 -113.85
N THR B 57 -58.65 -46.61 -113.71
CA THR B 57 -58.79 -47.90 -113.07
C THR B 57 -59.62 -48.77 -113.99
N GLY B 58 -59.58 -50.07 -113.73
CA GLY B 58 -60.38 -50.98 -114.53
C GLY B 58 -61.85 -50.73 -114.35
N LYS B 59 -62.66 -51.55 -115.01
CA LYS B 59 -64.11 -51.47 -114.82
C LYS B 59 -64.48 -51.66 -113.36
N ASP B 60 -63.72 -52.47 -112.64
CA ASP B 60 -64.09 -52.85 -111.29
C ASP B 60 -63.89 -51.69 -110.34
N ARG B 61 -64.97 -51.31 -109.66
CA ARG B 61 -64.90 -50.24 -108.68
C ARG B 61 -63.93 -50.60 -107.55
N VAL B 62 -63.19 -49.60 -107.08
CA VAL B 62 -62.21 -49.76 -106.02
C VAL B 62 -62.87 -49.48 -104.69
N LEU B 63 -62.56 -50.29 -103.68
CA LEU B 63 -63.27 -50.28 -102.42
C LEU B 63 -62.41 -49.75 -101.27
N VAL B 64 -63.06 -49.07 -100.35
CA VAL B 64 -62.47 -48.67 -99.06
C VAL B 64 -63.52 -48.92 -97.99
N PRO B 65 -63.67 -50.17 -97.51
CA PRO B 65 -64.62 -50.43 -96.43
C PRO B 65 -64.11 -50.08 -95.04
N ASP B 66 -62.98 -49.38 -94.91
CA ASP B 66 -62.31 -49.20 -93.64
C ASP B 66 -61.96 -47.73 -93.41
N THR B 67 -61.75 -47.40 -92.14
CA THR B 67 -61.41 -46.07 -91.68
C THR B 67 -60.09 -46.12 -90.91
N GLU B 68 -59.68 -44.96 -90.41
CA GLU B 68 -58.36 -44.80 -89.79
C GLU B 68 -57.27 -45.30 -90.72
N GLU B 69 -57.45 -45.00 -92.02
CA GLU B 69 -56.75 -45.71 -93.07
C GLU B 69 -56.77 -44.79 -94.29
N TRP B 70 -55.68 -44.09 -94.53
CA TRP B 70 -55.60 -43.14 -95.62
C TRP B 70 -55.02 -43.84 -96.84
N GLU B 71 -55.90 -44.42 -97.66
CA GLU B 71 -55.47 -45.00 -98.92
C GLU B 71 -54.65 -43.99 -99.71
N ARG B 72 -53.60 -44.49 -100.33
CA ARG B 72 -52.74 -43.72 -101.20
C ARG B 72 -52.86 -44.26 -102.60
N LEU B 73 -52.65 -43.39 -103.58
CA LEU B 73 -52.75 -43.75 -104.99
C LEU B 73 -51.68 -42.98 -105.72
N GLY B 74 -50.68 -43.71 -106.19
CA GLY B 74 -49.54 -43.12 -106.84
C GLY B 74 -49.71 -43.08 -108.33
N PHE B 75 -50.14 -41.93 -108.81
CA PHE B 75 -50.14 -41.67 -110.24
C PHE B 75 -48.71 -41.73 -110.75
N GLY B 76 -48.55 -42.27 -111.95
CA GLY B 76 -47.26 -42.25 -112.60
C GLY B 76 -46.91 -40.93 -113.22
N ILE B 77 -47.72 -39.90 -112.98
CA ILE B 77 -47.58 -38.63 -113.67
C ILE B 77 -48.28 -37.58 -112.82
N VAL B 78 -47.85 -36.33 -112.97
CA VAL B 78 -48.62 -35.23 -112.42
C VAL B 78 -49.96 -35.20 -113.15
N ALA B 79 -50.95 -34.56 -112.55
CA ALA B 79 -52.30 -34.53 -113.12
C ALA B 79 -52.84 -33.11 -113.09
N LYS B 80 -53.24 -32.62 -114.26
CA LYS B 80 -53.91 -31.32 -114.31
C LYS B 80 -55.33 -31.40 -113.80
N THR B 81 -56.03 -32.49 -114.10
CA THR B 81 -57.42 -32.63 -113.69
C THR B 81 -57.69 -34.06 -113.30
N VAL B 82 -58.88 -34.28 -112.76
CA VAL B 82 -59.33 -35.58 -112.30
C VAL B 82 -60.78 -35.77 -112.68
N ASN B 83 -61.32 -36.91 -112.29
CA ASN B 83 -62.74 -37.21 -112.44
C ASN B 83 -63.02 -38.38 -111.53
N VAL B 84 -64.07 -38.25 -110.75
CA VAL B 84 -64.41 -39.21 -109.71
C VAL B 84 -65.88 -39.57 -109.85
N ARG B 85 -66.17 -40.85 -109.60
CA ARG B 85 -67.53 -41.36 -109.48
C ARG B 85 -67.55 -42.33 -108.32
N THR B 86 -68.63 -42.33 -107.54
CA THR B 86 -68.70 -43.12 -106.31
C THR B 86 -70.14 -43.57 -106.09
N THR B 87 -70.38 -44.18 -104.94
CA THR B 87 -71.73 -44.40 -104.42
C THR B 87 -71.80 -44.15 -102.93
N ASP B 88 -70.88 -43.36 -102.37
CA ASP B 88 -70.85 -43.15 -100.94
C ASP B 88 -70.04 -41.92 -100.62
N ASP B 89 -70.28 -41.37 -99.44
CA ASP B 89 -69.57 -40.18 -98.98
C ASP B 89 -68.21 -40.58 -98.42
N VAL B 90 -67.19 -39.85 -98.83
CA VAL B 90 -65.81 -40.12 -98.53
C VAL B 90 -65.10 -38.79 -98.26
N LEU B 91 -63.79 -38.90 -98.04
CA LEU B 91 -62.93 -37.74 -97.89
C LEU B 91 -61.80 -37.83 -98.90
N LEU B 92 -61.07 -36.72 -99.01
CA LEU B 92 -60.01 -36.60 -99.99
C LEU B 92 -58.97 -35.61 -99.52
N ALA B 93 -57.78 -35.75 -100.09
CA ALA B 93 -56.72 -34.78 -99.95
C ALA B 93 -55.64 -35.05 -100.98
N PHE B 94 -55.29 -34.04 -101.75
CA PHE B 94 -54.22 -34.13 -102.73
C PHE B 94 -52.88 -33.75 -102.13
N ALA B 95 -52.88 -33.07 -101.01
CA ALA B 95 -51.73 -32.98 -100.14
C ALA B 95 -51.82 -34.08 -99.09
N ASN B 96 -50.74 -34.25 -98.36
CA ASN B 96 -50.68 -35.29 -97.35
C ASN B 96 -51.73 -35.05 -96.29
N PRO B 97 -52.80 -35.87 -96.21
CA PRO B 97 -53.91 -35.54 -95.30
C PRO B 97 -53.52 -35.48 -93.85
N ASN B 98 -52.36 -36.02 -93.49
CA ASN B 98 -51.98 -36.19 -92.09
C ASN B 98 -51.07 -35.09 -91.57
N THR B 99 -50.35 -34.41 -92.44
CA THR B 99 -49.29 -33.50 -92.03
C THR B 99 -49.66 -32.05 -92.32
N ASN B 100 -49.97 -31.72 -93.56
CA ASN B 100 -50.44 -30.39 -93.90
C ASN B 100 -51.57 -30.45 -94.91
N GLY B 101 -52.40 -31.48 -94.83
CA GLY B 101 -53.37 -31.77 -95.86
C GLY B 101 -54.75 -31.26 -95.53
N PRO B 102 -55.36 -30.49 -96.42
CA PRO B 102 -56.77 -30.13 -96.22
C PRO B 102 -57.71 -31.28 -96.51
N THR B 103 -58.60 -31.53 -95.56
CA THR B 103 -59.80 -32.33 -95.80
C THR B 103 -60.53 -31.85 -97.05
N PHE B 104 -61.22 -32.76 -97.70
CA PHE B 104 -62.14 -32.38 -98.78
C PHE B 104 -63.19 -33.47 -98.91
N LYS B 105 -64.42 -33.20 -98.50
CA LYS B 105 -65.42 -34.23 -98.35
C LYS B 105 -66.32 -34.33 -99.57
N ILE B 106 -66.98 -35.48 -99.70
CA ILE B 106 -67.89 -35.79 -100.79
C ILE B 106 -69.30 -35.90 -100.27
N ARG B 107 -70.24 -35.47 -101.11
CA ARG B 107 -71.65 -35.82 -101.01
C ARG B 107 -71.95 -36.79 -102.14
N SER B 108 -72.54 -37.94 -101.79
CA SER B 108 -72.84 -38.94 -102.80
C SER B 108 -73.79 -38.42 -103.87
N ASN B 109 -74.58 -37.40 -103.56
CA ASN B 109 -75.44 -36.81 -104.56
C ASN B 109 -74.62 -36.15 -105.67
N GLU B 110 -73.56 -35.44 -105.29
CA GLU B 110 -72.64 -34.83 -106.24
C GLU B 110 -71.40 -35.68 -106.42
N SER B 111 -71.61 -36.99 -106.42
CA SER B 111 -70.52 -37.94 -106.59
C SER B 111 -69.81 -37.81 -107.93
N PRO B 112 -70.51 -37.75 -109.07
CA PRO B 112 -69.77 -37.61 -110.34
C PRO B 112 -69.30 -36.17 -110.52
N PHE B 113 -67.98 -35.99 -110.54
CA PHE B 113 -67.46 -34.64 -110.77
C PHE B 113 -65.99 -34.68 -111.17
N THR B 114 -65.42 -33.48 -111.33
CA THR B 114 -64.02 -33.28 -111.69
C THR B 114 -63.52 -32.05 -110.98
N ILE B 115 -62.20 -31.89 -110.99
CA ILE B 115 -61.58 -30.57 -110.83
C ILE B 115 -60.39 -30.52 -111.77
N GLY B 116 -59.98 -29.30 -112.12
CA GLY B 116 -58.76 -29.07 -112.86
C GLY B 116 -58.99 -28.39 -114.20
N GLY B 117 -58.01 -28.52 -115.09
CA GLY B 117 -58.10 -27.97 -116.42
C GLY B 117 -57.22 -26.75 -116.61
N ASP B 118 -57.85 -25.59 -116.70
CA ASP B 118 -57.09 -24.35 -116.78
C ASP B 118 -56.26 -24.16 -115.52
N ALA B 119 -56.84 -24.46 -114.36
CA ALA B 119 -56.12 -24.46 -113.09
C ALA B 119 -55.26 -25.72 -113.05
N GLY B 120 -54.12 -25.66 -113.72
CA GLY B 120 -53.24 -26.80 -113.75
C GLY B 120 -52.62 -27.05 -112.39
N ILE B 121 -53.11 -28.08 -111.72
CA ILE B 121 -52.61 -28.43 -110.40
C ILE B 121 -51.46 -29.41 -110.57
N ASP B 122 -50.39 -29.19 -109.81
CA ASP B 122 -49.21 -30.04 -109.88
C ASP B 122 -49.29 -31.17 -108.86
N THR B 123 -50.41 -31.91 -108.89
CA THR B 123 -50.65 -32.95 -107.91
C THR B 123 -50.19 -34.30 -108.42
N ALA B 124 -50.09 -35.23 -107.48
CA ALA B 124 -49.78 -36.64 -107.71
C ALA B 124 -49.77 -37.29 -106.34
N PHE B 125 -49.72 -38.61 -106.33
CA PHE B 125 -49.69 -39.39 -105.10
C PHE B 125 -50.88 -39.01 -104.19
N MET B 126 -52.05 -39.03 -104.79
CA MET B 126 -53.28 -38.66 -104.12
C MET B 126 -53.53 -39.54 -102.90
N TRP B 127 -54.34 -39.04 -101.99
CA TRP B 127 -54.81 -39.79 -100.83
C TRP B 127 -56.33 -39.83 -100.83
N LEU B 128 -56.86 -40.64 -99.92
CA LEU B 128 -58.26 -41.04 -99.98
C LEU B 128 -58.61 -41.75 -98.69
N LYS B 129 -59.91 -41.79 -98.38
CA LYS B 129 -60.36 -42.45 -97.16
C LYS B 129 -61.87 -42.48 -97.13
N LYS B 130 -62.39 -43.48 -96.42
CA LYS B 130 -63.82 -43.58 -96.16
C LYS B 130 -64.27 -42.47 -95.23
N ALA B 131 -65.54 -42.12 -95.33
CA ALA B 131 -66.19 -41.19 -94.42
C ALA B 131 -67.41 -41.87 -93.80
N GLU B 132 -67.98 -41.20 -92.82
CA GLU B 132 -69.08 -41.78 -92.05
C GLU B 132 -70.32 -41.91 -92.92
N SER B 133 -70.76 -43.15 -93.11
CA SER B 133 -71.92 -43.45 -93.94
C SER B 133 -72.54 -44.74 -93.46
N ALA B 134 -73.42 -45.31 -94.30
CA ALA B 134 -74.10 -46.55 -94.00
C ALA B 134 -73.69 -47.69 -94.92
N GLN B 135 -72.65 -47.52 -95.70
CA GLN B 135 -72.19 -48.58 -96.59
C GLN B 135 -70.75 -48.30 -96.99
N ASN B 136 -70.28 -49.03 -98.00
CA ASN B 136 -68.93 -48.93 -98.51
C ASN B 136 -68.90 -47.95 -99.69
N ASP B 137 -67.68 -47.53 -100.07
CA ASP B 137 -67.47 -46.43 -101.01
C ASP B 137 -66.76 -46.90 -102.27
N PRO B 138 -67.43 -47.68 -103.10
CA PRO B 138 -66.83 -48.09 -104.37
C PRO B 138 -66.65 -46.89 -105.30
N ALA B 139 -65.43 -46.74 -105.80
CA ALA B 139 -64.99 -45.56 -106.53
C ALA B 139 -64.48 -45.93 -107.92
N VAL B 140 -64.53 -44.93 -108.80
CA VAL B 140 -64.07 -45.01 -110.18
C VAL B 140 -63.41 -43.68 -110.47
N GLU B 141 -62.32 -43.71 -111.25
CA GLU B 141 -61.52 -42.52 -111.39
C GLU B 141 -60.83 -42.44 -112.75
N ILE B 142 -60.69 -41.20 -113.24
CA ILE B 142 -60.08 -40.89 -114.53
C ILE B 142 -59.24 -39.64 -114.34
N ILE B 143 -57.94 -39.71 -114.61
CA ILE B 143 -56.99 -38.67 -114.20
C ILE B 143 -55.93 -38.45 -115.28
N ALA B 144 -55.31 -37.28 -115.20
CA ALA B 144 -53.99 -37.01 -115.77
C ALA B 144 -54.05 -37.00 -117.28
N TYR B 145 -54.90 -36.11 -117.78
CA TYR B 145 -54.81 -35.67 -119.15
C TYR B 145 -53.50 -34.97 -119.47
N ARG B 146 -52.74 -34.56 -118.45
CA ARG B 146 -51.44 -33.89 -118.60
C ARG B 146 -50.57 -34.43 -119.75
N UNK C 1 42.41 68.20 27.48
CA UNK C 1 42.04 66.84 27.11
C UNK C 1 40.53 66.65 27.13
N UNK C 2 39.79 67.73 26.92
CA UNK C 2 38.34 67.69 27.04
C UNK C 2 37.74 68.96 26.47
N UNK C 3 36.67 68.80 25.70
CA UNK C 3 35.91 69.97 25.23
C UNK C 3 34.45 69.53 25.10
N UNK C 4 33.70 69.70 26.18
CA UNK C 4 32.27 69.49 26.20
C UNK C 4 31.70 69.90 27.54
N UNK C 5 30.55 70.57 27.56
CA UNK C 5 29.85 70.75 28.81
C UNK C 5 29.32 69.41 29.30
N UNK C 6 29.02 69.34 30.60
CA UNK C 6 28.77 68.05 31.24
C UNK C 6 27.34 67.54 31.04
N UNK C 7 26.56 68.16 30.14
CA UNK C 7 25.24 67.64 29.80
C UNK C 7 25.04 67.54 28.28
N UNK C 8 25.65 68.46 27.53
CA UNK C 8 25.40 68.50 26.09
C UNK C 8 26.01 67.32 25.37
N UNK C 9 27.05 66.71 25.93
CA UNK C 9 27.66 65.53 25.32
C UNK C 9 26.77 64.30 25.35
N UNK C 10 25.64 64.37 26.06
CA UNK C 10 24.69 63.25 26.07
C UNK C 10 24.22 62.92 24.66
N UNK C 11 23.91 63.94 23.87
CA UNK C 11 23.49 63.70 22.50
C UNK C 11 24.62 63.12 21.68
N UNK C 12 25.83 63.66 21.84
CA UNK C 12 26.97 63.18 21.07
C UNK C 12 27.28 61.72 21.38
N UNK C 13 26.97 61.27 22.58
CA UNK C 13 27.10 59.85 22.89
C UNK C 13 25.94 59.06 22.29
N UNK C 14 24.71 59.41 22.64
CA UNK C 14 23.53 58.69 22.19
C UNK C 14 22.96 59.29 20.91
N UNK C 15 23.81 59.50 19.92
CA UNK C 15 23.38 59.86 18.58
C UNK C 15 24.24 59.15 17.54
N UNK C 16 42.57 44.77 26.11
CA UNK C 16 42.44 45.49 27.38
C UNK C 16 40.99 45.84 27.65
N UNK C 17 40.62 45.85 28.93
CA UNK C 17 39.28 46.21 29.37
C UNK C 17 39.35 47.11 30.60
N UNK C 18 40.31 48.04 30.60
CA UNK C 18 40.45 48.97 31.72
C UNK C 18 39.26 49.90 31.86
N UNK C 19 38.45 50.06 30.81
CA UNK C 19 37.31 50.97 30.89
C UNK C 19 36.30 50.49 31.92
N UNK C 20 36.09 49.18 31.99
CA UNK C 20 35.15 48.64 32.97
C UNK C 20 35.67 48.83 34.39
N UNK C 21 36.98 48.67 34.57
CA UNK C 21 37.57 48.90 35.88
C UNK C 21 37.51 50.38 36.25
N UNK C 22 37.60 51.26 35.25
CA UNK C 22 37.50 52.70 35.46
C UNK C 22 36.06 53.17 35.40
N UNK C 23 35.20 52.51 36.16
CA UNK C 23 33.77 52.79 36.21
C UNK C 23 33.26 52.93 37.63
N UNK C 24 33.75 52.13 38.56
CA UNK C 24 33.25 52.16 39.93
C UNK C 24 33.91 53.26 40.74
N UNK C 25 35.24 53.32 40.71
CA UNK C 25 35.98 54.34 41.44
C UNK C 25 35.61 55.71 40.92
N UNK C 26 34.91 56.50 41.75
CA UNK C 26 34.34 57.76 41.29
C UNK C 26 35.45 58.77 40.98
N UNK C 27 36.25 59.12 41.97
CA UNK C 27 37.31 60.09 41.80
C UNK C 27 38.62 59.39 41.47
N UNK C 28 39.40 60.00 40.58
CA UNK C 28 40.69 59.45 40.19
C UNK C 28 41.59 60.61 39.81
N UNK C 29 42.90 60.33 39.80
CA UNK C 29 43.92 61.35 39.58
C UNK C 29 44.93 60.83 38.57
N UNK C 30 45.05 61.53 37.45
CA UNK C 30 45.98 61.20 36.38
C UNK C 30 47.07 62.26 36.36
N UNK C 31 48.29 61.86 36.74
CA UNK C 31 49.46 62.73 36.70
C UNK C 31 50.26 62.35 35.46
N UNK C 32 49.97 63.01 34.35
CA UNK C 32 50.65 62.74 33.10
C UNK C 32 52.06 63.33 33.15
N UNK C 33 52.76 63.28 32.03
CA UNK C 33 54.10 63.84 31.95
C UNK C 33 54.06 65.35 32.15
N UNK C 34 54.52 65.81 33.30
CA UNK C 34 54.55 67.25 33.63
C UNK C 34 53.15 67.85 33.60
N UNK C 35 52.22 67.16 34.25
CA UNK C 35 50.84 67.61 34.30
C UNK C 35 50.08 66.79 35.32
N UNK C 36 49.04 67.41 35.88
CA UNK C 36 48.14 66.76 36.82
C UNK C 36 46.71 67.03 36.42
N UNK C 37 45.83 66.06 36.69
CA UNK C 37 44.43 66.18 36.36
C UNK C 37 43.63 65.30 37.30
N UNK C 38 42.44 65.77 37.65
CA UNK C 38 41.52 65.06 38.53
C UNK C 38 40.22 64.83 37.80
N UNK C 39 39.78 63.57 37.76
CA UNK C 39 38.61 63.16 37.00
C UNK C 39 37.59 62.52 37.93
N UNK C 40 36.38 63.04 37.90
CA UNK C 40 35.24 62.47 38.63
C UNK C 40 34.32 61.84 37.60
N UNK C 41 34.27 60.51 37.59
CA UNK C 41 33.44 59.79 36.63
C UNK C 41 31.98 60.07 36.94
N UNK C 42 31.35 60.89 36.10
CA UNK C 42 29.98 61.33 36.36
C UNK C 42 28.98 60.23 36.06
N UNK C 43 28.93 59.77 34.81
CA UNK C 43 27.96 58.78 34.38
C UNK C 43 28.66 57.69 33.57
N UNK C 44 27.97 56.56 33.41
CA UNK C 44 28.46 55.42 32.63
C UNK C 44 27.43 55.12 31.56
N UNK C 45 27.74 55.50 30.32
CA UNK C 45 26.81 55.32 29.22
C UNK C 45 26.91 53.91 28.66
N UNK C 46 25.77 53.23 28.59
CA UNK C 46 25.75 51.86 28.09
C UNK C 46 25.94 51.86 26.58
N UNK C 47 26.24 50.66 26.06
CA UNK C 47 26.54 50.54 24.63
C UNK C 47 25.28 50.74 23.81
N UNK C 48 25.41 51.53 22.74
CA UNK C 48 24.33 51.77 21.79
C UNK C 48 24.58 50.96 20.53
N UNK C 49 23.76 51.19 19.51
CA UNK C 49 23.91 50.49 18.25
C UNK C 49 25.13 51.00 17.49
N UNK C 50 25.17 52.30 17.22
CA UNK C 50 26.24 52.92 16.46
C UNK C 50 27.42 53.34 17.33
N UNK C 51 27.53 52.80 18.53
CA UNK C 51 28.65 53.12 19.42
C UNK C 51 28.64 52.16 20.58
N UNK C 52 29.84 51.76 21.01
CA UNK C 52 29.98 50.87 22.15
C UNK C 52 29.75 51.64 23.45
N UNK C 53 29.84 50.93 24.56
CA UNK C 53 29.67 51.56 25.86
C UNK C 53 30.83 52.50 26.14
N UNK C 54 30.68 53.33 27.16
CA UNK C 54 31.65 54.38 27.46
C UNK C 54 31.33 54.95 28.83
N UNK C 55 32.16 55.89 29.26
CA UNK C 55 31.92 56.60 30.51
C UNK C 55 32.18 58.08 30.29
N UNK C 56 31.50 58.92 31.06
CA UNK C 56 31.72 60.36 31.07
C UNK C 56 32.36 60.74 32.40
N UNK C 57 33.21 61.76 32.35
CA UNK C 57 33.97 62.14 33.54
C UNK C 57 34.29 63.62 33.47
N UNK C 58 34.05 64.32 34.58
CA UNK C 58 34.32 65.74 34.69
C UNK C 58 35.77 65.96 35.11
N UNK C 59 36.42 66.90 34.43
CA UNK C 59 37.85 67.14 34.60
C UNK C 59 38.07 68.42 35.39
N UNK C 60 39.16 68.42 36.16
CA UNK C 60 39.59 69.60 36.90
C UNK C 60 41.10 69.52 37.06
N UNK C 61 41.72 70.67 37.29
CA UNK C 61 43.17 70.74 37.41
C UNK C 61 43.60 70.25 38.78
N UNK C 62 44.24 69.08 38.82
CA UNK C 62 44.67 68.50 40.08
C UNK C 62 45.81 69.33 40.69
N UNK C 63 45.67 69.64 41.97
CA UNK C 63 46.67 70.41 42.71
C UNK C 63 46.39 70.21 44.20
N UNK C 64 47.00 71.05 45.03
CA UNK C 64 46.64 71.06 46.45
C UNK C 64 45.17 71.41 46.65
N UNK C 65 44.58 72.15 45.70
CA UNK C 65 43.14 72.38 45.64
C UNK C 65 42.72 72.14 44.20
N UNK C 66 42.01 71.03 43.96
CA UNK C 66 41.88 70.47 42.63
C UNK C 66 40.57 70.79 41.94
N UNK C 67 39.71 71.62 42.53
CA UNK C 67 38.41 71.92 41.94
C UNK C 67 38.47 73.15 41.03
N UNK C 68 39.44 73.15 40.12
CA UNK C 68 39.49 74.12 39.02
C UNK C 68 38.90 73.47 37.78
N UNK C 69 37.60 73.22 37.86
CA UNK C 69 36.89 72.49 36.83
C UNK C 69 36.98 73.22 35.49
N UNK C 70 37.21 72.46 34.42
CA UNK C 70 37.33 72.99 33.08
C UNK C 70 36.18 72.53 32.19
N UNK C 71 35.95 71.23 32.09
CA UNK C 71 34.95 70.69 31.18
C UNK C 71 34.69 69.24 31.56
N UNK C 72 33.95 68.55 30.69
CA UNK C 72 33.64 67.13 30.85
C UNK C 72 34.02 66.40 29.58
N UNK C 73 34.47 65.15 29.73
CA UNK C 73 34.95 64.33 28.63
C UNK C 73 34.24 63.00 28.67
N UNK C 74 34.48 62.19 27.62
CA UNK C 74 33.91 60.86 27.48
C UNK C 74 35.00 59.90 27.08
N UNK C 75 35.39 59.03 28.01
CA UNK C 75 36.31 57.94 27.72
C UNK C 75 35.52 56.82 27.06
N UNK C 76 35.79 56.58 25.78
CA UNK C 76 35.05 55.61 24.98
C UNK C 76 35.75 54.26 24.90
N UNK C 77 36.95 54.23 24.31
CA UNK C 77 37.68 53.00 24.05
C UNK C 77 39.03 53.04 24.76
N UNK C 78 39.53 51.86 25.10
CA UNK C 78 40.65 51.71 26.03
C UNK C 78 41.67 50.72 25.50
N UNK C 79 42.07 50.88 24.25
CA UNK C 79 43.17 50.06 23.72
C UNK C 79 44.45 50.37 24.48
N UNK C 80 45.32 49.36 24.57
CA UNK C 80 46.49 49.45 25.44
C UNK C 80 47.44 50.57 25.04
N UNK C 81 47.54 50.84 23.74
CA UNK C 81 48.46 51.87 23.29
C UNK C 81 48.05 53.25 23.78
N UNK C 82 46.75 53.51 23.83
CA UNK C 82 46.26 54.83 24.21
C UNK C 82 44.76 54.76 24.43
N UNK C 83 44.27 55.67 25.27
CA UNK C 83 42.84 55.77 25.54
C UNK C 83 42.20 56.65 24.48
N UNK C 84 41.25 56.08 23.74
CA UNK C 84 40.62 56.74 22.60
C UNK C 84 39.29 57.33 23.05
N UNK C 85 39.25 58.64 23.19
CA UNK C 85 38.08 59.41 23.62
C UNK C 85 37.47 60.15 22.44
N UNK C 86 36.46 60.97 22.73
CA UNK C 86 35.72 61.74 21.73
C UNK C 86 35.89 63.23 21.99
N UNK C 87 35.77 64.02 20.93
CA UNK C 87 35.96 65.46 21.01
C UNK C 87 35.03 66.13 20.00
N UNK C 88 33.88 66.60 20.49
CA UNK C 88 32.91 67.33 19.68
C UNK C 88 32.47 66.53 18.46
N UNK C 89 32.50 65.21 18.56
CA UNK C 89 32.16 64.30 17.47
C UNK C 89 32.13 62.90 18.06
N UNK C 90 31.97 61.90 17.19
CA UNK C 90 32.03 60.50 17.57
C UNK C 90 33.34 59.85 17.16
N UNK C 91 34.41 60.64 17.06
CA UNK C 91 35.72 60.14 16.63
C UNK C 91 36.50 59.65 17.84
N UNK C 92 36.86 58.37 17.82
CA UNK C 92 37.62 57.76 18.91
C UNK C 92 39.08 58.22 18.84
N UNK C 93 39.29 59.47 19.23
CA UNK C 93 40.62 60.08 19.25
C UNK C 93 41.28 59.88 20.61
N UNK C 94 42.61 59.89 20.61
CA UNK C 94 43.41 59.55 21.79
C UNK C 94 44.52 60.56 22.01
N UNK C 95 44.18 61.84 21.99
CA UNK C 95 45.16 62.91 22.12
C UNK C 95 45.45 63.21 23.59
N UNK C 96 46.74 63.38 23.89
CA UNK C 96 47.19 63.89 25.19
C UNK C 96 46.82 62.94 26.33
N UNK C 97 47.17 61.67 26.17
CA UNK C 97 46.96 60.68 27.21
C UNK C 97 47.66 59.40 26.80
N UNK C 98 47.70 58.45 27.74
CA UNK C 98 48.30 57.15 27.52
C UNK C 98 47.70 56.19 28.54
N UNK C 99 48.33 55.02 28.70
CA UNK C 99 47.90 54.03 29.67
C UNK C 99 48.46 54.37 31.07
N UNK C 100 48.08 55.56 31.53
CA UNK C 100 48.52 56.08 32.82
C UNK C 100 47.46 55.95 33.91
N UNK C 101 46.19 55.82 33.53
CA UNK C 101 45.13 55.62 34.51
C UNK C 101 45.27 54.29 35.25
N UNK C 102 46.02 53.34 34.69
CA UNK C 102 46.25 52.08 35.39
C UNK C 102 47.03 52.30 36.67
N UNK C 103 47.98 53.23 36.66
CA UNK C 103 48.71 53.56 37.89
C UNK C 103 47.77 54.13 38.94
N UNK C 104 46.82 54.96 38.52
CA UNK C 104 45.88 55.54 39.46
C UNK C 104 44.97 54.45 40.04
N UNK C 105 44.47 53.56 39.18
CA UNK C 105 43.65 52.46 39.64
C UNK C 105 44.42 51.58 40.63
N UNK C 106 45.71 51.36 40.36
CA UNK C 106 46.55 50.62 41.30
C UNK C 106 46.71 51.38 42.61
N UNK C 107 46.78 52.71 42.54
CA UNK C 107 46.88 53.51 43.75
C UNK C 107 45.64 53.33 44.61
N UNK C 108 44.47 53.43 44.00
CA UNK C 108 43.21 53.24 44.70
C UNK C 108 42.67 51.83 44.47
N UNK D 1 31.80 -11.34 3.70
CA UNK D 1 32.96 -12.16 4.06
C UNK D 1 33.32 -13.12 2.93
N UNK D 2 32.28 -13.65 2.28
CA UNK D 2 32.46 -14.56 1.14
C UNK D 2 32.37 -13.86 -0.20
N UNK D 3 31.61 -12.77 -0.29
CA UNK D 3 31.55 -12.02 -1.53
C UNK D 3 32.91 -11.43 -1.89
N UNK D 4 33.61 -10.88 -0.89
CA UNK D 4 34.96 -10.38 -1.13
C UNK D 4 35.90 -11.52 -1.51
N UNK D 5 35.73 -12.68 -0.87
CA UNK D 5 36.53 -13.84 -1.21
C UNK D 5 36.34 -14.21 -2.67
N UNK D 6 35.10 -14.19 -3.15
CA UNK D 6 34.82 -14.51 -4.55
C UNK D 6 35.39 -13.44 -5.47
N UNK D 7 35.28 -12.18 -5.07
CA UNK D 7 35.78 -11.09 -5.90
C UNK D 7 37.29 -11.18 -6.08
N UNK D 8 38.01 -11.54 -5.01
CA UNK D 8 39.44 -11.76 -5.12
C UNK D 8 39.78 -13.10 -5.77
N UNK D 9 38.85 -14.05 -5.74
CA UNK D 9 39.11 -15.37 -6.32
C UNK D 9 39.01 -15.33 -7.84
N UNK D 10 37.86 -14.93 -8.37
CA UNK D 10 37.64 -14.98 -9.80
C UNK D 10 36.41 -14.16 -10.13
N UNK D 11 36.21 -13.91 -11.43
CA UNK D 11 35.11 -13.08 -11.88
C UNK D 11 33.82 -13.87 -11.97
N UNK D 12 33.79 -14.88 -12.82
CA UNK D 12 32.56 -15.59 -13.15
C UNK D 12 32.93 -16.98 -13.69
N UNK D 13 31.96 -17.63 -14.31
CA UNK D 13 32.01 -19.01 -14.82
C UNK D 13 31.89 -20.02 -13.69
N UNK D 14 31.78 -19.59 -12.44
CA UNK D 14 31.62 -20.45 -11.27
C UNK D 14 30.39 -20.08 -10.46
N UNK D 15 30.12 -18.78 -10.30
CA UNK D 15 28.91 -18.35 -9.59
C UNK D 15 27.67 -18.74 -10.37
N UNK D 16 27.61 -18.34 -11.64
CA UNK D 16 26.51 -18.76 -12.50
C UNK D 16 26.45 -20.27 -12.67
N UNK D 17 27.57 -20.97 -12.46
CA UNK D 17 27.59 -22.42 -12.59
C UNK D 17 26.94 -23.09 -11.38
N UNK D 18 27.52 -22.87 -10.20
CA UNK D 18 27.12 -23.59 -9.00
C UNK D 18 26.04 -22.87 -8.22
N UNK D 19 26.21 -21.57 -8.00
CA UNK D 19 25.37 -20.79 -7.08
C UNK D 19 24.50 -19.78 -7.81
N UNK D 20 23.94 -20.20 -8.95
CA UNK D 20 22.97 -19.37 -9.67
C UNK D 20 21.60 -19.53 -9.00
N UNK D 21 21.52 -19.02 -7.78
CA UNK D 21 20.33 -19.18 -6.96
C UNK D 21 20.33 -18.06 -5.92
N UNK D 22 19.52 -18.21 -4.86
CA UNK D 22 19.32 -17.15 -3.89
C UNK D 22 20.61 -16.72 -3.20
N UNK D 23 21.61 -17.59 -3.14
CA UNK D 23 22.94 -17.29 -2.61
C UNK D 23 22.94 -17.08 -1.10
N UNK D 24 21.85 -17.40 -0.40
CA UNK D 24 21.83 -17.36 1.06
C UNK D 24 22.15 -18.73 1.64
N UNK D 25 21.34 -19.72 1.33
CA UNK D 25 21.64 -21.09 1.73
C UNK D 25 22.93 -21.57 1.09
N UNK D 26 23.11 -21.24 -0.19
CA UNK D 26 24.32 -21.65 -0.91
C UNK D 26 25.55 -21.04 -0.27
N UNK D 27 25.51 -19.74 0.03
CA UNK D 27 26.67 -19.09 0.62
C UNK D 27 26.91 -19.57 2.05
N UNK D 28 25.84 -19.89 2.77
CA UNK D 28 25.99 -20.42 4.11
C UNK D 28 26.71 -21.76 4.08
N UNK D 29 26.24 -22.68 3.23
CA UNK D 29 26.93 -23.95 3.06
C UNK D 29 28.33 -23.76 2.47
N UNK D 30 28.55 -22.67 1.74
CA UNK D 30 29.88 -22.42 1.20
C UNK D 30 30.85 -22.04 2.31
N UNK D 31 30.44 -21.13 3.19
CA UNK D 31 31.27 -20.81 4.35
C UNK D 31 31.40 -22.01 5.27
N UNK D 32 30.40 -22.89 5.28
CA UNK D 32 30.50 -24.12 6.05
C UNK D 32 31.61 -25.01 5.51
N UNK D 33 31.57 -25.29 4.20
CA UNK D 33 32.60 -26.11 3.59
C UNK D 33 33.98 -25.45 3.69
N UNK D 34 34.02 -24.12 3.70
CA UNK D 34 35.28 -23.39 3.80
C UNK D 34 35.85 -23.51 5.21
N UNK D 35 29.89 -10.93 -15.87
CA UNK D 35 29.82 -9.53 -15.47
C UNK D 35 28.51 -9.26 -14.72
N UNK D 36 27.39 -9.37 -15.43
CA UNK D 36 26.09 -9.23 -14.79
C UNK D 36 25.87 -10.32 -13.75
N UNK D 37 26.44 -11.50 -13.97
CA UNK D 37 26.37 -12.54 -12.96
C UNK D 37 27.08 -12.11 -11.68
N UNK D 38 28.26 -11.49 -11.82
CA UNK D 38 28.96 -11.00 -10.65
C UNK D 38 28.19 -9.87 -9.98
N UNK D 39 27.54 -9.02 -10.78
CA UNK D 39 26.73 -7.95 -10.21
C UNK D 39 25.57 -8.50 -9.40
N UNK D 40 24.88 -9.51 -9.95
CA UNK D 40 23.77 -10.12 -9.23
C UNK D 40 24.25 -10.84 -7.98
N UNK D 41 25.42 -11.48 -8.06
CA UNK D 41 25.98 -12.15 -6.89
C UNK D 41 26.29 -11.14 -5.80
N UNK D 42 26.94 -10.03 -6.16
CA UNK D 42 27.27 -9.00 -5.19
C UNK D 42 26.01 -8.40 -4.58
N UNK D 43 24.99 -8.15 -5.41
CA UNK D 43 23.75 -7.60 -4.92
C UNK D 43 23.04 -8.56 -3.97
N UNK D 44 23.08 -9.85 -4.29
CA UNK D 44 22.44 -10.84 -3.43
C UNK D 44 23.17 -10.96 -2.10
N UNK D 45 24.51 -10.96 -2.13
CA UNK D 45 25.27 -11.00 -0.89
C UNK D 45 25.09 -9.71 -0.10
N UNK D 46 24.83 -8.60 -0.78
CA UNK D 46 24.58 -7.35 -0.08
C UNK D 46 23.21 -7.37 0.61
N UNK D 47 22.20 -7.88 -0.10
CA UNK D 47 20.91 -8.12 0.54
C UNK D 47 21.04 -9.12 1.67
N UNK D 48 22.01 -10.02 1.58
CA UNK D 48 22.26 -10.98 2.65
C UNK D 48 22.96 -10.34 3.85
N UNK D 49 23.77 -9.31 3.61
CA UNK D 49 24.51 -8.67 4.68
C UNK D 49 23.56 -8.03 5.69
N UNK D 50 27.18 -32.34 -4.08
CA UNK D 50 28.02 -31.66 -5.05
C UNK D 50 28.26 -30.20 -4.67
N UNK D 51 27.31 -29.61 -3.94
CA UNK D 51 27.46 -28.22 -3.53
C UNK D 51 28.65 -28.04 -2.60
N UNK D 52 28.88 -29.00 -1.71
CA UNK D 52 30.00 -28.89 -0.78
C UNK D 52 31.33 -28.94 -1.52
N UNK D 53 31.50 -29.92 -2.41
CA UNK D 53 32.73 -30.01 -3.17
C UNK D 53 32.90 -28.82 -4.11
N UNK D 54 31.80 -28.28 -4.63
CA UNK D 54 31.89 -27.12 -5.51
C UNK D 54 32.37 -25.90 -4.73
N UNK D 55 31.80 -25.68 -3.55
CA UNK D 55 32.25 -24.58 -2.69
C UNK D 55 33.71 -24.79 -2.30
N UNK D 56 34.11 -26.03 -2.05
CA UNK D 56 35.49 -26.32 -1.70
C UNK D 56 36.42 -25.99 -2.86
N UNK D 57 36.01 -26.33 -4.08
CA UNK D 57 36.83 -25.99 -5.25
C UNK D 57 36.92 -24.49 -5.42
N UNK D 58 35.83 -23.78 -5.15
CA UNK D 58 35.83 -22.33 -5.27
C UNK D 58 36.80 -21.70 -4.27
N UNK D 59 36.70 -22.11 -3.00
CA UNK D 59 37.58 -21.57 -1.98
C UNK D 59 39.02 -22.00 -2.19
N UNK D 60 39.24 -23.15 -2.84
CA UNK D 60 40.59 -23.58 -3.13
C UNK D 60 41.20 -22.76 -4.26
N UNK D 61 40.42 -22.50 -5.31
CA UNK D 61 40.87 -21.60 -6.36
C UNK D 61 41.11 -20.19 -5.83
N UNK D 62 40.32 -19.78 -4.85
CA UNK D 62 40.47 -18.47 -4.21
C UNK D 62 41.86 -18.33 -3.58
N UNK D 63 29.29 2.70 1.21
CA UNK D 63 30.24 2.40 2.27
C UNK D 63 31.16 1.26 1.86
N UNK D 64 30.59 0.07 1.77
CA UNK D 64 31.35 -1.11 1.38
C UNK D 64 31.49 -1.17 -0.13
N UNK D 65 32.70 -1.50 -0.58
CA UNK D 65 33.01 -1.59 -2.00
C UNK D 65 34.04 -2.69 -2.20
N UNK D 66 34.49 -2.85 -3.45
CA UNK D 66 35.45 -3.89 -3.77
C UNK D 66 36.17 -3.51 -5.05
N UNK D 67 37.50 -3.50 -5.01
CA UNK D 67 38.33 -3.04 -6.12
C UNK D 67 39.39 -4.05 -6.53
N UNK D 68 39.88 -4.84 -5.58
CA UNK D 68 40.94 -5.81 -5.85
C UNK D 68 40.43 -6.86 -6.82
N UNK D 69 40.87 -6.79 -8.07
CA UNK D 69 40.39 -7.68 -9.10
C UNK D 69 41.08 -9.04 -9.01
N UNK D 70 40.39 -10.06 -9.52
CA UNK D 70 40.93 -11.42 -9.56
C UNK D 70 41.63 -11.68 -10.89
N UNK D 71 40.88 -11.63 -11.99
CA UNK D 71 41.43 -11.67 -13.33
C UNK D 71 41.08 -10.42 -14.13
N UNK D 72 39.79 -10.09 -14.23
CA UNK D 72 39.31 -8.94 -14.98
C UNK D 72 38.32 -8.10 -14.18
N UNK D 73 37.55 -8.74 -13.31
CA UNK D 73 36.39 -8.11 -12.70
C UNK D 73 36.74 -7.39 -11.41
N UNK D 74 35.95 -6.37 -11.09
CA UNK D 74 36.06 -5.65 -9.83
C UNK D 74 34.75 -4.91 -9.60
N UNK D 75 34.04 -5.25 -8.53
CA UNK D 75 32.70 -4.73 -8.26
C UNK D 75 32.63 -4.18 -6.84
N UNK E 1 88.92 -73.25 10.83
CA UNK E 1 90.34 -73.31 10.48
C UNK E 1 90.52 -73.77 9.04
N UNK E 2 89.81 -74.84 8.68
CA UNK E 2 89.87 -75.34 7.31
C UNK E 2 89.38 -74.30 6.33
N UNK E 3 88.44 -73.44 6.75
CA UNK E 3 87.92 -72.41 5.85
C UNK E 3 89.02 -71.43 5.46
N UNK E 4 89.72 -70.88 6.45
CA UNK E 4 90.82 -69.98 6.15
C UNK E 4 91.97 -70.73 5.47
N UNK E 5 92.13 -72.02 5.77
CA UNK E 5 93.14 -72.81 5.08
C UNK E 5 92.87 -72.84 3.59
N UNK E 6 91.61 -73.06 3.22
CA UNK E 6 91.25 -73.02 1.81
C UNK E 6 91.34 -71.61 1.25
N UNK E 7 91.00 -70.61 2.05
CA UNK E 7 91.05 -69.22 1.60
C UNK E 7 92.49 -68.80 1.30
N UNK E 8 93.45 -69.40 1.98
CA UNK E 8 94.87 -69.13 1.74
C UNK E 8 95.49 -70.10 0.74
N UNK E 9 94.90 -71.27 0.52
CA UNK E 9 95.43 -72.26 -0.41
C UNK E 9 94.93 -72.04 -1.83
N UNK E 10 93.63 -71.88 -2.01
CA UNK E 10 93.05 -71.62 -3.34
C UNK E 10 91.78 -70.80 -3.22
N UNK E 11 83.28 -82.29 5.62
CA UNK E 11 83.28 -81.13 6.50
C UNK E 11 83.93 -81.48 7.85
N UNK E 12 83.13 -82.05 8.75
CA UNK E 12 83.67 -82.45 10.06
C UNK E 12 84.68 -83.57 9.90
N UNK E 13 84.31 -84.62 9.17
CA UNK E 13 85.26 -85.69 8.89
C UNK E 13 86.45 -85.19 8.09
N UNK E 14 86.23 -84.18 7.26
CA UNK E 14 87.34 -83.59 6.50
C UNK E 14 88.37 -82.98 7.44
N UNK E 15 87.92 -82.13 8.37
CA UNK E 15 88.84 -81.57 9.36
C UNK E 15 89.43 -82.66 10.24
N UNK E 16 88.67 -83.72 10.50
CA UNK E 16 89.17 -84.81 11.34
C UNK E 16 90.35 -85.50 10.67
N UNK E 17 90.23 -85.77 9.38
CA UNK E 17 91.33 -86.39 8.64
C UNK E 17 92.45 -85.42 8.33
N UNK E 18 92.17 -84.11 8.32
CA UNK E 18 93.20 -83.10 8.09
C UNK E 18 93.91 -82.77 9.39
N UNK E 19 84.52 -67.82 -8.27
CA UNK E 19 84.27 -67.01 -7.08
C UNK E 19 83.04 -67.52 -6.34
N UNK E 20 82.05 -67.97 -7.10
CA UNK E 20 80.83 -68.48 -6.47
C UNK E 20 81.10 -69.71 -5.62
N UNK E 21 82.07 -70.53 -6.01
CA UNK E 21 82.44 -71.68 -5.19
C UNK E 21 83.03 -71.23 -3.85
N UNK E 22 83.91 -70.22 -3.89
CA UNK E 22 84.47 -69.70 -2.65
C UNK E 22 83.41 -69.05 -1.79
N UNK E 23 82.43 -68.39 -2.41
CA UNK E 23 81.34 -67.79 -1.65
C UNK E 23 80.48 -68.85 -0.99
N UNK E 24 80.18 -69.94 -1.72
CA UNK E 24 79.45 -71.05 -1.14
C UNK E 24 80.22 -71.65 0.02
N UNK E 25 81.53 -71.78 -0.13
CA UNK E 25 82.35 -72.32 0.94
C UNK E 25 82.37 -71.37 2.14
N UNK E 26 82.35 -70.07 1.90
CA UNK E 26 82.30 -69.11 2.99
C UNK E 26 80.97 -69.20 3.73
N UNK E 27 79.88 -69.37 2.99
CA UNK E 27 78.58 -69.57 3.64
C UNK E 27 78.57 -70.85 4.47
N UNK E 28 79.15 -71.92 3.93
CA UNK E 28 79.21 -73.19 4.64
C UNK E 28 80.03 -73.06 5.92
N UNK E 29 81.16 -72.35 5.86
CA UNK E 29 81.97 -72.17 7.06
C UNK E 29 81.30 -71.21 8.03
N UNK E 30 80.47 -70.30 7.54
CA UNK E 30 79.67 -69.46 8.43
C UNK E 30 78.68 -70.32 9.20
N UNK E 31 78.07 -71.29 8.52
CA UNK E 31 77.23 -72.26 9.22
C UNK E 31 78.05 -73.07 10.21
N UNK E 32 79.28 -73.44 9.81
CA UNK E 32 80.17 -74.19 10.70
C UNK E 32 80.44 -73.41 11.98
N UNK E 33 80.63 -72.10 11.87
CA UNK E 33 80.80 -71.23 13.02
C UNK E 33 79.44 -70.91 13.63
N UNK E 34 80.78 -60.07 10.63
CA UNK E 34 81.79 -59.83 11.66
C UNK E 34 83.18 -60.19 11.14
N UNK E 35 83.43 -61.48 10.99
CA UNK E 35 84.71 -61.97 10.53
C UNK E 35 84.77 -61.97 9.01
N UNK E 36 85.99 -61.84 8.48
CA UNK E 36 86.22 -61.84 7.04
C UNK E 36 87.60 -62.42 6.78
N UNK E 37 87.97 -62.46 5.51
CA UNK E 37 89.29 -62.95 5.12
C UNK E 37 89.61 -62.39 3.74
N UNK E 38 90.58 -61.48 3.68
CA UNK E 38 90.98 -60.83 2.45
C UNK E 38 92.27 -61.39 1.85
N UNK E 39 92.89 -62.37 2.51
CA UNK E 39 94.08 -63.01 1.95
C UNK E 39 93.72 -63.76 0.69
N UNK E 40 94.23 -63.30 -0.45
CA UNK E 40 93.92 -63.92 -1.74
C UNK E 40 94.86 -65.09 -1.97
N UNK E 41 94.30 -66.29 -2.08
CA UNK E 41 95.11 -67.50 -2.25
C UNK E 41 95.86 -67.49 -3.57
N UNK E 42 95.13 -67.59 -4.67
CA UNK E 42 95.71 -67.66 -6.01
C UNK E 42 95.31 -66.45 -6.85
N UNK E 43 94.01 -66.21 -7.00
CA UNK E 43 93.50 -65.08 -7.75
C UNK E 43 92.48 -64.29 -6.94
N UNK E 44 91.71 -64.99 -6.11
CA UNK E 44 90.61 -64.40 -5.36
C UNK E 44 90.80 -64.59 -3.87
N UNK E 45 90.10 -63.75 -3.10
CA UNK E 45 90.06 -63.83 -1.66
C UNK E 45 88.61 -63.96 -1.19
N UNK E 46 88.45 -64.52 0.00
CA UNK E 46 87.12 -64.73 0.56
C UNK E 46 87.21 -65.12 2.02
N UNK F 1 -38.37 -14.33 -76.01
CA UNK F 1 -38.27 -15.48 -76.90
C UNK F 1 -39.11 -15.32 -78.17
N UNK F 2 -39.79 -14.18 -78.32
CA UNK F 2 -40.66 -13.95 -79.46
C UNK F 2 -39.95 -13.20 -80.55
N UNK F 3 -39.34 -12.07 -80.22
CA UNK F 3 -38.36 -11.48 -81.13
C UNK F 3 -37.27 -12.49 -81.44
N UNK F 4 -36.84 -13.23 -80.43
CA UNK F 4 -35.81 -14.26 -80.64
C UNK F 4 -36.30 -15.34 -81.58
N UNK F 5 -37.51 -15.86 -81.36
CA UNK F 5 -37.97 -16.96 -82.18
C UNK F 5 -38.38 -16.46 -83.56
N UNK F 6 -38.79 -15.19 -83.67
CA UNK F 6 -38.96 -14.58 -84.97
C UNK F 6 -37.66 -14.57 -85.73
N UNK F 7 -36.60 -14.09 -85.09
CA UNK F 7 -35.27 -14.09 -85.71
C UNK F 7 -34.82 -15.51 -86.02
N UNK F 8 -35.22 -16.48 -85.20
CA UNK F 8 -34.93 -17.88 -85.48
C UNK F 8 -35.68 -18.35 -86.72
N UNK F 9 -36.88 -17.82 -86.93
CA UNK F 9 -37.58 -17.96 -88.19
C UNK F 9 -36.80 -17.18 -89.25
N UNK F 10 -37.01 -17.52 -90.54
CA UNK F 10 -36.24 -16.89 -91.62
C UNK F 10 -36.26 -15.37 -91.51
N UNK F 11 -37.44 -14.78 -91.60
CA UNK F 11 -37.63 -13.35 -91.35
C UNK F 11 -36.67 -12.53 -92.21
N UNK F 12 -36.92 -12.59 -93.52
CA UNK F 12 -35.97 -12.08 -94.50
C UNK F 12 -35.60 -10.62 -94.23
N UNK F 13 -36.58 -9.80 -93.85
CA UNK F 13 -36.27 -8.43 -93.47
C UNK F 13 -35.38 -8.40 -92.24
N UNK F 14 -35.60 -9.32 -91.29
CA UNK F 14 -34.76 -9.39 -90.10
C UNK F 14 -33.32 -9.70 -90.47
N UNK F 15 -33.12 -10.71 -91.31
CA UNK F 15 -31.78 -11.06 -91.76
C UNK F 15 -31.18 -9.97 -92.64
N UNK F 16 -32.03 -9.16 -93.28
CA UNK F 16 -31.58 -8.12 -94.20
C UNK F 16 -31.48 -6.81 -93.41
N UNK F 17 -30.27 -6.49 -92.96
CA UNK F 17 -30.01 -5.20 -92.32
C UNK F 17 -30.06 -4.12 -93.40
N UNK F 18 -31.18 -3.42 -93.48
CA UNK F 18 -31.39 -2.38 -94.48
C UNK F 18 -31.30 -2.96 -95.88
N GLN G 4 18.07 74.68 20.91
CA GLN G 4 16.94 75.09 21.75
C GLN G 4 16.29 73.89 22.39
N THR G 5 17.10 72.91 22.76
CA THR G 5 16.63 71.65 23.32
C THR G 5 16.92 71.65 24.81
N GLN G 6 15.88 71.46 25.61
CA GLN G 6 15.99 71.51 27.06
C GLN G 6 15.26 70.32 27.65
N GLU G 7 15.87 69.70 28.65
CA GLU G 7 15.26 68.56 29.31
C GLU G 7 14.20 69.03 30.30
N TYR G 8 13.21 68.18 30.50
CA TYR G 8 12.09 68.49 31.36
C TYR G 8 11.55 67.21 31.96
N THR G 9 10.53 67.36 32.80
CA THR G 9 9.95 66.26 33.55
C THR G 9 8.44 66.32 33.40
N LEU G 10 7.83 65.14 33.40
CA LEU G 10 6.38 64.98 33.32
C LEU G 10 5.87 64.37 34.60
N SER G 11 4.55 64.23 34.68
CA SER G 11 3.90 63.77 35.89
C SER G 11 2.61 63.06 35.52
N HIS G 12 2.08 62.35 36.50
CA HIS G 12 0.72 61.86 36.42
C HIS G 12 -0.31 62.98 36.54
N THR G 13 0.08 64.21 36.83
CA THR G 13 -0.89 65.28 37.04
C THR G 13 -0.37 66.58 36.46
N GLY G 14 -1.25 67.27 35.73
CA GLY G 14 -1.07 68.65 35.32
C GLY G 14 0.30 68.99 34.79
N GLY G 15 0.93 69.97 35.43
CA GLY G 15 2.29 70.30 35.09
C GLY G 15 2.38 71.09 33.82
N LEU G 16 2.83 70.40 32.77
CA LEU G 16 2.98 70.98 31.45
C LEU G 16 1.76 70.74 30.58
N LEU G 17 0.65 70.30 31.18
CA LEU G 17 -0.54 69.89 30.44
C LEU G 17 -1.84 70.37 31.03
N GLY G 18 -1.85 70.92 32.24
CA GLY G 18 -3.05 71.52 32.79
C GLY G 18 -4.16 70.54 33.12
N SER G 19 -3.86 69.24 33.17
CA SER G 19 -4.83 68.21 33.52
C SER G 19 -5.97 68.15 32.50
N SER G 20 -5.68 68.56 31.28
CA SER G 20 -6.61 68.51 30.16
C SER G 20 -5.98 67.81 28.97
N LYS G 21 -4.69 68.03 28.73
CA LYS G 21 -3.92 67.29 27.76
C LYS G 21 -3.29 66.04 28.36
N VAL G 22 -3.82 65.58 29.49
CA VAL G 22 -3.43 64.31 30.09
C VAL G 22 -4.69 63.70 30.68
N THR G 23 -4.72 62.38 30.74
CA THR G 23 -5.76 61.68 31.48
C THR G 23 -5.15 60.53 32.24
N THR G 24 -5.88 60.09 33.25
CA THR G 24 -5.58 58.90 34.00
C THR G 24 -6.73 57.91 33.82
N ALA G 25 -6.46 56.65 34.06
CA ALA G 25 -7.49 55.65 33.86
C ALA G 25 -7.10 54.35 34.55
N SER G 26 -8.12 53.62 34.97
CA SER G 26 -7.92 52.28 35.50
C SER G 26 -7.74 51.32 34.33
N ASN G 27 -7.83 50.02 34.61
CA ASN G 27 -7.56 48.98 33.64
C ASN G 27 -8.67 47.94 33.66
N GLN G 28 -8.59 47.01 32.72
CA GLN G 28 -9.49 45.87 32.68
C GLN G 28 -8.89 44.71 33.44
N THR G 29 -9.72 44.06 34.24
CA THR G 29 -9.27 43.02 35.16
C THR G 29 -9.88 41.66 34.85
N ALA G 30 -11.20 41.59 34.69
CA ALA G 30 -11.85 40.30 34.49
C ALA G 30 -11.34 39.60 33.22
N PRO G 31 -11.46 40.19 32.03
CA PRO G 31 -10.51 39.84 30.97
C PRO G 31 -9.27 40.69 31.09
N GLN G 32 -8.12 40.07 31.32
CA GLN G 32 -6.87 40.79 31.22
C GLN G 32 -6.77 41.40 29.84
N ARG G 33 -6.56 42.70 29.78
CA ARG G 33 -6.32 43.38 28.53
C ARG G 33 -5.18 44.35 28.72
N GLU G 34 -4.34 44.45 27.69
CA GLU G 34 -3.27 45.45 27.67
C GLU G 34 -3.92 46.80 27.40
N THR G 35 -4.52 47.34 28.45
CA THR G 35 -5.30 48.57 28.39
C THR G 35 -4.38 49.77 28.59
N ALA G 36 -4.97 50.96 28.52
CA ALA G 36 -4.26 52.21 28.78
C ALA G 36 -4.74 52.80 30.09
N ILE G 37 -3.80 53.41 30.80
CA ILE G 37 -4.05 54.00 32.10
C ILE G 37 -3.77 55.49 32.05
N ILE G 38 -2.83 55.89 31.18
CA ILE G 38 -2.36 57.26 31.13
C ILE G 38 -1.93 57.58 29.71
N SER G 39 -2.16 58.83 29.33
CA SER G 39 -1.76 59.37 28.04
C SER G 39 -0.84 60.56 28.24
N PHE G 40 -0.38 61.09 27.12
CA PHE G 40 0.40 62.32 27.08
C PHE G 40 0.10 62.97 25.74
N GLU G 41 -0.83 63.92 25.73
CA GLU G 41 -1.11 64.70 24.55
C GLU G 41 -0.15 65.89 24.52
N VAL G 42 0.38 66.17 23.34
CA VAL G 42 1.17 67.39 23.22
C VAL G 42 0.24 68.59 23.42
N PRO G 43 0.62 69.57 24.22
CA PRO G 43 -0.27 70.72 24.39
C PRO G 43 -0.10 71.73 23.27
N ARG G 44 -0.75 72.87 23.48
CA ARG G 44 -0.88 73.92 22.48
C ARG G 44 0.42 74.34 21.83
N LYS G 45 1.52 74.25 22.56
CA LYS G 45 2.67 75.11 22.31
C LYS G 45 3.79 74.43 21.57
N PHE G 46 4.14 73.21 21.96
CA PHE G 46 5.43 72.66 21.64
C PHE G 46 5.55 72.27 20.17
N SER G 47 6.79 72.30 19.70
CA SER G 47 7.08 71.81 18.36
C SER G 47 7.18 70.30 18.34
N GLU G 48 7.77 69.72 19.38
CA GLU G 48 7.94 68.28 19.44
C GLU G 48 8.36 67.88 20.84
N ILE G 49 8.35 66.57 21.07
CA ILE G 49 8.86 65.95 22.29
C ILE G 49 9.68 64.76 21.84
N GLU G 50 10.65 64.38 22.66
CA GLU G 50 11.51 63.25 22.36
C GLU G 50 11.67 62.39 23.60
N TYR G 51 11.56 61.08 23.42
CA TYR G 51 11.94 60.09 24.42
C TYR G 51 13.07 59.24 23.87
N VAL G 52 14.03 58.94 24.72
CA VAL G 52 15.12 58.05 24.37
C VAL G 52 15.42 57.15 25.54
N GLY G 53 14.93 55.92 25.49
CA GLY G 53 15.45 54.88 26.34
C GLY G 53 16.94 54.69 26.10
N GLN G 54 17.61 54.18 27.12
CA GLN G 54 19.07 54.08 27.23
C GLN G 54 19.73 55.44 27.42
N ARG G 55 18.97 56.52 27.47
CA ARG G 55 19.46 57.84 27.85
C ARG G 55 18.57 58.48 28.90
N ASP G 56 17.27 58.17 28.86
CA ASP G 56 16.26 58.85 29.62
C ASP G 56 15.74 57.96 30.74
N ALA G 57 15.21 58.59 31.78
CA ALA G 57 14.84 57.92 33.01
C ALA G 57 13.34 57.62 33.03
N THR G 58 12.87 57.11 34.16
CA THR G 58 11.47 56.76 34.36
C THR G 58 11.27 56.44 35.84
N ARG G 59 10.05 56.70 36.32
CA ARG G 59 9.62 56.29 37.65
C ARG G 59 8.14 55.95 37.57
N PHE G 60 7.73 54.94 38.34
CA PHE G 60 6.35 54.49 38.31
C PHE G 60 6.07 53.73 39.60
N VAL G 61 5.18 54.26 40.41
CA VAL G 61 4.86 53.72 41.73
C VAL G 61 3.39 53.33 41.68
N PRO G 62 3.06 52.09 41.35
CA PRO G 62 1.66 51.66 41.28
C PRO G 62 1.14 50.96 42.53
N ARG G 63 -0.08 51.28 42.90
CA ARG G 63 -0.77 50.63 44.00
C ARG G 63 -2.20 50.31 43.60
N THR G 64 -2.74 49.31 44.26
CA THR G 64 -4.11 48.87 44.07
C THR G 64 -4.96 49.34 45.24
N THR G 65 -6.19 48.84 45.32
CA THR G 65 -7.12 49.19 46.37
C THR G 65 -7.96 47.97 46.70
N GLU G 66 -8.42 47.90 47.94
CA GLU G 66 -9.45 46.93 48.30
C GLU G 66 -10.30 47.52 49.42
N GLU G 67 -11.07 46.66 50.08
CA GLU G 67 -11.94 47.05 51.18
C GLU G 67 -12.03 45.84 52.10
N ILE G 68 -11.74 46.05 53.39
CA ILE G 68 -11.72 44.98 54.38
C ILE G 68 -12.54 45.42 55.58
N THR G 69 -13.52 44.61 55.95
CA THR G 69 -14.33 44.91 57.12
C THR G 69 -13.56 44.53 58.38
N GLY G 70 -14.26 44.52 59.51
CA GLY G 70 -13.70 44.03 60.75
C GLY G 70 -14.68 43.14 61.48
N THR G 71 -14.34 42.75 62.69
CA THR G 71 -15.12 41.76 63.43
C THR G 71 -14.92 42.02 64.91
N ALA G 72 -15.89 41.59 65.70
CA ALA G 72 -15.74 41.61 67.15
C ALA G 72 -14.47 40.88 67.56
N ASN G 73 -14.35 39.61 67.19
CA ASN G 73 -13.09 38.88 67.33
C ASN G 73 -12.25 39.07 66.06
N ASP G 74 -11.88 40.33 65.84
CA ASP G 74 -11.13 40.76 64.68
C ASP G 74 -9.88 39.92 64.45
N ASP G 75 -9.43 39.86 63.21
CA ASP G 75 -8.43 38.90 62.80
C ASP G 75 -7.01 39.42 62.97
N THR G 76 -6.79 40.71 62.66
CA THR G 76 -5.48 41.36 62.56
C THR G 76 -4.75 40.93 61.29
N VAL G 77 -5.27 39.95 60.56
CA VAL G 77 -4.55 39.27 59.51
C VAL G 77 -5.35 39.39 58.23
N VAL G 78 -4.65 39.52 57.11
CA VAL G 78 -5.27 39.66 55.80
C VAL G 78 -4.48 38.86 54.80
N GLN G 79 -5.16 38.51 53.70
CA GLN G 79 -4.54 37.94 52.53
C GLN G 79 -4.88 38.82 51.34
N LEU G 80 -4.00 38.81 50.34
CA LEU G 80 -4.15 39.67 49.18
C LEU G 80 -3.93 38.88 47.90
N GLN G 81 -4.80 39.12 46.92
CA GLN G 81 -4.68 38.52 45.60
C GLN G 81 -3.87 39.41 44.68
N ALA G 82 -2.71 39.84 45.18
CA ALA G 82 -1.82 40.71 44.43
C ALA G 82 -0.45 40.53 45.04
N ASN G 83 0.47 39.93 44.29
CA ASN G 83 1.71 39.49 44.88
C ASN G 83 2.53 40.69 45.31
N ILE G 84 3.16 40.55 46.47
CA ILE G 84 3.90 41.62 47.11
C ILE G 84 5.37 41.27 47.04
N GLN G 85 6.18 42.29 46.86
CA GLN G 85 7.61 42.16 47.02
C GLN G 85 8.16 43.40 47.67
N PRO G 86 9.42 43.38 48.08
CA PRO G 86 10.08 44.61 48.48
C PRO G 86 10.36 45.50 47.29
N ILE G 87 11.09 46.57 47.56
CA ILE G 87 11.36 47.58 46.55
C ILE G 87 12.86 47.61 46.34
N ALA G 88 13.57 47.98 47.40
CA ALA G 88 15.02 48.01 47.40
C ALA G 88 15.44 47.27 48.65
N GLY G 89 15.50 45.95 48.54
CA GLY G 89 16.07 45.14 49.59
C GLY G 89 15.07 44.38 50.43
N GLU G 90 15.22 44.51 51.74
CA GLU G 90 14.43 43.74 52.68
C GLU G 90 12.99 44.24 52.68
N GLU G 91 12.12 43.43 53.27
CA GLU G 91 10.79 43.88 53.67
C GLU G 91 10.89 44.26 55.15
N ASP G 92 11.49 45.43 55.39
CA ASP G 92 11.45 46.11 56.68
C ASP G 92 10.85 47.49 56.45
N MET G 93 9.57 47.63 56.81
CA MET G 93 8.77 48.79 56.44
C MET G 93 9.42 50.11 56.84
N ALA G 94 10.28 50.09 57.85
CA ALA G 94 10.98 51.30 58.26
C ALA G 94 11.88 51.82 57.14
N ASP G 95 12.45 50.93 56.33
CA ASP G 95 13.56 51.28 55.44
C ASP G 95 13.34 50.66 54.06
N GLN G 96 12.14 50.85 53.50
CA GLN G 96 11.81 50.33 52.18
C GLN G 96 12.02 51.33 51.05
N ASP G 97 12.30 52.59 51.37
CA ASP G 97 12.38 53.76 50.49
C ASP G 97 11.01 54.27 50.06
N TYR G 98 9.96 53.50 50.30
CA TYR G 98 8.59 53.93 50.46
C TYR G 98 7.86 52.65 50.80
N PRO G 99 6.77 52.69 51.56
CA PRO G 99 6.15 51.44 52.01
C PRO G 99 5.59 50.64 50.85
N VAL G 100 5.48 49.34 51.08
CA VAL G 100 4.83 48.45 50.13
C VAL G 100 3.35 48.28 50.44
N VAL G 101 2.90 48.75 51.61
CA VAL G 101 1.50 48.70 51.99
C VAL G 101 1.15 50.01 52.68
N VAL G 102 -0.07 50.45 52.47
CA VAL G 102 -0.67 51.53 53.23
C VAL G 102 -2.04 51.06 53.66
N ALA G 103 -2.47 51.50 54.82
CA ALA G 103 -3.76 51.13 55.36
C ALA G 103 -4.39 52.34 56.04
N TYR G 104 -5.71 52.31 56.12
CA TYR G 104 -6.43 53.44 56.71
C TYR G 104 -7.80 52.97 57.14
N ASN G 105 -8.11 53.13 58.41
CA ASN G 105 -9.43 52.86 58.91
C ASN G 105 -10.36 54.01 58.52
N VAL G 106 -11.61 53.65 58.26
CA VAL G 106 -12.61 54.60 57.77
C VAL G 106 -13.44 55.15 58.91
N THR G 107 -13.95 54.27 59.76
CA THR G 107 -14.67 54.70 60.96
C THR G 107 -13.80 55.62 61.79
N GLN G 108 -12.70 55.09 62.31
CA GLN G 108 -11.65 55.92 62.87
C GLN G 108 -10.86 56.49 61.71
N GLY G 109 -11.02 57.78 61.44
CA GLY G 109 -10.35 58.38 60.31
C GLY G 109 -8.87 58.51 60.59
N ALA G 110 -8.17 57.39 60.63
CA ALA G 110 -6.80 57.33 61.10
C ALA G 110 -6.08 56.21 60.39
N GLN G 111 -4.75 56.28 60.46
CA GLN G 111 -3.92 55.24 59.87
C GLN G 111 -4.12 53.92 60.59
N VAL G 112 -3.52 52.89 60.01
CA VAL G 112 -3.53 51.54 60.57
C VAL G 112 -2.12 51.02 60.35
N GLU G 113 -1.34 50.95 61.42
CA GLU G 113 0.06 50.60 61.29
C GLU G 113 0.22 49.08 61.23
N ILE G 114 1.34 48.67 60.67
CA ILE G 114 1.62 47.27 60.39
C ILE G 114 2.57 46.74 61.45
N ALA G 115 2.36 45.48 61.82
CA ALA G 115 3.25 44.78 62.73
C ALA G 115 4.24 43.88 61.98
N ASP G 116 3.75 43.11 61.02
CA ASP G 116 4.57 42.11 60.35
C ASP G 116 3.88 41.70 59.07
N VAL G 117 4.67 41.15 58.16
CA VAL G 117 4.21 40.74 56.85
C VAL G 117 4.57 39.27 56.65
N ASN G 118 3.61 38.50 56.19
CA ASN G 118 3.89 37.18 55.63
C ASN G 118 4.31 37.43 54.19
N TYR G 119 5.60 37.30 53.95
CA TYR G 119 6.30 37.94 52.84
C TYR G 119 5.85 37.54 51.46
N ALA G 120 6.08 36.29 51.09
CA ALA G 120 5.70 35.75 49.79
C ALA G 120 4.39 34.99 49.85
N THR G 121 3.94 34.65 51.05
CA THR G 121 2.58 34.19 51.29
C THR G 121 1.54 35.19 50.81
N ASP G 122 1.90 36.46 50.70
CA ASP G 122 0.99 37.54 50.32
C ASP G 122 -0.12 37.68 51.36
N GLU G 123 0.29 37.65 52.62
CA GLU G 123 -0.56 37.93 53.76
C GLU G 123 0.16 38.90 54.66
N VAL G 124 -0.62 39.58 55.50
CA VAL G 124 -0.09 40.65 56.35
C VAL G 124 -0.71 40.52 57.73
N THR G 125 0.09 40.85 58.73
CA THR G 125 -0.35 41.07 60.10
C THR G 125 -0.31 42.56 60.39
N LEU G 126 -1.30 43.03 61.12
CA LEU G 126 -1.40 44.43 61.50
C LEU G 126 -0.99 44.65 62.94
N ALA G 127 -0.84 45.91 63.29
CA ALA G 127 -0.50 46.31 64.64
C ALA G 127 -1.73 46.52 65.51
N THR G 128 -2.85 46.91 64.91
CA THR G 128 -4.02 47.35 65.66
C THR G 128 -5.13 46.31 65.57
N ASP G 129 -6.25 46.65 66.20
CA ASP G 129 -7.40 45.75 66.34
C ASP G 129 -8.64 46.42 65.78
N PRO G 130 -9.07 46.10 64.56
CA PRO G 130 -10.30 46.71 64.04
C PRO G 130 -11.53 46.18 64.76
N ALA G 131 -12.65 46.85 64.48
CA ALA G 131 -13.90 46.60 65.17
C ALA G 131 -14.91 45.97 64.22
N ASP G 132 -15.98 45.44 64.81
CA ASP G 132 -17.00 44.77 64.04
C ASP G 132 -17.68 45.75 63.09
N GLY G 133 -17.82 45.34 61.83
CA GLY G 133 -18.37 46.20 60.82
C GLY G 133 -17.55 47.42 60.49
N ASP G 134 -16.30 47.47 60.93
CA ASP G 134 -15.44 48.61 60.70
C ASP G 134 -14.71 48.43 59.38
N THR G 135 -14.71 49.48 58.57
CA THR G 135 -14.13 49.43 57.23
C THR G 135 -12.69 49.91 57.25
N VAL G 136 -11.87 49.27 56.44
CA VAL G 136 -10.47 49.64 56.25
C VAL G 136 -10.17 49.58 54.77
N LYS G 137 -9.38 50.54 54.30
CA LYS G 137 -8.93 50.62 52.93
C LYS G 137 -7.43 50.39 52.91
N LEU G 138 -7.00 49.53 52.00
CA LEU G 138 -5.60 49.20 51.83
C LEU G 138 -5.11 49.66 50.47
N TRP G 139 -3.80 49.78 50.35
CA TRP G 139 -3.17 50.19 49.10
C TRP G 139 -1.83 49.50 48.97
N PRO G 140 -1.84 48.19 48.79
CA PRO G 140 -0.60 47.49 48.47
C PRO G 140 -0.11 47.91 47.10
N ILE G 141 1.14 47.56 46.83
CA ILE G 141 1.73 47.88 45.54
C ILE G 141 1.22 46.87 44.53
N MET G 142 1.47 47.15 43.26
CA MET G 142 1.01 46.31 42.17
C MET G 142 2.21 45.61 41.54
N GLY G 143 2.13 44.29 41.46
CA GLY G 143 3.10 43.49 40.75
C GLY G 143 2.40 42.53 39.81
N ASP G 144 3.21 41.71 39.15
CA ASP G 144 2.71 40.70 38.22
C ASP G 144 1.90 41.35 37.10
N GLY G 145 2.58 42.19 36.34
CA GLY G 145 1.97 42.88 35.22
C GLY G 145 2.99 43.47 34.29
N GLU G 146 2.61 43.60 33.02
CA GLU G 146 3.52 44.08 31.99
C GLU G 146 3.39 45.59 31.84
N VAL G 147 4.14 46.15 30.90
CA VAL G 147 3.99 47.55 30.52
C VAL G 147 4.61 47.75 29.16
N GLN G 148 4.01 48.64 28.38
CA GLN G 148 4.58 49.04 27.09
C GLN G 148 4.20 50.48 26.80
N PHE G 149 4.81 51.01 25.75
CA PHE G 149 4.48 52.31 25.20
C PHE G 149 3.93 52.14 23.80
N ARG G 150 3.24 53.17 23.32
CA ARG G 150 2.83 53.21 21.93
C ARG G 150 2.54 54.66 21.55
N LEU G 151 1.86 54.84 20.42
CA LEU G 151 1.75 56.13 19.81
C LEU G 151 0.44 56.20 19.02
N VAL G 152 0.01 57.42 18.73
CA VAL G 152 -1.27 57.67 18.06
C VAL G 152 -1.05 58.74 17.00
N ASN G 153 -1.70 58.56 15.85
CA ASN G 153 -1.63 59.51 14.74
C ASN G 153 -2.84 60.42 14.75
N GLN G 154 -3.04 61.12 15.87
CA GLN G 154 -4.01 62.23 15.95
C GLN G 154 -5.46 61.75 15.95
N PHE G 155 -5.70 60.47 15.71
CA PHE G 155 -7.03 59.87 15.69
C PHE G 155 -7.13 58.69 16.64
N GLY G 156 -6.18 57.79 16.56
CA GLY G 156 -6.34 56.45 17.04
C GLY G 156 -5.62 55.46 16.15
N GLN G 157 -5.30 55.85 14.91
CA GLN G 157 -4.44 55.01 14.10
C GLN G 157 -3.06 54.97 14.74
N GLU G 158 -2.73 53.84 15.33
CA GLU G 158 -1.43 53.66 15.94
C GLU G 158 -0.34 53.55 14.89
N GLU G 159 0.75 54.26 15.09
CA GLU G 159 1.97 53.95 14.36
C GLU G 159 2.45 52.54 14.65
N GLY G 160 2.22 52.08 15.88
CA GLY G 160 2.75 50.82 16.33
C GLY G 160 3.10 50.89 17.79
N ARG G 161 4.36 50.59 18.10
CA ARG G 161 4.82 50.61 19.48
C ARG G 161 6.27 51.06 19.50
N VAL G 162 6.67 51.58 20.66
CA VAL G 162 8.05 52.05 20.83
C VAL G 162 9.01 50.89 20.67
N TYR G 163 8.87 49.92 21.54
CA TYR G 163 9.76 48.79 21.65
C TYR G 163 8.88 47.58 21.91
N PRO G 164 8.91 46.55 21.04
CA PRO G 164 7.83 45.55 21.08
C PRO G 164 7.77 44.76 22.36
N TRP G 165 8.91 44.52 22.99
CA TRP G 165 8.94 43.69 24.17
C TRP G 165 8.53 44.47 25.40
N ALA G 166 7.89 43.76 26.33
CA ALA G 166 7.28 44.38 27.49
C ALA G 166 8.30 44.54 28.61
N THR G 167 7.82 44.84 29.81
CA THR G 167 8.64 44.96 30.98
C THR G 167 7.74 44.63 32.17
N PRO G 168 8.21 43.90 33.18
CA PRO G 168 7.36 43.62 34.33
C PRO G 168 7.51 44.57 35.51
N LEU G 169 6.44 44.60 36.31
CA LEU G 169 6.33 45.54 37.41
C LEU G 169 6.94 45.06 38.71
N TYR G 170 6.91 43.76 38.99
CA TYR G 170 7.67 43.29 40.15
C TYR G 170 9.14 43.66 39.96
N ARG G 171 9.63 43.49 38.74
CA ARG G 171 10.98 43.93 38.39
C ARG G 171 11.11 45.44 38.56
N TRP G 172 10.08 46.17 38.15
CA TRP G 172 10.10 47.62 38.31
C TRP G 172 10.35 48.01 39.75
N HIS G 173 9.57 47.44 40.66
CA HIS G 173 9.78 47.69 42.08
C HIS G 173 11.17 47.26 42.51
N ASP G 174 11.64 46.13 41.97
CA ASP G 174 12.89 45.54 42.45
C ASP G 174 14.06 46.48 42.22
N PHE G 175 14.22 46.97 41.00
CA PHE G 175 15.33 47.87 40.76
C PHE G 175 15.16 49.10 41.62
N PRO G 176 16.12 49.43 42.51
CA PRO G 176 15.95 50.63 43.33
C PRO G 176 15.96 51.85 42.45
N GLN G 177 14.86 52.59 42.47
CA GLN G 177 14.90 53.93 41.93
C GLN G 177 15.89 54.75 42.75
N LEU G 178 16.18 55.95 42.25
CA LEU G 178 17.02 56.90 42.97
C LEU G 178 18.41 56.35 43.18
N LYS G 179 19.10 55.98 42.12
CA LYS G 179 20.49 55.63 42.23
C LYS G 179 21.12 55.59 40.84
N ARG G 180 22.13 56.45 40.63
CA ARG G 180 22.76 56.55 39.32
C ARG G 180 23.32 55.21 38.88
N GLY G 181 23.11 54.88 37.62
CA GLY G 181 23.47 53.58 37.10
C GLY G 181 22.40 52.55 37.37
N ARG G 182 21.97 52.44 38.62
CA ARG G 182 20.85 51.57 38.95
C ARG G 182 19.51 52.16 38.53
N GLU G 183 19.50 53.36 37.97
CA GLU G 183 18.28 53.91 37.38
C GLU G 183 17.78 53.02 36.26
N ILE G 184 16.56 53.28 35.82
CA ILE G 184 16.00 52.63 34.66
C ILE G 184 16.36 53.42 33.42
N ASN G 185 16.65 52.70 32.35
CA ASN G 185 16.76 53.29 31.02
C ASN G 185 16.29 52.21 30.04
N LEU G 186 15.06 52.35 29.58
CA LEU G 186 14.46 51.35 28.69
C LEU G 186 15.09 51.46 27.32
N HIS G 187 14.50 50.78 26.34
CA HIS G 187 14.91 50.86 24.95
C HIS G 187 13.78 51.43 24.13
N GLY G 188 14.14 52.26 23.18
CA GLY G 188 13.18 53.02 22.40
C GLY G 188 13.73 54.39 22.06
N SER G 189 13.22 54.95 21.00
CA SER G 189 13.62 56.28 20.55
C SER G 189 12.54 56.77 19.60
N VAL G 190 11.91 57.88 19.94
CA VAL G 190 10.68 58.32 19.30
C VAL G 190 10.68 59.83 19.21
N THR G 191 9.58 60.35 18.67
CA THR G 191 9.32 61.78 18.58
C THR G 191 7.85 61.94 18.25
N TRP G 192 7.21 62.93 18.86
CA TRP G 192 5.82 63.19 18.53
C TRP G 192 5.49 64.66 18.68
N GLN G 193 4.85 65.21 17.64
CA GLN G 193 4.49 66.61 17.56
C GLN G 193 3.06 66.79 18.06
N GLU G 194 2.49 67.97 17.81
CA GLU G 194 1.18 68.36 18.33
C GLU G 194 0.12 67.31 18.05
N ASN G 195 -0.62 66.96 19.10
CA ASN G 195 -1.74 66.02 19.08
C ASN G 195 -1.35 64.61 18.66
N GLU G 196 -0.06 64.32 18.53
CA GLU G 196 0.41 62.95 18.31
C GLU G 196 0.65 62.32 19.68
N THR G 197 -0.46 62.08 20.37
CA THR G 197 -0.39 61.69 21.76
C THR G 197 0.28 60.34 21.94
N VAL G 198 0.79 60.13 23.14
CA VAL G 198 1.37 58.88 23.58
C VAL G 198 0.42 58.27 24.58
N GLU G 199 0.47 56.96 24.71
CA GLU G 199 -0.32 56.26 25.72
C GLU G 199 0.50 55.12 26.26
N VAL G 200 0.63 55.08 27.57
CA VAL G 200 1.22 53.93 28.23
C VAL G 200 0.18 52.83 28.25
N LEU G 201 0.65 51.60 28.25
CA LEU G 201 -0.23 50.45 28.34
C LEU G 201 0.26 49.48 29.39
N LEU G 202 -0.70 48.79 29.98
CA LEU G 202 -0.51 47.85 31.06
C LEU G 202 -1.40 46.65 30.84
N ASP G 203 -0.84 45.46 31.02
CA ASP G 203 -1.59 44.21 31.02
C ASP G 203 -1.35 43.51 32.34
N ALA G 204 -2.41 43.33 33.12
CA ALA G 204 -2.30 42.68 34.42
C ALA G 204 -3.69 42.25 34.86
N PRO G 205 -3.78 41.31 35.80
CA PRO G 205 -5.10 40.96 36.35
C PRO G 205 -5.66 42.06 37.22
N GLN G 206 -4.80 42.58 38.08
CA GLN G 206 -5.28 43.41 39.16
C GLN G 206 -5.60 44.82 38.68
N ALA G 207 -6.27 45.55 39.55
CA ALA G 207 -6.68 46.91 39.25
C ALA G 207 -5.49 47.83 39.38
N ILE G 208 -5.76 49.13 39.33
CA ILE G 208 -4.79 50.17 39.64
C ILE G 208 -5.59 51.28 40.31
N THR G 209 -4.88 52.19 40.97
CA THR G 209 -5.54 53.29 41.64
C THR G 209 -4.66 54.53 41.53
N TRP G 210 -5.25 55.59 41.01
CA TRP G 210 -4.63 56.91 40.97
C TRP G 210 -5.05 57.79 42.13
N GLU G 211 -6.32 57.72 42.49
CA GLU G 211 -6.88 58.55 43.55
C GLU G 211 -8.00 57.80 44.24
N ASP G 212 -8.22 58.14 45.50
CA ASP G 212 -9.42 57.73 46.23
C ASP G 212 -10.07 58.85 47.02
N ALA G 213 -9.39 59.97 47.25
CA ALA G 213 -9.84 61.09 48.07
C ALA G 213 -9.87 60.74 49.56
N ASP G 214 -9.45 59.53 49.94
CA ASP G 214 -9.28 59.16 51.32
C ASP G 214 -7.89 58.59 51.60
N TYR G 215 -7.08 58.39 50.57
CA TYR G 215 -5.71 57.99 50.75
C TYR G 215 -4.97 59.08 51.54
N PRO G 216 -4.25 58.74 52.60
CA PRO G 216 -3.67 59.79 53.44
C PRO G 216 -2.57 60.58 52.77
N GLU G 217 -1.63 59.88 52.13
CA GLU G 217 -0.34 60.47 51.79
C GLU G 217 -0.41 61.18 50.44
N GLY G 218 -1.05 62.34 50.45
CA GLY G 218 -0.85 63.30 49.39
C GLY G 218 -1.76 63.18 48.19
N GLN G 219 -2.99 62.72 48.37
CA GLN G 219 -4.05 62.84 47.38
C GLN G 219 -3.88 61.93 46.17
N TYR G 220 -2.74 61.27 46.03
CA TYR G 220 -2.41 60.54 44.80
C TYR G 220 -1.85 59.19 45.20
N VAL G 221 -2.63 58.15 44.92
CA VAL G 221 -2.32 56.81 45.40
C VAL G 221 -1.08 56.28 44.71
N SER G 222 -0.97 56.51 43.42
CA SER G 222 0.12 56.04 42.59
C SER G 222 0.77 57.23 41.91
N THR G 223 1.78 56.93 41.09
CA THR G 223 2.25 57.96 40.17
C THR G 223 3.03 57.34 39.03
N PHE G 224 3.17 58.14 37.99
CA PHE G 224 4.12 57.94 36.93
C PHE G 224 4.82 59.27 36.71
N GLU G 225 6.13 59.20 36.55
CA GLU G 225 6.95 60.38 36.34
C GLU G 225 8.06 60.00 35.39
N GLN G 226 8.57 61.00 34.68
CA GLN G 226 9.37 60.68 33.51
C GLN G 226 10.16 61.90 33.09
N ASP G 227 11.30 61.63 32.46
CA ASP G 227 12.15 62.66 31.90
C ASP G 227 11.95 62.71 30.40
N VAL G 228 12.21 63.88 29.82
CA VAL G 228 12.06 64.08 28.38
C VAL G 228 13.07 65.12 27.93
N GLU G 229 13.27 65.17 26.62
CA GLU G 229 14.08 66.18 25.97
C GLU G 229 13.20 66.90 24.97
N ILE G 230 12.86 68.15 25.28
CA ILE G 230 11.88 68.91 24.51
C ILE G 230 12.60 69.97 23.70
N THR G 231 12.05 70.23 22.51
CA THR G 231 12.41 71.39 21.71
C THR G 231 11.53 72.53 22.18
N LEU G 232 11.99 73.22 23.22
CA LEU G 232 11.26 74.34 23.82
C LEU G 232 9.87 73.94 24.26
N GLN H 4 -28.06 4.79 -50.99
CA GLN H 4 -28.85 4.86 -49.77
C GLN H 4 -30.16 4.10 -49.93
N THR H 5 -30.10 3.00 -50.66
CA THR H 5 -31.26 2.18 -50.97
C THR H 5 -31.22 0.93 -50.12
N GLN H 6 -32.29 0.70 -49.36
CA GLN H 6 -32.37 -0.41 -48.43
C GLN H 6 -33.72 -1.10 -48.59
N GLU H 7 -33.69 -2.42 -48.59
CA GLU H 7 -34.93 -3.19 -48.71
C GLU H 7 -35.66 -3.22 -47.38
N TYR H 8 -36.98 -3.33 -47.47
CA TYR H 8 -37.82 -3.32 -46.29
C TYR H 8 -39.07 -4.15 -46.58
N THR H 9 -39.93 -4.24 -45.59
CA THR H 9 -41.13 -5.07 -45.63
C THR H 9 -42.31 -4.24 -45.15
N LEU H 10 -43.47 -4.52 -45.72
CA LEU H 10 -44.72 -3.88 -45.37
C LEU H 10 -45.67 -4.91 -44.77
N SER H 11 -46.82 -4.43 -44.33
CA SER H 11 -47.78 -5.27 -43.64
C SER H 11 -49.17 -4.75 -43.88
N HIS H 12 -50.15 -5.59 -43.55
CA HIS H 12 -51.52 -5.14 -43.44
C HIS H 12 -51.76 -4.23 -42.24
N THR H 13 -50.77 -4.04 -41.36
CA THR H 13 -50.99 -3.25 -40.16
C THR H 13 -49.75 -2.42 -39.83
N GLY H 14 -49.99 -1.15 -39.53
CA GLY H 14 -49.02 -0.26 -38.93
C GLY H 14 -47.62 -0.33 -39.52
N GLY H 15 -46.66 -0.63 -38.68
CA GLY H 15 -45.31 -0.83 -39.15
C GLY H 15 -44.62 0.46 -39.48
N LEU H 16 -44.50 0.72 -40.77
CA LEU H 16 -43.87 1.92 -41.29
C LEU H 16 -44.89 3.02 -41.57
N LEU H 17 -46.12 2.86 -41.08
CA LEU H 17 -47.21 3.76 -41.41
C LEU H 17 -48.10 4.13 -40.24
N GLY H 18 -47.95 3.49 -39.08
CA GLY H 18 -48.68 3.91 -37.90
C GLY H 18 -50.17 3.70 -37.95
N SER H 19 -50.67 2.90 -38.90
CA SER H 19 -52.09 2.59 -39.01
C SER H 19 -52.91 3.83 -39.32
N SER H 20 -52.28 4.83 -39.92
CA SER H 20 -52.91 6.07 -40.35
C SER H 20 -52.63 6.35 -41.81
N LYS H 21 -51.43 6.05 -42.28
CA LYS H 21 -51.08 6.07 -43.68
C LYS H 21 -51.35 4.75 -44.37
N VAL H 22 -52.20 3.91 -43.76
CA VAL H 22 -52.67 2.68 -44.37
C VAL H 22 -54.12 2.51 -43.95
N THR H 23 -54.89 1.84 -44.79
CA THR H 23 -56.24 1.44 -44.42
C THR H 23 -56.49 0.03 -44.92
N THR H 24 -57.47 -0.60 -44.31
CA THR H 24 -58.00 -1.88 -44.75
C THR H 24 -59.46 -1.68 -45.11
N ALA H 25 -59.99 -2.59 -45.91
CA ALA H 25 -61.37 -2.46 -46.33
C ALA H 25 -61.87 -3.77 -46.91
N SER H 26 -63.16 -3.97 -46.77
CA SER H 26 -63.84 -5.10 -47.40
C SER H 26 -64.06 -4.76 -48.86
N ASN H 27 -64.90 -5.55 -49.53
CA ASN H 27 -65.13 -5.44 -50.96
C ASN H 27 -66.63 -5.45 -51.25
N GLN H 28 -66.96 -5.22 -52.52
CA GLN H 28 -68.34 -5.31 -52.99
C GLN H 28 -68.60 -6.71 -53.50
N THR H 29 -69.75 -7.26 -53.13
CA THR H 29 -70.09 -8.65 -53.39
C THR H 29 -71.31 -8.79 -54.30
N ALA H 30 -72.41 -8.10 -53.98
CA ALA H 30 -73.64 -8.27 -54.75
C ALA H 30 -73.44 -7.88 -56.21
N PRO H 31 -73.05 -6.64 -56.54
CA PRO H 31 -72.33 -6.44 -57.79
C PRO H 31 -70.85 -6.69 -57.59
N GLN H 32 -70.29 -7.68 -58.28
CA GLN H 32 -68.85 -7.83 -58.31
C GLN H 32 -68.24 -6.54 -58.82
N ARG H 33 -67.33 -5.97 -58.05
CA ARG H 33 -66.58 -4.82 -58.49
C ARG H 33 -65.13 -5.01 -58.11
N GLU H 34 -64.25 -4.58 -59.00
CA GLU H 34 -62.81 -4.56 -58.74
C GLU H 34 -62.55 -3.42 -57.76
N THR H 35 -62.88 -3.68 -56.50
CA THR H 35 -62.81 -2.70 -55.44
C THR H 35 -61.42 -2.69 -54.82
N ALA H 36 -61.22 -1.81 -53.85
CA ALA H 36 -59.99 -1.72 -53.10
C ALA H 36 -60.21 -2.23 -51.69
N ILE H 37 -59.20 -2.89 -51.15
CA ILE H 37 -59.25 -3.48 -49.82
C ILE H 37 -58.17 -2.85 -48.95
N ILE H 38 -57.07 -2.43 -49.57
CA ILE H 38 -55.90 -1.95 -48.85
C ILE H 38 -55.18 -0.92 -49.70
N SER H 39 -54.61 0.06 -49.02
CA SER H 39 -53.81 1.12 -49.62
C SER H 39 -52.42 1.11 -49.03
N PHE H 40 -51.58 1.99 -49.56
CA PHE H 40 -50.25 2.26 -49.03
C PHE H 40 -49.96 3.72 -49.35
N GLU H 41 -50.18 4.59 -48.38
CA GLU H 41 -49.80 5.98 -48.50
C GLU H 41 -48.36 6.14 -48.07
N VAL H 42 -47.60 6.92 -48.83
CA VAL H 42 -46.25 7.24 -48.36
C VAL H 42 -46.37 8.06 -47.09
N PRO H 43 -45.61 7.78 -46.05
CA PRO H 43 -45.72 8.59 -44.85
C PRO H 43 -44.87 9.84 -44.94
N ARG H 44 -44.78 10.52 -43.80
CA ARG H 44 -44.16 11.84 -43.69
C ARG H 44 -42.77 11.92 -44.30
N LYS H 45 -42.02 10.84 -44.27
CA LYS H 45 -40.58 10.91 -44.27
C LYS H 45 -39.93 10.64 -45.61
N PHE H 46 -40.40 9.62 -46.31
CA PHE H 46 -39.61 9.00 -47.35
C PHE H 46 -39.54 9.86 -48.60
N SER H 47 -38.44 9.68 -49.34
CA SER H 47 -38.29 10.32 -50.63
C SER H 47 -39.06 9.56 -51.70
N GLU H 48 -39.04 8.24 -51.63
CA GLU H 48 -39.73 7.43 -52.63
C GLU H 48 -39.79 5.99 -52.15
N ILE H 49 -40.57 5.20 -52.87
CA ILE H 49 -40.67 3.77 -52.70
C ILE H 49 -40.60 3.16 -54.09
N GLU H 50 -40.14 1.93 -54.17
CA GLU H 50 -40.04 1.22 -55.43
C GLU H 50 -40.56 -0.20 -55.26
N TYR H 51 -41.35 -0.63 -56.23
CA TYR H 51 -41.74 -2.03 -56.39
C TYR H 51 -41.22 -2.53 -57.72
N VAL H 52 -40.73 -3.76 -57.72
CA VAL H 52 -40.28 -4.40 -58.94
C VAL H 52 -40.71 -5.86 -58.91
N GLY H 53 -41.80 -6.18 -59.59
CA GLY H 53 -42.05 -7.56 -59.93
C GLY H 53 -40.92 -8.13 -60.75
N GLN H 54 -40.80 -9.46 -60.69
CA GLN H 54 -39.68 -10.25 -61.21
C GLN H 54 -38.41 -10.04 -60.41
N ARG H 55 -38.42 -9.23 -59.36
CA ARG H 55 -37.33 -9.10 -58.41
C ARG H 55 -37.84 -9.18 -56.98
N ASP H 56 -39.06 -8.71 -56.76
CA ASP H 56 -39.61 -8.50 -55.43
C ASP H 56 -40.69 -9.54 -55.13
N ALA H 57 -40.90 -9.77 -53.84
CA ALA H 57 -41.75 -10.84 -53.38
C ALA H 57 -43.14 -10.33 -53.03
N THR H 58 -43.97 -11.21 -52.46
CA THR H 58 -45.34 -10.89 -52.07
C THR H 58 -45.88 -12.06 -51.27
N ARG H 59 -46.79 -11.76 -50.34
CA ARG H 59 -47.56 -12.75 -49.62
C ARG H 59 -48.94 -12.19 -49.36
N PHE H 60 -49.95 -13.06 -49.40
CA PHE H 60 -51.33 -12.64 -49.23
C PHE H 60 -52.14 -13.84 -48.82
N VAL H 61 -52.69 -13.79 -47.60
CA VAL H 61 -53.45 -14.90 -47.02
C VAL H 61 -54.85 -14.38 -46.78
N PRO H 62 -55.77 -14.57 -47.71
CA PRO H 62 -57.15 -14.09 -47.54
C PRO H 62 -58.12 -15.13 -47.03
N ARG H 63 -58.99 -14.70 -46.12
CA ARG H 63 -60.07 -15.54 -45.61
C ARG H 63 -61.36 -14.73 -45.57
N THR H 64 -62.46 -15.46 -45.63
CA THR H 64 -63.80 -14.90 -45.56
C THR H 64 -64.39 -15.17 -44.18
N THR H 65 -65.68 -14.93 -44.04
CA THR H 65 -66.38 -15.12 -42.78
C THR H 65 -67.80 -15.57 -43.10
N GLU H 66 -68.38 -16.32 -42.18
CA GLU H 66 -69.81 -16.60 -42.23
C GLU H 66 -70.33 -16.77 -40.81
N GLU H 67 -71.53 -17.33 -40.69
CA GLU H 67 -72.17 -17.58 -39.41
C GLU H 67 -73.05 -18.81 -39.59
N ILE H 68 -72.87 -19.80 -38.72
CA ILE H 68 -73.58 -21.06 -38.82
C ILE H 68 -74.17 -21.40 -37.45
N THR H 69 -75.47 -21.63 -37.41
CA THR H 69 -76.12 -21.99 -36.16
C THR H 69 -75.88 -23.46 -35.88
N GLY H 70 -76.61 -24.01 -34.92
CA GLY H 70 -76.60 -25.43 -34.64
C GLY H 70 -78.00 -25.95 -34.43
N THR H 71 -78.10 -27.21 -34.03
CA THR H 71 -79.39 -27.88 -33.94
C THR H 71 -79.28 -28.97 -32.89
N ALA H 72 -80.42 -29.33 -32.32
CA ALA H 72 -80.49 -30.48 -31.43
C ALA H 72 -79.91 -31.72 -32.12
N ASN H 73 -80.48 -32.09 -33.26
CA ASN H 73 -79.88 -33.12 -34.11
C ASN H 73 -78.92 -32.46 -35.10
N ASP H 74 -77.88 -31.85 -34.52
CA ASP H 74 -76.87 -31.11 -35.26
C ASP H 74 -76.29 -31.91 -36.41
N ASP H 75 -75.79 -31.20 -37.41
CA ASP H 75 -75.46 -31.82 -38.69
C ASP H 75 -74.02 -32.33 -38.74
N THR H 76 -73.09 -31.58 -38.15
CA THR H 76 -71.64 -31.79 -38.24
C THR H 76 -71.11 -31.38 -39.61
N VAL H 77 -72.00 -31.05 -40.55
CA VAL H 77 -71.64 -30.91 -41.95
C VAL H 77 -72.05 -29.52 -42.40
N VAL H 78 -71.25 -28.94 -43.29
CA VAL H 78 -71.51 -27.61 -43.81
C VAL H 78 -71.17 -27.58 -45.29
N GLN H 79 -71.77 -26.63 -45.98
CA GLN H 79 -71.44 -26.29 -47.35
C GLN H 79 -71.05 -24.82 -47.39
N LEU H 80 -70.21 -24.47 -48.36
CA LEU H 80 -69.70 -23.12 -48.47
C LEU H 80 -69.79 -22.64 -49.91
N GLN H 81 -70.23 -21.39 -50.07
CA GLN H 81 -70.29 -20.73 -51.36
C GLN H 81 -69.00 -19.98 -51.64
N ALA H 82 -67.88 -20.68 -51.45
CA ALA H 82 -66.56 -20.10 -51.66
C ALA H 82 -65.63 -21.28 -51.88
N ASN H 83 -65.12 -21.40 -53.10
CA ASN H 83 -64.42 -22.62 -53.47
C ASN H 83 -63.14 -22.75 -52.67
N ILE H 84 -62.87 -23.98 -52.25
CA ILE H 84 -61.75 -24.28 -51.38
C ILE H 84 -60.74 -25.05 -52.19
N GLN H 85 -59.48 -24.80 -51.90
CA GLN H 85 -58.42 -25.63 -52.42
C GLN H 85 -57.34 -25.79 -51.35
N PRO H 86 -56.39 -26.67 -51.55
CA PRO H 86 -55.21 -26.69 -50.69
C PRO H 86 -54.32 -25.50 -50.96
N ILE H 87 -53.16 -25.52 -50.33
CA ILE H 87 -52.24 -24.39 -50.39
C ILE H 87 -50.97 -24.91 -51.05
N ALA H 88 -50.32 -25.85 -50.37
CA ALA H 88 -49.12 -26.50 -50.87
C ALA H 88 -49.36 -27.99 -50.71
N GLY H 89 -50.04 -28.55 -51.69
CA GLY H 89 -50.19 -29.98 -51.78
C GLY H 89 -51.54 -30.52 -51.38
N GLU H 90 -51.51 -31.52 -50.51
CA GLU H 90 -52.71 -32.24 -50.14
C GLU H 90 -53.61 -31.35 -49.29
N GLU H 91 -54.86 -31.79 -49.14
CA GLU H 91 -55.75 -31.28 -48.10
C GLU H 91 -55.64 -32.25 -46.92
N ASP H 92 -54.54 -32.13 -46.20
CA ASP H 92 -54.35 -32.77 -44.90
C ASP H 92 -54.04 -31.67 -43.90
N MET H 93 -55.06 -31.30 -43.11
CA MET H 93 -55.00 -30.10 -42.28
C MET H 93 -53.78 -30.06 -41.37
N ALA H 94 -53.23 -31.23 -41.03
CA ALA H 94 -52.03 -31.26 -40.21
C ALA H 94 -50.86 -30.60 -40.89
N ASP H 95 -50.78 -30.67 -42.22
CA ASP H 95 -49.57 -30.32 -42.96
C ASP H 95 -49.91 -29.49 -44.18
N GLN H 96 -50.70 -28.43 -43.99
CA GLN H 96 -51.08 -27.53 -45.07
C GLN H 96 -50.20 -26.30 -45.19
N ASP H 97 -49.30 -26.07 -44.23
CA ASP H 97 -48.46 -24.88 -44.05
C ASP H 97 -49.23 -23.70 -43.49
N TYR H 98 -50.55 -23.77 -43.48
CA TYR H 98 -51.46 -23.07 -42.58
C TYR H 98 -52.83 -23.60 -42.96
N PRO H 99 -53.79 -23.66 -42.06
CA PRO H 99 -55.05 -24.31 -42.40
C PRO H 99 -55.80 -23.56 -43.48
N VAL H 100 -56.66 -24.32 -44.17
CA VAL H 100 -57.56 -23.72 -45.15
C VAL H 100 -58.90 -23.37 -44.54
N VAL H 101 -59.16 -23.82 -43.30
CA VAL H 101 -60.38 -23.50 -42.59
C VAL H 101 -60.02 -23.24 -41.14
N VAL H 102 -60.75 -22.32 -40.53
CA VAL H 102 -60.73 -22.10 -39.10
C VAL H 102 -62.17 -22.02 -38.66
N ALA H 103 -62.43 -22.50 -37.44
CA ALA H 103 -63.77 -22.49 -36.89
C ALA H 103 -63.69 -22.14 -35.42
N TYR H 104 -64.80 -21.61 -34.91
CA TYR H 104 -64.83 -21.19 -33.51
C TYR H 104 -66.27 -21.12 -33.06
N ASN H 105 -66.59 -21.87 -32.01
CA ASN H 105 -67.91 -21.76 -31.40
C ASN H 105 -67.96 -20.51 -30.54
N VAL H 106 -69.14 -19.91 -30.50
CA VAL H 106 -69.35 -18.64 -29.82
C VAL H 106 -69.88 -18.86 -28.42
N THR H 107 -70.91 -19.69 -28.28
CA THR H 107 -71.42 -20.06 -26.97
C THR H 107 -70.31 -20.64 -26.12
N GLN H 108 -69.77 -21.78 -26.54
CA GLN H 108 -68.52 -22.28 -25.99
C GLN H 108 -67.41 -21.50 -26.63
N GLY H 109 -66.78 -20.61 -25.88
CA GLY H 109 -65.73 -19.78 -26.44
C GLY H 109 -64.49 -20.60 -26.70
N ALA H 110 -64.57 -21.48 -27.69
CA ALA H 110 -63.54 -22.47 -27.92
C ALA H 110 -63.48 -22.81 -29.40
N GLN H 111 -62.38 -23.43 -29.79
CA GLN H 111 -62.19 -23.85 -31.15
C GLN H 111 -63.20 -24.94 -31.51
N VAL H 112 -63.22 -25.27 -32.80
CA VAL H 112 -64.04 -26.32 -33.35
C VAL H 112 -63.17 -27.05 -34.34
N GLU H 113 -62.71 -28.24 -33.98
CA GLU H 113 -61.76 -28.94 -34.80
C GLU H 113 -62.47 -29.69 -35.92
N ILE H 114 -61.71 -29.98 -36.97
CA ILE H 114 -62.23 -30.56 -38.19
C ILE H 114 -61.90 -32.03 -38.22
N ALA H 115 -62.82 -32.83 -38.74
CA ALA H 115 -62.61 -34.26 -38.96
C ALA H 115 -62.21 -34.56 -40.40
N ASP H 116 -62.92 -33.98 -41.36
CA ASP H 116 -62.72 -34.33 -42.75
C ASP H 116 -63.34 -33.24 -43.62
N VAL H 117 -62.88 -33.18 -44.86
CA VAL H 117 -63.31 -32.18 -45.82
C VAL H 117 -63.80 -32.90 -47.06
N ASN H 118 -64.97 -32.47 -47.55
CA ASN H 118 -65.40 -32.82 -48.89
C ASN H 118 -64.74 -31.79 -49.80
N TYR H 119 -63.71 -32.26 -50.51
CA TYR H 119 -62.63 -31.44 -51.03
C TYR H 119 -63.05 -30.38 -52.03
N ALA H 120 -63.50 -30.81 -53.21
CA ALA H 120 -63.94 -29.91 -54.26
C ALA H 120 -65.45 -29.72 -54.27
N THR H 121 -66.18 -30.60 -53.57
CA THR H 121 -67.57 -30.37 -53.24
C THR H 121 -67.79 -29.07 -52.50
N ASP H 122 -66.77 -28.54 -51.83
CA ASP H 122 -66.86 -27.32 -51.02
C ASP H 122 -67.82 -27.53 -49.86
N GLU H 123 -67.67 -28.68 -49.22
CA GLU H 123 -68.36 -29.02 -47.99
C GLU H 123 -67.35 -29.58 -47.02
N VAL H 124 -67.70 -29.53 -45.73
CA VAL H 124 -66.80 -29.90 -44.65
C VAL H 124 -67.56 -30.71 -43.63
N THR H 125 -66.86 -31.68 -43.05
CA THR H 125 -67.28 -32.41 -41.87
C THR H 125 -66.45 -31.93 -40.69
N LEU H 126 -67.09 -31.81 -39.54
CA LEU H 126 -66.43 -31.38 -38.31
C LEU H 126 -66.19 -32.55 -37.38
N ALA H 127 -65.38 -32.27 -36.36
CA ALA H 127 -65.07 -33.26 -35.34
C ALA H 127 -66.07 -33.26 -34.20
N THR H 128 -66.68 -32.11 -33.92
CA THR H 128 -67.49 -31.92 -32.72
C THR H 128 -68.97 -31.85 -33.08
N ASP H 129 -69.79 -31.66 -32.05
CA ASP H 129 -71.24 -31.68 -32.15
C ASP H 129 -71.81 -30.37 -31.62
N PRO H 130 -72.17 -29.41 -32.46
CA PRO H 130 -72.75 -28.17 -31.94
C PRO H 130 -74.16 -28.40 -31.40
N ALA H 131 -74.65 -27.38 -30.73
CA ALA H 131 -75.92 -27.45 -30.00
C ALA H 131 -76.96 -26.57 -30.66
N ASP H 132 -78.20 -26.79 -30.27
CA ASP H 132 -79.32 -26.05 -30.84
C ASP H 132 -79.18 -24.57 -30.55
N GLY H 133 -79.37 -23.75 -31.59
CA GLY H 133 -79.20 -22.33 -31.46
C GLY H 133 -77.80 -21.87 -31.15
N ASP H 134 -76.81 -22.74 -31.27
CA ASP H 134 -75.43 -22.42 -30.97
C ASP H 134 -74.75 -21.84 -32.20
N THR H 135 -74.05 -20.72 -32.02
CA THR H 135 -73.43 -20.01 -33.12
C THR H 135 -71.99 -20.45 -33.29
N VAL H 136 -71.57 -20.51 -34.55
CA VAL H 136 -70.20 -20.83 -34.92
C VAL H 136 -69.79 -19.88 -36.01
N LYS H 137 -68.54 -19.43 -35.95
CA LYS H 137 -67.94 -18.56 -36.94
C LYS H 137 -66.86 -19.34 -37.65
N LEU H 138 -66.85 -19.25 -38.98
CA LEU H 138 -65.87 -19.93 -39.80
C LEU H 138 -65.04 -18.89 -40.54
N TRP H 139 -63.88 -19.34 -41.01
CA TRP H 139 -62.96 -18.48 -41.76
C TRP H 139 -62.24 -19.32 -42.80
N PRO H 140 -62.97 -19.81 -43.79
CA PRO H 140 -62.31 -20.47 -44.92
C PRO H 140 -61.48 -19.46 -45.69
N ILE H 141 -60.63 -19.99 -46.56
CA ILE H 141 -59.79 -19.13 -47.38
C ILE H 141 -60.62 -18.62 -48.53
N MET H 142 -60.10 -17.65 -49.24
CA MET H 142 -60.79 -17.02 -50.35
C MET H 142 -60.12 -17.42 -51.65
N GLY H 143 -60.93 -17.96 -52.57
CA GLY H 143 -60.49 -18.24 -53.93
C GLY H 143 -61.48 -17.67 -54.93
N ASP H 144 -61.19 -17.93 -56.19
CA ASP H 144 -62.03 -17.49 -57.30
C ASP H 144 -62.18 -15.97 -57.29
N GLY H 145 -61.04 -15.30 -57.46
CA GLY H 145 -61.02 -13.85 -57.49
C GLY H 145 -59.72 -13.33 -58.06
N GLU H 146 -59.78 -12.14 -58.65
CA GLU H 146 -58.63 -11.54 -59.31
C GLU H 146 -57.88 -10.65 -58.35
N VAL H 147 -56.81 -10.03 -58.84
CA VAL H 147 -56.10 -9.00 -58.08
C VAL H 147 -55.30 -8.16 -59.05
N GLN H 148 -55.18 -6.88 -58.74
CA GLN H 148 -54.32 -5.98 -59.49
C GLN H 148 -53.78 -4.90 -58.58
N PHE H 149 -52.84 -4.13 -59.11
CA PHE H 149 -52.30 -2.95 -58.47
C PHE H 149 -52.65 -1.72 -59.29
N ARG H 150 -52.57 -0.56 -58.66
CA ARG H 150 -52.70 0.69 -59.37
C ARG H 150 -52.08 1.80 -58.54
N LEU H 151 -52.37 3.05 -58.90
CA LEU H 151 -51.66 4.19 -58.37
C LEU H 151 -52.58 5.39 -58.37
N VAL H 152 -52.21 6.39 -57.58
CA VAL H 152 -53.01 7.59 -57.38
C VAL H 152 -52.09 8.81 -57.42
N ASN H 153 -52.57 9.88 -58.05
CA ASN H 153 -51.83 11.13 -58.15
C ASN H 153 -52.30 12.11 -57.08
N GLN H 154 -52.23 11.69 -55.82
CA GLN H 154 -52.40 12.60 -54.68
C GLN H 154 -53.85 13.04 -54.47
N PHE H 155 -54.75 12.70 -55.41
CA PHE H 155 -56.16 13.03 -55.35
C PHE H 155 -57.03 11.81 -55.49
N GLY H 156 -56.75 11.00 -56.51
CA GLY H 156 -57.71 10.08 -57.04
C GLY H 156 -57.55 9.95 -58.54
N GLN H 157 -56.90 10.92 -59.18
CA GLN H 157 -56.56 10.75 -60.59
C GLN H 157 -55.54 9.63 -60.70
N GLU H 158 -56.00 8.49 -61.21
CA GLU H 158 -55.12 7.35 -61.39
C GLU H 158 -54.16 7.59 -62.54
N GLU H 159 -52.88 7.29 -62.32
CA GLU H 159 -51.97 7.14 -63.44
C GLU H 159 -52.41 6.03 -64.37
N GLY H 160 -53.02 4.99 -63.81
CA GLY H 160 -53.35 3.81 -64.57
C GLY H 160 -53.22 2.58 -63.70
N ARG H 161 -52.41 1.63 -64.16
CA ARG H 161 -52.21 0.40 -63.42
C ARG H 161 -50.78 -0.06 -63.63
N VAL H 162 -50.31 -0.87 -62.68
CA VAL H 162 -48.95 -1.39 -62.74
C VAL H 162 -48.80 -2.26 -63.97
N TYR H 163 -49.57 -3.33 -64.02
CA TYR H 163 -49.50 -4.35 -65.03
C TYR H 163 -50.93 -4.71 -65.37
N PRO H 164 -51.37 -4.57 -66.62
CA PRO H 164 -52.81 -4.59 -66.89
C PRO H 164 -53.48 -5.90 -66.57
N TRP H 165 -52.77 -7.00 -66.75
CA TRP H 165 -53.36 -8.31 -66.56
C TRP H 165 -53.43 -8.67 -65.08
N ALA H 166 -54.48 -9.42 -64.74
CA ALA H 166 -54.79 -9.72 -63.36
C ALA H 166 -54.01 -10.96 -62.91
N THR H 167 -54.40 -11.49 -61.75
CA THR H 167 -53.83 -12.69 -61.21
C THR H 167 -54.90 -13.33 -60.35
N PRO H 168 -55.07 -14.65 -60.36
CA PRO H 168 -56.08 -15.27 -59.49
C PRO H 168 -55.59 -15.78 -58.14
N LEU H 169 -56.54 -15.88 -57.23
CA LEU H 169 -56.26 -16.20 -55.85
C LEU H 169 -56.20 -17.69 -55.55
N TYR H 170 -56.99 -18.51 -56.24
CA TYR H 170 -56.79 -19.94 -56.09
C TYR H 170 -55.37 -20.30 -56.48
N ARG H 171 -54.89 -19.68 -57.56
CA ARG H 171 -53.49 -19.81 -57.97
C ARG H 171 -52.56 -19.29 -56.89
N TRP H 172 -52.93 -18.17 -56.29
CA TRP H 172 -52.12 -17.60 -55.22
C TRP H 172 -51.91 -18.61 -54.10
N HIS H 173 -52.99 -19.22 -53.63
CA HIS H 173 -52.86 -20.26 -52.63
C HIS H 173 -52.03 -21.42 -53.14
N ASP H 174 -52.21 -21.78 -54.42
CA ASP H 174 -51.58 -22.97 -54.97
C ASP H 174 -50.07 -22.89 -54.89
N PHE H 175 -49.50 -21.82 -55.41
CA PHE H 175 -48.05 -21.70 -55.36
C PHE H 175 -47.61 -21.69 -53.89
N PRO H 176 -46.78 -22.63 -53.46
CA PRO H 176 -46.35 -22.60 -52.05
C PRO H 176 -45.52 -21.36 -51.80
N GLN H 177 -46.01 -20.53 -50.88
CA GLN H 177 -45.15 -19.50 -50.35
C GLN H 177 -44.00 -20.16 -49.61
N LEU H 178 -43.02 -19.35 -49.24
CA LEU H 178 -41.90 -19.82 -48.44
C LEU H 178 -41.11 -20.88 -49.16
N LYS H 179 -40.60 -20.56 -50.34
CA LYS H 179 -39.67 -21.45 -51.01
C LYS H 179 -38.99 -20.71 -52.15
N ARG H 180 -37.67 -20.60 -52.08
CA ARG H 180 -36.91 -19.85 -53.08
C ARG H 180 -37.15 -20.41 -54.46
N GLY H 181 -37.34 -19.52 -55.42
CA GLY H 181 -37.71 -19.91 -56.77
C GLY H 181 -39.19 -20.13 -56.90
N ARG H 182 -39.79 -20.93 -56.02
CA ARG H 182 -41.22 -21.08 -56.00
C ARG H 182 -41.93 -19.87 -55.39
N GLU H 183 -41.18 -18.87 -54.93
CA GLU H 183 -41.78 -17.61 -54.51
C GLU H 183 -42.55 -16.97 -55.64
N ILE H 184 -43.33 -15.96 -55.31
CA ILE H 184 -44.01 -15.14 -56.30
C ILE H 184 -43.10 -14.00 -56.70
N ASN H 185 -43.13 -13.66 -57.98
CA ASN H 185 -42.52 -12.43 -58.47
C ASN H 185 -43.38 -12.00 -59.66
N LEU H 186 -44.24 -11.02 -59.43
CA LEU H 186 -45.18 -10.56 -60.45
C LEU H 186 -44.41 -9.76 -61.49
N HIS H 187 -45.15 -9.08 -62.36
CA HIS H 187 -44.58 -8.19 -63.35
C HIS H 187 -45.06 -6.77 -63.09
N GLY H 188 -44.17 -5.83 -63.26
CA GLY H 188 -44.42 -4.44 -62.92
C GLY H 188 -43.16 -3.79 -62.40
N SER H 189 -43.12 -2.48 -62.53
CA SER H 189 -41.98 -1.69 -62.07
C SER H 189 -42.46 -0.26 -61.96
N VAL H 190 -42.39 0.30 -60.76
CA VAL H 190 -43.07 1.54 -60.43
C VAL H 190 -42.21 2.34 -59.46
N THR H 191 -42.73 3.50 -59.07
CA THR H 191 -42.14 4.35 -58.06
C THR H 191 -43.20 5.35 -57.65
N TRP H 192 -43.26 5.66 -56.35
CA TRP H 192 -44.20 6.66 -55.89
C TRP H 192 -43.66 7.40 -54.69
N GLN H 193 -43.73 8.73 -54.75
CA GLN H 193 -43.22 9.61 -53.73
C GLN H 193 -44.35 9.97 -52.76
N GLU H 194 -44.13 10.99 -51.93
CA GLU H 194 -45.04 11.37 -50.86
C GLU H 194 -46.46 11.57 -51.36
N ASN H 195 -47.41 10.93 -50.67
CA ASN H 195 -48.84 11.02 -50.91
C ASN H 195 -49.26 10.48 -52.27
N GLU H 196 -48.36 9.86 -53.01
CA GLU H 196 -48.71 9.16 -54.25
C GLU H 196 -49.06 7.72 -53.88
N THR H 197 -50.19 7.58 -53.21
CA THR H 197 -50.55 6.32 -52.60
C THR H 197 -50.77 5.24 -53.64
N VAL H 198 -50.63 4.01 -53.18
CA VAL H 198 -50.92 2.82 -53.96
C VAL H 198 -52.18 2.21 -53.39
N GLU H 199 -52.90 1.46 -54.21
CA GLU H 199 -54.07 0.73 -53.75
C GLU H 199 -54.12 -0.60 -54.45
N VAL H 200 -54.21 -1.66 -53.68
CA VAL H 200 -54.46 -2.97 -54.25
C VAL H 200 -55.93 -3.04 -54.60
N LEU H 201 -56.25 -3.84 -55.61
CA LEU H 201 -57.62 -4.06 -56.01
C LEU H 201 -57.91 -5.54 -56.16
N LEU H 202 -59.16 -5.87 -55.91
CA LEU H 202 -59.67 -7.23 -55.92
C LEU H 202 -61.05 -7.22 -56.55
N ASP H 203 -61.28 -8.19 -57.44
CA ASP H 203 -62.60 -8.44 -58.02
C ASP H 203 -62.97 -9.88 -57.72
N ALA H 204 -64.05 -10.06 -56.97
CA ALA H 204 -64.49 -11.40 -56.60
C ALA H 204 -65.93 -11.31 -56.12
N PRO H 205 -66.66 -12.42 -56.12
CA PRO H 205 -68.00 -12.41 -55.53
C PRO H 205 -67.97 -12.29 -54.03
N GLN H 206 -67.09 -13.07 -53.42
CA GLN H 206 -67.16 -13.28 -51.99
C GLN H 206 -66.56 -12.11 -51.23
N ALA H 207 -66.82 -12.10 -49.94
CA ALA H 207 -66.35 -11.04 -49.06
C ALA H 207 -64.87 -11.25 -48.79
N ILE H 208 -64.35 -10.47 -47.84
CA ILE H 208 -63.03 -10.65 -47.29
C ILE H 208 -63.14 -10.26 -45.82
N THR H 209 -62.15 -10.63 -45.04
CA THR H 209 -62.15 -10.32 -43.62
C THR H 209 -60.73 -10.05 -43.18
N TRP H 210 -60.53 -8.89 -42.57
CA TRP H 210 -59.28 -8.51 -41.94
C TRP H 210 -59.29 -8.76 -40.45
N GLU H 211 -60.42 -8.50 -39.79
CA GLU H 211 -60.54 -8.65 -38.36
C GLU H 211 -61.98 -9.02 -38.02
N ASP H 212 -62.14 -9.70 -36.90
CA ASP H 212 -63.44 -9.90 -36.28
C ASP H 212 -63.46 -9.67 -34.78
N ALA H 213 -62.30 -9.61 -34.13
CA ALA H 213 -62.15 -9.50 -32.68
C ALA H 213 -62.55 -10.77 -31.94
N ASP H 214 -62.94 -11.82 -32.66
CA ASP H 214 -63.20 -13.13 -32.08
C ASP H 214 -62.43 -14.23 -32.79
N TYR H 215 -61.75 -13.91 -33.87
CA TYR H 215 -60.88 -14.87 -34.52
C TYR H 215 -59.78 -15.28 -33.54
N PRO H 216 -59.52 -16.57 -33.35
CA PRO H 216 -58.56 -16.96 -32.30
C PRO H 216 -57.13 -16.57 -32.61
N GLU H 217 -56.67 -16.85 -33.82
CA GLU H 217 -55.24 -16.90 -34.11
C GLU H 217 -54.72 -15.52 -34.47
N GLY H 218 -54.59 -14.68 -33.45
CA GLY H 218 -53.74 -13.50 -33.54
C GLY H 218 -54.38 -12.26 -34.08
N GLN H 219 -55.68 -12.05 -33.84
CA GLN H 219 -56.34 -10.76 -34.01
C GLN H 219 -56.55 -10.36 -35.47
N TYR H 220 -55.98 -11.09 -36.41
CA TYR H 220 -55.95 -10.67 -37.82
C TYR H 220 -56.30 -11.86 -38.67
N VAL H 221 -57.49 -11.79 -39.27
CA VAL H 221 -58.05 -12.93 -39.98
C VAL H 221 -57.24 -13.23 -41.22
N SER H 222 -56.85 -12.19 -41.94
CA SER H 222 -56.12 -12.29 -43.19
C SER H 222 -54.82 -11.52 -43.06
N THR H 223 -54.07 -11.48 -44.15
CA THR H 223 -52.97 -10.53 -44.21
C THR H 223 -52.53 -10.31 -45.64
N PHE H 224 -51.83 -9.21 -45.83
CA PHE H 224 -51.02 -8.94 -46.99
C PHE H 224 -49.68 -8.46 -46.49
N GLU H 225 -48.62 -8.96 -47.10
CA GLU H 225 -47.27 -8.60 -46.73
C GLU H 225 -46.43 -8.57 -48.00
N GLN H 226 -45.37 -7.79 -47.96
CA GLN H 226 -44.74 -7.43 -49.22
C GLN H 226 -43.35 -6.90 -48.95
N ASP H 227 -42.48 -7.06 -49.94
CA ASP H 227 -41.13 -6.54 -49.91
C ASP H 227 -41.06 -5.29 -50.78
N VAL H 228 -40.12 -4.41 -50.46
CA VAL H 228 -39.93 -3.16 -51.18
C VAL H 228 -38.47 -2.79 -51.15
N GLU H 229 -38.09 -1.86 -52.02
CA GLU H 229 -36.77 -1.27 -52.05
C GLU H 229 -36.95 0.23 -51.88
N ILE H 230 -36.58 0.75 -50.73
CA ILE H 230 -36.84 2.13 -50.35
C ILE H 230 -35.55 2.92 -50.41
N THR H 231 -35.68 4.18 -50.80
CA THR H 231 -34.64 5.18 -50.67
C THR H 231 -34.77 5.77 -49.28
N LEU H 232 -34.15 5.11 -48.30
CA LEU H 232 -34.20 5.52 -46.90
C LEU H 232 -35.62 5.62 -46.39
N GLN I 4 -38.51 -32.22 -89.37
CA GLN I 4 -39.90 -32.63 -89.18
C GLN I 4 -39.98 -33.73 -88.14
N THR I 5 -39.13 -33.65 -87.13
CA THR I 5 -39.03 -34.67 -86.09
C THR I 5 -39.67 -34.12 -84.83
N GLN I 6 -40.64 -34.86 -84.31
CA GLN I 6 -41.40 -34.44 -83.15
C GLN I 6 -41.52 -35.60 -82.18
N GLU I 7 -41.35 -35.31 -80.90
CA GLU I 7 -41.45 -36.33 -79.88
C GLU I 7 -42.91 -36.64 -79.58
N TYR I 8 -43.15 -37.87 -79.16
CA TYR I 8 -44.50 -38.33 -78.89
C TYR I 8 -44.44 -39.42 -77.83
N THR I 9 -45.61 -39.91 -77.46
CA THR I 9 -45.78 -40.88 -76.39
C THR I 9 -46.66 -42.01 -76.88
N LEU I 10 -46.37 -43.20 -76.37
CA LEU I 10 -47.13 -44.41 -76.67
C LEU I 10 -47.82 -44.91 -75.41
N SER I 11 -48.58 -45.97 -75.57
CA SER I 11 -49.39 -46.50 -74.49
C SER I 11 -49.59 -47.98 -74.68
N HIS I 12 -50.06 -48.61 -73.62
CA HIS I 12 -50.59 -49.96 -73.72
C HIS I 12 -51.91 -50.03 -74.47
N THR I 13 -52.52 -48.90 -74.82
CA THR I 13 -53.83 -48.92 -75.46
C THR I 13 -53.92 -47.84 -76.52
N GLY I 14 -54.45 -48.24 -77.68
CA GLY I 14 -54.87 -47.34 -78.74
C GLY I 14 -53.94 -46.20 -79.04
N GLY I 15 -54.45 -44.99 -78.91
CA GLY I 15 -53.62 -43.83 -79.07
C GLY I 15 -53.29 -43.54 -80.51
N LEU I 16 -52.05 -43.85 -80.88
CA LEU I 16 -51.56 -43.66 -82.23
C LEU I 16 -51.69 -44.92 -83.07
N LEU I 17 -52.47 -45.90 -82.59
CA LEU I 17 -52.55 -47.20 -83.22
C LEU I 17 -53.95 -47.77 -83.29
N GLY I 18 -54.94 -47.18 -82.64
CA GLY I 18 -56.32 -47.60 -82.78
C GLY I 18 -56.63 -48.97 -82.24
N SER I 19 -55.75 -49.54 -81.41
CA SER I 19 -55.96 -50.84 -80.79
C SER I 19 -56.05 -51.95 -81.82
N SER I 20 -55.44 -51.74 -82.97
CA SER I 20 -55.36 -52.71 -84.05
C SER I 20 -53.93 -52.92 -84.49
N LYS I 21 -53.13 -51.85 -84.52
CA LYS I 21 -51.69 -51.94 -84.72
C LYS I 21 -50.94 -52.12 -83.41
N VAL I 22 -51.63 -52.56 -82.37
CA VAL I 22 -51.01 -52.93 -81.10
C VAL I 22 -51.78 -54.12 -80.57
N THR I 23 -51.08 -54.96 -79.80
CA THR I 23 -51.74 -56.02 -79.06
C THR I 23 -51.15 -56.11 -77.67
N THR I 24 -51.90 -56.72 -76.78
CA THR I 24 -51.46 -57.08 -75.46
C THR I 24 -51.51 -58.59 -75.32
N ALA I 25 -50.77 -59.12 -74.36
CA ALA I 25 -50.74 -60.56 -74.20
C ALA I 25 -50.16 -60.92 -72.86
N SER I 26 -50.59 -62.05 -72.34
CA SER I 26 -50.03 -62.63 -71.14
C SER I 26 -48.73 -63.33 -71.51
N ASN I 27 -48.21 -64.14 -70.60
CA ASN I 27 -46.92 -64.78 -70.75
C ASN I 27 -47.03 -66.26 -70.40
N GLN I 28 -45.94 -66.98 -70.62
CA GLN I 28 -45.84 -68.38 -70.25
C GLN I 28 -45.23 -68.49 -68.86
N THR I 29 -45.83 -69.35 -68.04
CA THR I 29 -45.48 -69.46 -66.63
C THR I 29 -44.91 -70.82 -66.27
N ALA I 30 -45.60 -71.90 -66.66
CA ALA I 30 -45.16 -73.24 -66.26
C ALA I 30 -43.76 -73.55 -66.78
N PRO I 31 -43.50 -73.53 -68.09
CA PRO I 31 -42.14 -73.26 -68.55
C PRO I 31 -41.91 -71.76 -68.63
N GLN I 32 -40.99 -71.24 -67.85
CA GLN I 32 -40.56 -69.86 -68.05
C GLN I 32 -40.07 -69.70 -69.47
N ARG I 33 -40.65 -68.75 -70.18
CA ARG I 33 -40.19 -68.42 -71.52
C ARG I 33 -40.14 -66.91 -71.64
N GLU I 34 -39.11 -66.43 -72.34
CA GLU I 34 -38.99 -65.01 -72.66
C GLU I 34 -40.01 -64.72 -73.77
N THR I 35 -41.27 -64.62 -73.36
CA THR I 35 -42.39 -64.45 -74.25
C THR I 35 -42.62 -62.98 -74.54
N ALA I 36 -43.60 -62.69 -75.38
CA ALA I 36 -44.01 -61.34 -75.70
C ALA I 36 -45.35 -61.04 -75.07
N ILE I 37 -45.52 -59.81 -74.63
CA ILE I 37 -46.72 -59.36 -73.96
C ILE I 37 -47.35 -58.23 -74.75
N ILE I 38 -46.53 -57.46 -75.47
CA ILE I 38 -46.97 -56.27 -76.15
C ILE I 38 -46.10 -56.04 -77.38
N SER I 39 -46.73 -55.52 -78.42
CA SER I 39 -46.08 -55.17 -79.66
C SER I 39 -46.30 -53.69 -79.95
N PHE I 40 -45.67 -53.24 -81.04
CA PHE I 40 -45.87 -51.91 -81.57
C PHE I 40 -45.68 -52.02 -83.07
N GLU I 41 -46.78 -52.13 -83.81
CA GLU I 41 -46.74 -52.10 -85.25
C GLU I 41 -46.80 -50.66 -85.72
N VAL I 42 -45.98 -50.33 -86.70
CA VAL I 42 -46.11 -49.00 -87.30
C VAL I 42 -47.47 -48.92 -87.99
N PRO I 43 -48.22 -47.86 -87.81
CA PRO I 43 -49.51 -47.78 -88.49
C PRO I 43 -49.36 -47.26 -89.92
N ARG I 44 -50.51 -47.00 -90.52
CA ARG I 44 -50.63 -46.66 -91.93
C ARG I 44 -49.69 -45.56 -92.39
N LYS I 45 -49.37 -44.61 -91.50
CA LYS I 45 -49.01 -43.27 -91.92
C LYS I 45 -47.52 -43.01 -91.89
N PHE I 46 -46.85 -43.43 -90.84
CA PHE I 46 -45.56 -42.86 -90.50
C PHE I 46 -44.46 -43.32 -91.44
N SER I 47 -43.45 -42.47 -91.56
CA SER I 47 -42.26 -42.83 -92.31
C SER I 47 -41.34 -43.69 -91.47
N GLU I 48 -41.22 -43.38 -90.18
CA GLU I 48 -40.35 -44.15 -89.30
C GLU I 48 -40.63 -43.77 -87.87
N ILE I 49 -40.04 -44.54 -86.96
CA ILE I 49 -40.05 -44.29 -85.53
C ILE I 49 -38.62 -44.50 -85.06
N GLU I 50 -38.26 -43.83 -83.98
CA GLU I 50 -36.94 -43.95 -83.40
C GLU I 50 -37.04 -44.09 -81.89
N TYR I 51 -36.28 -45.02 -81.35
CA TYR I 51 -36.04 -45.14 -79.92
C TYR I 51 -34.56 -44.93 -79.64
N VAL I 52 -34.27 -44.21 -78.57
CA VAL I 52 -32.90 -44.01 -78.12
C VAL I 52 -32.86 -44.10 -76.60
N GLY I 53 -32.45 -45.24 -76.10
CA GLY I 53 -32.01 -45.30 -74.72
C GLY I 53 -30.85 -44.36 -74.48
N GLN I 54 -30.72 -43.94 -73.22
CA GLN I 54 -29.82 -42.89 -72.76
C GLN I 54 -30.28 -41.51 -73.20
N ARG I 55 -31.39 -41.40 -73.92
CA ARG I 55 -32.03 -40.12 -74.23
C ARG I 55 -33.53 -40.19 -73.93
N ASP I 56 -34.13 -41.36 -74.08
CA ASP I 56 -35.57 -41.53 -74.08
C ASP I 56 -36.00 -42.24 -72.80
N ALA I 57 -37.25 -42.04 -72.43
CA ALA I 57 -37.78 -42.47 -71.16
C ALA I 57 -38.55 -43.78 -71.30
N THR I 58 -39.19 -44.21 -70.22
CA THR I 58 -39.95 -45.45 -70.19
C THR I 58 -40.72 -45.49 -68.87
N ARG I 59 -41.88 -46.12 -68.89
CA ARG I 59 -42.65 -46.44 -67.69
C ARG I 59 -43.32 -47.78 -67.89
N PHE I 60 -43.45 -48.54 -66.82
CA PHE I 60 -44.02 -49.88 -66.90
C PHE I 60 -44.47 -50.28 -65.50
N VAL I 61 -45.78 -50.46 -65.34
CA VAL I 61 -46.39 -50.76 -64.05
C VAL I 61 -47.07 -52.12 -64.20
N PRO I 62 -46.38 -53.21 -63.87
CA PRO I 62 -46.97 -54.55 -64.00
C PRO I 62 -47.58 -55.10 -62.72
N ARG I 63 -48.73 -55.74 -62.88
CA ARG I 63 -49.39 -56.44 -61.78
C ARG I 63 -49.87 -57.80 -62.26
N THR I 64 -50.00 -58.70 -61.30
CA THR I 64 -50.50 -60.04 -61.52
C THR I 64 -51.94 -60.14 -61.02
N THR I 65 -52.45 -61.36 -60.95
CA THR I 65 -53.81 -61.62 -60.50
C THR I 65 -53.82 -62.94 -59.75
N GLU I 66 -54.75 -63.07 -58.83
CA GLU I 66 -55.04 -64.36 -58.24
C GLU I 66 -56.52 -64.41 -57.85
N GLU I 67 -56.88 -65.38 -57.02
CA GLU I 67 -58.23 -65.58 -56.54
C GLU I 67 -58.13 -66.19 -55.15
N ILE I 68 -58.78 -65.57 -54.16
CA ILE I 68 -58.71 -66.01 -52.78
C ILE I 68 -60.12 -66.09 -52.23
N THR I 69 -60.48 -67.26 -51.71
CA THR I 69 -61.79 -67.44 -51.11
C THR I 69 -61.80 -66.82 -49.72
N GLY I 70 -62.85 -67.12 -48.96
CA GLY I 70 -62.92 -66.74 -47.56
C GLY I 70 -63.43 -67.88 -46.72
N THR I 71 -63.67 -67.60 -45.44
CA THR I 71 -64.00 -68.64 -44.49
C THR I 71 -64.83 -68.02 -43.38
N ALA I 72 -65.64 -68.85 -42.73
CA ALA I 72 -66.36 -68.42 -41.53
C ALA I 72 -65.39 -67.81 -40.52
N ASN I 73 -64.40 -68.60 -40.09
CA ASN I 73 -63.29 -68.06 -39.30
C ASN I 73 -62.18 -67.59 -40.23
N ASP I 74 -62.54 -66.57 -41.03
CA ASP I 74 -61.67 -65.98 -42.03
C ASP I 74 -60.31 -65.61 -41.47
N ASP I 75 -59.31 -65.57 -42.35
CA ASP I 75 -57.93 -65.49 -41.91
C ASP I 75 -57.44 -64.07 -41.75
N THR I 76 -57.85 -63.17 -42.65
CA THR I 76 -57.36 -61.81 -42.80
C THR I 76 -55.96 -61.78 -43.42
N VAL I 77 -55.34 -62.94 -43.60
CA VAL I 77 -53.93 -63.04 -43.90
C VAL I 77 -53.78 -63.85 -45.19
N VAL I 78 -52.80 -63.46 -46.00
CA VAL I 78 -52.54 -64.13 -47.26
C VAL I 78 -51.04 -64.24 -47.47
N GLN I 79 -50.66 -65.20 -48.30
CA GLN I 79 -49.31 -65.35 -48.80
C GLN I 79 -49.36 -65.30 -50.32
N LEU I 80 -48.25 -64.86 -50.92
CA LEU I 80 -48.19 -64.69 -52.36
C LEU I 80 -46.91 -65.29 -52.90
N GLN I 81 -47.03 -66.00 -54.01
CA GLN I 81 -45.89 -66.57 -54.72
C GLN I 81 -45.38 -65.59 -55.77
N ALA I 82 -45.19 -64.35 -55.35
CA ALA I 82 -44.71 -63.29 -56.23
C ALA I 82 -44.10 -62.23 -55.33
N ASN I 83 -42.78 -62.08 -55.41
CA ASN I 83 -42.10 -61.28 -54.41
C ASN I 83 -42.50 -59.83 -54.53
N ILE I 84 -42.68 -59.19 -53.39
CA ILE I 84 -43.18 -57.84 -53.29
C ILE I 84 -42.04 -56.96 -52.84
N GLN I 85 -42.02 -55.75 -53.36
CA GLN I 85 -41.14 -54.73 -52.83
C GLN I 85 -41.86 -53.38 -52.86
N PRO I 86 -41.29 -52.37 -52.25
CA PRO I 86 -41.81 -51.03 -52.45
C PRO I 86 -41.47 -50.52 -53.83
N ILE I 87 -41.76 -49.24 -54.05
CA ILE I 87 -41.62 -48.63 -55.36
C ILE I 87 -40.60 -47.52 -55.19
N ALA I 88 -40.95 -46.54 -54.39
CA ALA I 88 -40.07 -45.42 -54.09
C ALA I 88 -40.09 -45.29 -52.57
N GLY I 89 -39.26 -46.08 -51.92
CA GLY I 89 -39.03 -45.95 -50.51
C GLY I 89 -39.69 -46.98 -49.64
N GLU I 90 -40.39 -46.51 -48.62
CA GLU I 90 -40.96 -47.37 -47.61
C GLU I 90 -42.12 -48.16 -48.21
N GLU I 91 -42.54 -49.19 -47.49
CA GLU I 91 -43.83 -49.84 -47.70
C GLU I 91 -44.81 -49.21 -46.71
N ASP I 92 -45.22 -47.98 -47.03
CA ASP I 92 -46.34 -47.31 -46.36
C ASP I 92 -47.35 -46.96 -47.44
N MET I 93 -48.42 -47.77 -47.50
CA MET I 93 -49.36 -47.73 -48.63
C MET I 93 -49.91 -46.34 -48.89
N ALA I 94 -49.94 -45.48 -47.87
CA ALA I 94 -50.41 -44.12 -48.05
C ALA I 94 -49.54 -43.35 -49.02
N ASP I 95 -48.23 -43.64 -49.06
CA ASP I 95 -47.26 -42.79 -49.72
C ASP I 95 -46.27 -43.63 -50.55
N GLN I 96 -46.81 -44.54 -51.37
CA GLN I 96 -45.99 -45.38 -52.21
C GLN I 96 -45.81 -44.85 -53.64
N ASP I 97 -46.52 -43.78 -54.01
CA ASP I 97 -46.63 -43.18 -55.34
C ASP I 97 -47.52 -44.00 -56.27
N TYR I 98 -47.87 -45.22 -55.89
CA TYR I 98 -49.05 -45.95 -56.30
C TYR I 98 -48.98 -47.23 -55.49
N PRO I 99 -50.08 -47.87 -55.14
CA PRO I 99 -50.01 -49.01 -54.23
C PRO I 99 -49.26 -50.17 -54.85
N VAL I 100 -48.73 -51.01 -53.97
CA VAL I 100 -48.11 -52.26 -54.41
C VAL I 100 -49.10 -53.42 -54.39
N VAL I 101 -50.28 -53.22 -53.80
CA VAL I 101 -51.33 -54.22 -53.79
C VAL I 101 -52.66 -53.52 -54.02
N VAL I 102 -53.54 -54.22 -54.70
CA VAL I 102 -54.93 -53.84 -54.82
C VAL I 102 -55.75 -55.08 -54.53
N ALA I 103 -56.92 -54.88 -53.93
CA ALA I 103 -57.80 -55.98 -53.58
C ALA I 103 -59.23 -55.55 -53.83
N TYR I 104 -60.08 -56.55 -54.06
CA TYR I 104 -61.47 -56.27 -54.36
C TYR I 104 -62.30 -57.50 -54.06
N ASN I 105 -63.28 -57.36 -53.19
CA ASN I 105 -64.22 -58.43 -52.95
C ASN I 105 -65.22 -58.50 -54.08
N VAL I 106 -65.65 -59.72 -54.38
CA VAL I 106 -66.52 -59.98 -55.52
C VAL I 106 -67.98 -60.03 -55.09
N THR I 107 -68.26 -60.79 -54.03
CA THR I 107 -69.61 -60.81 -53.47
C THR I 107 -70.06 -59.40 -53.11
N GLN I 108 -69.37 -58.79 -52.16
CA GLN I 108 -69.49 -57.36 -51.92
C GLN I 108 -68.68 -56.66 -52.99
N GLY I 109 -69.36 -56.05 -53.95
CA GLY I 109 -68.66 -55.40 -55.03
C GLY I 109 -67.98 -54.14 -54.55
N ALA I 110 -66.93 -54.31 -53.76
CA ALA I 110 -66.32 -53.21 -53.04
C ALA I 110 -64.85 -53.51 -52.83
N GLN I 111 -64.10 -52.45 -52.52
CA GLN I 111 -62.69 -52.58 -52.23
C GLN I 111 -62.47 -53.40 -50.98
N VAL I 112 -61.21 -53.71 -50.74
CA VAL I 112 -60.76 -54.43 -49.56
C VAL I 112 -59.48 -53.75 -49.13
N GLU I 113 -59.55 -52.96 -48.06
CA GLU I 113 -58.42 -52.15 -47.65
C GLU I 113 -57.44 -52.99 -46.83
N ILE I 114 -56.21 -52.52 -46.80
CA ILE I 114 -55.09 -53.23 -46.20
C ILE I 114 -54.80 -52.62 -44.85
N ALA I 115 -54.43 -53.48 -43.90
CA ALA I 115 -53.98 -53.05 -42.59
C ALA I 115 -52.47 -53.02 -42.48
N ASP I 116 -51.81 -54.07 -42.94
CA ASP I 116 -50.36 -54.20 -42.74
C ASP I 116 -49.86 -55.27 -43.70
N VAL I 117 -48.55 -55.20 -43.96
CA VAL I 117 -47.87 -56.08 -44.90
C VAL I 117 -46.73 -56.75 -44.17
N ASN I 118 -46.62 -58.06 -44.33
CA ASN I 118 -45.40 -58.78 -44.00
C ASN I 118 -44.49 -58.63 -45.21
N TYR I 119 -43.49 -57.78 -45.04
CA TYR I 119 -42.80 -57.08 -46.12
C TYR I 119 -42.10 -57.97 -47.12
N ALA I 120 -41.04 -58.65 -46.68
CA ALA I 120 -40.26 -59.55 -47.52
C ALA I 120 -40.68 -61.00 -47.34
N THR I 121 -41.43 -61.29 -46.28
CA THR I 121 -42.13 -62.56 -46.15
C THR I 121 -43.08 -62.83 -47.31
N ASP I 122 -43.51 -61.78 -48.02
CA ASP I 122 -44.45 -61.89 -49.12
C ASP I 122 -45.79 -62.41 -48.62
N GLU I 123 -46.22 -61.86 -47.49
CA GLU I 123 -47.54 -62.08 -46.92
C GLU I 123 -48.14 -60.74 -46.54
N VAL I 124 -49.46 -60.72 -46.43
CA VAL I 124 -50.21 -59.49 -46.20
C VAL I 124 -51.28 -59.74 -45.16
N THR I 125 -51.52 -58.71 -44.36
CA THR I 125 -52.67 -58.62 -43.46
C THR I 125 -53.64 -57.61 -44.05
N LEU I 126 -54.93 -57.91 -43.94
CA LEU I 126 -55.98 -57.03 -44.44
C LEU I 126 -56.65 -56.29 -43.29
N ALA I 127 -57.45 -55.31 -43.68
CA ALA I 127 -58.22 -54.52 -42.74
C ALA I 127 -59.57 -55.14 -42.41
N THR I 128 -60.16 -55.87 -43.36
CA THR I 128 -61.53 -56.32 -43.27
C THR I 128 -61.58 -57.82 -43.01
N ASP I 129 -62.80 -58.33 -42.94
CA ASP I 129 -63.09 -59.72 -42.59
C ASP I 129 -63.92 -60.36 -43.69
N PRO I 130 -63.34 -61.15 -44.59
CA PRO I 130 -64.14 -61.80 -45.62
C PRO I 130 -65.00 -62.91 -45.03
N ALA I 131 -65.91 -63.40 -45.86
CA ALA I 131 -66.93 -64.35 -45.46
C ALA I 131 -66.67 -65.70 -46.11
N ASP I 132 -67.35 -66.71 -45.57
CA ASP I 132 -67.18 -68.07 -46.06
C ASP I 132 -67.62 -68.17 -47.51
N GLY I 133 -66.79 -68.80 -48.33
CA GLY I 133 -67.06 -68.91 -49.75
C GLY I 133 -67.04 -67.60 -50.49
N ASP I 134 -66.54 -66.53 -49.88
CA ASP I 134 -66.53 -65.22 -50.51
C ASP I 134 -65.24 -65.06 -51.31
N THR I 135 -65.39 -64.58 -52.54
CA THR I 135 -64.26 -64.47 -53.46
C THR I 135 -63.66 -63.07 -53.38
N VAL I 136 -62.34 -63.02 -53.51
CA VAL I 136 -61.59 -61.77 -53.54
C VAL I 136 -60.55 -61.90 -54.64
N LYS I 137 -60.35 -60.80 -55.36
CA LYS I 137 -59.36 -60.71 -56.41
C LYS I 137 -58.29 -59.73 -55.97
N LEU I 138 -57.03 -60.12 -56.13
CA LEU I 138 -55.90 -59.30 -55.77
C LEU I 138 -55.10 -58.95 -57.02
N TRP I 139 -54.29 -57.91 -56.89
CA TRP I 139 -53.45 -57.44 -57.98
C TRP I 139 -52.16 -56.89 -57.41
N PRO I 140 -51.33 -57.74 -56.83
CA PRO I 140 -50.00 -57.30 -56.43
C PRO I 140 -49.18 -56.97 -57.65
N ILE I 141 -48.06 -56.30 -57.40
CA ILE I 141 -47.16 -55.93 -58.48
C ILE I 141 -46.35 -57.15 -58.85
N MET I 142 -45.65 -57.06 -59.98
CA MET I 142 -44.86 -58.15 -60.49
C MET I 142 -43.38 -57.82 -60.34
N GLY I 143 -42.64 -58.73 -59.70
CA GLY I 143 -41.21 -58.64 -59.62
C GLY I 143 -40.58 -59.96 -60.01
N ASP I 144 -39.26 -60.00 -59.90
CA ASP I 144 -38.47 -61.19 -60.22
C ASP I 144 -38.73 -61.64 -61.66
N GLY I 145 -38.35 -60.76 -62.58
CA GLY I 145 -38.50 -61.06 -63.99
C GLY I 145 -37.69 -60.11 -64.84
N GLU I 146 -37.29 -60.57 -66.02
CA GLU I 146 -36.44 -59.82 -66.91
C GLU I 146 -37.28 -59.01 -67.89
N VAL I 147 -36.61 -58.29 -68.79
CA VAL I 147 -37.28 -57.62 -69.89
C VAL I 147 -36.25 -57.32 -70.95
N GLN I 148 -36.69 -57.38 -72.22
CA GLN I 148 -35.85 -56.98 -73.34
C GLN I 148 -36.74 -56.44 -74.45
N PHE I 149 -36.07 -55.87 -75.45
CA PHE I 149 -36.70 -55.42 -76.68
C PHE I 149 -36.16 -56.24 -77.85
N ARG I 150 -36.90 -56.23 -78.94
CA ARG I 150 -36.42 -56.82 -80.18
C ARG I 150 -37.18 -56.21 -81.34
N LEU I 151 -37.09 -56.86 -82.50
CA LEU I 151 -37.55 -56.27 -83.75
C LEU I 151 -37.96 -57.39 -84.69
N VAL I 152 -38.74 -57.02 -85.70
CA VAL I 152 -39.30 -57.96 -86.66
C VAL I 152 -39.18 -57.37 -88.05
N ASN I 153 -38.84 -58.21 -89.02
CA ASN I 153 -38.72 -57.81 -90.42
C ASN I 153 -39.99 -58.15 -91.18
N GLN I 154 -41.13 -57.64 -90.71
CA GLN I 154 -42.38 -57.66 -91.48
C GLN I 154 -43.01 -59.05 -91.54
N PHE I 155 -42.31 -60.08 -91.08
CA PHE I 155 -42.77 -61.46 -91.06
C PHE I 155 -42.71 -62.07 -89.68
N GLY I 156 -41.56 -61.92 -89.03
CA GLY I 156 -41.18 -62.78 -87.95
C GLY I 156 -39.69 -63.03 -87.96
N GLN I 157 -39.03 -62.81 -89.10
CA GLN I 157 -37.57 -62.85 -89.11
C GLN I 157 -37.06 -61.70 -88.26
N GLU I 158 -36.55 -62.03 -87.08
CA GLU I 158 -35.99 -61.02 -86.20
C GLU I 158 -34.66 -60.51 -86.75
N GLU I 159 -34.51 -59.18 -86.72
CA GLU I 159 -33.18 -58.62 -86.88
C GLU I 159 -32.26 -59.06 -85.76
N GLY I 160 -32.82 -59.26 -84.57
CA GLY I 160 -32.03 -59.56 -83.40
C GLY I 160 -32.65 -58.92 -82.18
N ARG I 161 -31.89 -58.10 -81.48
CA ARG I 161 -32.37 -57.44 -80.28
C ARG I 161 -31.74 -56.06 -80.19
N VAL I 162 -32.43 -55.19 -79.46
CA VAL I 162 -31.94 -53.83 -79.27
C VAL I 162 -30.61 -53.86 -78.53
N TYR I 163 -30.63 -54.38 -77.33
CA TYR I 163 -29.51 -54.38 -76.42
C TYR I 163 -29.52 -55.74 -75.76
N PRO I 164 -28.45 -56.54 -75.88
CA PRO I 164 -28.57 -57.97 -75.54
C PRO I 164 -28.87 -58.22 -74.09
N TRP I 165 -28.38 -57.39 -73.20
CA TRP I 165 -28.55 -57.62 -71.78
C TRP I 165 -29.93 -57.19 -71.31
N ALA I 166 -30.43 -57.91 -70.32
CA ALA I 166 -31.80 -57.75 -69.86
C ALA I 166 -31.87 -56.64 -68.82
N THR I 167 -33.00 -56.56 -68.12
CA THR I 167 -33.21 -55.62 -67.06
C THR I 167 -34.24 -56.25 -66.13
N PRO I 168 -34.10 -56.13 -64.81
CA PRO I 168 -35.11 -56.71 -63.91
C PRO I 168 -36.20 -55.75 -63.45
N LEU I 169 -37.31 -56.37 -63.06
CA LEU I 169 -38.52 -55.63 -62.73
C LEU I 169 -38.60 -55.20 -61.28
N TYR I 170 -38.03 -55.96 -60.34
CA TYR I 170 -37.94 -55.44 -58.99
C TYR I 170 -37.15 -54.14 -59.00
N ARG I 171 -36.06 -54.12 -59.78
CA ARG I 171 -35.29 -52.92 -60.01
C ARG I 171 -36.14 -51.84 -60.66
N TRP I 172 -36.97 -52.25 -61.62
CA TRP I 172 -37.85 -51.30 -62.29
C TRP I 172 -38.73 -50.57 -61.29
N HIS I 173 -39.39 -51.32 -60.42
CA HIS I 173 -40.18 -50.70 -59.36
C HIS I 173 -39.32 -49.83 -58.48
N ASP I 174 -38.10 -50.29 -58.17
CA ASP I 174 -37.26 -49.60 -57.19
C ASP I 174 -36.94 -48.19 -57.63
N PHE I 175 -36.44 -48.03 -58.85
CA PHE I 175 -36.12 -46.68 -59.29
C PHE I 175 -37.41 -45.86 -59.30
N PRO I 176 -37.49 -44.75 -58.56
CA PRO I 176 -38.72 -43.96 -58.58
C PRO I 176 -38.91 -43.37 -59.97
N GLN I 177 -40.02 -43.74 -60.60
CA GLN I 177 -40.44 -43.00 -61.76
C GLN I 177 -40.76 -41.57 -61.34
N LEU I 178 -40.96 -40.71 -62.34
CA LEU I 178 -41.38 -39.35 -62.08
C LEU I 178 -40.34 -38.58 -61.29
N LYS I 179 -39.12 -38.51 -61.81
CA LYS I 179 -38.12 -37.65 -61.20
C LYS I 179 -36.94 -37.50 -62.16
N ARG I 180 -36.68 -36.26 -62.58
CA ARG I 180 -35.62 -35.99 -63.55
C ARG I 180 -34.29 -36.49 -63.03
N GLY I 181 -33.54 -37.13 -63.92
CA GLY I 181 -32.30 -37.78 -63.54
C GLY I 181 -32.53 -39.16 -63.01
N ARG I 182 -33.43 -39.30 -62.03
CA ARG I 182 -33.80 -40.60 -61.53
C ARG I 182 -34.73 -41.34 -62.49
N GLU I 183 -35.10 -40.72 -63.61
CA GLU I 183 -35.83 -41.42 -64.67
C GLU I 183 -35.03 -42.60 -65.19
N ILE I 184 -35.67 -43.44 -65.95
CA ILE I 184 -35.01 -44.52 -66.66
C ILE I 184 -34.55 -44.03 -68.01
N ASN I 185 -33.37 -44.48 -68.41
CA ASN I 185 -32.89 -44.31 -69.79
C ASN I 185 -32.05 -45.55 -70.08
N LEU I 186 -32.62 -46.49 -70.81
CA LEU I 186 -31.95 -47.74 -71.11
C LEU I 186 -30.85 -47.49 -72.13
N HIS I 187 -30.31 -48.57 -72.67
CA HIS I 187 -29.32 -48.50 -73.75
C HIS I 187 -29.89 -49.18 -74.98
N GLY I 188 -29.61 -48.59 -76.12
CA GLY I 188 -30.19 -49.01 -77.38
C GLY I 188 -30.44 -47.82 -78.27
N SER I 189 -30.48 -48.08 -79.57
CA SER I 189 -30.73 -47.05 -80.57
C SER I 189 -31.14 -47.77 -81.84
N VAL I 190 -32.34 -47.48 -82.32
CA VAL I 190 -32.99 -48.28 -83.34
C VAL I 190 -33.80 -47.36 -84.25
N THR I 191 -34.45 -47.98 -85.23
CA THR I 191 -35.38 -47.31 -86.12
C THR I 191 -36.18 -48.39 -86.82
N TRP I 192 -37.47 -48.14 -87.00
CA TRP I 192 -38.29 -49.11 -87.72
C TRP I 192 -39.40 -48.40 -88.49
N GLN I 193 -39.52 -48.76 -89.76
CA GLN I 193 -40.49 -48.18 -90.68
C GLN I 193 -41.75 -49.04 -90.69
N GLU I 194 -42.63 -48.79 -91.68
CA GLU I 194 -43.93 -49.43 -91.75
C GLU I 194 -43.86 -50.95 -91.64
N ASN I 195 -44.69 -51.49 -90.77
CA ASN I 195 -44.85 -52.93 -90.53
C ASN I 195 -43.58 -53.60 -89.99
N GLU I 196 -42.55 -52.84 -89.65
CA GLU I 196 -41.37 -53.37 -88.97
C GLU I 196 -41.63 -53.29 -87.48
N THR I 197 -42.56 -54.13 -87.04
CA THR I 197 -43.07 -54.03 -85.69
C THR I 197 -41.98 -54.33 -84.65
N VAL I 198 -42.23 -53.80 -83.47
CA VAL I 198 -41.41 -54.05 -82.29
C VAL I 198 -42.21 -54.93 -81.36
N GLU I 199 -41.50 -55.69 -80.53
CA GLU I 199 -42.16 -56.50 -79.51
C GLU I 199 -41.32 -56.46 -78.25
N VAL I 200 -41.95 -56.11 -77.15
CA VAL I 200 -41.30 -56.24 -75.86
C VAL I 200 -41.34 -57.71 -75.46
N LEU I 201 -40.35 -58.13 -74.69
CA LEU I 201 -40.29 -59.47 -74.18
C LEU I 201 -40.03 -59.48 -72.69
N LEU I 202 -40.57 -60.51 -72.06
CA LEU I 202 -40.51 -60.72 -70.62
C LEU I 202 -40.27 -62.18 -70.35
N ASP I 203 -39.36 -62.45 -69.42
CA ASP I 203 -39.11 -63.80 -68.91
C ASP I 203 -39.31 -63.77 -67.41
N ALA I 204 -40.28 -64.53 -66.92
CA ALA I 204 -40.58 -64.56 -65.49
C ALA I 204 -41.43 -65.78 -65.21
N PRO I 205 -41.49 -66.24 -63.95
CA PRO I 205 -42.40 -67.33 -63.62
C PRO I 205 -43.84 -66.89 -63.63
N GLN I 206 -44.08 -65.73 -63.04
CA GLN I 206 -45.45 -65.35 -62.73
C GLN I 206 -46.16 -64.81 -63.96
N ALA I 207 -47.47 -64.69 -63.82
CA ALA I 207 -48.32 -64.22 -64.89
C ALA I 207 -48.17 -62.72 -65.02
N ILE I 208 -49.04 -62.13 -65.84
CA ILE I 208 -49.20 -60.69 -65.94
C ILE I 208 -50.68 -60.46 -66.19
N THR I 209 -51.13 -59.23 -66.01
CA THR I 209 -52.52 -58.89 -66.21
C THR I 209 -52.60 -57.48 -66.79
N TRP I 210 -53.29 -57.38 -67.91
CA TRP I 210 -53.61 -56.10 -68.54
C TRP I 210 -55.01 -55.64 -68.18
N GLU I 211 -55.96 -56.56 -68.14
CA GLU I 211 -57.35 -56.23 -67.85
C GLU I 211 -58.01 -57.41 -67.14
N ASP I 212 -59.03 -57.09 -66.36
CA ASP I 212 -59.94 -58.10 -65.81
C ASP I 212 -61.40 -57.73 -65.94
N ALA I 213 -61.74 -56.47 -66.22
CA ALA I 213 -63.10 -55.95 -66.27
C ALA I 213 -63.74 -55.85 -64.89
N ASP I 214 -63.02 -56.21 -63.83
CA ASP I 214 -63.47 -56.02 -62.47
C ASP I 214 -62.45 -55.26 -61.63
N TYR I 215 -61.27 -55.00 -62.17
CA TYR I 215 -60.30 -54.17 -61.49
C TYR I 215 -60.89 -52.77 -61.29
N PRO I 216 -60.84 -52.21 -60.09
CA PRO I 216 -61.54 -50.94 -59.85
C PRO I 216 -60.93 -49.77 -60.59
N GLU I 217 -59.61 -49.63 -60.50
CA GLU I 217 -58.96 -48.36 -60.81
C GLU I 217 -58.65 -48.25 -62.30
N GLY I 218 -59.70 -48.01 -63.08
CA GLY I 218 -59.54 -47.50 -64.42
C GLY I 218 -59.35 -48.51 -65.51
N GLN I 219 -59.96 -49.70 -65.39
CA GLN I 219 -60.12 -50.63 -66.51
C GLN I 219 -58.84 -51.33 -66.94
N TYR I 220 -57.69 -50.90 -66.43
CA TYR I 220 -56.40 -51.36 -66.95
C TYR I 220 -55.52 -51.70 -65.76
N VAL I 221 -55.27 -52.99 -65.59
CA VAL I 221 -54.58 -53.48 -64.40
C VAL I 221 -53.15 -53.01 -64.39
N SER I 222 -52.50 -53.07 -65.53
CA SER I 222 -51.10 -52.72 -65.69
C SER I 222 -50.98 -51.63 -66.74
N THR I 223 -49.75 -51.23 -67.02
CA THR I 223 -49.53 -50.43 -68.21
C THR I 223 -48.07 -50.47 -68.62
N PHE I 224 -47.85 -50.08 -69.87
CA PHE I 224 -46.56 -49.71 -70.40
C PHE I 224 -46.76 -48.41 -71.15
N GLU I 225 -45.82 -47.50 -70.95
CA GLU I 225 -45.87 -46.20 -71.58
C GLU I 225 -44.45 -45.79 -71.90
N GLN I 226 -44.30 -44.95 -72.90
CA GLN I 226 -42.99 -44.78 -73.49
C GLN I 226 -42.94 -43.52 -74.31
N ASP I 227 -41.75 -42.96 -74.43
CA ASP I 227 -41.48 -41.79 -75.24
C ASP I 227 -40.80 -42.24 -76.53
N VAL I 228 -40.98 -41.44 -77.59
CA VAL I 228 -40.40 -41.74 -78.89
C VAL I 228 -40.10 -40.42 -79.59
N GLU I 229 -39.28 -40.52 -80.63
CA GLU I 229 -38.99 -39.41 -81.53
C GLU I 229 -39.39 -39.85 -82.92
N ILE I 230 -40.47 -39.27 -83.44
CA ILE I 230 -41.08 -39.70 -84.69
C ILE I 230 -40.78 -38.67 -85.77
N THR I 231 -40.61 -39.18 -86.98
CA THR I 231 -40.59 -38.35 -88.19
C THR I 231 -42.04 -38.20 -88.64
N LEU I 232 -42.71 -37.21 -88.07
CA LEU I 232 -44.12 -36.95 -88.37
C LEU I 232 -45.00 -38.15 -88.10
N GLN J 4 -0.14 -45.12 -46.26
CA GLN J 4 -0.74 -46.13 -45.39
C GLN J 4 -1.84 -45.53 -44.54
N THR J 5 -2.58 -44.60 -45.13
CA THR J 5 -3.64 -43.86 -44.45
C THR J 5 -4.97 -44.40 -44.92
N GLN J 6 -5.80 -44.84 -43.98
CA GLN J 6 -7.08 -45.45 -44.27
C GLN J 6 -8.13 -44.85 -43.35
N GLU J 7 -9.29 -44.56 -43.92
CA GLU J 7 -10.38 -44.01 -43.14
C GLU J 7 -11.08 -45.11 -42.36
N TYR J 8 -11.65 -44.72 -41.22
CA TYR J 8 -12.31 -45.65 -40.34
C TYR J 8 -13.40 -44.93 -39.58
N THR J 9 -14.11 -45.68 -38.75
CA THR J 9 -15.26 -45.19 -38.01
C THR J 9 -15.11 -45.59 -36.55
N LEU J 10 -15.62 -44.74 -35.67
CA LEU J 10 -15.63 -44.96 -34.24
C LEU J 10 -17.06 -45.10 -33.76
N SER J 11 -17.21 -45.37 -32.46
CA SER J 11 -18.50 -45.63 -31.88
C SER J 11 -18.50 -45.22 -30.43
N HIS J 12 -19.69 -45.15 -29.87
CA HIS J 12 -19.83 -45.07 -28.43
C HIS J 12 -19.48 -46.36 -27.72
N THR J 13 -19.21 -47.45 -28.44
CA THR J 13 -18.94 -48.73 -27.80
C THR J 13 -17.86 -49.48 -28.54
N GLY J 14 -16.91 -50.02 -27.77
CA GLY J 14 -15.95 -51.01 -28.22
C GLY J 14 -15.31 -50.72 -29.56
N GLY J 15 -15.47 -51.66 -30.48
CA GLY J 15 -15.00 -51.43 -31.83
C GLY J 15 -13.52 -51.57 -31.94
N LEU J 16 -12.86 -50.42 -32.07
CA LEU J 16 -11.41 -50.35 -32.19
C LEU J 16 -10.74 -50.12 -30.84
N LEU J 17 -11.48 -50.28 -29.75
CA LEU J 17 -11.00 -49.95 -28.42
C LEU J 17 -11.35 -50.96 -27.34
N GLY J 18 -12.21 -51.95 -27.62
CA GLY J 18 -12.47 -53.01 -26.68
C GLY J 18 -13.18 -52.59 -25.43
N SER J 19 -13.79 -51.41 -25.41
CA SER J 19 -14.56 -50.92 -24.26
C SER J 19 -13.68 -50.75 -23.03
N SER J 20 -12.39 -50.55 -23.25
CA SER J 20 -11.41 -50.28 -22.20
C SER J 20 -10.62 -49.03 -22.48
N LYS J 21 -10.30 -48.77 -23.75
CA LYS J 21 -9.73 -47.51 -24.18
C LYS J 21 -10.81 -46.50 -24.56
N VAL J 22 -12.02 -46.70 -24.09
CA VAL J 22 -13.11 -45.73 -24.23
C VAL J 22 -13.92 -45.79 -22.95
N THR J 23 -14.55 -44.67 -22.61
CA THR J 23 -15.51 -44.66 -21.53
C THR J 23 -16.70 -43.81 -21.93
N THR J 24 -17.80 -44.03 -21.25
CA THR J 24 -18.99 -43.21 -21.35
C THR J 24 -19.26 -42.60 -19.98
N ALA J 25 -20.01 -41.52 -19.97
CA ALA J 25 -20.28 -40.86 -18.71
C ALA J 25 -21.45 -39.91 -18.85
N SER J 26 -22.16 -39.71 -17.75
CA SER J 26 -23.21 -38.71 -17.67
C SER J 26 -22.57 -37.35 -17.47
N ASN J 27 -23.37 -36.37 -17.11
CA ASN J 27 -22.94 -34.98 -17.00
C ASN J 27 -23.41 -34.39 -15.68
N GLN J 28 -22.96 -33.17 -15.40
CA GLN J 28 -23.42 -32.41 -14.25
C GLN J 28 -24.60 -31.55 -14.65
N THR J 29 -25.61 -31.53 -13.79
CA THR J 29 -26.88 -30.89 -14.09
C THR J 29 -27.19 -29.74 -13.14
N ALA J 30 -27.08 -29.97 -11.83
CA ALA J 30 -27.47 -28.94 -10.86
C ALA J 30 -26.62 -27.68 -11.02
N PRO J 31 -25.29 -27.74 -10.90
CA PRO J 31 -24.47 -26.74 -11.59
C PRO J 31 -24.21 -27.19 -13.01
N GLN J 32 -24.67 -26.42 -14.00
CA GLN J 32 -24.25 -26.67 -15.36
C GLN J 32 -22.73 -26.60 -15.43
N ARG J 33 -22.13 -27.66 -15.94
CA ARG J 33 -20.70 -27.67 -16.17
C ARG J 33 -20.44 -28.29 -17.54
N GLU J 34 -19.47 -27.72 -18.24
CA GLU J 34 -19.01 -28.28 -19.50
C GLU J 34 -18.19 -29.53 -19.17
N THR J 35 -18.92 -30.60 -18.85
CA THR J 35 -18.34 -31.85 -18.40
C THR J 35 -18.00 -32.73 -19.59
N ALA J 36 -17.44 -33.89 -19.32
CA ALA J 36 -17.12 -34.89 -20.32
C ALA J 36 -18.06 -36.07 -20.19
N ILE J 37 -18.42 -36.64 -21.32
CA ILE J 37 -19.36 -37.76 -21.39
C ILE J 37 -18.67 -38.96 -22.01
N ILE J 38 -17.70 -38.69 -22.90
CA ILE J 38 -17.05 -39.74 -23.68
C ILE J 38 -15.63 -39.32 -23.99
N SER J 39 -14.75 -40.31 -24.03
CA SER J 39 -13.36 -40.15 -24.38
C SER J 39 -13.02 -41.01 -25.58
N PHE J 40 -11.78 -40.87 -26.01
CA PHE J 40 -11.20 -41.72 -27.05
C PHE J 40 -9.72 -41.82 -26.75
N GLU J 41 -9.32 -42.89 -26.09
CA GLU J 41 -7.91 -43.18 -25.86
C GLU J 41 -7.37 -43.94 -27.06
N VAL J 42 -6.18 -43.55 -27.49
CA VAL J 42 -5.53 -44.35 -28.54
C VAL J 42 -5.22 -45.73 -27.96
N PRO J 43 -5.50 -46.80 -28.65
CA PRO J 43 -5.18 -48.12 -28.11
C PRO J 43 -3.74 -48.49 -28.37
N ARG J 44 -3.44 -49.75 -28.05
CA ARG J 44 -2.09 -50.29 -28.05
C ARG J 44 -1.31 -50.02 -29.32
N LYS J 45 -2.00 -49.95 -30.46
CA LYS J 45 -1.39 -50.28 -31.74
C LYS J 45 -1.00 -49.08 -32.56
N PHE J 46 -1.87 -48.09 -32.64
CA PHE J 46 -1.81 -47.12 -33.71
C PHE J 46 -0.65 -46.14 -33.54
N SER J 47 -0.19 -45.63 -34.68
CA SER J 47 0.81 -44.59 -34.68
C SER J 47 0.18 -43.23 -34.41
N GLU J 48 -1.00 -42.99 -34.97
CA GLU J 48 -1.67 -41.71 -34.77
C GLU J 48 -3.10 -41.82 -35.27
N ILE J 49 -3.87 -40.79 -34.98
CA ILE J 49 -5.22 -40.61 -35.46
C ILE J 49 -5.32 -39.17 -35.90
N GLU J 50 -6.21 -38.90 -36.85
CA GLU J 50 -6.43 -37.56 -37.36
C GLU J 50 -7.92 -37.28 -37.46
N TYR J 51 -8.31 -36.09 -37.02
CA TYR J 51 -9.63 -35.54 -37.27
C TYR J 51 -9.48 -34.27 -38.08
N VAL J 52 -10.38 -34.09 -39.04
CA VAL J 52 -10.43 -32.88 -39.83
C VAL J 52 -11.88 -32.49 -40.05
N GLY J 53 -12.35 -31.53 -39.27
CA GLY J 53 -13.56 -30.83 -39.64
C GLY J 53 -13.41 -30.15 -40.98
N GLN J 54 -14.55 -29.94 -41.64
CA GLN J 54 -14.67 -29.50 -43.02
C GLN J 54 -14.25 -30.58 -44.02
N ARG J 55 -13.85 -31.76 -43.56
CA ARG J 55 -13.62 -32.92 -44.40
C ARG J 55 -14.30 -34.15 -43.82
N ASP J 56 -14.41 -34.22 -42.50
CA ASP J 56 -14.82 -35.41 -41.79
C ASP J 56 -16.22 -35.23 -41.21
N ALA J 57 -16.89 -36.35 -40.98
CA ALA J 57 -18.29 -36.37 -40.62
C ALA J 57 -18.45 -36.52 -39.12
N THR J 58 -19.70 -36.69 -38.68
CA THR J 58 -20.04 -36.84 -37.27
C THR J 58 -21.52 -37.21 -37.18
N ARG J 59 -21.86 -37.98 -36.14
CA ARG J 59 -23.23 -38.28 -35.80
C ARG J 59 -23.33 -38.36 -34.28
N PHE J 60 -24.46 -37.91 -33.74
CA PHE J 60 -24.65 -37.88 -32.29
C PHE J 60 -26.13 -37.82 -32.02
N VAL J 61 -26.66 -38.87 -31.38
CA VAL J 61 -28.08 -39.01 -31.10
C VAL J 61 -28.22 -39.07 -29.59
N PRO J 62 -28.45 -37.93 -28.93
CA PRO J 62 -28.60 -37.92 -27.48
C PRO J 62 -30.02 -37.97 -26.97
N ARG J 63 -30.24 -38.74 -25.91
CA ARG J 63 -31.52 -38.80 -25.23
C ARG J 63 -31.31 -38.76 -23.74
N THR J 64 -32.33 -38.30 -23.04
CA THR J 64 -32.37 -38.21 -21.60
C THR J 64 -33.23 -39.33 -21.04
N THR J 65 -33.53 -39.27 -19.76
CA THR J 65 -34.35 -40.27 -19.08
C THR J 65 -35.18 -39.55 -18.02
N GLU J 66 -36.33 -40.14 -17.70
CA GLU J 66 -37.07 -39.72 -16.53
C GLU J 66 -37.85 -40.92 -16.00
N GLU J 67 -38.82 -40.65 -15.13
CA GLU J 67 -39.65 -41.68 -14.52
C GLU J 67 -41.01 -41.05 -14.26
N ILE J 68 -42.08 -41.67 -14.75
CA ILE J 68 -43.42 -41.13 -14.64
C ILE J 68 -44.33 -42.23 -14.11
N THR J 69 -45.04 -41.94 -13.02
CA THR J 69 -45.97 -42.91 -12.46
C THR J 69 -47.25 -42.88 -13.27
N GLY J 70 -48.29 -43.52 -12.73
CA GLY J 70 -49.61 -43.46 -13.31
C GLY J 70 -50.66 -43.25 -12.24
N THR J 71 -51.92 -43.32 -12.63
CA THR J 71 -53.02 -42.96 -11.74
C THR J 71 -54.25 -43.74 -12.18
N ALA J 72 -55.16 -43.96 -11.24
CA ALA J 72 -56.46 -44.53 -11.57
C ALA J 72 -57.13 -43.72 -12.68
N ASN J 73 -57.33 -42.43 -12.43
CA ASN J 73 -57.76 -41.50 -13.48
C ASN J 73 -56.53 -40.91 -14.18
N ASP J 74 -55.78 -41.83 -14.81
CA ASP J 74 -54.54 -41.52 -15.49
C ASP J 74 -54.69 -40.36 -16.46
N ASP J 75 -53.57 -39.67 -16.72
CA ASP J 75 -53.62 -38.39 -17.40
C ASP J 75 -53.52 -38.53 -18.91
N THR J 76 -52.69 -39.45 -19.39
CA THR J 76 -52.30 -39.63 -20.79
C THR J 76 -51.34 -38.53 -21.24
N VAL J 77 -51.11 -37.53 -20.40
CA VAL J 77 -50.44 -36.30 -20.80
C VAL J 77 -49.24 -36.11 -19.90
N VAL J 78 -48.16 -35.57 -20.47
CA VAL J 78 -46.93 -35.32 -19.73
C VAL J 78 -46.35 -34.00 -20.18
N GLN J 79 -45.52 -33.43 -19.30
CA GLN J 79 -44.69 -32.28 -19.60
C GLN J 79 -43.25 -32.66 -19.35
N LEU J 80 -42.35 -32.00 -20.06
CA LEU J 80 -40.93 -32.31 -19.97
C LEU J 80 -40.11 -31.03 -19.83
N GLN J 81 -39.13 -31.09 -18.93
CA GLN J 81 -38.19 -29.98 -18.73
C GLN J 81 -36.97 -30.17 -19.62
N ALA J 82 -37.22 -30.43 -20.90
CA ALA J 82 -36.16 -30.64 -21.87
C ALA J 82 -36.79 -30.35 -23.22
N ASN J 83 -36.34 -29.27 -23.85
CA ASN J 83 -37.06 -28.79 -25.03
C ASN J 83 -36.93 -29.78 -26.16
N ILE J 84 -38.02 -29.97 -26.88
CA ILE J 84 -38.14 -30.95 -27.93
C ILE J 84 -38.20 -30.22 -29.25
N GLN J 85 -37.59 -30.82 -30.25
CA GLN J 85 -37.78 -30.37 -31.61
C GLN J 85 -37.84 -31.57 -32.54
N PRO J 86 -38.19 -31.38 -33.79
CA PRO J 86 -38.02 -32.43 -34.78
C PRO J 86 -36.57 -32.64 -35.11
N ILE J 87 -36.33 -33.48 -36.11
CA ILE J 87 -34.99 -33.87 -36.48
C ILE J 87 -34.79 -33.40 -37.90
N ALA J 88 -35.56 -33.96 -38.80
CA ALA J 88 -35.54 -33.59 -40.22
C ALA J 88 -36.98 -33.35 -40.60
N GLY J 89 -37.44 -32.14 -40.31
CA GLY J 89 -38.73 -31.70 -40.80
C GLY J 89 -39.82 -31.67 -39.76
N GLU J 90 -40.95 -32.27 -40.10
CA GLU J 90 -42.14 -32.20 -39.28
C GLU J 90 -41.95 -33.03 -38.02
N GLU J 91 -42.84 -32.81 -37.06
CA GLU J 91 -43.02 -33.73 -35.93
C GLU J 91 -44.19 -34.64 -36.32
N ASP J 92 -43.90 -35.58 -37.20
CA ASP J 92 -44.77 -36.71 -37.50
C ASP J 92 -43.98 -37.98 -37.22
N MET J 93 -44.26 -38.61 -36.07
CA MET J 93 -43.44 -39.68 -35.54
C MET J 93 -43.22 -40.82 -36.53
N ALA J 94 -44.14 -40.98 -37.48
CA ALA J 94 -43.97 -42.01 -38.51
C ALA J 94 -42.74 -41.77 -39.35
N ASP J 95 -42.39 -40.50 -39.59
CA ASP J 95 -41.41 -40.13 -40.61
C ASP J 95 -40.43 -39.09 -40.08
N GLN J 96 -39.87 -39.35 -38.91
CA GLN J 96 -38.90 -38.45 -38.29
C GLN J 96 -37.45 -38.81 -38.59
N ASP J 97 -37.19 -39.96 -39.21
CA ASP J 97 -35.89 -40.59 -39.47
C ASP J 97 -35.30 -41.22 -38.22
N TYR J 98 -35.86 -40.94 -37.05
CA TYR J 98 -35.83 -41.76 -35.85
C TYR J 98 -36.70 -40.99 -34.88
N PRO J 99 -37.38 -41.63 -33.93
CA PRO J 99 -38.34 -40.90 -33.10
C PRO J 99 -37.63 -39.87 -32.23
N VAL J 100 -38.40 -38.87 -31.82
CA VAL J 100 -37.92 -37.88 -30.85
C VAL J 100 -38.30 -38.26 -29.44
N VAL J 101 -39.15 -39.28 -29.27
CA VAL J 101 -39.54 -39.77 -27.96
C VAL J 101 -39.61 -41.29 -28.03
N VAL J 102 -39.25 -41.92 -26.93
CA VAL J 102 -39.47 -43.34 -26.72
C VAL J 102 -40.06 -43.48 -25.34
N ALA J 103 -40.94 -44.46 -25.18
CA ALA J 103 -41.59 -44.71 -23.91
C ALA J 103 -41.70 -46.20 -23.69
N TYR J 104 -41.80 -46.58 -22.42
CA TYR J 104 -41.85 -48.00 -22.08
C TYR J 104 -42.45 -48.14 -20.70
N ASN J 105 -43.54 -48.89 -20.61
CA ASN J 105 -44.12 -49.22 -19.32
C ASN J 105 -43.29 -50.31 -18.67
N VAL J 106 -43.22 -50.24 -17.34
CA VAL J 106 -42.38 -51.13 -16.56
C VAL J 106 -43.17 -52.30 -16.03
N THR J 107 -44.34 -52.03 -15.44
CA THR J 107 -45.24 -53.09 -14.99
C THR J 107 -45.59 -53.99 -16.16
N GLN J 108 -46.27 -53.45 -17.15
CA GLN J 108 -46.41 -54.11 -18.44
C GLN J 108 -45.10 -53.92 -19.19
N GLY J 109 -44.32 -54.98 -19.31
CA GLY J 109 -43.04 -54.85 -19.97
C GLY J 109 -43.21 -54.68 -21.46
N ALA J 110 -43.72 -53.51 -21.85
CA ALA J 110 -44.15 -53.29 -23.22
C ALA J 110 -43.99 -51.82 -23.56
N GLN J 111 -44.00 -51.54 -24.85
CA GLN J 111 -43.91 -50.17 -25.33
C GLN J 111 -45.13 -49.37 -24.90
N VAL J 112 -45.04 -48.08 -25.16
CA VAL J 112 -46.12 -47.14 -24.90
C VAL J 112 -46.14 -46.20 -26.10
N GLU J 113 -47.11 -46.38 -26.97
CA GLU J 113 -47.14 -45.63 -28.21
C GLU J 113 -47.73 -44.24 -27.98
N ILE J 114 -47.39 -43.35 -28.90
CA ILE J 114 -47.74 -41.94 -28.79
C ILE J 114 -48.90 -41.65 -29.70
N ALA J 115 -49.79 -40.77 -29.26
CA ALA J 115 -50.91 -40.27 -30.06
C ALA J 115 -50.60 -38.93 -30.69
N ASP J 116 -50.07 -37.99 -29.90
CA ASP J 116 -49.88 -36.63 -30.37
C ASP J 116 -48.91 -35.93 -29.44
N VAL J 117 -48.31 -34.86 -29.96
CA VAL J 117 -47.31 -34.09 -29.25
C VAL J 117 -47.75 -32.64 -29.22
N ASN J 118 -47.68 -32.03 -28.04
CA ASN J 118 -47.73 -30.59 -27.93
C ASN J 118 -46.32 -30.09 -28.20
N TYR J 119 -46.14 -29.53 -29.38
CA TYR J 119 -44.87 -29.46 -30.08
C TYR J 119 -43.79 -28.65 -29.35
N ALA J 120 -44.00 -27.35 -29.24
CA ALA J 120 -43.05 -26.46 -28.57
C ALA J 120 -43.44 -26.19 -27.13
N THR J 121 -44.69 -26.49 -26.78
CA THR J 121 -45.10 -26.56 -25.38
C THR J 121 -44.26 -27.52 -24.56
N ASP J 122 -43.62 -28.49 -25.21
CA ASP J 122 -42.82 -29.51 -24.54
C ASP J 122 -43.70 -30.37 -23.65
N GLU J 123 -44.85 -30.75 -24.19
CA GLU J 123 -45.77 -31.69 -23.58
C GLU J 123 -46.17 -32.70 -24.63
N VAL J 124 -46.63 -33.86 -24.16
CA VAL J 124 -46.94 -34.99 -25.02
C VAL J 124 -48.25 -35.61 -24.57
N THR J 125 -49.01 -36.09 -25.55
CA THR J 125 -50.16 -36.96 -25.36
C THR J 125 -49.78 -38.36 -25.79
N LEU J 126 -50.24 -39.34 -25.04
CA LEU J 126 -49.99 -40.74 -25.34
C LEU J 126 -51.20 -41.42 -25.96
N ALA J 127 -50.96 -42.61 -26.47
CA ALA J 127 -52.00 -43.43 -27.06
C ALA J 127 -52.73 -44.29 -26.03
N THR J 128 -52.02 -44.70 -24.98
CA THR J 128 -52.52 -45.71 -24.05
C THR J 128 -52.90 -45.07 -22.72
N ASP J 129 -53.34 -45.92 -21.80
CA ASP J 129 -53.86 -45.52 -20.50
C ASP J 129 -53.08 -46.21 -19.39
N PRO J 130 -52.12 -45.55 -18.75
CA PRO J 130 -51.40 -46.21 -17.66
C PRO J 130 -52.28 -46.37 -16.44
N ALA J 131 -51.77 -47.14 -15.49
CA ALA J 131 -52.51 -47.56 -14.30
C ALA J 131 -51.93 -46.90 -13.06
N ASP J 132 -52.71 -46.96 -11.99
CA ASP J 132 -52.30 -46.35 -10.73
C ASP J 132 -51.03 -47.00 -10.20
N GLY J 133 -50.07 -46.16 -9.81
CA GLY J 133 -48.79 -46.65 -9.35
C GLY J 133 -47.97 -47.35 -10.40
N ASP J 134 -48.33 -47.24 -11.67
CA ASP J 134 -47.62 -47.89 -12.75
C ASP J 134 -46.50 -47.00 -13.24
N THR J 135 -45.31 -47.58 -13.39
CA THR J 135 -44.13 -46.83 -13.76
C THR J 135 -43.93 -46.86 -15.26
N VAL J 136 -43.45 -45.75 -15.81
CA VAL J 136 -43.11 -45.62 -17.21
C VAL J 136 -41.79 -44.88 -17.30
N LYS J 137 -40.96 -45.31 -18.23
CA LYS J 137 -39.68 -44.68 -18.51
C LYS J 137 -39.74 -44.07 -19.89
N LEU J 138 -39.28 -42.83 -19.99
CA LEU J 138 -39.26 -42.09 -21.24
C LEU J 138 -37.82 -41.80 -21.64
N TRP J 139 -37.65 -41.50 -22.92
CA TRP J 139 -36.33 -41.17 -23.46
C TRP J 139 -36.50 -40.14 -24.57
N PRO J 140 -36.90 -38.94 -24.22
CA PRO J 140 -36.90 -37.86 -25.20
C PRO J 140 -35.47 -37.53 -25.60
N ILE J 141 -35.37 -36.75 -26.67
CA ILE J 141 -34.06 -36.36 -27.16
C ILE J 141 -33.59 -35.20 -26.31
N MET J 142 -32.31 -34.87 -26.45
CA MET J 142 -31.69 -33.81 -25.67
C MET J 142 -31.42 -32.61 -26.57
N GLY J 143 -31.91 -31.45 -26.15
CA GLY J 143 -31.60 -30.19 -26.81
C GLY J 143 -31.17 -29.17 -25.78
N ASP J 144 -30.92 -27.96 -26.28
CA ASP J 144 -30.51 -26.84 -25.44
C ASP J 144 -29.23 -27.17 -24.68
N GLY J 145 -28.17 -27.40 -25.44
CA GLY J 145 -26.88 -27.71 -24.87
C GLY J 145 -25.77 -27.56 -25.87
N GLU J 146 -24.57 -27.26 -25.39
CA GLU J 146 -23.43 -27.01 -26.24
C GLU J 146 -22.64 -28.30 -26.46
N VAL J 147 -21.54 -28.19 -27.21
CA VAL J 147 -20.61 -29.30 -27.35
C VAL J 147 -19.28 -28.74 -27.83
N GLN J 148 -18.20 -29.36 -27.37
CA GLN J 148 -16.87 -29.02 -27.86
C GLN J 148 -15.99 -30.26 -27.80
N PHE J 149 -14.80 -30.13 -28.38
CA PHE J 149 -13.75 -31.12 -28.31
C PHE J 149 -12.56 -30.55 -27.57
N ARG J 150 -11.70 -31.44 -27.10
CA ARG J 150 -10.43 -31.02 -26.52
C ARG J 150 -9.47 -32.19 -26.55
N LEU J 151 -8.38 -32.08 -25.80
CA LEU J 151 -7.26 -32.99 -25.92
C LEU J 151 -6.54 -33.08 -24.58
N VAL J 152 -5.77 -34.14 -24.42
CA VAL J 152 -5.06 -34.43 -23.19
C VAL J 152 -3.65 -34.87 -23.50
N ASN J 153 -2.70 -34.43 -22.69
CA ASN J 153 -1.29 -34.77 -22.85
C ASN J 153 -0.92 -35.91 -21.91
N GLN J 154 -1.62 -37.03 -22.02
CA GLN J 154 -1.23 -38.28 -21.38
C GLN J 154 -1.45 -38.27 -19.87
N PHE J 155 -1.79 -37.12 -19.29
CA PHE J 155 -2.05 -36.95 -17.87
C PHE J 155 -3.41 -36.35 -17.61
N GLY J 156 -3.71 -35.27 -18.29
CA GLY J 156 -4.73 -34.34 -17.87
C GLY J 156 -4.34 -32.93 -18.21
N GLN J 157 -3.05 -32.67 -18.46
CA GLN J 157 -2.66 -31.36 -18.98
C GLN J 157 -3.24 -31.22 -20.38
N GLU J 158 -4.26 -30.38 -20.49
CA GLU J 158 -4.88 -30.13 -21.78
C GLU J 158 -3.96 -29.29 -22.66
N GLU J 159 -3.83 -29.70 -23.91
CA GLU J 159 -3.29 -28.80 -24.91
C GLU J 159 -4.15 -27.57 -25.07
N GLY J 160 -5.46 -27.73 -24.90
CA GLY J 160 -6.39 -26.67 -25.15
C GLY J 160 -7.68 -27.23 -25.70
N ARG J 161 -8.08 -26.75 -26.87
CA ARG J 161 -9.31 -27.21 -27.50
C ARG J 161 -9.12 -27.21 -29.01
N VAL J 162 -9.94 -28.03 -29.67
CA VAL J 162 -9.88 -28.14 -31.11
C VAL J 162 -10.22 -26.80 -31.74
N TYR J 163 -11.43 -26.34 -31.49
CA TYR J 163 -12.01 -25.16 -32.09
C TYR J 163 -12.76 -24.45 -30.97
N PRO J 164 -12.42 -23.20 -30.64
CA PRO J 164 -12.89 -22.64 -29.38
C PRO J 164 -14.39 -22.50 -29.29
N TRP J 165 -15.05 -22.23 -30.40
CA TRP J 165 -16.48 -21.98 -30.38
C TRP J 165 -17.25 -23.28 -30.33
N ALA J 166 -18.39 -23.22 -29.66
CA ALA J 166 -19.19 -24.40 -29.36
C ALA J 166 -20.12 -24.71 -30.54
N THR J 167 -21.08 -25.60 -30.29
CA THR J 167 -22.08 -25.95 -31.26
C THR J 167 -23.30 -26.40 -30.46
N PRO J 168 -24.52 -26.05 -30.86
CA PRO J 168 -25.70 -26.52 -30.12
C PRO J 168 -26.36 -27.78 -30.64
N LEU J 169 -27.08 -28.43 -29.73
CA LEU J 169 -27.66 -29.73 -29.98
C LEU J 169 -29.04 -29.68 -30.62
N TYR J 170 -29.85 -28.67 -30.32
CA TYR J 170 -31.08 -28.53 -31.08
C TYR J 170 -30.74 -28.37 -32.55
N ARG J 171 -29.70 -27.59 -32.84
CA ARG J 171 -29.19 -27.47 -34.19
C ARG J 171 -28.70 -28.80 -34.71
N TRP J 172 -28.03 -29.55 -33.85
CA TRP J 172 -27.54 -30.87 -34.24
C TRP J 172 -28.68 -31.74 -34.74
N HIS J 173 -29.76 -31.83 -33.98
CA HIS J 173 -30.93 -32.57 -34.42
C HIS J 173 -31.48 -31.99 -35.71
N ASP J 174 -31.48 -30.66 -35.81
CA ASP J 174 -32.14 -30.00 -36.93
C ASP J 174 -31.53 -30.40 -38.26
N PHE J 175 -30.21 -30.28 -38.38
CA PHE J 175 -29.59 -30.66 -39.64
C PHE J 175 -29.86 -32.15 -39.88
N PRO J 176 -30.50 -32.53 -40.99
CA PRO J 176 -30.73 -33.95 -41.23
C PRO J 176 -29.41 -34.66 -41.43
N GLN J 177 -29.12 -35.60 -40.55
CA GLN J 177 -28.07 -36.54 -40.84
C GLN J 177 -28.43 -37.33 -42.09
N LEU J 178 -27.46 -38.08 -42.60
CA LEU J 178 -27.70 -38.96 -43.72
C LEU J 178 -28.12 -38.19 -44.96
N LYS J 179 -27.30 -37.26 -45.40
CA LYS J 179 -27.54 -36.61 -46.67
C LYS J 179 -26.31 -35.84 -47.09
N ARG J 180 -25.73 -36.21 -48.24
CA ARG J 180 -24.50 -35.60 -48.71
C ARG J 180 -24.67 -34.11 -48.86
N GLY J 181 -23.68 -33.36 -48.42
CA GLY J 181 -23.76 -31.91 -48.38
C GLY J 181 -24.46 -31.42 -47.14
N ARG J 182 -25.63 -31.95 -46.85
CA ARG J 182 -26.32 -31.64 -45.61
C ARG J 182 -25.70 -32.34 -44.42
N GLU J 183 -24.68 -33.16 -44.62
CA GLU J 183 -23.92 -33.73 -43.52
C GLU J 183 -23.29 -32.64 -42.66
N ILE J 184 -22.80 -33.02 -41.52
CA ILE J 184 -22.03 -32.12 -40.66
C ILE J 184 -20.57 -32.21 -41.04
N ASN J 185 -19.91 -31.06 -41.01
CA ASN J 185 -18.45 -30.99 -41.10
C ASN J 185 -18.05 -29.79 -40.26
N LEU J 186 -17.58 -30.05 -39.05
CA LEU J 186 -17.21 -28.99 -38.12
C LEU J 186 -15.92 -28.35 -38.58
N HIS J 187 -15.34 -27.52 -37.72
CA HIS J 187 -14.05 -26.91 -37.96
C HIS J 187 -13.06 -27.38 -36.91
N GLY J 188 -11.85 -27.62 -37.34
CA GLY J 188 -10.82 -28.21 -36.50
C GLY J 188 -9.93 -29.12 -37.32
N SER J 189 -8.73 -29.32 -36.82
CA SER J 189 -7.75 -30.18 -37.48
C SER J 189 -6.70 -30.50 -36.43
N VAL J 190 -6.53 -31.79 -36.15
CA VAL J 190 -5.79 -32.24 -34.98
C VAL J 190 -5.05 -33.53 -35.33
N THR J 191 -4.34 -34.06 -34.35
CA THR J 191 -3.67 -35.33 -34.42
C THR J 191 -3.31 -35.73 -33.01
N TRP J 192 -3.44 -37.02 -32.71
CA TRP J 192 -3.05 -37.49 -31.38
C TRP J 192 -2.56 -38.92 -31.45
N GLN J 193 -1.39 -39.15 -30.84
CA GLN J 193 -0.72 -40.44 -30.82
C GLN J 193 -1.12 -41.20 -29.56
N GLU J 194 -0.38 -42.27 -29.26
CA GLU J 194 -0.70 -43.17 -28.16
C GLU J 194 -0.91 -42.45 -26.85
N ASN J 195 -2.02 -42.77 -26.19
CA ASN J 195 -2.42 -42.26 -24.88
C ASN J 195 -2.64 -40.74 -24.85
N GLU J 196 -2.63 -40.08 -26.01
CA GLU J 196 -3.02 -38.68 -26.10
C GLU J 196 -4.52 -38.62 -26.35
N THR J 197 -5.26 -39.00 -25.32
CA THR J 197 -6.68 -39.21 -25.46
C THR J 197 -7.40 -37.92 -25.80
N VAL J 198 -8.58 -38.10 -26.40
CA VAL J 198 -9.51 -37.03 -26.71
C VAL J 198 -10.68 -37.17 -25.77
N GLU J 199 -11.37 -36.06 -25.51
CA GLU J 199 -12.57 -36.09 -24.72
C GLU J 199 -13.56 -35.10 -25.30
N VAL J 200 -14.75 -35.57 -25.57
CA VAL J 200 -15.83 -34.67 -25.94
C VAL J 200 -16.34 -34.01 -24.69
N LEU J 201 -16.85 -32.80 -24.83
CA LEU J 201 -17.44 -32.08 -23.72
C LEU J 201 -18.80 -31.53 -24.09
N LEU J 202 -19.63 -31.44 -23.07
CA LEU J 202 -21.02 -31.01 -23.17
C LEU J 202 -21.33 -30.11 -21.99
N ASP J 203 -22.01 -29.00 -22.27
CA ASP J 203 -22.54 -28.12 -21.24
C ASP J 203 -24.04 -27.99 -21.46
N ALA J 204 -24.83 -28.44 -20.50
CA ALA J 204 -26.28 -28.39 -20.61
C ALA J 204 -26.88 -28.56 -19.24
N PRO J 205 -28.13 -28.15 -19.04
CA PRO J 205 -28.79 -28.43 -17.75
C PRO J 205 -29.12 -29.90 -17.59
N GLN J 206 -29.66 -30.48 -18.64
CA GLN J 206 -30.28 -31.78 -18.53
C GLN J 206 -29.25 -32.88 -18.51
N ALA J 207 -29.73 -34.07 -18.14
CA ALA J 207 -28.89 -35.23 -18.03
C ALA J 207 -28.60 -35.77 -19.44
N ILE J 208 -27.99 -36.95 -19.48
CA ILE J 208 -27.83 -37.72 -20.69
C ILE J 208 -27.95 -39.18 -20.28
N THR J 209 -28.15 -40.05 -21.26
CA THR J 209 -28.30 -41.46 -20.99
C THR J 209 -27.65 -42.24 -22.12
N TRP J 210 -26.74 -43.13 -21.75
CA TRP J 210 -26.13 -44.08 -22.66
C TRP J 210 -26.81 -45.43 -22.61
N GLU J 211 -27.18 -45.88 -21.41
CA GLU J 211 -27.79 -47.18 -21.22
C GLU J 211 -28.74 -47.12 -20.05
N ASP J 212 -29.74 -48.00 -20.08
CA ASP J 212 -30.58 -48.26 -18.92
C ASP J 212 -30.82 -49.73 -18.66
N ALA J 213 -30.54 -50.62 -19.62
CA ALA J 213 -30.81 -52.05 -19.55
C ALA J 213 -32.30 -52.37 -19.64
N ASP J 214 -33.16 -51.35 -19.80
CA ASP J 214 -34.57 -51.55 -20.05
C ASP J 214 -35.04 -50.79 -21.28
N TYR J 215 -34.18 -49.97 -21.88
CA TYR J 215 -34.51 -49.32 -23.13
C TYR J 215 -34.75 -50.39 -24.19
N PRO J 216 -35.85 -50.33 -24.94
CA PRO J 216 -36.15 -51.43 -25.86
C PRO J 216 -35.19 -51.54 -27.03
N GLU J 217 -34.91 -50.43 -27.68
CA GLU J 217 -34.33 -50.44 -29.02
C GLU J 217 -32.82 -50.52 -28.95
N GLY J 218 -32.33 -51.71 -28.62
CA GLY J 218 -30.95 -52.07 -28.91
C GLY J 218 -29.94 -51.70 -27.86
N GLN J 219 -30.30 -51.72 -26.58
CA GLN J 219 -29.36 -51.71 -25.47
C GLN J 219 -28.65 -50.37 -25.26
N TYR J 220 -28.80 -49.43 -26.18
CA TYR J 220 -28.01 -48.21 -26.16
C TYR J 220 -28.94 -47.03 -26.42
N VAL J 221 -29.14 -46.23 -25.39
CA VAL J 221 -30.15 -45.18 -25.42
C VAL J 221 -29.74 -44.10 -26.40
N SER J 222 -28.47 -43.73 -26.39
CA SER J 222 -27.91 -42.69 -27.21
C SER J 222 -26.79 -43.26 -28.05
N THR J 223 -26.15 -42.40 -28.83
CA THR J 223 -24.89 -42.79 -29.43
C THR J 223 -24.11 -41.57 -29.88
N PHE J 224 -22.82 -41.81 -30.08
CA PHE J 224 -21.94 -40.92 -30.82
C PHE J 224 -21.17 -41.79 -31.78
N GLU J 225 -21.03 -41.32 -33.01
CA GLU J 225 -20.33 -42.04 -34.04
C GLU J 225 -19.62 -41.01 -34.91
N GLN J 226 -18.55 -41.45 -35.54
CA GLN J 226 -17.61 -40.48 -36.08
C GLN J 226 -16.72 -41.15 -37.10
N ASP J 227 -16.25 -40.35 -38.04
CA ASP J 227 -15.29 -40.78 -39.05
C ASP J 227 -13.91 -40.26 -38.68
N VAL J 228 -12.88 -40.96 -39.13
CA VAL J 228 -11.50 -40.60 -38.86
C VAL J 228 -10.64 -41.04 -40.02
N GLU J 229 -9.42 -40.49 -40.06
CA GLU J 229 -8.39 -40.88 -41.02
C GLU J 229 -7.20 -41.35 -40.20
N ILE J 230 -6.94 -42.65 -40.22
CA ILE J 230 -5.94 -43.27 -39.37
C ILE J 230 -4.74 -43.66 -40.21
N THR J 231 -3.57 -43.55 -39.59
CA THR J 231 -2.34 -44.13 -40.12
C THR J 231 -2.28 -45.57 -39.62
N LEU J 232 -2.93 -46.47 -40.36
CA LEU J 232 -2.99 -47.88 -40.00
C LEU J 232 -3.58 -48.09 -38.62
N GLN K 4 0.53 62.17 3.56
CA GLN K 4 -0.10 62.01 4.86
C GLN K 4 -1.59 62.29 4.77
N THR K 5 -2.18 61.91 3.65
CA THR K 5 -3.59 62.15 3.36
C THR K 5 -4.36 60.86 3.53
N GLN K 6 -5.36 60.88 4.39
CA GLN K 6 -6.15 59.71 4.72
C GLN K 6 -7.62 60.07 4.67
N GLU K 7 -8.42 59.17 4.10
CA GLU K 7 -9.84 59.38 4.02
C GLU K 7 -10.50 59.06 5.34
N TYR K 8 -11.62 59.75 5.60
CA TYR K 8 -12.34 59.59 6.85
C TYR K 8 -13.81 59.86 6.61
N THR K 9 -14.59 59.74 7.67
CA THR K 9 -16.03 59.87 7.62
C THR K 9 -16.49 60.79 8.74
N LEU K 10 -17.55 61.53 8.46
CA LEU K 10 -18.18 62.44 9.41
C LEU K 10 -19.57 61.95 9.75
N SER K 11 -20.22 62.66 10.65
CA SER K 11 -21.52 62.26 11.16
C SER K 11 -22.30 63.48 11.58
N HIS K 12 -23.59 63.27 11.79
CA HIS K 12 -24.41 64.24 12.47
C HIS K 12 -24.09 64.35 13.96
N THR K 13 -23.24 63.49 14.51
CA THR K 13 -22.97 63.51 15.94
C THR K 13 -21.50 63.22 16.21
N GLY K 14 -20.92 64.02 17.09
CA GLY K 14 -19.64 63.78 17.71
C GLY K 14 -18.55 63.31 16.77
N GLY K 15 -18.00 62.14 17.08
CA GLY K 15 -17.05 61.54 16.19
C GLY K 15 -15.70 62.19 16.28
N LEU K 16 -15.39 62.97 15.25
CA LEU K 16 -14.13 63.71 15.16
C LEU K 16 -14.26 65.12 15.69
N LEU K 17 -15.36 65.43 16.40
CA LEU K 17 -15.66 66.78 16.83
C LEU K 17 -16.19 66.89 18.24
N GLY K 18 -16.51 65.78 18.91
CA GLY K 18 -16.88 65.83 20.31
C GLY K 18 -18.18 66.52 20.60
N SER K 19 -19.01 66.75 19.59
CA SER K 19 -20.32 67.38 19.77
C SER K 19 -20.21 68.79 20.29
N SER K 20 -19.08 69.43 20.03
CA SER K 20 -18.81 70.82 20.39
C SER K 20 -18.35 71.61 19.19
N LYS K 21 -17.57 71.00 18.31
CA LYS K 21 -17.22 71.58 17.02
C LYS K 21 -18.22 71.20 15.94
N VAL K 22 -19.41 70.78 16.34
CA VAL K 22 -20.51 70.54 15.41
C VAL K 22 -21.78 70.98 16.13
N THR K 23 -22.76 71.40 15.34
CA THR K 23 -24.10 71.66 15.87
C THR K 23 -25.13 71.12 14.90
N THR K 24 -26.32 70.90 15.43
CA THR K 24 -27.50 70.57 14.66
C THR K 24 -28.52 71.68 14.86
N ALA K 25 -29.46 71.77 13.93
CA ALA K 25 -30.45 72.82 14.03
C ALA K 25 -31.62 72.52 13.11
N SER K 26 -32.78 73.01 13.52
CA SER K 26 -33.96 72.95 12.68
C SER K 26 -33.89 74.07 11.65
N ASN K 27 -35.00 74.35 10.99
CA ASN K 27 -35.05 75.29 9.88
C ASN K 27 -36.24 76.24 10.06
N GLN K 28 -36.31 77.22 9.18
CA GLN K 28 -37.43 78.15 9.14
C GLN K 28 -38.47 77.63 8.16
N THR K 29 -39.73 77.69 8.59
CA THR K 29 -40.84 77.09 7.86
C THR K 29 -41.84 78.13 7.37
N ALA K 30 -42.30 79.01 8.26
CA ALA K 30 -43.36 79.96 7.89
C ALA K 30 -42.90 80.87 6.76
N PRO K 31 -41.83 81.65 6.90
CA PRO K 31 -41.08 82.05 5.71
C PRO K 31 -40.07 80.99 5.35
N GLN K 32 -40.21 80.39 4.16
CA GLN K 32 -39.15 79.54 3.67
C GLN K 32 -37.85 80.33 3.61
N ARG K 33 -36.82 79.81 4.25
CA ARG K 33 -35.51 80.41 4.16
C ARG K 33 -34.50 79.30 3.98
N GLU K 34 -33.49 79.59 3.15
CA GLU K 34 -32.36 78.69 2.97
C GLU K 34 -31.50 78.79 4.22
N THR K 35 -31.97 78.14 5.28
CA THR K 35 -31.35 78.19 6.59
C THR K 35 -30.28 77.13 6.71
N ALA K 36 -29.62 77.10 7.87
CA ALA K 36 -28.63 76.10 8.18
C ALA K 36 -29.16 75.15 9.24
N ILE K 37 -28.79 73.89 9.11
CA ILE K 37 -29.25 72.83 10.00
C ILE K 37 -28.05 72.21 10.70
N ILE K 38 -26.89 72.23 10.03
CA ILE K 38 -25.71 71.54 10.52
C ILE K 38 -24.47 72.28 10.04
N SER K 39 -23.45 72.27 10.87
CA SER K 39 -22.16 72.85 10.58
C SER K 39 -21.08 71.80 10.70
N PHE K 40 -19.85 72.21 10.39
CA PHE K 40 -18.67 71.39 10.57
C PHE K 40 -17.52 72.37 10.84
N GLU K 41 -17.21 72.56 12.11
CA GLU K 41 -16.06 73.35 12.50
C GLU K 41 -14.83 72.44 12.52
N VAL K 42 -13.74 72.95 12.01
CA VAL K 42 -12.49 72.19 12.15
C VAL K 42 -12.13 72.15 13.62
N PRO K 43 -11.76 71.00 14.16
CA PRO K 43 -11.39 70.97 15.58
C PRO K 43 -9.95 71.39 15.78
N ARG K 44 -9.51 71.20 17.03
CA ARG K 44 -8.23 71.68 17.52
C ARG K 44 -7.05 71.31 16.63
N LYS K 45 -7.11 70.18 15.96
CA LYS K 45 -5.92 69.45 15.58
C LYS K 45 -5.53 69.62 14.13
N PHE K 46 -6.49 69.55 13.23
CA PHE K 46 -6.19 69.27 11.85
C PHE K 46 -5.56 70.46 11.14
N SER K 47 -4.78 70.12 10.11
CA SER K 47 -4.21 71.15 9.25
C SER K 47 -5.23 71.61 8.23
N GLU K 48 -6.03 70.69 7.69
CA GLU K 48 -7.02 71.05 6.71
C GLU K 48 -7.97 69.88 6.50
N ILE K 49 -9.04 70.16 5.77
CA ILE K 49 -10.00 69.16 5.32
C ILE K 49 -10.26 69.46 3.85
N GLU K 50 -10.63 68.42 3.10
CA GLU K 50 -10.94 68.55 1.69
C GLU K 50 -12.21 67.80 1.36
N TYR K 51 -13.08 68.46 0.59
CA TYR K 51 -14.21 67.82 -0.05
C TYR K 51 -14.06 67.90 -1.55
N VAL K 52 -14.42 66.82 -2.23
CA VAL K 52 -14.41 66.79 -3.68
C VAL K 52 -15.64 66.04 -4.16
N GLY K 53 -16.66 66.77 -4.57
CA GLY K 53 -17.69 66.18 -5.38
C GLY K 53 -17.11 65.62 -6.67
N GLN K 54 -17.82 64.64 -7.22
CA GLN K 54 -17.40 63.79 -8.33
C GLN K 54 -16.30 62.82 -7.93
N ARG K 55 -15.85 62.83 -6.67
CA ARG K 55 -14.95 61.83 -6.13
C ARG K 55 -15.47 61.30 -4.80
N ASP K 56 -16.16 62.15 -4.04
CA ASP K 56 -16.51 61.88 -2.67
C ASP K 56 -18.01 61.62 -2.55
N ALA K 57 -18.39 60.92 -1.49
CA ALA K 57 -19.73 60.42 -1.32
C ALA K 57 -20.53 61.32 -0.40
N THR K 58 -21.74 60.88 -0.06
CA THR K 58 -22.64 61.62 0.81
C THR K 58 -23.83 60.72 1.15
N ARG K 59 -24.39 60.93 2.33
CA ARG K 59 -25.64 60.31 2.74
C ARG K 59 -26.41 61.28 3.60
N PHE K 60 -27.73 61.27 3.49
CA PHE K 60 -28.58 62.21 4.21
C PHE K 60 -29.98 61.63 4.28
N VAL K 61 -30.42 61.32 5.49
CA VAL K 61 -31.71 60.69 5.73
C VAL K 61 -32.53 61.65 6.57
N PRO K 62 -33.33 62.52 5.95
CA PRO K 62 -34.14 63.48 6.70
C PRO K 62 -35.57 63.05 6.98
N ARG K 63 -36.04 63.33 8.18
CA ARG K 63 -37.42 63.09 8.57
C ARG K 63 -37.95 64.29 9.32
N THR K 64 -39.26 64.43 9.27
CA THR K 64 -39.99 65.48 9.97
C THR K 64 -40.67 64.89 11.20
N THR K 65 -41.55 65.68 11.81
CA THR K 65 -42.28 65.27 12.99
C THR K 65 -43.66 65.89 12.93
N GLU K 66 -44.62 65.23 13.56
CA GLU K 66 -45.91 65.85 13.81
C GLU K 66 -46.49 65.27 15.10
N GLU K 67 -47.79 65.48 15.31
CA GLU K 67 -48.50 65.00 16.48
C GLU K 67 -49.94 64.74 16.04
N ILE K 68 -50.44 63.53 16.29
CA ILE K 68 -51.77 63.13 15.86
C ILE K 68 -52.49 62.52 17.05
N THR K 69 -53.66 63.05 17.37
CA THR K 69 -54.46 62.50 18.46
C THR K 69 -55.17 61.24 17.98
N GLY K 70 -56.12 60.78 18.78
CA GLY K 70 -56.99 59.68 18.39
C GLY K 70 -58.42 59.97 18.76
N THR K 71 -59.29 58.98 18.58
CA THR K 71 -60.72 59.19 18.74
C THR K 71 -61.35 57.86 19.11
N ALA K 72 -62.50 57.94 19.79
CA ALA K 72 -63.29 56.75 20.06
C ALA K 72 -63.55 55.98 18.77
N ASN K 73 -64.19 56.63 17.79
CA ASN K 73 -64.30 56.07 16.45
C ASN K 73 -63.09 56.51 15.62
N ASP K 74 -61.93 56.05 16.07
CA ASP K 74 -60.64 56.38 15.47
C ASP K 74 -60.62 56.14 13.98
N ASP K 75 -59.75 56.86 13.29
CA ASP K 75 -59.80 56.95 11.84
C ASP K 75 -58.98 55.86 11.15
N THR K 76 -57.82 55.54 11.72
CA THR K 76 -56.79 54.68 11.12
C THR K 76 -56.06 55.39 9.98
N VAL K 77 -56.51 56.57 9.58
CA VAL K 77 -56.10 57.20 8.34
C VAL K 77 -55.56 58.58 8.68
N VAL K 78 -54.53 58.99 7.95
CA VAL K 78 -53.91 60.29 8.16
C VAL K 78 -53.56 60.89 6.81
N GLN K 79 -53.43 62.21 6.81
CA GLN K 79 -52.90 62.98 5.70
C GLN K 79 -51.70 63.76 6.19
N LEU K 80 -50.77 64.04 5.27
CA LEU K 80 -49.54 64.73 5.62
C LEU K 80 -49.26 65.85 4.63
N GLN K 81 -48.84 66.98 5.17
CA GLN K 81 -48.44 68.14 4.37
C GLN K 81 -46.95 68.08 4.08
N ALA K 82 -46.50 66.92 3.61
CA ALA K 82 -45.09 66.70 3.31
C ALA K 82 -45.05 65.55 2.33
N ASN K 83 -44.68 65.82 1.10
CA ASN K 83 -44.86 64.83 0.05
C ASN K 83 -43.95 63.64 0.29
N ILE K 84 -44.49 62.46 0.04
CA ILE K 84 -43.83 61.20 0.33
C ILE K 84 -43.47 60.57 -0.99
N GLN K 85 -42.33 59.91 -1.00
CA GLN K 85 -41.97 59.05 -2.10
C GLN K 85 -41.27 57.82 -1.58
N PRO K 86 -41.02 56.83 -2.41
CA PRO K 86 -40.15 55.74 -2.03
C PRO K 86 -38.71 56.19 -2.00
N ILE K 87 -37.82 55.23 -1.82
CA ILE K 87 -36.41 55.51 -1.64
C ILE K 87 -35.69 54.82 -2.79
N ALA K 88 -35.78 53.50 -2.81
CA ALA K 88 -35.20 52.69 -3.87
C ALA K 88 -36.30 51.75 -4.31
N GLY K 89 -37.15 52.25 -5.20
CA GLY K 89 -38.12 51.42 -5.85
C GLY K 89 -39.54 51.58 -5.36
N GLU K 90 -40.17 50.45 -5.06
CA GLU K 90 -41.57 50.43 -4.70
C GLU K 90 -41.78 51.06 -3.34
N GLU K 91 -43.04 51.36 -3.03
CA GLU K 91 -43.47 51.63 -1.66
C GLU K 91 -44.03 50.32 -1.13
N ASP K 92 -43.11 49.42 -0.78
CA ASP K 92 -43.40 48.22 0.00
C ASP K 92 -42.54 48.27 1.25
N MET K 93 -43.15 48.64 2.38
CA MET K 93 -42.41 48.97 3.59
C MET K 93 -41.46 47.87 4.03
N ALA K 94 -41.75 46.62 3.65
CA ALA K 94 -40.85 45.53 3.98
C ALA K 94 -39.48 45.69 3.35
N ASP K 95 -39.41 46.30 2.17
CA ASP K 95 -38.22 46.26 1.33
C ASP K 95 -37.91 47.64 0.76
N GLN K 96 -37.92 48.66 1.60
CA GLN K 96 -37.63 50.02 1.19
C GLN K 96 -36.17 50.43 1.37
N ASP K 97 -35.36 49.60 2.02
CA ASP K 97 -33.97 49.84 2.45
C ASP K 97 -33.89 50.75 3.67
N TYR K 98 -34.98 51.40 4.04
CA TYR K 98 -35.30 51.90 5.37
C TYR K 98 -36.70 52.47 5.20
N PRO K 99 -37.53 52.48 6.23
CA PRO K 99 -38.93 52.89 6.03
C PRO K 99 -39.02 54.36 5.64
N VAL K 100 -40.12 54.69 4.97
CA VAL K 100 -40.43 56.07 4.66
C VAL K 100 -41.31 56.70 5.73
N VAL K 101 -41.84 55.91 6.66
CA VAL K 101 -42.64 56.40 7.77
C VAL K 101 -42.26 55.62 9.01
N VAL K 102 -42.30 56.30 10.14
CA VAL K 102 -42.20 55.69 11.45
C VAL K 102 -43.33 56.28 12.28
N ALA K 103 -43.87 55.48 13.18
CA ALA K 103 -44.94 55.92 14.04
C ALA K 103 -44.74 55.33 15.43
N TYR K 104 -45.30 56.01 16.41
CA TYR K 104 -45.14 55.57 17.79
C TYR K 104 -46.25 56.16 18.63
N ASN K 105 -47.01 55.29 19.29
CA ASN K 105 -48.01 55.75 20.23
C ASN K 105 -47.33 56.16 21.52
N VAL K 106 -47.90 57.16 22.17
CA VAL K 106 -47.33 57.77 23.36
C VAL K 106 -47.92 57.17 24.62
N THR K 107 -49.26 57.10 24.67
CA THR K 107 -49.94 56.45 25.78
C THR K 107 -49.45 55.02 25.93
N GLN K 108 -49.70 54.20 24.92
CA GLN K 108 -49.04 52.91 24.80
C GLN K 108 -47.65 53.17 24.26
N GLY K 109 -46.64 53.03 25.11
CA GLY K 109 -45.29 53.30 24.70
C GLY K 109 -44.78 52.23 23.76
N ALA K 110 -45.34 52.21 22.55
CA ALA K 110 -45.13 51.12 21.62
C ALA K 110 -45.23 51.63 20.20
N GLN K 111 -44.71 50.83 19.28
CA GLN K 111 -44.77 51.16 17.88
C GLN K 111 -46.21 51.18 17.39
N VAL K 112 -46.36 51.64 16.16
CA VAL K 112 -47.64 51.67 15.48
C VAL K 112 -47.34 51.24 14.05
N GLU K 113 -47.73 50.02 13.71
CA GLU K 113 -47.37 49.46 12.42
C GLU K 113 -48.34 49.94 11.34
N ILE K 114 -47.87 49.88 10.11
CA ILE K 114 -48.59 50.42 8.97
C ILE K 114 -49.21 49.27 8.21
N ALA K 115 -50.41 49.51 7.67
CA ALA K 115 -51.11 48.58 6.82
C ALA K 115 -50.91 48.91 5.34
N ASP K 116 -51.09 50.17 4.97
CA ASP K 116 -51.07 50.56 3.57
C ASP K 116 -50.88 52.06 3.49
N VAL K 117 -50.42 52.51 2.33
CA VAL K 117 -50.10 53.90 2.08
C VAL K 117 -50.88 54.35 0.85
N ASN K 118 -51.54 55.50 0.96
CA ASN K 118 -52.02 56.22 -0.21
C ASN K 118 -50.83 57.01 -0.74
N TYR K 119 -50.29 56.51 -1.83
CA TYR K 119 -48.91 56.75 -2.24
C TYR K 119 -48.55 58.20 -2.52
N ALA K 120 -49.12 58.77 -3.57
CA ALA K 120 -48.88 60.15 -3.94
C ALA K 120 -49.96 61.10 -3.42
N THR K 121 -51.09 60.54 -3.00
CA THR K 121 -52.08 61.27 -2.22
C THR K 121 -51.49 61.86 -0.95
N ASP K 122 -50.37 61.30 -0.45
CA ASP K 122 -49.75 61.74 0.78
C ASP K 122 -50.68 61.51 1.96
N GLU K 123 -51.29 60.34 1.97
CA GLU K 123 -52.10 59.84 3.07
C GLU K 123 -51.67 58.42 3.36
N VAL K 124 -51.98 57.98 4.58
CA VAL K 124 -51.54 56.69 5.08
C VAL K 124 -52.67 56.01 5.82
N THR K 125 -52.73 54.70 5.68
CA THR K 125 -53.56 53.82 6.49
C THR K 125 -52.66 53.08 7.47
N LEU K 126 -53.14 52.90 8.69
CA LEU K 126 -52.41 52.20 9.73
C LEU K 126 -52.96 50.80 9.93
N ALA K 127 -52.20 50.02 10.69
CA ALA K 127 -52.59 48.67 11.05
C ALA K 127 -53.44 48.61 12.31
N THR K 128 -53.24 49.55 13.22
CA THR K 128 -53.81 49.48 14.56
C THR K 128 -54.93 50.50 14.71
N ASP K 129 -55.50 50.54 15.91
CA ASP K 129 -56.66 51.36 16.24
C ASP K 129 -56.33 52.25 17.43
N PRO K 130 -56.00 53.52 17.23
CA PRO K 130 -55.73 54.39 18.39
C PRO K 130 -57.00 54.70 19.15
N ALA K 131 -56.81 55.29 20.32
CA ALA K 131 -57.87 55.55 21.28
C ALA K 131 -58.14 57.04 21.39
N ASP K 132 -59.28 57.35 22.00
CA ASP K 132 -59.68 58.75 22.15
C ASP K 132 -58.69 59.50 23.00
N GLY K 133 -58.29 60.68 22.53
CA GLY K 133 -57.30 61.47 23.21
C GLY K 133 -55.92 60.85 23.27
N ASP K 134 -55.66 59.81 22.50
CA ASP K 134 -54.39 59.12 22.51
C ASP K 134 -53.45 59.80 21.51
N THR K 135 -52.23 60.06 21.95
CA THR K 135 -51.25 60.78 21.14
C THR K 135 -50.37 59.80 20.39
N VAL K 136 -50.02 60.18 19.16
CA VAL K 136 -49.11 59.43 18.32
C VAL K 136 -48.16 60.42 17.67
N LYS K 137 -46.90 60.01 17.57
CA LYS K 137 -45.85 60.79 16.92
C LYS K 137 -45.43 60.05 15.66
N LEU K 138 -45.32 60.80 14.57
CA LEU K 138 -44.93 60.26 13.29
C LEU K 138 -43.61 60.88 12.87
N TRP K 139 -42.95 60.21 11.93
CA TRP K 139 -41.66 60.67 11.40
C TRP K 139 -41.57 60.27 9.94
N PRO K 140 -42.39 60.86 9.09
CA PRO K 140 -42.21 60.65 7.66
C PRO K 140 -40.92 61.28 7.20
N ILE K 141 -40.54 60.93 5.98
CA ILE K 141 -39.32 61.48 5.42
C ILE K 141 -39.62 62.87 4.90
N MET K 142 -38.58 63.60 4.56
CA MET K 142 -38.69 64.97 4.09
C MET K 142 -38.36 65.02 2.61
N GLY K 143 -39.28 65.58 1.84
CA GLY K 143 -39.05 65.86 0.43
C GLY K 143 -39.44 67.29 0.11
N ASP K 144 -39.32 67.63 -1.17
CA ASP K 144 -39.68 68.96 -1.67
C ASP K 144 -38.86 70.03 -0.95
N GLY K 145 -37.55 69.94 -1.14
CA GLY K 145 -36.65 70.92 -0.54
C GLY K 145 -35.27 70.86 -1.17
N GLU K 146 -34.57 71.98 -1.14
CA GLU K 146 -33.28 72.11 -1.78
C GLU K 146 -32.17 71.79 -0.78
N VAL K 147 -30.93 71.90 -1.24
CA VAL K 147 -29.77 71.80 -0.36
C VAL K 147 -28.59 72.42 -1.05
N GLN K 148 -27.71 73.05 -0.26
CA GLN K 148 -26.46 73.58 -0.76
C GLN K 148 -25.42 73.52 0.33
N PHE K 149 -24.18 73.82 -0.06
CA PHE K 149 -23.06 73.97 0.84
C PHE K 149 -22.56 75.40 0.78
N ARG K 150 -21.82 75.79 1.81
CA ARG K 150 -21.13 77.07 1.78
C ARG K 150 -19.99 77.03 2.79
N LEU K 151 -19.45 78.20 3.11
CA LEU K 151 -18.21 78.30 3.85
C LEU K 151 -18.20 79.59 4.65
N VAL K 152 -17.34 79.64 5.66
CA VAL K 152 -17.25 80.76 6.57
C VAL K 152 -15.79 81.10 6.80
N ASN K 153 -15.49 82.39 6.88
CA ASN K 153 -14.13 82.87 7.12
C ASN K 153 -13.96 83.22 8.59
N GLN K 154 -14.20 82.25 9.46
CA GLN K 154 -13.83 82.35 10.88
C GLN K 154 -14.72 83.31 11.67
N PHE K 155 -15.59 84.05 10.98
CA PHE K 155 -16.51 85.01 11.58
C PHE K 155 -17.94 84.73 11.19
N GLY K 156 -18.17 84.58 9.89
CA GLY K 156 -19.48 84.76 9.31
C GLY K 156 -19.36 85.37 7.94
N GLN K 157 -18.23 86.00 7.62
CA GLN K 157 -18.00 86.44 6.25
C GLN K 157 -17.88 85.20 5.37
N GLU K 158 -18.92 84.95 4.58
CA GLU K 158 -18.90 83.82 3.66
C GLU K 158 -17.94 84.08 2.52
N GLU K 159 -17.13 83.07 2.19
CA GLU K 159 -16.44 83.06 0.91
C GLU K 159 -17.43 83.05 -0.24
N GLY K 160 -18.57 82.41 -0.04
CA GLY K 160 -19.53 82.20 -1.10
C GLY K 160 -20.20 80.86 -0.94
N ARG K 161 -20.12 80.04 -1.97
CA ARG K 161 -20.74 78.72 -1.94
C ARG K 161 -19.88 77.75 -2.73
N VAL K 162 -20.04 76.47 -2.41
CA VAL K 162 -19.28 75.43 -3.08
C VAL K 162 -19.64 75.41 -4.56
N TYR K 163 -20.90 75.16 -4.83
CA TYR K 163 -21.42 74.96 -6.17
C TYR K 163 -22.76 75.67 -6.20
N PRO K 164 -22.97 76.65 -7.07
CA PRO K 164 -24.11 77.56 -6.89
C PRO K 164 -25.45 76.87 -7.00
N TRP K 165 -25.55 75.86 -7.84
CA TRP K 165 -26.83 75.21 -8.07
C TRP K 165 -27.16 74.24 -6.96
N ALA K 166 -28.46 74.12 -6.69
CA ALA K 166 -28.96 73.37 -5.55
C ALA K 166 -29.11 71.90 -5.92
N THR K 167 -29.80 71.15 -5.07
CA THR K 167 -30.09 69.76 -5.29
C THR K 167 -31.36 69.47 -4.52
N PRO K 168 -32.30 68.68 -5.06
CA PRO K 168 -33.52 68.36 -4.31
C PRO K 168 -33.49 67.06 -3.52
N LEU K 169 -34.34 67.02 -2.50
CA LEU K 169 -34.38 65.94 -1.55
C LEU K 169 -35.25 64.77 -1.97
N TYR K 170 -36.35 65.01 -2.68
CA TYR K 170 -37.06 63.87 -3.24
C TYR K 170 -36.14 63.08 -4.13
N ARG K 171 -35.33 63.79 -4.93
CA ARG K 171 -34.30 63.17 -5.73
C ARG K 171 -33.28 62.45 -4.87
N TRP K 172 -32.93 63.08 -3.75
CA TRP K 172 -31.99 62.47 -2.83
C TRP K 172 -32.47 61.09 -2.38
N HIS K 173 -33.71 61.02 -1.92
CA HIS K 173 -34.30 59.74 -1.56
C HIS K 173 -34.32 58.80 -2.75
N ASP K 174 -34.62 59.32 -3.94
CA ASP K 174 -34.84 58.48 -5.11
C ASP K 174 -33.59 57.68 -5.44
N PHE K 175 -32.45 58.37 -5.58
CA PHE K 175 -31.24 57.63 -5.91
C PHE K 175 -30.95 56.64 -4.78
N PRO K 176 -30.88 55.34 -5.06
CA PRO K 176 -30.58 54.40 -3.98
C PRO K 176 -29.19 54.64 -3.45
N GLN K 177 -29.09 54.98 -2.18
CA GLN K 177 -27.82 54.91 -1.52
C GLN K 177 -27.34 53.48 -1.52
N LEU K 178 -26.08 53.30 -1.13
CA LEU K 178 -25.52 51.96 -0.98
C LEU K 178 -25.50 51.21 -2.30
N LYS K 179 -24.86 51.77 -3.30
CA LYS K 179 -24.64 51.03 -4.53
C LYS K 179 -23.61 51.75 -5.38
N ARG K 180 -22.49 51.09 -5.65
CA ARG K 180 -21.39 51.69 -6.39
C ARG K 180 -21.86 52.17 -7.75
N GLY K 181 -21.43 53.36 -8.12
CA GLY K 181 -21.90 54.01 -9.34
C GLY K 181 -23.20 54.74 -9.11
N ARG K 182 -24.19 54.05 -8.53
CA ARG K 182 -25.43 54.71 -8.17
C ARG K 182 -25.28 55.57 -6.92
N GLU K 183 -24.10 55.61 -6.30
CA GLU K 183 -23.83 56.54 -5.22
C GLU K 183 -23.99 57.97 -5.69
N ILE K 184 -24.01 58.88 -4.75
CA ILE K 184 -24.01 60.31 -5.04
C ILE K 184 -22.57 60.79 -5.13
N ASN K 185 -22.33 61.69 -6.07
CA ASN K 185 -21.09 62.43 -6.14
C ASN K 185 -21.45 63.80 -6.70
N LEU K 186 -21.56 64.79 -5.83
CA LEU K 186 -21.97 66.13 -6.23
C LEU K 186 -20.83 66.80 -6.99
N HIS K 187 -20.96 68.10 -7.22
CA HIS K 187 -19.93 68.90 -7.84
C HIS K 187 -19.47 69.96 -6.85
N GLY K 188 -18.18 70.20 -6.86
CA GLY K 188 -17.54 71.08 -5.88
C GLY K 188 -16.17 70.55 -5.53
N SER K 189 -15.33 71.47 -5.06
CA SER K 189 -13.97 71.14 -4.66
C SER K 189 -13.49 72.29 -3.81
N VAL K 190 -13.13 72.00 -2.56
CA VAL K 190 -12.94 73.02 -1.55
C VAL K 190 -11.80 72.58 -0.62
N THR K 191 -11.53 73.42 0.37
CA THR K 191 -10.58 73.14 1.43
C THR K 191 -10.83 74.15 2.52
N TRP K 192 -10.74 73.71 3.77
CA TRP K 192 -10.90 74.64 4.88
C TRP K 192 -10.07 74.21 6.06
N GLN K 193 -9.32 75.16 6.61
CA GLN K 193 -8.42 74.95 7.72
C GLN K 193 -9.13 75.28 9.04
N GLU K 194 -8.37 75.39 10.12
CA GLU K 194 -8.91 75.59 11.46
C GLU K 194 -9.89 76.75 11.54
N ASN K 195 -11.05 76.46 12.12
CA ASN K 195 -12.13 77.41 12.37
C ASN K 195 -12.73 78.00 11.10
N GLU K 196 -12.37 77.49 9.93
CA GLU K 196 -13.02 77.86 8.68
C GLU K 196 -14.19 76.90 8.46
N THR K 197 -15.20 77.07 9.31
CA THR K 197 -16.27 76.11 9.38
C THR K 197 -17.07 76.05 8.09
N VAL K 198 -17.73 74.92 7.90
CA VAL K 198 -18.64 74.69 6.81
C VAL K 198 -20.05 74.67 7.39
N GLU K 199 -21.03 74.98 6.57
CA GLU K 199 -22.42 74.89 6.99
C GLU K 199 -23.24 74.40 5.82
N VAL K 200 -23.99 73.35 6.04
CA VAL K 200 -24.96 72.91 5.06
C VAL K 200 -26.16 73.83 5.15
N LEU K 201 -26.85 74.00 4.04
CA LEU K 201 -28.06 74.80 3.99
C LEU K 201 -29.18 74.06 3.30
N LEU K 202 -30.38 74.37 3.74
CA LEU K 202 -31.61 73.76 3.30
C LEU K 202 -32.68 74.83 3.15
N ASP K 203 -33.41 74.78 2.05
CA ASP K 203 -34.58 75.62 1.82
C ASP K 203 -35.77 74.72 1.56
N ALA K 204 -36.76 74.77 2.43
CA ALA K 204 -37.94 73.94 2.29
C ALA K 204 -39.05 74.52 3.16
N PRO K 205 -40.31 74.17 2.88
CA PRO K 205 -41.38 74.59 3.79
C PRO K 205 -41.34 73.87 5.11
N GLN K 206 -41.15 72.56 5.03
CA GLN K 206 -41.39 71.71 6.18
C GLN K 206 -40.23 71.78 7.15
N ALA K 207 -40.49 71.24 8.34
CA ALA K 207 -39.51 71.24 9.40
C ALA K 207 -38.47 70.16 9.13
N ILE K 208 -37.64 69.91 10.12
CA ILE K 208 -36.71 68.79 10.13
C ILE K 208 -36.63 68.34 11.58
N THR K 209 -36.10 67.15 11.80
CA THR K 209 -35.97 66.61 13.14
C THR K 209 -34.69 65.81 13.22
N TRP K 210 -33.86 66.16 14.19
CA TRP K 210 -32.66 65.40 14.53
C TRP K 210 -32.90 64.46 15.69
N GLU K 211 -33.65 64.90 16.69
CA GLU K 211 -33.90 64.12 17.88
C GLU K 211 -35.27 64.46 18.43
N ASP K 212 -35.86 63.51 19.14
CA ASP K 212 -37.05 63.76 19.95
C ASP K 212 -36.98 63.13 21.34
N ALA K 213 -36.05 62.21 21.58
CA ALA K 213 -35.93 61.45 22.83
C ALA K 213 -37.05 60.44 23.02
N ASP K 214 -37.98 60.33 22.05
CA ASP K 214 -39.00 59.30 22.06
C ASP K 214 -39.02 58.53 20.75
N TYR K 215 -38.24 58.94 19.76
CA TYR K 215 -38.11 58.17 18.54
C TYR K 215 -37.52 56.80 18.88
N PRO K 216 -38.11 55.70 18.40
CA PRO K 216 -37.65 54.38 18.84
C PRO K 216 -36.26 54.02 18.35
N GLU K 217 -36.02 54.23 17.05
CA GLU K 217 -34.91 53.58 16.38
C GLU K 217 -33.64 54.41 16.51
N GLY K 218 -33.06 54.36 17.72
CA GLY K 218 -31.68 54.73 17.90
C GLY K 218 -31.40 56.19 18.16
N GLN K 219 -32.31 56.89 18.84
CA GLN K 219 -32.04 58.19 19.44
C GLN K 219 -31.89 59.33 18.45
N TYR K 220 -31.85 59.04 17.15
CA TYR K 220 -31.51 60.03 16.14
C TYR K 220 -32.49 59.88 14.99
N VAL K 221 -33.36 60.87 14.84
CA VAL K 221 -34.47 60.79 13.91
C VAL K 221 -33.95 60.81 12.49
N SER K 222 -32.99 61.65 12.22
CA SER K 222 -32.41 61.85 10.90
C SER K 222 -30.92 61.61 10.97
N THR K 223 -30.25 61.78 9.85
CA THR K 223 -28.80 61.86 9.89
C THR K 223 -28.26 62.52 8.63
N PHE K 224 -27.02 62.97 8.75
CA PHE K 224 -26.17 63.31 7.64
C PHE K 224 -24.84 62.65 7.89
N GLU K 225 -24.27 62.07 6.84
CA GLU K 225 -23.00 61.39 6.92
C GLU K 225 -22.28 61.61 5.61
N GLN K 226 -20.96 61.55 5.67
CA GLN K 226 -20.19 62.11 4.59
C GLN K 226 -18.77 61.57 4.64
N ASP K 227 -18.15 61.52 3.47
CA ASP K 227 -16.76 61.12 3.33
C ASP K 227 -15.91 62.37 3.12
N VAL K 228 -14.64 62.27 3.49
CA VAL K 228 -13.70 63.38 3.37
C VAL K 228 -12.31 62.81 3.14
N GLU K 229 -11.42 63.69 2.69
CA GLU K 229 -10.00 63.40 2.54
C GLU K 229 -9.24 64.40 3.39
N ILE K 230 -8.68 63.93 4.49
CA ILE K 230 -8.06 64.79 5.50
C ILE K 230 -6.55 64.66 5.40
N THR K 231 -5.87 65.77 5.67
CA THR K 231 -4.44 65.80 5.91
C THR K 231 -4.24 65.53 7.39
N LEU K 232 -4.20 64.26 7.76
CA LEU K 232 -4.05 63.82 9.14
C LEU K 232 -5.14 64.39 10.04
N GLN L 4 -34.45 66.59 -41.94
CA GLN L 4 -35.69 67.07 -41.34
C GLN L 4 -36.52 65.91 -40.81
N THR L 5 -35.84 64.91 -40.27
CA THR L 5 -36.46 63.69 -39.77
C THR L 5 -36.46 63.73 -38.26
N GLN L 6 -37.64 63.61 -37.67
CA GLN L 6 -37.82 63.71 -36.24
C GLN L 6 -38.70 62.56 -35.76
N GLU L 7 -38.31 61.96 -34.64
CA GLU L 7 -39.09 60.87 -34.09
C GLU L 7 -40.29 61.40 -33.34
N TYR L 8 -41.34 60.59 -33.31
CA TYR L 8 -42.60 60.98 -32.69
C TYR L 8 -43.29 59.73 -32.17
N THR L 9 -44.44 59.94 -31.55
CA THR L 9 -45.21 58.90 -30.90
C THR L 9 -46.66 59.00 -31.35
N LEU L 10 -47.31 57.85 -31.43
CA LEU L 10 -48.72 57.74 -31.80
C LEU L 10 -49.49 57.19 -30.61
N SER L 11 -50.81 57.09 -30.80
CA SER L 11 -51.70 56.70 -29.73
C SER L 11 -52.92 56.02 -30.32
N HIS L 12 -53.66 55.36 -29.44
CA HIS L 12 -55.00 54.93 -29.77
C HIS L 12 -55.99 56.07 -29.89
N THR L 13 -55.61 57.30 -29.57
CA THR L 13 -56.54 58.41 -29.58
C THR L 13 -55.87 59.68 -30.08
N GLY L 14 -56.56 60.36 -30.99
CA GLY L 14 -56.25 61.72 -31.40
C GLY L 14 -54.80 62.00 -31.66
N GLY L 15 -54.26 62.98 -30.93
CA GLY L 15 -52.86 63.26 -31.00
C GLY L 15 -52.48 63.99 -32.26
N LEU L 16 -51.87 63.25 -33.18
CA LEU L 16 -51.44 63.78 -34.46
C LEU L 16 -52.48 63.55 -35.54
N LEU L 17 -53.71 63.17 -35.16
CA LEU L 17 -54.73 62.78 -36.11
C LEU L 17 -56.12 63.32 -35.79
N GLY L 18 -56.33 63.92 -34.62
CA GLY L 18 -57.60 64.57 -34.34
C GLY L 18 -58.78 63.64 -34.21
N SER L 19 -58.55 62.34 -34.07
CA SER L 19 -59.62 61.36 -33.89
C SER L 19 -60.52 61.29 -35.10
N SER L 20 -60.00 61.65 -36.25
CA SER L 20 -60.69 61.60 -37.53
C SER L 20 -59.87 60.83 -38.56
N LYS L 21 -58.55 61.01 -38.55
CA LYS L 21 -57.63 60.20 -39.33
C LYS L 21 -57.19 58.95 -38.59
N VAL L 22 -57.94 58.55 -37.56
CA VAL L 22 -57.74 57.29 -36.87
C VAL L 22 -59.10 56.75 -36.52
N THR L 23 -59.20 55.43 -36.42
CA THR L 23 -60.39 54.80 -35.89
C THR L 23 -59.99 53.65 -34.98
N THR L 24 -60.92 53.27 -34.13
CA THR L 24 -60.82 52.09 -33.30
C THR L 24 -61.95 51.15 -33.68
N ALA L 25 -61.78 49.87 -33.35
CA ALA L 25 -62.80 48.91 -33.71
C ALA L 25 -62.60 47.63 -32.93
N SER L 26 -63.70 46.94 -32.69
CA SER L 26 -63.67 45.62 -32.10
C SER L 26 -63.31 44.61 -33.19
N ASN L 27 -63.50 43.33 -32.89
CA ASN L 27 -63.08 42.24 -33.76
C ASN L 27 -64.21 41.25 -33.93
N GLN L 28 -63.99 40.28 -34.81
CA GLN L 28 -64.92 39.18 -35.00
C GLN L 28 -64.53 38.02 -34.11
N THR L 29 -65.52 37.43 -33.46
CA THR L 29 -65.31 36.41 -32.45
C THR L 29 -65.89 35.06 -32.83
N ALA L 30 -67.15 35.02 -33.25
CA ALA L 30 -67.81 33.75 -33.53
C ALA L 30 -67.10 33.00 -34.66
N PRO L 31 -66.96 33.54 -35.86
CA PRO L 31 -65.84 33.13 -36.71
C PRO L 31 -64.60 33.93 -36.36
N GLN L 32 -63.55 33.27 -35.90
CA GLN L 32 -62.26 33.96 -35.77
C GLN L 32 -61.87 34.51 -37.13
N ARG L 33 -61.61 35.81 -37.18
CA ARG L 33 -61.10 36.43 -38.38
C ARG L 33 -59.98 37.37 -38.00
N GLU L 34 -58.95 37.40 -38.83
CA GLU L 34 -57.86 38.36 -38.69
C GLU L 34 -58.40 39.73 -39.12
N THR L 35 -59.17 40.32 -38.21
CA THR L 35 -59.86 41.57 -38.47
C THR L 35 -58.96 42.74 -38.11
N ALA L 36 -59.47 43.96 -38.33
CA ALA L 36 -58.79 45.19 -37.98
C ALA L 36 -59.47 45.83 -36.80
N ILE L 37 -58.67 46.44 -35.94
CA ILE L 37 -59.15 47.09 -34.72
C ILE L 37 -58.80 48.56 -34.76
N ILE L 38 -57.71 48.90 -35.45
CA ILE L 38 -57.17 50.25 -35.44
C ILE L 38 -56.46 50.51 -36.76
N SER L 39 -56.55 51.75 -37.21
CA SER L 39 -55.90 52.23 -38.40
C SER L 39 -54.98 53.39 -38.06
N PHE L 40 -54.28 53.86 -39.09
CA PHE L 40 -53.47 55.06 -39.01
C PHE L 40 -53.48 55.68 -40.40
N GLU L 41 -54.35 56.66 -40.61
CA GLU L 41 -54.36 57.42 -41.86
C GLU L 41 -53.37 58.56 -41.73
N VAL L 42 -52.60 58.78 -42.78
CA VAL L 42 -51.76 59.97 -42.78
C VAL L 42 -52.66 61.20 -42.80
N PRO L 43 -52.40 62.20 -41.97
CA PRO L 43 -53.25 63.38 -42.00
C PRO L 43 -52.84 64.34 -43.10
N ARG L 44 -53.47 65.52 -43.06
CA ARG L 44 -53.36 66.53 -44.09
C ARG L 44 -51.93 66.88 -44.48
N LYS L 45 -51.00 66.78 -43.54
CA LYS L 45 -49.80 67.60 -43.59
C LYS L 45 -48.58 66.85 -44.08
N PHE L 46 -48.38 65.64 -43.60
CA PHE L 46 -47.06 65.03 -43.65
C PHE L 46 -46.68 64.58 -45.04
N SER L 47 -45.37 64.55 -45.26
CA SER L 47 -44.84 64.01 -46.51
C SER L 47 -44.79 62.49 -46.46
N GLU L 48 -44.43 61.93 -45.31
CA GLU L 48 -44.36 60.48 -45.19
C GLU L 48 -44.23 60.12 -43.71
N ILE L 49 -44.34 58.83 -43.45
CA ILE L 49 -44.10 58.24 -42.15
C ILE L 49 -43.26 57.00 -42.40
N GLU L 50 -42.48 56.61 -41.39
CA GLU L 50 -41.62 55.44 -41.48
C GLU L 50 -41.75 54.62 -40.21
N TYR L 51 -41.87 53.32 -40.38
CA TYR L 51 -41.73 52.35 -39.29
C TYR L 51 -40.56 51.44 -39.59
N VAL L 52 -39.79 51.13 -38.55
CA VAL L 52 -38.69 50.20 -38.67
C VAL L 52 -38.66 49.33 -37.43
N GLY L 53 -39.19 48.12 -37.54
CA GLY L 53 -38.87 47.09 -36.58
C GLY L 53 -37.38 46.84 -36.52
N GLN L 54 -36.94 46.33 -35.37
CA GLN L 54 -35.54 46.19 -34.98
C GLN L 54 -34.87 47.53 -34.69
N ARG L 55 -35.58 48.64 -34.82
CA ARG L 55 -35.12 49.95 -34.40
C ARG L 55 -36.17 50.66 -33.56
N ASP L 56 -37.45 50.39 -33.84
CA ASP L 56 -38.56 51.15 -33.31
C ASP L 56 -39.32 50.31 -32.29
N ALA L 57 -40.02 51.00 -31.40
CA ALA L 57 -40.66 50.38 -30.25
C ALA L 57 -42.12 50.13 -30.51
N THR L 58 -42.84 49.69 -29.48
CA THR L 58 -44.26 49.39 -29.55
C THR L 58 -44.77 49.12 -28.14
N ARG L 59 -46.04 49.45 -27.90
CA ARG L 59 -46.73 49.09 -26.69
C ARG L 59 -48.18 48.80 -27.02
N PHE L 60 -48.78 47.83 -26.33
CA PHE L 60 -50.14 47.43 -26.62
C PHE L 60 -50.69 46.73 -25.39
N VAL L 61 -51.71 47.33 -24.77
CA VAL L 61 -52.31 46.83 -23.54
C VAL L 61 -53.75 46.49 -23.86
N PRO L 62 -54.05 45.25 -24.22
CA PRO L 62 -55.43 44.87 -24.54
C PRO L 62 -56.21 44.24 -23.40
N ARG L 63 -57.47 44.61 -23.28
CA ARG L 63 -58.38 44.02 -22.32
C ARG L 63 -59.71 43.74 -22.99
N THR L 64 -60.42 42.77 -22.43
CA THR L 64 -61.74 42.38 -22.87
C THR L 64 -62.78 42.93 -21.90
N THR L 65 -64.03 42.46 -22.04
CA THR L 65 -65.13 42.89 -21.21
C THR L 65 -66.06 41.71 -21.00
N GLU L 66 -66.76 41.70 -19.89
CA GLU L 66 -67.88 40.79 -19.71
C GLU L 66 -68.90 41.44 -18.79
N GLU L 67 -69.82 40.62 -18.27
CA GLU L 67 -70.88 41.07 -17.38
C GLU L 67 -71.19 39.92 -16.45
N ILE L 68 -71.15 40.16 -15.15
CA ILE L 68 -71.37 39.12 -14.15
C ILE L 68 -72.39 39.63 -13.14
N THR L 69 -73.45 38.87 -12.94
CA THR L 69 -74.46 39.24 -11.97
C THR L 69 -73.97 38.87 -10.57
N GLY L 70 -74.88 38.92 -9.59
CA GLY L 70 -74.59 38.47 -8.25
C GLY L 70 -75.73 37.64 -7.71
N THR L 71 -75.64 37.27 -6.44
CA THR L 71 -76.59 36.35 -5.85
C THR L 71 -76.66 36.65 -4.36
N ALA L 72 -77.80 36.28 -3.76
CA ALA L 72 -77.92 36.34 -2.31
C ALA L 72 -76.78 35.59 -1.65
N ASN L 73 -76.66 34.30 -1.94
CA ASN L 73 -75.48 33.53 -1.54
C ASN L 73 -74.40 33.64 -2.62
N ASP L 74 -73.94 34.89 -2.80
CA ASP L 74 -72.96 35.25 -3.81
C ASP L 74 -71.73 34.35 -3.76
N ASP L 75 -71.04 34.25 -4.89
CA ASP L 75 -70.02 33.23 -5.06
C ASP L 75 -68.64 33.71 -4.64
N THR L 76 -68.32 34.98 -4.94
CA THR L 76 -67.00 35.58 -4.79
C THR L 76 -66.04 35.08 -5.88
N VAL L 77 -66.46 34.10 -6.67
CA VAL L 77 -65.57 33.35 -7.55
C VAL L 77 -66.10 33.46 -8.97
N VAL L 78 -65.18 33.53 -9.93
CA VAL L 78 -65.54 33.64 -11.34
C VAL L 78 -64.59 32.77 -12.15
N GLN L 79 -65.07 32.41 -13.34
CA GLN L 79 -64.25 31.77 -14.36
C GLN L 79 -64.32 32.63 -15.61
N LEU L 80 -63.26 32.55 -16.42
CA LEU L 80 -63.16 33.38 -17.61
C LEU L 80 -62.72 32.53 -18.79
N GLN L 81 -63.37 32.77 -19.92
CA GLN L 81 -63.02 32.11 -21.19
C GLN L 81 -62.01 32.95 -21.95
N ALA L 82 -60.95 33.36 -21.25
CA ALA L 82 -59.90 34.17 -21.84
C ALA L 82 -58.68 33.96 -20.96
N ASN L 83 -57.66 33.30 -21.51
CA ASN L 83 -56.57 32.85 -20.66
C ASN L 83 -55.80 34.02 -20.11
N ILE L 84 -55.42 33.91 -18.86
CA ILE L 84 -54.78 34.97 -18.11
C ILE L 84 -53.34 34.58 -17.88
N GLN L 85 -52.47 35.56 -17.93
CA GLN L 85 -51.11 35.38 -17.50
C GLN L 85 -50.63 36.62 -16.77
N PRO L 86 -49.48 36.57 -16.13
CA PRO L 86 -48.87 37.80 -15.64
C PRO L 86 -48.33 38.63 -16.77
N ILE L 87 -47.61 39.68 -16.41
CA ILE L 87 -47.11 40.65 -17.38
C ILE L 87 -45.61 40.62 -17.28
N ALA L 88 -45.10 41.00 -16.12
CA ALA L 88 -43.67 40.98 -15.83
C ALA L 88 -43.54 40.27 -14.49
N GLY L 89 -43.51 38.96 -14.56
CA GLY L 89 -43.19 38.15 -13.40
C GLY L 89 -44.36 37.47 -12.75
N GLU L 90 -44.47 37.63 -11.44
CA GLU L 90 -45.44 36.93 -10.64
C GLU L 90 -46.84 37.47 -10.94
N GLU L 91 -47.85 36.72 -10.52
CA GLU L 91 -49.22 37.23 -10.39
C GLU L 91 -49.38 37.66 -8.94
N ASP L 92 -48.80 38.81 -8.62
CA ASP L 92 -49.05 39.54 -7.38
C ASP L 92 -49.55 40.92 -7.76
N MET L 93 -50.86 41.12 -7.66
CA MET L 93 -51.52 42.30 -8.21
C MET L 93 -50.91 43.61 -7.74
N ALA L 94 -50.27 43.60 -6.57
CA ALA L 94 -49.62 44.79 -6.08
C ALA L 94 -48.49 45.24 -7.00
N ASP L 95 -47.81 44.31 -7.66
CA ASP L 95 -46.55 44.58 -8.32
C ASP L 95 -46.52 43.93 -9.70
N GLN L 96 -47.56 44.13 -10.49
CA GLN L 96 -47.66 43.57 -11.84
C GLN L 96 -47.20 44.53 -12.93
N ASP L 97 -46.93 45.80 -12.59
CA ASP L 97 -46.63 46.92 -13.48
C ASP L 97 -47.86 47.46 -14.18
N TYR L 98 -48.98 46.74 -14.13
CA TYR L 98 -50.33 47.23 -14.25
C TYR L 98 -51.18 45.98 -14.03
N PRO L 99 -52.39 46.08 -13.50
CA PRO L 99 -53.13 44.88 -13.13
C PRO L 99 -53.47 44.05 -14.36
N VAL L 100 -53.69 42.77 -14.13
CA VAL L 100 -54.19 41.87 -15.16
C VAL L 100 -55.70 41.76 -15.13
N VAL L 101 -56.34 42.28 -14.09
CA VAL L 101 -57.79 42.30 -14.00
C VAL L 101 -58.21 43.64 -13.42
N VAL L 102 -59.35 44.11 -13.88
CA VAL L 102 -60.04 45.24 -13.29
C VAL L 102 -61.49 44.83 -13.12
N ALA L 103 -62.12 45.33 -12.07
CA ALA L 103 -63.51 45.02 -11.79
C ALA L 103 -64.21 46.28 -11.28
N TYR L 104 -65.52 46.30 -11.46
CA TYR L 104 -66.29 47.47 -11.06
C TYR L 104 -67.73 47.06 -10.89
N ASN L 105 -68.27 47.28 -9.70
CA ASN L 105 -69.69 47.07 -9.48
C ASN L 105 -70.48 48.24 -10.06
N VAL L 106 -71.66 47.92 -10.56
CA VAL L 106 -72.50 48.87 -11.26
C VAL L 106 -73.52 49.50 -10.32
N THR L 107 -74.22 48.66 -9.56
CA THR L 107 -75.14 49.17 -8.54
C THR L 107 -74.41 50.08 -7.58
N GLN L 108 -73.46 49.53 -6.85
CA GLN L 108 -72.51 50.35 -6.12
C GLN L 108 -71.48 50.84 -7.11
N GLY L 109 -71.54 52.13 -7.43
CA GLY L 109 -70.64 52.66 -8.42
C GLY L 109 -69.23 52.76 -7.87
N ALA L 110 -68.60 51.61 -7.66
CA ALA L 110 -67.35 51.53 -6.94
C ALA L 110 -66.55 50.34 -7.45
N GLN L 111 -65.26 50.37 -7.14
CA GLN L 111 -64.38 49.30 -7.52
C GLN L 111 -64.77 48.01 -6.81
N VAL L 112 -64.11 46.93 -7.24
CA VAL L 112 -64.27 45.62 -6.65
C VAL L 112 -62.87 45.03 -6.57
N GLU L 113 -62.31 44.98 -5.38
CA GLU L 113 -60.93 44.57 -5.21
C GLU L 113 -60.84 43.05 -5.20
N ILE L 114 -59.64 42.58 -5.51
CA ILE L 114 -59.37 41.16 -5.69
C ILE L 114 -58.66 40.64 -4.46
N ALA L 115 -58.99 39.41 -4.09
CA ALA L 115 -58.32 38.69 -3.01
C ALA L 115 -57.25 37.74 -3.53
N ASP L 116 -57.58 36.96 -4.55
CA ASP L 116 -56.68 35.92 -5.01
C ASP L 116 -57.12 35.47 -6.39
N VAL L 117 -56.20 34.86 -7.12
CA VAL L 117 -56.40 34.42 -8.49
C VAL L 117 -56.07 32.94 -8.55
N ASN L 118 -56.96 32.18 -9.19
CA ASN L 118 -56.61 30.83 -9.64
C ASN L 118 -55.93 31.01 -10.98
N TYR L 119 -54.62 30.85 -10.96
CA TYR L 119 -53.69 31.43 -11.92
C TYR L 119 -53.88 30.98 -13.35
N ALA L 120 -53.63 29.71 -13.64
CA ALA L 120 -53.78 29.15 -14.97
C ALA L 120 -55.11 28.44 -15.14
N THR L 121 -55.79 28.14 -14.04
CA THR L 121 -57.19 27.73 -14.08
C THR L 121 -58.08 28.76 -14.77
N ASP L 122 -57.64 30.01 -14.84
CA ASP L 122 -58.43 31.11 -15.43
C ASP L 122 -59.70 31.33 -14.63
N GLU L 123 -59.55 31.32 -13.31
CA GLU L 123 -60.59 31.67 -12.37
C GLU L 123 -60.02 32.65 -11.36
N VAL L 124 -60.92 33.40 -10.72
CA VAL L 124 -60.53 34.46 -9.80
C VAL L 124 -61.41 34.41 -8.57
N THR L 125 -60.80 34.74 -7.44
CA THR L 125 -61.48 35.02 -6.19
C THR L 125 -61.45 36.52 -5.95
N LEU L 126 -62.55 37.06 -5.44
CA LEU L 126 -62.65 38.47 -5.13
C LEU L 126 -62.53 38.72 -3.64
N ALA L 127 -62.39 39.99 -3.30
CA ALA L 127 -62.32 40.43 -1.92
C ALA L 127 -63.68 40.71 -1.32
N THR L 128 -64.65 41.11 -2.12
CA THR L 128 -65.92 41.63 -1.65
C THR L 128 -67.03 40.62 -1.91
N ASP L 129 -68.24 41.01 -1.53
CA ASP L 129 -69.42 40.16 -1.59
C ASP L 129 -70.51 40.86 -2.40
N PRO L 130 -70.70 40.50 -3.67
CA PRO L 130 -71.78 41.14 -4.44
C PRO L 130 -73.15 40.68 -3.97
N ALA L 131 -74.16 41.37 -4.46
CA ALA L 131 -75.54 41.19 -4.03
C ALA L 131 -76.37 40.57 -5.15
N ASP L 132 -77.55 40.10 -4.76
CA ASP L 132 -78.43 39.44 -5.70
C ASP L 132 -78.86 40.40 -6.79
N GLY L 133 -78.77 39.95 -8.03
CA GLY L 133 -79.09 40.80 -9.17
C GLY L 133 -78.17 41.97 -9.36
N ASP L 134 -77.02 41.99 -8.68
CA ASP L 134 -76.09 43.10 -8.78
C ASP L 134 -75.13 42.84 -9.92
N THR L 135 -74.92 43.87 -10.75
CA THR L 135 -74.10 43.75 -11.94
C THR L 135 -72.67 44.18 -11.65
N VAL L 136 -71.73 43.48 -12.28
CA VAL L 136 -70.31 43.80 -12.19
C VAL L 136 -69.74 43.68 -13.58
N LYS L 137 -68.84 44.60 -13.91
CA LYS L 137 -68.12 44.60 -15.17
C LYS L 137 -66.66 44.32 -14.89
N LEU L 138 -66.08 43.43 -15.68
CA LEU L 138 -64.69 43.03 -15.55
C LEU L 138 -63.95 43.43 -16.81
N TRP L 139 -62.63 43.51 -16.68
CA TRP L 139 -61.75 43.85 -17.79
C TRP L 139 -60.43 43.11 -17.63
N PRO L 140 -60.46 41.80 -17.77
CA PRO L 140 -59.21 41.05 -17.82
C PRO L 140 -58.45 41.39 -19.08
N ILE L 141 -57.19 40.98 -19.09
CA ILE L 141 -56.35 41.24 -20.24
C ILE L 141 -56.68 40.22 -21.31
N MET L 142 -56.18 40.45 -22.52
CA MET L 142 -56.45 39.58 -23.65
C MET L 142 -55.19 38.82 -24.01
N GLY L 143 -55.31 37.50 -24.06
CA GLY L 143 -54.25 36.64 -24.56
C GLY L 143 -54.80 35.68 -25.59
N ASP L 144 -53.90 34.80 -26.05
CA ASP L 144 -54.25 33.78 -27.03
C ASP L 144 -54.80 34.42 -28.31
N GLY L 145 -53.94 35.21 -28.94
CA GLY L 145 -54.32 35.88 -30.18
C GLY L 145 -53.11 36.40 -30.91
N GLU L 146 -53.21 36.50 -32.23
CA GLU L 146 -52.11 36.91 -33.08
C GLU L 146 -52.15 38.42 -33.29
N VAL L 147 -51.19 38.92 -34.08
CA VAL L 147 -51.23 40.31 -34.52
C VAL L 147 -50.34 40.43 -35.75
N GLN L 148 -50.73 41.32 -36.66
CA GLN L 148 -49.91 41.66 -37.80
C GLN L 148 -50.17 43.10 -38.21
N PHE L 149 -49.35 43.57 -39.13
CA PHE L 149 -49.51 44.86 -39.78
C PHE L 149 -49.77 44.66 -41.25
N ARG L 150 -50.32 45.69 -41.89
CA ARG L 150 -50.45 45.70 -43.33
C ARG L 150 -50.60 47.14 -43.79
N LEU L 151 -51.04 47.30 -45.04
CA LEU L 151 -50.98 48.58 -45.71
C LEU L 151 -52.11 48.66 -46.73
N VAL L 152 -52.43 49.89 -47.13
CA VAL L 152 -53.53 50.16 -48.05
C VAL L 152 -53.08 51.18 -49.08
N ASN L 153 -53.49 50.98 -50.32
CA ASN L 153 -53.17 51.89 -51.41
C ASN L 153 -54.32 52.85 -51.67
N GLN L 154 -54.72 53.59 -50.64
CA GLN L 154 -55.62 54.73 -50.79
C GLN L 154 -57.07 54.31 -51.06
N PHE L 155 -57.31 53.02 -51.30
CA PHE L 155 -58.63 52.46 -51.56
C PHE L 155 -58.96 51.34 -50.61
N GLY L 156 -58.05 50.39 -50.48
CA GLY L 156 -58.36 49.07 -50.00
C GLY L 156 -57.52 48.03 -50.71
N GLN L 157 -56.95 48.38 -51.87
CA GLN L 157 -55.98 47.48 -52.48
C GLN L 157 -54.76 47.41 -51.58
N GLU L 158 -54.59 46.29 -50.90
CA GLU L 158 -53.45 46.09 -50.03
C GLU L 158 -52.18 45.89 -50.86
N GLU L 159 -51.12 46.58 -50.47
CA GLU L 159 -49.79 46.20 -50.94
C GLU L 159 -49.44 44.80 -50.51
N GLY L 160 -49.92 44.38 -49.35
CA GLY L 160 -49.54 43.12 -48.77
C GLY L 160 -49.48 43.23 -47.27
N ARG L 161 -48.32 42.90 -46.71
CA ARG L 161 -48.12 42.95 -45.27
C ARG L 161 -46.70 43.35 -44.98
N VAL L 162 -46.51 43.90 -43.78
CA VAL L 162 -45.18 44.32 -43.36
C VAL L 162 -44.25 43.13 -43.29
N TYR L 163 -44.59 42.19 -42.44
CA TYR L 163 -43.79 41.03 -42.11
C TYR L 163 -44.75 39.87 -42.01
N PRO L 164 -44.60 38.82 -42.82
CA PRO L 164 -45.70 37.85 -42.96
C PRO L 164 -46.04 37.11 -41.70
N TRP L 165 -45.05 36.85 -40.86
CA TRP L 165 -45.28 36.06 -39.66
C TRP L 165 -45.90 36.90 -38.56
N ALA L 166 -46.73 36.25 -37.76
CA ALA L 166 -47.54 36.92 -36.76
C ALA L 166 -46.74 37.08 -35.47
N THR L 167 -47.43 37.44 -34.39
CA THR L 167 -46.86 37.57 -33.09
C THR L 167 -47.99 37.32 -32.09
N PRO L 168 -47.75 36.62 -30.99
CA PRO L 168 -48.82 36.39 -30.02
C PRO L 168 -48.87 37.38 -28.85
N LEU L 169 -50.06 37.48 -28.28
CA LEU L 169 -50.35 38.47 -27.26
C LEU L 169 -50.03 38.01 -25.85
N TYR L 170 -50.16 36.73 -25.54
CA TYR L 170 -49.66 36.27 -24.25
C TYR L 170 -48.17 36.58 -24.15
N ARG L 171 -47.45 36.35 -25.25
CA ARG L 171 -46.06 36.73 -25.35
C ARG L 171 -45.88 38.24 -25.19
N TRP L 172 -46.78 38.99 -25.81
CA TRP L 172 -46.74 40.44 -25.70
C TRP L 172 -46.77 40.88 -24.24
N HIS L 173 -47.74 40.36 -23.48
CA HIS L 173 -47.79 40.65 -22.06
C HIS L 173 -46.53 40.19 -21.36
N ASP L 174 -46.01 39.03 -21.75
CA ASP L 174 -44.90 38.42 -21.03
C ASP L 174 -43.68 39.31 -21.05
N PHE L 175 -43.26 39.74 -22.23
CA PHE L 175 -42.08 40.60 -22.29
C PHE L 175 -42.37 41.86 -21.49
N PRO L 176 -41.60 42.19 -20.46
CA PRO L 176 -41.87 43.42 -19.70
C PRO L 176 -41.64 44.62 -20.60
N GLN L 177 -42.69 45.39 -20.82
CA GLN L 177 -42.49 46.71 -21.37
C GLN L 177 -41.65 47.53 -20.41
N LEU L 178 -41.22 48.69 -20.88
CA LEU L 178 -40.49 49.63 -20.03
C LEU L 178 -39.20 49.05 -19.53
N LYS L 179 -38.33 48.62 -20.43
CA LYS L 179 -37.00 48.23 -20.03
C LYS L 179 -36.11 48.12 -21.27
N ARG L 180 -35.05 48.92 -21.31
CA ARG L 180 -34.18 48.97 -22.47
C ARG L 180 -33.59 47.59 -22.75
N GLY L 181 -33.57 47.23 -24.02
CA GLY L 181 -33.17 45.88 -24.42
C GLY L 181 -34.31 44.91 -24.34
N ARG L 182 -34.98 44.86 -23.19
CA ARG L 182 -36.17 44.04 -23.06
C ARG L 182 -37.38 44.66 -23.76
N GLU L 183 -37.23 45.84 -24.35
CA GLU L 183 -38.28 46.41 -25.18
C GLU L 183 -38.61 45.50 -26.35
N ILE L 184 -39.69 45.78 -27.03
CA ILE L 184 -40.05 45.11 -28.26
C ILE L 184 -39.42 45.84 -29.43
N ASN L 185 -38.96 45.08 -30.40
CA ASN L 185 -38.56 45.62 -31.69
C ASN L 185 -38.88 44.52 -32.70
N LEU L 186 -39.99 44.68 -33.41
CA LEU L 186 -40.45 43.68 -34.36
C LEU L 186 -39.55 43.72 -35.60
N HIS L 187 -39.98 43.03 -36.65
CA HIS L 187 -39.31 43.04 -37.93
C HIS L 187 -40.23 43.62 -38.98
N GLY L 188 -39.65 44.41 -39.86
CA GLY L 188 -40.40 45.17 -40.83
C GLY L 188 -39.75 46.51 -41.09
N SER L 189 -40.02 47.05 -42.26
CA SER L 189 -39.49 48.35 -42.65
C SER L 189 -40.34 48.83 -43.81
N VAL L 190 -40.98 49.99 -43.63
CA VAL L 190 -42.04 50.44 -44.50
C VAL L 190 -41.97 51.95 -44.65
N THR L 191 -42.91 52.48 -45.41
CA THR L 191 -43.10 53.91 -45.57
C THR L 191 -44.46 54.12 -46.20
N TRP L 192 -45.18 55.15 -45.75
CA TRP L 192 -46.46 55.44 -46.35
C TRP L 192 -46.75 56.94 -46.32
N GLN L 193 -47.15 57.46 -47.47
CA GLN L 193 -47.43 58.87 -47.66
C GLN L 193 -48.93 59.13 -47.45
N GLU L 194 -49.38 60.31 -47.84
CA GLU L 194 -50.75 60.76 -47.60
C GLU L 194 -51.79 59.74 -48.05
N ASN L 195 -52.72 59.45 -47.15
CA ASN L 195 -53.85 58.56 -47.36
C ASN L 195 -53.46 57.12 -47.66
N GLU L 196 -52.18 56.77 -47.53
CA GLU L 196 -51.73 55.38 -47.62
C GLU L 196 -51.79 54.80 -46.21
N THR L 197 -53.01 54.61 -45.75
CA THR L 197 -53.24 54.27 -44.35
C THR L 197 -52.66 52.90 -44.02
N VAL L 198 -52.40 52.73 -42.73
CA VAL L 198 -51.97 51.47 -42.15
C VAL L 198 -53.13 50.94 -41.34
N GLU L 199 -53.16 49.62 -41.17
CA GLU L 199 -54.15 48.99 -40.32
C GLU L 199 -53.50 47.85 -39.58
N VAL L 200 -53.64 47.84 -38.28
CA VAL L 200 -53.23 46.70 -37.49
C VAL L 200 -54.30 45.64 -37.63
N LEU L 201 -53.90 44.39 -37.52
CA LEU L 201 -54.82 43.27 -37.56
C LEU L 201 -54.58 42.33 -36.41
N LEU L 202 -55.67 41.69 -36.00
CA LEU L 202 -55.72 40.78 -34.88
C LEU L 202 -56.60 39.60 -35.24
N ASP L 203 -56.14 38.41 -34.92
CA ASP L 203 -56.91 37.19 -35.03
C ASP L 203 -56.97 36.52 -33.67
N ALA L 204 -58.17 36.40 -33.11
CA ALA L 204 -58.34 35.81 -31.80
C ALA L 204 -59.81 35.43 -31.63
N PRO L 205 -60.12 34.53 -30.70
CA PRO L 205 -61.52 34.24 -30.41
C PRO L 205 -62.20 35.39 -29.70
N GLN L 206 -61.51 35.93 -28.69
CA GLN L 206 -62.16 36.80 -27.75
C GLN L 206 -62.32 38.20 -28.32
N ALA L 207 -63.12 38.98 -27.62
CA ALA L 207 -63.40 40.34 -28.04
C ALA L 207 -62.22 41.23 -27.69
N ILE L 208 -62.42 42.53 -27.84
CA ILE L 208 -61.50 43.54 -27.37
C ILE L 208 -62.36 44.71 -26.90
N THR L 209 -61.77 45.62 -26.15
CA THR L 209 -62.49 46.77 -25.65
C THR L 209 -61.56 47.96 -25.63
N TRP L 210 -62.00 49.03 -26.26
CA TRP L 210 -61.32 50.31 -26.22
C TRP L 210 -61.93 51.25 -25.20
N GLU L 211 -63.25 51.25 -25.09
CA GLU L 211 -63.96 52.13 -24.18
C GLU L 211 -65.22 51.44 -23.70
N ASP L 212 -65.67 51.84 -22.51
CA ASP L 212 -67.01 51.49 -22.03
C ASP L 212 -67.76 52.66 -21.41
N ALA L 213 -67.09 53.76 -21.09
CA ALA L 213 -67.65 54.92 -20.41
C ALA L 213 -67.96 54.63 -18.94
N ASP L 214 -67.68 53.43 -18.45
CA ASP L 214 -67.80 53.10 -17.04
C ASP L 214 -66.52 52.49 -16.49
N TYR L 215 -65.53 52.22 -17.34
CA TYR L 215 -64.23 51.78 -16.88
C TYR L 215 -63.63 52.87 -15.98
N PRO L 216 -63.14 52.54 -14.81
CA PRO L 216 -62.70 53.60 -13.90
C PRO L 216 -61.45 54.33 -14.36
N GLU L 217 -60.44 53.59 -14.77
CA GLU L 217 -59.08 54.12 -14.88
C GLU L 217 -58.85 54.77 -16.24
N GLY L 218 -59.43 55.95 -16.38
CA GLY L 218 -59.01 56.88 -17.41
C GLY L 218 -59.65 56.73 -18.76
N GLN L 219 -60.92 56.33 -18.81
CA GLN L 219 -61.76 56.45 -20.00
C GLN L 219 -61.40 55.50 -21.13
N TYR L 220 -60.27 54.78 -21.02
CA TYR L 220 -59.75 54.01 -22.13
C TYR L 220 -59.33 52.65 -21.59
N VAL L 221 -60.08 51.63 -21.99
CA VAL L 221 -59.93 50.30 -21.43
C VAL L 221 -58.59 49.70 -21.84
N SER L 222 -58.23 49.88 -23.10
CA SER L 222 -57.03 49.34 -23.69
C SER L 222 -56.20 50.48 -24.25
N THR L 223 -55.07 50.13 -24.87
CA THR L 223 -54.38 51.10 -25.69
C THR L 223 -53.42 50.42 -26.64
N PHE L 224 -53.05 51.18 -27.65
CA PHE L 224 -51.91 50.91 -28.51
C PHE L 224 -51.14 52.20 -28.61
N GLU L 225 -49.82 52.08 -28.52
CA GLU L 225 -48.94 53.22 -28.60
C GLU L 225 -47.67 52.78 -29.30
N GLN L 226 -46.99 53.73 -29.92
CA GLN L 226 -46.00 53.34 -30.90
C GLN L 226 -45.09 54.52 -31.19
N ASP L 227 -43.87 54.19 -31.58
CA ASP L 227 -42.88 55.16 -31.99
C ASP L 227 -42.78 55.17 -33.51
N VAL L 228 -42.37 56.31 -34.06
CA VAL L 228 -42.23 56.47 -35.50
C VAL L 228 -41.10 57.45 -35.77
N GLU L 229 -40.65 57.46 -37.02
CA GLU L 229 -39.68 58.42 -37.53
C GLU L 229 -40.33 59.12 -38.70
N ILE L 230 -40.67 60.39 -38.50
CA ILE L 230 -41.45 61.16 -39.46
C ILE L 230 -40.55 62.16 -40.15
N THR L 231 -40.84 62.40 -41.42
CA THR L 231 -40.28 63.52 -42.17
C THR L 231 -41.19 64.72 -41.91
N LEU L 232 -40.92 65.42 -40.82
CA LEU L 232 -41.71 66.59 -40.41
C LEU L 232 -43.17 66.25 -40.23
N GLN M 4 -15.72 15.64 -30.58
CA GLN M 4 -16.89 14.87 -30.16
C GLN M 4 -17.16 15.09 -28.68
N THR M 5 -16.92 16.30 -28.21
CA THR M 5 -17.04 16.67 -26.81
C THR M 5 -18.31 17.49 -26.64
N GLN M 6 -19.19 17.04 -25.77
CA GLN M 6 -20.48 17.66 -25.55
C GLN M 6 -20.73 17.80 -24.06
N GLU M 7 -21.25 18.94 -23.66
CA GLU M 7 -21.55 19.18 -22.26
C GLU M 7 -22.84 18.51 -21.88
N TYR M 8 -22.94 18.13 -20.61
CA TYR M 8 -24.10 17.42 -20.10
C TYR M 8 -24.26 17.76 -18.62
N THR M 9 -25.30 17.19 -18.03
CA THR M 9 -25.69 17.45 -16.66
C THR M 9 -25.93 16.13 -15.94
N LEU M 10 -25.62 16.12 -14.66
CA LEU M 10 -25.82 14.98 -13.79
C LEU M 10 -26.87 15.31 -12.73
N SER M 11 -27.17 14.32 -11.91
CA SER M 11 -28.24 14.45 -10.93
C SER M 11 -27.94 13.55 -9.75
N HIS M 12 -28.67 13.80 -8.68
CA HIS M 12 -28.72 12.85 -7.58
C HIS M 12 -29.49 11.59 -7.93
N THR M 13 -30.13 11.50 -9.09
CA THR M 13 -30.95 10.34 -9.43
C THR M 13 -30.81 10.00 -10.89
N GLY M 14 -30.62 8.71 -11.15
CA GLY M 14 -30.74 8.13 -12.47
C GLY M 14 -30.08 8.90 -13.59
N GLY M 15 -30.89 9.25 -14.58
CA GLY M 15 -30.39 10.09 -15.65
C GLY M 15 -29.53 9.34 -16.61
N LEU M 16 -28.23 9.58 -16.51
CA LEU M 16 -27.23 8.95 -17.35
C LEU M 16 -26.65 7.70 -16.70
N LEU M 17 -27.27 7.21 -15.63
CA LEU M 17 -26.73 6.13 -14.83
C LEU M 17 -27.75 5.09 -14.40
N GLY M 18 -29.05 5.32 -14.61
CA GLY M 18 -30.05 4.30 -14.34
C GLY M 18 -30.21 3.93 -12.88
N SER M 19 -29.70 4.74 -11.96
CA SER M 19 -29.84 4.51 -10.53
C SER M 19 -29.17 3.22 -10.11
N SER M 20 -28.17 2.79 -10.85
CA SER M 20 -27.36 1.62 -10.56
C SER M 20 -25.88 1.95 -10.59
N LYS M 21 -25.46 2.82 -11.49
CA LYS M 21 -24.12 3.39 -11.50
C LYS M 21 -24.04 4.66 -10.66
N VAL M 22 -25.00 4.86 -9.76
CA VAL M 22 -24.95 5.95 -8.79
C VAL M 22 -25.54 5.40 -7.51
N THR M 23 -25.10 5.96 -6.38
CA THR M 23 -25.73 5.68 -5.11
C THR M 23 -25.83 6.97 -4.31
N THR M 24 -26.74 6.94 -3.35
CA THR M 24 -26.88 7.99 -2.35
C THR M 24 -26.61 7.38 -0.99
N ALA M 25 -26.28 8.24 -0.03
CA ALA M 25 -25.97 7.73 1.29
C ALA M 25 -25.99 8.86 2.30
N SER M 26 -26.32 8.50 3.53
CA SER M 26 -26.25 9.42 4.65
C SER M 26 -24.79 9.52 5.09
N ASN M 27 -24.57 10.10 6.26
CA ASN M 27 -23.23 10.37 6.76
C ASN M 27 -23.12 9.91 8.21
N GLN M 28 -21.90 10.00 8.74
CA GLN M 28 -21.63 9.71 10.14
C GLN M 28 -21.73 10.99 10.93
N THR M 29 -22.39 10.90 12.09
CA THR M 29 -22.72 12.06 12.90
C THR M 29 -22.06 12.01 14.27
N ALA M 30 -22.19 10.89 14.99
CA ALA M 30 -21.66 10.82 16.36
C ALA M 30 -20.16 11.03 16.38
N PRO M 31 -19.34 10.22 15.71
CA PRO M 31 -18.03 10.73 15.27
C PRO M 31 -18.18 11.44 13.94
N GLN M 32 -17.88 12.73 13.91
CA GLN M 32 -17.77 13.42 12.62
C GLN M 32 -16.74 12.71 11.77
N ARG M 33 -17.15 12.31 10.58
CA ARG M 33 -16.23 11.73 9.63
C ARG M 33 -16.51 12.33 8.27
N GLU M 34 -15.44 12.58 7.52
CA GLU M 34 -15.54 13.03 6.14
C GLU M 34 -15.97 11.82 5.31
N THR M 35 -17.26 11.52 5.41
CA THR M 35 -17.85 10.34 4.78
C THR M 35 -18.28 10.67 3.37
N ALA M 36 -18.81 9.66 2.67
CA ALA M 36 -19.35 9.82 1.33
C ALA M 36 -20.86 9.70 1.38
N ILE M 37 -21.51 10.49 0.53
CA ILE M 37 -22.96 10.55 0.47
C ILE M 37 -23.42 10.13 -0.93
N ILE M 38 -22.58 10.39 -1.93
CA ILE M 38 -22.95 10.18 -3.32
C ILE M 38 -21.69 9.84 -4.11
N SER M 39 -21.88 8.99 -5.11
CA SER M 39 -20.85 8.58 -6.04
C SER M 39 -21.27 8.92 -7.45
N PHE M 40 -20.35 8.64 -8.38
CA PHE M 40 -20.61 8.75 -9.81
C PHE M 40 -19.73 7.70 -10.48
N GLU M 41 -20.31 6.55 -10.77
CA GLU M 41 -19.61 5.51 -11.54
C GLU M 41 -19.81 5.79 -13.01
N VAL M 42 -18.75 5.66 -13.78
CA VAL M 42 -18.92 5.74 -15.23
C VAL M 42 -19.78 4.56 -15.67
N PRO M 43 -20.78 4.77 -16.51
CA PRO M 43 -21.57 3.63 -16.95
C PRO M 43 -20.92 2.90 -18.11
N ARG M 44 -21.69 1.98 -18.68
CA ARG M 44 -21.23 1.03 -19.69
C ARG M 44 -20.50 1.69 -20.85
N LYS M 45 -20.87 2.91 -21.21
CA LYS M 45 -20.71 3.39 -22.56
C LYS M 45 -19.53 4.30 -22.76
N PHE M 46 -19.33 5.24 -21.85
CA PHE M 46 -18.53 6.41 -22.13
C PHE M 46 -17.05 6.10 -22.19
N SER M 47 -16.34 6.91 -22.97
CA SER M 47 -14.89 6.83 -23.01
C SER M 47 -14.28 7.54 -21.83
N GLU M 48 -14.84 8.68 -21.44
CA GLU M 48 -14.31 9.43 -20.31
C GLU M 48 -15.31 10.51 -19.91
N ILE M 49 -15.02 11.13 -18.77
CA ILE M 49 -15.75 12.28 -18.27
C ILE M 49 -14.70 13.27 -17.82
N GLU M 50 -15.06 14.55 -17.84
CA GLU M 50 -14.16 15.62 -17.41
C GLU M 50 -14.92 16.59 -16.52
N TYR M 51 -14.27 16.97 -15.42
CA TYR M 51 -14.70 18.08 -14.60
C TYR M 51 -13.63 19.15 -14.60
N VAL M 52 -14.05 20.40 -14.68
CA VAL M 52 -13.13 21.53 -14.59
C VAL M 52 -13.78 22.62 -13.75
N GLY M 53 -13.37 22.70 -12.49
CA GLY M 53 -13.62 23.91 -11.73
C GLY M 53 -12.98 25.10 -12.39
N GLN M 54 -13.54 26.27 -12.11
CA GLN M 54 -13.26 27.55 -12.76
C GLN M 54 -13.79 27.61 -14.19
N ARG M 55 -14.44 26.55 -14.67
CA ARG M 55 -15.16 26.54 -15.93
C ARG M 55 -16.55 25.96 -15.77
N ASP M 56 -16.70 25.01 -14.85
CA ASP M 56 -17.89 24.19 -14.72
C ASP M 56 -18.66 24.58 -13.47
N ALA M 57 -19.95 24.28 -13.48
CA ALA M 57 -20.87 24.74 -12.46
C ALA M 57 -21.13 23.65 -11.43
N THR M 58 -22.07 23.92 -10.52
CA THR M 58 -22.43 22.99 -9.46
C THR M 58 -23.67 23.54 -8.76
N ARG M 59 -24.49 22.62 -8.24
CA ARG M 59 -25.62 22.96 -7.39
C ARG M 59 -25.77 21.86 -6.35
N PHE M 60 -26.17 22.25 -5.15
CA PHE M 60 -26.28 21.29 -4.05
C PHE M 60 -27.22 21.89 -3.01
N VAL M 61 -28.36 21.25 -2.80
CA VAL M 61 -29.39 21.73 -1.89
C VAL M 61 -29.55 20.68 -0.81
N PRO M 62 -28.85 20.79 0.31
CA PRO M 62 -28.96 19.80 1.38
C PRO M 62 -29.92 20.16 2.49
N ARG M 63 -30.66 19.16 2.96
CA ARG M 63 -31.56 19.31 4.09
C ARG M 63 -31.41 18.11 5.01
N THR M 64 -31.73 18.34 6.27
CA THR M 64 -31.71 17.32 7.30
C THR M 64 -33.15 16.89 7.62
N THR M 65 -33.31 16.13 8.69
CA THR M 65 -34.60 15.64 9.11
C THR M 65 -34.62 15.59 10.63
N GLU M 66 -35.81 15.71 11.20
CA GLU M 66 -36.00 15.42 12.61
C GLU M 66 -37.43 14.91 12.81
N GLU M 67 -37.87 14.90 14.07
CA GLU M 67 -39.19 14.46 14.44
C GLU M 67 -39.59 15.24 15.68
N ILE M 68 -40.75 15.90 15.63
CA ILE M 68 -41.22 16.75 16.72
C ILE M 68 -42.65 16.37 17.05
N THR M 69 -42.91 16.05 18.32
CA THR M 69 -44.25 15.72 18.74
C THR M 69 -45.06 17.00 18.93
N GLY M 70 -46.22 16.87 19.55
CA GLY M 70 -47.02 18.02 19.93
C GLY M 70 -47.55 17.88 21.33
N THR M 71 -48.41 18.79 21.74
CA THR M 71 -48.87 18.86 23.11
C THR M 71 -50.25 19.50 23.12
N ALA M 72 -51.03 19.18 24.15
CA ALA M 72 -52.29 19.88 24.37
C ALA M 72 -52.08 21.38 24.39
N ASN M 73 -51.24 21.86 25.29
CA ASN M 73 -50.79 23.26 25.27
C ASN M 73 -49.54 23.38 24.40
N ASP M 74 -49.74 23.06 23.12
CA ASP M 74 -48.68 23.04 22.11
C ASP M 74 -47.87 24.32 22.10
N ASP M 75 -46.64 24.23 21.64
CA ASP M 75 -45.67 25.30 21.83
C ASP M 75 -45.68 26.31 20.69
N THR M 76 -45.85 25.83 19.45
CA THR M 76 -45.70 26.58 18.21
C THR M 76 -44.24 26.88 17.90
N VAL M 77 -43.34 26.56 18.83
CA VAL M 77 -41.96 27.03 18.78
C VAL M 77 -41.05 25.82 18.83
N VAL M 78 -39.93 25.91 18.10
CA VAL M 78 -38.96 24.83 18.04
C VAL M 78 -37.57 25.42 18.06
N GLN M 79 -36.62 24.58 18.47
CA GLN M 79 -35.20 24.86 18.37
C GLN M 79 -34.56 23.75 17.55
N LEU M 80 -33.45 24.08 16.89
CA LEU M 80 -32.78 23.15 16.02
C LEU M 80 -31.28 23.16 16.28
N GLN M 81 -30.70 21.96 16.32
CA GLN M 81 -29.27 21.79 16.46
C GLN M 81 -28.59 21.73 15.10
N ALA M 82 -28.93 22.69 14.25
CA ALA M 82 -28.39 22.76 12.90
C ALA M 82 -28.55 24.21 12.47
N ASN M 83 -27.43 24.91 12.32
CA ASN M 83 -27.50 26.35 12.16
C ASN M 83 -28.16 26.68 10.83
N ILE M 84 -29.00 27.71 10.87
CA ILE M 84 -29.81 28.11 9.74
C ILE M 84 -29.27 29.44 9.24
N GLN M 85 -29.31 29.60 7.94
CA GLN M 85 -29.06 30.90 7.33
C GLN M 85 -30.01 31.09 6.16
N PRO M 86 -30.06 32.28 5.60
CA PRO M 86 -30.74 32.47 4.33
C PRO M 86 -29.95 31.86 3.20
N ILE M 87 -30.42 32.11 1.99
CA ILE M 87 -29.84 31.51 0.79
C ILE M 87 -29.33 32.65 -0.05
N ALA M 88 -30.25 33.49 -0.50
CA ALA M 88 -29.92 34.68 -1.29
C ALA M 88 -30.67 35.81 -0.62
N GLY M 89 -30.05 36.36 0.40
CA GLY M 89 -30.54 37.58 1.00
C GLY M 89 -31.24 37.41 2.32
N GLU M 90 -32.42 38.00 2.43
CA GLU M 90 -33.16 38.04 3.68
C GLU M 90 -33.68 36.66 4.02
N GLU M 91 -34.10 36.51 5.27
CA GLU M 91 -34.95 35.39 5.69
C GLU M 91 -36.38 35.89 5.63
N ASP M 92 -36.90 35.98 4.41
CA ASP M 92 -38.33 36.18 4.14
C ASP M 92 -38.78 35.01 3.28
N MET M 93 -39.47 34.05 3.91
CA MET M 93 -39.76 32.77 3.30
C MET M 93 -40.47 32.90 1.95
N ALA M 94 -41.17 34.01 1.74
CA ALA M 94 -41.83 34.23 0.46
C ALA M 94 -40.83 34.32 -0.69
N ASP M 95 -39.63 34.84 -0.42
CA ASP M 95 -38.71 35.25 -1.47
C ASP M 95 -37.29 34.80 -1.15
N GLN M 96 -37.14 33.52 -0.80
CA GLN M 96 -35.84 32.95 -0.48
C GLN M 96 -35.16 32.25 -1.67
N ASP M 97 -35.87 32.08 -2.79
CA ASP M 97 -35.49 31.31 -3.97
C ASP M 97 -35.62 29.81 -3.77
N TYR M 98 -35.79 29.36 -2.54
CA TYR M 98 -36.43 28.12 -2.14
C TYR M 98 -36.41 28.19 -0.62
N PRO M 99 -37.36 27.58 0.08
CA PRO M 99 -37.43 27.78 1.53
C PRO M 99 -36.21 27.20 2.22
N VAL M 100 -35.94 27.74 3.41
CA VAL M 100 -34.90 27.20 4.28
C VAL M 100 -35.46 26.19 5.26
N VAL M 101 -36.79 26.07 5.37
CA VAL M 101 -37.43 25.10 6.22
C VAL M 101 -38.63 24.55 5.47
N VAL M 102 -38.90 23.28 5.71
CA VAL M 102 -40.13 22.63 5.29
C VAL M 102 -40.65 21.87 6.49
N ALA M 103 -41.96 21.79 6.60
CA ALA M 103 -42.60 21.09 7.70
C ALA M 103 -43.81 20.34 7.18
N TYR M 104 -44.18 19.29 7.91
CA TYR M 104 -45.30 18.47 7.49
C TYR M 104 -45.83 17.71 8.68
N ASN M 105 -47.11 17.89 8.98
CA ASN M 105 -47.75 17.10 10.01
C ASN M 105 -48.05 15.72 9.47
N VAL M 106 -47.98 14.73 10.36
CA VAL M 106 -48.13 13.34 10.00
C VAL M 106 -49.56 12.86 10.22
N THR M 107 -50.10 13.15 11.41
CA THR M 107 -51.50 12.84 11.69
C THR M 107 -52.39 13.49 10.65
N GLN M 108 -52.40 14.82 10.62
CA GLN M 108 -52.97 15.56 9.51
C GLN M 108 -51.97 15.52 8.37
N GLY M 109 -52.27 14.73 7.35
CA GLY M 109 -51.34 14.60 6.25
C GLY M 109 -51.29 15.86 5.42
N ALA M 110 -50.72 16.92 6.00
CA ALA M 110 -50.80 18.25 5.42
C ALA M 110 -49.57 19.04 5.82
N GLN M 111 -49.35 20.12 5.09
CA GLN M 111 -48.24 21.00 5.37
C GLN M 111 -48.42 21.68 6.72
N VAL M 112 -47.38 22.38 7.13
CA VAL M 112 -47.36 23.15 8.36
C VAL M 112 -46.64 24.44 8.02
N GLU M 113 -47.39 25.52 7.89
CA GLU M 113 -46.81 26.77 7.43
C GLU M 113 -46.14 27.50 8.58
N ILE M 114 -45.23 28.39 8.20
CA ILE M 114 -44.37 29.09 9.15
C ILE M 114 -44.89 30.50 9.31
N ALA M 115 -44.80 31.01 10.54
CA ALA M 115 -45.13 32.39 10.86
C ALA M 115 -43.89 33.27 10.92
N ASP M 116 -42.86 32.81 11.60
CA ASP M 116 -41.69 33.64 11.84
C ASP M 116 -40.55 32.75 12.27
N VAL M 117 -39.33 33.27 12.10
CA VAL M 117 -38.11 32.56 12.40
C VAL M 117 -37.30 33.38 13.38
N ASN M 118 -36.79 32.74 14.43
CA ASN M 118 -35.73 33.31 15.24
C ASN M 118 -34.43 32.97 14.51
N TYR M 119 -33.87 33.99 13.88
CA TYR M 119 -32.97 33.87 12.75
C TYR M 119 -31.68 33.12 13.03
N ALA M 120 -30.82 33.70 13.86
CA ALA M 120 -29.55 33.09 14.21
C ALA M 120 -29.62 32.36 15.53
N THR M 121 -30.66 32.61 16.32
CA THR M 121 -31.00 31.78 17.46
C THR M 121 -31.21 30.32 17.08
N ASP M 122 -31.51 30.04 15.81
CA ASP M 122 -31.79 28.69 15.32
C ASP M 122 -33.03 28.13 16.01
N GLU M 123 -34.06 28.97 16.09
CA GLU M 123 -35.38 28.61 16.55
C GLU M 123 -36.39 29.15 15.58
N VAL M 124 -37.59 28.55 15.59
CA VAL M 124 -38.63 28.87 14.63
C VAL M 124 -39.96 28.96 15.35
N THR M 125 -40.79 29.88 14.87
CA THR M 125 -42.20 29.96 15.23
C THR M 125 -43.02 29.48 14.05
N LEU M 126 -44.09 28.75 14.33
CA LEU M 126 -44.98 28.23 13.31
C LEU M 126 -46.26 29.04 13.24
N ALA M 127 -47.02 28.78 12.17
CA ALA M 127 -48.31 29.41 11.96
C ALA M 127 -49.44 28.66 12.63
N THR M 128 -49.32 27.34 12.76
CA THR M 128 -50.42 26.49 13.17
C THR M 128 -50.21 25.99 14.59
N ASP M 129 -51.16 25.16 15.04
CA ASP M 129 -51.21 24.66 16.41
C ASP M 129 -51.25 23.14 16.39
N PRO M 130 -50.14 22.44 16.62
CA PRO M 130 -50.19 20.98 16.64
C PRO M 130 -50.91 20.48 17.87
N ALA M 131 -51.19 19.17 17.86
CA ALA M 131 -52.00 18.52 18.86
C ALA M 131 -51.14 17.58 19.71
N ASP M 132 -51.71 17.17 20.83
CA ASP M 132 -51.00 16.30 21.75
C ASP M 132 -50.68 14.97 21.09
N GLY M 133 -49.44 14.53 21.23
CA GLY M 133 -48.98 13.31 20.60
C GLY M 133 -48.96 13.35 19.09
N ASP M 134 -49.09 14.53 18.49
CA ASP M 134 -49.12 14.66 17.05
C ASP M 134 -47.70 14.82 16.53
N THR M 135 -47.37 14.07 15.48
CA THR M 135 -46.03 14.04 14.94
C THR M 135 -45.90 15.02 13.79
N VAL M 136 -44.72 15.65 13.71
CA VAL M 136 -44.38 16.56 12.63
C VAL M 136 -42.97 16.25 12.20
N LYS M 137 -42.74 16.31 10.90
CA LYS M 137 -41.43 16.12 10.31
C LYS M 137 -40.97 17.43 9.70
N LEU M 138 -39.73 17.79 9.98
CA LEU M 138 -39.14 19.02 9.48
C LEU M 138 -37.97 18.68 8.57
N TRP M 139 -37.61 19.65 7.75
CA TRP M 139 -36.50 19.51 6.80
C TRP M 139 -35.81 20.85 6.65
N PRO M 140 -35.15 21.33 7.69
CA PRO M 140 -34.32 22.51 7.55
C PRO M 140 -33.14 22.20 6.66
N ILE M 141 -32.47 23.26 6.24
CA ILE M 141 -31.30 23.11 5.38
C ILE M 141 -30.12 22.72 6.26
N MET M 142 -29.05 22.31 5.61
CA MET M 142 -27.85 21.86 6.31
C MET M 142 -26.76 22.88 6.13
N GLY M 143 -26.19 23.34 7.26
CA GLY M 143 -25.02 24.19 7.25
C GLY M 143 -23.97 23.65 8.20
N ASP M 144 -22.88 24.40 8.31
CA ASP M 144 -21.77 24.05 9.20
C ASP M 144 -21.22 22.68 8.85
N GLY M 145 -20.69 22.58 7.64
CA GLY M 145 -20.11 21.35 7.15
C GLY M 145 -19.26 21.57 5.93
N GLU M 146 -18.26 20.72 5.74
CA GLU M 146 -17.32 20.85 4.64
C GLU M 146 -17.79 20.05 3.44
N VAL M 147 -16.99 20.08 2.37
CA VAL M 147 -17.22 19.22 1.24
C VAL M 147 -15.93 19.11 0.44
N GLN M 148 -15.71 17.94 -0.15
CA GLN M 148 -14.58 17.74 -1.05
C GLN M 148 -14.96 16.71 -2.10
N PHE M 149 -14.08 16.57 -3.09
CA PHE M 149 -14.16 15.54 -4.11
C PHE M 149 -12.96 14.62 -3.99
N ARG M 150 -13.09 13.43 -4.57
CA ARG M 150 -11.96 12.53 -4.68
C ARG M 150 -12.23 11.54 -5.81
N LEU M 151 -11.46 10.47 -5.85
CA LEU M 151 -11.43 9.58 -6.99
C LEU M 151 -11.05 8.18 -6.52
N VAL M 152 -11.36 7.20 -7.37
CA VAL M 152 -11.15 5.79 -7.05
C VAL M 152 -10.56 5.11 -8.28
N ASN M 153 -9.62 4.20 -8.04
CA ASN M 153 -8.98 3.43 -9.09
C ASN M 153 -9.61 2.06 -9.21
N GLN M 154 -10.93 2.03 -9.44
CA GLN M 154 -11.64 0.82 -9.83
C GLN M 154 -11.80 -0.19 -8.68
N PHE M 155 -11.16 0.07 -7.55
CA PHE M 155 -11.21 -0.77 -6.36
C PHE M 155 -11.65 0.00 -5.12
N GLY M 156 -11.00 1.13 -4.90
CA GLY M 156 -10.96 1.75 -3.60
C GLY M 156 -9.62 2.40 -3.36
N GLN M 157 -8.59 2.02 -4.12
CA GLN M 157 -7.33 2.76 -4.06
C GLN M 157 -7.56 4.15 -4.61
N GLU M 158 -7.59 5.12 -3.72
CA GLU M 158 -7.77 6.50 -4.13
C GLU M 158 -6.53 7.04 -4.82
N GLU M 159 -6.73 7.72 -5.94
CA GLU M 159 -5.67 8.55 -6.48
C GLU M 159 -5.30 9.65 -5.51
N GLY M 160 -6.26 10.13 -4.75
CA GLY M 160 -6.06 11.27 -3.88
C GLY M 160 -7.31 12.11 -3.82
N ARG M 161 -7.19 13.38 -4.16
CA ARG M 161 -8.32 14.29 -4.13
C ARG M 161 -8.17 15.31 -5.24
N VAL M 162 -9.31 15.87 -5.63
CA VAL M 162 -9.32 16.85 -6.71
C VAL M 162 -8.51 18.07 -6.29
N TYR M 163 -8.95 18.71 -5.23
CA TYR M 163 -8.42 19.96 -4.73
C TYR M 163 -8.39 19.83 -3.22
N PRO M 164 -7.22 19.94 -2.58
CA PRO M 164 -7.11 19.50 -1.19
C PRO M 164 -7.98 20.29 -0.22
N TRP M 165 -8.17 21.57 -0.48
CA TRP M 165 -8.91 22.40 0.44
C TRP M 165 -10.41 22.22 0.28
N ALA M 166 -11.11 22.36 1.39
CA ALA M 166 -12.52 22.05 1.46
C ALA M 166 -13.34 23.26 1.03
N THR M 167 -14.65 23.21 1.30
CA THR M 167 -15.55 24.29 1.02
C THR M 167 -16.70 24.15 2.02
N PRO M 168 -17.21 25.23 2.60
CA PRO M 168 -18.34 25.12 3.52
C PRO M 168 -19.73 25.30 2.92
N LEU M 169 -20.69 24.73 3.62
CA LEU M 169 -22.07 24.66 3.14
C LEU M 169 -22.90 25.87 3.50
N TYR M 170 -22.66 26.51 4.64
CA TYR M 170 -23.34 27.78 4.88
C TYR M 170 -22.98 28.75 3.77
N ARG M 171 -21.70 28.76 3.38
CA ARG M 171 -21.24 29.53 2.23
C ARG M 171 -21.94 29.09 0.97
N TRP M 172 -22.10 27.78 0.81
CA TRP M 172 -22.78 27.25 -0.36
C TRP M 172 -24.18 27.84 -0.49
N HIS M 173 -24.95 27.80 0.58
CA HIS M 173 -26.26 28.42 0.58
C HIS M 173 -26.15 29.92 0.29
N ASP M 174 -25.14 30.56 0.86
CA ASP M 174 -25.05 32.02 0.79
C ASP M 174 -24.93 32.50 -0.64
N PHE M 175 -23.99 31.94 -1.39
CA PHE M 175 -23.85 32.38 -2.77
C PHE M 175 -25.15 32.06 -3.52
N PRO M 176 -25.84 33.05 -4.08
CA PRO M 176 -27.07 32.74 -4.81
C PRO M 176 -26.75 31.89 -6.02
N GLN M 177 -27.30 30.69 -6.05
CA GLN M 177 -27.33 29.95 -7.29
C GLN M 177 -28.15 30.73 -8.31
N LEU M 178 -28.08 30.28 -9.54
CA LEU M 178 -28.89 30.84 -10.61
C LEU M 178 -28.56 32.31 -10.85
N LYS M 179 -27.30 32.60 -11.13
CA LYS M 179 -26.94 33.94 -11.56
C LYS M 179 -25.55 33.93 -12.15
N ARG M 180 -25.44 34.32 -13.42
CA ARG M 180 -24.17 34.27 -14.13
C ARG M 180 -23.13 35.13 -13.41
N GLY M 181 -21.93 34.59 -13.30
CA GLY M 181 -20.88 35.24 -12.52
C GLY M 181 -20.97 34.89 -11.07
N ARG M 182 -22.16 35.07 -10.47
CA ARG M 182 -22.37 34.65 -9.10
C ARG M 182 -22.54 33.15 -8.97
N GLU M 183 -22.49 32.41 -10.09
CA GLU M 183 -22.45 30.95 -10.03
C GLU M 183 -21.24 30.47 -9.27
N ILE M 184 -21.22 29.20 -8.95
CA ILE M 184 -20.07 28.54 -8.36
C ILE M 184 -19.18 28.02 -9.47
N ASN M 185 -17.87 28.15 -9.25
CA ASN M 185 -16.88 27.48 -10.09
C ASN M 185 -15.72 27.16 -9.16
N LEU M 186 -15.63 25.91 -8.72
CA LEU M 186 -14.61 25.49 -7.79
C LEU M 186 -13.26 25.43 -8.51
N HIS M 187 -12.27 24.84 -7.85
CA HIS M 187 -10.96 24.61 -8.42
C HIS M 187 -10.71 23.11 -8.48
N GLY M 188 -10.09 22.69 -9.57
CA GLY M 188 -9.91 21.29 -9.86
C GLY M 188 -10.01 21.03 -11.34
N SER M 189 -9.38 19.94 -11.77
CA SER M 189 -9.39 19.55 -13.18
C SER M 189 -8.99 18.09 -13.20
N VAL M 190 -9.85 17.24 -13.73
CA VAL M 190 -9.75 15.80 -13.58
C VAL M 190 -10.24 15.12 -14.85
N THR M 191 -10.20 13.80 -14.82
CA THR M 191 -10.74 12.96 -15.87
C THR M 191 -10.84 11.55 -15.31
N TRP M 192 -11.91 10.84 -15.65
CA TRP M 192 -12.03 9.47 -15.21
C TRP M 192 -12.81 8.64 -16.22
N GLN M 193 -12.24 7.49 -16.56
CA GLN M 193 -12.79 6.58 -17.54
C GLN M 193 -13.64 5.52 -16.83
N GLU M 194 -14.00 4.46 -17.57
CA GLU M 194 -14.91 3.43 -17.08
C GLU M 194 -14.52 2.88 -15.72
N ASN M 195 -15.49 2.85 -14.82
CA ASN M 195 -15.38 2.31 -13.46
C ASN M 195 -14.37 3.06 -12.60
N GLU M 196 -13.84 4.18 -13.06
CA GLU M 196 -13.02 5.05 -12.22
C GLU M 196 -13.94 6.05 -11.53
N THR M 197 -14.72 5.51 -10.60
CA THR M 197 -15.80 6.27 -10.01
C THR M 197 -15.28 7.46 -9.22
N VAL M 198 -16.16 8.43 -9.06
CA VAL M 198 -15.94 9.61 -8.25
C VAL M 198 -16.82 9.47 -7.02
N GLU M 199 -16.42 10.12 -5.94
CA GLU M 199 -17.25 10.16 -4.74
C GLU M 199 -17.11 11.53 -4.11
N VAL M 200 -18.23 12.15 -3.86
CA VAL M 200 -18.24 13.37 -3.08
C VAL M 200 -18.09 12.99 -1.62
N LEU M 201 -17.50 13.89 -0.85
CA LEU M 201 -17.36 13.70 0.58
C LEU M 201 -17.81 14.91 1.35
N LEU M 202 -18.29 14.63 2.55
CA LEU M 202 -18.85 15.62 3.45
C LEU M 202 -18.40 15.29 4.86
N ASP M 203 -17.99 16.33 5.58
CA ASP M 203 -17.68 16.24 7.00
C ASP M 203 -18.54 17.24 7.75
N ALA M 204 -19.41 16.75 8.62
CA ALA M 204 -20.30 17.62 9.37
C ALA M 204 -20.86 16.84 10.55
N PRO M 205 -21.35 17.52 11.58
CA PRO M 205 -22.02 16.81 12.68
C PRO M 205 -23.34 16.23 12.25
N GLN M 206 -24.12 17.05 11.55
CA GLN M 206 -25.52 16.73 11.36
C GLN M 206 -25.69 15.69 10.26
N ALA M 207 -26.91 15.18 10.20
CA ALA M 207 -27.25 14.15 9.23
C ALA M 207 -27.45 14.80 7.87
N ILE M 208 -27.96 14.01 6.93
CA ILE M 208 -28.41 14.50 5.64
C ILE M 208 -29.62 13.63 5.29
N THR M 209 -30.40 14.08 4.31
CA THR M 209 -31.57 13.36 3.88
C THR M 209 -31.73 13.52 2.39
N TRP M 210 -31.83 12.39 1.70
CA TRP M 210 -32.13 12.33 0.28
C TRP M 210 -33.60 12.06 0.04
N GLU M 211 -34.20 11.19 0.83
CA GLU M 211 -35.60 10.81 0.67
C GLU M 211 -36.19 10.47 2.03
N ASP M 212 -37.50 10.64 2.14
CA ASP M 212 -38.27 10.12 3.26
C ASP M 212 -39.55 9.42 2.85
N ALA M 213 -40.03 9.60 1.61
CA ALA M 213 -41.29 9.09 1.11
C ALA M 213 -42.49 9.79 1.72
N ASP M 214 -42.29 10.79 2.58
CA ASP M 214 -43.35 11.63 3.10
C ASP M 214 -43.05 13.11 2.89
N TYR M 215 -41.86 13.45 2.42
CA TYR M 215 -41.55 14.83 2.07
C TYR M 215 -42.50 15.28 0.97
N PRO M 216 -43.15 16.42 1.09
CA PRO M 216 -44.17 16.79 0.11
C PRO M 216 -43.62 17.10 -1.27
N GLU M 217 -42.56 17.91 -1.32
CA GLU M 217 -42.19 18.59 -2.56
C GLU M 217 -41.26 17.71 -3.39
N GLY M 218 -41.86 16.70 -4.02
CA GLY M 218 -41.24 16.04 -5.14
C GLY M 218 -40.32 14.89 -4.83
N GLN M 219 -40.60 14.14 -3.76
CA GLN M 219 -40.00 12.83 -3.52
C GLN M 219 -38.53 12.87 -3.13
N TYR M 220 -37.89 14.03 -3.20
CA TYR M 220 -36.44 14.13 -3.04
C TYR M 220 -36.15 15.30 -2.13
N VAL M 221 -35.68 14.99 -0.93
CA VAL M 221 -35.53 15.99 0.11
C VAL M 221 -34.42 16.96 -0.25
N SER M 222 -33.33 16.45 -0.78
CA SER M 222 -32.15 17.21 -1.13
C SER M 222 -31.84 16.99 -2.60
N THR M 223 -30.76 17.61 -3.07
CA THR M 223 -30.23 17.21 -4.35
C THR M 223 -28.79 17.66 -4.50
N PHE M 224 -28.13 17.03 -5.46
CA PHE M 224 -26.89 17.49 -6.03
C PHE M 224 -27.04 17.41 -7.53
N GLU M 225 -26.56 18.46 -8.19
CA GLU M 225 -26.63 18.54 -9.64
C GLU M 225 -25.38 19.25 -10.12
N GLN M 226 -25.01 18.96 -11.35
CA GLN M 226 -23.65 19.29 -11.76
C GLN M 226 -23.56 19.27 -13.28
N ASP M 227 -22.63 20.06 -13.79
CA ASP M 227 -22.33 20.13 -15.20
C ASP M 227 -21.05 19.35 -15.47
N VAL M 228 -20.91 18.84 -16.68
CA VAL M 228 -19.74 18.07 -17.09
C VAL M 228 -19.50 18.29 -18.57
N GLU M 229 -18.30 17.91 -19.00
CA GLU M 229 -17.92 17.91 -20.41
C GLU M 229 -17.51 16.49 -20.75
N ILE M 230 -18.33 15.80 -21.53
CA ILE M 230 -18.17 14.39 -21.81
C ILE M 230 -17.69 14.22 -23.24
N THR M 231 -16.85 13.20 -23.41
CA THR M 231 -16.49 12.69 -24.74
C THR M 231 -17.55 11.68 -25.11
N LEU M 232 -18.64 12.17 -25.70
CA LEU M 232 -19.77 11.34 -26.11
C LEU M 232 -20.35 10.53 -24.95
N GLN N 4 61.41 70.46 58.51
CA GLN N 4 61.05 70.23 59.90
C GLN N 4 59.55 70.45 60.12
N THR N 5 58.76 70.08 59.11
CA THR N 5 57.32 70.29 59.12
C THR N 5 56.64 68.96 59.37
N GLN N 6 55.82 68.91 60.41
CA GLN N 6 55.15 67.70 60.83
C GLN N 6 53.69 67.98 61.08
N GLU N 7 52.83 67.08 60.64
CA GLU N 7 51.40 67.25 60.84
C GLU N 7 51.02 66.85 62.25
N TYR N 8 49.97 67.48 62.75
CA TYR N 8 49.51 67.24 64.11
C TYR N 8 48.02 67.47 64.17
N THR N 9 47.46 67.27 65.35
CA THR N 9 46.03 67.34 65.59
C THR N 9 45.78 68.20 66.83
N LEU N 10 44.65 68.91 66.80
CA LEU N 10 44.20 69.75 67.89
C LEU N 10 42.91 69.20 68.46
N SER N 11 42.43 69.85 69.51
CA SER N 11 41.28 69.37 70.24
C SER N 11 40.56 70.54 70.87
N HIS N 12 39.34 70.27 71.30
CA HIS N 12 38.64 71.19 72.18
C HIS N 12 39.24 71.24 73.58
N THR N 13 40.21 70.40 73.91
CA THR N 13 40.75 70.37 75.27
C THR N 13 42.24 70.12 75.23
N GLY N 14 42.97 70.91 76.02
CA GLY N 14 44.35 70.69 76.37
C GLY N 14 45.25 70.29 75.22
N GLY N 15 45.88 69.15 75.36
CA GLY N 15 46.67 68.62 74.27
C GLY N 15 47.99 69.32 74.12
N LEU N 16 48.07 70.16 73.10
CA LEU N 16 49.25 70.94 72.80
C LEU N 16 49.19 72.33 73.41
N LEU N 17 48.24 72.56 74.33
CA LEU N 17 47.98 73.88 74.87
C LEU N 17 47.75 73.91 76.38
N GLY N 18 47.59 72.76 77.03
CA GLY N 18 47.50 72.74 78.47
C GLY N 18 46.26 73.36 79.05
N SER N 19 45.23 73.61 78.23
CA SER N 19 43.97 74.17 78.70
C SER N 19 44.14 75.58 79.26
N SER N 20 45.17 76.26 78.80
CA SER N 20 45.46 77.64 79.17
C SER N 20 45.66 78.51 77.94
N LYS N 21 46.28 77.96 76.90
CA LYS N 21 46.36 78.60 75.60
C LYS N 21 45.17 78.23 74.71
N VAL N 22 44.09 77.74 75.31
CA VAL N 22 42.84 77.50 74.62
C VAL N 22 41.72 77.87 75.58
N THR N 23 40.59 78.27 75.02
CA THR N 23 39.39 78.46 75.81
C THR N 23 38.20 77.92 75.04
N THR N 24 37.13 77.64 75.78
CA THR N 24 35.85 77.30 75.23
C THR N 24 34.85 78.35 75.68
N ALA N 25 33.74 78.44 74.95
CA ALA N 25 32.76 79.45 75.30
C ALA N 25 31.44 79.15 74.61
N SER N 26 30.36 79.57 75.25
CA SER N 26 29.04 79.50 74.67
C SER N 26 28.89 80.66 73.69
N ASN N 27 27.66 80.91 73.27
CA ASN N 27 27.36 81.91 72.25
C ASN N 27 26.21 82.79 72.69
N GLN N 28 25.93 83.82 71.90
CA GLN N 28 24.80 84.69 72.11
C GLN N 28 23.61 84.17 71.34
N THR N 29 22.45 84.17 72.00
CA THR N 29 21.24 83.56 71.47
C THR N 29 20.13 84.57 71.24
N ALA N 30 19.82 85.39 72.24
CA ALA N 30 18.69 86.31 72.13
C ALA N 30 18.89 87.30 70.97
N PRO N 31 19.94 88.11 70.94
CA PRO N 31 20.43 88.59 69.65
C PRO N 31 21.39 87.58 69.05
N GLN N 32 21.03 87.03 67.88
CA GLN N 32 22.00 86.24 67.15
C GLN N 32 23.22 87.08 66.87
N ARG N 33 24.38 86.58 67.28
CA ARG N 33 25.64 87.23 66.98
C ARG N 33 26.63 86.18 66.53
N GLU N 34 27.44 86.53 65.55
CA GLU N 34 28.54 85.68 65.11
C GLU N 34 29.63 85.77 66.17
N THR N 35 29.40 85.05 67.26
CA THR N 35 30.25 85.08 68.44
C THR N 35 31.37 84.06 68.30
N ALA N 36 32.23 84.00 69.30
CA ALA N 36 33.30 83.03 69.37
C ALA N 36 33.01 82.02 70.47
N ILE N 37 33.39 80.78 70.21
CA ILE N 37 33.15 79.68 71.12
C ILE N 37 34.48 79.08 71.54
N ILE N 38 35.48 79.16 70.66
CA ILE N 38 36.76 78.50 70.88
C ILE N 38 37.85 79.30 70.19
N SER N 39 39.02 79.29 70.82
CA SER N 39 40.21 79.95 70.32
C SER N 39 41.33 78.92 70.16
N PHE N 40 42.45 79.40 69.64
CA PHE N 40 43.68 78.62 69.55
C PHE N 40 44.81 79.63 69.64
N GLU N 41 45.37 79.78 70.84
CA GLU N 41 46.55 80.59 71.03
C GLU N 41 47.78 79.75 70.78
N VAL N 42 48.74 80.31 70.07
CA VAL N 42 50.01 79.61 69.93
C VAL N 42 50.66 79.50 71.30
N PRO N 43 51.17 78.36 71.71
CA PRO N 43 51.80 78.28 73.01
C PRO N 43 53.24 78.75 72.97
N ARG N 44 53.92 78.53 74.09
CA ARG N 44 55.26 79.04 74.34
C ARG N 44 56.25 78.75 73.23
N LYS N 45 56.09 77.64 72.53
CA LYS N 45 57.20 76.97 71.89
C LYS N 45 57.31 77.22 70.40
N PHE N 46 56.19 77.16 69.70
CA PHE N 46 56.22 76.94 68.27
C PHE N 46 56.66 78.18 67.51
N SER N 47 57.24 77.93 66.34
CA SER N 47 57.59 79.00 65.44
C SER N 47 56.38 79.47 64.66
N GLU N 48 55.52 78.54 64.25
CA GLU N 48 54.33 78.90 63.49
C GLU N 48 53.41 77.69 63.42
N ILE N 49 52.21 77.95 62.91
CA ILE N 49 51.21 76.94 62.61
C ILE N 49 50.66 77.30 61.24
N GLU N 50 50.17 76.28 60.54
CA GLU N 50 49.60 76.46 59.22
C GLU N 50 48.30 75.67 59.11
N TYR N 51 47.29 76.32 58.54
CA TYR N 51 46.07 75.67 58.12
C TYR N 51 45.92 75.82 56.61
N VAL N 52 45.47 74.76 55.97
CA VAL N 52 45.20 74.78 54.54
C VAL N 52 43.93 74.00 54.27
N GLY N 53 42.83 74.71 54.10
CA GLY N 53 41.67 74.11 53.48
C GLY N 53 42.00 73.63 52.08
N GLN N 54 41.22 72.64 51.63
CA GLN N 54 41.45 71.86 50.43
C GLN N 54 42.65 70.91 50.55
N ARG N 55 43.31 70.89 51.69
CA ARG N 55 44.34 69.90 52.01
C ARG N 55 44.11 69.30 53.39
N ASP N 56 43.56 70.09 54.30
CA ASP N 56 43.48 69.76 55.71
C ASP N 56 42.05 69.43 56.10
N ALA N 57 41.91 68.67 57.18
CA ALA N 57 40.63 68.10 57.58
C ALA N 57 40.00 68.95 58.68
N THR N 58 38.90 68.45 59.23
CA THR N 58 38.16 69.12 60.29
C THR N 58 37.09 68.16 60.80
N ARG N 59 36.77 68.29 62.08
CA ARG N 59 35.64 67.60 62.69
C ARG N 59 35.03 68.52 63.74
N PHE N 60 33.71 68.45 63.88
CA PHE N 60 33.00 69.32 64.80
C PHE N 60 31.66 68.69 65.11
N VAL N 61 31.46 68.31 66.37
CA VAL N 61 30.26 67.63 66.82
C VAL N 61 29.60 68.53 67.85
N PRO N 62 28.66 69.38 67.45
CA PRO N 62 27.99 70.27 68.38
C PRO N 62 26.66 69.78 68.90
N ARG N 63 26.42 69.99 70.20
CA ARG N 63 25.16 69.68 70.83
C ARG N 63 24.75 70.83 71.73
N THR N 64 23.44 70.93 71.94
CA THR N 64 22.84 71.92 72.82
C THR N 64 22.42 71.25 74.13
N THR N 65 21.65 71.97 74.93
CA THR N 65 21.18 71.49 76.22
C THR N 65 19.80 72.06 76.46
N GLU N 66 19.00 71.33 77.23
CA GLU N 66 17.77 71.89 77.76
C GLU N 66 17.47 71.23 79.10
N GLU N 67 16.23 71.38 79.56
CA GLU N 67 15.77 70.82 80.82
C GLU N 67 14.30 70.53 80.67
N ILE N 68 13.89 69.30 80.95
CA ILE N 68 12.51 68.86 80.77
C ILE N 68 12.05 68.17 82.04
N THR N 69 10.95 68.64 82.61
CA THR N 69 10.41 68.02 83.81
C THR N 69 9.65 66.75 83.42
N GLY N 70 8.89 66.22 84.36
CA GLY N 70 7.99 65.11 84.09
C GLY N 70 6.65 65.34 84.74
N THR N 71 5.79 64.32 84.69
CA THR N 71 4.42 64.46 85.13
C THR N 71 3.93 63.09 85.56
N ALA N 72 2.93 63.10 86.44
CA ALA N 72 2.25 61.87 86.81
C ALA N 72 1.76 61.13 85.56
N ASN N 73 0.92 61.81 84.76
CA ASN N 73 0.57 61.30 83.43
C ASN N 73 1.57 61.82 82.40
N ASP N 74 2.81 61.38 82.60
CA ASP N 74 3.95 61.79 81.78
C ASP N 74 3.68 61.61 80.30
N ASP N 75 4.38 62.40 79.49
CA ASP N 75 4.04 62.54 78.08
C ASP N 75 4.74 61.52 77.21
N THR N 76 6.01 61.22 77.51
CA THR N 76 6.93 60.42 76.69
C THR N 76 7.39 61.20 75.46
N VAL N 77 6.83 62.37 75.22
CA VAL N 77 6.98 63.08 73.96
C VAL N 77 7.53 64.46 74.25
N VAL N 78 8.38 64.95 73.35
CA VAL N 78 9.00 66.26 73.50
C VAL N 78 9.06 66.93 72.14
N GLN N 79 9.14 68.25 72.18
CA GLN N 79 9.42 69.08 71.02
C GLN N 79 10.67 69.89 71.30
N LEU N 80 11.38 70.25 70.24
CA LEU N 80 12.64 70.96 70.38
C LEU N 80 12.70 72.13 69.40
N GLN N 81 13.17 73.26 69.91
CA GLN N 81 13.38 74.46 69.10
C GLN N 81 14.78 74.47 68.52
N ALA N 82 15.18 73.35 67.93
CA ALA N 82 16.50 73.20 67.34
C ALA N 82 16.37 72.10 66.32
N ASN N 83 16.49 72.43 65.04
CA ASN N 83 16.14 71.48 64.01
C ASN N 83 17.11 70.32 64.02
N ILE N 84 16.56 69.12 63.83
CA ILE N 84 17.31 67.88 63.92
C ILE N 84 17.43 67.31 62.52
N GLN N 85 18.56 66.71 62.25
CA GLN N 85 18.73 65.91 61.06
C GLN N 85 19.56 64.68 61.38
N PRO N 86 19.66 63.74 60.47
CA PRO N 86 20.63 62.67 60.62
C PRO N 86 22.03 63.17 60.39
N ILE N 87 22.97 62.24 60.36
CA ILE N 87 24.38 62.57 60.27
C ILE N 87 24.87 61.96 58.97
N ALA N 88 24.83 60.64 58.91
CA ALA N 88 25.21 59.90 57.72
C ALA N 88 24.07 58.93 57.45
N GLY N 89 23.05 59.44 56.78
CA GLY N 89 22.00 58.59 56.28
C GLY N 89 20.70 58.68 57.04
N GLU N 90 20.18 57.52 57.41
CA GLU N 90 18.87 57.42 58.03
C GLU N 90 18.92 57.98 59.43
N GLU N 91 17.74 58.23 60.00
CA GLU N 91 17.57 58.42 61.43
C GLU N 91 17.16 57.07 62.01
N ASP N 92 18.16 56.19 62.13
CA ASP N 92 18.06 54.96 62.89
C ASP N 92 19.16 54.98 63.95
N MET N 93 18.76 55.29 65.19
CA MET N 93 19.71 55.60 66.25
C MET N 93 20.77 54.52 66.44
N ALA N 94 20.45 53.28 66.06
CA ALA N 94 21.42 52.20 66.16
C ALA N 94 22.64 52.45 65.29
N ASP N 95 22.46 53.10 64.14
CA ASP N 95 23.46 53.14 63.09
C ASP N 95 23.60 54.55 62.53
N GLN N 96 23.75 55.54 63.42
CA GLN N 96 23.90 56.94 63.02
C GLN N 96 25.36 57.39 62.93
N ASP N 97 26.31 56.57 63.38
CA ASP N 97 27.73 56.84 63.54
C ASP N 97 28.03 57.70 64.76
N TYR N 98 27.01 58.30 65.36
CA TYR N 98 26.94 58.72 66.74
C TYR N 98 25.53 59.25 66.89
N PRO N 99 24.90 59.18 68.05
CA PRO N 99 23.50 59.55 68.15
C PRO N 99 23.28 61.02 67.85
N VAL N 100 22.06 61.33 67.43
CA VAL N 100 21.66 62.73 67.25
C VAL N 100 20.98 63.27 68.50
N VAL N 101 20.67 62.42 69.47
CA VAL N 101 20.09 62.84 70.74
C VAL N 101 20.73 62.02 71.84
N VAL N 102 20.88 62.66 72.99
CA VAL N 102 21.25 61.99 74.22
C VAL N 102 20.30 62.51 75.29
N ALA N 103 19.97 61.65 76.23
CA ALA N 103 19.07 62.00 77.31
C ALA N 103 19.57 61.37 78.60
N TYR N 104 19.17 61.98 79.71
CA TYR N 104 19.62 61.50 81.01
C TYR N 104 18.68 62.00 82.08
N ASN N 105 18.09 61.09 82.82
CA ASN N 105 17.28 61.46 83.96
C ASN N 105 18.19 61.85 85.12
N VAL N 106 17.73 62.81 85.91
CA VAL N 106 18.51 63.38 86.99
C VAL N 106 18.18 62.70 88.31
N THR N 107 16.88 62.59 88.62
CA THR N 107 16.46 61.86 89.81
C THR N 107 17.01 60.45 89.78
N GLN N 108 16.58 59.66 88.81
CA GLN N 108 17.25 58.40 88.50
C GLN N 108 18.51 58.73 87.72
N GLY N 109 19.66 58.60 88.36
CA GLY N 109 20.89 58.94 87.69
C GLY N 109 21.23 57.93 86.63
N ALA N 110 20.46 57.93 85.55
CA ALA N 110 20.52 56.89 84.55
C ALA N 110 20.12 57.45 83.20
N GLN N 111 20.48 56.71 82.15
CA GLN N 111 20.14 57.11 80.81
C GLN N 111 18.63 57.08 80.61
N VAL N 112 18.22 57.59 79.46
CA VAL N 112 16.83 57.60 79.03
C VAL N 112 16.86 57.23 77.56
N GLU N 113 16.46 56.02 77.24
CA GLU N 113 16.57 55.53 75.88
C GLU N 113 15.39 56.01 75.04
N ILE N 114 15.62 56.02 73.75
CA ILE N 114 14.68 56.57 72.78
C ILE N 114 13.94 55.44 72.11
N ALA N 115 12.66 55.66 71.83
CA ALA N 115 11.83 54.74 71.08
C ALA N 115 11.72 55.12 69.61
N ASP N 116 11.45 56.40 69.34
CA ASP N 116 11.17 56.85 67.99
C ASP N 116 11.31 58.36 67.95
N VAL N 117 11.52 58.86 66.74
CA VAL N 117 11.73 60.28 66.49
C VAL N 117 10.71 60.75 65.47
N ASN N 118 10.06 61.87 65.76
CA ASN N 118 9.33 62.60 64.73
C ASN N 118 10.36 63.47 64.03
N TYR N 119 10.71 63.04 62.82
CA TYR N 119 11.98 63.35 62.16
C TYR N 119 12.23 64.82 61.90
N ALA N 120 11.44 65.41 61.01
CA ALA N 120 11.56 66.81 60.66
C ALA N 120 10.58 67.68 61.42
N THR N 121 9.57 67.07 62.02
CA THR N 121 8.74 67.73 63.02
C THR N 121 9.54 68.30 64.18
N ASP N 122 10.74 67.76 64.42
CA ASP N 122 11.59 68.17 65.54
C ASP N 122 10.91 67.86 66.86
N GLU N 123 10.35 66.66 66.93
CA GLU N 123 9.78 66.10 68.14
C GLU N 123 10.30 64.68 68.28
N VAL N 124 10.26 64.17 69.51
CA VAL N 124 10.83 62.87 69.84
C VAL N 124 9.87 62.13 70.76
N THR N 125 9.84 60.82 70.57
CA THR N 125 9.21 59.88 71.48
C THR N 125 10.30 59.14 72.23
N LEU N 126 10.07 58.89 73.51
CA LEU N 126 11.03 58.18 74.35
C LEU N 126 10.56 56.75 74.60
N ALA N 127 11.47 55.97 75.15
CA ALA N 127 11.21 54.58 75.52
C ALA N 127 10.62 54.45 76.91
N THR N 128 10.97 55.35 77.81
CA THR N 128 10.67 55.20 79.23
C THR N 128 9.58 56.18 79.64
N ASP N 129 9.26 56.14 80.93
CA ASP N 129 8.15 56.91 81.52
C ASP N 129 8.69 57.76 82.67
N PRO N 130 8.92 59.05 82.47
CA PRO N 130 9.39 59.87 83.59
C PRO N 130 8.28 60.11 84.61
N ALA N 131 8.69 60.67 85.74
CA ALA N 131 7.83 60.84 86.90
C ALA N 131 7.54 62.31 87.13
N ASP N 132 6.54 62.55 87.96
CA ASP N 132 6.12 63.92 88.25
C ASP N 132 7.24 64.68 88.93
N GLY N 133 7.50 65.89 88.45
CA GLY N 133 8.59 66.69 88.97
C GLY N 133 9.97 66.12 88.72
N ASP N 134 10.10 65.11 87.86
CA ASP N 134 11.38 64.49 87.59
C ASP N 134 12.07 65.23 86.47
N THR N 135 13.35 65.52 86.67
CA THR N 135 14.13 66.31 85.73
C THR N 135 14.87 65.41 84.76
N VAL N 136 14.97 65.85 83.52
CA VAL N 136 15.71 65.17 82.48
C VAL N 136 16.50 66.22 81.71
N LYS N 137 17.72 65.87 81.33
CA LYS N 137 18.59 66.71 80.54
C LYS N 137 18.78 66.05 79.19
N LEU N 138 18.65 66.84 78.13
CA LEU N 138 18.81 66.37 76.77
C LEU N 138 20.00 67.06 76.13
N TRP N 139 20.49 66.46 75.06
CA TRP N 139 21.62 66.99 74.32
C TRP N 139 21.45 66.65 72.85
N PRO N 140 20.46 67.24 72.20
CA PRO N 140 20.35 67.10 70.76
C PRO N 140 21.51 67.80 70.08
N ILE N 141 21.66 67.51 68.80
CA ILE N 141 22.73 68.12 68.03
C ILE N 141 22.28 69.52 67.65
N MET N 142 23.22 70.31 67.16
CA MET N 142 22.97 71.69 66.79
C MET N 142 23.00 71.82 65.27
N GLY N 143 21.93 72.37 64.71
CA GLY N 143 21.88 72.72 63.31
C GLY N 143 21.39 74.14 63.14
N ASP N 144 21.24 74.54 61.88
CA ASP N 144 20.77 75.87 61.51
C ASP N 144 21.66 76.94 62.11
N GLY N 145 22.92 76.92 61.67
CA GLY N 145 23.89 77.90 62.13
C GLY N 145 25.11 77.92 61.24
N GLU N 146 25.77 79.07 61.19
CA GLU N 146 26.91 79.28 60.32
C GLU N 146 28.20 78.95 61.07
N VAL N 147 29.33 79.13 60.38
CA VAL N 147 30.63 79.04 61.02
C VAL N 147 31.65 79.74 60.14
N GLN N 148 32.63 80.37 60.77
CA GLN N 148 33.75 80.96 60.06
C GLN N 148 34.99 80.91 60.93
N PHE N 149 36.11 81.26 60.32
CA PHE N 149 37.39 81.42 60.99
C PHE N 149 37.83 82.87 60.90
N ARG N 150 38.74 83.26 61.79
CA ARG N 150 39.37 84.56 61.68
C ARG N 150 40.69 84.52 62.45
N LEU N 151 41.24 85.69 62.71
CA LEU N 151 42.60 85.82 63.20
C LEU N 151 42.72 87.08 64.05
N VAL N 152 43.76 87.12 64.87
CA VAL N 152 44.00 88.21 65.80
C VAL N 152 45.47 88.59 65.76
N ASN N 153 45.73 89.89 65.84
CA ASN N 153 47.10 90.40 65.84
C ASN N 153 47.55 90.70 67.26
N GLN N 154 47.51 89.68 68.12
CA GLN N 154 48.14 89.74 69.43
C GLN N 154 47.39 90.63 70.43
N PHE N 155 46.39 91.36 69.96
CA PHE N 155 45.57 92.26 70.78
C PHE N 155 44.10 91.95 70.65
N GLY N 156 43.63 91.84 69.43
CA GLY N 156 42.23 91.98 69.11
C GLY N 156 42.05 92.67 67.77
N GLN N 157 43.08 93.35 67.27
CA GLN N 157 43.02 93.85 65.90
C GLN N 157 43.00 92.66 64.96
N GLU N 158 41.85 92.40 64.37
CA GLU N 158 41.72 91.31 63.42
C GLU N 158 42.43 91.65 62.12
N GLU N 159 43.18 90.69 61.61
CA GLU N 159 43.61 90.76 60.22
C GLU N 159 42.42 90.76 59.28
N GLY N 160 41.36 90.05 59.66
CA GLY N 160 40.22 89.86 58.80
C GLY N 160 39.63 88.49 59.03
N ARG N 161 39.53 87.70 57.96
CA ARG N 161 38.97 86.37 58.04
C ARG N 161 39.68 85.47 57.05
N VAL N 162 39.63 84.17 57.34
CA VAL N 162 40.28 83.19 56.48
C VAL N 162 39.64 83.22 55.11
N TYR N 163 38.36 82.92 55.07
CA TYR N 163 37.59 82.76 53.85
C TYR N 163 36.24 83.42 54.12
N PRO N 164 35.85 84.43 53.35
CA PRO N 164 34.73 85.28 53.79
C PRO N 164 33.42 84.55 53.91
N TRP N 165 33.18 83.56 53.06
CA TRP N 165 31.90 82.88 53.05
C TRP N 165 31.83 81.85 54.17
N ALA N 166 30.61 81.68 54.67
CA ALA N 166 30.38 80.85 55.85
C ALA N 166 30.20 79.40 55.44
N THR N 167 29.71 78.58 56.38
CA THR N 167 29.42 77.20 56.15
C THR N 167 28.34 76.82 57.14
N PRO N 168 27.33 76.03 56.76
CA PRO N 168 26.30 75.63 57.71
C PRO N 168 26.52 74.29 58.42
N LEU N 169 25.88 74.19 59.57
CA LEU N 169 26.07 73.06 60.47
C LEU N 169 25.17 71.88 60.18
N TYR N 170 23.95 72.10 59.70
CA TYR N 170 23.17 70.96 59.24
C TYR N 170 23.93 70.24 58.14
N ARG N 171 24.53 71.02 57.24
CA ARG N 171 25.41 70.48 56.22
C ARG N 171 26.59 69.76 56.84
N TRP N 172 27.15 70.36 57.89
CA TRP N 172 28.27 69.74 58.58
C TRP N 172 27.93 68.34 59.05
N HIS N 173 26.80 68.20 59.74
CA HIS N 173 26.34 66.88 60.14
C HIS N 173 26.11 65.99 58.93
N ASP N 174 25.56 66.54 57.86
CA ASP N 174 25.16 65.75 56.71
C ASP N 174 26.33 65.02 56.10
N PHE N 175 27.40 65.74 55.78
CA PHE N 175 28.54 65.07 55.19
C PHE N 175 29.08 64.05 56.19
N PRO N 176 29.13 62.76 55.83
CA PRO N 176 29.67 61.79 56.79
C PRO N 176 31.13 62.06 57.05
N GLN N 177 31.46 62.35 58.29
CA GLN N 177 32.84 62.31 58.70
C GLN N 177 33.35 60.89 58.53
N LEU N 178 34.67 60.75 58.66
CA LEU N 178 35.29 59.43 58.63
C LEU N 178 35.07 58.74 57.31
N LYS N 179 35.49 59.36 56.21
CA LYS N 179 35.49 58.68 54.94
C LYS N 179 36.32 59.47 53.94
N ARG N 180 37.37 58.87 53.42
CA ARG N 180 38.29 59.54 52.52
C ARG N 180 37.54 60.06 51.29
N GLY N 181 37.86 61.28 50.91
CA GLY N 181 37.13 61.96 49.84
C GLY N 181 35.88 62.62 50.35
N ARG N 182 35.05 61.88 51.08
CA ARG N 182 33.88 62.48 51.71
C ARG N 182 34.25 63.29 52.94
N GLU N 183 35.52 63.34 53.31
CA GLU N 183 35.97 64.23 54.36
C GLU N 183 35.68 65.69 54.01
N ILE N 184 35.82 66.55 54.99
CA ILE N 184 35.73 67.99 54.77
C ILE N 184 37.10 68.52 54.43
N ASN N 185 37.11 69.47 53.49
CA ASN N 185 38.30 70.27 53.22
C ASN N 185 37.79 71.64 52.80
N LEU N 186 37.83 72.59 53.73
CA LEU N 186 37.31 73.93 53.48
C LEU N 186 38.25 74.67 52.54
N HIS N 187 38.04 75.97 52.41
CA HIS N 187 38.91 76.85 51.64
C HIS N 187 39.52 77.87 52.57
N GLY N 188 40.79 78.16 52.32
CA GLY N 188 41.56 79.02 53.19
C GLY N 188 43.00 78.54 53.25
N SER N 189 43.88 79.48 53.58
CA SER N 189 45.30 79.18 53.70
C SER N 189 45.91 80.31 54.50
N VAL N 190 46.50 79.99 55.63
CA VAL N 190 46.88 80.96 56.64
C VAL N 190 48.18 80.54 57.31
N THR N 191 48.62 81.34 58.26
CA THR N 191 49.76 81.06 59.10
C THR N 191 49.70 82.01 60.28
N TRP N 192 50.04 81.52 61.47
CA TRP N 192 50.07 82.41 62.62
C TRP N 192 51.14 81.96 63.60
N GLN N 193 51.95 82.92 64.03
CA GLN N 193 53.06 82.70 64.94
C GLN N 193 52.59 82.95 66.37
N GLU N 194 53.55 83.05 67.31
CA GLU N 194 53.28 83.16 68.73
C GLU N 194 52.30 84.28 69.05
N ASN N 195 51.29 83.93 69.84
CA ASN N 195 50.25 84.82 70.34
C ASN N 195 49.39 85.43 69.24
N GLU N 196 49.54 84.98 67.99
CA GLU N 196 48.64 85.38 66.91
C GLU N 196 47.48 84.39 66.88
N THR N 197 46.66 84.49 67.91
CA THR N 197 45.64 83.47 68.14
C THR N 197 44.61 83.45 67.03
N VAL N 198 43.97 82.30 66.92
CA VAL N 198 42.86 82.07 66.01
C VAL N 198 41.61 81.97 66.86
N GLU N 199 40.47 82.27 66.26
CA GLU N 199 39.19 82.11 66.93
C GLU N 199 38.17 81.64 65.92
N VAL N 200 37.51 80.55 66.24
CA VAL N 200 36.38 80.12 65.44
C VAL N 200 35.20 80.99 65.81
N LEU N 201 34.29 81.18 64.86
CA LEU N 201 33.08 81.93 65.10
C LEU N 201 31.87 81.17 64.60
N LEU N 202 30.76 81.42 65.28
CA LEU N 202 29.49 80.78 65.05
C LEU N 202 28.39 81.82 65.16
N ASP N 203 27.46 81.78 64.22
CA ASP N 203 26.24 82.58 64.27
C ASP N 203 25.05 81.64 64.20
N ALA N 204 24.24 81.63 65.25
CA ALA N 204 23.08 80.75 65.30
C ALA N 204 22.15 81.25 66.39
N PRO N 205 20.87 80.87 66.36
CA PRO N 205 19.99 81.21 67.47
C PRO N 205 20.30 80.43 68.72
N GLN N 206 20.52 79.13 68.54
CA GLN N 206 20.54 78.24 69.68
C GLN N 206 21.86 78.30 70.42
N ALA N 207 21.85 77.71 71.59
CA ALA N 207 23.02 77.70 72.44
C ALA N 207 24.02 76.67 71.92
N ILE N 208 25.04 76.42 72.72
CA ILE N 208 25.98 75.33 72.50
C ILE N 208 26.37 74.84 73.89
N THR N 209 26.96 73.66 73.94
CA THR N 209 27.36 73.07 75.20
C THR N 209 28.65 72.31 74.99
N TRP N 210 29.65 72.65 75.79
CA TRP N 210 30.91 71.94 75.86
C TRP N 210 30.95 70.94 76.99
N GLU N 211 30.39 71.31 78.14
CA GLU N 211 30.40 70.46 79.33
C GLU N 211 29.15 70.74 80.14
N ASP N 212 28.73 69.73 80.90
CA ASP N 212 27.73 69.90 81.95
C ASP N 212 28.09 69.23 83.25
N ALA N 213 29.07 68.32 83.28
CA ALA N 213 29.46 67.52 84.43
C ALA N 213 28.42 66.47 84.79
N ASP N 214 27.33 66.35 84.02
CA ASP N 214 26.36 65.29 84.18
C ASP N 214 26.11 64.56 82.87
N TYR N 215 26.66 65.05 81.76
CA TYR N 215 26.58 64.33 80.50
C TYR N 215 27.26 62.97 80.65
N PRO N 216 26.63 61.88 80.25
CA PRO N 216 27.20 60.57 80.53
C PRO N 216 28.48 60.29 79.76
N GLU N 217 28.45 60.55 78.45
CA GLU N 217 29.44 59.96 77.54
C GLU N 217 30.69 60.84 77.47
N GLY N 218 31.49 60.76 78.53
CA GLY N 218 32.86 61.18 78.46
C GLY N 218 33.14 62.63 78.74
N GLN N 219 32.36 63.27 79.61
CA GLN N 219 32.71 64.56 80.21
C GLN N 219 32.61 65.75 79.25
N TYR N 220 32.42 65.49 77.96
CA TYR N 220 32.51 66.54 76.96
C TYR N 220 31.34 66.40 76.01
N VAL N 221 30.43 67.37 76.09
CA VAL N 221 29.17 67.28 75.39
C VAL N 221 29.39 67.38 73.89
N SER N 222 30.26 68.27 73.48
CA SER N 222 30.56 68.55 72.08
C SER N 222 32.04 68.36 71.85
N THR N 223 32.47 68.61 70.63
CA THR N 223 33.90 68.75 70.39
C THR N 223 34.16 69.47 69.08
N PHE N 224 35.39 69.96 68.99
CA PHE N 224 36.00 70.39 67.74
C PHE N 224 37.37 69.77 67.71
N GLU N 225 37.73 69.25 66.54
CA GLU N 225 39.01 68.61 66.34
C GLU N 225 39.47 68.92 64.93
N GLN N 226 40.77 68.90 64.72
CA GLN N 226 41.30 69.54 63.53
C GLN N 226 42.71 69.06 63.29
N ASP N 227 43.10 69.09 62.02
CA ASP N 227 44.44 68.74 61.59
C ASP N 227 45.19 70.02 61.28
N VAL N 228 46.51 69.97 61.40
CA VAL N 228 47.38 71.12 61.14
C VAL N 228 48.72 70.62 60.62
N GLU N 229 49.47 71.54 60.05
CA GLU N 229 50.84 71.30 59.62
C GLU N 229 51.71 72.31 60.35
N ILE N 230 52.51 71.82 61.30
CA ILE N 230 53.27 72.66 62.19
C ILE N 230 54.74 72.59 61.82
N THR N 231 55.42 73.72 61.99
CA THR N 231 56.88 73.79 61.95
C THR N 231 57.36 73.47 63.35
N LEU N 232 57.52 72.18 63.64
CA LEU N 232 57.96 71.70 64.95
C LEU N 232 57.05 72.18 66.07
N GLN O 4 40.45 24.25 26.32
CA GLN O 4 39.42 23.43 26.95
C GLN O 4 39.43 23.62 28.46
N THR O 5 39.70 24.85 28.89
CA THR O 5 39.82 25.20 30.30
C THR O 5 38.58 25.96 30.72
N GLN O 6 37.90 25.45 31.75
CA GLN O 6 36.66 26.01 32.22
C GLN O 6 36.71 26.12 33.73
N GLU O 7 36.21 27.25 34.24
CA GLU O 7 36.18 27.46 35.68
C GLU O 7 35.02 26.71 36.29
N TYR O 8 35.19 26.33 37.55
CA TYR O 8 34.19 25.55 38.26
C TYR O 8 34.30 25.86 39.74
N THR O 9 33.42 25.24 40.52
CA THR O 9 33.30 25.47 41.94
C THR O 9 33.26 24.14 42.67
N LEU O 10 33.82 24.13 43.87
CA LEU O 10 33.85 22.98 44.75
C LEU O 10 33.02 23.25 45.99
N SER O 11 32.92 22.24 46.84
CA SER O 11 32.07 22.31 48.01
C SER O 11 32.63 21.42 49.09
N HIS O 12 32.11 21.63 50.30
CA HIS O 12 32.32 20.66 51.36
C HIS O 12 31.55 19.37 51.15
N THR O 13 30.71 19.26 50.14
CA THR O 13 29.90 18.06 49.95
C THR O 13 29.76 17.74 48.47
N GLY O 14 29.96 16.46 48.16
CA GLY O 14 29.62 15.88 46.88
C GLY O 14 30.01 16.68 45.67
N GLY O 15 29.01 17.01 44.86
CA GLY O 15 29.24 17.89 43.73
C GLY O 15 29.94 17.18 42.60
N LEU O 16 31.22 17.48 42.45
CA LEU O 16 32.06 16.90 41.42
C LEU O 16 32.82 15.69 41.94
N LEU O 17 32.44 15.17 43.09
CA LEU O 17 33.18 14.11 43.75
C LEU O 17 32.31 13.01 44.35
N GLY O 18 31.00 13.18 44.41
CA GLY O 18 30.12 12.10 44.85
C GLY O 18 30.26 11.72 46.30
N SER O 19 30.90 12.55 47.12
CA SER O 19 31.05 12.29 48.55
C SER O 19 31.86 11.03 48.81
N SER O 20 32.71 10.67 47.88
CA SER O 20 33.61 9.54 47.98
C SER O 20 35.04 9.95 47.69
N LYS O 21 35.24 10.84 46.73
CA LYS O 21 36.52 11.47 46.47
C LYS O 21 36.70 12.74 47.30
N VAL O 22 35.93 12.89 48.36
CA VAL O 22 36.10 13.97 49.33
C VAL O 22 35.81 13.39 50.70
N THR O 23 36.42 13.96 51.72
CA THR O 23 36.07 13.64 53.09
C THR O 23 36.06 14.91 53.91
N THR O 24 35.37 14.83 55.03
CA THR O 24 35.38 15.87 56.05
C THR O 24 35.93 15.26 57.33
N ALA O 25 36.40 16.13 58.22
CA ALA O 25 36.99 15.63 59.44
C ALA O 25 37.10 16.75 60.46
N SER O 26 37.03 16.37 61.72
CA SER O 26 37.29 17.28 62.82
C SER O 26 38.79 17.45 62.97
N ASN O 27 39.21 18.04 64.09
CA ASN O 27 40.61 18.38 64.32
C ASN O 27 41.02 17.91 65.71
N GLN O 28 42.31 18.05 65.99
CA GLN O 28 42.86 17.77 67.31
C GLN O 28 42.86 19.04 68.15
N THR O 29 42.44 18.91 69.40
CA THR O 29 42.22 20.04 70.28
C THR O 29 43.14 20.02 71.49
N ALA O 30 43.21 18.89 72.20
CA ALA O 30 43.98 18.84 73.44
C ALA O 30 45.46 19.12 73.18
N PRO O 31 46.17 18.36 72.34
CA PRO O 31 47.33 18.93 71.67
C PRO O 31 46.90 19.65 70.41
N GLN O 32 47.13 20.96 70.34
CA GLN O 32 46.94 21.65 69.07
C GLN O 32 47.82 21.00 68.02
N ARG O 33 47.21 20.59 66.93
CA ARG O 33 47.95 20.07 65.80
C ARG O 33 47.39 20.66 64.53
N GLU O 34 48.28 20.97 63.60
CA GLU O 34 47.88 21.42 62.27
C GLU O 34 47.36 20.19 61.51
N THR O 35 46.13 19.82 61.85
CA THR O 35 45.49 18.63 61.34
C THR O 35 44.78 18.94 60.04
N ALA O 36 44.18 17.91 59.45
CA ALA O 36 43.38 18.05 58.24
C ALA O 36 41.92 17.85 58.57
N ILE O 37 41.07 18.62 57.89
CA ILE O 37 39.63 18.60 58.10
C ILE O 37 38.94 18.17 56.82
N ILE O 38 39.56 18.48 55.68
CA ILE O 38 38.93 18.26 54.38
C ILE O 38 40.01 18.00 53.35
N SER O 39 39.68 17.14 52.39
CA SER O 39 40.53 16.79 51.28
C SER O 39 39.83 17.12 49.97
N PHE O 40 40.56 16.88 48.89
CA PHE O 40 40.03 16.99 47.54
C PHE O 40 40.81 15.99 46.69
N GLU O 41 40.24 14.81 46.49
CA GLU O 41 40.83 13.83 45.60
C GLU O 41 40.33 14.10 44.19
N VAL O 42 41.22 14.03 43.22
CA VAL O 42 40.77 14.11 41.85
C VAL O 42 39.90 12.89 41.55
N PRO O 43 38.75 13.05 40.92
CA PRO O 43 37.94 11.88 40.62
C PRO O 43 38.39 11.20 39.35
N ARG O 44 37.57 10.23 38.94
CA ARG O 44 37.87 9.33 37.84
C ARG O 44 38.32 10.02 36.57
N LYS O 45 37.83 11.22 36.31
CA LYS O 45 37.70 11.72 34.95
C LYS O 45 38.79 12.70 34.56
N PHE O 46 39.11 13.63 35.42
CA PHE O 46 39.78 14.85 35.00
C PHE O 46 41.24 14.61 34.66
N SER O 47 41.74 15.46 33.77
CA SER O 47 43.15 15.46 33.44
C SER O 47 43.95 16.19 34.50
N GLU O 48 43.42 17.30 35.01
CA GLU O 48 44.12 18.07 36.03
C GLU O 48 43.17 19.09 36.63
N ILE O 49 43.64 19.71 37.69
CA ILE O 49 42.97 20.82 38.36
C ILE O 49 44.04 21.87 38.61
N GLU O 50 43.62 23.12 38.68
CA GLU O 50 44.52 24.23 38.94
C GLU O 50 43.92 25.16 39.98
N TYR O 51 44.75 25.57 40.93
CA TYR O 51 44.43 26.65 41.85
C TYR O 51 45.44 27.77 41.65
N VAL O 52 44.94 29.01 41.69
CA VAL O 52 45.80 30.17 41.61
C VAL O 52 45.29 31.22 42.57
N GLY O 53 45.92 31.31 43.74
CA GLY O 53 45.78 32.50 44.54
C GLY O 53 46.21 33.73 43.78
N GLN O 54 45.66 34.87 44.20
CA GLN O 54 45.75 36.17 43.52
C GLN O 54 44.94 36.20 42.23
N ARG O 55 44.27 35.11 41.86
CA ARG O 55 43.31 35.08 40.76
C ARG O 55 42.01 34.42 41.19
N ASP O 56 42.10 33.47 42.11
CA ASP O 56 41.00 32.59 42.45
C ASP O 56 40.46 32.92 43.83
N ALA O 57 39.21 32.56 44.06
CA ALA O 57 38.48 32.97 45.24
C ALA O 57 38.48 31.87 46.29
N THR O 58 37.72 32.07 47.37
CA THR O 58 37.62 31.13 48.47
C THR O 58 36.52 31.60 49.40
N ARG O 59 35.86 30.65 50.05
CA ARG O 59 34.91 30.92 51.11
C ARG O 59 35.02 29.81 52.15
N PHE O 60 34.84 30.17 53.42
CA PHE O 60 34.99 29.20 54.50
C PHE O 60 34.25 29.74 55.70
N VAL O 61 33.20 29.04 56.12
CA VAL O 61 32.34 29.46 57.22
C VAL O 61 32.44 28.39 58.30
N PRO O 62 33.35 28.53 59.26
CA PRO O 62 33.49 27.53 60.31
C PRO O 62 32.75 27.83 61.60
N ARG O 63 32.15 26.80 62.18
CA ARG O 63 31.49 26.89 63.46
C ARG O 63 31.88 25.70 64.31
N THR O 64 31.79 25.91 65.62
CA THR O 64 32.06 24.88 66.62
C THR O 64 30.74 24.37 67.19
N THR O 65 30.83 23.60 68.27
CA THR O 65 29.67 23.03 68.92
C THR O 65 29.95 22.98 70.42
N GLU O 66 28.89 23.04 71.21
CA GLU O 66 28.99 22.73 72.62
C GLU O 66 27.66 22.15 73.09
N GLU O 67 27.47 22.11 74.40
CA GLU O 67 26.26 21.59 75.03
C GLU O 67 26.07 22.35 76.33
N ILE O 68 24.90 22.95 76.51
CA ILE O 68 24.62 23.76 77.69
C ILE O 68 23.29 23.31 78.28
N THR O 69 23.30 22.97 79.56
CA THR O 69 22.08 22.57 80.24
C THR O 69 21.27 23.81 80.60
N GLY O 70 20.25 23.62 81.43
CA GLY O 70 19.49 24.72 81.97
C GLY O 70 19.25 24.54 83.45
N THR O 71 18.44 25.40 84.04
CA THR O 71 18.26 25.44 85.47
C THR O 71 16.88 26.00 85.75
N ALA O 72 16.33 25.65 86.92
CA ALA O 72 15.11 26.27 87.39
C ALA O 72 15.24 27.79 87.39
N ASN O 73 16.22 28.31 88.12
CA ASN O 73 16.58 29.72 88.03
C ASN O 73 17.64 29.91 86.94
N ASP O 74 17.21 29.59 85.71
CA ASP O 74 18.05 29.63 84.52
C ASP O 74 18.78 30.95 84.39
N ASP O 75 19.90 30.93 83.69
CA ASP O 75 20.83 32.04 83.70
C ASP O 75 20.55 33.06 82.61
N THR O 76 20.17 32.58 81.41
CA THR O 76 20.03 33.35 80.18
C THR O 76 21.40 33.72 79.60
N VAL O 77 22.47 33.44 80.33
CA VAL O 77 23.79 33.97 80.02
C VAL O 77 24.75 32.82 79.86
N VAL O 78 25.69 32.97 78.95
CA VAL O 78 26.68 31.94 78.68
C VAL O 78 28.03 32.59 78.44
N GLN O 79 29.08 31.80 78.64
CA GLN O 79 30.44 32.15 78.27
C GLN O 79 30.96 31.09 77.32
N LEU O 80 31.89 31.48 76.47
CA LEU O 80 32.43 30.59 75.47
C LEU O 80 33.94 30.67 75.42
N GLN O 81 34.58 29.51 75.34
CA GLN O 81 36.03 29.40 75.20
C GLN O 81 36.42 29.39 73.73
N ALA O 82 35.88 30.33 72.99
CA ALA O 82 36.15 30.44 71.56
C ALA O 82 35.84 31.88 71.18
N ASN O 83 36.87 32.64 70.84
CA ASN O 83 36.69 34.07 70.71
C ASN O 83 35.78 34.39 69.54
N ILE O 84 34.91 35.37 69.76
CA ILE O 84 33.88 35.74 68.82
C ILE O 84 34.25 37.09 68.24
N GLN O 85 33.95 37.27 66.97
CA GLN O 85 34.01 38.57 66.36
C GLN O 85 32.85 38.72 65.39
N PRO O 86 32.64 39.92 64.87
CA PRO O 86 31.70 40.07 63.77
C PRO O 86 32.28 39.52 62.49
N ILE O 87 31.58 39.76 61.39
CA ILE O 87 31.94 39.19 60.10
C ILE O 87 32.22 40.36 59.20
N ALA O 88 31.20 41.16 58.94
CA ALA O 88 31.31 42.35 58.12
C ALA O 88 30.66 43.46 58.94
N GLY O 89 31.43 44.03 59.84
CA GLY O 89 31.01 45.21 60.54
C GLY O 89 30.59 44.99 61.97
N GLU O 90 29.42 45.52 62.31
CA GLU O 90 28.94 45.53 63.68
C GLU O 90 28.57 44.11 64.10
N GLU O 91 28.39 43.93 65.40
CA GLU O 91 27.71 42.77 65.95
C GLU O 91 26.26 43.20 66.19
N ASP O 92 25.51 43.27 65.09
CA ASP O 92 24.07 43.40 65.11
C ASP O 92 23.49 42.21 64.33
N MET O 93 23.00 41.22 65.07
CA MET O 93 22.65 39.92 64.49
C MET O 93 21.70 40.03 63.32
N ALA O 94 20.91 41.10 63.26
CA ALA O 94 20.01 41.30 62.14
C ALA O 94 20.76 41.44 60.83
N ASP O 95 21.96 42.02 60.86
CA ASP O 95 22.63 42.49 59.65
C ASP O 95 24.12 42.10 59.69
N GLN O 96 24.40 40.83 59.99
CA GLN O 96 25.76 40.32 60.03
C GLN O 96 26.22 39.67 58.73
N ASP O 97 25.32 39.48 57.77
CA ASP O 97 25.49 38.74 56.51
C ASP O 97 25.48 37.23 56.71
N TYR O 98 25.57 36.77 57.95
CA TYR O 98 25.09 35.49 58.44
C TYR O 98 25.40 35.54 59.93
N PRO O 99 24.64 34.88 60.79
CA PRO O 99 24.85 35.07 62.22
C PRO O 99 26.19 34.55 62.67
N VAL O 100 26.66 35.10 63.79
CA VAL O 100 27.88 34.60 64.43
C VAL O 100 27.56 33.56 65.49
N VAL O 101 26.30 33.38 65.84
CA VAL O 101 25.86 32.36 66.78
C VAL O 101 24.58 31.75 66.28
N VAL O 102 24.42 30.47 66.55
CA VAL O 102 23.17 29.77 66.36
C VAL O 102 22.94 28.97 67.62
N ALA O 103 21.67 28.82 67.98
CA ALA O 103 21.29 28.08 69.18
C ALA O 103 20.04 27.28 68.89
N TYR O 104 19.87 26.22 69.66
CA TYR O 104 18.73 25.34 69.45
C TYR O 104 18.48 24.54 70.71
N ASN O 105 17.28 24.66 71.25
CA ASN O 105 16.89 23.83 72.37
C ASN O 105 16.55 22.43 71.89
N VAL O 106 16.84 21.45 72.72
CA VAL O 106 16.69 20.05 72.37
C VAL O 106 15.37 19.51 72.87
N THR O 107 15.05 19.76 74.13
CA THR O 107 13.75 19.38 74.68
C THR O 107 12.63 19.99 73.85
N GLN O 108 12.57 21.31 73.84
CA GLN O 108 11.74 22.02 72.87
C GLN O 108 12.51 22.05 71.57
N GLY O 109 12.06 21.26 70.60
CA GLY O 109 12.77 21.18 69.34
C GLY O 109 12.59 22.44 68.54
N ALA O 110 13.21 23.52 69.02
CA ALA O 110 12.95 24.84 68.49
C ALA O 110 14.19 25.70 68.65
N GLN O 111 14.22 26.80 67.91
CA GLN O 111 15.31 27.74 67.98
C GLN O 111 15.37 28.38 69.35
N VAL O 112 16.44 29.13 69.57
CA VAL O 112 16.66 29.90 70.78
C VAL O 112 17.23 31.22 70.32
N GLU O 113 16.42 32.27 70.35
CA GLU O 113 16.83 33.55 69.82
C GLU O 113 17.68 34.31 70.82
N ILE O 114 18.47 35.24 70.30
CA ILE O 114 19.45 35.97 71.07
C ILE O 114 18.90 37.36 71.37
N ALA O 115 19.21 37.86 72.55
CA ALA O 115 18.88 39.22 72.95
C ALA O 115 20.06 40.16 72.78
N ASP O 116 21.23 39.76 73.24
CA ASP O 116 22.38 40.65 73.27
C ASP O 116 23.63 39.81 73.46
N VAL O 117 24.77 40.39 73.06
CA VAL O 117 26.06 39.74 73.11
C VAL O 117 27.00 40.60 73.93
N ASN O 118 27.72 39.97 74.84
CA ASN O 118 28.90 40.58 75.44
C ASN O 118 30.04 40.32 74.47
N TYR O 119 30.42 41.37 73.77
CA TYR O 119 31.09 41.31 72.47
C TYR O 119 32.44 40.62 72.48
N ALA O 120 33.42 41.24 73.13
CA ALA O 120 34.77 40.69 73.23
C ALA O 120 35.00 39.95 74.53
N THR O 121 34.10 40.14 75.50
CA THR O 121 34.04 39.29 76.68
C THR O 121 33.83 37.82 76.32
N ASP O 122 33.30 37.53 75.13
CA ASP O 122 32.99 36.18 74.68
C ASP O 122 31.93 35.55 75.59
N GLU O 123 30.91 36.34 75.88
CA GLU O 123 29.73 35.90 76.58
C GLU O 123 28.52 36.40 75.83
N VAL O 124 27.38 35.75 76.07
CA VAL O 124 26.16 36.01 75.33
C VAL O 124 24.99 36.02 76.31
N THR O 125 24.03 36.90 76.01
CA THR O 125 22.72 36.92 76.64
C THR O 125 21.71 36.40 75.62
N LEU O 126 20.75 35.62 76.10
CA LEU O 126 19.71 35.07 75.25
C LEU O 126 18.40 35.80 75.44
N ALA O 127 17.47 35.52 74.55
CA ALA O 127 16.13 36.08 74.60
C ALA O 127 15.18 35.27 75.47
N THR O 128 15.39 33.97 75.55
CA THR O 128 14.43 33.04 76.15
C THR O 128 14.95 32.55 77.49
N ASP O 129 14.14 31.67 78.11
CA ASP O 129 14.38 31.16 79.46
C ASP O 129 14.40 29.64 79.41
N PRO O 130 15.57 29.00 79.41
CA PRO O 130 15.60 27.53 79.42
C PRO O 130 15.16 26.98 80.76
N ALA O 131 14.95 25.67 80.77
CA ALA O 131 14.39 24.97 81.91
C ALA O 131 15.43 24.07 82.55
N ASP O 132 15.10 23.62 83.76
CA ASP O 132 16.03 22.78 84.51
C ASP O 132 16.27 21.47 83.78
N GLY O 133 17.55 21.10 83.67
CA GLY O 133 17.92 19.91 82.94
C GLY O 133 17.65 19.96 81.46
N ASP O 134 17.34 21.14 80.91
CA ASP O 134 17.03 21.28 79.50
C ASP O 134 18.31 21.50 78.72
N THR O 135 18.46 20.77 77.62
CA THR O 135 19.68 20.82 76.83
C THR O 135 19.54 21.82 75.69
N VAL O 136 20.64 22.50 75.40
CA VAL O 136 20.72 23.44 74.29
C VAL O 136 22.04 23.20 73.58
N LYS O 137 22.01 23.29 72.26
CA LYS O 137 23.19 23.16 71.42
C LYS O 137 23.46 24.50 70.78
N LEU O 138 24.70 24.92 70.81
CA LEU O 138 25.14 26.17 70.22
C LEU O 138 26.10 25.91 69.09
N TRP O 139 26.26 26.91 68.23
CA TRP O 139 27.17 26.83 67.09
C TRP O 139 27.75 28.20 66.83
N PRO O 140 28.57 28.70 67.73
CA PRO O 140 29.31 29.92 67.45
C PRO O 140 30.31 29.68 66.34
N ILE O 141 30.83 30.78 65.81
CA ILE O 141 31.81 30.69 64.75
C ILE O 141 33.16 30.36 65.37
N MET O 142 34.11 30.00 64.53
CA MET O 142 35.43 29.61 64.97
C MET O 142 36.43 30.69 64.59
N GLY O 143 37.17 31.17 65.59
CA GLY O 143 38.28 32.08 65.37
C GLY O 143 39.51 31.59 66.10
N ASP O 144 40.57 32.39 66.01
CA ASP O 144 41.85 32.09 66.66
C ASP O 144 42.39 30.75 66.18
N GLY O 145 42.67 30.69 64.88
CA GLY O 145 43.22 29.49 64.28
C GLY O 145 43.80 29.76 62.92
N GLU O 146 44.78 28.96 62.52
CA GLU O 146 45.48 29.15 61.27
C GLU O 146 44.83 28.33 60.16
N VAL O 147 45.40 28.41 58.97
CA VAL O 147 44.99 27.54 57.88
C VAL O 147 46.11 27.51 56.85
N GLN O 148 46.27 26.35 56.20
CA GLN O 148 47.21 26.21 55.10
C GLN O 148 46.68 25.17 54.13
N PHE O 149 47.36 25.09 52.99
CA PHE O 149 47.13 24.07 51.99
C PHE O 149 48.37 23.20 51.85
N ARG O 150 48.18 22.02 51.29
CA ARG O 150 49.32 21.18 50.95
C ARG O 150 48.88 20.19 49.88
N LEU O 151 49.69 19.15 49.68
CA LEU O 151 49.53 18.27 48.54
C LEU O 151 50.06 16.89 48.89
N VAL O 152 49.64 15.90 48.11
CA VAL O 152 49.97 14.50 48.35
C VAL O 152 50.35 13.85 47.03
N ASN O 153 51.36 12.99 47.08
CA ASN O 153 51.83 12.26 45.90
C ASN O 153 51.24 10.86 45.88
N GLN O 154 49.91 10.78 45.91
CA GLN O 154 49.20 9.52 45.65
C GLN O 154 49.30 8.51 46.79
N PHE O 155 50.15 8.79 47.78
CA PHE O 155 50.38 7.94 48.94
C PHE O 155 50.15 8.68 50.24
N GLY O 156 50.76 9.84 50.36
CA GLY O 156 51.03 10.45 51.63
C GLY O 156 52.36 11.17 51.62
N GLN O 157 53.24 10.84 50.67
CA GLN O 157 54.45 11.64 50.51
C GLN O 157 54.04 13.02 50.03
N GLU O 158 54.14 14.00 50.92
CA GLU O 158 53.81 15.37 50.59
C GLU O 158 54.88 15.95 49.67
N GLU O 159 54.43 16.64 48.62
CA GLU O 159 55.32 17.53 47.90
C GLU O 159 55.83 18.64 48.79
N GLY O 160 55.00 19.07 49.74
CA GLY O 160 55.32 20.21 50.56
C GLY O 160 54.06 20.98 50.89
N ARG O 161 54.06 22.27 50.55
CA ARG O 161 52.91 23.11 50.83
C ARG O 161 52.78 24.14 49.71
N VAL O 162 51.57 24.65 49.55
CA VAL O 162 51.30 25.65 48.53
C VAL O 162 52.11 26.89 48.80
N TYR O 163 51.86 27.50 49.93
CA TYR O 163 52.42 28.77 50.34
C TYR O 163 52.75 28.65 51.81
N PRO O 164 54.01 28.81 52.21
CA PRO O 164 54.41 28.36 53.56
C PRO O 164 53.71 29.09 54.67
N TRP O 165 53.40 30.37 54.48
CA TRP O 165 52.82 31.16 55.54
C TRP O 165 51.33 30.89 55.67
N ALA O 166 50.85 30.99 56.90
CA ALA O 166 49.49 30.61 57.24
C ALA O 166 48.55 31.79 57.00
N THR O 167 47.33 31.66 57.51
CA THR O 167 46.34 32.70 57.44
C THR O 167 45.42 32.50 58.63
N PRO O 168 44.97 33.55 59.31
CA PRO O 168 44.05 33.36 60.44
C PRO O 168 42.57 33.49 60.12
N LEU O 169 41.78 32.85 60.99
CA LEU O 169 40.35 32.73 60.78
C LEU O 169 39.55 33.89 61.31
N TYR O 170 39.96 34.53 62.40
CA TYR O 170 39.29 35.76 62.79
C TYR O 170 39.38 36.76 61.64
N ARG O 171 40.55 36.83 61.01
CA ARG O 171 40.74 37.63 59.82
C ARG O 171 39.84 37.17 58.70
N TRP O 172 39.71 35.85 58.55
CA TRP O 172 38.85 35.29 57.54
C TRP O 172 37.42 35.82 57.68
N HIS O 173 36.88 35.73 58.88
CA HIS O 173 35.56 36.29 59.14
C HIS O 173 35.54 37.79 58.87
N ASP O 174 36.61 38.48 59.24
CA ASP O 174 36.63 39.94 59.18
C ASP O 174 36.43 40.43 57.76
N PHE O 175 37.23 39.93 56.83
CA PHE O 175 37.08 40.38 55.46
C PHE O 175 35.68 40.01 54.98
N PRO O 176 34.84 40.97 54.56
CA PRO O 176 33.52 40.60 54.09
C PRO O 176 33.63 39.77 52.82
N GLN O 177 33.14 38.54 52.89
CA GLN O 177 32.92 37.82 51.66
C GLN O 177 31.88 38.56 50.83
N LEU O 178 31.72 38.12 49.59
CA LEU O 178 30.69 38.65 48.72
C LEU O 178 30.90 40.12 48.45
N LYS O 179 32.06 40.49 47.93
CA LYS O 179 32.26 41.85 47.47
C LYS O 179 33.51 41.91 46.61
N ARG O 180 33.36 42.31 45.35
CA ARG O 180 34.46 42.34 44.41
C ARG O 180 35.58 43.23 44.93
N GLY O 181 36.81 42.76 44.79
CA GLY O 181 37.96 43.45 45.37
C GLY O 181 38.16 43.10 46.81
N ARG O 182 37.11 43.21 47.62
CA ARG O 182 37.18 42.78 49.00
C ARG O 182 37.12 41.25 49.13
N GLU O 183 36.98 40.53 48.02
CA GLU O 183 37.10 39.08 48.04
C GLU O 183 38.47 38.65 48.55
N ILE O 184 38.61 37.38 48.84
CA ILE O 184 39.89 36.79 49.18
C ILE O 184 40.57 36.32 47.91
N ASN O 185 41.88 36.51 47.87
CA ASN O 185 42.72 35.90 46.84
C ASN O 185 44.06 35.63 47.53
N LEU O 186 44.28 34.38 47.91
CA LEU O 186 45.50 34.00 48.63
C LEU O 186 46.67 34.01 47.66
N HIS O 187 47.80 33.47 48.11
CA HIS O 187 48.98 33.31 47.28
C HIS O 187 49.29 31.83 47.15
N GLY O 188 49.71 31.45 45.97
CA GLY O 188 49.90 30.05 45.62
C GLY O 188 49.52 29.80 44.18
N SER O 189 50.10 28.76 43.62
CA SER O 189 49.84 28.37 42.24
C SER O 189 50.30 26.94 42.10
N VAL O 190 49.39 26.04 41.75
CA VAL O 190 49.60 24.61 41.85
C VAL O 190 48.90 23.92 40.69
N THR O 191 49.01 22.60 40.68
CA THR O 191 48.32 21.73 39.75
C THR O 191 48.40 20.32 40.29
N TRP O 192 47.31 19.57 40.15
CA TRP O 192 47.34 18.19 40.59
C TRP O 192 46.43 17.33 39.73
N GLN O 193 46.98 16.21 39.27
CA GLN O 193 46.30 15.27 38.39
C GLN O 193 45.65 14.18 39.23
N GLU O 194 45.21 13.10 38.58
CA GLU O 194 44.45 12.02 39.21
C GLU O 194 45.13 11.49 40.46
N ASN O 195 44.36 11.40 41.53
CA ASN O 195 44.76 10.85 42.83
C ASN O 195 45.88 11.64 43.50
N GLU O 196 46.24 12.80 42.96
CA GLU O 196 47.18 13.71 43.62
C GLU O 196 46.36 14.65 44.51
N THR O 197 45.80 14.07 45.56
CA THR O 197 44.82 14.77 46.36
C THR O 197 45.43 15.97 47.06
N VAL O 198 44.55 16.90 47.40
CA VAL O 198 44.87 18.08 48.18
C VAL O 198 44.24 17.88 49.55
N GLU O 199 44.81 18.55 50.55
CA GLU O 199 44.25 18.53 51.88
C GLU O 199 44.43 19.90 52.50
N VAL O 200 43.34 20.48 52.97
CA VAL O 200 43.43 21.69 53.76
C VAL O 200 43.88 21.30 55.15
N LEU O 201 44.57 22.23 55.81
CA LEU O 201 45.00 22.02 57.17
C LEU O 201 44.64 23.21 58.04
N LEU O 202 44.41 22.91 59.30
CA LEU O 202 44.00 23.85 60.31
C LEU O 202 44.73 23.55 61.60
N ASP O 203 45.22 24.59 62.25
CA ASP O 203 45.81 24.51 63.58
C ASP O 203 45.05 25.46 64.49
N ALA O 204 44.41 24.92 65.51
CA ALA O 204 43.63 25.74 66.44
C ALA O 204 43.36 24.92 67.68
N PRO O 205 43.03 25.58 68.80
CA PRO O 205 42.64 24.82 69.99
C PRO O 205 41.27 24.18 69.83
N GLN O 206 40.34 24.96 69.31
CA GLN O 206 38.95 24.57 69.38
C GLN O 206 38.61 23.55 68.32
N ALA O 207 37.44 22.96 68.49
CA ALA O 207 36.96 21.92 67.59
C ALA O 207 36.47 22.58 66.30
N ILE O 208 35.83 21.77 65.47
CA ILE O 208 35.10 22.23 64.30
C ILE O 208 33.91 21.32 64.17
N THR O 209 32.93 21.73 63.37
CA THR O 209 31.73 20.95 63.16
C THR O 209 31.28 21.12 61.73
N TRP O 210 31.10 19.98 61.06
CA TRP O 210 30.53 19.92 59.74
C TRP O 210 29.05 19.59 59.76
N GLU O 211 28.66 18.68 60.66
CA GLU O 211 27.28 18.23 60.75
C GLU O 211 26.98 17.85 62.20
N ASP O 212 25.71 17.95 62.56
CA ASP O 212 25.20 17.37 63.80
C ASP O 212 23.90 16.62 63.64
N ALA O 213 23.19 16.79 62.52
CA ALA O 213 21.87 16.21 62.27
C ALA O 213 20.78 16.85 63.11
N ASP O 214 21.11 17.85 63.92
CA ASP O 214 20.13 18.63 64.66
C ASP O 214 20.31 20.13 64.42
N TYR O 215 21.36 20.54 63.73
CA TYR O 215 21.53 21.92 63.34
C TYR O 215 20.36 22.33 62.45
N PRO O 216 19.69 23.44 62.72
CA PRO O 216 18.48 23.77 61.96
C PRO O 216 18.75 24.11 60.51
N GLU O 217 19.72 24.98 60.27
CA GLU O 217 19.82 25.68 59.00
C GLU O 217 20.60 24.85 57.98
N GLY O 218 19.95 23.82 57.47
CA GLY O 218 20.37 23.20 56.24
C GLY O 218 21.39 22.10 56.34
N GLN O 219 21.37 21.32 57.44
CA GLN O 219 22.05 20.04 57.53
C GLN O 219 23.58 20.16 57.64
N TYR O 220 24.13 21.35 57.46
CA TYR O 220 25.58 21.52 57.33
C TYR O 220 25.98 22.70 58.19
N VAL O 221 26.68 22.41 59.28
CA VAL O 221 26.99 23.41 60.28
C VAL O 221 27.96 24.44 59.72
N SER O 222 28.96 23.98 58.99
CA SER O 222 30.01 24.81 58.43
C SER O 222 30.02 24.61 56.93
N THR O 223 30.96 25.29 56.27
CA THR O 223 31.25 24.93 54.89
C THR O 223 32.62 25.44 54.48
N PHE O 224 33.10 24.86 53.40
CA PHE O 224 34.20 25.38 52.61
C PHE O 224 33.76 25.32 51.17
N GLU O 225 34.05 26.37 50.43
CA GLU O 225 33.69 26.46 49.04
C GLU O 225 34.78 27.23 48.33
N GLN O 226 34.93 26.99 47.04
CA GLN O 226 36.15 27.39 46.38
C GLN O 226 35.95 27.38 44.88
N ASP O 227 36.72 28.22 44.21
CA ASP O 227 36.74 28.31 42.76
C ASP O 227 37.99 27.60 42.24
N VAL O 228 37.90 27.11 41.02
CA VAL O 228 39.01 26.39 40.39
C VAL O 228 38.95 26.64 38.89
N GLU O 229 40.06 26.33 38.23
CA GLU O 229 40.17 26.35 36.77
C GLU O 229 40.57 24.95 36.33
N ILE O 230 39.64 24.24 35.71
CA ILE O 230 39.81 22.84 35.38
C ILE O 230 40.02 22.70 33.89
N THR O 231 40.85 21.72 33.53
CA THR O 231 40.97 21.24 32.16
C THR O 231 39.90 20.17 31.97
N LEU O 232 38.70 20.61 31.63
CA LEU O 232 37.56 19.73 31.42
C LEU O 232 37.26 18.90 32.66
N GLN P 4 24.55 13.32 9.11
CA GLN P 4 23.96 13.38 10.44
C GLN P 4 22.69 12.55 10.49
N THR P 5 22.68 11.43 9.76
CA THR P 5 21.53 10.57 9.64
C THR P 5 21.76 9.33 10.48
N GLN P 6 20.84 9.07 11.40
CA GLN P 6 20.95 7.96 12.34
C GLN P 6 19.64 7.22 12.39
N GLU P 7 19.72 5.89 12.40
CA GLU P 7 18.54 5.06 12.47
C GLU P 7 18.02 5.01 13.90
N TYR P 8 16.71 4.84 14.02
CA TYR P 8 16.06 4.82 15.32
C TYR P 8 14.82 3.94 15.23
N THR P 9 14.14 3.80 16.36
CA THR P 9 12.98 2.93 16.50
C THR P 9 11.86 3.70 17.17
N LEU P 10 10.64 3.36 16.78
CA LEU P 10 9.43 3.95 17.33
C LEU P 10 8.64 2.88 18.07
N SER P 11 7.54 3.30 18.67
CA SER P 11 6.75 2.43 19.52
C SER P 11 5.31 2.88 19.49
N HIS P 12 4.45 2.00 19.99
CA HIS P 12 3.09 2.39 20.30
C HIS P 12 2.99 3.30 21.52
N THR P 13 4.09 3.54 22.23
CA THR P 13 4.03 4.34 23.46
C THR P 13 5.27 5.22 23.57
N GLY P 14 5.02 6.48 23.91
CA GLY P 14 6.03 7.43 24.34
C GLY P 14 7.31 7.42 23.54
N GLY P 15 8.42 7.17 24.23
CA GLY P 15 9.68 7.03 23.53
C GLY P 15 10.24 8.35 23.11
N LEU P 16 10.14 8.60 21.81
CA LEU P 16 10.62 9.83 21.19
C LEU P 16 9.53 10.87 21.07
N LEU P 17 8.40 10.66 21.75
CA LEU P 17 7.21 11.50 21.59
C LEU P 17 6.51 11.85 22.89
N GLY P 18 6.87 11.22 24.01
CA GLY P 18 6.32 11.61 25.29
C GLY P 18 4.85 11.33 25.48
N SER P 19 4.26 10.51 24.61
CA SER P 19 2.85 10.13 24.73
C SER P 19 1.93 11.33 24.56
N SER P 20 2.40 12.35 23.86
CA SER P 20 1.65 13.54 23.54
C SER P 20 1.69 13.83 22.04
N LYS P 21 2.83 13.58 21.40
CA LYS P 21 2.94 13.61 19.95
C LYS P 21 2.63 12.26 19.32
N VAL P 22 1.93 11.39 20.06
CA VAL P 22 1.42 10.13 19.54
C VAL P 22 0.07 9.90 20.18
N THR P 23 -0.79 9.19 19.48
CA THR P 23 -2.04 8.72 20.05
C THR P 23 -2.29 7.30 19.61
N THR P 24 -3.14 6.62 20.37
CA THR P 24 -3.67 5.33 20.02
C THR P 24 -5.18 5.44 19.89
N ALA P 25 -5.78 4.50 19.18
CA ALA P 25 -7.21 4.57 18.99
C ALA P 25 -7.73 3.23 18.51
N SER P 26 -8.98 2.97 18.85
CA SER P 26 -9.68 1.80 18.34
C SER P 26 -10.16 2.11 16.93
N ASN P 27 -11.05 1.28 16.40
CA ASN P 27 -11.51 1.36 15.03
C ASN P 27 -13.03 1.28 14.97
N GLN P 28 -13.57 1.48 13.78
CA GLN P 28 -15.00 1.31 13.53
C GLN P 28 -15.27 -0.10 13.07
N THR P 29 -16.32 -0.70 13.62
CA THR P 29 -16.63 -2.11 13.42
C THR P 29 -17.96 -2.31 12.72
N ALA P 30 -19.03 -1.67 13.20
CA ALA P 30 -20.36 -1.91 12.64
C ALA P 30 -20.41 -1.53 11.16
N PRO P 31 -20.13 -0.28 10.77
CA PRO P 31 -19.64 -0.06 9.42
C PRO P 31 -18.13 -0.24 9.39
N GLN P 32 -17.64 -1.21 8.62
CA GLN P 32 -16.22 -1.28 8.37
C GLN P 32 -15.76 0.02 7.75
N ARG P 33 -14.77 0.64 8.38
CA ARG P 33 -14.15 1.83 7.83
C ARG P 33 -12.65 1.70 7.96
N GLU P 34 -11.94 2.17 6.94
CA GLU P 34 -10.49 2.25 6.98
C GLU P 34 -10.13 3.42 7.89
N THR P 35 -10.24 3.16 9.20
CA THR P 35 -10.06 4.16 10.23
C THR P 35 -8.60 4.24 10.62
N ALA P 36 -8.28 5.14 11.54
CA ALA P 36 -6.95 5.29 12.09
C ALA P 36 -6.92 4.80 13.52
N ILE P 37 -5.81 4.18 13.89
CA ILE P 37 -5.62 3.61 15.21
C ILE P 37 -4.45 4.30 15.90
N ILE P 38 -3.49 4.77 15.11
CA ILE P 38 -2.24 5.31 15.64
C ILE P 38 -1.71 6.36 14.69
N SER P 39 -1.09 7.37 15.26
CA SER P 39 -0.45 8.45 14.53
C SER P 39 1.01 8.52 14.90
N PHE P 40 1.71 9.44 14.24
CA PHE P 40 3.09 9.77 14.56
C PHE P 40 3.26 11.25 14.19
N GLU P 41 3.16 12.11 15.18
CA GLU P 41 3.44 13.52 14.99
C GLU P 41 4.93 13.75 15.19
N VAL P 42 5.52 14.55 14.33
CA VAL P 42 6.90 14.94 14.57
C VAL P 42 6.95 15.78 15.83
N PRO P 43 7.87 15.54 16.75
CA PRO P 43 7.92 16.36 17.95
C PRO P 43 8.69 17.65 17.71
N ARG P 44 8.92 18.34 18.82
CA ARG P 44 9.48 19.69 18.83
C ARG P 44 10.76 19.84 18.01
N LYS P 45 11.55 18.78 17.92
CA LYS P 45 12.97 18.93 17.70
C LYS P 45 13.41 18.67 16.26
N PHE P 46 12.89 17.62 15.67
CA PHE P 46 13.53 17.03 14.50
C PHE P 46 13.37 17.88 13.26
N SER P 47 14.34 17.74 12.37
CA SER P 47 14.26 18.38 11.06
C SER P 47 13.37 17.57 10.13
N GLU P 48 13.46 16.25 10.19
CA GLU P 48 12.66 15.40 9.33
C GLU P 48 12.74 13.96 9.82
N ILE P 49 11.90 13.13 9.22
CA ILE P 49 11.90 11.69 9.42
C ILE P 49 11.77 11.08 8.04
N GLU P 50 12.29 9.86 7.89
CA GLU P 50 12.22 9.14 6.62
C GLU P 50 11.80 7.71 6.88
N TYR P 51 10.88 7.23 6.05
CA TYR P 51 10.55 5.82 5.96
C TYR P 51 10.87 5.32 4.57
N VAL P 52 11.42 4.11 4.49
CA VAL P 52 11.69 3.47 3.22
C VAL P 52 11.35 2.00 3.33
N GLY P 53 10.19 1.63 2.82
CA GLY P 53 9.94 0.24 2.52
C GLY P 53 10.95 -0.30 1.54
N GLN P 54 11.16 -1.61 1.60
CA GLN P 54 12.21 -2.36 0.91
C GLN P 54 13.59 -2.08 1.50
N ARG P 55 13.70 -1.25 2.52
CA ARG P 55 14.91 -1.07 3.29
C ARG P 55 14.65 -1.15 4.79
N ASP P 56 13.45 -0.74 5.20
CA ASP P 56 13.10 -0.54 6.59
C ASP P 56 12.14 -1.62 7.06
N ALA P 57 12.14 -1.85 8.37
CA ALA P 57 11.43 -2.97 8.98
C ALA P 57 10.09 -2.51 9.53
N THR P 58 9.40 -3.42 10.23
CA THR P 58 8.11 -3.16 10.82
C THR P 58 7.75 -4.34 11.71
N ARG P 59 6.99 -4.07 12.77
CA ARG P 59 6.39 -5.10 13.60
C ARG P 59 5.04 -4.60 14.07
N PHE P 60 4.09 -5.52 14.20
CA PHE P 60 2.73 -5.15 14.58
C PHE P 60 2.05 -6.39 15.13
N VAL P 61 1.70 -6.35 16.41
CA VAL P 61 1.10 -7.49 17.11
C VAL P 61 -0.28 -7.04 17.57
N PRO P 62 -1.32 -7.28 16.78
CA PRO P 62 -2.67 -6.87 17.18
C PRO P 62 -3.51 -7.95 17.84
N ARG P 63 -4.25 -7.56 18.86
CA ARG P 63 -5.18 -8.42 19.55
C ARG P 63 -6.49 -7.68 19.78
N THR P 64 -7.55 -8.47 19.89
CA THR P 64 -8.89 -7.97 20.18
C THR P 64 -9.23 -8.25 21.63
N THR P 65 -10.50 -8.06 21.98
CA THR P 65 -10.98 -8.28 23.34
C THR P 65 -12.41 -8.80 23.25
N GLU P 66 -12.81 -9.57 24.25
CA GLU P 66 -14.21 -9.90 24.42
C GLU P 66 -14.48 -10.09 25.91
N GLU P 67 -15.63 -10.71 26.22
CA GLU P 67 -16.05 -10.97 27.58
C GLU P 67 -16.87 -12.24 27.56
N ILE P 68 -16.51 -13.22 28.38
CA ILE P 68 -17.18 -14.52 28.40
C ILE P 68 -17.52 -14.85 29.84
N THR P 69 -18.79 -15.15 30.09
CA THR P 69 -19.22 -15.53 31.43
C THR P 69 -18.86 -16.98 31.68
N GLY P 70 -19.41 -17.56 32.74
CA GLY P 70 -19.28 -18.96 33.02
C GLY P 70 -20.60 -19.55 33.46
N THR P 71 -20.59 -20.81 33.87
CA THR P 71 -21.80 -21.54 34.15
C THR P 71 -21.48 -22.61 35.18
N ALA P 72 -22.51 -23.02 35.94
CA ALA P 72 -22.37 -24.16 36.83
C ALA P 72 -21.85 -25.37 36.06
N ASN P 73 -22.57 -25.79 35.02
CA ASN P 73 -22.06 -26.79 34.09
C ASN P 73 -21.30 -26.10 32.96
N ASP P 74 -20.22 -25.44 33.37
CA ASP P 74 -19.37 -24.66 32.47
C ASP P 74 -18.94 -25.44 31.24
N ASP P 75 -18.64 -24.72 30.18
CA ASP P 75 -18.48 -25.33 28.87
C ASP P 75 -17.06 -25.79 28.60
N THR P 76 -16.07 -24.99 29.02
CA THR P 76 -14.65 -25.12 28.71
C THR P 76 -14.36 -24.70 27.27
N VAL P 77 -15.40 -24.43 26.49
CA VAL P 77 -15.28 -24.29 25.04
C VAL P 77 -15.83 -22.93 24.66
N VAL P 78 -15.19 -22.32 23.65
CA VAL P 78 -15.60 -21.01 23.17
C VAL P 78 -15.50 -20.98 21.66
N GLN P 79 -16.25 -20.06 21.06
CA GLN P 79 -16.15 -19.73 19.66
C GLN P 79 -15.85 -18.24 19.55
N LEU P 80 -15.18 -17.86 18.46
CA LEU P 80 -14.76 -16.49 18.26
C LEU P 80 -15.10 -16.02 16.85
N GLN P 81 -15.62 -14.81 16.77
CA GLN P 81 -15.92 -14.17 15.49
C GLN P 81 -14.73 -13.36 15.01
N ALA P 82 -13.56 -14.00 15.03
CA ALA P 82 -12.32 -13.36 14.61
C ALA P 82 -11.38 -14.49 14.25
N ASN P 83 -11.06 -14.61 12.96
CA ASN P 83 -10.37 -15.80 12.50
C ASN P 83 -8.98 -15.86 13.08
N ILE P 84 -8.58 -17.06 13.47
CA ILE P 84 -7.33 -17.31 14.14
C ILE P 84 -6.41 -18.04 13.20
N GLN P 85 -5.14 -17.73 13.27
CA GLN P 85 -4.13 -18.51 12.60
C GLN P 85 -2.90 -18.61 13.50
N PRO P 86 -1.95 -19.44 13.14
CA PRO P 86 -0.65 -19.39 13.80
C PRO P 86 0.13 -18.17 13.39
N ILE P 87 1.38 -18.12 13.83
CA ILE P 87 2.21 -16.96 13.61
C ILE P 87 3.39 -17.43 12.77
N ALA P 88 4.18 -18.32 13.34
CA ALA P 88 5.32 -18.91 12.66
C ALA P 88 5.18 -20.41 12.86
N GLY P 89 4.38 -21.02 12.00
CA GLY P 89 4.30 -22.46 11.95
C GLY P 89 3.05 -23.06 12.56
N GLU P 90 3.26 -24.04 13.41
CA GLU P 90 2.17 -24.82 13.97
C GLU P 90 1.38 -23.96 14.95
N GLU P 91 0.18 -24.45 15.30
CA GLU P 91 -0.54 -23.96 16.47
C GLU P 91 -0.22 -24.92 17.61
N ASP P 92 0.99 -24.75 18.14
CA ASP P 92 1.40 -25.37 19.41
C ASP P 92 1.81 -24.23 20.34
N MET P 93 0.92 -23.91 21.28
CA MET P 93 1.04 -22.69 22.09
C MET P 93 2.39 -22.59 22.80
N ALA P 94 3.04 -23.72 23.05
CA ALA P 94 4.35 -23.70 23.68
C ALA P 94 5.38 -22.98 22.80
N ASP P 95 5.24 -23.07 21.48
CA ASP P 95 6.30 -22.68 20.56
C ASP P 95 5.74 -21.87 19.40
N GLN P 96 4.94 -20.85 19.72
CA GLN P 96 4.35 -19.99 18.71
C GLN P 96 5.14 -18.71 18.45
N ASP P 97 6.16 -18.42 19.25
CA ASP P 97 6.97 -17.20 19.29
C ASP P 97 6.24 -16.04 19.96
N TYR P 98 4.94 -16.17 20.19
CA TYR P 98 4.15 -15.51 21.20
C TYR P 98 2.77 -16.11 21.04
N PRO P 99 1.96 -16.20 22.09
CA PRO P 99 0.69 -16.92 21.96
C PRO P 99 -0.24 -16.23 21.00
N VAL P 100 -1.17 -17.02 20.46
CA VAL P 100 -2.24 -16.47 19.63
C VAL P 100 -3.49 -16.19 20.45
N VAL P 101 -3.53 -16.63 21.71
CA VAL P 101 -4.63 -16.36 22.61
C VAL P 101 -4.06 -16.07 23.98
N VAL P 102 -4.73 -15.18 24.69
CA VAL P 102 -4.49 -14.94 26.10
C VAL P 102 -5.86 -14.93 26.77
N ALA P 103 -5.89 -15.40 28.01
CA ALA P 103 -7.12 -15.44 28.77
C ALA P 103 -6.83 -15.08 30.21
N TYR P 104 -7.86 -14.60 30.88
CA TYR P 104 -7.70 -14.17 32.26
C TYR P 104 -9.05 -14.16 32.95
N ASN P 105 -9.17 -14.91 34.03
CA ASN P 105 -10.37 -14.86 34.84
C ASN P 105 -10.35 -13.60 35.68
N VAL P 106 -11.54 -13.06 35.92
CA VAL P 106 -11.71 -11.79 36.61
C VAL P 106 -11.99 -12.01 38.08
N THR P 107 -12.94 -12.89 38.39
CA THR P 107 -13.22 -13.27 39.77
C THR P 107 -11.96 -13.79 40.43
N GLN P 108 -11.45 -14.90 39.94
CA GLN P 108 -10.11 -15.35 40.28
C GLN P 108 -9.13 -14.51 39.46
N GLY P 109 -8.45 -13.59 40.11
CA GLY P 109 -7.54 -12.72 39.39
C GLY P 109 -6.32 -13.48 38.94
N ALA P 110 -6.51 -14.37 37.97
CA ALA P 110 -5.48 -15.32 37.59
C ALA P 110 -5.64 -15.68 36.12
N GLN P 111 -4.58 -16.23 35.57
CA GLN P 111 -4.60 -16.67 34.18
C GLN P 111 -5.59 -17.81 33.99
N VAL P 112 -5.79 -18.15 32.73
CA VAL P 112 -6.65 -19.25 32.32
C VAL P 112 -5.91 -19.94 31.20
N GLU P 113 -5.33 -21.11 31.49
CA GLU P 113 -4.49 -21.78 30.53
C GLU P 113 -5.34 -22.57 29.54
N ILE P 114 -4.74 -22.83 28.40
CA ILE P 114 -5.42 -23.45 27.26
C ILE P 114 -5.02 -24.91 27.20
N ALA P 115 -5.97 -25.75 26.82
CA ALA P 115 -5.74 -27.17 26.58
C ALA P 115 -5.55 -27.47 25.11
N ASP P 116 -6.43 -26.94 24.25
CA ASP P 116 -6.43 -27.29 22.85
C ASP P 116 -7.23 -26.25 22.10
N VAL P 117 -6.98 -26.17 20.79
CA VAL P 117 -7.60 -25.20 19.91
C VAL P 117 -8.26 -25.96 18.77
N ASN P 118 -9.50 -25.59 18.47
CA ASN P 118 -10.12 -25.97 17.21
C ASN P 118 -9.66 -24.94 16.20
N TYR P 119 -8.74 -25.35 15.35
CA TYR P 119 -7.79 -24.50 14.66
C TYR P 119 -8.41 -23.46 13.72
N ALA P 120 -9.03 -23.93 12.64
CA ALA P 120 -9.68 -23.06 11.67
C ALA P 120 -11.17 -22.95 11.90
N THR P 121 -11.72 -23.85 12.71
CA THR P 121 -13.06 -23.69 13.25
C THR P 121 -13.24 -22.38 14.01
N ASP P 122 -12.14 -21.81 14.51
CA ASP P 122 -12.16 -20.58 15.31
C ASP P 122 -12.91 -20.83 16.62
N GLU P 123 -12.61 -21.96 17.23
CA GLU P 123 -13.09 -22.31 18.55
C GLU P 123 -11.90 -22.82 19.36
N VAL P 124 -12.06 -22.76 20.68
CA VAL P 124 -10.98 -23.08 21.60
C VAL P 124 -11.53 -23.92 22.74
N THR P 125 -10.69 -24.85 23.21
CA THR P 125 -10.89 -25.58 24.44
C THR P 125 -9.91 -25.04 25.47
N LEU P 126 -10.36 -24.94 26.71
CA LEU P 126 -9.54 -24.47 27.81
C LEU P 126 -9.10 -25.62 28.69
N ALA P 127 -8.16 -25.29 29.58
CA ALA P 127 -7.64 -26.24 30.54
C ALA P 127 -8.46 -26.28 31.82
N THR P 128 -9.06 -25.16 32.19
CA THR P 128 -9.68 -25.00 33.51
C THR P 128 -11.20 -25.01 33.38
N ASP P 129 -11.86 -24.84 34.52
CA ASP P 129 -13.31 -24.93 34.66
C ASP P 129 -13.84 -23.64 35.28
N PRO P 130 -14.38 -22.71 34.49
CA PRO P 130 -14.93 -21.49 35.09
C PRO P 130 -16.21 -21.78 35.85
N ALA P 131 -16.65 -20.78 36.60
CA ALA P 131 -17.78 -20.89 37.51
C ALA P 131 -18.96 -20.08 37.01
N ASP P 132 -20.11 -20.35 37.60
CA ASP P 132 -21.34 -19.67 37.20
C ASP P 132 -21.23 -18.18 37.47
N GLY P 133 -21.61 -17.39 36.46
CA GLY P 133 -21.50 -15.95 36.56
C GLY P 133 -20.08 -15.43 36.65
N ASP P 134 -19.08 -16.26 36.37
CA ASP P 134 -17.69 -15.86 36.46
C ASP P 134 -17.25 -15.26 35.13
N THR P 135 -16.59 -14.12 35.20
CA THR P 135 -16.18 -13.38 34.01
C THR P 135 -14.77 -13.76 33.61
N VAL P 136 -14.54 -13.81 32.30
CA VAL P 136 -13.23 -14.07 31.73
C VAL P 136 -13.05 -13.11 30.56
N LYS P 137 -11.83 -12.60 30.44
CA LYS P 137 -11.43 -11.72 29.35
C LYS P 137 -10.44 -12.45 28.49
N LEU P 138 -10.64 -12.38 27.18
CA LEU P 138 -9.78 -13.02 26.20
C LEU P 138 -9.13 -11.96 25.35
N TRP P 139 -8.03 -12.35 24.70
CA TRP P 139 -7.29 -11.47 23.82
C TRP P 139 -6.71 -12.28 22.68
N PRO P 140 -7.55 -12.82 21.81
CA PRO P 140 -7.04 -13.45 20.60
C PRO P 140 -6.40 -12.42 19.70
N ILE P 141 -5.67 -12.91 18.72
CA ILE P 141 -5.01 -12.03 17.77
C ILE P 141 -6.05 -11.57 16.77
N MET P 142 -5.68 -10.58 15.97
CA MET P 142 -6.58 -9.99 14.98
C MET P 142 -6.10 -10.38 13.59
N GLY P 143 -7.02 -10.97 12.82
CA GLY P 143 -6.78 -11.24 11.42
C GLY P 143 -7.94 -10.73 10.59
N ASP P 144 -7.84 -11.00 9.28
CA ASP P 144 -8.86 -10.60 8.32
C ASP P 144 -9.08 -9.08 8.35
N GLY P 145 -8.02 -8.37 8.00
CA GLY P 145 -8.07 -6.93 7.96
C GLY P 145 -6.91 -6.34 7.19
N GLU P 146 -7.11 -5.17 6.61
CA GLU P 146 -6.12 -4.52 5.78
C GLU P 146 -5.25 -3.59 6.61
N VAL P 147 -4.32 -2.92 5.95
CA VAL P 147 -3.55 -1.86 6.58
C VAL P 147 -2.95 -0.99 5.49
N GLN P 148 -2.84 0.31 5.78
CA GLN P 148 -2.15 1.24 4.89
C GLN P 148 -1.54 2.35 5.72
N PHE P 149 -0.73 3.16 5.03
CA PHE P 149 -0.16 4.37 5.57
C PHE P 149 -0.69 5.57 4.82
N ARG P 150 -0.57 6.74 5.43
CA ARG P 150 -0.88 7.98 4.73
C ARG P 150 -0.17 9.13 5.45
N LEU P 151 -0.59 10.34 5.14
CA LEU P 151 0.15 11.52 5.54
C LEU P 151 -0.81 12.69 5.69
N VAL P 152 -0.38 13.71 6.41
CA VAL P 152 -1.19 14.88 6.72
C VAL P 152 -0.36 16.13 6.54
N ASN P 153 -0.98 17.17 5.99
CA ASN P 153 -0.32 18.46 5.77
C ASN P 153 -0.68 19.42 6.89
N GLN P 154 -0.37 19.03 8.13
CA GLN P 154 -0.41 19.94 9.27
C GLN P 154 -1.83 20.31 9.71
N PHE P 155 -2.84 19.92 8.93
CA PHE P 155 -4.25 20.19 9.20
C PHE P 155 -5.07 18.92 9.21
N GLY P 156 -4.91 18.11 8.17
CA GLY P 156 -5.89 17.13 7.79
C GLY P 156 -5.97 17.01 6.28
N GLN P 157 -5.48 18.00 5.55
CA GLN P 157 -5.35 17.83 4.10
C GLN P 157 -4.32 16.74 3.84
N GLU P 158 -4.79 15.59 3.42
CA GLU P 158 -3.89 14.49 3.10
C GLU P 158 -3.14 14.76 1.81
N GLU P 159 -1.84 14.52 1.83
CA GLU P 159 -1.10 14.40 0.58
C GLU P 159 -1.63 13.27 -0.26
N GLY P 160 -2.09 12.20 0.38
CA GLY P 160 -2.48 11.00 -0.30
C GLY P 160 -2.16 9.79 0.53
N ARG P 161 -1.38 8.87 -0.04
CA ARG P 161 -1.00 7.66 0.66
C ARG P 161 0.40 7.26 0.23
N VAL P 162 1.05 6.49 1.10
CA VAL P 162 2.40 6.03 0.83
C VAL P 162 2.40 5.16 -0.41
N TYR P 163 1.68 4.07 -0.34
CA TYR P 163 1.64 3.03 -1.34
C TYR P 163 0.20 2.59 -1.44
N PRO P 164 -0.45 2.71 -2.61
CA PRO P 164 -1.90 2.61 -2.65
C PRO P 164 -2.45 1.27 -2.24
N TRP P 165 -1.73 0.21 -2.51
CA TRP P 165 -2.23 -1.12 -2.22
C TRP P 165 -2.04 -1.47 -0.76
N ALA P 166 -2.97 -2.26 -0.25
CA ALA P 166 -3.06 -2.57 1.16
C ALA P 166 -2.16 -3.75 1.49
N THR P 167 -2.33 -4.30 2.70
CA THR P 167 -1.62 -5.47 3.14
C THR P 167 -2.52 -6.14 4.18
N PRO P 168 -2.62 -7.47 4.20
CA PRO P 168 -3.44 -8.13 5.20
C PRO P 168 -2.72 -8.60 6.46
N LEU P 169 -3.52 -8.73 7.51
CA LEU P 169 -3.00 -9.02 8.84
C LEU P 169 -2.83 -10.50 9.13
N TYR P 170 -3.67 -11.38 8.57
CA TYR P 170 -3.39 -12.79 8.70
C TYR P 170 -2.02 -13.08 8.09
N ARG P 171 -1.75 -12.46 6.94
CA ARG P 171 -0.44 -12.53 6.32
C ARG P 171 0.63 -11.95 7.23
N TRP P 172 0.30 -10.84 7.88
CA TRP P 172 1.24 -10.22 8.81
C TRP P 172 1.68 -11.21 9.88
N HIS P 173 0.72 -11.86 10.53
CA HIS P 173 1.05 -12.89 11.49
C HIS P 173 1.85 -14.01 10.86
N ASP P 174 1.49 -14.38 9.63
CA ASP P 174 2.08 -15.56 9.00
C ASP P 174 3.57 -15.40 8.83
N PHE P 175 4.00 -14.30 8.22
CA PHE P 175 5.44 -14.12 8.05
C PHE P 175 6.09 -14.07 9.42
N PRO P 176 7.04 -14.97 9.73
CA PRO P 176 7.68 -14.91 11.04
C PRO P 176 8.47 -13.62 11.17
N GLN P 177 8.09 -12.81 12.14
CA GLN P 177 8.98 -11.73 12.54
C GLN P 177 10.26 -12.33 13.08
N LEU P 178 11.25 -11.47 13.28
CA LEU P 178 12.49 -11.88 13.90
C LEU P 178 13.23 -12.91 13.07
N LYS P 179 13.52 -12.58 11.81
CA LYS P 179 14.38 -13.43 11.02
C LYS P 179 14.83 -12.67 9.78
N ARG P 180 16.14 -12.49 9.64
CA ARG P 180 16.68 -11.72 8.54
C ARG P 180 16.27 -12.31 7.20
N GLY P 181 15.89 -11.44 6.29
CA GLY P 181 15.32 -11.87 5.02
C GLY P 181 13.85 -12.15 5.12
N ARG P 182 13.45 -12.96 6.08
CA ARG P 182 12.04 -13.19 6.34
C ARG P 182 11.38 -12.02 7.04
N GLU P 183 12.14 -10.96 7.37
CA GLU P 183 11.55 -9.74 7.88
C GLU P 183 10.58 -9.14 6.87
N ILE P 184 9.82 -8.17 7.33
CA ILE P 184 8.96 -7.39 6.45
C ILE P 184 9.73 -6.21 5.92
N ASN P 185 9.49 -5.89 4.65
CA ASN P 185 9.95 -4.65 4.06
C ASN P 185 8.90 -4.26 3.02
N LEU P 186 8.03 -3.32 3.39
CA LEU P 186 6.94 -2.92 2.52
C LEU P 186 7.48 -2.09 1.37
N HIS P 187 6.59 -1.46 0.62
CA HIS P 187 6.94 -0.55 -0.45
C HIS P 187 6.44 0.83 -0.11
N GLY P 188 7.25 1.82 -0.43
CA GLY P 188 6.98 3.20 -0.05
C GLY P 188 8.28 3.91 0.26
N SER P 189 8.24 5.23 0.13
CA SER P 189 9.39 6.08 0.40
C SER P 189 8.87 7.48 0.57
N VAL P 190 9.09 8.07 1.74
CA VAL P 190 8.42 9.27 2.17
C VAL P 190 9.38 10.12 2.98
N THR P 191 8.88 11.25 3.45
CA THR P 191 9.58 12.14 4.34
C THR P 191 8.55 13.10 4.92
N TRP P 192 8.68 13.41 6.20
CA TRP P 192 7.78 14.38 6.80
C TRP P 192 8.47 15.16 7.91
N GLN P 193 8.32 16.48 7.84
CA GLN P 193 8.93 17.41 8.78
C GLN P 193 7.95 17.71 9.90
N GLU P 194 8.27 18.75 10.70
CA GLU P 194 7.51 19.10 11.89
C GLU P 194 6.02 19.23 11.62
N ASN P 195 5.23 18.56 12.45
CA ASN P 195 3.77 18.57 12.44
C ASN P 195 3.17 18.00 11.17
N GLU P 196 3.97 17.41 10.29
CA GLU P 196 3.46 16.68 9.13
C GLU P 196 3.25 15.23 9.56
N THR P 197 2.24 15.05 10.40
CA THR P 197 2.05 13.78 11.06
C THR P 197 1.71 12.68 10.08
N VAL P 198 1.98 11.46 10.51
CA VAL P 198 1.63 10.25 9.79
C VAL P 198 0.51 9.59 10.56
N GLU P 199 -0.29 8.79 9.86
CA GLU P 199 -1.33 8.01 10.51
C GLU P 199 -1.42 6.67 9.81
N VAL P 200 -1.34 5.61 10.60
CA VAL P 200 -1.62 4.29 10.08
C VAL P 200 -3.13 4.14 9.97
N LEU P 201 -3.55 3.32 9.02
CA LEU P 201 -4.96 3.03 8.85
C LEU P 201 -5.20 1.54 8.74
N LEU P 202 -6.38 1.15 9.20
CA LEU P 202 -6.81 -0.22 9.27
C LEU P 202 -8.27 -0.30 8.86
N ASP P 203 -8.60 -1.28 8.03
CA ASP P 203 -9.97 -1.60 7.67
C ASP P 203 -10.23 -3.05 8.02
N ALA P 204 -11.17 -3.28 8.94
CA ALA P 204 -11.48 -4.63 9.37
C ALA P 204 -12.83 -4.60 10.08
N PRO P 205 -13.49 -5.75 10.21
CA PRO P 205 -14.72 -5.79 10.99
C PRO P 205 -14.46 -5.65 12.47
N GLN P 206 -13.45 -6.39 12.94
CA GLN P 206 -13.29 -6.58 14.37
C GLN P 206 -12.64 -5.37 15.01
N ALA P 207 -12.69 -5.36 16.33
CA ALA P 207 -12.14 -4.28 17.10
C ALA P 207 -10.62 -4.40 17.16
N ILE P 208 -10.01 -3.59 18.00
CA ILE P 208 -8.60 -3.71 18.34
C ILE P 208 -8.51 -3.30 19.80
N THR P 209 -7.38 -3.62 20.43
CA THR P 209 -7.17 -3.30 21.81
C THR P 209 -5.71 -2.95 22.03
N TRP P 210 -5.49 -1.77 22.60
CA TRP P 210 -4.17 -1.32 23.02
C TRP P 210 -3.93 -1.57 24.50
N GLU P 211 -4.95 -1.34 25.32
CA GLU P 211 -4.85 -1.49 26.75
C GLU P 211 -6.18 -1.92 27.31
N ASP P 212 -6.13 -2.61 28.45
CA ASP P 212 -7.32 -2.85 29.27
C ASP P 212 -7.10 -2.61 30.75
N ALA P 213 -5.86 -2.49 31.22
CA ALA P 213 -5.49 -2.35 32.63
C ALA P 213 -5.71 -3.63 33.42
N ASP P 214 -6.16 -4.71 32.77
CA ASP P 214 -6.27 -6.02 33.39
C ASP P 214 -5.56 -7.08 32.58
N TYR P 215 -5.07 -6.75 31.39
CA TYR P 215 -4.26 -7.68 30.62
C TYR P 215 -3.01 -8.02 31.41
N PRO P 216 -2.66 -9.28 31.57
CA PRO P 216 -1.54 -9.63 32.45
C PRO P 216 -0.19 -9.18 31.93
N GLU P 217 0.09 -9.45 30.66
CA GLU P 217 1.46 -9.43 30.15
C GLU P 217 1.85 -8.03 29.70
N GLY P 218 2.10 -7.18 30.69
CA GLY P 218 2.86 -5.96 30.45
C GLY P 218 2.08 -4.76 30.01
N GLN P 219 0.83 -4.61 30.46
CA GLN P 219 0.09 -3.35 30.39
C GLN P 219 -0.37 -2.97 28.99
N TYR P 220 0.09 -3.68 27.96
CA TYR P 220 -0.12 -3.28 26.58
C TYR P 220 -0.56 -4.51 25.79
N VAL P 221 -1.82 -4.50 25.38
CA VAL P 221 -2.44 -5.67 24.78
C VAL P 221 -1.81 -5.94 23.42
N SER P 222 -1.60 -4.90 22.64
CA SER P 222 -1.07 -4.96 21.30
C SER P 222 0.20 -4.13 21.23
N THR P 223 0.78 -4.08 20.03
CA THR P 223 1.80 -3.07 19.79
C THR P 223 1.99 -2.85 18.30
N PHE P 224 2.61 -1.71 18.01
CA PHE P 224 3.21 -1.42 16.73
C PHE P 224 4.59 -0.88 17.02
N GLU P 225 5.56 -1.33 16.24
CA GLU P 225 6.93 -0.91 16.39
C GLU P 225 7.56 -0.86 15.01
N GLN P 226 8.57 -0.03 14.87
CA GLN P 226 8.98 0.35 13.54
C GLN P 226 10.37 0.95 13.58
N ASP P 227 11.07 0.82 12.47
CA ASP P 227 12.39 1.40 12.27
C ASP P 227 12.25 2.65 11.41
N VAL P 228 13.19 3.57 11.57
CA VAL P 228 13.20 4.82 10.81
C VAL P 228 14.64 5.26 10.63
N GLU P 229 14.82 6.19 9.70
CA GLU P 229 16.10 6.86 9.46
C GLU P 229 15.86 8.34 9.64
N ILE P 230 16.39 8.89 10.72
CA ILE P 230 16.13 10.26 11.13
C ILE P 230 17.35 11.12 10.87
N THR P 231 17.09 12.37 10.50
CA THR P 231 18.11 13.41 10.46
C THR P 231 18.16 14.01 11.85
N LEU P 232 18.95 13.39 12.72
CA LEU P 232 19.10 13.82 14.11
C LEU P 232 17.78 13.85 14.84
N GLN Q 4 34.12 -49.25 -16.26
CA GLN Q 4 33.12 -50.24 -15.88
C GLN Q 4 32.94 -50.28 -14.37
N THR Q 5 33.05 -49.11 -13.75
CA THR Q 5 32.98 -48.98 -12.30
C THR Q 5 31.63 -48.40 -11.93
N GLN Q 6 30.90 -49.12 -11.09
CA GLN Q 6 29.55 -48.74 -10.70
C GLN Q 6 29.42 -48.85 -9.19
N GLU Q 7 28.76 -47.87 -8.59
CA GLU Q 7 28.56 -47.88 -7.16
C GLU Q 7 27.40 -48.81 -6.79
N TYR Q 8 27.48 -49.36 -5.60
CA TYR Q 8 26.49 -50.32 -5.13
C TYR Q 8 26.40 -50.22 -3.62
N THR Q 9 25.52 -51.03 -3.05
CA THR Q 9 25.21 -51.02 -1.64
C THR Q 9 25.23 -52.45 -1.12
N LEU Q 10 25.65 -52.60 0.13
CA LEU Q 10 25.70 -53.86 0.83
C LEU Q 10 24.71 -53.85 1.99
N SER Q 11 24.61 -54.99 2.66
CA SER Q 11 23.64 -55.16 3.71
C SER Q 11 24.17 -56.16 4.73
N HIS Q 12 23.51 -56.19 5.87
CA HIS Q 12 23.68 -57.27 6.81
C HIS Q 12 23.09 -58.59 6.33
N THR Q 13 22.36 -58.60 5.20
CA THR Q 13 21.70 -59.82 4.76
C THR Q 13 21.77 -59.92 3.24
N GLY Q 14 22.13 -61.12 2.77
CA GLY Q 14 21.99 -61.54 1.39
C GLY Q 14 22.42 -60.53 0.36
N GLY Q 15 21.50 -60.16 -0.50
CA GLY Q 15 21.76 -59.11 -1.45
C GLY Q 15 22.65 -59.57 -2.58
N LEU Q 16 23.90 -59.15 -2.53
CA LEU Q 16 24.91 -59.48 -3.51
C LEU Q 16 25.72 -60.69 -3.10
N LEU Q 17 25.27 -61.42 -2.07
CA LEU Q 17 26.04 -62.52 -1.48
C LEU Q 17 25.22 -63.75 -1.16
N GLY Q 18 23.90 -63.71 -1.24
CA GLY Q 18 23.09 -64.89 -1.07
C GLY Q 18 23.11 -65.49 0.32
N SER Q 19 23.57 -64.74 1.32
CA SER Q 19 23.57 -65.20 2.70
C SER Q 19 24.47 -66.41 2.90
N SER Q 20 25.45 -66.55 2.03
CA SER Q 20 26.45 -67.61 2.08
C SER Q 20 27.86 -67.04 2.03
N LYS Q 21 28.07 -66.00 1.23
CA LYS Q 21 29.30 -65.23 1.24
C LYS Q 21 29.27 -64.10 2.24
N VAL Q 22 28.37 -64.17 3.22
CA VAL Q 22 28.33 -63.25 4.34
C VAL Q 22 27.94 -64.05 5.57
N THR Q 23 28.38 -63.59 6.73
CA THR Q 23 27.91 -64.14 7.98
C THR Q 23 27.69 -63.02 8.96
N THR Q 24 26.88 -63.32 9.97
CA THR Q 24 26.67 -62.46 11.12
C THR Q 24 27.15 -63.20 12.35
N ALA Q 25 27.42 -62.44 13.41
CA ALA Q 25 27.92 -63.08 14.62
C ALA Q 25 27.81 -62.12 15.78
N SER Q 26 27.64 -62.69 16.96
CA SER Q 26 27.67 -61.94 18.20
C SER Q 26 29.13 -61.68 18.56
N ASN Q 27 29.37 -61.24 19.79
CA ASN Q 27 30.68 -60.82 20.25
C ASN Q 27 30.99 -61.45 21.60
N GLN Q 28 32.21 -61.24 22.05
CA GLN Q 28 32.64 -61.68 23.37
C GLN Q 28 32.42 -60.56 24.37
N THR Q 29 31.88 -60.91 25.53
CA THR Q 29 31.45 -59.95 26.53
C THR Q 29 32.24 -60.08 27.83
N ALA Q 30 32.34 -61.29 28.38
CA ALA Q 30 32.97 -61.46 29.68
C ALA Q 30 34.43 -61.02 29.65
N PRO Q 31 35.29 -61.60 28.81
CA PRO Q 31 36.46 -60.83 28.37
C PRO Q 31 36.10 -59.97 27.18
N GLN Q 32 36.21 -58.64 27.32
CA GLN Q 32 36.10 -57.79 26.16
C GLN Q 32 37.15 -58.20 25.14
N ARG Q 33 36.70 -58.49 23.93
CA ARG Q 33 37.62 -58.77 22.85
C ARG Q 33 37.14 -58.03 21.61
N GLU Q 34 38.10 -57.51 20.85
CA GLU Q 34 37.80 -56.90 19.56
C GLU Q 34 37.50 -58.03 18.58
N THR Q 35 36.28 -58.55 18.71
CA THR Q 35 35.82 -59.70 17.95
C THR Q 35 35.23 -59.26 16.63
N ALA Q 36 34.80 -60.23 15.83
CA ALA Q 36 34.12 -59.98 14.57
C ALA Q 36 32.66 -60.34 14.69
N ILE Q 37 31.83 -59.56 14.02
CA ILE Q 37 30.39 -59.73 14.04
C ILE Q 37 29.88 -60.01 12.64
N ILE Q 38 30.59 -59.49 11.64
CA ILE Q 38 30.14 -59.55 10.25
C ILE Q 38 31.35 -59.57 9.34
N SER Q 39 31.21 -60.30 8.24
CA SER Q 39 32.21 -60.40 7.20
C SER Q 39 31.62 -59.94 5.88
N PHE Q 40 32.48 -59.93 4.87
CA PHE Q 40 32.09 -59.67 3.49
C PHE Q 40 33.06 -60.46 2.62
N GLU Q 41 32.65 -61.64 2.19
CA GLU Q 41 33.42 -62.42 1.24
C GLU Q 41 33.06 -61.98 -0.17
N VAL Q 42 34.06 -61.84 -1.01
CA VAL Q 42 33.76 -61.58 -2.42
C VAL Q 42 33.05 -62.80 -2.99
N PRO Q 43 31.97 -62.65 -3.72
CA PRO Q 43 31.31 -63.83 -4.28
C PRO Q 43 31.96 -64.26 -5.57
N ARG Q 44 31.30 -65.22 -6.21
CA ARG Q 44 31.81 -65.92 -7.39
C ARG Q 44 32.33 -65.01 -8.48
N LYS Q 45 31.75 -63.82 -8.62
CA LYS Q 45 31.72 -63.14 -9.90
C LYS Q 45 32.74 -62.03 -10.02
N PHE Q 46 32.87 -61.21 -8.99
CA PHE Q 46 33.45 -59.89 -9.16
C PHE Q 46 34.95 -59.96 -9.34
N SER Q 47 35.46 -58.94 -10.04
CA SER Q 47 36.89 -58.77 -10.18
C SER Q 47 37.50 -58.15 -8.93
N GLU Q 48 36.80 -57.18 -8.35
CA GLU Q 48 37.31 -56.51 -7.16
C GLU Q 48 36.20 -55.69 -6.54
N ILE Q 49 36.48 -55.19 -5.34
CA ILE Q 49 35.64 -54.26 -4.62
C ILE Q 49 36.56 -53.18 -4.09
N GLU Q 50 36.01 -51.99 -3.90
CA GLU Q 50 36.77 -50.86 -3.37
C GLU Q 50 35.96 -50.16 -2.30
N TYR Q 51 36.64 -49.83 -1.20
CA TYR Q 51 36.11 -48.93 -0.19
C TYR Q 51 37.01 -47.71 -0.10
N VAL Q 52 36.40 -46.54 0.04
CA VAL Q 52 37.14 -45.30 0.25
C VAL Q 52 36.42 -44.47 1.28
N GLY Q 53 36.91 -44.50 2.51
CA GLY Q 53 36.55 -43.47 3.45
C GLY Q 53 36.94 -42.10 2.93
N GLN Q 54 36.24 -41.09 3.44
CA GLN Q 54 36.27 -39.70 2.96
C GLN Q 54 35.61 -39.53 1.60
N ARG Q 55 35.09 -40.61 1.00
CA ARG Q 55 34.28 -40.55 -0.20
C ARG Q 55 33.01 -41.37 -0.03
N ASP Q 56 33.09 -42.45 0.75
CA ASP Q 56 32.05 -43.46 0.82
C ASP Q 56 31.34 -43.38 2.15
N ALA Q 57 30.11 -43.88 2.17
CA ALA Q 57 29.21 -43.71 3.30
C ALA Q 57 29.21 -44.96 4.17
N THR Q 58 28.33 -44.98 5.17
CA THR Q 58 28.21 -46.10 6.11
C THR Q 58 26.95 -45.85 6.94
N ARG Q 59 26.33 -46.95 7.37
CA ARG Q 59 25.25 -46.93 8.34
C ARG Q 59 25.35 -48.17 9.20
N PHE Q 60 25.00 -48.02 10.48
CA PHE Q 60 25.12 -49.13 11.43
C PHE Q 60 24.20 -48.84 12.60
N VAL Q 61 23.19 -49.67 12.78
CA VAL Q 61 22.18 -49.50 13.82
C VAL Q 61 22.27 -50.71 14.73
N PRO Q 62 23.04 -50.63 15.81
CA PRO Q 62 23.18 -51.77 16.73
C PRO Q 62 22.26 -51.74 17.94
N ARG Q 63 21.71 -52.89 18.29
CA ARG Q 63 20.92 -53.05 19.47
C ARG Q 63 21.32 -54.32 20.20
N THR Q 64 21.07 -54.33 21.49
CA THR Q 64 21.33 -55.46 22.36
C THR Q 64 20.01 -56.17 22.69
N THR Q 65 20.06 -57.08 23.65
CA THR Q 65 18.89 -57.84 24.07
C THR Q 65 19.01 -58.09 25.56
N GLU Q 66 17.87 -58.25 26.22
CA GLU Q 66 17.84 -58.76 27.57
C GLU Q 66 16.54 -59.51 27.78
N GLU Q 67 16.21 -59.77 29.05
CA GLU Q 67 14.99 -60.47 29.44
C GLU Q 67 14.59 -59.94 30.80
N ILE Q 68 13.35 -59.48 30.92
CA ILE Q 68 12.85 -58.87 32.15
C ILE Q 68 11.53 -59.52 32.51
N THR Q 69 11.43 -60.05 33.72
CA THR Q 69 10.19 -60.65 34.18
C THR Q 69 9.22 -59.55 34.60
N GLY Q 70 8.15 -59.95 35.27
CA GLY Q 70 7.22 -59.01 35.86
C GLY Q 70 6.83 -59.44 37.26
N THR Q 71 5.89 -58.74 37.85
CA THR Q 71 5.55 -58.93 39.25
C THR Q 71 4.09 -58.53 39.44
N ALA Q 72 3.46 -59.11 40.46
CA ALA Q 72 2.13 -58.67 40.86
C ALA Q 72 2.11 -57.17 41.09
N ASN Q 73 2.94 -56.69 42.01
CA ASN Q 73 3.17 -55.24 42.16
C ASN Q 73 4.32 -54.81 41.24
N ASP Q 74 4.06 -54.97 39.94
CA ASP Q 74 5.02 -54.68 38.88
C ASP Q 74 5.62 -53.29 39.03
N ASP Q 75 6.82 -53.12 38.48
CA ASP Q 75 7.62 -51.95 38.76
C ASP Q 75 7.36 -50.81 37.79
N THR Q 76 7.17 -51.14 36.51
CA THR Q 76 7.08 -50.19 35.39
C THR Q 76 8.46 -49.63 35.04
N VAL Q 77 9.48 -49.92 35.84
CA VAL Q 77 10.76 -49.24 35.79
C VAL Q 77 11.84 -50.28 35.59
N VAL Q 78 12.86 -49.92 34.82
CA VAL Q 78 13.97 -50.80 34.53
C VAL Q 78 15.26 -50.01 34.56
N GLN Q 79 16.36 -50.73 34.78
CA GLN Q 79 17.71 -50.22 34.63
C GLN Q 79 18.43 -51.08 33.62
N LEU Q 80 19.41 -50.48 32.94
CA LEU Q 80 20.15 -51.18 31.90
C LEU Q 80 21.64 -50.96 32.07
N GLN Q 81 22.40 -52.03 31.90
CA GLN Q 81 23.85 -51.99 31.92
C GLN Q 81 24.40 -51.76 30.53
N ALA Q 82 23.85 -50.75 29.86
CA ALA Q 82 24.26 -50.41 28.50
C ALA Q 82 23.85 -48.96 28.30
N ASN Q 83 24.84 -48.07 28.19
CA ASN Q 83 24.53 -46.66 28.25
C ASN Q 83 23.73 -46.24 27.03
N ILE Q 84 22.75 -45.38 27.28
CA ILE Q 84 21.79 -44.96 26.28
C ILE Q 84 22.09 -43.51 25.95
N GLN Q 85 21.91 -43.17 24.69
CA GLN Q 85 21.90 -41.79 24.28
C GLN Q 85 20.86 -41.58 23.21
N PRO Q 86 20.57 -40.34 22.84
CA PRO Q 86 19.76 -40.10 21.65
C PRO Q 86 20.53 -40.40 20.40
N ILE Q 87 19.94 -40.06 19.27
CA ILE Q 87 20.49 -40.40 17.97
C ILE Q 87 20.75 -39.08 17.28
N ALA Q 88 19.69 -38.35 17.02
CA ALA Q 88 19.77 -37.03 16.39
C ALA Q 88 18.91 -36.12 17.26
N GLY Q 89 19.52 -35.63 18.33
CA GLY Q 89 18.92 -34.61 19.14
C GLY Q 89 18.36 -35.07 20.46
N GLU Q 90 17.11 -34.70 20.71
CA GLU Q 90 16.50 -34.94 22.00
C GLU Q 90 16.22 -36.43 22.17
N GLU Q 91 15.92 -36.83 23.40
CA GLU Q 91 15.30 -38.11 23.70
C GLU Q 91 13.81 -37.84 23.81
N ASP Q 92 13.18 -37.67 22.65
CA ASP Q 92 11.72 -37.68 22.50
C ASP Q 92 11.37 -38.76 21.50
N MET Q 93 10.89 -39.90 22.02
CA MET Q 93 10.75 -41.11 21.24
C MET Q 93 9.92 -40.91 19.98
N ALA Q 94 9.04 -39.91 19.97
CA ALA Q 94 8.25 -39.62 18.80
C ALA Q 94 9.13 -39.21 17.61
N ASP Q 95 10.24 -38.54 17.87
CA ASP Q 95 11.00 -37.85 16.84
C ASP Q 95 12.50 -38.12 17.01
N GLN Q 96 12.87 -39.39 17.15
CA GLN Q 96 14.27 -39.79 17.29
C GLN Q 96 14.93 -40.19 15.98
N ASP Q 97 14.17 -40.31 14.90
CA ASP Q 97 14.55 -40.83 13.58
C ASP Q 97 14.66 -42.35 13.56
N TYR Q 98 14.67 -42.98 14.73
CA TYR Q 98 14.27 -44.36 14.97
C TYR Q 98 14.40 -44.50 16.48
N PRO Q 99 13.62 -45.35 17.14
CA PRO Q 99 13.65 -45.37 18.60
C PRO Q 99 14.99 -45.83 19.12
N VAL Q 100 15.28 -45.42 20.36
CA VAL Q 100 16.45 -45.91 21.06
C VAL Q 100 16.13 -47.12 21.91
N VAL Q 101 14.85 -47.46 22.08
CA VAL Q 101 14.44 -48.64 22.81
C VAL Q 101 13.27 -49.27 22.07
N VAL Q 102 13.22 -50.59 22.13
CA VAL Q 102 12.07 -51.36 21.70
C VAL Q 102 11.78 -52.35 22.80
N ALA Q 103 10.50 -52.66 22.97
CA ALA Q 103 10.07 -53.60 23.99
C ALA Q 103 8.95 -54.45 23.45
N TYR Q 104 8.81 -55.63 24.03
CA TYR Q 104 7.79 -56.56 23.56
C TYR Q 104 7.48 -57.56 24.65
N ASN Q 105 6.22 -57.62 25.05
CA ASN Q 105 5.80 -58.64 25.99
C ASN Q 105 5.65 -59.97 25.27
N VAL Q 106 5.95 -61.04 25.99
CA VAL Q 106 5.99 -62.38 25.43
C VAL Q 106 4.68 -63.10 25.67
N THR Q 107 4.20 -63.07 26.91
CA THR Q 107 2.89 -63.63 27.23
C THR Q 107 1.81 -63.00 26.37
N GLN Q 108 1.62 -61.70 26.54
CA GLN Q 108 0.84 -60.92 25.58
C GLN Q 108 1.74 -60.64 24.40
N GLY Q 109 1.48 -61.31 23.28
CA GLY Q 109 2.32 -61.13 22.12
C GLY Q 109 2.11 -59.78 21.50
N ALA Q 110 2.56 -58.74 22.19
CA ALA Q 110 2.23 -57.38 21.82
C ALA Q 110 3.36 -56.46 22.26
N GLN Q 111 3.35 -55.26 21.69
CA GLN Q 111 4.33 -54.25 22.03
C GLN Q 111 4.17 -53.82 23.48
N VAL Q 112 5.14 -53.03 23.92
CA VAL Q 112 5.13 -52.44 25.26
C VAL Q 112 5.62 -51.01 25.06
N GLU Q 113 4.72 -50.06 25.14
CA GLU Q 113 5.04 -48.69 24.84
C GLU Q 113 5.69 -48.02 26.05
N ILE Q 114 6.43 -46.95 25.76
CA ILE Q 114 7.25 -46.27 26.75
C ILE Q 114 6.54 -45.00 27.15
N ALA Q 115 6.65 -44.65 28.43
CA ALA Q 115 6.16 -43.40 28.98
C ALA Q 115 7.25 -42.35 29.08
N ASP Q 116 8.40 -42.72 29.63
CA ASP Q 116 9.44 -41.76 29.92
C ASP Q 116 10.74 -42.51 30.14
N VAL Q 117 11.84 -41.79 29.99
CA VAL Q 117 13.19 -42.32 30.09
C VAL Q 117 13.94 -41.52 31.13
N ASN Q 118 14.62 -42.22 32.03
CA ASN Q 118 15.65 -41.61 32.85
C ASN Q 118 16.91 -41.62 32.01
N TYR Q 119 17.26 -40.45 31.51
CA TYR Q 119 18.07 -40.26 30.31
C TYR Q 119 19.48 -40.83 30.39
N ALA Q 120 20.31 -40.24 31.24
CA ALA Q 120 21.68 -40.67 31.43
C ALA Q 120 21.84 -41.59 32.63
N THR Q 121 20.84 -41.62 33.50
CA THR Q 121 20.72 -42.65 34.52
C THR Q 121 20.71 -44.05 33.93
N ASP Q 122 20.34 -44.20 32.66
CA ASP Q 122 20.23 -45.50 32.00
C ASP Q 122 19.15 -46.34 32.67
N GLU Q 123 18.02 -45.69 32.94
CA GLU Q 123 16.82 -46.33 33.42
C GLU Q 123 15.65 -45.81 32.60
N VAL Q 124 14.57 -46.59 32.60
CA VAL Q 124 13.40 -46.32 31.77
C VAL Q 124 12.15 -46.55 32.57
N THR Q 125 11.15 -45.73 32.29
CA THR Q 125 9.78 -45.91 32.74
C THR Q 125 8.95 -46.36 31.55
N LEU Q 126 8.03 -47.27 31.79
CA LEU Q 126 7.14 -47.78 30.75
C LEU Q 126 5.75 -47.19 30.89
N ALA Q 127 4.95 -47.42 29.85
CA ALA Q 127 3.57 -46.98 29.81
C ALA Q 127 2.62 -47.98 30.43
N THR Q 128 2.95 -49.27 30.35
CA THR Q 128 2.02 -50.34 30.69
C THR Q 128 2.43 -51.00 32.01
N ASP Q 129 1.65 -52.01 32.39
CA ASP Q 129 1.80 -52.70 33.66
C ASP Q 129 1.99 -54.19 33.41
N PRO Q 130 3.21 -54.72 33.46
CA PRO Q 130 3.37 -56.17 33.26
C PRO Q 130 2.85 -56.95 34.46
N ALA Q 131 2.77 -58.26 34.26
CA ALA Q 131 2.16 -59.17 35.21
C ALA Q 131 3.21 -60.08 35.84
N ASP Q 132 2.80 -60.73 36.92
CA ASP Q 132 3.71 -61.60 37.65
C ASP Q 132 4.17 -62.75 36.78
N GLY Q 133 5.47 -63.00 36.78
CA GLY Q 133 6.04 -64.02 35.94
C GLY Q 133 5.94 -63.77 34.45
N ASP Q 134 5.57 -62.55 34.05
CA ASP Q 134 5.41 -62.23 32.65
C ASP Q 134 6.74 -61.78 32.07
N THR Q 135 7.09 -62.31 30.91
CA THR Q 135 8.37 -62.05 30.29
C THR Q 135 8.26 -60.90 29.29
N VAL Q 136 9.31 -60.09 29.23
CA VAL Q 136 9.42 -59.00 28.29
C VAL Q 136 10.83 -59.01 27.73
N LYS Q 137 10.93 -58.73 26.43
CA LYS Q 137 12.19 -58.63 25.74
C LYS Q 137 12.40 -57.19 25.32
N LEU Q 138 13.59 -56.67 25.57
CA LEU Q 138 13.96 -55.31 25.23
C LEU Q 138 15.07 -55.33 24.20
N TRP Q 139 15.21 -54.19 23.52
CA TRP Q 139 16.24 -54.03 22.50
C TRP Q 139 16.71 -52.59 22.51
N PRO Q 140 17.37 -52.17 23.56
CA PRO Q 140 18.02 -50.86 23.54
C PRO Q 140 19.14 -50.85 22.54
N ILE Q 141 19.61 -49.64 22.26
CA ILE Q 141 20.71 -49.48 21.32
C ILE Q 141 21.99 -49.80 22.04
N MET Q 142 23.07 -49.94 21.29
CA MET Q 142 24.37 -50.28 21.82
C MET Q 142 25.29 -49.07 21.73
N GLY Q 143 25.87 -48.69 22.88
CA GLY Q 143 26.89 -47.67 22.93
C GLY Q 143 28.08 -48.16 23.72
N ASP Q 144 29.05 -47.28 23.88
CA ASP Q 144 30.27 -47.56 24.63
C ASP Q 144 31.00 -48.76 24.04
N GLY Q 145 31.42 -48.61 22.79
CA GLY Q 145 32.15 -49.65 22.10
C GLY Q 145 32.85 -49.12 20.87
N GLU Q 146 33.94 -49.77 20.49
CA GLU Q 146 34.76 -49.34 19.38
C GLU Q 146 34.32 -50.03 18.09
N VAL Q 147 35.01 -49.72 17.00
CA VAL Q 147 34.81 -50.44 15.75
C VAL Q 147 36.03 -50.23 14.88
N GLN Q 148 36.37 -51.25 14.10
CA GLN Q 148 37.44 -51.15 13.11
C GLN Q 148 37.13 -52.06 11.95
N PHE Q 149 37.93 -51.92 10.90
CA PHE Q 149 37.92 -52.78 9.74
C PHE Q 149 39.25 -53.52 9.65
N ARG Q 150 39.25 -54.62 8.90
CA ARG Q 150 40.48 -55.29 8.58
C ARG Q 150 40.27 -56.15 7.34
N LEU Q 151 41.20 -57.07 7.09
CA LEU Q 151 41.26 -57.77 5.82
C LEU Q 151 41.88 -59.15 6.05
N VAL Q 152 41.65 -60.03 5.09
CA VAL Q 152 42.09 -61.41 5.17
C VAL Q 152 42.68 -61.82 3.83
N ASN Q 153 43.76 -62.59 3.88
CA ASN Q 153 44.42 -63.09 2.67
C ASN Q 153 43.98 -64.52 2.39
N GLN Q 154 42.68 -64.72 2.24
CA GLN Q 154 42.13 -65.97 1.71
C GLN Q 154 42.21 -67.13 2.71
N PHE Q 155 42.91 -66.94 3.82
CA PHE Q 155 43.08 -67.94 4.87
C PHE Q 155 42.64 -67.42 6.22
N GLY Q 156 43.12 -66.25 6.58
CA GLY Q 156 43.19 -65.83 7.95
C GLY Q 156 44.43 -65.00 8.20
N GLN Q 157 45.43 -65.10 7.34
CA GLN Q 157 46.57 -64.19 7.43
C GLN Q 157 46.08 -62.79 7.11
N GLU Q 158 45.99 -61.96 8.14
CA GLU Q 158 45.56 -60.59 7.96
C GLU Q 158 46.66 -59.77 7.28
N GLU Q 159 46.25 -58.99 6.29
CA GLU Q 159 47.13 -57.92 5.82
C GLU Q 159 47.42 -56.93 6.92
N GLY Q 160 46.45 -56.71 7.81
CA GLY Q 160 46.56 -55.69 8.82
C GLY Q 160 45.21 -55.09 9.09
N ARG Q 161 45.11 -53.77 8.94
CA ARG Q 161 43.86 -53.07 9.17
C ARG Q 161 43.76 -51.90 8.21
N VAL Q 162 42.52 -51.48 7.98
CA VAL Q 162 42.26 -50.37 7.09
C VAL Q 162 42.91 -49.11 7.63
N TYR Q 163 42.48 -48.71 8.80
CA TYR Q 163 42.86 -47.46 9.43
C TYR Q 163 43.04 -47.78 10.91
N PRO Q 164 44.23 -47.59 11.49
CA PRO Q 164 44.51 -48.20 12.79
C PRO Q 164 43.62 -47.70 13.91
N TRP Q 165 43.22 -46.44 13.86
CA TRP Q 165 42.45 -45.87 14.94
C TRP Q 165 40.99 -46.28 14.85
N ALA Q 166 40.36 -46.41 16.00
CA ALA Q 166 39.02 -46.95 16.12
C ALA Q 166 38.00 -45.84 15.93
N THR Q 167 36.74 -46.13 16.27
CA THR Q 167 35.67 -45.18 16.21
C THR Q 167 34.65 -45.65 17.25
N PRO Q 168 34.03 -44.74 18.01
CA PRO Q 168 33.02 -45.18 18.98
C PRO Q 168 31.57 -45.13 18.50
N LEU Q 169 30.76 -45.95 19.16
CA LEU Q 169 29.38 -46.16 18.76
C LEU Q 169 28.41 -45.17 19.36
N TYR Q 170 28.64 -44.66 20.57
CA TYR Q 170 27.80 -43.57 21.03
C TYR Q 170 27.92 -42.40 20.06
N ARG Q 171 29.15 -42.14 19.60
CA ARG Q 171 29.38 -41.15 18.56
C ARG Q 171 28.66 -41.51 17.28
N TRP Q 172 28.68 -42.80 16.94
CA TRP Q 172 27.99 -43.27 15.75
C TRP Q 172 26.52 -42.89 15.79
N HIS Q 173 25.85 -43.21 16.90
CA HIS Q 173 24.46 -42.80 17.06
C HIS Q 173 24.32 -41.29 17.00
N ASP Q 174 25.27 -40.58 17.60
CA ASP Q 174 25.15 -39.13 17.75
C ASP Q 174 25.06 -38.45 16.39
N PHE Q 175 26.00 -38.72 15.51
CA PHE Q 175 25.96 -38.09 14.21
C PHE Q 175 24.66 -38.50 13.51
N PRO Q 176 23.79 -37.56 13.14
CA PRO Q 176 22.56 -37.97 12.46
C PRO Q 176 22.90 -38.57 11.11
N GLN Q 177 22.53 -39.84 10.94
CA GLN Q 177 22.52 -40.38 9.61
C GLN Q 177 21.51 -39.61 8.77
N LEU Q 178 21.53 -39.87 7.46
CA LEU Q 178 20.56 -39.30 6.56
C LEU Q 178 20.65 -37.78 6.53
N LYS Q 179 21.81 -37.25 6.21
CA LYS Q 179 21.93 -35.83 5.97
C LYS Q 179 23.26 -35.53 5.29
N ARG Q 180 23.20 -34.96 4.09
CA ARG Q 180 24.40 -34.70 3.31
C ARG Q 180 25.35 -33.80 4.09
N GLY Q 181 26.63 -34.14 4.04
CA GLY Q 181 27.63 -33.46 4.83
C GLY Q 181 27.71 -34.01 6.23
N ARG Q 182 26.57 -34.10 6.91
CA ARG Q 182 26.54 -34.74 8.22
C ARG Q 182 26.62 -36.26 8.13
N GLU Q 183 26.68 -36.82 6.92
CA GLU Q 183 26.93 -38.24 6.75
C GLU Q 183 28.27 -38.62 7.35
N ILE Q 184 28.50 -39.91 7.47
CA ILE Q 184 29.79 -40.44 7.89
C ILE Q 184 30.65 -40.65 6.66
N ASN Q 185 31.93 -40.35 6.80
CA ASN Q 185 32.94 -40.72 5.81
C ASN Q 185 34.22 -40.97 6.61
N LEU Q 186 34.52 -42.25 6.84
CA LEU Q 186 35.67 -42.63 7.65
C LEU Q 186 36.95 -42.37 6.84
N HIS Q 187 38.06 -42.88 7.34
CA HIS Q 187 39.34 -42.82 6.66
C HIS Q 187 39.81 -44.23 6.35
N GLY Q 188 40.39 -44.39 5.18
CA GLY Q 188 40.76 -45.70 4.68
C GLY Q 188 40.57 -45.75 3.18
N SER Q 189 41.31 -46.65 2.55
CA SER Q 189 41.24 -46.84 1.11
C SER Q 189 41.86 -48.19 0.83
N VAL Q 190 41.09 -49.09 0.24
CA VAL Q 190 41.43 -50.50 0.17
C VAL Q 190 40.93 -51.07 -1.16
N THR Q 191 41.17 -52.36 -1.34
CA THR Q 191 40.68 -53.13 -2.46
C THR Q 191 40.84 -54.59 -2.11
N TRP Q 192 39.85 -55.40 -2.49
CA TRP Q 192 39.98 -56.83 -2.25
C TRP Q 192 39.25 -57.62 -3.34
N GLN Q 193 39.96 -58.61 -3.87
CA GLN Q 193 39.48 -59.45 -4.96
C GLN Q 193 38.85 -60.72 -4.36
N GLU Q 194 38.60 -61.70 -5.22
CA GLU Q 194 37.90 -62.93 -4.84
C GLU Q 194 38.48 -63.59 -3.61
N ASN Q 195 37.60 -63.91 -2.66
CA ASN Q 195 37.91 -64.61 -1.42
C ASN Q 195 38.86 -63.83 -0.50
N GLU Q 196 39.18 -62.58 -0.83
CA GLU Q 196 39.93 -61.72 0.08
C GLU Q 196 38.93 -60.99 0.96
N THR Q 197 38.32 -61.76 1.85
CA THR Q 197 37.19 -61.28 2.61
C THR Q 197 37.60 -60.15 3.54
N VAL Q 198 36.59 -59.36 3.90
CA VAL Q 198 36.71 -58.29 4.87
C VAL Q 198 35.96 -58.74 6.11
N GLU Q 199 36.35 -58.20 7.26
CA GLU Q 199 35.63 -58.47 8.50
C GLU Q 199 35.61 -57.19 9.32
N VAL Q 200 34.44 -56.79 9.72
CA VAL Q 200 34.30 -55.71 10.68
C VAL Q 200 34.64 -56.26 12.05
N LEU Q 201 35.15 -55.39 12.91
CA LEU Q 201 35.45 -55.77 14.28
C LEU Q 201 34.89 -54.76 15.25
N LEU Q 202 34.55 -55.28 16.43
CA LEU Q 202 33.92 -54.53 17.50
C LEU Q 202 34.54 -54.97 18.81
N ASP Q 203 34.85 -53.99 19.66
CA ASP Q 203 35.29 -54.23 21.02
C ASP Q 203 34.35 -53.49 21.96
N ALA Q 204 33.65 -54.23 22.80
CA ALA Q 204 32.71 -53.63 23.74
C ALA Q 204 32.38 -54.65 24.81
N PRO Q 205 31.87 -54.20 25.96
CA PRO Q 205 31.41 -55.16 26.97
C PRO Q 205 30.15 -55.88 26.55
N GLN Q 206 29.21 -55.11 26.03
CA GLN Q 206 27.86 -55.62 25.88
C GLN Q 206 27.75 -56.50 24.65
N ALA Q 207 26.63 -57.20 24.59
CA ALA Q 207 26.36 -58.11 23.51
C ALA Q 207 25.95 -57.33 22.27
N ILE Q 208 25.49 -58.05 21.26
CA ILE Q 208 24.86 -57.46 20.08
C ILE Q 208 23.77 -58.45 19.68
N THR Q 209 22.86 -58.00 18.84
CA THR Q 209 21.78 -58.84 18.37
C THR Q 209 21.47 -58.50 16.94
N TRP Q 210 21.49 -59.53 16.10
CA TRP Q 210 21.07 -59.43 14.70
C TRP Q 210 19.63 -59.89 14.51
N GLU Q 211 19.25 -60.96 15.20
CA GLU Q 211 17.91 -61.53 15.07
C GLU Q 211 17.50 -62.14 16.40
N ASP Q 212 16.19 -62.21 16.60
CA ASP Q 212 15.61 -63.00 17.68
C ASP Q 212 14.42 -63.83 17.26
N ALA Q 213 13.81 -63.56 16.09
CA ALA Q 213 12.60 -64.19 15.60
C ALA Q 213 11.36 -63.78 16.39
N ASP Q 214 11.50 -62.89 17.37
CA ASP Q 214 10.37 -62.31 18.07
C ASP Q 214 10.42 -60.80 18.08
N TYR Q 215 11.50 -60.20 17.59
CA TYR Q 215 11.56 -58.76 17.43
C TYR Q 215 10.47 -58.32 16.46
N PRO Q 216 9.68 -57.32 16.81
CA PRO Q 216 8.53 -56.99 15.95
C PRO Q 216 8.91 -56.41 14.60
N GLU Q 217 9.82 -55.43 14.61
CA GLU Q 217 9.99 -54.54 13.46
C GLU Q 217 10.96 -55.14 12.46
N GLY Q 218 10.46 -56.13 11.73
CA GLY Q 218 11.08 -56.51 10.48
C GLY Q 218 12.19 -57.53 10.56
N GLN Q 219 12.12 -58.46 11.51
CA GLN Q 219 12.92 -59.68 11.51
C GLN Q 219 14.40 -59.45 11.82
N TYR Q 220 14.85 -58.21 11.88
CA TYR Q 220 16.28 -57.90 11.96
C TYR Q 220 16.46 -56.83 13.02
N VAL Q 221 17.07 -57.24 14.13
CA VAL Q 221 17.16 -56.37 15.30
C VAL Q 221 18.07 -55.20 15.01
N SER Q 222 19.19 -55.45 14.36
CA SER Q 222 20.20 -54.47 14.05
C SER Q 222 20.41 -54.43 12.54
N THR Q 223 21.34 -53.59 12.12
CA THR Q 223 21.82 -53.71 10.75
C THR Q 223 23.16 -53.01 10.58
N PHE Q 224 23.81 -53.39 9.51
CA PHE Q 224 24.93 -52.67 8.94
C PHE Q 224 24.67 -52.55 7.45
N GLU Q 225 24.92 -51.37 6.92
CA GLU Q 225 24.71 -51.09 5.52
C GLU Q 225 25.80 -50.14 5.07
N GLN Q 226 26.10 -50.18 3.78
CA GLN Q 226 27.35 -49.58 3.35
C GLN Q 226 27.31 -49.37 1.85
N ASP Q 227 28.07 -48.38 1.41
CA ASP Q 227 28.24 -48.07 0.00
C ASP Q 227 29.60 -48.59 -0.46
N VAL Q 228 29.70 -48.90 -1.75
CA VAL Q 228 30.94 -49.40 -2.33
C VAL Q 228 31.02 -48.94 -3.77
N GLU Q 229 32.21 -49.06 -4.33
CA GLU Q 229 32.48 -48.81 -5.74
C GLU Q 229 33.07 -50.08 -6.32
N ILE Q 230 32.29 -50.76 -7.15
CA ILE Q 230 32.63 -52.09 -7.64
C ILE Q 230 33.03 -51.98 -9.11
N THR Q 231 33.98 -52.82 -9.50
CA THR Q 231 34.29 -53.07 -10.89
C THR Q 231 33.37 -54.18 -11.36
N LEU Q 232 32.18 -53.79 -11.79
CA LEU Q 232 31.16 -54.72 -12.25
C LEU Q 232 30.81 -55.76 -11.20
N GLN R 4 77.10 -50.03 20.13
CA GLN R 4 76.60 -50.27 21.47
C GLN R 4 75.50 -51.31 21.46
N THR R 5 75.63 -52.30 20.58
CA THR R 5 74.63 -53.33 20.38
C THR R 5 75.14 -54.61 21.01
N GLN R 6 74.35 -55.17 21.93
CA GLN R 6 74.72 -56.35 22.68
C GLN R 6 73.56 -57.32 22.68
N GLU R 7 73.87 -58.59 22.50
CA GLU R 7 72.84 -59.62 22.50
C GLU R 7 72.44 -59.97 23.93
N TYR R 8 71.20 -60.39 24.08
CA TYR R 8 70.65 -60.71 25.38
C TYR R 8 69.58 -61.78 25.23
N THR R 9 69.02 -62.18 26.35
CA THR R 9 68.05 -63.25 26.42
C THR R 9 66.86 -62.80 27.24
N LEU R 10 65.69 -63.30 26.87
CA LEU R 10 64.44 -63.03 27.55
C LEU R 10 63.90 -64.30 28.17
N SER R 11 62.79 -64.18 28.87
CA SER R 11 62.22 -65.28 29.62
C SER R 11 60.72 -65.10 29.72
N HIS R 12 60.06 -66.17 30.12
CA HIS R 12 58.68 -66.09 30.56
C HIS R 12 58.53 -65.39 31.90
N THR R 13 59.61 -65.06 32.59
CA THR R 13 59.51 -64.45 33.92
C THR R 13 60.58 -63.39 34.11
N GLY R 14 60.15 -62.25 34.65
CA GLY R 14 61.02 -61.21 35.17
C GLY R 14 62.21 -60.87 34.31
N GLY R 15 63.39 -61.02 34.89
CA GLY R 15 64.60 -60.83 34.14
C GLY R 15 64.90 -59.38 33.87
N LEU R 16 64.67 -58.97 32.63
CA LEU R 16 64.88 -57.62 32.20
C LEU R 16 63.62 -56.78 32.28
N LEU R 17 62.59 -57.27 32.97
CA LEU R 17 61.29 -56.65 33.00
C LEU R 17 60.63 -56.63 34.37
N GLY R 18 61.16 -57.31 35.36
CA GLY R 18 60.65 -57.21 36.71
C GLY R 18 59.26 -57.77 36.92
N SER R 19 58.76 -58.56 35.98
CA SER R 19 57.45 -59.20 36.10
C SER R 19 56.33 -58.18 36.15
N SER R 20 56.57 -57.01 35.59
CA SER R 20 55.60 -55.92 35.48
C SER R 20 55.49 -55.44 34.05
N LYS R 21 56.60 -55.39 33.32
CA LYS R 21 56.60 -55.14 31.90
C LYS R 21 56.48 -56.42 31.08
N VAL R 22 56.00 -57.49 31.72
CA VAL R 22 55.68 -58.74 31.03
C VAL R 22 54.42 -59.29 31.70
N THR R 23 53.65 -60.05 30.94
CA THR R 23 52.55 -60.80 31.50
C THR R 23 52.50 -62.17 30.85
N THR R 24 51.84 -63.08 31.55
CA THR R 24 51.53 -64.40 31.04
C THR R 24 50.02 -64.53 30.99
N ALA R 25 49.53 -65.47 30.19
CA ALA R 25 48.10 -65.63 30.07
C ALA R 25 47.79 -66.96 29.42
N SER R 26 46.63 -67.48 29.77
CA SER R 26 46.09 -68.67 29.13
C SER R 26 45.47 -68.26 27.80
N ASN R 27 44.70 -69.16 27.20
CA ASN R 27 44.13 -68.97 25.88
C ASN R 27 42.65 -69.31 25.88
N GLN R 28 42.00 -69.06 24.76
CA GLN R 28 40.61 -69.43 24.55
C GLN R 28 40.55 -70.80 23.91
N THR R 29 39.66 -71.64 24.41
CA THR R 29 39.57 -73.04 24.02
C THR R 29 38.25 -73.38 23.36
N ALA R 30 37.13 -73.02 23.97
CA ALA R 30 35.82 -73.41 23.45
C ALA R 30 35.60 -72.85 22.05
N PRO R 31 35.63 -71.52 21.84
CA PRO R 31 35.98 -71.03 20.50
C PRO R 31 37.49 -70.93 20.38
N GLN R 32 38.08 -71.68 19.45
CA GLN R 32 39.47 -71.46 19.13
C GLN R 32 39.66 -70.02 18.69
N ARG R 33 40.57 -69.33 19.36
CA ARG R 33 40.93 -67.99 18.96
C ARG R 33 42.44 -67.86 19.00
N GLU R 34 42.98 -67.13 18.03
CA GLU R 34 44.40 -66.80 18.01
C GLU R 34 44.61 -65.73 19.08
N THR R 35 44.65 -66.18 20.33
CA THR R 35 44.74 -65.32 21.49
C THR R 35 46.19 -65.04 21.82
N ALA R 36 46.40 -64.23 22.85
CA ALA R 36 47.74 -63.92 23.35
C ALA R 36 47.95 -64.60 24.69
N ILE R 37 49.18 -65.04 24.91
CA ILE R 37 49.55 -65.74 26.13
C ILE R 37 50.63 -64.97 26.85
N ILE R 38 51.44 -64.23 26.10
CA ILE R 38 52.61 -63.55 26.64
C ILE R 38 52.88 -62.30 25.82
N SER R 39 53.36 -61.28 26.52
CA SER R 39 53.76 -60.01 25.93
C SER R 39 55.21 -59.73 26.24
N PHE R 40 55.69 -58.62 25.70
CA PHE R 40 57.02 -58.09 25.99
C PHE R 40 56.91 -56.58 25.83
N GLU R 41 56.72 -55.89 26.95
CA GLU R 41 56.75 -54.44 26.96
C GLU R 41 58.19 -53.98 27.12
N VAL R 42 58.56 -52.97 26.36
CA VAL R 42 59.88 -52.38 26.59
C VAL R 42 59.88 -51.73 27.96
N PRO R 43 60.89 -51.93 28.78
CA PRO R 43 60.89 -51.29 30.10
C PRO R 43 61.40 -49.86 30.02
N ARG R 44 61.59 -49.29 31.21
CA ARG R 44 61.91 -47.88 31.39
C ARG R 44 63.08 -47.41 30.54
N LYS R 45 64.03 -48.27 30.25
CA LYS R 45 65.39 -47.84 29.99
C LYS R 45 65.76 -47.82 28.53
N PHE R 46 65.39 -48.84 27.79
CA PHE R 46 66.03 -49.15 26.53
C PHE R 46 65.63 -48.18 25.43
N SER R 47 66.55 -48.02 24.48
CA SER R 47 66.26 -47.23 23.29
C SER R 47 65.46 -48.04 22.29
N GLU R 48 65.78 -49.32 22.15
CA GLU R 48 65.07 -50.17 21.21
C GLU R 48 65.44 -51.62 21.48
N ILE R 49 64.71 -52.51 20.81
CA ILE R 49 64.97 -53.93 20.78
C ILE R 49 64.85 -54.37 19.33
N GLU R 50 65.55 -55.43 18.97
CA GLU R 50 65.51 -55.97 17.63
C GLU R 50 65.37 -57.49 17.68
N TYR R 51 64.48 -58.00 16.83
CA TYR R 51 64.39 -59.42 16.55
C TYR R 51 64.68 -59.65 15.09
N VAL R 52 65.44 -60.71 14.81
CA VAL R 52 65.72 -61.11 13.44
C VAL R 52 65.64 -62.62 13.35
N GLY R 53 64.52 -63.12 12.84
CA GLY R 53 64.49 -64.48 12.35
C GLY R 53 65.51 -64.68 11.25
N GLN R 54 65.94 -65.94 11.11
CA GLN R 54 67.04 -66.38 10.26
C GLN R 54 68.40 -65.95 10.82
N ARG R 55 68.44 -65.26 11.96
CA ARG R 55 69.66 -64.97 12.69
C ARG R 55 69.52 -65.31 14.16
N ASP R 56 68.30 -65.18 14.69
CA ASP R 56 68.04 -65.23 16.12
C ASP R 56 67.31 -66.53 16.46
N ALA R 57 67.44 -66.94 17.72
CA ALA R 57 66.97 -68.23 18.17
C ALA R 57 65.62 -68.11 18.86
N THR R 58 65.15 -69.21 19.44
CA THR R 58 63.88 -69.28 20.13
C THR R 58 63.79 -70.62 20.84
N ARG R 59 63.07 -70.63 21.96
CA ARG R 59 62.73 -71.85 22.67
C ARG R 59 61.34 -71.68 23.27
N PHE R 60 60.57 -72.76 23.30
CA PHE R 60 59.20 -72.70 23.80
C PHE R 60 58.79 -74.11 24.19
N VAL R 61 58.53 -74.31 25.47
CA VAL R 61 58.19 -75.61 26.02
C VAL R 61 56.79 -75.49 26.61
N PRO R 62 55.74 -75.81 25.84
CA PRO R 62 54.38 -75.70 26.36
C PRO R 62 53.78 -76.99 26.89
N ARG R 63 53.06 -76.88 28.00
CA ARG R 63 52.34 -78.00 28.57
C ARG R 63 50.96 -77.54 28.99
N THR R 64 50.05 -78.50 29.03
CA THR R 64 48.68 -78.30 29.45
C THR R 64 48.49 -78.84 30.87
N THR R 65 47.24 -78.93 31.29
CA THR R 65 46.89 -79.42 32.62
C THR R 65 45.58 -80.17 32.52
N GLU R 66 45.39 -81.13 33.42
CA GLU R 66 44.08 -81.73 33.61
C GLU R 66 43.95 -82.17 35.06
N GLU R 67 42.95 -83.01 35.32
CA GLU R 67 42.69 -83.54 36.65
C GLU R 67 42.09 -84.92 36.47
N ILE R 68 42.66 -85.92 37.13
CA ILE R 68 42.24 -87.31 36.98
C ILE R 68 42.06 -87.90 38.37
N THR R 69 40.88 -88.44 38.63
CA THR R 69 40.62 -89.08 39.92
C THR R 69 41.24 -90.46 39.93
N GLY R 70 40.89 -91.27 40.92
CA GLY R 70 41.26 -92.66 40.98
C GLY R 70 40.10 -93.53 41.38
N THR R 71 40.36 -94.80 41.60
CA THR R 71 39.30 -95.77 41.83
C THR R 71 39.88 -96.90 42.66
N ALA R 72 39.00 -97.58 43.40
CA ALA R 72 39.40 -98.80 44.10
C ALA R 72 40.07 -99.78 43.14
N ASN R 73 39.35 -100.18 42.09
CA ASN R 73 39.95 -100.93 41.00
C ASN R 73 40.49 -99.97 39.94
N ASP R 74 41.47 -99.19 40.39
CA ASP R 74 42.11 -98.15 39.60
C ASP R 74 42.58 -98.66 38.24
N ASP R 75 42.68 -97.76 37.29
CA ASP R 75 42.84 -98.14 35.89
C ASP R 75 44.30 -98.29 35.49
N THR R 76 45.16 -97.39 35.98
CA THR R 76 46.56 -97.23 35.58
C THR R 76 46.67 -96.56 34.21
N VAL R 77 45.54 -96.38 33.53
CA VAL R 77 45.53 -96.02 32.11
C VAL R 77 44.73 -94.74 31.96
N VAL R 78 45.17 -93.89 31.03
CA VAL R 78 44.52 -92.62 30.77
C VAL R 78 44.50 -92.36 29.28
N GLN R 79 43.56 -91.52 28.87
CA GLN R 79 43.50 -90.98 27.53
C GLN R 79 43.54 -89.47 27.62
N LEU R 80 44.06 -88.83 26.57
CA LEU R 80 44.21 -87.39 26.56
C LEU R 80 43.69 -86.80 25.26
N GLN R 81 42.98 -85.69 25.37
CA GLN R 81 42.48 -84.94 24.23
C GLN R 81 43.48 -83.88 23.82
N ALA R 82 44.73 -84.29 23.68
CA ALA R 82 45.82 -83.39 23.31
C ALA R 82 46.90 -84.28 22.73
N ASN R 83 47.14 -84.16 21.43
CA ASN R 83 47.99 -85.13 20.76
C ASN R 83 49.41 -85.02 21.26
N ILE R 84 50.04 -86.17 21.44
CA ILE R 84 51.36 -86.28 22.03
C ILE R 84 52.31 -86.70 20.93
N GLN R 85 53.51 -86.18 20.99
CA GLN R 85 54.60 -86.67 20.17
C GLN R 85 55.88 -86.66 20.97
N PRO R 86 56.94 -87.26 20.45
CA PRO R 86 58.25 -87.07 21.06
C PRO R 86 58.78 -85.68 20.80
N ILE R 87 60.03 -85.47 21.17
CA ILE R 87 60.64 -84.15 21.10
C ILE R 87 61.81 -84.29 20.15
N ALA R 88 62.78 -85.09 20.54
CA ALA R 88 63.96 -85.37 19.73
C ALA R 88 64.08 -86.88 19.71
N GLY R 89 63.34 -87.50 18.81
CA GLY R 89 63.50 -88.91 18.53
C GLY R 89 62.43 -89.80 19.10
N GLU R 90 62.86 -90.85 19.80
CA GLU R 90 61.96 -91.87 20.28
C GLU R 90 61.11 -91.31 21.42
N GLU R 91 60.05 -92.05 21.74
CA GLU R 91 59.33 -91.87 23.00
C GLU R 91 59.90 -92.91 23.97
N ASP R 92 61.10 -92.60 24.47
CA ASP R 92 61.69 -93.29 25.60
C ASP R 92 61.97 -92.25 26.68
N MET R 93 61.11 -92.22 27.70
CA MET R 93 61.08 -91.13 28.67
C MET R 93 62.44 -90.89 29.32
N ALA R 94 63.29 -91.90 29.37
CA ALA R 94 64.62 -91.73 29.93
C ALA R 94 65.44 -90.73 29.13
N ASP R 95 65.23 -90.65 27.82
CA ASP R 95 66.14 -89.95 26.91
C ASP R 95 65.36 -89.11 25.92
N GLN R 96 64.43 -88.30 26.42
CA GLN R 96 63.62 -87.43 25.58
C GLN R 96 64.16 -86.00 25.47
N ASP R 97 65.18 -85.66 26.26
CA ASP R 97 65.76 -84.33 26.44
C ASP R 97 64.90 -83.42 27.31
N TYR R 98 63.65 -83.81 27.57
CA TYR R 98 62.84 -83.45 28.72
C TYR R 98 61.58 -84.26 28.54
N PRO R 99 60.88 -84.64 29.60
CA PRO R 99 59.75 -85.55 29.43
C PRO R 99 58.63 -84.91 28.62
N VAL R 100 57.82 -85.77 28.01
CA VAL R 100 56.61 -85.32 27.32
C VAL R 100 55.40 -85.37 28.23
N VAL R 101 55.53 -85.99 29.42
CA VAL R 101 54.46 -86.05 30.40
C VAL R 101 55.07 -85.86 31.77
N VAL R 102 54.31 -85.20 32.63
CA VAL R 102 54.61 -85.12 34.05
C VAL R 102 53.32 -85.45 34.78
N ALA R 103 53.45 -86.09 35.93
CA ALA R 103 52.31 -86.46 36.73
C ALA R 103 52.63 -86.26 38.19
N TYR R 104 51.59 -86.06 38.98
CA TYR R 104 51.78 -85.81 40.40
C TYR R 104 50.49 -86.13 41.14
N ASN R 105 50.58 -87.03 42.10
CA ASN R 105 49.45 -87.31 42.97
C ASN R 105 49.32 -86.20 43.99
N VAL R 106 48.07 -85.92 44.35
CA VAL R 106 47.75 -84.81 45.24
C VAL R 106 47.61 -85.29 46.67
N THR R 107 46.85 -86.36 46.89
CA THR R 107 46.74 -86.96 48.21
C THR R 107 48.11 -87.33 48.73
N GLN R 108 48.78 -88.26 48.04
CA GLN R 108 50.19 -88.50 48.25
C GLN R 108 50.94 -87.40 47.52
N GLY R 109 51.51 -86.46 48.27
CA GLY R 109 52.20 -85.35 47.65
C GLY R 109 53.49 -85.82 47.03
N ALA R 110 53.39 -86.58 45.96
CA ALA R 110 54.53 -87.27 45.39
C ALA R 110 54.33 -87.44 43.89
N GLN R 111 55.43 -87.72 43.21
CA GLN R 111 55.38 -87.96 41.79
C GLN R 111 54.59 -89.22 41.47
N VAL R 112 54.36 -89.40 40.18
CA VAL R 112 53.68 -90.58 39.65
C VAL R 112 54.45 -90.96 38.41
N GLU R 113 55.23 -92.03 38.50
CA GLU R 113 56.10 -92.40 37.40
C GLU R 113 55.33 -93.19 36.35
N ILE R 114 55.88 -93.18 35.15
CA ILE R 114 55.24 -93.74 33.97
C ILE R 114 55.88 -95.08 33.66
N ALA R 115 55.05 -96.03 33.22
CA ALA R 115 55.50 -97.33 32.76
C ALA R 115 55.63 -97.38 31.24
N ASP R 116 54.61 -96.90 30.53
CA ASP R 116 54.58 -97.05 29.08
C ASP R 116 53.55 -96.08 28.54
N VAL R 117 53.70 -95.77 27.25
CA VAL R 117 52.85 -94.82 26.54
C VAL R 117 52.25 -95.51 25.34
N ASN R 118 50.96 -95.34 25.16
CA ASN R 118 50.32 -95.65 23.88
C ASN R 118 50.52 -94.41 23.02
N TYR R 119 51.43 -94.54 22.07
CA TYR R 119 52.16 -93.43 21.47
C TYR R 119 51.31 -92.42 20.73
N ALA R 120 50.71 -92.83 19.63
CA ALA R 120 49.86 -91.97 18.82
C ALA R 120 48.39 -92.15 19.15
N THR R 121 48.05 -93.24 19.84
CA THR R 121 46.74 -93.40 20.45
C THR R 121 46.42 -92.26 21.42
N ASP R 122 47.43 -91.57 21.93
CA ASP R 122 47.26 -90.50 22.91
C ASP R 122 46.65 -91.05 24.20
N GLU R 123 47.18 -92.19 24.63
CA GLU R 123 46.88 -92.80 25.90
C GLU R 123 48.18 -93.19 26.57
N VAL R 124 48.11 -93.34 27.88
CA VAL R 124 49.30 -93.59 28.69
C VAL R 124 48.99 -94.66 29.72
N THR R 125 50.00 -95.49 30.00
CA THR R 125 50.02 -96.40 31.12
C THR R 125 50.97 -95.85 32.17
N LEU R 126 50.59 -96.01 33.44
CA LEU R 126 51.39 -95.55 34.55
C LEU R 126 52.10 -96.71 35.23
N ALA R 127 53.03 -96.35 36.11
CA ALA R 127 53.77 -97.31 36.90
C ALA R 127 53.06 -97.68 38.19
N THR R 128 52.30 -96.76 38.76
CA THR R 128 51.76 -96.88 40.10
C THR R 128 50.27 -97.15 40.06
N ASP R 129 49.68 -97.25 41.24
CA ASP R 129 48.27 -97.62 41.42
C ASP R 129 47.58 -96.54 42.25
N PRO R 130 46.83 -95.63 41.64
CA PRO R 130 46.12 -94.63 42.44
C PRO R 130 44.96 -95.25 43.21
N ALA R 131 44.41 -94.45 44.11
CA ALA R 131 43.40 -94.89 45.05
C ALA R 131 42.06 -94.23 44.73
N ASP R 132 41.02 -94.79 45.33
CA ASP R 132 39.67 -94.30 45.09
C ASP R 132 39.54 -92.86 45.58
N GLY R 133 38.96 -92.02 44.72
CA GLY R 133 38.83 -90.61 45.03
C GLY R 133 40.14 -89.86 45.13
N ASP R 134 41.24 -90.46 44.68
CA ASP R 134 42.55 -89.82 44.76
C ASP R 134 42.78 -88.99 43.52
N THR R 135 43.25 -87.76 43.72
CA THR R 135 43.43 -86.80 42.65
C THR R 135 44.86 -86.86 42.13
N VAL R 136 44.99 -86.69 40.82
CA VAL R 136 46.28 -86.63 40.15
C VAL R 136 46.22 -85.50 39.14
N LYS R 137 47.32 -84.77 39.03
CA LYS R 137 47.48 -83.69 38.08
C LYS R 137 48.52 -84.09 37.06
N LEU R 138 48.21 -83.89 35.79
CA LEU R 138 49.10 -84.22 34.70
C LEU R 138 49.50 -82.95 33.97
N TRP R 139 50.59 -83.05 33.21
CA TRP R 139 51.11 -81.92 32.44
C TRP R 139 51.74 -82.46 31.17
N PRO R 140 50.94 -83.01 30.28
CA PRO R 140 51.46 -83.37 28.96
C PRO R 140 51.84 -82.12 28.19
N ILE R 141 52.57 -82.33 27.11
CA ILE R 141 52.99 -81.23 26.28
C ILE R 141 51.83 -80.83 25.40
N MET R 142 51.97 -79.68 24.75
CA MET R 142 50.91 -79.13 23.91
C MET R 142 51.35 -79.24 22.46
N GLY R 143 50.49 -79.86 21.64
CA GLY R 143 50.67 -79.89 20.20
C GLY R 143 49.38 -79.49 19.51
N ASP R 144 49.42 -79.54 18.18
CA ASP R 144 48.29 -79.21 17.34
C ASP R 144 47.82 -77.78 17.61
N GLY R 145 48.70 -76.85 17.32
CA GLY R 145 48.41 -75.44 17.50
C GLY R 145 49.40 -74.56 16.77
N GLU R 146 48.95 -73.37 16.39
CA GLU R 146 49.76 -72.45 15.61
C GLU R 146 50.51 -71.50 16.54
N VAL R 147 51.27 -70.58 15.93
CA VAL R 147 51.89 -69.51 16.69
C VAL R 147 52.25 -68.40 15.71
N GLN R 148 52.16 -67.16 16.18
CA GLN R 148 52.61 -66.01 15.41
C GLN R 148 53.09 -64.92 16.36
N PHE R 149 53.69 -63.90 15.77
CA PHE R 149 54.10 -62.69 16.45
C PHE R 149 53.31 -61.51 15.92
N ARG R 150 53.27 -60.44 16.68
CA ARG R 150 52.71 -59.19 16.20
C ARG R 150 53.26 -58.05 17.05
N LEU R 151 52.62 -56.89 16.94
CA LEU R 151 53.16 -55.67 17.48
C LEU R 151 52.02 -54.73 17.85
N VAL R 152 52.35 -53.75 18.69
CA VAL R 152 51.36 -52.81 19.21
C VAL R 152 51.95 -51.41 19.17
N ASN R 153 51.13 -50.43 18.82
CA ASN R 153 51.54 -49.03 18.77
C ASN R 153 51.11 -48.31 20.03
N GLN R 154 51.56 -48.81 21.18
CA GLN R 154 51.45 -48.09 22.45
C GLN R 154 50.03 -48.05 23.00
N PHE R 155 49.04 -48.49 22.23
CA PHE R 155 47.64 -48.53 22.60
C PHE R 155 47.05 -49.91 22.45
N GLY R 156 47.27 -50.51 21.30
CA GLY R 156 46.44 -51.59 20.82
C GLY R 156 46.27 -51.53 19.33
N GLN R 157 46.53 -50.37 18.72
CA GLN R 157 46.58 -50.32 17.27
C GLN R 157 47.77 -51.14 16.79
N GLU R 158 47.47 -52.30 16.22
CA GLU R 158 48.52 -53.16 15.71
C GLU R 158 49.11 -52.58 14.44
N GLU R 159 50.44 -52.59 14.36
CA GLU R 159 51.10 -52.39 13.07
C GLU R 159 50.71 -53.48 12.09
N GLY R 160 50.48 -54.69 12.60
CA GLY R 160 50.24 -55.83 11.75
C GLY R 160 50.83 -57.07 12.38
N ARG R 161 51.71 -57.75 11.64
CA ARG R 161 52.34 -58.96 12.14
C ARG R 161 53.75 -59.03 11.59
N VAL R 162 54.58 -59.78 12.30
CA VAL R 162 55.98 -59.96 11.90
C VAL R 162 56.03 -60.64 10.55
N TYR R 163 55.52 -61.84 10.49
CA TYR R 163 55.59 -62.72 9.34
C TYR R 163 54.23 -63.39 9.24
N PRO R 164 53.50 -63.22 8.14
CA PRO R 164 52.07 -63.58 8.15
C PRO R 164 51.80 -65.03 8.40
N TRP R 165 52.67 -65.91 7.92
CA TRP R 165 52.43 -67.33 8.04
C TRP R 165 52.78 -67.84 9.42
N ALA R 166 52.03 -68.85 9.84
CA ALA R 166 52.10 -69.35 11.20
C ALA R 166 53.22 -70.39 11.31
N THR R 167 53.22 -71.13 12.42
CA THR R 167 54.15 -72.20 12.66
C THR R 167 53.46 -73.16 13.61
N PRO R 168 53.59 -74.47 13.45
CA PRO R 168 52.96 -75.41 14.38
C PRO R 168 53.85 -75.91 15.52
N LEU R 169 53.16 -76.32 16.57
CA LEU R 169 53.82 -76.70 17.81
C LEU R 169 54.25 -78.15 17.86
N TYR R 170 53.53 -79.07 17.24
CA TYR R 170 54.07 -80.42 17.13
C TYR R 170 55.41 -80.37 16.42
N ARG R 171 55.49 -79.55 15.37
CA ARG R 171 56.75 -79.30 14.68
C ARG R 171 57.77 -78.68 15.62
N TRP R 172 57.30 -77.75 16.44
CA TRP R 172 58.19 -77.10 17.41
C TRP R 172 58.87 -78.14 18.29
N HIS R 173 58.08 -79.03 18.88
CA HIS R 173 58.65 -80.11 19.67
C HIS R 173 59.58 -80.97 18.84
N ASP R 174 59.19 -81.22 17.59
CA ASP R 174 59.93 -82.18 16.76
C ASP R 174 61.37 -81.74 16.54
N PHE R 175 61.56 -80.50 16.09
CA PHE R 175 62.91 -80.04 15.88
C PHE R 175 63.66 -80.07 17.21
N PRO R 176 64.76 -80.82 17.34
CA PRO R 176 65.47 -80.82 18.62
C PRO R 176 66.04 -79.45 18.89
N GLN R 177 65.61 -78.85 19.98
CA GLN R 177 66.31 -77.71 20.50
C GLN R 177 67.73 -78.13 20.88
N LEU R 178 68.56 -77.14 21.17
CA LEU R 178 69.90 -77.41 21.66
C LEU R 178 70.73 -78.17 20.64
N LYS R 179 70.87 -77.62 19.45
CA LYS R 179 71.80 -78.18 18.49
C LYS R 179 72.02 -77.19 17.37
N ARG R 180 73.27 -76.76 17.19
CA ARG R 180 73.60 -75.75 16.18
C ARG R 180 73.19 -76.22 14.81
N GLY R 181 72.60 -75.32 14.04
CA GLY R 181 72.03 -75.66 12.75
C GLY R 181 70.64 -76.20 12.88
N ARG R 182 70.46 -77.21 13.74
CA ARG R 182 69.12 -77.72 14.01
C ARG R 182 68.32 -76.78 14.92
N GLU R 183 68.91 -75.68 15.37
CA GLU R 183 68.17 -74.65 16.08
C GLU R 183 67.04 -74.10 15.22
N ILE R 184 66.15 -73.36 15.84
CA ILE R 184 65.11 -72.64 15.14
C ILE R 184 65.63 -71.26 14.76
N ASN R 185 65.26 -70.83 13.56
CA ASN R 185 65.45 -69.45 13.14
C ASN R 185 64.27 -69.13 12.22
N LEU R 186 63.29 -68.42 12.77
CA LEU R 186 62.08 -68.10 12.03
C LEU R 186 62.40 -67.03 10.98
N HIS R 187 61.35 -66.48 10.38
CA HIS R 187 61.47 -65.37 9.44
C HIS R 187 60.76 -64.16 10.00
N GLY R 188 61.36 -63.01 9.80
CA GLY R 188 60.90 -61.78 10.39
C GLY R 188 62.07 -60.89 10.74
N SER R 189 61.79 -59.60 10.81
CA SER R 189 62.81 -58.60 11.15
C SER R 189 62.07 -57.35 11.56
N VAL R 190 62.28 -56.90 12.79
CA VAL R 190 61.44 -55.90 13.42
C VAL R 190 62.30 -55.01 14.31
N THR R 191 61.63 -54.08 14.96
CA THR R 191 62.24 -53.20 15.95
C THR R 191 61.10 -52.54 16.71
N TRP R 192 61.28 -52.39 18.01
CA TRP R 192 60.27 -51.69 18.80
C TRP R 192 60.90 -50.96 19.97
N GLN R 193 60.52 -49.70 20.12
CA GLN R 193 61.03 -48.81 21.14
C GLN R 193 60.10 -48.84 22.35
N GLU R 194 60.28 -47.89 23.27
CA GLU R 194 59.57 -47.84 24.54
C GLU R 194 58.06 -47.95 24.36
N ASN R 195 57.46 -48.86 25.12
CA ASN R 195 56.03 -49.12 25.18
C ASN R 195 55.44 -49.60 23.86
N GLU R 196 56.27 -49.91 22.87
CA GLU R 196 55.80 -50.55 21.64
C GLU R 196 55.88 -52.06 21.86
N THR R 197 54.97 -52.53 22.71
CA THR R 197 55.05 -53.89 23.18
C THR R 197 54.84 -54.89 22.05
N VAL R 198 55.34 -56.09 22.29
CA VAL R 198 55.15 -57.23 21.42
C VAL R 198 54.22 -58.19 22.13
N GLU R 199 53.52 -59.01 21.37
CA GLU R 199 52.67 -60.04 21.93
C GLU R 199 52.76 -61.27 21.05
N VAL R 200 53.07 -62.39 21.66
CA VAL R 200 52.99 -63.66 20.97
C VAL R 200 51.53 -64.05 20.90
N LEU R 201 51.18 -64.80 19.87
CA LEU R 201 49.83 -65.31 19.71
C LEU R 201 49.85 -66.79 19.40
N LEU R 202 48.78 -67.44 19.85
CA LEU R 202 48.60 -68.88 19.74
C LEU R 202 47.15 -69.15 19.39
N ASP R 203 46.94 -70.05 18.44
CA ASP R 203 45.62 -70.56 18.10
C ASP R 203 45.63 -72.07 18.25
N ALA R 204 44.82 -72.59 19.15
CA ALA R 204 44.77 -74.01 19.41
C ALA R 204 43.50 -74.33 20.16
N PRO R 205 43.05 -75.58 20.15
CA PRO R 205 41.90 -75.96 20.98
C PRO R 205 42.25 -75.98 22.45
N GLN R 206 43.40 -76.57 22.74
CA GLN R 206 43.68 -76.93 24.12
C GLN R 206 44.17 -75.72 24.90
N ALA R 207 44.22 -75.91 26.21
CA ALA R 207 44.62 -74.86 27.13
C ALA R 207 46.14 -74.73 27.08
N ILE R 208 46.67 -73.94 28.01
CA ILE R 208 48.09 -73.84 28.26
C ILE R 208 48.22 -73.63 29.76
N THR R 209 49.43 -73.84 30.27
CA THR R 209 49.68 -73.67 31.69
C THR R 209 51.08 -73.10 31.87
N TRP R 210 51.14 -71.99 32.61
CA TRP R 210 52.38 -71.38 33.03
C TRP R 210 52.77 -71.78 34.44
N GLU R 211 51.79 -71.86 35.33
CA GLU R 211 52.02 -72.18 36.72
C GLU R 211 50.82 -72.92 37.28
N ASP R 212 51.07 -73.74 38.30
CA ASP R 212 50.01 -74.30 39.12
C ASP R 212 50.29 -74.23 40.61
N ALA R 213 51.52 -73.96 41.03
CA ALA R 213 51.96 -73.94 42.42
C ALA R 213 52.01 -75.35 43.02
N ASP R 214 51.71 -76.38 42.25
CA ASP R 214 51.87 -77.76 42.67
C ASP R 214 52.70 -78.57 41.68
N TYR R 215 53.04 -77.99 40.52
CA TYR R 215 53.92 -78.63 39.59
C TYR R 215 55.28 -78.86 40.26
N PRO R 216 55.84 -80.05 40.21
CA PRO R 216 57.07 -80.30 40.97
C PRO R 216 58.28 -79.55 40.47
N GLU R 217 58.51 -79.59 39.16
CA GLU R 217 59.81 -79.26 38.59
C GLU R 217 59.92 -77.76 38.35
N GLY R 218 60.10 -77.02 39.43
CA GLY R 218 60.61 -75.68 39.35
C GLY R 218 59.62 -74.57 39.13
N GLN R 219 58.40 -74.71 39.65
CA GLN R 219 57.44 -73.61 39.81
C GLN R 219 56.83 -73.13 38.50
N TYR R 220 57.33 -73.60 37.36
CA TYR R 220 56.95 -73.06 36.06
C TYR R 220 56.67 -74.21 35.12
N VAL R 221 55.40 -74.38 34.77
CA VAL R 221 54.96 -75.54 34.04
C VAL R 221 55.51 -75.51 32.63
N SER R 222 55.50 -74.35 32.00
CA SER R 222 55.92 -74.13 30.64
C SER R 222 57.02 -73.08 30.62
N THR R 223 57.50 -72.76 29.43
CA THR R 223 58.31 -71.56 29.30
C THR R 223 58.35 -71.11 27.85
N PHE R 224 58.75 -69.85 27.70
CA PHE R 224 59.19 -69.28 26.45
C PHE R 224 60.48 -68.54 26.75
N GLU R 225 61.45 -68.70 25.87
CA GLU R 225 62.74 -68.07 26.03
C GLU R 225 63.24 -67.72 24.64
N GLN R 226 64.09 -66.70 24.58
CA GLN R 226 64.33 -66.07 23.29
C GLN R 226 65.59 -65.24 23.36
N ASP R 227 66.23 -65.09 22.21
CA ASP R 227 67.40 -64.26 22.04
C ASP R 227 67.00 -62.96 21.38
N VAL R 228 67.77 -61.91 21.63
CA VAL R 228 67.52 -60.58 21.08
C VAL R 228 68.84 -59.87 20.89
N GLU R 229 68.80 -58.80 20.10
CA GLU R 229 69.91 -57.89 19.90
C GLU R 229 69.45 -56.51 20.32
N ILE R 230 69.96 -56.04 21.45
CA ILE R 230 69.49 -54.81 22.07
C ILE R 230 70.53 -53.72 21.87
N THR R 231 70.03 -52.50 21.71
CA THR R 231 70.85 -51.29 21.78
C THR R 231 70.90 -50.89 23.24
N LEU R 232 71.85 -51.48 23.97
CA LEU R 232 72.03 -51.22 25.39
C LEU R 232 70.77 -51.52 26.19
N ASN S 3 -34.46 -52.29 -88.82
CA ASN S 3 -33.09 -51.84 -88.60
C ASN S 3 -32.78 -51.67 -87.13
N ILE S 4 -31.51 -51.84 -86.79
CA ILE S 4 -31.01 -51.60 -85.44
C ILE S 4 -29.77 -50.73 -85.55
N GLY S 5 -29.59 -49.86 -84.56
CA GLY S 5 -28.43 -49.01 -84.52
C GLY S 5 -27.22 -49.77 -84.01
N ASN S 6 -26.10 -49.58 -84.70
CA ASN S 6 -24.86 -50.18 -84.31
C ASN S 6 -24.45 -49.68 -82.92
N LEU S 7 -23.63 -50.48 -82.24
CA LEU S 7 -23.18 -50.16 -80.90
C LEU S 7 -21.72 -50.50 -80.75
N SER S 8 -21.09 -49.85 -79.78
CA SER S 8 -19.69 -50.09 -79.48
C SER S 8 -19.53 -51.36 -78.66
N ALA S 9 -18.29 -51.80 -78.53
CA ALA S 9 -17.99 -52.91 -77.64
C ALA S 9 -18.23 -52.51 -76.19
N GLU S 10 -17.95 -51.25 -75.87
CA GLU S 10 -18.16 -50.76 -74.52
C GLU S 10 -19.65 -50.70 -74.24
N LYS S 11 -20.06 -51.23 -73.09
CA LYS S 11 -21.46 -51.25 -72.73
C LYS S 11 -21.64 -50.93 -71.26
N GLN S 12 -22.66 -50.13 -70.97
CA GLN S 12 -22.89 -49.55 -69.66
C GLN S 12 -23.98 -50.35 -68.96
N ILE S 13 -23.66 -50.92 -67.80
CA ILE S 13 -24.51 -51.92 -67.15
C ILE S 13 -24.54 -51.66 -65.66
N SER S 14 -25.28 -52.51 -64.96
CA SER S 14 -25.42 -52.45 -63.52
C SER S 14 -25.62 -53.87 -63.02
N LEU S 15 -24.73 -54.32 -62.13
CA LEU S 15 -24.71 -55.70 -61.70
C LEU S 15 -25.63 -55.93 -60.53
N TYR S 16 -25.90 -57.20 -60.24
CA TYR S 16 -26.75 -57.52 -59.11
C TYR S 16 -26.65 -59.02 -58.80
N ASP S 17 -27.53 -59.46 -57.90
CA ASP S 17 -27.48 -60.82 -57.35
C ASP S 17 -27.87 -61.85 -58.40
N GLY S 18 -29.10 -61.76 -58.91
CA GLY S 18 -29.63 -62.79 -59.79
C GLY S 18 -29.00 -62.78 -61.16
N GLN S 19 -27.72 -63.11 -61.23
CA GLN S 19 -26.98 -63.27 -62.46
C GLN S 19 -26.25 -64.61 -62.43
N PRO S 20 -25.83 -65.13 -63.57
CA PRO S 20 -25.22 -66.46 -63.58
C PRO S 20 -23.81 -66.49 -63.01
N PHE S 21 -22.98 -65.55 -63.43
CA PHE S 21 -21.56 -65.64 -63.14
C PHE S 21 -21.23 -65.21 -61.73
N ILE S 22 -21.98 -64.25 -61.20
CA ILE S 22 -21.90 -63.93 -59.78
C ILE S 22 -22.26 -65.15 -58.96
N SER S 23 -21.80 -65.16 -57.71
CA SER S 23 -22.14 -66.19 -56.76
C SER S 23 -22.35 -65.56 -55.40
N GLU S 24 -23.00 -66.32 -54.51
CA GLU S 24 -23.29 -65.84 -53.17
C GLU S 24 -23.35 -67.02 -52.21
N GLN S 25 -23.63 -66.71 -50.96
CA GLN S 25 -23.77 -67.70 -49.90
C GLN S 25 -24.25 -67.00 -48.65
N ASP S 26 -24.86 -67.77 -47.75
CA ASP S 26 -25.24 -67.23 -46.47
C ASP S 26 -24.02 -67.07 -45.57
N VAL S 27 -24.19 -66.30 -44.51
CA VAL S 27 -23.10 -65.97 -43.59
C VAL S 27 -23.67 -65.94 -42.18
N ALA S 28 -22.83 -66.30 -41.22
CA ALA S 28 -23.15 -66.25 -39.81
C ALA S 28 -22.36 -65.13 -39.14
N ALA S 29 -22.80 -64.76 -37.95
CA ALA S 29 -22.18 -63.67 -37.22
C ALA S 29 -20.77 -64.04 -36.80
N GLY S 30 -19.94 -63.02 -36.64
CA GLY S 30 -18.58 -63.21 -36.14
C GLY S 30 -17.72 -64.05 -37.05
N ASP S 31 -17.91 -63.94 -38.36
CA ASP S 31 -17.13 -64.69 -39.34
C ASP S 31 -16.86 -63.78 -40.53
N PRO S 32 -16.06 -62.74 -40.33
CA PRO S 32 -15.85 -61.76 -41.41
C PRO S 32 -15.19 -62.33 -42.63
N ASN S 33 -14.40 -63.39 -42.47
CA ASN S 33 -13.68 -63.95 -43.60
C ASN S 33 -14.59 -64.68 -44.58
N THR S 34 -15.86 -64.87 -44.27
CA THR S 34 -16.76 -65.55 -45.19
C THR S 34 -17.31 -64.55 -46.19
N PRO S 35 -17.00 -64.65 -47.49
CA PRO S 35 -17.60 -63.73 -48.46
C PRO S 35 -19.04 -64.12 -48.77
N ALA S 36 -19.94 -63.14 -48.64
CA ALA S 36 -21.33 -63.36 -48.99
C ALA S 36 -21.57 -63.20 -50.49
N LEU S 37 -20.67 -62.54 -51.19
CA LEU S 37 -20.77 -62.41 -52.64
C LEU S 37 -19.40 -62.62 -53.25
N THR S 38 -19.40 -63.35 -54.35
CA THR S 38 -18.18 -63.76 -55.05
C THR S 38 -18.42 -63.46 -56.53
N ILE S 39 -17.95 -62.31 -56.96
CA ILE S 39 -17.95 -61.97 -58.37
C ILE S 39 -16.76 -62.65 -59.01
N GLU S 40 -16.90 -62.97 -60.29
CA GLU S 40 -16.05 -63.95 -60.93
C GLU S 40 -16.00 -63.63 -62.41
N GLY S 41 -14.80 -63.27 -62.89
CA GLY S 41 -14.61 -62.84 -64.26
C GLY S 41 -15.13 -63.85 -65.28
N PRO S 42 -16.06 -63.43 -66.15
CA PRO S 42 -16.43 -64.30 -67.27
C PRO S 42 -15.32 -64.35 -68.31
N ASP S 43 -15.34 -65.43 -69.08
CA ASP S 43 -14.31 -65.67 -70.08
C ASP S 43 -14.54 -64.79 -71.30
N GLY S 44 -13.49 -64.09 -71.72
CA GLY S 44 -13.59 -63.18 -72.84
C GLY S 44 -14.44 -61.96 -72.58
N TYR S 45 -14.48 -61.49 -71.35
CA TYR S 45 -15.28 -60.30 -71.01
C TYR S 45 -14.56 -59.57 -69.89
N VAL S 46 -13.84 -58.53 -70.26
CA VAL S 46 -13.27 -57.63 -69.28
C VAL S 46 -14.36 -56.66 -68.83
N ILE S 47 -14.30 -56.27 -67.56
CA ILE S 47 -15.20 -55.26 -67.01
C ILE S 47 -14.36 -54.19 -66.35
N ALA S 48 -15.00 -53.06 -66.08
CA ALA S 48 -14.27 -51.88 -65.62
C ALA S 48 -15.18 -51.01 -64.78
N VAL S 49 -14.56 -50.38 -63.79
CA VAL S 49 -15.22 -49.50 -62.84
C VAL S 49 -14.33 -48.28 -62.68
N ASP S 50 -14.89 -47.10 -62.89
CA ASP S 50 -14.10 -45.88 -62.79
C ASP S 50 -13.99 -45.51 -61.31
N ALA S 51 -13.52 -44.30 -61.03
CA ALA S 51 -13.15 -43.92 -59.67
C ALA S 51 -14.35 -43.96 -58.73
N GLY S 52 -15.54 -43.66 -59.23
CA GLY S 52 -16.72 -43.60 -58.39
C GLY S 52 -17.93 -44.21 -59.05
N THR S 53 -18.53 -45.20 -58.40
CA THR S 53 -19.73 -45.85 -58.89
C THR S 53 -20.57 -46.28 -57.70
N PRO S 54 -21.90 -46.21 -57.80
CA PRO S 54 -22.73 -46.53 -56.65
C PRO S 54 -22.61 -47.97 -56.23
N ILE S 55 -23.09 -48.24 -55.02
CA ILE S 55 -23.32 -49.58 -54.53
C ILE S 55 -24.63 -49.53 -53.77
N ALA S 56 -25.37 -50.63 -53.77
CA ALA S 56 -26.58 -50.80 -52.98
C ALA S 56 -26.38 -51.97 -52.01
N PRO S 57 -25.58 -51.79 -50.99
CA PRO S 57 -25.24 -52.93 -50.13
C PRO S 57 -26.42 -53.34 -49.27
N GLU S 58 -27.40 -53.98 -49.89
CA GLU S 58 -28.60 -54.44 -49.19
C GLU S 58 -28.31 -55.79 -48.58
N PHE S 59 -28.12 -55.81 -47.27
CA PHE S 59 -27.69 -57.00 -46.55
C PHE S 59 -28.56 -57.12 -45.33
N ARG S 60 -29.67 -57.86 -45.47
CA ARG S 60 -30.69 -57.97 -44.45
C ARG S 60 -30.64 -59.33 -43.77
N ASP S 61 -31.48 -59.44 -42.74
CA ASP S 61 -31.63 -60.63 -41.94
C ASP S 61 -32.53 -61.63 -42.65
N SER S 62 -32.53 -62.86 -42.14
CA SER S 62 -33.53 -63.85 -42.52
C SER S 62 -34.93 -63.28 -42.38
N ASN S 63 -35.16 -62.51 -41.32
CA ASN S 63 -36.46 -61.90 -41.05
C ASN S 63 -36.64 -60.56 -41.77
N GLY S 64 -35.85 -60.30 -42.80
CA GLY S 64 -36.01 -59.11 -43.61
C GLY S 64 -35.75 -57.85 -42.84
N GLU S 65 -34.55 -57.74 -42.28
CA GLU S 65 -34.16 -56.58 -41.50
C GLU S 65 -32.69 -56.32 -41.74
N LYS S 66 -32.35 -55.06 -41.95
CA LYS S 66 -30.94 -54.71 -42.11
C LYS S 66 -30.20 -55.07 -40.84
N LEU S 67 -29.02 -55.65 -41.00
CA LEU S 67 -28.29 -56.15 -39.87
C LEU S 67 -27.77 -54.97 -39.04
N ASP S 68 -27.01 -55.31 -38.00
CA ASP S 68 -26.66 -54.32 -36.99
C ASP S 68 -25.87 -53.19 -37.63
N PRO S 69 -26.05 -51.94 -37.18
CA PRO S 69 -25.30 -50.85 -37.81
C PRO S 69 -23.82 -50.95 -37.58
N SER S 70 -23.41 -51.67 -36.55
CA SER S 70 -22.00 -51.93 -36.33
C SER S 70 -21.42 -52.88 -37.36
N THR S 71 -22.28 -53.56 -38.12
CA THR S 71 -21.83 -54.40 -39.22
C THR S 71 -21.02 -53.57 -40.20
N ARG S 72 -20.07 -54.23 -40.87
CA ARG S 72 -19.25 -53.59 -41.87
C ARG S 72 -19.19 -54.42 -43.13
N VAL S 73 -18.91 -53.72 -44.22
CA VAL S 73 -18.76 -54.30 -45.55
C VAL S 73 -17.39 -53.90 -46.06
N ILE S 74 -16.73 -54.86 -46.70
CA ILE S 74 -15.45 -54.63 -47.35
C ILE S 74 -15.55 -55.31 -48.70
N VAL S 75 -15.59 -54.52 -49.75
CA VAL S 75 -15.36 -55.06 -51.07
C VAL S 75 -13.86 -55.26 -51.21
N GLN S 76 -13.46 -56.25 -51.99
CA GLN S 76 -12.04 -56.53 -52.09
C GLN S 76 -11.73 -57.31 -53.37
N LYS S 77 -10.72 -56.84 -54.08
CA LYS S 77 -10.25 -57.54 -55.26
C LYS S 77 -9.54 -58.82 -54.84
N CYS S 78 -9.52 -59.76 -55.77
CA CYS S 78 -8.82 -61.02 -55.60
C CYS S 78 -8.33 -61.46 -56.96
N ASP S 79 -7.10 -61.94 -57.00
CA ASP S 79 -6.62 -62.63 -58.19
C ASP S 79 -7.20 -64.03 -58.18
N ARG S 80 -6.66 -64.92 -58.99
CA ARG S 80 -7.02 -66.32 -58.91
C ARG S 80 -6.47 -66.88 -57.61
N GLN S 81 -6.56 -68.20 -57.46
CA GLN S 81 -6.14 -68.93 -56.27
C GLN S 81 -7.04 -68.64 -55.07
N GLY S 82 -8.20 -68.05 -55.28
CA GLY S 82 -9.09 -67.71 -54.18
C GLY S 82 -8.43 -66.83 -53.16
N ASN S 83 -7.46 -66.03 -53.58
CA ASN S 83 -6.57 -65.36 -52.67
C ASN S 83 -6.98 -63.91 -52.50
N PRO S 84 -7.23 -63.40 -51.30
CA PRO S 84 -7.46 -61.96 -51.15
C PRO S 84 -6.20 -61.18 -51.45
N LEU S 85 -6.36 -59.86 -51.47
CA LEU S 85 -5.26 -58.99 -51.85
C LEU S 85 -5.49 -57.61 -51.23
N GLY S 86 -4.44 -57.06 -50.64
CA GLY S 86 -4.51 -55.75 -50.03
C GLY S 86 -4.25 -54.67 -51.05
N ASP S 87 -3.30 -54.93 -51.94
CA ASP S 87 -3.03 -54.02 -53.04
C ASP S 87 -4.18 -54.12 -54.03
N GLY S 88 -5.18 -53.26 -53.86
CA GLY S 88 -6.40 -53.32 -54.63
C GLY S 88 -7.56 -53.69 -53.74
N ILE S 89 -8.33 -52.69 -53.35
CA ILE S 89 -9.46 -52.89 -52.46
C ILE S 89 -10.35 -51.66 -52.55
N ILE S 90 -11.65 -51.89 -52.46
CA ILE S 90 -12.65 -50.86 -52.64
C ILE S 90 -13.63 -50.95 -51.50
N PHE S 91 -14.19 -49.81 -51.11
CA PHE S 91 -15.42 -49.74 -50.33
C PHE S 91 -15.28 -50.50 -49.01
N ASN S 92 -14.48 -49.91 -48.14
CA ASN S 92 -14.48 -50.25 -46.73
C ASN S 92 -15.45 -49.30 -46.04
N ASP S 93 -16.56 -49.82 -45.52
CA ASP S 93 -17.58 -48.96 -44.96
C ASP S 93 -18.43 -49.77 -44.01
N THR S 94 -19.29 -49.09 -43.26
CA THR S 94 -20.20 -49.76 -42.34
C THR S 94 -21.42 -50.28 -43.08
N LEU S 95 -22.43 -50.69 -42.32
CA LEU S 95 -23.73 -51.09 -42.83
C LEU S 95 -24.82 -50.10 -42.46
N GLY S 96 -25.01 -49.84 -41.17
CA GLY S 96 -26.17 -49.07 -40.74
C GLY S 96 -26.01 -47.59 -40.99
N ARG S 97 -25.79 -47.26 -42.25
CA ARG S 97 -25.51 -45.92 -42.68
C ARG S 97 -26.24 -45.53 -43.94
N PHE S 98 -26.67 -46.46 -44.77
CA PHE S 98 -26.95 -46.11 -46.14
C PHE S 98 -28.32 -45.48 -46.34
N ASN S 99 -29.30 -45.81 -45.51
CA ASN S 99 -30.69 -45.41 -45.73
C ASN S 99 -31.16 -45.91 -47.10
N TYR S 100 -31.26 -47.24 -47.14
CA TYR S 100 -31.53 -48.05 -48.32
C TYR S 100 -32.56 -47.43 -49.26
N ASN S 101 -33.70 -47.10 -48.66
CA ASN S 101 -34.92 -46.81 -49.39
C ASN S 101 -34.75 -45.67 -50.37
N LYS S 102 -33.90 -44.72 -50.03
CA LYS S 102 -33.61 -43.56 -50.88
C LYS S 102 -32.25 -43.64 -51.52
N MET S 103 -31.28 -44.25 -50.85
CA MET S 103 -29.92 -44.26 -51.37
C MET S 103 -29.80 -45.06 -52.65
N ARG S 104 -30.74 -45.94 -52.95
CA ARG S 104 -30.72 -46.46 -54.31
C ARG S 104 -31.08 -45.40 -55.36
N THR S 105 -31.57 -44.23 -54.95
CA THR S 105 -32.16 -43.25 -55.85
C THR S 105 -31.37 -41.95 -55.88
N ASP S 106 -31.20 -41.31 -54.74
CA ASP S 106 -30.78 -39.92 -54.73
C ASP S 106 -29.32 -39.79 -55.14
N PRO S 107 -28.92 -38.67 -55.76
CA PRO S 107 -27.49 -38.45 -56.00
C PRO S 107 -26.67 -38.31 -54.73
N ASP S 108 -27.30 -37.97 -53.60
CA ASP S 108 -26.54 -37.52 -52.45
C ASP S 108 -26.14 -38.66 -51.54
N TYR S 109 -27.11 -39.46 -51.09
CA TYR S 109 -26.79 -40.70 -50.39
C TYR S 109 -25.78 -41.53 -51.16
N MET S 110 -25.94 -41.54 -52.48
CA MET S 110 -25.26 -42.44 -53.41
C MET S 110 -23.78 -42.58 -53.09
N ARG S 111 -23.38 -43.80 -52.75
CA ARG S 111 -22.05 -44.06 -52.25
C ARG S 111 -21.16 -44.63 -53.34
N LYS S 112 -20.16 -43.85 -53.69
CA LYS S 112 -19.25 -44.17 -54.76
C LYS S 112 -18.03 -44.87 -54.21
N THR S 113 -17.21 -45.38 -55.12
CA THR S 113 -16.06 -46.17 -54.77
C THR S 113 -14.91 -45.28 -54.33
N ALA S 114 -13.82 -45.92 -53.93
CA ALA S 114 -12.62 -45.22 -53.54
C ALA S 114 -11.71 -44.97 -54.73
N LYS S 115 -11.67 -45.89 -55.67
CA LYS S 115 -10.83 -45.76 -56.84
C LYS S 115 -11.40 -46.65 -57.94
N SER S 116 -10.64 -46.79 -59.03
CA SER S 116 -11.09 -47.51 -60.20
C SER S 116 -10.79 -48.99 -60.04
N LEU S 117 -10.97 -49.76 -61.11
CA LEU S 117 -10.78 -51.19 -61.06
C LEU S 117 -10.82 -51.76 -62.46
N MET S 118 -10.17 -52.90 -62.64
CA MET S 118 -10.25 -53.68 -63.85
C MET S 118 -10.21 -55.15 -63.49
N VAL S 119 -10.86 -55.97 -64.31
CA VAL S 119 -11.10 -57.38 -64.01
C VAL S 119 -10.91 -58.15 -65.30
N ASP S 120 -9.87 -58.97 -65.36
CA ASP S 120 -9.58 -59.75 -66.55
C ASP S 120 -10.57 -60.91 -66.65
N GLU S 121 -10.33 -61.80 -67.61
CA GLU S 121 -11.30 -62.84 -67.96
C GLU S 121 -11.57 -63.80 -66.81
N ARG S 122 -10.66 -63.91 -65.85
CA ARG S 122 -10.92 -64.69 -64.65
C ARG S 122 -10.18 -64.01 -63.50
N GLU S 123 -10.89 -63.14 -62.80
CA GLU S 123 -10.40 -62.54 -61.58
C GLU S 123 -11.60 -62.35 -60.68
N ILE S 124 -11.37 -62.52 -59.38
CA ILE S 124 -12.45 -62.65 -58.42
C ILE S 124 -12.55 -61.35 -57.65
N VAL S 125 -13.75 -61.07 -57.18
CA VAL S 125 -13.96 -60.01 -56.21
C VAL S 125 -14.88 -60.57 -55.14
N LYS S 126 -14.65 -60.14 -53.91
CA LYS S 126 -15.33 -60.69 -52.76
C LYS S 126 -15.91 -59.57 -51.92
N VAL S 127 -16.95 -59.93 -51.19
CA VAL S 127 -17.67 -59.00 -50.34
C VAL S 127 -17.63 -59.59 -48.93
N PHE S 128 -16.63 -59.19 -48.16
CA PHE S 128 -16.53 -59.63 -46.79
C PHE S 128 -17.44 -58.78 -45.92
N VAL S 129 -18.00 -59.43 -44.91
CA VAL S 129 -19.08 -58.86 -44.10
C VAL S 129 -18.72 -59.11 -42.64
N ASP S 130 -18.28 -58.06 -41.96
CA ASP S 130 -17.92 -58.15 -40.55
C ASP S 130 -19.16 -57.87 -39.73
N VAL S 131 -19.86 -58.93 -39.36
CA VAL S 131 -20.85 -58.89 -38.29
C VAL S 131 -20.10 -59.00 -36.96
N PRO S 132 -20.41 -58.16 -35.95
CA PRO S 132 -19.53 -58.11 -34.77
C PRO S 132 -19.48 -59.42 -34.00
N ASP S 133 -20.63 -59.84 -33.48
CA ASP S 133 -20.84 -61.17 -32.89
C ASP S 133 -22.27 -61.17 -32.37
N GLY S 134 -22.76 -62.37 -32.06
CA GLY S 134 -24.03 -62.51 -31.36
C GLY S 134 -25.23 -61.86 -32.01
N ALA S 135 -25.11 -61.48 -33.28
CA ALA S 135 -26.15 -60.78 -33.98
C ALA S 135 -27.05 -61.78 -34.71
N ASN S 136 -27.90 -61.28 -35.57
CA ASN S 136 -28.69 -62.14 -36.44
C ASN S 136 -27.87 -62.53 -37.65
N GLY S 137 -28.02 -63.77 -38.07
CA GLY S 137 -27.30 -64.25 -39.23
C GLY S 137 -27.72 -63.54 -40.50
N TYR S 138 -27.00 -63.87 -41.56
CA TYR S 138 -27.25 -63.30 -42.88
C TYR S 138 -27.98 -64.29 -43.77
N ASP S 139 -28.88 -63.76 -44.59
CA ASP S 139 -29.42 -64.49 -45.73
C ASP S 139 -29.32 -63.62 -46.98
N ALA S 140 -29.31 -64.30 -48.12
CA ALA S 140 -29.13 -63.65 -49.42
C ALA S 140 -30.44 -63.45 -50.16
N GLU S 141 -31.34 -64.44 -50.08
CA GLU S 141 -32.61 -64.35 -50.79
C GLU S 141 -33.42 -63.16 -50.31
N ARG S 142 -33.29 -62.78 -49.05
CA ARG S 142 -33.87 -61.57 -48.51
C ARG S 142 -32.94 -60.39 -48.64
N SER S 143 -32.01 -60.43 -49.59
CA SER S 143 -31.00 -59.40 -49.74
C SER S 143 -30.71 -59.22 -51.21
N ARG S 144 -30.02 -58.12 -51.50
CA ARG S 144 -29.63 -57.77 -52.86
C ARG S 144 -28.24 -57.16 -52.79
N PHE S 145 -27.78 -56.63 -53.91
CA PHE S 145 -26.52 -55.94 -54.02
C PHE S 145 -26.46 -55.39 -55.43
N THR S 146 -25.80 -54.25 -55.59
CA THR S 146 -25.62 -53.67 -56.92
C THR S 146 -24.29 -52.93 -56.97
N LEU S 147 -23.97 -52.41 -58.15
CA LEU S 147 -22.72 -51.70 -58.37
C LEU S 147 -22.82 -50.50 -59.29
N GLY S 148 -23.96 -50.24 -59.93
CA GLY S 148 -24.01 -49.22 -60.96
C GLY S 148 -25.36 -48.56 -61.10
N ASP S 149 -25.36 -47.46 -61.83
CA ASP S 149 -26.54 -46.67 -62.17
C ASP S 149 -26.46 -46.40 -63.66
N ASP S 150 -27.01 -47.31 -64.45
CA ASP S 150 -26.93 -47.24 -65.90
C ASP S 150 -28.20 -46.69 -66.54
N THR S 151 -29.35 -46.86 -65.88
CA THR S 151 -30.59 -46.35 -66.44
C THR S 151 -30.64 -44.83 -66.36
N SER S 152 -30.09 -44.26 -65.30
CA SER S 152 -30.29 -42.86 -64.99
C SER S 152 -29.40 -41.98 -65.86
N ASP S 153 -29.32 -40.70 -65.50
CA ASP S 153 -28.58 -39.70 -66.26
C ASP S 153 -27.49 -39.02 -65.46
N PHE S 154 -27.51 -39.08 -64.13
CA PHE S 154 -26.46 -38.51 -63.30
C PHE S 154 -25.45 -39.54 -62.82
N GLY S 155 -25.89 -40.77 -62.60
CA GLY S 155 -25.02 -41.77 -62.03
C GLY S 155 -24.15 -42.46 -63.05
N LYS S 156 -23.16 -43.18 -62.52
CA LYS S 156 -22.21 -43.93 -63.34
C LYS S 156 -22.67 -45.38 -63.50
N ALA S 157 -21.95 -46.11 -64.34
CA ALA S 157 -22.29 -47.48 -64.65
C ALA S 157 -21.03 -48.27 -64.91
N VAL S 158 -21.18 -49.58 -64.87
CA VAL S 158 -20.06 -50.49 -65.11
C VAL S 158 -19.87 -50.63 -66.60
N GLU S 159 -18.62 -50.69 -67.02
CA GLU S 159 -18.27 -50.70 -68.44
C GLU S 159 -17.70 -52.05 -68.80
N ILE S 160 -18.43 -52.80 -69.60
CA ILE S 160 -17.99 -54.13 -70.04
C ILE S 160 -17.50 -54.03 -71.48
N VAL S 161 -16.52 -54.88 -71.80
CA VAL S 161 -15.98 -55.02 -73.14
C VAL S 161 -15.70 -56.50 -73.38
N ASP S 162 -15.91 -56.93 -74.61
CA ASP S 162 -15.51 -58.26 -75.04
C ASP S 162 -14.05 -58.25 -75.41
N HIS S 163 -13.31 -59.24 -74.90
CA HIS S 163 -11.86 -59.24 -75.06
C HIS S 163 -11.43 -59.31 -76.52
N ASP S 164 -12.27 -59.89 -77.37
CA ASP S 164 -11.89 -60.08 -78.77
C ASP S 164 -11.77 -58.75 -79.51
N ASP S 165 -12.48 -57.72 -79.05
CA ASP S 165 -12.60 -56.47 -79.76
C ASP S 165 -11.51 -55.47 -79.41
N LEU S 166 -10.34 -55.95 -78.99
CA LEU S 166 -9.26 -55.08 -78.58
C LEU S 166 -7.92 -55.61 -79.05
N THR S 167 -6.95 -54.71 -79.07
CA THR S 167 -5.56 -55.02 -79.31
C THR S 167 -4.66 -54.73 -78.13
N GLU S 168 -5.20 -54.12 -77.07
CA GLU S 168 -4.49 -53.87 -75.82
C GLU S 168 -4.77 -54.94 -74.78
N GLY S 169 -5.44 -56.03 -75.17
CA GLY S 169 -5.78 -57.07 -74.21
C GLY S 169 -4.55 -57.70 -73.59
N GLU S 170 -3.48 -57.85 -74.39
CA GLU S 170 -2.23 -58.35 -73.83
C GLU S 170 -1.69 -57.39 -72.79
N THR S 171 -1.83 -56.09 -73.02
CA THR S 171 -1.31 -55.11 -72.07
C THR S 171 -2.08 -55.21 -70.76
N GLN S 172 -3.41 -55.24 -70.84
CA GLN S 172 -4.20 -55.36 -69.62
C GLN S 172 -3.97 -56.70 -68.93
N ALA S 173 -3.65 -57.74 -69.70
CA ALA S 173 -3.29 -59.01 -69.10
C ALA S 173 -2.00 -58.90 -68.31
N VAL S 174 -1.03 -58.13 -68.83
CA VAL S 174 0.20 -57.89 -68.08
C VAL S 174 -0.10 -57.07 -66.84
N LYS S 175 -1.06 -56.15 -66.93
CA LYS S 175 -1.47 -55.37 -65.75
C LYS S 175 -1.99 -56.30 -64.66
N SER S 176 -3.01 -57.08 -64.98
CA SER S 176 -3.59 -58.02 -64.03
C SER S 176 -4.14 -57.29 -62.80
N ASN T 3 -0.38 -33.35 -31.59
CA ASN T 3 -0.30 -32.19 -32.46
C ASN T 3 -1.68 -31.63 -32.77
N ILE T 4 -1.72 -30.32 -33.04
CA ILE T 4 -2.93 -29.64 -33.47
C ILE T 4 -2.58 -28.81 -34.69
N GLY T 5 -3.55 -28.70 -35.59
CA GLY T 5 -3.36 -27.90 -36.78
C GLY T 5 -3.55 -26.43 -36.48
N ASN T 6 -2.64 -25.62 -37.00
CA ASN T 6 -2.72 -24.18 -36.85
C ASN T 6 -4.00 -23.67 -37.50
N LEU T 7 -4.45 -22.50 -37.02
CA LEU T 7 -5.67 -21.89 -37.52
C LEU T 7 -5.47 -20.39 -37.68
N SER T 8 -6.31 -19.81 -38.53
CA SER T 8 -6.27 -18.39 -38.77
C SER T 8 -6.98 -17.65 -37.64
N ALA T 9 -6.81 -16.33 -37.63
CA ALA T 9 -7.56 -15.49 -36.71
C ALA T 9 -9.05 -15.52 -37.06
N GLU T 10 -9.35 -15.59 -38.35
CA GLU T 10 -10.73 -15.64 -38.79
C GLU T 10 -11.34 -16.96 -38.37
N LYS T 11 -12.52 -16.91 -37.77
CA LYS T 11 -13.19 -18.12 -37.32
C LYS T 11 -14.68 -18.04 -37.60
N GLN T 12 -15.22 -19.18 -38.04
CA GLN T 12 -16.58 -19.28 -38.55
C GLN T 12 -17.46 -19.87 -37.46
N ILE T 13 -18.49 -19.15 -37.06
CA ILE T 13 -19.26 -19.44 -35.88
C ILE T 13 -20.75 -19.22 -36.15
N SER T 14 -21.55 -19.47 -35.12
CA SER T 14 -22.99 -19.29 -35.18
C SER T 14 -23.46 -18.90 -33.80
N LEU T 15 -24.09 -17.75 -33.69
CA LEU T 15 -24.46 -17.18 -32.40
C LEU T 15 -25.80 -17.69 -31.92
N TYR T 16 -26.09 -17.46 -30.64
CA TYR T 16 -27.37 -17.88 -30.09
C TYR T 16 -27.57 -17.23 -28.73
N ASP T 17 -28.62 -17.69 -28.05
CA ASP T 17 -29.09 -17.09 -26.80
C ASP T 17 -28.11 -17.35 -25.66
N GLY T 18 -27.90 -18.62 -25.34
CA GLY T 18 -27.10 -18.96 -24.17
C GLY T 18 -25.63 -18.71 -24.32
N GLN T 19 -25.27 -17.44 -24.43
CA GLN T 19 -23.89 -16.98 -24.48
C GLN T 19 -23.71 -15.87 -23.46
N PRO T 20 -22.47 -15.57 -23.07
CA PRO T 20 -22.28 -14.58 -22.00
C PRO T 20 -22.52 -13.15 -22.45
N PHE T 21 -21.95 -12.78 -23.60
CA PHE T 21 -21.91 -11.38 -23.98
C PHE T 21 -23.24 -10.91 -24.55
N ILE T 22 -23.96 -11.80 -25.23
CA ILE T 22 -25.33 -11.50 -25.60
C ILE T 22 -26.17 -11.25 -24.34
N SER T 23 -27.27 -10.54 -24.53
CA SER T 23 -28.24 -10.31 -23.47
C SER T 23 -29.64 -10.39 -24.04
N GLU T 24 -30.61 -10.55 -23.15
CA GLU T 24 -32.00 -10.67 -23.55
C GLU T 24 -32.90 -10.12 -22.44
N GLN T 25 -34.20 -10.20 -22.68
CA GLN T 25 -35.21 -9.78 -21.74
C GLN T 25 -36.56 -10.17 -22.29
N ASP T 26 -37.55 -10.26 -21.39
CA ASP T 26 -38.91 -10.51 -21.82
C ASP T 26 -39.51 -9.22 -22.39
N VAL T 27 -40.62 -9.40 -23.10
CA VAL T 27 -41.29 -8.30 -23.79
C VAL T 27 -42.78 -8.51 -23.68
N ALA T 28 -43.52 -7.40 -23.65
CA ALA T 28 -44.97 -7.40 -23.64
C ALA T 28 -45.49 -6.88 -24.98
N ALA T 29 -46.77 -7.14 -25.21
CA ALA T 29 -47.38 -6.76 -26.46
C ALA T 29 -47.46 -5.24 -26.60
N GLY T 30 -47.48 -4.77 -27.84
CA GLY T 30 -47.65 -3.36 -28.10
C GLY T 30 -46.54 -2.50 -27.56
N ASP T 31 -45.31 -3.00 -27.56
CA ASP T 31 -44.15 -2.27 -27.07
C ASP T 31 -42.97 -2.58 -27.99
N PRO T 32 -43.03 -2.13 -29.24
CA PRO T 32 -41.98 -2.50 -30.20
C PRO T 32 -40.61 -1.98 -29.83
N ASN T 33 -40.55 -0.88 -29.09
CA ASN T 33 -39.26 -0.30 -28.76
C ASN T 33 -38.47 -1.11 -27.75
N THR T 34 -39.06 -2.15 -27.16
CA THR T 34 -38.34 -2.97 -26.20
C THR T 34 -37.52 -4.02 -26.94
N PRO T 35 -36.19 -4.00 -26.89
CA PRO T 35 -35.41 -5.06 -27.54
C PRO T 35 -35.42 -6.33 -26.70
N ALA T 36 -35.79 -7.44 -27.33
CA ALA T 36 -35.74 -8.73 -26.67
C ALA T 36 -34.36 -9.34 -26.69
N LEU T 37 -33.49 -8.89 -27.58
CA LEU T 37 -32.11 -9.34 -27.63
C LEU T 37 -31.20 -8.14 -27.85
N THR T 38 -30.10 -8.16 -27.13
CA THR T 38 -29.12 -7.07 -27.11
C THR T 38 -27.75 -7.71 -27.28
N ILE T 39 -27.28 -7.75 -28.50
CA ILE T 39 -25.92 -8.19 -28.78
C ILE T 39 -25.00 -7.01 -28.50
N GLU T 40 -23.77 -7.33 -28.10
CA GLU T 40 -22.91 -6.37 -27.44
C GLU T 40 -21.47 -6.76 -27.71
N GLY T 41 -20.75 -5.89 -28.43
CA GLY T 41 -19.40 -6.16 -28.85
C GLY T 41 -18.47 -6.55 -27.70
N PRO T 42 -17.85 -7.72 -27.76
CA PRO T 42 -16.80 -8.03 -26.79
C PRO T 42 -15.54 -7.23 -27.07
N ASP T 43 -14.75 -7.07 -26.01
CA ASP T 43 -13.54 -6.28 -26.09
C ASP T 43 -12.44 -7.04 -26.81
N GLY T 44 -11.84 -6.41 -27.80
CA GLY T 44 -10.80 -7.05 -28.59
C GLY T 44 -11.30 -8.16 -29.47
N TYR T 45 -12.54 -8.08 -29.94
CA TYR T 45 -13.09 -9.11 -30.82
C TYR T 45 -14.04 -8.44 -31.79
N VAL T 46 -13.57 -8.19 -32.98
CA VAL T 46 -14.44 -7.75 -34.05
C VAL T 46 -15.17 -8.96 -34.63
N ILE T 47 -16.41 -8.75 -35.05
CA ILE T 47 -17.18 -9.78 -35.73
C ILE T 47 -17.69 -9.20 -37.05
N ALA T 48 -18.14 -10.09 -37.92
CA ALA T 48 -18.48 -9.70 -39.27
C ALA T 48 -19.54 -10.63 -39.83
N VAL T 49 -20.38 -10.05 -40.66
CA VAL T 49 -21.50 -10.72 -41.30
C VAL T 49 -21.51 -10.25 -42.75
N ASP T 50 -21.47 -11.20 -43.68
CA ASP T 50 -21.46 -10.84 -45.09
C ASP T 50 -22.89 -10.52 -45.52
N ALA T 51 -23.11 -10.44 -46.84
CA ALA T 51 -24.37 -9.91 -47.35
C ALA T 51 -25.55 -10.78 -46.95
N GLY T 52 -25.35 -12.08 -46.84
CA GLY T 52 -26.43 -12.99 -46.54
C GLY T 52 -26.03 -14.07 -45.55
N THR T 53 -26.76 -14.15 -44.43
CA THR T 53 -26.52 -15.15 -43.42
C THR T 53 -27.84 -15.52 -42.78
N PRO T 54 -28.04 -16.78 -42.41
CA PRO T 54 -29.34 -17.19 -41.87
C PRO T 54 -29.66 -16.51 -40.56
N ILE T 55 -30.93 -16.59 -40.19
CA ILE T 55 -31.40 -16.25 -38.86
C ILE T 55 -32.43 -17.31 -38.52
N ALA T 56 -32.54 -17.64 -37.23
CA ALA T 56 -33.58 -18.51 -36.70
C ALA T 56 -34.42 -17.73 -35.70
N PRO T 57 -35.26 -16.82 -36.16
CA PRO T 57 -35.97 -15.95 -35.22
C PRO T 57 -37.05 -16.70 -34.47
N GLU T 58 -36.64 -17.55 -33.53
CA GLU T 58 -37.56 -18.33 -32.73
C GLU T 58 -38.04 -17.50 -31.56
N PHE T 59 -39.26 -17.02 -31.66
CA PHE T 59 -39.81 -16.07 -30.69
C PHE T 59 -41.20 -16.57 -30.32
N ARG T 60 -41.27 -17.37 -29.27
CA ARG T 60 -42.49 -18.05 -28.86
C ARG T 60 -43.08 -17.42 -27.61
N ASP T 61 -44.26 -17.91 -27.28
CA ASP T 61 -45.03 -17.48 -26.12
C ASP T 61 -44.50 -18.16 -24.87
N SER T 62 -44.93 -17.63 -23.72
CA SER T 62 -44.75 -18.32 -22.44
C SER T 62 -45.21 -19.76 -22.53
N ASN T 63 -46.33 -20.00 -23.22
CA ASN T 63 -46.92 -21.32 -23.39
C ASN T 63 -46.32 -22.08 -24.56
N GLY T 64 -45.15 -21.67 -25.04
CA GLY T 64 -44.44 -22.38 -26.08
C GLY T 64 -45.18 -22.38 -27.38
N GLU T 65 -45.48 -21.18 -27.90
CA GLU T 65 -46.21 -21.02 -29.14
C GLU T 65 -45.66 -19.81 -29.86
N LYS T 66 -45.43 -19.95 -31.16
CA LYS T 66 -44.97 -18.81 -31.94
C LYS T 66 -46.03 -17.73 -31.89
N LEU T 67 -45.58 -16.50 -31.71
CA LEU T 67 -46.50 -15.40 -31.52
C LEU T 67 -47.24 -15.12 -32.81
N ASP T 68 -48.07 -14.08 -32.78
CA ASP T 68 -49.01 -13.85 -33.85
C ASP T 68 -48.26 -13.63 -35.17
N PRO T 69 -48.79 -14.10 -36.30
CA PRO T 69 -48.08 -13.90 -37.55
C PRO T 69 -47.95 -12.46 -37.94
N SER T 70 -48.84 -11.62 -37.44
CA SER T 70 -48.73 -10.18 -37.65
C SER T 70 -47.55 -9.58 -36.90
N THR T 71 -46.96 -10.33 -35.96
CA THR T 71 -45.76 -9.89 -35.29
C THR T 71 -44.66 -9.62 -36.31
N ARG T 72 -43.78 -8.70 -35.96
CA ARG T 72 -42.64 -8.38 -36.80
C ARG T 72 -41.36 -8.33 -35.99
N VAL T 73 -40.27 -8.54 -36.71
CA VAL T 73 -38.92 -8.53 -36.17
C VAL T 73 -38.13 -7.51 -36.98
N ILE T 74 -37.32 -6.74 -36.26
CA ILE T 74 -36.42 -5.78 -36.87
C ILE T 74 -35.09 -5.95 -36.17
N VAL T 75 -34.11 -6.48 -36.86
CA VAL T 75 -32.75 -6.40 -36.38
C VAL T 75 -32.26 -4.98 -36.68
N GLN T 76 -31.37 -4.46 -35.84
CA GLN T 76 -30.95 -3.09 -36.03
C GLN T 76 -29.61 -2.85 -35.37
N LYS T 77 -28.70 -2.23 -36.11
CA LYS T 77 -27.42 -1.84 -35.57
C LYS T 77 -27.61 -0.68 -34.60
N CYS T 78 -26.66 -0.56 -33.68
CA CYS T 78 -26.63 0.53 -32.73
C CYS T 78 -25.17 0.81 -32.43
N ASP T 79 -24.83 2.08 -32.37
CA ASP T 79 -23.54 2.48 -31.84
C ASP T 79 -23.62 2.40 -30.32
N ARG T 80 -22.66 3.01 -29.63
CA ARG T 80 -22.76 3.14 -28.19
C ARG T 80 -23.88 4.13 -27.88
N GLN T 81 -24.00 4.50 -26.62
CA GLN T 81 -25.03 5.40 -26.10
C GLN T 81 -26.40 4.76 -26.12
N GLY T 82 -26.48 3.43 -26.30
CA GLY T 82 -27.77 2.76 -26.37
C GLY T 82 -28.66 3.31 -27.44
N ASN T 83 -28.07 3.85 -28.51
CA ASN T 83 -28.78 4.66 -29.46
C ASN T 83 -29.10 3.84 -30.69
N PRO T 84 -30.35 3.72 -31.13
CA PRO T 84 -30.60 3.08 -32.42
C PRO T 84 -30.06 3.92 -33.56
N LEU T 85 -30.14 3.34 -34.75
CA LEU T 85 -29.57 3.97 -35.92
C LEU T 85 -30.29 3.47 -37.16
N GLY T 86 -30.65 4.39 -38.05
CA GLY T 86 -31.31 4.04 -39.28
C GLY T 86 -30.30 3.69 -40.36
N ASP T 87 -29.21 4.46 -40.40
CA ASP T 87 -28.13 4.15 -41.31
C ASP T 87 -27.42 2.91 -40.81
N GLY T 88 -27.84 1.75 -41.30
CA GLY T 88 -27.36 0.48 -40.82
C GLY T 88 -28.47 -0.27 -40.12
N ILE T 89 -29.06 -1.22 -40.83
CA ILE T 89 -30.18 -1.99 -40.30
C ILE T 89 -30.34 -3.22 -41.17
N ILE T 90 -30.71 -4.32 -40.54
CA ILE T 90 -30.80 -5.62 -41.19
C ILE T 90 -32.13 -6.23 -40.81
N PHE T 91 -32.68 -7.04 -41.73
CA PHE T 91 -33.72 -8.01 -41.42
C PHE T 91 -34.94 -7.33 -40.78
N ASN T 92 -35.64 -6.59 -41.63
CA ASN T 92 -36.99 -6.17 -41.35
C ASN T 92 -37.93 -7.20 -41.96
N ASP T 93 -38.65 -7.94 -41.12
CA ASP T 93 -39.46 -9.03 -41.62
C ASP T 93 -40.55 -9.33 -40.60
N THR T 94 -41.49 -10.18 -41.00
CA THR T 94 -42.56 -10.59 -40.11
C THR T 94 -42.09 -11.72 -39.19
N LEU T 95 -43.05 -12.34 -38.49
CA LEU T 95 -42.81 -13.51 -37.68
C LEU T 95 -43.46 -14.75 -38.27
N GLY T 96 -44.77 -14.73 -38.51
CA GLY T 96 -45.47 -15.94 -38.86
C GLY T 96 -45.27 -16.31 -40.30
N ARG T 97 -44.02 -16.51 -40.64
CA ARG T 97 -43.59 -16.79 -42.00
C ARG T 97 -42.53 -17.86 -42.08
N PHE T 98 -41.79 -18.15 -41.03
CA PHE T 98 -40.53 -18.83 -41.23
C PHE T 98 -40.67 -20.34 -41.38
N ASN T 99 -41.69 -20.94 -40.77
CA ASN T 99 -41.79 -22.40 -40.69
C ASN T 99 -40.54 -22.98 -40.03
N TYR T 100 -40.48 -22.64 -38.74
CA TYR T 100 -39.35 -22.90 -37.85
C TYR T 100 -38.68 -24.26 -38.06
N ASN T 101 -39.54 -25.28 -38.02
CA ASN T 101 -39.11 -26.66 -37.87
C ASN T 101 -38.16 -27.09 -38.97
N LYS T 102 -38.35 -26.54 -40.17
CA LYS T 102 -37.52 -26.85 -41.32
C LYS T 102 -36.59 -25.72 -41.68
N MET T 103 -37.00 -24.47 -41.43
CA MET T 103 -36.19 -23.34 -41.84
C MET T 103 -34.88 -23.26 -41.10
N ARG T 104 -34.76 -23.91 -39.94
CA ARG T 104 -33.40 -24.02 -39.42
C ARG T 104 -32.51 -24.92 -40.27
N THR T 105 -33.08 -25.67 -41.22
CA THR T 105 -32.37 -26.73 -41.93
C THR T 105 -32.22 -26.43 -43.41
N ASP T 106 -33.32 -26.22 -44.12
CA ASP T 106 -33.29 -26.29 -45.57
C ASP T 106 -32.58 -25.08 -46.15
N PRO T 107 -31.94 -25.22 -47.32
CA PRO T 107 -31.39 -24.02 -47.98
C PRO T 107 -32.45 -23.03 -48.41
N ASP T 108 -33.70 -23.46 -48.57
CA ASP T 108 -34.67 -22.66 -49.29
C ASP T 108 -35.42 -21.70 -48.37
N TYR T 109 -36.04 -22.24 -47.31
CA TYR T 109 -36.59 -21.39 -46.26
C TYR T 109 -35.59 -20.37 -45.78
N MET T 110 -34.34 -20.81 -45.68
CA MET T 110 -33.24 -20.10 -45.03
C MET T 110 -33.21 -18.62 -45.38
N ARG T 111 -33.39 -17.79 -44.37
CA ARG T 111 -33.57 -16.36 -44.56
C ARG T 111 -32.29 -15.61 -44.29
N LYS T 112 -31.76 -15.03 -45.33
CA LYS T 112 -30.50 -14.33 -45.29
C LYS T 112 -30.74 -12.85 -45.05
N THR T 113 -29.64 -12.14 -44.81
CA THR T 113 -29.70 -10.75 -44.44
C THR T 113 -29.91 -9.88 -45.67
N ALA T 114 -30.03 -8.59 -45.43
CA ALA T 114 -30.17 -7.61 -46.49
C ALA T 114 -28.82 -7.13 -47.00
N LYS T 115 -27.85 -7.01 -46.10
CA LYS T 115 -26.53 -6.55 -46.46
C LYS T 115 -25.55 -7.02 -45.40
N SER T 116 -24.32 -6.53 -45.48
CA SER T 116 -23.24 -6.97 -44.61
C SER T 116 -23.26 -6.18 -43.32
N LEU T 117 -22.23 -6.35 -42.50
CA LEU T 117 -22.17 -5.69 -41.21
C LEU T 117 -20.79 -5.86 -40.61
N MET T 118 -20.42 -4.92 -39.74
CA MET T 118 -19.22 -5.02 -38.94
C MET T 118 -19.51 -4.42 -37.57
N VAL T 119 -18.81 -4.95 -36.56
CA VAL T 119 -19.10 -4.64 -35.17
C VAL T 119 -17.77 -4.51 -34.45
N ASP T 120 -17.44 -3.30 -34.02
CA ASP T 120 -16.18 -3.05 -33.34
C ASP T 120 -16.25 -3.61 -31.92
N GLU T 121 -15.22 -3.32 -31.12
CA GLU T 121 -15.05 -3.94 -29.82
C GLU T 121 -16.19 -3.63 -28.85
N ARG T 122 -16.92 -2.54 -29.08
CA ARG T 122 -18.12 -2.26 -28.29
C ARG T 122 -19.10 -1.54 -29.21
N GLU T 123 -19.97 -2.32 -29.82
CA GLU T 123 -21.08 -1.78 -30.59
C GLU T 123 -22.24 -2.74 -30.41
N ILE T 124 -23.43 -2.18 -30.36
CA ILE T 124 -24.61 -2.91 -29.92
C ILE T 124 -25.44 -3.26 -31.13
N VAL T 125 -26.18 -4.35 -31.03
CA VAL T 125 -27.22 -4.67 -32.00
C VAL T 125 -28.44 -5.09 -31.21
N LYS T 126 -29.61 -4.73 -31.73
CA LYS T 126 -30.85 -4.93 -31.01
C LYS T 126 -31.85 -5.63 -31.92
N VAL T 127 -32.77 -6.31 -31.26
CA VAL T 127 -33.81 -7.08 -31.94
C VAL T 127 -35.14 -6.54 -31.44
N PHE T 128 -35.68 -5.56 -32.16
CA PHE T 128 -36.98 -5.02 -31.82
C PHE T 128 -38.07 -5.94 -32.35
N VAL T 129 -39.16 -6.02 -31.59
CA VAL T 129 -40.20 -7.02 -31.81
C VAL T 129 -41.53 -6.28 -31.74
N ASP T 130 -42.15 -6.05 -32.89
CA ASP T 130 -43.43 -5.38 -32.97
C ASP T 130 -44.52 -6.42 -32.85
N VAL T 131 -44.99 -6.63 -31.63
CA VAL T 131 -46.26 -7.32 -31.38
C VAL T 131 -47.38 -6.30 -31.56
N PRO T 132 -48.46 -6.62 -32.30
CA PRO T 132 -49.41 -5.57 -32.67
C PRO T 132 -50.11 -4.92 -31.47
N ASP T 133 -50.84 -5.72 -30.71
CA ASP T 133 -51.40 -5.36 -29.41
C ASP T 133 -52.23 -6.56 -28.96
N GLY T 134 -52.60 -6.55 -27.68
CA GLY T 134 -53.55 -7.51 -27.15
C GLY T 134 -53.22 -8.97 -27.36
N ALA T 135 -51.98 -9.27 -27.71
CA ALA T 135 -51.55 -10.62 -28.01
C ALA T 135 -51.00 -11.27 -26.75
N ASN T 136 -50.37 -12.43 -26.92
CA ASN T 136 -49.66 -13.06 -25.82
C ASN T 136 -48.28 -12.45 -25.69
N GLY T 137 -47.84 -12.28 -24.45
CA GLY T 137 -46.54 -11.73 -24.19
C GLY T 137 -45.43 -12.62 -24.68
N TYR T 138 -44.22 -12.10 -24.58
CA TYR T 138 -43.02 -12.81 -25.00
C TYR T 138 -42.27 -13.36 -23.80
N ASP T 139 -41.69 -14.55 -23.98
CA ASP T 139 -40.68 -15.06 -23.07
C ASP T 139 -39.48 -15.53 -23.88
N ALA T 140 -38.33 -15.56 -23.22
CA ALA T 140 -37.07 -15.90 -23.84
C ALA T 140 -36.64 -17.34 -23.58
N GLU T 141 -36.87 -17.82 -22.36
CA GLU T 141 -36.48 -19.17 -22.00
C GLU T 141 -37.17 -20.21 -22.89
N ARG T 142 -38.39 -19.91 -23.32
CA ARG T 142 -39.10 -20.72 -24.30
C ARG T 142 -38.81 -20.27 -25.72
N SER T 143 -37.68 -19.63 -25.94
CA SER T 143 -37.36 -19.07 -27.23
C SER T 143 -35.86 -19.19 -27.47
N ARG T 144 -35.47 -18.97 -28.71
CA ARG T 144 -34.09 -19.03 -29.12
C ARG T 144 -33.86 -17.94 -30.16
N PHE T 145 -32.69 -17.94 -30.76
CA PHE T 145 -32.33 -17.03 -31.84
C PHE T 145 -30.97 -17.47 -32.32
N THR T 146 -30.72 -17.28 -33.62
CA THR T 146 -29.40 -17.59 -34.17
C THR T 146 -29.10 -16.62 -35.30
N LEU T 147 -27.89 -16.76 -35.86
CA LEU T 147 -27.44 -15.90 -36.93
C LEU T 147 -26.60 -16.58 -38.01
N GLY T 148 -26.26 -17.86 -37.87
CA GLY T 148 -25.30 -18.46 -38.78
C GLY T 148 -25.50 -19.95 -38.95
N ASP T 149 -24.83 -20.47 -39.97
CA ASP T 149 -24.81 -21.88 -40.32
C ASP T 149 -23.35 -22.23 -40.56
N ASP T 150 -22.66 -22.62 -39.49
CA ASP T 150 -21.24 -22.90 -39.55
C ASP T 150 -20.92 -24.39 -39.62
N THR T 151 -21.80 -25.24 -39.12
CA THR T 151 -21.57 -26.68 -39.18
C THR T 151 -21.72 -27.19 -40.60
N SER T 152 -22.66 -26.64 -41.35
CA SER T 152 -23.06 -27.20 -42.63
C SER T 152 -22.05 -26.86 -43.71
N ASP T 153 -22.44 -27.12 -44.96
CA ASP T 153 -21.59 -26.93 -46.11
C ASP T 153 -22.15 -25.97 -47.14
N PHE T 154 -23.44 -25.67 -47.11
CA PHE T 154 -24.03 -24.70 -48.03
C PHE T 154 -24.24 -23.35 -47.40
N GLY T 155 -24.51 -23.29 -46.09
CA GLY T 155 -24.82 -22.05 -45.45
C GLY T 155 -23.60 -21.24 -45.05
N LYS T 156 -23.85 -19.98 -44.71
CA LYS T 156 -22.82 -19.06 -44.28
C LYS T 156 -22.71 -19.05 -42.76
N ALA T 157 -21.69 -18.34 -42.29
CA ALA T 157 -21.40 -18.29 -40.86
C ALA T 157 -20.84 -16.91 -40.51
N VAL T 158 -20.86 -16.62 -39.23
CA VAL T 158 -20.34 -15.36 -38.72
C VAL T 158 -18.83 -15.46 -38.61
N GLU T 159 -18.14 -14.40 -38.95
CA GLU T 159 -16.68 -14.39 -39.01
C GLU T 159 -16.14 -13.50 -37.90
N ILE T 160 -15.49 -14.12 -36.93
CA ILE T 160 -14.90 -13.39 -35.81
C ILE T 160 -13.39 -13.30 -36.00
N VAL T 161 -12.83 -12.20 -35.51
CA VAL T 161 -11.40 -11.95 -35.52
C VAL T 161 -11.04 -11.26 -34.20
N ASP T 162 -9.86 -11.60 -33.68
CA ASP T 162 -9.31 -10.91 -32.54
C ASP T 162 -8.61 -9.64 -33.02
N HIS T 163 -8.89 -8.53 -32.34
CA HIS T 163 -8.42 -7.23 -32.80
C HIS T 163 -6.91 -7.14 -32.82
N ASP T 164 -6.24 -7.92 -31.98
CA ASP T 164 -4.78 -7.82 -31.88
C ASP T 164 -4.10 -8.31 -33.16
N ASP T 165 -4.75 -9.19 -33.91
CA ASP T 165 -4.13 -9.87 -35.03
C ASP T 165 -4.28 -9.10 -36.34
N LEU T 166 -4.41 -7.79 -36.28
CA LEU T 166 -4.61 -6.98 -37.47
C LEU T 166 -3.82 -5.68 -37.38
N THR T 167 -3.62 -5.09 -38.56
CA THR T 167 -3.06 -3.76 -38.70
C THR T 167 -4.03 -2.76 -39.30
N GLU T 168 -5.20 -3.22 -39.74
CA GLU T 168 -6.27 -2.36 -40.25
C GLU T 168 -7.31 -2.04 -39.17
N GLY T 169 -7.03 -2.40 -37.91
CA GLY T 169 -7.99 -2.15 -36.85
C GLY T 169 -8.29 -0.68 -36.68
N GLU T 170 -7.28 0.17 -36.86
CA GLU T 170 -7.51 1.60 -36.81
C GLU T 170 -8.45 2.04 -37.92
N THR T 171 -8.30 1.43 -39.11
CA THR T 171 -9.16 1.80 -40.22
C THR T 171 -10.60 1.42 -39.92
N GLN T 172 -10.82 0.20 -39.47
CA GLN T 172 -12.19 -0.23 -39.13
C GLN T 172 -12.75 0.57 -37.96
N ALA T 173 -11.88 1.04 -37.06
CA ALA T 173 -12.33 1.91 -35.99
C ALA T 173 -12.81 3.25 -36.56
N VAL T 174 -12.13 3.77 -37.56
CA VAL T 174 -12.59 4.98 -38.22
C VAL T 174 -13.91 4.73 -38.93
N LYS T 175 -14.06 3.53 -39.50
CA LYS T 175 -15.33 3.17 -40.13
C LYS T 175 -16.47 3.24 -39.13
N SER T 176 -16.36 2.48 -38.04
CA SER T 176 -17.38 2.45 -36.99
C SER T 176 -18.72 1.99 -37.54
N ASN U 3 -9.50 77.65 1.20
CA ASN U 3 -9.35 77.61 -0.25
C ASN U 3 -10.52 76.92 -0.91
N ILE U 4 -10.79 77.30 -2.16
CA ILE U 4 -11.81 76.68 -2.98
C ILE U 4 -11.18 76.36 -4.32
N GLY U 5 -11.62 75.26 -4.92
CA GLY U 5 -11.13 74.88 -6.23
C GLY U 5 -11.83 75.67 -7.31
N ASN U 6 -11.04 76.16 -8.26
CA ASN U 6 -11.57 76.89 -9.39
C ASN U 6 -12.50 75.99 -10.20
N LEU U 7 -13.41 76.61 -10.94
CA LEU U 7 -14.38 75.90 -11.74
C LEU U 7 -14.54 76.58 -13.09
N SER U 8 -15.02 75.80 -14.04
CA SER U 8 -15.27 76.30 -15.38
C SER U 8 -16.59 77.06 -15.42
N ALA U 9 -16.80 77.76 -16.52
CA ALA U 9 -18.09 78.40 -16.74
C ALA U 9 -19.18 77.36 -16.94
N GLU U 10 -18.83 76.24 -17.57
CA GLU U 10 -19.78 75.18 -17.79
C GLU U 10 -20.14 74.54 -16.45
N LYS U 11 -21.43 74.36 -16.20
CA LYS U 11 -21.87 73.78 -14.94
C LYS U 11 -23.01 72.81 -15.19
N GLN U 12 -22.97 71.69 -14.46
CA GLN U 12 -23.85 70.57 -14.68
C GLN U 12 -24.94 70.59 -13.61
N ILE U 13 -26.20 70.66 -14.04
CA ILE U 13 -27.31 70.96 -13.15
C ILE U 13 -28.50 70.08 -13.52
N SER U 14 -29.58 70.27 -12.78
CA SER U 14 -30.83 69.54 -12.98
C SER U 14 -31.96 70.46 -12.58
N LEU U 15 -32.87 70.73 -13.51
CA LEU U 15 -33.91 71.72 -13.30
C LEU U 15 -35.13 71.10 -12.64
N TYR U 16 -36.02 71.97 -12.15
CA TYR U 16 -37.24 71.48 -11.53
C TYR U 16 -38.21 72.64 -11.35
N ASP U 17 -39.29 72.35 -10.62
CA ASP U 17 -40.41 73.27 -10.47
C ASP U 17 -40.04 74.48 -9.62
N GLY U 18 -39.66 74.24 -8.37
CA GLY U 18 -39.43 75.33 -7.44
C GLY U 18 -38.17 76.12 -7.73
N GLN U 19 -38.17 76.82 -8.85
CA GLN U 19 -37.10 77.74 -9.24
C GLN U 19 -37.72 79.07 -9.62
N PRO U 20 -36.93 80.14 -9.64
CA PRO U 20 -37.53 81.45 -9.91
C PRO U 20 -37.92 81.67 -11.36
N PHE U 21 -37.01 81.32 -12.27
CA PHE U 21 -37.18 81.72 -13.67
C PHE U 21 -38.18 80.83 -14.38
N ILE U 22 -38.24 79.55 -14.01
CA ILE U 22 -39.31 78.69 -14.48
C ILE U 22 -40.65 79.25 -14.05
N SER U 23 -41.70 78.86 -14.76
CA SER U 23 -43.07 79.21 -14.40
C SER U 23 -43.97 78.01 -14.67
N GLU U 24 -45.16 78.06 -14.07
CA GLU U 24 -46.12 76.99 -14.21
C GLU U 24 -47.53 77.54 -14.08
N GLN U 25 -48.50 76.65 -14.18
CA GLN U 25 -49.91 76.98 -14.05
C GLN U 25 -50.70 75.69 -14.04
N ASP U 26 -51.91 75.76 -13.50
CA ASP U 26 -52.80 74.62 -13.53
C ASP U 26 -53.39 74.48 -14.93
N VAL U 27 -53.97 73.30 -15.19
CA VAL U 27 -54.51 72.96 -16.49
C VAL U 27 -55.77 72.15 -16.28
N ALA U 28 -56.71 72.29 -17.21
CA ALA U 28 -57.95 71.53 -17.23
C ALA U 28 -57.92 70.54 -18.39
N ALA U 29 -58.82 69.57 -18.32
CA ALA U 29 -58.87 68.53 -19.33
C ALA U 29 -59.29 69.09 -20.68
N GLY U 30 -58.87 68.42 -21.73
CA GLY U 30 -59.28 68.79 -23.08
C GLY U 30 -58.82 70.15 -23.50
N ASP U 31 -57.64 70.58 -23.06
CA ASP U 31 -57.08 71.89 -23.40
C ASP U 31 -55.58 71.72 -23.60
N PRO U 32 -55.17 71.00 -24.65
CA PRO U 32 -53.74 70.70 -24.83
C PRO U 32 -52.90 71.93 -25.05
N ASN U 33 -53.48 73.00 -25.58
CA ASN U 33 -52.70 74.19 -25.88
C ASN U 33 -52.28 74.95 -24.63
N THR U 34 -52.76 74.58 -23.45
CA THR U 34 -52.36 75.28 -22.23
C THR U 34 -51.05 74.70 -21.73
N PRO U 35 -49.95 75.45 -21.70
CA PRO U 35 -48.71 74.91 -21.13
C PRO U 35 -48.75 74.92 -19.61
N ALA U 36 -48.47 73.76 -19.02
CA ALA U 36 -48.39 73.67 -17.57
C ALA U 36 -47.04 74.12 -17.04
N LEU U 37 -46.01 74.14 -17.90
CA LEU U 37 -44.71 74.63 -17.51
C LEU U 37 -44.15 75.51 -18.62
N THR U 38 -43.55 76.61 -18.21
CA THR U 38 -43.03 77.64 -19.11
C THR U 38 -41.62 77.95 -18.62
N ILE U 39 -40.65 77.31 -19.24
CA ILE U 39 -39.26 77.65 -18.99
C ILE U 39 -38.92 78.87 -19.82
N GLU U 40 -37.97 79.66 -19.32
CA GLU U 40 -37.81 81.03 -19.76
C GLU U 40 -36.36 81.42 -19.55
N GLY U 41 -35.66 81.70 -20.66
CA GLY U 41 -34.25 81.99 -20.64
C GLY U 41 -33.89 83.12 -19.68
N PRO U 42 -33.02 82.87 -18.71
CA PRO U 42 -32.48 83.98 -17.91
C PRO U 42 -31.50 84.81 -18.71
N ASP U 43 -31.36 86.06 -18.27
CA ASP U 43 -30.52 87.02 -18.96
C ASP U 43 -29.05 86.73 -18.67
N GLY U 44 -28.27 86.64 -19.74
CA GLY U 44 -26.86 86.34 -19.61
C GLY U 44 -26.56 84.94 -19.14
N TYR U 45 -27.42 83.98 -19.48
CA TYR U 45 -27.20 82.60 -19.08
C TYR U 45 -27.75 81.70 -20.19
N VAL U 46 -26.88 81.22 -21.02
CA VAL U 46 -27.24 80.20 -21.99
C VAL U 46 -27.27 78.85 -21.28
N ILE U 47 -28.18 77.98 -21.72
CA ILE U 47 -28.24 76.62 -21.22
C ILE U 47 -28.23 75.68 -22.42
N ALA U 48 -27.98 74.41 -22.14
CA ALA U 48 -27.75 73.44 -23.19
C ALA U 48 -28.13 72.06 -22.72
N VAL U 49 -28.64 71.28 -23.68
CA VAL U 49 -29.09 69.92 -23.47
C VAL U 49 -28.57 69.09 -24.64
N ASP U 50 -27.86 68.03 -24.33
CA ASP U 50 -27.31 67.19 -25.38
C ASP U 50 -28.40 66.27 -25.91
N ALA U 51 -28.01 65.26 -26.70
CA ALA U 51 -28.98 64.46 -27.43
C ALA U 51 -29.93 63.72 -26.51
N GLY U 52 -29.45 63.31 -25.34
CA GLY U 52 -30.25 62.53 -24.42
C GLY U 52 -30.08 62.95 -22.99
N THR U 53 -31.18 63.32 -22.33
CA THR U 53 -31.17 63.71 -20.93
C THR U 53 -32.49 63.30 -20.31
N PRO U 54 -32.48 62.86 -19.05
CA PRO U 54 -33.71 62.37 -18.43
C PRO U 54 -34.76 63.45 -18.32
N ILE U 55 -35.98 62.99 -18.07
CA ILE U 55 -37.09 63.84 -17.65
C ILE U 55 -37.83 63.06 -16.59
N ALA U 56 -38.43 63.76 -15.63
CA ALA U 56 -39.31 63.18 -14.62
C ALA U 56 -40.70 63.81 -14.76
N PRO U 57 -41.43 63.46 -15.79
CA PRO U 57 -42.70 64.15 -16.03
C PRO U 57 -43.76 63.75 -15.02
N GLU U 58 -43.60 64.26 -13.80
CA GLU U 58 -44.54 63.97 -12.73
C GLU U 58 -45.70 64.94 -12.80
N PHE U 59 -46.83 64.44 -13.30
CA PHE U 59 -48.01 65.26 -13.58
C PHE U 59 -49.21 64.56 -12.99
N ARG U 60 -49.53 64.91 -11.75
CA ARG U 60 -50.56 64.23 -10.98
C ARG U 60 -51.80 65.10 -10.85
N ASP U 61 -52.82 64.49 -10.28
CA ASP U 61 -54.11 65.09 -10.04
C ASP U 61 -54.06 65.96 -8.79
N SER U 62 -55.10 66.78 -8.63
CA SER U 62 -55.33 67.47 -7.36
C SER U 62 -55.30 66.49 -6.19
N ASN U 63 -55.87 65.31 -6.39
CA ASN U 63 -55.92 64.27 -5.38
C ASN U 63 -54.67 63.41 -5.34
N GLY U 64 -53.58 63.88 -5.92
CA GLY U 64 -52.31 63.19 -5.86
C GLY U 64 -52.34 61.86 -6.58
N GLU U 65 -52.68 61.89 -7.86
CA GLU U 65 -52.77 60.69 -8.68
C GLU U 65 -52.31 61.03 -10.08
N LYS U 66 -51.48 60.16 -10.65
CA LYS U 66 -51.05 60.38 -12.02
C LYS U 66 -52.26 60.35 -12.93
N LEU U 67 -52.29 61.28 -13.87
CA LEU U 67 -53.46 61.44 -14.71
C LEU U 67 -53.57 60.25 -15.65
N ASP U 68 -54.57 60.30 -16.52
CA ASP U 68 -54.94 59.15 -17.31
C ASP U 68 -53.77 58.72 -18.18
N PRO U 69 -53.57 57.41 -18.39
CA PRO U 69 -52.44 56.99 -19.21
C PRO U 69 -52.55 57.45 -20.64
N SER U 70 -53.76 57.72 -21.10
CA SER U 70 -53.96 58.28 -22.44
C SER U 70 -53.47 59.72 -22.51
N THR U 71 -53.21 60.36 -21.37
CA THR U 71 -52.62 61.69 -21.37
C THR U 71 -51.30 61.66 -22.11
N ARG U 72 -50.94 62.80 -22.70
CA ARG U 72 -49.69 62.96 -23.41
C ARG U 72 -48.99 64.24 -22.99
N VAL U 73 -47.68 64.21 -23.17
CA VAL U 73 -46.79 65.31 -22.88
C VAL U 73 -46.02 65.63 -24.15
N ILE U 74 -45.87 66.92 -24.41
CA ILE U 74 -45.10 67.41 -25.53
C ILE U 74 -44.26 68.54 -24.98
N VAL U 75 -42.96 68.32 -24.89
CA VAL U 75 -42.04 69.43 -24.69
C VAL U 75 -41.88 70.12 -26.02
N GLN U 76 -41.66 71.43 -26.01
CA GLN U 76 -41.58 72.15 -27.27
C GLN U 76 -40.81 73.45 -27.08
N LYS U 77 -39.88 73.69 -27.99
CA LYS U 77 -39.15 74.93 -28.01
C LYS U 77 -40.06 76.05 -28.48
N CYS U 78 -39.72 77.27 -28.08
CA CYS U 78 -40.41 78.46 -28.49
C CYS U 78 -39.40 79.59 -28.54
N ASP U 79 -39.48 80.39 -29.58
CA ASP U 79 -38.74 81.64 -29.61
C ASP U 79 -39.47 82.64 -28.73
N ARG U 80 -39.15 83.91 -28.86
CA ARG U 80 -39.92 84.94 -28.21
C ARG U 80 -41.28 85.03 -28.89
N GLN U 81 -42.06 86.04 -28.53
CA GLN U 81 -43.42 86.26 -29.03
C GLN U 81 -44.40 85.23 -28.52
N GLY U 82 -44.02 84.45 -27.51
CA GLY U 82 -44.90 83.41 -26.99
C GLY U 82 -45.32 82.42 -28.05
N ASN U 83 -44.48 82.22 -29.05
CA ASN U 83 -44.86 81.54 -30.27
C ASN U 83 -44.34 80.12 -30.24
N PRO U 84 -45.17 79.09 -30.40
CA PRO U 84 -44.62 77.74 -30.53
C PRO U 84 -43.87 77.60 -31.84
N LEU U 85 -43.23 76.45 -32.00
CA LEU U 85 -42.39 76.21 -33.15
C LEU U 85 -42.29 74.72 -33.39
N GLY U 86 -42.44 74.31 -34.66
CA GLY U 86 -42.34 72.93 -35.03
C GLY U 86 -40.90 72.54 -35.30
N ASP U 87 -40.17 73.45 -35.95
CA ASP U 87 -38.75 73.24 -36.15
C ASP U 87 -38.04 73.39 -34.82
N GLY U 88 -37.85 72.28 -34.12
CA GLY U 88 -37.33 72.29 -32.78
C GLY U 88 -38.38 71.86 -31.78
N ILE U 89 -38.30 70.60 -31.38
CA ILE U 89 -39.27 70.04 -30.47
C ILE U 89 -38.68 68.77 -29.89
N ILE U 90 -38.98 68.51 -28.63
CA ILE U 90 -38.41 67.40 -27.87
C ILE U 90 -39.54 66.68 -27.17
N PHE U 91 -39.37 65.37 -27.00
CA PHE U 91 -40.13 64.59 -26.03
C PHE U 91 -41.64 64.71 -26.28
N ASN U 92 -42.04 64.07 -27.36
CA ASN U 92 -43.43 63.74 -27.60
C ASN U 92 -43.66 62.33 -27.06
N ASP U 93 -44.46 62.21 -26.01
CA ASP U 93 -44.61 60.92 -25.36
C ASP U 93 -45.92 60.92 -24.59
N THR U 94 -46.31 59.76 -24.10
CA THR U 94 -47.51 59.63 -23.29
C THR U 94 -47.23 60.01 -21.85
N LEU U 95 -48.18 59.72 -20.97
CA LEU U 95 -48.03 59.88 -19.53
C LEU U 95 -47.98 58.54 -18.82
N GLY U 96 -48.99 57.70 -18.98
CA GLY U 96 -49.10 56.51 -18.15
C GLY U 96 -48.16 55.41 -18.61
N ARG U 97 -46.88 55.76 -18.60
CA ARG U 97 -45.83 54.89 -19.08
C ARG U 97 -44.60 54.89 -18.20
N PHE U 98 -44.38 55.91 -17.39
CA PHE U 98 -43.03 56.12 -16.90
C PHE U 98 -42.67 55.24 -15.70
N ASN U 99 -43.65 54.87 -14.87
CA ASN U 99 -43.37 54.19 -13.61
C ASN U 99 -42.47 55.07 -12.74
N TYR U 100 -43.09 56.17 -12.34
CA TYR U 100 -42.47 57.29 -11.63
C TYR U 100 -41.45 56.86 -10.58
N ASN U 101 -41.90 55.97 -9.71
CA ASN U 101 -41.24 55.66 -8.45
C ASN U 101 -39.81 55.19 -8.67
N LYS U 102 -39.57 54.49 -9.77
CA LYS U 102 -38.26 53.97 -10.12
C LYS U 102 -37.62 54.74 -11.24
N MET U 103 -38.42 55.26 -12.17
CA MET U 103 -37.85 55.92 -13.33
C MET U 103 -37.11 57.19 -12.98
N ARG U 104 -37.36 57.77 -11.82
CA ARG U 104 -36.41 58.81 -11.42
C ARG U 104 -35.02 58.27 -11.10
N THR U 105 -34.86 56.95 -10.98
CA THR U 105 -33.66 56.34 -10.46
C THR U 105 -32.92 55.49 -11.50
N ASP U 106 -33.60 54.51 -12.06
CA ASP U 106 -32.89 53.46 -12.78
C ASP U 106 -32.35 53.98 -14.11
N PRO U 107 -31.24 53.43 -14.60
CA PRO U 107 -30.79 53.80 -15.95
C PRO U 107 -31.76 53.37 -17.05
N ASP U 108 -32.63 52.41 -16.79
CA ASP U 108 -33.35 51.75 -17.87
C ASP U 108 -34.66 52.44 -18.19
N TYR U 109 -35.52 52.62 -17.19
CA TYR U 109 -36.70 53.46 -17.35
C TYR U 109 -36.34 54.81 -17.94
N MET U 110 -35.21 55.35 -17.50
CA MET U 110 -34.79 56.72 -17.72
C MET U 110 -34.99 57.17 -19.16
N ARG U 111 -35.84 58.17 -19.33
CA ARG U 111 -36.30 58.59 -20.64
C ARG U 111 -35.54 59.81 -21.11
N LYS U 112 -34.77 59.62 -22.16
CA LYS U 112 -33.92 60.64 -22.70
C LYS U 112 -34.62 61.37 -23.83
N THR U 113 -34.00 62.44 -24.27
CA THR U 113 -34.60 63.32 -25.25
C THR U 113 -34.44 62.74 -26.65
N ALA U 114 -35.01 63.44 -27.62
CA ALA U 114 -34.90 63.05 -29.01
C ALA U 114 -33.67 63.63 -29.66
N LYS U 115 -33.29 64.85 -29.27
CA LYS U 115 -32.13 65.50 -29.84
C LYS U 115 -31.65 66.55 -28.85
N SER U 116 -30.72 67.39 -29.29
CA SER U 116 -30.07 68.37 -28.44
C SER U 116 -30.90 69.64 -28.42
N LEU U 117 -30.36 70.70 -27.83
CA LEU U 117 -31.08 71.95 -27.68
C LEU U 117 -30.14 73.03 -27.20
N MET U 118 -30.48 74.27 -27.51
CA MET U 118 -29.80 75.44 -26.98
C MET U 118 -30.82 76.53 -26.77
N VAL U 119 -30.56 77.37 -25.77
CA VAL U 119 -31.53 78.36 -25.29
C VAL U 119 -30.76 79.64 -24.99
N ASP U 120 -31.01 80.67 -25.78
CA ASP U 120 -30.32 81.95 -25.61
C ASP U 120 -30.88 82.66 -24.37
N GLU U 121 -30.46 83.90 -24.18
CA GLU U 121 -30.74 84.64 -22.95
C GLU U 121 -32.22 84.85 -22.73
N ARG U 122 -33.04 84.81 -23.78
CA ARG U 122 -34.48 84.86 -23.61
C ARG U 122 -35.08 84.02 -24.72
N GLU U 123 -35.34 82.76 -24.42
CA GLU U 123 -36.07 81.88 -25.29
C GLU U 123 -36.88 80.95 -24.40
N ILE U 124 -38.06 80.60 -24.87
CA ILE U 124 -39.06 79.96 -24.04
C ILE U 124 -39.10 78.49 -24.41
N VAL U 125 -39.50 77.67 -23.45
CA VAL U 125 -39.84 76.28 -23.70
C VAL U 125 -41.12 76.01 -22.95
N LYS U 126 -41.96 75.17 -23.55
CA LYS U 126 -43.29 74.93 -23.03
C LYS U 126 -43.54 73.43 -22.93
N VAL U 127 -44.43 73.09 -22.02
CA VAL U 127 -44.80 71.71 -21.75
C VAL U 127 -46.30 71.61 -21.97
N PHE U 128 -46.69 71.25 -23.19
CA PHE U 128 -48.09 71.05 -23.48
C PHE U 128 -48.52 69.67 -23.01
N VAL U 129 -49.77 69.60 -22.55
CA VAL U 129 -50.28 68.43 -21.84
C VAL U 129 -51.64 68.11 -22.45
N ASP U 130 -51.69 67.07 -23.27
CA ASP U 130 -52.93 66.64 -23.91
C ASP U 130 -53.63 65.65 -22.97
N VAL U 131 -54.52 66.18 -22.15
CA VAL U 131 -55.51 65.38 -21.46
C VAL U 131 -56.66 65.11 -22.44
N PRO U 132 -57.15 63.88 -22.57
CA PRO U 132 -58.08 63.58 -23.67
C PRO U 132 -59.39 64.36 -23.59
N ASP U 133 -60.15 64.15 -22.52
CA ASP U 133 -61.31 64.94 -22.15
C ASP U 133 -61.89 64.27 -20.90
N GLY U 134 -62.78 64.99 -20.23
CA GLY U 134 -63.58 64.42 -19.16
C GLY U 134 -62.81 63.77 -18.03
N ALA U 135 -61.51 64.04 -17.94
CA ALA U 135 -60.64 63.44 -16.96
C ALA U 135 -60.58 64.33 -15.72
N ASN U 136 -59.65 64.02 -14.84
CA ASN U 136 -59.39 64.87 -13.70
C ASN U 136 -58.44 65.99 -14.12
N GLY U 137 -58.68 67.18 -13.59
CA GLY U 137 -57.85 68.31 -13.90
C GLY U 137 -56.44 68.14 -13.39
N TYR U 138 -55.60 69.09 -13.75
CA TYR U 138 -54.21 69.11 -13.36
C TYR U 138 -53.96 70.11 -12.23
N ASP U 139 -53.07 69.75 -11.32
CA ASP U 139 -52.49 70.69 -10.39
C ASP U 139 -50.97 70.53 -10.41
N ALA U 140 -50.30 71.60 -10.00
CA ALA U 140 -48.85 71.68 -10.02
C ALA U 140 -48.22 71.44 -8.66
N GLU U 141 -48.84 71.96 -7.61
CA GLU U 141 -48.30 71.79 -6.26
C GLU U 141 -48.20 70.32 -5.88
N ARG U 142 -49.11 69.49 -6.37
CA ARG U 142 -49.05 68.06 -6.23
C ARG U 142 -48.28 67.40 -7.36
N SER U 143 -47.39 68.14 -8.00
CA SER U 143 -46.68 67.66 -9.17
C SER U 143 -45.28 68.23 -9.16
N ARG U 144 -44.44 67.65 -10.01
CA ARG U 144 -43.05 68.06 -10.15
C ARG U 144 -42.69 67.94 -11.62
N PHE U 145 -41.42 68.14 -11.92
CA PHE U 145 -40.87 67.99 -13.25
C PHE U 145 -39.38 68.17 -13.13
N THR U 146 -38.62 67.47 -13.97
CA THR U 146 -37.18 67.63 -13.99
C THR U 146 -36.66 67.43 -15.41
N LEU U 147 -35.35 67.62 -15.57
CA LEU U 147 -34.71 67.50 -16.86
C LEU U 147 -33.33 66.86 -16.84
N GLY U 148 -32.75 66.55 -15.68
CA GLY U 148 -31.37 66.14 -15.64
C GLY U 148 -31.05 65.22 -14.48
N ASP U 149 -29.86 64.61 -14.58
CA ASP U 149 -29.31 63.72 -13.57
C ASP U 149 -27.86 64.17 -13.37
N ASP U 150 -27.67 65.12 -12.46
CA ASP U 150 -26.36 65.70 -12.22
C ASP U 150 -25.65 65.13 -11.01
N THR U 151 -26.41 64.63 -10.04
CA THR U 151 -25.78 64.06 -8.85
C THR U 151 -25.12 62.73 -9.17
N SER U 152 -25.72 61.96 -10.06
CA SER U 152 -25.33 60.57 -10.27
C SER U 152 -24.07 60.49 -11.12
N ASP U 153 -23.76 59.28 -11.57
CA ASP U 153 -22.56 59.00 -12.34
C ASP U 153 -22.83 58.41 -13.71
N PHE U 154 -24.02 57.88 -13.96
CA PHE U 154 -24.36 57.36 -15.29
C PHE U 154 -25.20 58.32 -16.10
N GLY U 155 -26.03 59.13 -15.45
CA GLY U 155 -26.93 59.99 -16.16
C GLY U 155 -26.29 61.30 -16.62
N LYS U 156 -27.01 61.98 -17.50
CA LYS U 156 -26.58 63.27 -18.04
C LYS U 156 -27.18 64.41 -17.23
N ALA U 157 -26.74 65.62 -17.56
CA ALA U 157 -27.15 66.81 -16.84
C ALA U 157 -27.21 67.98 -17.80
N VAL U 158 -27.90 69.03 -17.37
CA VAL U 158 -28.03 70.24 -18.15
C VAL U 158 -26.78 71.07 -17.97
N GLU U 159 -26.32 71.70 -19.05
CA GLU U 159 -25.06 72.42 -19.06
C GLU U 159 -25.36 73.91 -19.21
N ILE U 160 -25.08 74.67 -18.16
CA ILE U 160 -25.29 76.11 -18.16
C ILE U 160 -23.95 76.82 -18.32
N VAL U 161 -24.00 77.97 -18.98
CA VAL U 161 -22.86 78.84 -19.17
C VAL U 161 -23.34 80.28 -19.05
N ASP U 162 -22.49 81.12 -18.46
CA ASP U 162 -22.72 82.56 -18.43
C ASP U 162 -22.27 83.16 -19.74
N HIS U 163 -23.12 84.01 -20.32
CA HIS U 163 -22.86 84.53 -21.66
C HIS U 163 -21.60 85.35 -21.72
N ASP U 164 -21.19 85.96 -20.60
CA ASP U 164 -20.04 86.84 -20.61
C ASP U 164 -18.74 86.08 -20.86
N ASP U 165 -18.71 84.79 -20.53
CA ASP U 165 -17.49 84.01 -20.55
C ASP U 165 -17.23 83.35 -21.90
N LEU U 166 -17.72 83.93 -22.98
CA LEU U 166 -17.56 83.35 -24.29
C LEU U 166 -17.29 84.43 -25.34
N THR U 167 -16.75 83.97 -26.46
CA THR U 167 -16.56 84.78 -27.65
C THR U 167 -17.38 84.29 -28.83
N GLU U 168 -18.06 83.15 -28.71
CA GLU U 168 -18.96 82.62 -29.71
C GLU U 168 -20.41 82.97 -29.43
N GLY U 169 -20.66 83.85 -28.46
CA GLY U 169 -22.02 84.21 -28.11
C GLY U 169 -22.76 84.85 -29.26
N GLU U 170 -22.05 85.65 -30.05
CA GLU U 170 -22.67 86.22 -31.25
C GLU U 170 -23.06 85.13 -32.23
N THR U 171 -22.24 84.09 -32.34
CA THR U 171 -22.55 83.00 -33.26
C THR U 171 -23.80 82.29 -32.82
N GLN U 172 -23.87 81.92 -31.54
CA GLN U 172 -25.06 81.25 -31.02
C GLN U 172 -26.28 82.15 -31.08
N ALA U 173 -26.09 83.46 -30.98
CA ALA U 173 -27.20 84.39 -31.16
C ALA U 173 -27.72 84.34 -32.59
N VAL U 174 -26.80 84.23 -33.56
CA VAL U 174 -27.24 84.08 -34.95
C VAL U 174 -27.95 82.74 -35.13
N LYS U 175 -27.51 81.71 -34.42
CA LYS U 175 -28.19 80.42 -34.48
C LYS U 175 -29.63 80.56 -34.02
N SER U 176 -29.83 81.05 -32.79
CA SER U 176 -31.16 81.24 -32.23
C SER U 176 -31.92 79.92 -32.17
N ASN V 3 -45.99 52.33 -49.01
CA ASN V 3 -44.81 51.58 -49.41
C ASN V 3 -44.36 50.61 -48.32
N ILE V 4 -43.63 49.59 -48.73
CA ILE V 4 -43.03 48.62 -47.82
C ILE V 4 -41.57 48.51 -48.19
N GLY V 5 -40.74 48.27 -47.18
CA GLY V 5 -39.32 48.08 -47.39
C GLY V 5 -39.02 46.61 -47.66
N ASN V 6 -38.05 46.40 -48.54
CA ASN V 6 -37.65 45.04 -48.91
C ASN V 6 -37.00 44.36 -47.72
N LEU V 7 -37.02 43.03 -47.75
CA LEU V 7 -36.44 42.22 -46.69
C LEU V 7 -35.64 41.07 -47.30
N SER V 8 -34.74 40.54 -46.49
CA SER V 8 -33.90 39.44 -46.92
C SER V 8 -34.66 38.12 -46.77
N ALA V 9 -34.04 37.06 -47.28
CA ALA V 9 -34.62 35.73 -47.12
C ALA V 9 -34.53 35.29 -45.66
N GLU V 10 -33.43 35.63 -45.01
CA GLU V 10 -33.27 35.29 -43.60
C GLU V 10 -34.27 36.07 -42.78
N LYS V 11 -35.00 35.37 -41.92
CA LYS V 11 -36.01 36.02 -41.11
C LYS V 11 -35.91 35.52 -39.68
N GLN V 12 -36.09 36.44 -38.74
CA GLN V 12 -35.86 36.22 -37.34
C GLN V 12 -37.19 35.98 -36.64
N ILE V 13 -37.32 34.85 -35.97
CA ILE V 13 -38.58 34.42 -35.37
C ILE V 13 -38.31 33.79 -34.01
N SER V 14 -39.38 33.34 -33.38
CA SER V 14 -39.33 32.70 -32.08
C SER V 14 -40.45 31.68 -32.02
N LEU V 15 -40.09 30.41 -31.92
CA LEU V 15 -41.06 29.34 -31.99
C LEU V 15 -41.77 29.17 -30.65
N TYR V 16 -42.84 28.39 -30.67
CA TYR V 16 -43.60 28.15 -29.45
C TYR V 16 -44.58 27.01 -29.69
N ASP V 17 -45.43 26.79 -28.68
CA ASP V 17 -46.33 25.64 -28.68
C ASP V 17 -47.40 25.79 -29.75
N GLY V 18 -48.21 26.83 -29.66
CA GLY V 18 -49.35 26.99 -30.53
C GLY V 18 -49.02 27.39 -31.96
N GLN V 19 -48.25 26.55 -32.63
CA GLN V 19 -48.02 26.62 -34.06
C GLN V 19 -48.48 25.30 -34.67
N PRO V 20 -48.74 25.26 -35.97
CA PRO V 20 -49.24 24.01 -36.55
C PRO V 20 -48.18 22.95 -36.75
N PHE V 21 -47.02 23.35 -37.29
CA PHE V 21 -46.04 22.35 -37.72
C PHE V 21 -45.33 21.72 -36.54
N ILE V 22 -45.20 22.45 -35.45
CA ILE V 22 -44.83 21.83 -34.19
C ILE V 22 -45.95 20.89 -33.75
N SER V 23 -45.60 19.93 -32.89
CA SER V 23 -46.55 19.01 -32.30
C SER V 23 -46.25 18.85 -30.83
N GLU V 24 -47.12 18.13 -30.13
CA GLU V 24 -46.93 17.90 -28.71
C GLU V 24 -47.76 16.70 -28.27
N GLN V 25 -47.67 16.41 -26.98
CA GLN V 25 -48.48 15.37 -26.35
C GLN V 25 -48.26 15.45 -24.85
N ASP V 26 -49.21 14.89 -24.10
CA ASP V 26 -49.04 14.78 -22.67
C ASP V 26 -48.05 13.66 -22.35
N VAL V 27 -47.54 13.68 -21.13
CA VAL V 27 -46.51 12.74 -20.69
C VAL V 27 -46.82 12.33 -19.26
N ALA V 28 -46.46 11.11 -18.91
CA ALA V 28 -46.61 10.55 -17.59
C ALA V 28 -45.25 10.42 -16.92
N ALA V 29 -45.28 10.17 -15.61
CA ALA V 29 -44.05 10.08 -14.84
C ALA V 29 -43.27 8.83 -15.22
N GLY V 30 -41.95 8.95 -15.15
CA GLY V 30 -41.06 7.83 -15.41
C GLY V 30 -41.22 7.29 -16.81
N ASP V 31 -41.04 8.14 -17.80
CA ASP V 31 -41.18 7.76 -19.20
C ASP V 31 -40.40 8.73 -20.05
N PRO V 32 -39.07 8.71 -19.97
CA PRO V 32 -38.27 9.72 -20.66
C PRO V 32 -38.38 9.64 -22.17
N ASN V 33 -38.53 8.44 -22.72
CA ASN V 33 -38.53 8.26 -24.16
C ASN V 33 -39.79 8.79 -24.85
N THR V 34 -40.76 9.29 -24.10
CA THR V 34 -41.97 9.85 -24.68
C THR V 34 -41.79 11.37 -24.83
N PRO V 35 -41.53 11.90 -26.02
CA PRO V 35 -41.33 13.33 -26.14
C PRO V 35 -42.61 14.11 -25.96
N ALA V 36 -42.52 15.25 -25.29
CA ALA V 36 -43.65 16.14 -25.11
C ALA V 36 -43.75 17.17 -26.23
N LEU V 37 -42.68 17.42 -26.96
CA LEU V 37 -42.71 18.29 -28.12
C LEU V 37 -41.91 17.68 -29.25
N THR V 38 -42.48 17.78 -30.44
CA THR V 38 -41.92 17.22 -31.66
C THR V 38 -41.95 18.33 -32.70
N ILE V 39 -40.85 19.06 -32.78
CA ILE V 39 -40.68 20.01 -33.86
C ILE V 39 -40.31 19.24 -35.11
N GLU V 40 -40.75 19.76 -36.25
CA GLU V 40 -40.70 19.01 -37.49
C GLU V 40 -40.52 19.99 -38.64
N GLY V 41 -39.46 19.80 -39.42
CA GLY V 41 -39.14 20.69 -40.51
C GLY V 41 -40.27 20.81 -41.52
N PRO V 42 -40.75 22.02 -41.79
CA PRO V 42 -41.63 22.20 -42.95
C PRO V 42 -40.85 22.06 -44.25
N ASP V 43 -41.60 21.86 -45.32
CA ASP V 43 -41.02 21.64 -46.63
C ASP V 43 -40.74 22.97 -47.31
N GLY V 44 -39.64 23.02 -48.04
CA GLY V 44 -39.20 24.26 -48.63
C GLY V 44 -38.76 25.28 -47.60
N TYR V 45 -38.20 24.81 -46.49
CA TYR V 45 -37.71 25.69 -45.46
C TYR V 45 -36.51 25.07 -44.78
N VAL V 46 -35.62 25.92 -44.34
CA VAL V 46 -34.56 25.56 -43.41
C VAL V 46 -34.61 26.54 -42.27
N ILE V 47 -34.28 26.06 -41.07
CA ILE V 47 -34.21 26.90 -39.89
C ILE V 47 -32.88 26.66 -39.21
N ALA V 48 -32.37 27.71 -38.57
CA ALA V 48 -31.01 27.72 -38.07
C ALA V 48 -31.00 28.34 -36.68
N VAL V 49 -30.08 27.82 -35.88
CA VAL V 49 -29.89 28.20 -34.49
C VAL V 49 -28.39 28.32 -34.28
N ASP V 50 -27.93 29.49 -33.85
CA ASP V 50 -26.50 29.69 -33.66
C ASP V 50 -26.10 29.05 -32.33
N ALA V 51 -24.88 29.34 -31.88
CA ALA V 51 -24.30 28.63 -30.75
C ALA V 51 -25.13 28.78 -29.48
N GLY V 52 -25.77 29.92 -29.30
CA GLY V 52 -26.53 30.19 -28.11
C GLY V 52 -27.83 30.91 -28.39
N THR V 53 -28.94 30.31 -28.00
CA THR V 53 -30.25 30.89 -28.14
C THR V 53 -31.08 30.47 -26.94
N PRO V 54 -31.92 31.35 -26.40
CA PRO V 54 -32.65 31.02 -25.19
C PRO V 54 -33.65 29.91 -25.40
N ILE V 55 -34.17 29.43 -24.28
CA ILE V 55 -35.33 28.57 -24.25
C ILE V 55 -36.18 29.09 -23.09
N ALA V 56 -37.49 28.88 -23.17
CA ALA V 56 -38.42 29.12 -22.07
C ALA V 56 -39.11 27.81 -21.70
N PRO V 57 -38.39 26.89 -21.09
CA PRO V 57 -38.95 25.54 -20.91
C PRO V 57 -39.99 25.48 -19.81
N GLU V 58 -41.14 26.10 -20.05
CA GLU V 58 -42.26 25.98 -19.13
C GLU V 58 -42.87 24.61 -19.24
N PHE V 59 -42.86 23.86 -18.15
CA PHE V 59 -43.37 22.50 -18.12
C PHE V 59 -44.05 22.32 -16.78
N ARG V 60 -45.34 22.58 -16.76
CA ARG V 60 -46.13 22.58 -15.53
C ARG V 60 -47.00 21.35 -15.42
N ASP V 61 -47.60 21.22 -14.25
CA ASP V 61 -48.52 20.15 -13.93
C ASP V 61 -49.90 20.47 -14.49
N SER V 62 -50.78 19.46 -14.48
CA SER V 62 -52.20 19.67 -14.73
C SER V 62 -52.75 20.78 -13.85
N ASN V 63 -52.28 20.83 -12.60
CA ASN V 63 -52.66 21.87 -11.66
C ASN V 63 -51.80 23.12 -11.79
N GLY V 64 -51.12 23.29 -12.93
CA GLY V 64 -50.42 24.51 -13.24
C GLY V 64 -49.26 24.80 -12.30
N GLU V 65 -48.49 23.76 -12.01
CA GLU V 65 -47.34 23.86 -11.13
C GLU V 65 -46.15 23.24 -11.81
N LYS V 66 -45.00 23.90 -11.71
CA LYS V 66 -43.80 23.36 -12.32
C LYS V 66 -43.46 22.04 -11.65
N LEU V 67 -43.12 21.05 -12.45
CA LEU V 67 -42.92 19.71 -11.94
C LEU V 67 -41.66 19.68 -11.10
N ASP V 68 -41.32 18.49 -10.62
CA ASP V 68 -40.31 18.36 -9.59
C ASP V 68 -38.97 18.88 -10.10
N PRO V 69 -38.18 19.53 -9.25
CA PRO V 69 -36.87 20.00 -9.71
C PRO V 69 -35.96 18.87 -10.15
N SER V 70 -36.20 17.66 -9.65
CA SER V 70 -35.48 16.49 -10.12
C SER V 70 -35.80 16.18 -11.57
N THR V 71 -36.90 16.70 -12.09
CA THR V 71 -37.23 16.54 -13.50
C THR V 71 -36.09 17.05 -14.36
N ARG V 72 -35.97 16.48 -15.56
CA ARG V 72 -34.95 16.89 -16.51
C ARG V 72 -35.52 17.05 -17.89
N VAL V 73 -34.89 17.94 -18.64
CA VAL V 73 -35.23 18.25 -20.01
C VAL V 73 -34.03 17.92 -20.87
N ILE V 74 -34.29 17.32 -22.03
CA ILE V 74 -33.28 17.05 -23.03
C ILE V 74 -33.86 17.45 -24.36
N VAL V 75 -33.28 18.46 -24.97
CA VAL V 75 -33.54 18.72 -26.38
C VAL V 75 -32.67 17.76 -27.18
N GLN V 76 -33.16 17.35 -28.34
CA GLN V 76 -32.39 16.38 -29.11
C GLN V 76 -32.74 16.49 -30.57
N LYS V 77 -31.71 16.60 -31.41
CA LYS V 77 -31.90 16.53 -32.84
C LYS V 77 -32.28 15.11 -33.23
N CYS V 78 -33.01 15.01 -34.33
CA CYS V 78 -33.37 13.73 -34.90
C CYS V 78 -33.36 13.91 -36.40
N ASP V 79 -32.77 12.95 -37.09
CA ASP V 79 -32.82 12.92 -38.54
C ASP V 79 -34.21 12.45 -38.94
N ARG V 80 -34.38 12.07 -40.19
CA ARG V 80 -35.60 11.39 -40.59
C ARG V 80 -35.63 10.03 -39.91
N GLN V 81 -36.63 9.22 -40.26
CA GLN V 81 -36.95 7.93 -39.68
C GLN V 81 -37.49 8.04 -38.26
N GLY V 82 -37.79 9.25 -37.79
CA GLY V 82 -38.29 9.40 -36.43
C GLY V 82 -37.31 8.87 -35.41
N ASN V 83 -36.03 9.01 -35.70
CA ASN V 83 -34.97 8.30 -35.03
C ASN V 83 -34.17 9.24 -34.17
N PRO V 84 -33.98 8.99 -32.88
CA PRO V 84 -33.11 9.86 -32.10
C PRO V 84 -31.67 9.79 -32.58
N LEU V 85 -30.91 10.80 -32.17
CA LEU V 85 -29.52 10.92 -32.55
C LEU V 85 -28.73 11.50 -31.39
N GLY V 86 -27.52 10.99 -31.19
CA GLY V 86 -26.69 11.37 -30.08
C GLY V 86 -25.64 12.38 -30.50
N ASP V 87 -24.97 12.09 -31.60
CA ASP V 87 -24.07 13.06 -32.22
C ASP V 87 -24.93 14.16 -32.79
N GLY V 88 -25.07 15.24 -32.03
CA GLY V 88 -26.05 16.26 -32.30
C GLY V 88 -27.10 16.23 -31.22
N ILE V 89 -26.94 17.11 -30.24
CA ILE V 89 -27.86 17.18 -29.11
C ILE V 89 -27.64 18.51 -28.43
N ILE V 90 -28.71 19.07 -27.90
CA ILE V 90 -28.71 20.40 -27.32
C ILE V 90 -29.38 20.31 -25.97
N PHE V 91 -28.91 21.12 -25.02
CA PHE V 91 -29.68 21.49 -23.84
C PHE V 91 -30.12 20.26 -23.04
N ASN V 92 -29.13 19.64 -22.40
CA ASN V 92 -29.37 18.73 -21.30
C ASN V 92 -29.39 19.56 -20.03
N ASP V 93 -30.52 19.53 -19.31
CA ASP V 93 -30.67 20.38 -18.15
C ASP V 93 -31.69 19.75 -17.23
N THR V 94 -31.72 20.23 -15.99
CA THR V 94 -32.82 19.90 -15.11
C THR V 94 -34.04 20.74 -15.48
N LEU V 95 -35.08 20.62 -14.65
CA LEU V 95 -36.21 21.52 -14.65
C LEU V 95 -36.11 22.55 -13.55
N GLY V 96 -35.56 22.17 -12.41
CA GLY V 96 -35.66 22.99 -11.23
C GLY V 96 -34.64 24.09 -11.16
N ARG V 97 -34.39 24.76 -12.28
CA ARG V 97 -33.27 25.68 -12.39
C ARG V 97 -33.61 26.95 -13.15
N PHE V 98 -34.83 27.13 -13.61
CA PHE V 98 -35.06 28.22 -14.56
C PHE V 98 -35.52 29.50 -13.92
N ASN V 99 -36.37 29.46 -12.90
CA ASN V 99 -36.95 30.68 -12.33
C ASN V 99 -37.70 31.43 -13.43
N TYR V 100 -38.77 30.76 -13.86
CA TYR V 100 -39.52 31.10 -15.06
C TYR V 100 -39.80 32.59 -15.18
N ASN V 101 -40.33 33.14 -14.10
CA ASN V 101 -40.91 34.47 -14.08
C ASN V 101 -39.90 35.55 -14.47
N LYS V 102 -38.63 35.31 -14.19
CA LYS V 102 -37.55 36.21 -14.57
C LYS V 102 -36.83 35.75 -15.82
N MET V 103 -36.56 34.45 -15.92
CA MET V 103 -35.70 33.96 -16.99
C MET V 103 -36.30 34.16 -18.36
N ARG V 104 -37.61 34.32 -18.48
CA ARG V 104 -38.13 34.73 -19.78
C ARG V 104 -37.63 36.11 -20.20
N THR V 105 -37.09 36.90 -19.26
CA THR V 105 -36.80 38.31 -19.45
C THR V 105 -35.34 38.65 -19.29
N ASP V 106 -34.69 38.13 -18.26
CA ASP V 106 -33.45 38.71 -17.80
C ASP V 106 -32.25 38.09 -18.52
N PRO V 107 -31.21 38.88 -18.83
CA PRO V 107 -30.03 38.29 -19.50
C PRO V 107 -29.30 37.26 -18.66
N ASP V 108 -29.27 37.43 -17.34
CA ASP V 108 -28.48 36.52 -16.52
C ASP V 108 -29.22 35.21 -16.29
N TYR V 109 -30.50 35.30 -15.94
CA TYR V 109 -31.31 34.09 -15.82
C TYR V 109 -31.52 33.40 -17.16
N MET V 110 -31.30 34.11 -18.27
CA MET V 110 -31.43 33.52 -19.59
C MET V 110 -30.50 32.34 -19.75
N ARG V 111 -30.95 31.32 -20.49
CA ARG V 111 -30.19 30.09 -20.67
C ARG V 111 -30.21 29.68 -22.13
N LYS V 112 -29.04 29.65 -22.73
CA LYS V 112 -28.88 29.44 -24.14
C LYS V 112 -28.60 27.97 -24.42
N THR V 113 -28.30 27.67 -25.68
CA THR V 113 -28.01 26.32 -26.12
C THR V 113 -26.57 25.96 -25.79
N ALA V 114 -26.16 24.78 -26.23
CA ALA V 114 -24.78 24.32 -26.13
C ALA V 114 -24.01 24.63 -27.39
N LYS V 115 -24.65 24.50 -28.55
CA LYS V 115 -23.99 24.70 -29.82
C LYS V 115 -25.04 25.08 -30.85
N SER V 116 -24.61 25.14 -32.11
CA SER V 116 -25.46 25.57 -33.21
C SER V 116 -26.29 24.39 -33.70
N LEU V 117 -27.01 24.61 -34.78
CA LEU V 117 -27.93 23.59 -35.28
C LEU V 117 -28.46 24.04 -36.64
N MET V 118 -28.87 23.05 -37.43
CA MET V 118 -29.56 23.29 -38.69
C MET V 118 -30.57 22.19 -38.88
N VAL V 119 -31.64 22.51 -39.60
CA VAL V 119 -32.79 21.63 -39.75
C VAL V 119 -33.22 21.70 -41.20
N ASP V 120 -33.06 20.63 -41.94
CA ASP V 120 -33.41 20.59 -43.34
C ASP V 120 -34.93 20.59 -43.48
N GLU V 121 -35.41 20.44 -44.70
CA GLU V 121 -36.84 20.49 -44.98
C GLU V 121 -37.60 19.44 -44.18
N ARG V 122 -36.97 18.32 -43.86
CA ARG V 122 -37.63 17.23 -43.13
C ARG V 122 -36.62 16.66 -42.15
N GLU V 123 -36.62 17.21 -40.96
CA GLU V 123 -35.84 16.69 -39.85
C GLU V 123 -36.59 17.04 -38.59
N ILE V 124 -36.47 16.18 -37.59
CA ILE V 124 -37.29 16.27 -36.40
C ILE V 124 -36.39 16.73 -35.26
N VAL V 125 -37.00 17.38 -34.29
CA VAL V 125 -36.36 17.67 -33.02
C VAL V 125 -37.34 17.28 -31.94
N LYS V 126 -36.82 16.73 -30.86
CA LYS V 126 -37.65 16.18 -29.80
C LYS V 126 -37.25 16.76 -28.47
N VAL V 127 -38.24 16.84 -27.59
CA VAL V 127 -38.06 17.36 -26.24
C VAL V 127 -38.41 16.23 -25.30
N PHE V 128 -37.40 15.48 -24.87
CA PHE V 128 -37.61 14.40 -23.93
C PHE V 128 -37.56 14.93 -22.51
N VAL V 129 -38.36 14.32 -21.65
CA VAL V 129 -38.60 14.83 -20.31
C VAL V 129 -38.48 13.66 -19.35
N ASP V 130 -37.44 13.65 -18.53
CA ASP V 130 -37.23 12.61 -17.54
C ASP V 130 -37.84 13.10 -16.23
N VAL V 131 -39.07 12.68 -16.01
CA VAL V 131 -39.68 12.73 -14.68
C VAL V 131 -39.18 11.54 -13.87
N PRO V 132 -38.74 11.72 -12.62
CA PRO V 132 -38.05 10.62 -11.94
C PRO V 132 -38.93 9.39 -11.73
N ASP V 133 -40.02 9.54 -10.98
CA ASP V 133 -41.08 8.54 -10.85
C ASP V 133 -42.07 9.11 -9.84
N GLY V 134 -43.25 8.51 -9.81
CA GLY V 134 -44.24 8.80 -8.78
C GLY V 134 -44.63 10.25 -8.59
N ALA V 135 -44.33 11.09 -9.56
CA ALA V 135 -44.62 12.51 -9.50
C ALA V 135 -45.93 12.79 -10.21
N ASN V 136 -46.24 14.07 -10.39
CA ASN V 136 -47.46 14.46 -11.07
C ASN V 136 -47.27 14.36 -12.57
N GLY V 137 -48.36 14.03 -13.25
CA GLY V 137 -48.32 13.92 -14.69
C GLY V 137 -48.17 15.27 -15.36
N TYR V 138 -47.67 15.22 -16.58
CA TYR V 138 -47.46 16.41 -17.38
C TYR V 138 -48.69 16.73 -18.22
N ASP V 139 -48.95 18.03 -18.39
CA ASP V 139 -49.87 18.51 -19.40
C ASP V 139 -49.21 19.60 -20.21
N ALA V 140 -49.72 19.75 -21.43
CA ALA V 140 -49.17 20.69 -22.41
C ALA V 140 -49.96 21.97 -22.51
N GLU V 141 -51.29 21.87 -22.42
CA GLU V 141 -52.13 23.06 -22.50
C GLU V 141 -51.82 24.04 -21.37
N ARG V 142 -51.42 23.53 -20.22
CA ARG V 142 -50.96 24.36 -19.11
C ARG V 142 -49.47 24.63 -19.17
N SER V 143 -48.87 24.54 -20.36
CA SER V 143 -47.45 24.71 -20.50
C SER V 143 -47.16 25.38 -21.83
N ARG V 144 -45.97 25.98 -21.90
CA ARG V 144 -45.50 26.67 -23.08
C ARG V 144 -44.07 26.23 -23.35
N PHE V 145 -43.46 26.86 -24.34
CA PHE V 145 -42.09 26.56 -24.73
C PHE V 145 -41.67 27.60 -25.74
N THR V 146 -40.38 27.90 -25.78
CA THR V 146 -39.83 28.78 -26.80
C THR V 146 -38.44 28.31 -27.19
N LEU V 147 -37.86 29.03 -28.14
CA LEU V 147 -36.47 28.81 -28.51
C LEU V 147 -35.72 30.09 -28.84
N GLY V 148 -36.37 31.25 -28.84
CA GLY V 148 -35.71 32.48 -29.26
C GLY V 148 -36.34 33.69 -28.63
N ASP V 149 -35.58 34.78 -28.64
CA ASP V 149 -36.01 36.07 -28.13
C ASP V 149 -35.78 37.06 -29.27
N ASP V 150 -36.75 37.15 -30.16
CA ASP V 150 -36.66 38.00 -31.33
C ASP V 150 -37.17 39.41 -31.08
N THR V 151 -38.10 39.56 -30.14
CA THR V 151 -38.60 40.88 -29.81
C THR V 151 -37.53 41.73 -29.16
N SER V 152 -36.73 41.13 -28.30
CA SER V 152 -35.78 41.86 -27.49
C SER V 152 -34.63 42.34 -28.36
N ASP V 153 -33.62 42.92 -27.71
CA ASP V 153 -32.46 43.48 -28.38
C ASP V 153 -31.15 42.81 -27.99
N PHE V 154 -31.11 42.12 -26.85
CA PHE V 154 -29.91 41.39 -26.45
C PHE V 154 -29.99 39.91 -26.77
N GLY V 155 -31.18 39.33 -26.75
CA GLY V 155 -31.33 37.92 -27.00
C GLY V 155 -31.38 37.58 -28.47
N LYS V 156 -31.01 36.33 -28.77
CA LYS V 156 -30.96 35.85 -30.14
C LYS V 156 -32.34 35.35 -30.57
N ALA V 157 -32.41 34.85 -31.80
CA ALA V 157 -33.66 34.40 -32.38
C ALA V 157 -33.37 33.36 -33.44
N VAL V 158 -34.43 32.69 -33.87
CA VAL V 158 -34.30 31.61 -34.84
C VAL V 158 -34.28 32.20 -36.24
N GLU V 159 -33.48 31.63 -37.11
CA GLU V 159 -33.22 32.19 -38.44
C GLU V 159 -33.80 31.23 -39.48
N ILE V 160 -34.90 31.62 -40.10
CA ILE V 160 -35.56 30.80 -41.11
C ILE V 160 -35.21 31.33 -42.49
N VAL V 161 -35.14 30.41 -43.44
CA VAL V 161 -34.89 30.71 -44.85
C VAL V 161 -35.75 29.78 -45.68
N ASP V 162 -36.19 30.27 -46.83
CA ASP V 162 -36.87 29.45 -47.83
C ASP V 162 -35.83 28.80 -48.72
N HIS V 163 -36.00 27.50 -48.95
CA HIS V 163 -35.00 26.72 -49.67
C HIS V 163 -34.78 27.22 -51.10
N ASP V 164 -35.77 27.90 -51.67
CA ASP V 164 -35.65 28.32 -53.06
C ASP V 164 -34.68 29.48 -53.24
N ASP V 165 -34.47 30.27 -52.19
CA ASP V 165 -33.75 31.54 -52.29
C ASP V 165 -32.25 31.38 -52.10
N LEU V 166 -31.69 30.21 -52.40
CA LEU V 166 -30.27 29.96 -52.17
C LEU V 166 -29.64 29.23 -53.35
N THR V 167 -28.41 29.66 -53.67
CA THR V 167 -27.53 28.92 -54.56
C THR V 167 -26.61 27.97 -53.82
N GLU V 168 -26.47 28.15 -52.50
CA GLU V 168 -25.78 27.21 -51.63
C GLU V 168 -26.72 26.14 -51.09
N GLY V 169 -27.94 26.03 -51.63
CA GLY V 169 -28.88 25.05 -51.13
C GLY V 169 -28.39 23.63 -51.29
N GLU V 170 -27.67 23.36 -52.38
CA GLU V 170 -27.09 22.03 -52.55
C GLU V 170 -26.04 21.75 -51.48
N THR V 171 -25.27 22.77 -51.11
CA THR V 171 -24.21 22.57 -50.11
C THR V 171 -24.81 22.34 -48.74
N GLN V 172 -25.85 23.10 -48.38
CA GLN V 172 -26.51 22.90 -47.11
C GLN V 172 -27.38 21.65 -47.10
N ALA V 173 -27.71 21.12 -48.28
CA ALA V 173 -28.37 19.81 -48.35
C ALA V 173 -27.36 18.70 -48.05
N VAL V 174 -26.12 18.87 -48.47
CA VAL V 174 -25.07 17.92 -48.16
C VAL V 174 -24.66 18.10 -46.70
N ASN W 3 -7.11 9.69 -12.68
CA ASN W 3 -6.15 10.76 -12.89
C ASN W 3 -6.62 12.07 -12.29
N ILE W 4 -5.65 12.91 -11.93
CA ILE W 4 -5.91 14.25 -11.43
C ILE W 4 -5.01 15.20 -12.20
N GLY W 5 -5.52 16.41 -12.43
CA GLY W 5 -4.74 17.43 -13.11
C GLY W 5 -3.77 18.09 -12.15
N ASN W 6 -2.54 18.25 -12.62
CA ASN W 6 -1.53 18.92 -11.83
C ASN W 6 -1.94 20.36 -11.56
N LEU W 7 -1.39 20.93 -10.50
CA LEU W 7 -1.70 22.28 -10.08
C LEU W 7 -0.43 23.00 -9.66
N SER W 8 -0.51 24.33 -9.70
CA SER W 8 0.60 25.16 -9.29
C SER W 8 0.63 25.27 -7.77
N ALA W 9 1.74 25.82 -7.27
CA ALA W 9 1.82 26.13 -5.86
C ALA W 9 0.85 27.24 -5.49
N GLU W 10 0.65 28.18 -6.40
CA GLU W 10 -0.27 29.28 -6.17
C GLU W 10 -1.69 28.72 -6.14
N LYS W 11 -2.45 29.11 -5.12
CA LYS W 11 -3.82 28.64 -4.99
C LYS W 11 -4.72 29.76 -4.53
N GLN W 12 -5.92 29.79 -5.12
CA GLN W 12 -6.86 30.89 -4.96
C GLN W 12 -7.94 30.46 -3.98
N ILE W 13 -8.08 31.22 -2.89
CA ILE W 13 -8.87 30.80 -1.74
C ILE W 13 -9.66 32.00 -1.22
N SER W 14 -10.42 31.73 -0.16
CA SER W 14 -11.24 32.74 0.51
C SER W 14 -11.31 32.36 1.97
N LEU W 15 -10.86 33.26 2.84
CA LEU W 15 -10.73 32.96 4.26
C LEU W 15 -12.01 33.25 5.00
N TYR W 16 -12.08 32.75 6.23
CA TYR W 16 -13.27 32.99 7.05
C TYR W 16 -12.98 32.60 8.50
N ASP W 17 -14.05 32.60 9.30
CA ASP W 17 -13.95 32.42 10.74
C ASP W 17 -13.56 30.99 11.10
N GLY W 18 -14.38 30.02 10.71
CA GLY W 18 -14.18 28.65 11.14
C GLY W 18 -13.00 27.97 10.47
N GLN W 19 -11.80 28.45 10.78
CA GLN W 19 -10.55 27.87 10.33
C GLN W 19 -9.64 27.68 11.53
N PRO W 20 -8.62 26.83 11.42
CA PRO W 20 -7.80 26.55 12.60
C PRO W 20 -6.86 27.69 12.97
N PHE W 21 -6.16 28.23 11.98
CA PHE W 21 -5.06 29.14 12.26
C PHE W 21 -5.56 30.53 12.60
N ILE W 22 -6.67 30.95 12.00
CA ILE W 22 -7.33 32.17 12.44
C ILE W 22 -7.75 32.03 13.90
N SER W 23 -7.92 33.18 14.55
CA SER W 23 -8.43 33.23 15.91
C SER W 23 -9.39 34.40 16.05
N GLU W 24 -10.18 34.36 17.10
CA GLU W 24 -11.17 35.39 17.35
C GLU W 24 -11.41 35.54 18.85
N GLN W 25 -12.30 36.44 19.20
CA GLN W 25 -12.68 36.69 20.58
C GLN W 25 -13.85 37.67 20.57
N ASP W 26 -14.60 37.67 21.67
CA ASP W 26 -15.66 38.64 21.83
C ASP W 26 -15.08 40.00 22.18
N VAL W 27 -15.90 41.03 22.05
CA VAL W 27 -15.48 42.41 22.27
C VAL W 27 -16.63 43.15 22.93
N ALA W 28 -16.28 44.13 23.75
CA ALA W 28 -17.23 45.01 24.40
C ALA W 28 -17.13 46.41 23.80
N ALA W 29 -18.15 47.21 24.06
CA ALA W 29 -18.21 48.55 23.50
C ALA W 29 -17.12 49.43 24.11
N GLY W 30 -16.72 50.44 23.33
CA GLY W 30 -15.77 51.41 23.80
C GLY W 30 -14.40 50.83 24.11
N ASP W 31 -13.98 49.83 23.35
CA ASP W 31 -12.68 49.18 23.54
C ASP W 31 -12.10 48.87 22.17
N PRO W 32 -11.75 49.90 21.39
CA PRO W 32 -11.30 49.66 20.02
C PRO W 32 -10.02 48.86 19.93
N ASN W 33 -9.18 48.91 20.96
CA ASN W 33 -7.91 48.21 20.90
C ASN W 33 -8.06 46.69 21.01
N THR W 34 -9.24 46.18 21.28
CA THR W 34 -9.43 44.74 21.36
C THR W 34 -9.65 44.18 19.97
N PRO W 35 -8.76 43.34 19.43
CA PRO W 35 -9.02 42.73 18.12
C PRO W 35 -10.02 41.59 18.24
N ALA W 36 -11.07 41.65 17.43
CA ALA W 36 -12.04 40.56 17.38
C ALA W 36 -11.58 39.43 16.49
N LEU W 37 -10.64 39.68 15.59
CA LEU W 37 -10.07 38.64 14.75
C LEU W 37 -8.56 38.81 14.69
N THR W 38 -7.87 37.68 14.77
CA THR W 38 -6.42 37.62 14.82
C THR W 38 -5.99 36.56 13.81
N ILE W 39 -5.66 37.00 12.63
CA ILE W 39 -5.08 36.13 11.63
C ILE W 39 -3.60 35.98 11.93
N GLU W 40 -3.06 34.83 11.57
CA GLU W 40 -1.80 34.37 12.13
C GLU W 40 -1.12 33.46 11.11
N GLY W 41 0.02 33.90 10.61
CA GLY W 41 0.73 33.19 9.56
C GLY W 41 1.00 31.73 9.90
N PRO W 42 0.52 30.81 9.07
CA PRO W 42 0.93 29.41 9.24
C PRO W 42 2.37 29.20 8.81
N ASP W 43 2.97 28.15 9.35
CA ASP W 43 4.38 27.86 9.11
C ASP W 43 4.55 27.25 7.73
N GLY W 44 5.47 27.80 6.95
CA GLY W 44 5.71 27.33 5.60
C GLY W 44 4.58 27.62 4.65
N TYR W 45 3.84 28.71 4.85
CA TYR W 45 2.75 29.07 3.96
C TYR W 45 2.67 30.59 3.91
N VAL W 46 3.21 31.15 2.86
CA VAL W 46 3.02 32.56 2.59
C VAL W 46 1.66 32.76 1.94
N ILE W 47 1.02 33.89 2.25
CA ILE W 47 -0.23 34.26 1.60
C ILE W 47 -0.07 35.67 1.05
N ALA W 48 -1.00 36.03 0.17
CA ALA W 48 -0.87 37.26 -0.57
C ALA W 48 -2.24 37.79 -0.95
N VAL W 49 -2.32 39.11 -0.97
CA VAL W 49 -3.54 39.86 -1.29
C VAL W 49 -3.13 40.99 -2.22
N ASP W 50 -3.78 41.06 -3.37
CA ASP W 50 -3.44 42.10 -4.34
C ASP W 50 -4.12 43.40 -3.92
N ALA W 51 -4.14 44.39 -4.80
CA ALA W 51 -4.55 45.73 -4.44
C ALA W 51 -6.00 45.78 -3.97
N GLY W 52 -6.85 44.94 -4.54
CA GLY W 52 -8.26 44.95 -4.22
C GLY W 52 -8.84 43.57 -4.08
N THR W 53 -9.44 43.29 -2.92
CA THR W 53 -10.07 42.01 -2.65
C THR W 53 -11.26 42.25 -1.72
N PRO W 54 -12.35 41.52 -1.88
CA PRO W 54 -13.53 41.77 -1.07
C PRO W 54 -13.29 41.50 0.40
N ILE W 55 -14.20 42.01 1.21
CA ILE W 55 -14.31 41.65 2.62
C ILE W 55 -15.81 41.54 2.89
N ALA W 56 -16.18 40.66 3.82
CA ALA W 56 -17.54 40.54 4.31
C ALA W 56 -17.55 40.82 5.81
N PRO W 57 -17.40 42.06 6.20
CA PRO W 57 -17.26 42.36 7.63
C PRO W 57 -18.56 42.18 8.37
N GLU W 58 -18.96 40.94 8.57
CA GLU W 58 -20.20 40.62 9.27
C GLU W 58 -19.93 40.60 10.76
N PHE W 59 -20.37 41.65 11.43
CA PHE W 59 -20.07 41.87 12.84
C PHE W 59 -21.37 42.24 13.53
N ARG W 60 -22.06 41.24 14.05
CA ARG W 60 -23.39 41.41 14.61
C ARG W 60 -23.35 41.31 16.12
N ASP W 61 -24.52 41.58 16.70
CA ASP W 61 -24.75 41.55 18.12
C ASP W 61 -24.96 40.11 18.60
N SER W 62 -24.91 39.94 19.91
CA SER W 62 -25.36 38.70 20.54
C SER W 62 -26.75 38.32 20.06
N ASN W 63 -27.62 39.31 19.90
CA ASN W 63 -29.00 39.11 19.47
C ASN W 63 -29.13 39.09 17.95
N GLY W 64 -28.02 38.86 17.24
CA GLY W 64 -28.06 38.72 15.80
C GLY W 64 -28.48 39.99 15.09
N GLU W 65 -27.76 41.07 15.34
CA GLU W 65 -28.05 42.36 14.74
C GLU W 65 -26.76 43.07 14.46
N LYS W 66 -26.65 43.66 13.28
CA LYS W 66 -25.46 44.42 12.96
C LYS W 66 -25.34 45.58 13.92
N LEU W 67 -24.12 45.81 14.40
CA LEU W 67 -23.92 46.80 15.43
C LEU W 67 -24.13 48.19 14.85
N ASP W 68 -23.90 49.19 15.68
CA ASP W 68 -24.30 50.55 15.35
C ASP W 68 -23.58 51.01 14.08
N PRO W 69 -24.24 51.79 13.23
CA PRO W 69 -23.56 52.22 12.01
C PRO W 69 -22.38 53.10 12.26
N SER W 70 -22.34 53.75 13.42
CA SER W 70 -21.19 54.53 13.82
C SER W 70 -20.00 53.66 14.15
N THR W 71 -20.21 52.34 14.30
CA THR W 71 -19.11 51.42 14.50
C THR W 71 -18.16 51.50 13.33
N ARG W 72 -16.89 51.20 13.60
CA ARG W 72 -15.87 51.19 12.58
C ARG W 72 -15.02 49.93 12.67
N VAL W 73 -14.43 49.60 11.54
CA VAL W 73 -13.56 48.45 11.38
C VAL W 73 -12.25 48.97 10.83
N ILE W 74 -11.16 48.42 11.36
CA ILE W 74 -9.82 48.72 10.90
C ILE W 74 -9.11 47.39 10.80
N VAL W 75 -8.84 46.95 9.59
CA VAL W 75 -7.88 45.87 9.40
C VAL W 75 -6.49 46.46 9.56
N GLN W 76 -5.56 45.65 10.06
CA GLN W 76 -4.23 46.20 10.31
C GLN W 76 -3.20 45.09 10.35
N LYS W 77 -2.11 45.31 9.63
CA LYS W 77 -1.00 44.38 9.66
C LYS W 77 -0.29 44.48 11.01
N CYS W 78 0.38 43.40 11.37
CA CYS W 78 1.18 43.34 12.56
C CYS W 78 2.34 42.39 12.29
N ASP W 79 3.52 42.79 12.73
CA ASP W 79 4.65 41.88 12.75
C ASP W 79 4.47 40.95 13.94
N ARG W 80 5.52 40.25 14.33
CA ARG W 80 5.49 39.49 15.55
C ARG W 80 5.49 40.47 16.72
N GLN W 81 5.64 39.95 17.93
CA GLN W 81 5.61 40.72 19.18
C GLN W 81 4.22 41.24 19.50
N GLY W 82 3.19 40.74 18.83
CA GLY W 82 1.84 41.23 19.05
C GLY W 82 1.71 42.72 18.83
N ASN W 83 2.54 43.28 17.96
CA ASN W 83 2.73 44.71 17.87
C ASN W 83 1.97 45.25 16.68
N PRO W 84 1.08 46.23 16.84
CA PRO W 84 0.47 46.85 15.66
C PRO W 84 1.50 47.64 14.88
N LEU W 85 1.08 48.13 13.74
CA LEU W 85 1.98 48.82 12.83
C LEU W 85 1.18 49.75 11.95
N GLY W 86 1.68 50.99 11.81
CA GLY W 86 1.03 51.98 10.97
C GLY W 86 1.49 51.86 9.54
N ASP W 87 2.78 51.58 9.36
CA ASP W 87 3.30 51.32 8.03
C ASP W 87 2.81 49.96 7.58
N GLY W 88 1.68 49.95 6.88
CA GLY W 88 1.02 48.73 6.50
C GLY W 88 -0.30 48.60 7.21
N ILE W 89 -1.38 48.93 6.51
CA ILE W 89 -2.71 48.91 7.08
C ILE W 89 -3.70 48.92 5.94
N ILE W 90 -4.81 48.20 6.13
CA ILE W 90 -5.82 48.01 5.10
C ILE W 90 -7.17 48.30 5.72
N PHE W 91 -8.09 48.79 4.89
CA PHE W 91 -9.52 48.76 5.17
C PHE W 91 -9.84 49.45 6.50
N ASN W 92 -9.71 50.76 6.46
CA ASN W 92 -10.29 51.63 7.47
C ASN W 92 -11.66 52.06 6.94
N ASP W 93 -12.73 51.61 7.62
CA ASP W 93 -14.06 51.88 7.10
C ASP W 93 -15.04 51.77 8.26
N THR W 94 -16.28 52.17 7.99
CA THR W 94 -17.33 52.08 9.00
C THR W 94 -17.91 50.66 9.03
N LEU W 95 -19.03 50.50 9.72
CA LEU W 95 -19.80 49.27 9.76
C LEU W 95 -21.13 49.42 9.04
N GLY W 96 -21.96 50.37 9.45
CA GLY W 96 -23.33 50.42 8.95
C GLY W 96 -23.42 50.99 7.56
N ARG W 97 -22.72 50.33 6.66
CA ARG W 97 -22.59 50.77 5.29
C ARG W 97 -22.71 49.64 4.29
N PHE W 98 -22.48 48.39 4.67
CA PHE W 98 -22.15 47.40 3.66
C PHE W 98 -23.37 46.84 2.95
N ASN W 99 -24.52 46.78 3.63
CA ASN W 99 -25.69 46.07 3.11
C ASN W 99 -25.33 44.60 2.84
N TYR W 100 -25.09 43.94 3.96
CA TYR W 100 -24.58 42.58 4.06
C TYR W 100 -25.16 41.63 3.02
N ASN W 101 -26.49 41.61 2.98
CA ASN W 101 -27.27 40.58 2.32
C ASN W 101 -26.92 40.45 0.84
N LYS W 102 -26.57 41.58 0.21
CA LYS W 102 -26.20 41.63 -1.18
C LYS W 102 -24.72 41.84 -1.39
N MET W 103 -24.06 42.55 -0.47
CA MET W 103 -22.66 42.87 -0.67
C MET W 103 -21.77 41.66 -0.62
N ARG W 104 -22.23 40.55 -0.05
CA ARG W 104 -21.45 39.35 -0.28
C ARG W 104 -21.50 38.87 -1.74
N THR W 105 -22.39 39.43 -2.56
CA THR W 105 -22.70 38.92 -3.88
C THR W 105 -22.32 39.87 -4.99
N ASP W 106 -22.85 41.09 -4.97
CA ASP W 106 -22.82 41.93 -6.14
C ASP W 106 -21.41 42.45 -6.40
N PRO W 107 -21.04 42.71 -7.67
CA PRO W 107 -19.76 43.38 -7.91
C PRO W 107 -19.68 44.78 -7.36
N ASP W 108 -20.83 45.43 -7.13
CA ASP W 108 -20.82 46.87 -6.91
C ASP W 108 -20.64 47.23 -5.45
N TYR W 109 -21.50 46.70 -4.57
CA TYR W 109 -21.27 46.81 -3.14
C TYR W 109 -19.86 46.41 -2.77
N MET W 110 -19.37 45.36 -3.41
CA MET W 110 -18.14 44.65 -3.08
C MET W 110 -17.01 45.58 -2.74
N ARG W 111 -16.54 45.49 -1.50
CA ARG W 111 -15.58 46.43 -0.96
C ARG W 111 -14.18 45.86 -0.99
N LYS W 112 -13.35 46.46 -1.79
CA LYS W 112 -11.99 46.01 -2.01
C LYS W 112 -11.04 46.74 -1.08
N THR W 113 -9.81 46.28 -1.08
CA THR W 113 -8.81 46.77 -0.15
C THR W 113 -8.24 48.09 -0.66
N ALA W 114 -7.35 48.67 0.14
CA ALA W 114 -6.67 49.89 -0.22
C ALA W 114 -5.40 49.61 -1.01
N LYS W 115 -4.70 48.54 -0.66
CA LYS W 115 -3.47 48.18 -1.34
C LYS W 115 -3.24 46.69 -1.14
N SER W 116 -2.05 46.23 -1.53
CA SER W 116 -1.72 44.83 -1.52
C SER W 116 -1.19 44.44 -0.15
N LEU W 117 -0.66 43.22 -0.03
CA LEU W 117 -0.20 42.72 1.26
C LEU W 117 0.56 41.42 1.04
N MET W 118 1.46 41.12 1.97
CA MET W 118 2.14 39.84 2.03
C MET W 118 2.35 39.48 3.49
N VAL W 119 2.36 38.18 3.75
CA VAL W 119 2.35 37.65 5.11
C VAL W 119 3.29 36.46 5.14
N ASP W 120 4.40 36.59 5.86
CA ASP W 120 5.38 35.53 5.95
C ASP W 120 4.85 34.42 6.86
N GLU W 121 5.71 33.45 7.16
CA GLU W 121 5.29 32.24 7.84
C GLU W 121 4.74 32.49 9.24
N ARG W 122 5.09 33.62 9.86
CA ARG W 122 4.48 34.01 11.12
C ARG W 122 4.42 35.54 11.13
N GLU W 123 3.28 36.06 10.70
CA GLU W 123 2.99 37.47 10.82
C GLU W 123 1.51 37.59 11.06
N ILE W 124 1.13 38.57 11.86
CA ILE W 124 -0.20 38.65 12.41
C ILE W 124 -0.95 39.73 11.67
N VAL W 125 -2.26 39.59 11.62
CA VAL W 125 -3.14 40.65 11.18
C VAL W 125 -4.30 40.71 12.15
N LYS W 126 -4.77 41.92 12.40
CA LYS W 126 -5.77 42.14 13.44
C LYS W 126 -6.92 42.95 12.87
N VAL W 127 -8.07 42.78 13.49
CA VAL W 127 -9.30 43.45 13.09
C VAL W 127 -9.78 44.23 14.29
N PHE W 128 -9.38 45.48 14.39
CA PHE W 128 -9.84 46.34 15.45
C PHE W 128 -11.22 46.88 15.12
N VAL W 129 -12.03 47.03 16.17
CA VAL W 129 -13.45 47.31 16.03
C VAL W 129 -13.77 48.44 16.99
N ASP W 130 -13.97 49.64 16.45
CA ASP W 130 -14.29 50.81 17.24
C ASP W 130 -15.81 50.89 17.36
N VAL W 131 -16.31 50.32 18.44
CA VAL W 131 -17.68 50.60 18.90
C VAL W 131 -17.64 51.90 19.69
N PRO W 132 -18.56 52.85 19.45
CA PRO W 132 -18.38 54.19 20.04
C PRO W 132 -18.41 54.20 21.56
N ASP W 133 -19.53 53.79 22.14
CA ASP W 133 -19.68 53.51 23.56
C ASP W 133 -21.14 53.15 23.77
N GLY W 134 -21.43 52.58 24.94
CA GLY W 134 -22.81 52.37 25.37
C GLY W 134 -23.68 51.56 24.43
N ALA W 135 -23.06 50.87 23.47
CA ALA W 135 -23.79 50.12 22.47
C ALA W 135 -23.98 48.68 22.94
N ASN W 136 -24.42 47.83 22.03
CA ASN W 136 -24.47 46.41 22.31
C ASN W 136 -23.12 45.78 22.07
N GLY W 137 -22.76 44.84 22.92
CA GLY W 137 -21.49 44.16 22.80
C GLY W 137 -21.42 43.33 21.53
N TYR W 138 -20.23 42.79 21.31
CA TYR W 138 -19.96 41.97 20.15
C TYR W 138 -19.94 40.49 20.52
N ASP W 139 -20.44 39.66 19.62
CA ASP W 139 -20.20 38.22 19.65
C ASP W 139 -19.73 37.76 18.29
N ALA W 140 -19.04 36.63 18.29
CA ALA W 140 -18.42 36.06 17.10
C ALA W 140 -19.24 34.93 16.50
N GLU W 141 -19.80 34.08 17.36
CA GLU W 141 -20.59 32.95 16.87
C GLU W 141 -21.77 33.40 16.05
N ARG W 142 -22.34 34.55 16.36
CA ARG W 142 -23.38 35.19 15.56
C ARG W 142 -22.79 36.11 14.51
N SER W 143 -21.54 35.88 14.11
CA SER W 143 -20.84 36.75 13.19
C SER W 143 -19.95 35.92 12.30
N ARG W 144 -19.47 36.55 11.24
CA ARG W 144 -18.59 35.93 10.28
C ARG W 144 -17.58 36.98 9.84
N PHE W 145 -16.78 36.62 8.84
CA PHE W 145 -15.82 37.52 8.23
C PHE W 145 -15.24 36.77 7.06
N THR W 146 -14.86 37.50 6.01
CA THR W 146 -14.21 36.89 4.85
C THR W 146 -13.23 37.88 4.25
N LEU W 147 -12.52 37.41 3.22
CA LEU W 147 -11.53 38.22 2.54
C LEU W 147 -11.45 38.03 1.04
N GLY W 148 -12.19 37.10 0.44
CA GLY W 148 -11.98 36.77 -0.95
C GLY W 148 -13.22 36.25 -1.64
N ASP W 149 -13.11 36.22 -2.97
CA ASP W 149 -14.15 35.72 -3.87
C ASP W 149 -13.45 34.80 -4.84
N ASP W 150 -13.34 33.53 -4.47
CA ASP W 150 -12.61 32.54 -5.26
C ASP W 150 -13.51 31.66 -6.10
N THR W 151 -14.76 31.46 -5.67
CA THR W 151 -15.68 30.64 -6.45
C THR W 151 -16.11 31.34 -7.73
N SER W 152 -16.28 32.66 -7.65
CA SER W 152 -16.91 33.41 -8.73
C SER W 152 -15.94 33.62 -9.89
N ASP W 153 -16.33 34.51 -10.80
CA ASP W 153 -15.59 34.78 -12.01
C ASP W 153 -15.18 36.23 -12.17
N PHE W 154 -15.82 37.16 -11.44
CA PHE W 154 -15.44 38.57 -11.49
C PHE W 154 -14.58 38.98 -10.31
N GLY W 155 -14.77 38.37 -9.15
CA GLY W 155 -14.06 38.79 -7.96
C GLY W 155 -12.67 38.20 -7.84
N LYS W 156 -11.91 38.78 -6.92
CA LYS W 156 -10.55 38.34 -6.64
C LYS W 156 -10.54 37.34 -5.49
N ALA W 157 -9.35 36.78 -5.25
CA ALA W 157 -9.18 35.75 -4.23
C ALA W 157 -7.80 35.88 -3.62
N VAL W 158 -7.65 35.25 -2.46
CA VAL W 158 -6.38 35.25 -1.76
C VAL W 158 -5.48 34.20 -2.38
N GLU W 159 -4.19 34.52 -2.50
CA GLU W 159 -3.24 33.67 -3.18
C GLU W 159 -2.26 33.10 -2.17
N ILE W 160 -2.34 31.80 -1.95
CA ILE W 160 -1.45 31.11 -1.01
C ILE W 160 -0.38 30.36 -1.79
N VAL W 161 0.79 30.27 -1.17
CA VAL W 161 1.92 29.51 -1.69
C VAL W 161 2.62 28.83 -0.54
N ASP W 162 3.12 27.63 -0.78
CA ASP W 162 3.96 26.92 0.16
C ASP W 162 5.39 27.42 0.03
N HIS W 163 6.01 27.74 1.17
CA HIS W 163 7.31 28.37 1.16
C HIS W 163 8.38 27.50 0.51
N ASP W 164 8.20 26.19 0.54
CA ASP W 164 9.22 25.29 0.02
C ASP W 164 9.36 25.41 -1.50
N ASP W 165 8.30 25.83 -2.18
CA ASP W 165 8.24 25.81 -3.63
C ASP W 165 8.77 27.07 -4.27
N LEU W 166 9.69 27.78 -3.59
CA LEU W 166 10.21 29.04 -4.11
C LEU W 166 11.70 29.14 -3.82
N THR W 167 12.33 30.05 -4.58
CA THR W 167 13.71 30.45 -4.37
C THR W 167 13.84 31.92 -3.98
N GLU W 168 12.75 32.68 -4.00
CA GLU W 168 12.72 34.06 -3.56
C GLU W 168 12.22 34.19 -2.13
N GLY W 169 12.09 33.08 -1.41
CA GLY W 169 11.59 33.13 -0.05
C GLY W 169 12.49 33.94 0.86
N GLU W 170 13.81 33.85 0.63
CA GLU W 170 14.74 34.69 1.41
C GLU W 170 14.49 36.15 1.12
N THR W 171 14.18 36.50 -0.13
CA THR W 171 13.94 37.89 -0.49
C THR W 171 12.70 38.40 0.23
N GLN W 172 11.60 37.65 0.16
CA GLN W 172 10.39 38.05 0.84
C GLN W 172 10.57 38.08 2.35
N ALA W 173 11.45 37.23 2.88
CA ALA W 173 11.77 37.28 4.30
C ALA W 173 12.47 38.59 4.65
N VAL W 174 13.36 39.05 3.77
CA VAL W 174 14.00 40.34 3.98
C VAL W 174 12.97 41.46 3.88
N LYS W 175 11.99 41.30 3.00
CA LYS W 175 10.92 42.29 2.90
C LYS W 175 10.17 42.40 4.22
N SER W 176 9.63 41.29 4.70
CA SER W 176 8.90 41.25 5.96
C SER W 176 7.70 42.19 5.93
N ASN X 3 50.40 85.72 59.14
CA ASN X 3 50.27 85.74 57.69
C ASN X 3 49.03 85.00 57.22
N ILE X 4 48.52 85.42 56.07
CA ILE X 4 47.39 84.76 55.41
C ILE X 4 47.77 84.53 53.97
N GLY X 5 47.28 83.43 53.42
CA GLY X 5 47.53 83.12 52.02
C GLY X 5 46.60 83.91 51.12
N ASN X 6 47.18 84.47 50.06
CA ASN X 6 46.41 85.20 49.09
C ASN X 6 45.39 84.28 48.43
N LEU X 7 44.34 84.88 47.89
CA LEU X 7 43.26 84.14 47.26
C LEU X 7 42.82 84.86 46.00
N SER X 8 42.21 84.09 45.11
CA SER X 8 41.69 84.62 43.86
C SER X 8 40.36 85.32 44.11
N ALA X 9 39.90 86.04 43.09
CA ALA X 9 38.57 86.62 43.14
C ALA X 9 37.52 85.52 43.10
N GLU X 10 37.79 84.45 42.37
CA GLU X 10 36.87 83.34 42.29
C GLU X 10 36.80 82.65 43.64
N LYS X 11 35.59 82.39 44.12
CA LYS X 11 35.42 81.74 45.41
C LYS X 11 34.29 80.73 45.34
N GLN X 12 34.52 79.60 45.99
CA GLN X 12 33.66 78.42 45.90
C GLN X 12 32.80 78.36 47.15
N ILE X 13 31.48 78.38 46.97
CA ILE X 13 30.53 78.59 48.05
C ILE X 13 29.34 77.66 47.87
N SER X 14 28.40 77.77 48.81
CA SER X 14 27.19 76.98 48.81
C SER X 14 26.10 77.83 49.46
N LEU X 15 25.03 78.08 48.73
CA LEU X 15 23.99 79.01 49.16
C LEU X 15 22.95 78.31 50.01
N TYR X 16 22.13 79.10 50.69
CA TYR X 16 21.07 78.54 51.51
C TYR X 16 20.09 79.64 51.91
N ASP X 17 19.19 79.27 52.83
CA ASP X 17 18.08 80.12 53.21
C ASP X 17 18.54 81.31 54.03
N GLY X 18 19.16 81.06 55.17
CA GLY X 18 19.50 82.13 56.09
C GLY X 18 20.65 82.99 55.61
N GLN X 19 20.42 83.73 54.55
CA GLN X 19 21.34 84.71 53.99
C GLN X 19 20.61 86.03 53.80
N PRO X 20 21.33 87.14 53.67
CA PRO X 20 20.64 88.42 53.57
C PRO X 20 19.98 88.66 52.23
N PHE X 21 20.71 88.40 51.15
CA PHE X 21 20.26 88.83 49.84
C PHE X 21 19.19 87.91 49.27
N ILE X 22 19.26 86.62 49.59
CA ILE X 22 18.17 85.72 49.29
C ILE X 22 16.89 86.20 50.00
N SER X 23 15.76 85.77 49.47
CA SER X 23 14.47 86.04 50.09
C SER X 23 13.58 84.82 49.95
N GLU X 24 12.53 84.78 50.75
CA GLU X 24 11.61 83.66 50.76
C GLU X 24 10.22 84.14 51.16
N GLN X 25 9.29 83.20 51.21
CA GLN X 25 7.92 83.45 51.61
C GLN X 25 7.20 82.11 51.71
N ASP X 26 6.11 82.11 52.47
CA ASP X 26 5.28 80.93 52.55
C ASP X 26 4.45 80.80 51.29
N VAL X 27 3.89 79.61 51.09
CA VAL X 27 3.13 79.28 49.89
C VAL X 27 1.96 78.39 50.30
N ALA X 28 0.86 78.52 49.57
CA ALA X 28 -0.32 77.70 49.74
C ALA X 28 -0.46 76.76 48.55
N ALA X 29 -1.29 75.73 48.76
CA ALA X 29 -1.48 74.72 47.73
C ALA X 29 -2.17 75.31 46.51
N GLY X 30 -1.93 74.69 45.35
CA GLY X 30 -2.59 75.08 44.14
C GLY X 30 -2.28 76.49 43.69
N ASP X 31 -1.06 76.96 43.93
CA ASP X 31 -0.63 78.29 43.54
C ASP X 31 0.81 78.22 43.06
N PRO X 32 1.04 77.55 41.92
CA PRO X 32 2.42 77.34 41.47
C PRO X 32 3.16 78.62 41.15
N ASN X 33 2.44 79.67 40.77
CA ASN X 33 3.10 80.91 40.40
C ASN X 33 3.71 81.65 41.57
N THR X 34 3.47 81.22 42.81
CA THR X 34 4.06 81.89 43.96
C THR X 34 5.47 81.36 44.19
N PRO X 35 6.52 82.18 44.04
CA PRO X 35 7.87 81.69 44.34
C PRO X 35 8.11 81.65 45.85
N ALA X 36 8.55 80.48 46.33
CA ALA X 36 8.90 80.34 47.73
C ALA X 36 10.31 80.85 48.02
N LEU X 37 11.15 80.95 47.00
CA LEU X 37 12.48 81.49 47.15
C LEU X 37 12.78 82.43 46.00
N THR X 38 13.40 83.55 46.34
CA THR X 38 13.70 84.64 45.40
C THR X 38 15.16 85.01 45.63
N ILE X 39 16.02 84.44 44.82
CA ILE X 39 17.42 84.83 44.82
C ILE X 39 17.54 86.10 43.99
N GLU X 40 18.53 86.92 44.34
CA GLU X 40 18.54 88.32 43.94
C GLU X 40 19.99 88.78 43.88
N GLY X 41 20.45 89.12 42.68
CA GLY X 41 21.83 89.49 42.46
C GLY X 41 22.32 90.60 43.38
N PRO X 42 23.36 90.36 44.17
CA PRO X 42 23.98 91.47 44.90
C PRO X 42 24.75 92.38 43.96
N ASP X 43 24.92 93.62 44.42
CA ASP X 43 25.57 94.64 43.62
C ASP X 43 27.08 94.43 43.62
N GLY X 44 27.66 94.41 42.42
CA GLY X 44 29.09 94.18 42.28
C GLY X 44 29.52 92.78 42.63
N TYR X 45 28.66 91.79 42.41
CA TYR X 45 29.01 90.41 42.70
C TYR X 45 28.30 89.53 41.68
N VAL X 46 29.03 89.12 40.67
CA VAL X 46 28.54 88.11 39.76
C VAL X 46 28.70 86.74 40.40
N ILE X 47 27.77 85.84 40.11
CA ILE X 47 27.86 84.46 40.54
C ILE X 47 27.69 83.56 39.33
N ALA X 48 28.05 82.30 39.50
CA ALA X 48 28.12 81.38 38.38
C ALA X 48 27.89 79.95 38.86
N VAL X 49 27.26 79.19 37.98
CA VAL X 49 26.90 77.80 38.21
C VAL X 49 27.23 77.05 36.94
N ASP X 50 28.04 76.00 37.06
CA ASP X 50 28.42 75.23 35.88
C ASP X 50 27.29 74.28 35.53
N ALA X 51 27.58 73.31 34.65
CA ALA X 51 26.52 72.49 34.07
C ALA X 51 25.80 71.67 35.12
N GLY X 52 26.50 71.24 36.17
CA GLY X 52 25.92 70.40 37.19
C GLY X 52 26.35 70.79 38.58
N THR X 53 25.36 71.07 39.44
CA THR X 53 25.62 71.41 40.83
C THR X 53 24.47 70.91 41.66
N PRO X 54 24.72 70.44 42.89
CA PRO X 54 23.65 69.86 43.69
C PRO X 54 22.59 70.88 44.05
N ILE X 55 21.46 70.35 44.50
CA ILE X 55 20.42 71.13 45.15
C ILE X 55 19.93 70.26 46.29
N ALA X 56 19.48 70.91 47.37
CA ALA X 56 18.83 70.25 48.50
C ALA X 56 17.42 70.81 48.66
N PRO X 57 16.52 70.45 47.76
CA PRO X 57 15.20 71.09 47.78
C PRO X 57 14.37 70.61 48.97
N GLU X 58 14.73 71.07 50.15
CA GLU X 58 14.01 70.70 51.37
C GLU X 58 12.82 71.61 51.55
N PHE X 59 11.65 71.07 51.25
CA PHE X 59 10.41 71.84 51.22
C PHE X 59 9.36 71.05 52.00
N ARG X 60 9.27 71.35 53.29
CA ARG X 60 8.43 70.59 54.20
C ARG X 60 7.19 71.39 54.59
N ASP X 61 6.33 70.71 55.32
CA ASP X 61 5.08 71.23 55.82
C ASP X 61 5.33 72.07 57.08
N SER X 62 4.30 72.82 57.47
CA SER X 62 4.27 73.45 58.78
C SER X 62 4.57 72.45 59.88
N ASN X 63 4.04 71.24 59.74
CA ASN X 63 4.21 70.17 60.71
C ASN X 63 5.49 69.37 60.46
N GLY X 64 6.43 69.91 59.72
CA GLY X 64 7.71 69.29 59.51
C GLY X 64 7.61 67.98 58.75
N GLU X 65 7.03 68.04 57.56
CA GLU X 65 6.85 66.86 56.73
C GLU X 65 7.03 67.28 55.28
N LYS X 66 7.77 66.47 54.53
CA LYS X 66 7.93 66.75 53.11
C LYS X 66 6.57 66.69 52.44
N LEU X 67 6.31 67.66 51.57
CA LEU X 67 5.01 67.78 50.97
C LEU X 67 4.78 66.61 50.01
N ASP X 68 3.63 66.64 49.34
CA ASP X 68 3.18 65.50 48.59
C ASP X 68 4.18 65.15 47.50
N PRO X 69 4.39 63.87 47.20
CA PRO X 69 5.37 63.53 46.16
C PRO X 69 4.97 64.03 44.80
N SER X 70 3.69 64.26 44.58
CA SER X 70 3.21 64.85 43.35
C SER X 70 3.62 66.32 43.23
N THR X 71 4.06 66.93 44.33
CA THR X 71 4.59 68.28 44.28
C THR X 71 5.74 68.35 43.30
N ARG X 72 5.93 69.53 42.71
CA ARG X 72 7.02 69.77 41.79
C ARG X 72 7.72 71.07 42.13
N VAL X 73 8.98 71.12 41.70
CA VAL X 73 9.85 72.26 41.87
C VAL X 73 10.36 72.66 40.50
N ILE X 74 10.39 73.96 40.27
CA ILE X 74 10.92 74.53 39.05
C ILE X 74 11.81 75.69 39.48
N VAL X 75 13.10 75.53 39.32
CA VAL X 75 13.99 76.68 39.39
C VAL X 75 13.87 77.43 38.08
N GLN X 76 14.03 78.74 38.11
CA GLN X 76 13.85 79.51 36.90
C GLN X 76 14.57 80.83 36.98
N LYS X 77 15.30 81.14 35.93
CA LYS X 77 15.96 82.43 35.82
C LYS X 77 14.93 83.52 35.58
N CYS X 78 15.29 84.73 35.97
CA CYS X 78 14.48 85.90 35.75
C CYS X 78 15.41 87.08 35.56
N ASP X 79 15.09 87.92 34.58
CA ASP X 79 15.77 89.20 34.47
C ASP X 79 15.16 90.13 35.50
N ARG X 80 15.40 91.42 35.37
CA ARG X 80 14.71 92.39 36.21
C ARG X 80 13.25 92.43 35.78
N GLN X 81 12.50 93.38 36.32
CA GLN X 81 11.07 93.55 36.09
C GLN X 81 10.25 92.45 36.73
N GLY X 82 10.84 91.66 37.62
CA GLY X 82 10.13 90.56 38.25
C GLY X 82 9.56 89.59 37.25
N ASN X 83 10.21 89.46 36.10
CA ASN X 83 9.64 88.81 34.95
C ASN X 83 10.22 87.41 34.82
N PRO X 84 9.43 86.34 34.78
CA PRO X 84 9.99 85.04 34.47
C PRO X 84 10.49 84.98 33.05
N LEU X 85 11.14 83.87 32.73
CA LEU X 85 11.77 83.71 31.43
C LEU X 85 11.89 82.23 31.10
N GLY X 86 11.52 81.86 29.88
CA GLY X 86 11.61 80.49 29.44
C GLY X 86 12.98 80.19 28.89
N ASP X 87 13.54 81.15 28.17
CA ASP X 87 14.90 81.03 27.68
C ASP X 87 15.85 81.19 28.87
N GLY X 88 16.21 80.06 29.48
CA GLY X 88 16.98 80.05 30.70
C GLY X 88 16.15 79.53 31.84
N ILE X 89 16.36 78.26 32.18
CA ILE X 89 15.60 77.62 33.23
C ILE X 89 16.35 76.36 33.63
N ILE X 90 16.30 76.05 34.92
CA ILE X 90 17.06 74.95 35.50
C ILE X 90 16.11 74.14 36.37
N PHE X 91 16.37 72.84 36.46
CA PHE X 91 15.84 71.99 37.52
C PHE X 91 14.31 72.04 37.55
N ASN X 92 13.74 71.42 36.53
CA ASN X 92 12.34 71.02 36.55
C ASN X 92 12.28 69.59 37.05
N ASP X 93 11.69 69.39 38.23
CA ASP X 93 11.72 68.07 38.85
C ASP X 93 10.58 67.98 39.85
N THR X 94 10.35 66.78 40.36
CA THR X 94 9.32 66.56 41.36
C THR X 94 9.86 66.92 42.75
N LEU X 95 9.10 66.54 43.77
CA LEU X 95 9.50 66.67 45.16
C LEU X 95 9.75 65.31 45.80
N GLY X 96 8.77 64.42 45.78
CA GLY X 96 8.88 63.20 46.56
C GLY X 96 9.76 62.17 45.90
N ARG X 97 10.99 62.57 45.69
CA ARG X 97 11.98 61.78 44.99
C ARG X 97 13.35 61.82 45.62
N PHE X 98 13.68 62.81 46.43
CA PHE X 98 15.08 63.09 46.66
C PHE X 98 15.69 62.19 47.74
N ASN X 99 14.90 61.74 48.71
CA ASN X 99 15.44 61.04 49.86
C ASN X 99 16.46 61.92 50.59
N TYR X 100 15.87 62.98 51.15
CA TYR X 100 16.55 64.10 51.79
C TYR X 100 17.77 63.70 52.60
N ASN X 101 17.53 62.75 53.50
CA ASN X 101 18.43 62.43 54.60
C ASN X 101 19.82 62.04 54.11
N LYS X 102 19.88 61.40 52.95
CA LYS X 102 21.12 60.96 52.34
C LYS X 102 21.51 61.80 51.15
N MET X 103 20.53 62.32 50.41
CA MET X 103 20.83 63.04 49.19
C MET X 103 21.58 64.33 49.44
N ARG X 104 21.52 64.87 50.67
CA ARG X 104 22.48 65.93 50.93
C ARG X 104 23.92 65.45 50.96
N THR X 105 24.16 64.14 50.99
CA THR X 105 25.48 63.57 51.26
C THR X 105 26.03 62.81 50.07
N ASP X 106 25.31 61.81 49.59
CA ASP X 106 25.91 60.82 48.71
C ASP X 106 26.17 61.41 47.33
N PRO X 107 27.20 60.93 46.61
CA PRO X 107 27.36 61.37 45.22
C PRO X 107 26.24 60.94 44.32
N ASP X 108 25.47 59.92 44.70
CA ASP X 108 24.60 59.26 43.73
C ASP X 108 23.22 59.89 43.69
N TYR X 109 22.55 59.98 44.84
CA TYR X 109 21.32 60.77 44.93
C TYR X 109 21.50 62.15 44.34
N MET X 110 22.67 62.74 44.59
CA MET X 110 22.99 64.14 44.34
C MET X 110 22.49 64.62 43.00
N ARG X 111 21.58 65.58 43.02
CA ARG X 111 20.87 66.03 41.84
C ARG X 111 21.47 67.30 41.30
N LYS X 112 22.05 67.17 40.11
CA LYS X 112 22.74 68.26 39.47
C LYS X 112 21.79 68.99 38.53
N THR X 113 22.28 70.11 38.02
CA THR X 113 21.47 70.99 37.20
C THR X 113 21.39 70.46 35.78
N ALA X 114 20.62 71.16 34.96
CA ALA X 114 20.47 70.82 33.55
C ALA X 114 21.54 71.49 32.72
N LYS X 115 21.92 72.71 33.08
CA LYS X 115 22.94 73.45 32.33
C LYS X 115 23.53 74.49 33.26
N SER X 116 24.34 75.37 32.69
CA SER X 116 25.08 76.36 33.45
C SER X 116 24.22 77.59 33.68
N LEU X 117 24.82 78.65 34.21
CA LEU X 117 24.07 79.86 34.53
C LEU X 117 25.05 80.97 34.88
N MET X 118 24.59 82.21 34.68
CA MET X 118 25.31 83.39 35.13
C MET X 118 24.29 84.42 35.57
N VAL X 119 24.70 85.23 36.54
CA VAL X 119 23.80 86.16 37.23
C VAL X 119 24.55 87.46 37.43
N ASP X 120 24.11 88.51 36.75
CA ASP X 120 24.76 89.81 36.85
C ASP X 120 24.41 90.45 38.19
N GLU X 121 24.81 91.71 38.36
CA GLU X 121 24.73 92.38 39.65
C GLU X 121 23.30 92.53 40.15
N ARG X 122 22.31 92.47 39.27
CA ARG X 122 20.92 92.44 39.70
C ARG X 122 20.15 91.61 38.68
N GLU X 123 20.02 90.32 38.98
CA GLU X 123 19.17 89.43 38.22
C GLU X 123 18.60 88.44 39.20
N ILE X 124 17.36 88.03 38.94
CA ILE X 124 16.57 87.32 39.92
C ILE X 124 16.51 85.86 39.50
N VAL X 125 16.35 85.00 40.48
CA VAL X 125 16.03 83.61 40.23
C VAL X 125 14.92 83.23 41.20
N LYS X 126 14.03 82.37 40.74
CA LYS X 126 12.83 82.04 41.49
C LYS X 126 12.67 80.54 41.56
N VAL X 127 11.97 80.12 42.60
CA VAL X 127 11.73 78.71 42.88
C VAL X 127 10.22 78.55 42.94
N PHE X 128 9.64 78.21 41.81
CA PHE X 128 8.21 77.94 41.77
C PHE X 128 7.93 76.53 42.24
N VAL X 129 6.81 76.37 42.93
CA VAL X 129 6.48 75.17 43.67
C VAL X 129 5.05 74.79 43.31
N ASP X 130 4.90 73.77 42.48
CA ASP X 130 3.57 73.30 42.06
C ASP X 130 3.11 72.25 43.05
N VAL X 131 2.37 72.71 44.06
CA VAL X 131 1.56 71.82 44.87
C VAL X 131 0.26 71.53 44.12
N PRO X 132 -0.19 70.27 44.03
CA PRO X 132 -1.30 69.98 43.11
C PRO X 132 -2.60 70.69 43.46
N ASP X 133 -3.13 70.39 44.64
CA ASP X 133 -4.24 71.11 45.26
C ASP X 133 -4.56 70.37 46.56
N GLY X 134 -5.34 71.02 47.42
CA GLY X 134 -5.88 70.37 48.59
C GLY X 134 -4.88 69.72 49.53
N ALA X 135 -3.62 70.06 49.38
CA ALA X 135 -2.54 69.46 50.17
C ALA X 135 -2.29 70.32 51.40
N ASN X 136 -1.20 70.03 52.10
CA ASN X 136 -0.77 70.87 53.19
C ASN X 136 0.03 72.04 52.66
N GLY X 137 -0.17 73.19 53.28
CA GLY X 137 0.55 74.37 52.86
C GLY X 137 2.04 74.26 53.10
N TYR X 138 2.75 75.27 52.63
CA TYR X 138 4.19 75.35 52.75
C TYR X 138 4.59 76.33 53.85
N ASP X 139 5.64 75.98 54.57
CA ASP X 139 6.36 76.91 55.42
C ASP X 139 7.85 76.84 55.11
N ALA X 140 8.53 77.93 55.43
CA ALA X 140 9.95 78.09 55.14
C ALA X 140 10.83 77.83 56.35
N GLU X 141 10.41 78.27 57.53
CA GLU X 141 11.19 78.10 58.74
C GLU X 141 11.42 76.63 59.04
N ARG X 142 10.47 75.77 58.68
CA ARG X 142 10.62 74.33 58.76
C ARG X 142 11.20 73.76 57.47
N SER X 143 11.92 74.56 56.71
CA SER X 143 12.42 74.16 55.41
C SER X 143 13.77 74.80 55.19
N ARG X 144 14.47 74.29 54.17
CA ARG X 144 15.77 74.78 53.80
C ARG X 144 15.86 74.74 52.28
N PHE X 145 17.04 75.00 51.75
CA PHE X 145 17.33 74.92 50.34
C PHE X 145 18.82 75.17 50.19
N THR X 146 19.43 74.55 49.20
CA THR X 146 20.85 74.79 48.91
C THR X 146 21.10 74.65 47.42
N LEU X 147 22.35 74.92 47.03
CA LEU X 147 22.73 74.87 45.63
C LEU X 147 24.12 74.30 45.37
N GLY X 148 24.92 73.99 46.40
CA GLY X 148 26.31 73.64 46.17
C GLY X 148 26.88 72.71 47.20
N ASP X 149 28.05 72.17 46.85
CA ASP X 149 28.82 71.29 47.71
C ASP X 149 30.26 71.80 47.66
N ASP X 150 30.58 72.72 48.55
CA ASP X 150 31.88 73.37 48.57
C ASP X 150 32.82 72.79 49.60
N THR X 151 32.29 72.22 50.69
CA THR X 151 33.15 71.64 51.70
C THR X 151 33.80 70.36 51.21
N SER X 152 33.07 69.58 50.42
CA SER X 152 33.49 68.23 50.08
C SER X 152 34.56 68.25 49.00
N ASP X 153 34.84 67.06 48.45
CA ASP X 153 35.89 66.87 47.47
C ASP X 153 35.40 66.31 46.14
N PHE X 154 34.21 65.73 46.10
CA PHE X 154 33.64 65.24 44.84
C PHE X 154 32.62 66.18 44.24
N GLY X 155 31.90 66.92 45.06
CA GLY X 155 30.84 67.77 44.56
C GLY X 155 31.32 69.11 44.06
N LYS X 156 30.41 69.79 43.35
CA LYS X 156 30.68 71.11 42.80
C LYS X 156 30.19 72.19 43.75
N ALA X 157 30.51 73.44 43.40
CA ALA X 157 30.19 74.58 44.23
C ALA X 157 29.90 75.78 43.36
N VAL X 158 29.25 76.77 43.95
CA VAL X 158 28.92 78.00 43.25
C VAL X 158 30.15 78.89 43.23
N GLU X 159 30.37 79.57 42.11
CA GLU X 159 31.57 80.36 41.91
C GLU X 159 31.19 81.84 41.88
N ILE X 160 31.61 82.57 42.89
CA ILE X 160 31.34 84.01 42.98
C ILE X 160 32.59 84.79 42.61
N VAL X 161 32.38 85.95 42.01
CA VAL X 161 33.42 86.89 41.66
C VAL X 161 32.91 88.30 41.93
N ASP X 162 33.82 89.16 42.37
CA ASP X 162 33.53 90.58 42.51
C ASP X 162 33.71 91.26 41.16
N HIS X 163 32.72 92.07 40.79
CA HIS X 163 32.70 92.64 39.46
C HIS X 163 33.90 93.54 39.20
N ASP X 164 34.47 94.13 40.25
CA ASP X 164 35.56 95.07 40.06
C ASP X 164 36.82 94.39 39.54
N ASP X 165 36.97 93.10 39.81
CA ASP X 165 38.21 92.37 39.53
C ASP X 165 38.24 91.77 38.13
N LEU X 166 37.52 92.36 37.18
CA LEU X 166 37.46 91.84 35.83
C LEU X 166 37.49 92.95 34.81
N THR X 167 37.83 92.57 33.59
CA THR X 167 37.75 93.43 32.41
C THR X 167 36.74 92.94 31.39
N GLU X 168 36.16 91.75 31.59
CA GLU X 168 35.11 91.21 30.74
C GLU X 168 33.72 91.48 31.30
N GLY X 169 33.62 92.31 32.34
CA GLY X 169 32.33 92.58 32.95
C GLY X 169 31.37 93.22 31.98
N GLU X 170 31.87 94.09 31.10
CA GLU X 170 31.02 94.67 30.07
C GLU X 170 30.50 93.59 29.13
N THR X 171 31.33 92.60 28.83
CA THR X 171 30.91 91.52 27.94
C THR X 171 29.79 90.73 28.58
N GLN X 172 29.98 90.32 29.83
CA GLN X 172 28.95 89.57 30.53
C GLN X 172 27.69 90.40 30.74
N ALA X 173 27.84 91.73 30.86
CA ALA X 173 26.67 92.60 30.92
C ALA X 173 25.90 92.57 29.62
N VAL X 174 26.62 92.53 28.49
CA VAL X 174 25.94 92.40 27.20
C VAL X 174 25.26 91.05 27.09
N LYS X 175 25.88 90.02 27.66
CA LYS X 175 25.26 88.70 27.68
C LYS X 175 23.92 88.74 28.41
N SER X 176 23.94 89.19 29.66
CA SER X 176 22.73 89.28 30.47
C SER X 176 22.05 87.92 30.63
N ASN Y 3 5.74 60.10 15.33
CA ASN Y 3 6.83 59.39 14.67
C ASN Y 3 7.52 58.43 15.62
N ILE Y 4 8.19 57.44 15.05
CA ILE Y 4 8.99 56.48 15.78
C ILE Y 4 10.36 56.43 15.12
N GLY Y 5 11.39 56.20 15.94
CA GLY Y 5 12.73 56.05 15.43
C GLY Y 5 13.02 54.61 15.07
N ASN Y 6 13.79 54.45 14.00
CA ASN Y 6 14.15 53.13 13.52
C ASN Y 6 15.05 52.43 14.53
N LEU Y 7 15.08 51.11 14.47
CA LEU Y 7 15.87 50.29 15.37
C LEU Y 7 16.57 49.19 14.58
N SER Y 8 17.64 48.68 15.16
CA SER Y 8 18.41 47.62 14.55
C SER Y 8 17.73 46.27 14.81
N ALA Y 9 18.27 45.25 14.16
CA ALA Y 9 17.79 43.89 14.40
C ALA Y 9 18.18 43.42 15.79
N GLU Y 10 19.38 43.79 16.23
CA GLU Y 10 19.84 43.42 17.55
C GLU Y 10 19.00 44.15 18.58
N LYS Y 11 18.48 43.41 19.56
CA LYS Y 11 17.64 44.00 20.58
C LYS Y 11 18.04 43.48 21.94
N GLN Y 12 18.02 44.38 22.92
CA GLN Y 12 18.56 44.13 24.24
C GLN Y 12 17.40 43.83 25.19
N ILE Y 13 17.44 42.68 25.84
CA ILE Y 13 16.35 42.19 26.66
C ILE Y 13 16.91 41.55 27.92
N SER Y 14 16.00 41.05 28.76
CA SER Y 14 16.35 40.37 30.00
C SER Y 14 15.29 39.32 30.25
N LEU Y 15 15.70 38.06 30.24
CA LEU Y 15 14.78 36.95 30.35
C LEU Y 15 14.36 36.74 31.80
N TYR Y 16 13.33 35.92 31.98
CA TYR Y 16 12.85 35.63 33.32
C TYR Y 16 11.87 34.46 33.26
N ASP Y 17 11.25 34.17 34.40
CA ASP Y 17 10.41 33.01 34.55
C ASP Y 17 9.14 33.13 33.73
N GLY Y 18 8.34 34.14 34.01
CA GLY Y 18 7.03 34.27 33.39
C GLY Y 18 7.06 34.71 31.95
N GLN Y 19 7.71 33.92 31.10
CA GLN Y 19 7.63 34.02 29.66
C GLN Y 19 7.10 32.70 29.12
N PRO Y 20 6.58 32.68 27.90
CA PRO Y 20 6.00 31.42 27.41
C PRO Y 20 7.05 30.41 26.96
N PHE Y 21 8.05 30.86 26.20
CA PHE Y 21 8.95 29.91 25.56
C PHE Y 21 9.91 29.28 26.55
N ILE Y 22 10.24 30.00 27.62
CA ILE Y 22 10.88 29.36 28.76
C ILE Y 22 9.90 28.37 29.39
N SER Y 23 10.46 27.41 30.13
CA SER Y 23 9.67 26.44 30.87
C SER Y 23 10.28 26.26 32.25
N GLU Y 24 9.59 25.49 33.08
CA GLU Y 24 10.06 25.25 34.44
C GLU Y 24 9.38 24.01 34.99
N GLN Y 25 9.74 23.69 36.24
CA GLN Y 25 9.11 22.61 36.98
C GLN Y 25 9.63 22.67 38.41
N ASP Y 26 8.88 22.07 39.32
CA ASP Y 26 9.35 21.93 40.68
C ASP Y 26 10.40 20.83 40.76
N VAL Y 27 11.16 20.85 41.86
CA VAL Y 27 12.28 19.94 42.06
C VAL Y 27 12.28 19.49 43.51
N ALA Y 28 12.75 18.28 43.73
CA ALA Y 28 12.90 17.70 45.06
C ALA Y 28 14.37 17.59 45.42
N ALA Y 29 14.61 17.32 46.70
CA ALA Y 29 15.97 17.24 47.20
C ALA Y 29 16.70 16.04 46.64
N GLY Y 30 18.01 16.21 46.44
CA GLY Y 30 18.85 15.13 45.97
C GLY Y 30 18.43 14.60 44.62
N ASP Y 31 18.38 15.50 43.64
CA ASP Y 31 17.96 15.13 42.30
C ASP Y 31 18.52 16.15 41.32
N PRO Y 32 19.84 16.17 41.14
CA PRO Y 32 20.45 17.23 40.32
C PRO Y 32 20.04 17.17 38.87
N ASN Y 33 19.81 15.98 38.33
CA ASN Y 33 19.52 15.83 36.91
C ASN Y 33 18.14 16.33 36.51
N THR Y 34 17.32 16.78 37.45
CA THR Y 34 16.00 17.30 37.15
C THR Y 34 16.10 18.83 37.01
N PRO Y 35 16.09 19.38 35.80
CA PRO Y 35 16.23 20.84 35.68
C PRO Y 35 14.97 21.55 36.13
N ALA Y 36 15.18 22.68 36.81
CA ALA Y 36 14.07 23.54 37.24
C ALA Y 36 13.72 24.58 36.20
N LEU Y 37 14.60 24.88 35.26
CA LEU Y 37 14.31 25.78 34.17
C LEU Y 37 14.87 25.22 32.88
N THR Y 38 14.08 25.32 31.83
CA THR Y 38 14.39 24.81 30.51
C THR Y 38 14.12 25.94 29.53
N ILE Y 39 15.14 26.71 29.24
CA ILE Y 39 15.06 27.69 28.18
C ILE Y 39 15.19 26.95 26.86
N GLU Y 40 14.52 27.49 25.84
CA GLU Y 40 14.33 26.76 24.60
C GLU Y 40 14.23 27.76 23.46
N GLY Y 41 15.12 27.63 22.48
CA GLY Y 41 15.18 28.56 21.38
C GLY Y 41 13.87 28.66 20.62
N PRO Y 42 13.31 29.85 20.48
CA PRO Y 42 12.20 30.02 19.53
C PRO Y 42 12.70 29.94 18.11
N ASP Y 43 11.75 29.74 17.20
CA ASP Y 43 12.06 29.56 15.79
C ASP Y 43 12.16 30.91 15.11
N GLY Y 44 13.09 31.03 14.18
CA GLY Y 44 13.36 32.29 13.54
C GLY Y 44 13.96 33.30 14.48
N TYR Y 45 14.75 32.83 15.44
CA TYR Y 45 15.41 33.72 16.38
C TYR Y 45 16.75 33.12 16.78
N VAL Y 46 17.69 33.99 17.06
CA VAL Y 46 18.93 33.65 17.73
C VAL Y 46 19.07 34.61 18.90
N ILE Y 47 19.66 34.11 19.99
CA ILE Y 47 19.94 34.93 21.15
C ILE Y 47 21.39 34.72 21.54
N ALA Y 48 21.98 35.77 22.08
CA ALA Y 48 23.41 35.83 22.30
C ALA Y 48 23.70 36.42 23.66
N VAL Y 49 24.78 35.92 24.26
CA VAL Y 49 25.23 36.29 25.59
C VAL Y 49 26.74 36.45 25.50
N ASP Y 50 27.23 37.62 25.85
CA ASP Y 50 28.67 37.87 25.76
C ASP Y 50 29.35 37.23 26.95
N ALA Y 51 30.63 37.56 27.16
CA ALA Y 51 31.46 36.84 28.12
C ALA Y 51 30.90 36.93 29.53
N GLY Y 52 30.27 38.05 29.87
CA GLY Y 52 29.76 38.27 31.20
C GLY Y 52 28.41 38.94 31.20
N THR Y 53 27.42 38.28 31.80
CA THR Y 53 26.09 38.83 31.96
C THR Y 53 25.54 38.35 33.28
N PRO Y 54 24.81 39.19 34.00
CA PRO Y 54 24.34 38.81 35.34
C PRO Y 54 23.35 37.67 35.29
N ILE Y 55 23.09 37.15 36.49
CA ILE Y 55 21.99 36.24 36.74
C ILE Y 55 21.38 36.70 38.05
N ALA Y 56 20.09 36.45 38.23
CA ALA Y 56 19.40 36.63 39.51
C ALA Y 56 18.84 35.29 39.97
N PRO Y 57 19.69 34.38 40.40
CA PRO Y 57 19.23 33.01 40.65
C PRO Y 57 18.44 32.89 41.94
N GLU Y 58 17.25 33.48 41.95
CA GLU Y 58 16.35 33.30 43.08
C GLU Y 58 15.76 31.90 43.05
N PHE Y 59 16.02 31.14 44.11
CA PHE Y 59 15.58 29.76 44.20
C PHE Y 59 15.18 29.52 45.65
N ARG Y 60 13.92 29.73 45.94
CA ARG Y 60 13.41 29.68 47.29
C ARG Y 60 12.61 28.41 47.55
N ASP Y 61 12.27 28.24 48.82
CA ASP Y 61 11.47 27.13 49.28
C ASP Y 61 9.99 27.42 49.03
N SER Y 62 9.17 26.37 49.19
CA SER Y 62 7.73 26.53 49.24
C SER Y 62 7.33 27.60 50.25
N ASN Y 63 8.04 27.65 51.37
CA ASN Y 63 7.82 28.65 52.40
C ASN Y 63 8.61 29.94 52.12
N GLY Y 64 9.03 30.15 50.88
CA GLY Y 64 9.61 31.40 50.47
C GLY Y 64 10.93 31.72 51.16
N GLU Y 65 11.77 30.71 51.26
CA GLU Y 65 13.08 30.83 51.89
C GLU Y 65 14.12 30.27 50.96
N LYS Y 66 15.25 30.97 50.84
CA LYS Y 66 16.31 30.48 49.99
C LYS Y 66 16.82 29.16 50.54
N LEU Y 67 17.03 28.20 49.65
CA LEU Y 67 17.37 26.86 50.07
C LEU Y 67 18.78 26.85 50.64
N ASP Y 68 19.24 25.67 51.02
CA ASP Y 68 20.44 25.55 51.81
C ASP Y 68 21.63 26.13 51.05
N PRO Y 69 22.57 26.80 51.74
CA PRO Y 69 23.74 27.32 51.03
C PRO Y 69 24.57 26.24 50.39
N SER Y 70 24.48 25.01 50.90
CA SER Y 70 25.12 23.88 50.26
C SER Y 70 24.53 23.58 48.89
N THR Y 71 23.32 24.08 48.62
CA THR Y 71 22.71 23.94 47.30
C THR Y 71 23.64 24.50 46.24
N ARG Y 72 23.53 23.97 45.03
CA ARG Y 72 24.32 24.42 43.91
C ARG Y 72 23.47 24.60 42.67
N VAL Y 73 23.91 25.53 41.83
CA VAL Y 73 23.28 25.84 40.57
C VAL Y 73 24.29 25.58 39.47
N ILE Y 74 23.81 24.99 38.38
CA ILE Y 74 24.62 24.79 37.20
C ILE Y 74 23.76 25.18 36.02
N VAL Y 75 24.17 26.24 35.33
CA VAL Y 75 23.61 26.50 34.01
C VAL Y 75 24.34 25.61 33.02
N GLN Y 76 23.64 25.19 31.97
CA GLN Y 76 24.26 24.27 31.04
C GLN Y 76 23.62 24.39 29.68
N LYS Y 77 24.45 24.56 28.66
CA LYS Y 77 23.97 24.51 27.30
C LYS Y 77 23.56 23.09 26.95
N CYS Y 78 22.63 22.98 26.02
CA CYS Y 78 22.20 21.71 25.50
C CYS Y 78 21.90 21.92 24.03
N ASP Y 79 22.36 20.99 23.22
CA ASP Y 79 22.03 21.00 21.81
C ASP Y 79 20.60 20.48 21.68
N ARG Y 80 20.19 20.12 20.49
CA ARG Y 80 18.94 19.41 20.32
C ARG Y 80 19.08 18.02 20.95
N GLN Y 81 18.05 17.19 20.79
CA GLN Y 81 17.91 15.87 21.39
C GLN Y 81 17.66 15.93 22.89
N GLY Y 82 17.42 17.11 23.45
CA GLY Y 82 17.21 17.23 24.88
C GLY Y 82 18.39 16.72 25.66
N ASN Y 83 19.58 16.91 25.12
CA ASN Y 83 20.78 16.21 25.54
C ASN Y 83 21.72 17.17 26.26
N PRO Y 84 22.17 16.90 27.48
CA PRO Y 84 23.16 17.80 28.08
C PRO Y 84 24.46 17.79 27.32
N LEU Y 85 25.26 18.81 27.59
CA LEU Y 85 26.54 18.99 26.93
C LEU Y 85 27.53 19.58 27.93
N GLY Y 86 28.77 19.10 27.86
CA GLY Y 86 29.81 19.50 28.79
C GLY Y 86 30.71 20.54 28.19
N ASP Y 87 31.15 20.30 26.96
CA ASP Y 87 31.87 21.33 26.22
C ASP Y 87 30.87 22.40 25.86
N GLY Y 88 30.85 23.46 26.66
CA GLY Y 88 29.81 24.46 26.62
C GLY Y 88 29.01 24.36 27.89
N ILE Y 89 29.34 25.22 28.85
CA ILE Y 89 28.67 25.23 30.13
C ILE Y 89 28.99 26.57 30.79
N ILE Y 90 28.03 27.07 31.54
CA ILE Y 90 28.11 28.38 32.15
C ILE Y 90 27.72 28.25 33.61
N PHE Y 91 28.34 29.05 34.46
CA PHE Y 91 27.83 29.36 35.79
C PHE Y 91 27.61 28.10 36.62
N ASN Y 92 28.72 27.51 37.02
CA ASN Y 92 28.74 26.57 38.13
C ASN Y 92 28.95 27.37 39.40
N ASP Y 93 28.00 27.29 40.32
CA ASP Y 93 28.06 28.11 41.53
C ASP Y 93 27.27 27.41 42.62
N THR Y 94 27.48 27.87 43.84
CA THR Y 94 26.59 27.48 44.92
C THR Y 94 25.31 28.28 44.84
N LEU Y 95 24.46 28.11 45.85
CA LEU Y 95 23.32 28.98 46.11
C LEU Y 95 23.61 29.98 47.19
N GLY Y 96 24.40 29.60 48.18
CA GLY Y 96 24.51 30.39 49.38
C GLY Y 96 25.49 31.53 49.27
N ARG Y 97 25.48 32.23 48.15
CA ARG Y 97 26.52 33.19 47.84
C ARG Y 97 26.00 34.47 47.20
N PHE Y 98 24.70 34.61 47.00
CA PHE Y 98 24.25 35.69 46.14
C PHE Y 98 23.89 36.96 46.90
N ASN Y 99 23.27 36.86 48.07
CA ASN Y 99 22.78 38.04 48.78
C ASN Y 99 21.79 38.79 47.88
N TYR Y 100 20.68 38.10 47.66
CA TYR Y 100 19.68 38.43 46.65
C TYR Y 100 19.35 39.91 46.63
N ASN Y 101 19.03 40.42 47.80
CA ASN Y 101 18.42 41.72 47.97
C ASN Y 101 19.30 42.84 47.43
N LYS Y 102 20.61 42.64 47.43
CA LYS Y 102 21.55 43.59 46.86
C LYS Y 102 22.03 43.19 45.48
N MET Y 103 22.31 41.90 45.29
CA MET Y 103 22.94 41.46 44.06
C MET Y 103 22.07 41.67 42.84
N ARG Y 104 20.76 41.78 43.00
CA ARG Y 104 19.98 42.20 41.83
C ARG Y 104 20.33 43.61 41.37
N THR Y 105 21.01 44.39 42.19
CA THR Y 105 21.22 45.82 41.99
C THR Y 105 22.68 46.22 41.86
N ASP Y 106 23.53 45.69 42.73
CA ASP Y 106 24.84 46.30 42.93
C ASP Y 106 25.87 45.76 41.97
N PRO Y 107 26.80 46.59 41.48
CA PRO Y 107 27.84 46.06 40.57
C PRO Y 107 28.75 45.03 41.21
N ASP Y 108 29.05 45.17 42.50
CA ASP Y 108 30.02 44.28 43.12
C ASP Y 108 29.38 42.94 43.46
N TYR Y 109 28.20 42.97 44.06
CA TYR Y 109 27.47 41.74 44.30
C TYR Y 109 27.01 41.06 43.01
N MET Y 110 26.98 41.80 41.91
CA MET Y 110 26.60 41.24 40.62
C MET Y 110 27.53 40.09 40.25
N ARG Y 111 26.96 39.08 39.59
CA ARG Y 111 27.70 37.88 39.22
C ARG Y 111 27.40 37.49 37.79
N LYS Y 112 28.43 37.51 36.97
CA LYS Y 112 28.30 37.34 35.54
C LYS Y 112 28.56 35.89 35.17
N THR Y 113 28.60 35.62 33.87
CA THR Y 113 28.84 34.29 33.35
C THR Y 113 30.33 33.99 33.37
N ALA Y 114 30.68 32.83 32.82
CA ALA Y 114 32.06 32.43 32.62
C ALA Y 114 32.55 32.78 31.24
N LYS Y 115 31.70 32.65 30.24
CA LYS Y 115 32.07 32.91 28.87
C LYS Y 115 30.82 33.27 28.07
N SER Y 116 30.97 33.36 26.76
CA SER Y 116 29.91 33.79 25.87
C SER Y 116 29.04 32.59 25.53
N LEU Y 117 28.10 32.80 24.61
CA LEU Y 117 27.13 31.77 24.28
C LEU Y 117 26.32 32.21 23.07
N MET Y 118 25.80 31.24 22.36
CA MET Y 118 24.85 31.47 21.28
C MET Y 118 23.85 30.34 21.27
N VAL Y 119 22.65 30.63 20.79
CA VAL Y 119 21.52 29.72 20.85
C VAL Y 119 20.80 29.81 19.53
N ASP Y 120 20.85 28.74 18.73
CA ASP Y 120 20.22 28.73 17.43
C ASP Y 120 18.70 28.68 17.61
N GLU Y 121 17.98 28.52 16.50
CA GLU Y 121 16.53 28.53 16.53
C GLU Y 121 15.98 27.44 17.43
N ARG Y 122 16.70 26.34 17.59
CA ARG Y 122 16.25 25.22 18.40
C ARG Y 122 17.44 24.65 19.15
N GLU Y 123 17.68 25.19 20.33
CA GLU Y 123 18.68 24.68 21.24
C GLU Y 123 18.18 24.97 22.64
N ILE Y 124 18.54 24.09 23.56
CA ILE Y 124 17.98 24.13 24.90
C ILE Y 124 19.07 24.60 25.84
N VAL Y 125 18.66 25.21 26.94
CA VAL Y 125 19.53 25.50 28.06
C VAL Y 125 18.81 25.05 29.30
N LYS Y 126 19.56 24.50 30.24
CA LYS Y 126 18.98 23.89 31.42
C LYS Y 126 19.63 24.46 32.67
N VAL Y 127 18.84 24.48 33.73
CA VAL Y 127 19.27 24.98 35.02
C VAL Y 127 19.15 23.82 35.99
N PHE Y 128 20.25 23.11 36.19
CA PHE Y 128 20.27 21.99 37.10
C PHE Y 128 20.60 22.50 38.50
N VAL Y 129 20.01 21.85 39.50
CA VAL Y 129 20.04 22.31 40.87
C VAL Y 129 20.38 21.12 41.76
N ASP Y 130 21.56 21.14 42.34
CA ASP Y 130 22.01 20.09 43.25
C ASP Y 130 21.66 20.52 44.66
N VAL Y 131 20.52 20.05 45.12
CA VAL Y 131 20.19 20.06 46.54
C VAL Y 131 20.90 18.88 47.19
N PRO Y 132 21.57 19.05 48.35
CA PRO Y 132 22.42 17.95 48.84
C PRO Y 132 21.65 16.68 49.18
N ASP Y 133 20.72 16.79 50.13
CA ASP Y 133 19.75 15.75 50.46
C ASP Y 133 18.97 16.26 51.67
N GLY Y 134 17.83 15.61 51.92
CA GLY Y 134 17.07 15.84 53.14
C GLY Y 134 16.69 17.28 53.45
N ALA Y 135 16.75 18.15 52.46
CA ALA Y 135 16.43 19.55 52.61
C ALA Y 135 14.99 19.80 52.20
N ASN Y 136 14.61 21.07 52.12
CA ASN Y 136 13.28 21.43 51.71
C ASN Y 136 13.15 21.37 50.20
N GLY Y 137 11.95 21.01 49.75
CA GLY Y 137 11.71 20.93 48.33
C GLY Y 137 11.67 22.30 47.68
N TYR Y 138 11.92 22.29 46.38
CA TYR Y 138 11.92 23.51 45.59
C TYR Y 138 10.54 23.80 45.02
N ASP Y 139 10.20 25.08 44.94
CA ASP Y 139 9.07 25.56 44.16
C ASP Y 139 9.52 26.68 43.26
N ALA Y 140 8.78 26.86 42.18
CA ALA Y 140 9.09 27.82 41.14
C ALA Y 140 8.24 29.08 41.23
N GLU Y 141 6.97 28.93 41.58
CA GLU Y 141 6.09 30.09 41.71
C GLU Y 141 6.59 31.05 42.78
N ARG Y 142 7.25 30.54 43.81
CA ARG Y 142 7.88 31.34 44.83
C ARG Y 142 9.32 31.68 44.47
N SER Y 143 9.67 31.63 43.19
CA SER Y 143 11.03 31.86 42.76
C SER Y 143 11.02 32.57 41.42
N ARG Y 144 12.14 33.21 41.12
CA ARG Y 144 12.34 33.94 39.89
C ARG Y 144 13.70 33.57 39.33
N PHE Y 145 14.09 34.23 38.25
CA PHE Y 145 15.34 34.00 37.59
C PHE Y 145 15.52 35.07 36.54
N THR Y 146 16.76 35.41 36.23
CA THR Y 146 17.06 36.35 35.15
C THR Y 146 18.35 35.94 34.48
N LEU Y 147 18.71 36.70 33.46
CA LEU Y 147 19.99 36.52 32.79
C LEU Y 147 20.63 37.84 32.36
N GLY Y 148 19.96 38.97 32.52
CA GLY Y 148 20.47 40.23 32.01
C GLY Y 148 19.94 41.41 32.79
N ASP Y 149 20.65 42.52 32.65
CA ASP Y 149 20.29 43.79 33.27
C ASP Y 149 20.25 44.81 32.14
N ASP Y 150 19.11 44.89 31.48
CA ASP Y 150 18.95 45.76 30.32
C ASP Y 150 18.44 47.13 30.71
N THR Y 151 17.73 47.24 31.83
CA THR Y 151 17.26 48.54 32.29
C THR Y 151 18.42 49.41 32.73
N SER Y 152 19.39 48.82 33.40
CA SER Y 152 20.47 49.57 34.01
C SER Y 152 21.40 50.12 32.93
N ASP Y 153 22.49 50.72 33.39
CA ASP Y 153 23.48 51.32 32.50
C ASP Y 153 24.85 50.70 32.61
N PHE Y 154 25.16 49.98 33.69
CA PHE Y 154 26.44 49.29 33.82
C PHE Y 154 26.34 47.82 33.49
N GLY Y 155 25.19 47.19 33.73
CA GLY Y 155 25.05 45.79 33.48
C GLY Y 155 24.70 45.47 32.04
N LYS Y 156 25.05 44.25 31.63
CA LYS Y 156 24.82 43.80 30.28
C LYS Y 156 23.40 43.26 30.12
N ALA Y 157 23.11 42.78 28.91
CA ALA Y 157 21.78 42.30 28.59
C ALA Y 157 21.87 41.28 27.47
N VAL Y 158 20.78 40.58 27.25
CA VAL Y 158 20.73 39.54 26.24
C VAL Y 158 20.44 40.16 24.88
N GLU Y 159 21.08 39.63 23.84
CA GLU Y 159 21.03 40.22 22.52
C GLU Y 159 20.29 39.27 21.59
N ILE Y 160 19.07 39.63 21.21
CA ILE Y 160 18.25 38.81 20.33
C ILE Y 160 18.29 39.38 18.93
N VAL Y 161 18.19 38.48 17.95
CA VAL Y 161 18.14 38.82 16.54
C VAL Y 161 17.16 37.87 15.88
N ASP Y 162 16.48 38.37 14.86
CA ASP Y 162 15.63 37.54 14.00
C ASP Y 162 16.49 36.95 12.88
N HIS Y 163 16.33 35.65 12.66
CA HIS Y 163 17.18 34.92 11.73
C HIS Y 163 17.08 35.46 10.31
N ASP Y 164 15.98 36.12 9.96
CA ASP Y 164 15.79 36.58 8.59
C ASP Y 164 16.67 37.77 8.26
N ASP Y 165 17.06 38.54 9.26
CA ASP Y 165 17.70 39.83 9.05
C ASP Y 165 19.22 39.74 8.92
N LEU Y 166 19.74 38.59 8.48
CA LEU Y 166 21.18 38.38 8.41
C LEU Y 166 21.58 37.72 7.11
N THR Y 167 22.70 38.18 6.56
CA THR Y 167 23.41 37.49 5.48
C THR Y 167 24.49 36.56 6.00
N GLU Y 168 24.89 36.72 7.26
CA GLU Y 168 25.77 35.79 7.95
C GLU Y 168 25.00 34.67 8.64
N GLY Y 169 23.70 34.54 8.36
CA GLY Y 169 22.91 33.51 9.01
C GLY Y 169 23.40 32.12 8.72
N GLU Y 170 23.90 31.89 7.50
CA GLU Y 170 24.47 30.59 7.17
C GLU Y 170 25.73 30.32 8.00
N THR Y 171 26.52 31.37 8.24
CA THR Y 171 27.76 31.18 8.99
C THR Y 171 27.47 30.90 10.45
N GLN Y 172 26.50 31.62 11.02
CA GLN Y 172 26.11 31.37 12.41
C GLN Y 172 25.31 30.09 12.56
N ALA Y 173 24.76 29.56 11.46
CA ALA Y 173 24.16 28.24 11.49
C ALA Y 173 25.23 27.15 11.54
N VAL Y 174 26.36 27.39 10.89
CA VAL Y 174 27.49 26.46 10.94
C VAL Y 174 28.17 26.64 12.29
N ASN Z 3 52.17 18.33 42.07
CA ASN Z 3 53.06 19.43 41.72
C ASN Z 3 52.69 20.71 42.45
N ILE Z 4 53.68 21.56 42.67
CA ILE Z 4 53.50 22.88 43.24
C ILE Z 4 54.22 23.88 42.37
N GLY Z 5 53.64 25.07 42.28
CA GLY Z 5 54.28 26.13 41.51
C GLY Z 5 55.39 26.79 42.30
N ASN Z 6 56.51 26.99 41.62
CA ASN Z 6 57.64 27.67 42.22
C ASN Z 6 57.25 29.09 42.63
N LEU Z 7 57.98 29.63 43.59
CA LEU Z 7 57.72 30.95 44.11
C LEU Z 7 59.03 31.70 44.32
N SER Z 8 58.92 33.02 44.33
CA SER Z 8 60.06 33.87 44.58
C SER Z 8 60.39 33.94 46.06
N ALA Z 9 61.55 34.49 46.37
CA ALA Z 9 61.90 34.76 47.76
C ALA Z 9 60.99 35.83 48.33
N GLU Z 10 60.61 36.79 47.51
CA GLU Z 10 59.72 37.86 47.95
C GLU Z 10 58.34 37.27 48.22
N LYS Z 11 57.77 37.60 49.38
CA LYS Z 11 56.46 37.08 49.74
C LYS Z 11 55.63 38.16 50.39
N GLN Z 12 54.35 38.19 50.04
CA GLN Z 12 53.43 39.25 50.40
C GLN Z 12 52.55 38.77 51.55
N ILE Z 13 52.61 39.49 52.67
CA ILE Z 13 52.04 39.01 53.93
C ILE Z 13 51.35 40.16 54.64
N SER Z 14 50.79 39.85 55.81
CA SER Z 14 50.10 40.80 56.65
C SER Z 14 50.31 40.38 58.10
N LEU Z 15 50.88 41.27 58.90
CA LEU Z 15 51.28 40.93 60.26
C LEU Z 15 50.15 41.15 61.23
N TYR Z 16 50.31 40.61 62.42
CA TYR Z 16 49.30 40.78 63.46
C TYR Z 16 49.86 40.36 64.81
N ASP Z 17 48.96 40.30 65.79
CA ASP Z 17 49.32 40.07 67.19
C ASP Z 17 49.80 38.64 67.42
N GLY Z 18 48.94 37.67 67.16
CA GLY Z 18 49.24 36.29 67.48
C GLY Z 18 50.29 35.66 66.58
N GLN Z 19 51.51 36.16 66.69
CA GLN Z 19 52.67 35.63 65.99
C GLN Z 19 53.79 35.42 67.00
N PRO Z 20 54.78 34.61 66.67
CA PRO Z 20 55.82 34.31 67.67
C PRO Z 20 56.79 35.45 67.90
N PHE Z 21 57.28 36.04 66.82
CA PHE Z 21 58.40 36.97 66.93
C PHE Z 21 57.95 38.34 67.42
N ILE Z 22 56.73 38.75 67.04
CA ILE Z 22 56.14 39.93 67.64
C ILE Z 22 56.00 39.74 69.15
N SER Z 23 55.93 40.86 69.86
CA SER Z 23 55.67 40.85 71.29
C SER Z 23 54.73 41.99 71.64
N GLU Z 24 54.15 41.90 72.83
CA GLU Z 24 53.20 42.90 73.29
C GLU Z 24 53.26 42.98 74.81
N GLN Z 25 52.41 43.86 75.35
CA GLN Z 25 52.28 44.05 76.79
C GLN Z 25 51.12 45.00 77.03
N ASP Z 26 50.58 44.93 78.24
CA ASP Z 26 49.55 45.87 78.63
C ASP Z 26 50.17 47.23 78.93
N VAL Z 27 49.31 48.24 78.98
CA VAL Z 27 49.74 49.63 79.17
C VAL Z 27 48.71 50.32 80.06
N ALA Z 28 49.19 51.28 80.83
CA ALA Z 28 48.36 52.12 81.69
C ALA Z 28 48.33 53.53 81.13
N ALA Z 29 47.35 54.29 81.60
CA ALA Z 29 47.17 55.65 81.12
C ALA Z 29 48.33 56.55 81.53
N GLY Z 30 48.56 57.59 80.75
CA GLY Z 30 49.57 58.57 81.08
C GLY Z 30 50.97 58.01 81.10
N ASP Z 31 51.28 57.04 80.24
CA ASP Z 31 52.60 56.43 80.16
C ASP Z 31 52.92 56.17 78.70
N PRO Z 32 53.11 57.23 77.92
CA PRO Z 32 53.30 57.06 76.47
C PRO Z 32 54.55 56.29 76.12
N ASN Z 33 55.56 56.33 76.98
CA ASN Z 33 56.82 55.66 76.66
C ASN Z 33 56.72 54.15 76.74
N THR Z 34 55.61 53.59 77.21
CA THR Z 34 55.48 52.14 77.27
C THR Z 34 55.01 51.61 75.91
N PRO Z 35 55.82 50.83 75.19
CA PRO Z 35 55.32 50.25 73.93
C PRO Z 35 54.39 49.08 74.19
N ALA Z 36 53.20 49.15 73.58
CA ALA Z 36 52.26 48.04 73.67
C ALA Z 36 52.57 46.94 72.67
N LEU Z 37 53.33 47.24 71.62
CA LEU Z 37 53.75 46.25 70.66
C LEU Z 37 55.21 46.47 70.32
N THR Z 38 55.93 45.35 70.23
CA THR Z 38 57.36 45.33 70.01
C THR Z 38 57.62 44.32 68.91
N ILE Z 39 57.73 44.81 67.70
CA ILE Z 39 58.13 43.98 66.57
C ILE Z 39 59.64 43.86 66.60
N GLU Z 40 60.13 42.73 66.10
CA GLU Z 40 61.48 42.29 66.41
C GLU Z 40 61.97 41.44 65.26
N GLY Z 41 63.00 41.91 64.56
CA GLY Z 41 63.52 41.26 63.38
C GLY Z 41 63.87 39.80 63.59
N PRO Z 42 63.26 38.89 62.84
CA PRO Z 42 63.73 37.50 62.88
C PRO Z 42 65.07 37.35 62.18
N ASP Z 43 65.77 36.30 62.57
CA ASP Z 43 67.11 36.04 62.06
C ASP Z 43 67.04 35.48 60.65
N GLY Z 44 67.79 36.09 59.73
CA GLY Z 44 67.78 35.67 58.35
C GLY Z 44 66.50 35.97 57.63
N TYR Z 45 65.80 37.02 58.01
CA TYR Z 45 64.54 37.38 57.35
C TYR Z 45 64.43 38.90 57.37
N VAL Z 46 64.77 39.52 56.26
CA VAL Z 46 64.49 40.93 56.09
C VAL Z 46 63.04 41.11 55.70
N ILE Z 47 62.44 42.21 56.16
CA ILE Z 47 61.09 42.58 55.77
C ILE Z 47 61.11 44.01 55.25
N ALA Z 48 60.03 44.37 54.58
CA ALA Z 48 59.99 45.64 53.86
C ALA Z 48 58.57 46.14 53.77
N VAL Z 49 58.46 47.46 53.81
CA VAL Z 49 57.20 48.18 53.76
C VAL Z 49 57.40 49.35 52.80
N ASP Z 50 56.55 49.45 51.79
CA ASP Z 50 56.69 50.53 50.83
C ASP Z 50 56.07 51.79 51.41
N ALA Z 51 55.88 52.81 50.57
CA ALA Z 51 55.51 54.13 51.06
C ALA Z 51 54.17 54.12 51.78
N GLY Z 52 53.24 53.28 51.35
CA GLY Z 52 51.92 53.24 51.93
C GLY Z 52 51.40 51.84 52.12
N THR Z 53 51.03 51.50 53.36
CA THR Z 53 50.48 50.22 53.69
C THR Z 53 49.49 50.39 54.83
N PRO Z 54 48.40 49.63 54.84
CA PRO Z 54 47.38 49.83 55.86
C PRO Z 54 47.89 49.51 57.25
N ILE Z 55 47.13 49.97 58.25
CA ILE Z 55 47.29 49.57 59.63
C ILE Z 55 45.87 49.41 60.16
N ALA Z 56 45.70 48.49 61.10
CA ALA Z 56 44.45 48.31 61.84
C ALA Z 56 44.71 48.54 63.32
N PRO Z 57 44.91 49.78 63.73
CA PRO Z 57 45.31 50.02 65.12
C PRO Z 57 44.16 49.79 66.07
N GLU Z 58 43.83 48.53 66.29
CA GLU Z 58 42.75 48.16 67.20
C GLU Z 58 43.28 48.09 68.61
N PHE Z 59 42.96 49.12 69.40
CA PHE Z 59 43.52 49.29 70.73
C PHE Z 59 42.35 49.60 71.66
N ARG Z 60 41.79 48.57 72.25
CA ARG Z 60 40.58 48.68 73.05
C ARG Z 60 40.89 48.53 74.53
N ASP Z 61 39.85 48.75 75.32
CA ASP Z 61 39.89 48.66 76.76
C ASP Z 61 39.79 47.22 77.21
N SER Z 62 40.09 47.00 78.49
CA SER Z 62 39.78 45.73 79.14
C SER Z 62 38.34 45.33 78.91
N ASN Z 63 37.43 46.30 78.96
CA ASN Z 63 36.01 46.08 78.77
C ASN Z 63 35.61 46.10 77.29
N GLY Z 64 36.56 45.94 76.39
CA GLY Z 64 36.27 45.84 74.98
C GLY Z 64 35.69 47.11 74.41
N GLU Z 65 36.42 48.21 74.55
CA GLU Z 65 36.00 49.51 74.08
C GLU Z 65 37.21 50.26 73.59
N LYS Z 66 37.08 50.89 72.43
CA LYS Z 66 38.18 51.70 71.92
C LYS Z 66 38.46 52.82 72.89
N LEU Z 67 39.73 53.07 73.15
CA LEU Z 67 40.12 54.03 74.16
C LEU Z 67 39.76 55.44 73.68
N ASP Z 68 40.13 56.41 74.51
CA ASP Z 68 39.65 57.77 74.30
C ASP Z 68 40.12 58.29 72.94
N PRO Z 69 39.30 59.08 72.24
CA PRO Z 69 39.72 59.56 70.93
C PRO Z 69 40.92 60.47 71.01
N SER Z 70 41.15 61.09 72.16
CA SER Z 70 42.35 61.88 72.36
C SER Z 70 43.59 61.02 72.44
N THR Z 71 43.44 59.70 72.59
CA THR Z 71 44.57 58.79 72.55
C THR Z 71 45.30 58.94 71.22
N ARG Z 72 46.60 58.67 71.25
CA ARG Z 72 47.42 58.72 70.06
C ARG Z 72 48.28 57.49 69.95
N VAL Z 73 48.65 57.20 68.71
CA VAL Z 73 49.51 56.09 68.35
C VAL Z 73 50.70 56.64 67.59
N ILE Z 74 51.87 56.12 67.90
CA ILE Z 74 53.09 56.46 67.21
C ILE Z 74 53.80 55.16 66.93
N VAL Z 75 53.86 54.76 65.68
CA VAL Z 75 54.78 53.71 65.28
C VAL Z 75 56.15 54.34 65.20
N GLN Z 76 57.19 53.54 65.49
CA GLN Z 76 58.53 54.11 65.51
C GLN Z 76 59.56 53.02 65.32
N LYS Z 77 60.50 53.29 64.42
CA LYS Z 77 61.62 52.41 64.21
C LYS Z 77 62.56 52.46 65.41
N CYS Z 78 63.31 51.40 65.60
CA CYS Z 78 64.32 51.31 66.62
C CYS Z 78 65.42 50.40 66.10
N ASP Z 79 66.65 50.81 66.34
CA ASP Z 79 67.78 49.94 66.12
C ASP Z 79 67.84 48.96 67.29
N ARG Z 80 68.96 48.27 67.44
CA ARG Z 80 69.18 47.48 68.63
C ARG Z 80 69.37 48.42 69.82
N GLN Z 81 69.75 47.86 70.97
CA GLN Z 81 69.93 48.59 72.21
C GLN Z 81 68.62 49.07 72.80
N GLY Z 82 67.49 48.56 72.31
CA GLY Z 82 66.19 49.01 72.79
C GLY Z 82 66.00 50.49 72.66
N ASN Z 83 66.64 51.10 71.67
CA ASN Z 83 66.80 52.54 71.61
C ASN Z 83 65.80 53.10 70.60
N PRO Z 84 64.93 54.05 70.96
CA PRO Z 84 64.12 54.70 69.93
C PRO Z 84 64.98 55.53 69.01
N LEU Z 85 64.34 56.05 67.97
CA LEU Z 85 65.05 56.80 66.95
C LEU Z 85 64.08 57.75 66.27
N GLY Z 86 64.52 58.99 66.08
CA GLY Z 86 63.71 59.98 65.41
C GLY Z 86 63.90 59.93 63.92
N ASP Z 87 65.13 59.70 63.50
CA ASP Z 87 65.41 59.50 62.08
C ASP Z 87 64.88 58.14 61.68
N GLY Z 88 63.64 58.13 61.19
CA GLY Z 88 62.94 56.90 60.90
C GLY Z 88 61.77 56.71 61.84
N ILE Z 89 60.58 57.03 61.36
CA ILE Z 89 59.38 56.96 62.16
C ILE Z 89 58.19 56.99 61.23
N ILE Z 90 57.16 56.24 61.58
CA ILE Z 90 55.98 56.06 60.75
C ILE Z 90 54.75 56.28 61.61
N PHE Z 91 53.69 56.78 60.99
CA PHE Z 91 52.34 56.69 61.53
C PHE Z 91 52.25 57.33 62.92
N ASN Z 92 52.34 58.65 62.90
CA ASN Z 92 51.95 59.48 64.02
C ASN Z 92 50.50 59.89 63.79
N ASP Z 93 49.58 59.40 64.62
CA ASP Z 93 48.18 59.64 64.37
C ASP Z 93 47.42 59.46 65.68
N THR Z 94 46.15 59.84 65.67
CA THR Z 94 45.29 59.68 66.84
C THR Z 94 44.76 58.25 66.92
N LEU Z 95 43.78 58.05 67.80
CA LEU Z 95 43.06 56.79 67.93
C LEU Z 95 41.62 56.93 67.47
N GLY Z 96 40.86 57.85 68.06
CA GLY Z 96 39.43 57.88 67.83
C GLY Z 96 39.07 58.50 66.51
N ARG Z 97 39.60 57.89 65.46
CA ARG Z 97 39.47 58.36 64.10
C ARG Z 97 39.20 57.27 63.10
N PHE Z 98 39.52 56.03 63.38
CA PHE Z 98 39.67 55.07 62.30
C PHE Z 98 38.35 54.50 61.82
N ASN Z 99 37.35 54.39 62.67
CA ASN Z 99 36.11 53.67 62.35
C ASN Z 99 36.44 52.22 61.96
N TYR Z 100 36.90 51.53 63.00
CA TYR Z 100 37.44 50.17 62.96
C TYR Z 100 36.70 49.24 62.00
N ASN Z 101 35.39 49.19 62.21
CA ASN Z 101 34.53 48.16 61.65
C ASN Z 101 34.60 48.11 60.14
N LYS Z 102 34.81 49.25 59.51
CA LYS Z 102 34.91 49.36 58.06
C LYS Z 102 36.33 49.62 57.60
N MET Z 103 37.12 50.32 58.40
CA MET Z 103 38.46 50.68 57.97
C MET Z 103 39.37 49.49 57.81
N ARG Z 104 39.04 48.36 58.42
CA ARG Z 104 39.79 47.18 57.99
C ARG Z 104 39.48 46.76 56.56
N THR Z 105 38.44 47.31 55.94
CA THR Z 105 37.91 46.82 54.67
C THR Z 105 38.07 47.84 53.54
N ASP Z 106 37.52 49.04 53.71
CA ASP Z 106 37.32 49.91 52.58
C ASP Z 106 38.65 50.48 52.09
N PRO Z 107 38.77 50.80 50.80
CA PRO Z 107 39.98 51.50 50.34
C PRO Z 107 40.11 52.89 50.92
N ASP Z 108 39.02 53.49 51.40
CA ASP Z 108 39.04 54.93 51.65
C ASP Z 108 39.48 55.24 53.07
N TYR Z 109 38.81 54.66 54.06
CA TYR Z 109 39.30 54.74 55.43
C TYR Z 109 40.75 54.35 55.54
N MET Z 110 41.14 53.35 54.75
CA MET Z 110 42.42 52.65 54.84
C MET Z 110 43.59 53.60 55.00
N ARG Z 111 44.28 53.47 56.13
CA ARG Z 111 45.31 54.42 56.52
C ARG Z 111 46.68 53.89 56.22
N LYS Z 112 47.34 54.54 55.30
CA LYS Z 112 48.64 54.13 54.82
C LYS Z 112 49.73 54.86 55.59
N THR Z 113 50.96 54.43 55.35
CA THR Z 113 52.10 54.92 56.08
C THR Z 113 52.53 56.26 55.54
N ALA Z 114 53.54 56.83 56.19
CA ALA Z 114 54.12 58.09 55.75
C ALA Z 114 55.23 57.87 54.73
N LYS Z 115 55.99 56.80 54.90
CA LYS Z 115 57.09 56.50 54.00
C LYS Z 115 57.39 55.00 54.10
N SER Z 116 58.49 54.60 53.49
CA SER Z 116 58.84 53.20 53.37
C SER Z 116 59.63 52.78 54.62
N LEU Z 117 60.18 51.58 54.59
CA LEU Z 117 60.90 51.04 55.75
C LEU Z 117 61.62 49.77 55.34
N MET Z 118 62.69 49.47 56.08
CA MET Z 118 63.39 48.20 55.96
C MET Z 118 63.86 47.80 57.35
N VAL Z 119 63.96 46.48 57.56
CA VAL Z 119 64.20 45.91 58.87
C VAL Z 119 65.16 44.75 58.69
N ASP Z 120 66.37 44.88 59.20
CA ASP Z 120 67.38 43.84 59.06
C ASP Z 120 67.04 42.70 60.02
N GLU Z 121 67.96 41.74 60.11
CA GLU Z 121 67.70 40.49 60.81
C GLU Z 121 67.41 40.68 62.29
N ARG Z 122 67.85 41.79 62.88
CA ARG Z 122 67.47 42.14 64.25
C ARG Z 122 67.38 43.65 64.33
N GLU Z 123 66.18 44.16 64.13
CA GLU Z 123 65.89 45.56 64.36
C GLU Z 123 64.47 45.63 64.87
N ILE Z 124 64.23 46.58 65.76
CA ILE Z 124 63.02 46.60 66.55
C ILE Z 124 62.12 47.69 66.00
N VAL Z 125 60.82 47.51 66.19
CA VAL Z 125 59.86 48.56 65.94
C VAL Z 125 58.91 48.56 67.12
N LYS Z 126 58.46 49.74 67.51
CA LYS Z 126 57.66 49.91 68.70
C LYS Z 126 56.42 50.72 68.39
N VAL Z 127 55.40 50.49 69.20
CA VAL Z 127 54.11 51.13 69.06
C VAL Z 127 53.85 51.86 70.37
N PHE Z 128 54.23 53.13 70.43
CA PHE Z 128 53.96 53.93 71.60
C PHE Z 128 52.53 54.44 71.55
N VAL Z 129 51.93 54.54 72.72
CA VAL Z 129 50.49 54.79 72.86
C VAL Z 129 50.33 55.88 73.91
N ASP Z 130 50.02 57.09 73.45
CA ASP Z 130 49.82 58.23 74.34
C ASP Z 130 48.36 58.26 74.74
N VAL Z 131 48.06 57.63 75.86
CA VAL Z 131 46.80 57.87 76.57
C VAL Z 131 46.96 59.15 77.39
N PRO Z 132 45.99 60.08 77.36
CA PRO Z 132 46.25 61.40 77.95
C PRO Z 132 46.51 61.36 79.46
N ASP Z 133 45.52 60.90 80.22
CA ASP Z 133 45.64 60.57 81.63
C ASP Z 133 44.25 60.16 82.09
N GLY Z 134 44.19 59.55 83.27
CA GLY Z 134 42.93 59.28 83.94
C GLY Z 134 41.90 58.50 83.14
N ALA Z 135 42.34 57.85 82.07
CA ALA Z 135 41.46 57.11 81.17
C ALA Z 135 41.40 55.66 81.61
N ASN Z 136 40.81 54.82 80.78
CA ASN Z 136 40.83 53.39 81.01
C ASN Z 136 42.13 52.81 80.50
N GLY Z 137 42.66 51.84 81.24
CA GLY Z 137 43.89 51.21 80.85
C GLY Z 137 43.75 50.43 79.57
N TYR Z 138 44.89 49.92 79.11
CA TYR Z 138 44.96 49.14 77.89
C TYR Z 138 45.08 47.66 78.20
N ASP Z 139 44.43 46.83 77.37
CA ASP Z 139 44.70 45.41 77.31
C ASP Z 139 44.92 45.01 75.87
N ALA Z 140 45.63 43.89 75.70
CA ALA Z 140 46.03 43.39 74.39
C ALA Z 140 45.14 42.25 73.91
N GLU Z 141 44.75 41.36 74.82
CA GLU Z 141 43.91 40.22 74.45
C GLU Z 141 42.58 40.68 73.87
N ARG Z 142 42.07 41.81 74.33
CA ARG Z 142 40.89 42.44 73.75
C ARG Z 142 41.25 43.41 72.65
N SER Z 143 42.41 43.22 72.02
CA SER Z 143 42.91 44.15 71.02
C SER Z 143 43.64 43.36 69.95
N ARG Z 144 43.90 44.05 68.85
CA ARG Z 144 44.60 43.48 67.71
C ARG Z 144 45.49 44.57 67.14
N PHE Z 145 46.10 44.27 66.00
CA PHE Z 145 46.92 45.21 65.26
C PHE Z 145 47.30 44.52 63.96
N THR Z 146 47.46 45.28 62.90
CA THR Z 146 47.90 44.73 61.62
C THR Z 146 48.73 45.77 60.88
N LEU Z 147 49.25 45.35 59.73
CA LEU Z 147 50.09 46.22 58.92
C LEU Z 147 49.89 46.07 57.42
N GLY Z 148 49.07 45.14 56.93
CA GLY Z 148 49.03 44.87 55.51
C GLY Z 148 47.70 44.35 55.04
N ASP Z 149 47.55 44.36 53.71
CA ASP Z 149 46.38 43.85 53.01
C ASP Z 149 46.90 42.98 51.88
N ASP Z 150 47.11 41.71 52.17
CA ASP Z 150 47.69 40.77 51.23
C ASP Z 150 46.67 39.89 50.54
N THR Z 151 45.53 39.65 51.17
CA THR Z 151 44.49 38.83 50.55
C THR Z 151 43.82 39.57 49.41
N SER Z 152 43.65 40.88 49.55
CA SER Z 152 42.81 41.64 48.64
C SER Z 152 43.55 41.93 47.34
N ASP Z 153 42.97 42.82 46.54
CA ASP Z 153 43.48 43.16 45.22
C ASP Z 153 43.82 44.63 45.06
N PHE Z 154 43.32 45.52 45.92
CA PHE Z 154 43.66 46.93 45.85
C PHE Z 154 44.71 47.33 46.88
N GLY Z 155 44.74 46.67 48.03
CA GLY Z 155 45.65 47.07 49.07
C GLY Z 155 47.05 46.51 48.92
N LYS Z 156 47.96 47.08 49.70
CA LYS Z 156 49.35 46.66 49.72
C LYS Z 156 49.59 45.62 50.81
N ALA Z 157 50.82 45.09 50.81
CA ALA Z 157 51.18 44.04 51.72
C ALA Z 157 52.66 44.17 52.09
N VAL Z 158 53.03 43.51 53.17
CA VAL Z 158 54.41 43.52 53.63
C VAL Z 158 55.21 42.52 52.82
N GLU Z 159 56.44 42.87 52.49
CA GLU Z 159 57.26 42.07 51.60
C GLU Z 159 58.42 41.49 52.40
N ILE Z 160 58.41 40.18 52.58
CA ILE Z 160 59.47 39.49 53.31
C ILE Z 160 60.39 38.78 52.33
N VAL Z 161 61.66 38.71 52.71
CA VAL Z 161 62.69 37.99 51.95
C VAL Z 161 63.59 37.29 52.95
N ASP Z 162 64.06 36.11 52.57
CA ASP Z 162 65.08 35.40 53.32
C ASP Z 162 66.44 35.94 52.94
N HIS Z 163 67.26 36.23 53.96
CA HIS Z 163 68.53 36.91 53.73
C HIS Z 163 69.47 36.09 52.87
N ASP Z 164 69.33 34.76 52.88
CA ASP Z 164 70.26 33.91 52.15
C ASP Z 164 70.11 34.08 50.64
N ASP Z 165 68.94 34.50 50.17
CA ASP Z 165 68.61 34.52 48.76
C ASP Z 165 69.00 35.83 48.09
N LEU Z 166 70.00 36.53 48.61
CA LEU Z 166 70.40 37.81 48.06
C LEU Z 166 71.91 37.95 48.07
N THR Z 167 72.38 38.90 47.25
CA THR Z 167 73.76 39.33 47.22
C THR Z 167 73.94 40.78 47.63
N GLU Z 168 72.85 41.52 47.83
CA GLU Z 168 72.86 42.88 48.32
C GLU Z 168 72.64 42.96 49.83
N GLY Z 169 72.66 41.81 50.51
CA GLY Z 169 72.42 41.81 51.95
C GLY Z 169 73.47 42.61 52.70
N GLU Z 170 74.72 42.56 52.24
CA GLU Z 170 75.74 43.39 52.86
C GLU Z 170 75.43 44.86 52.68
N THR Z 171 74.89 45.24 51.52
CA THR Z 171 74.56 46.63 51.27
C THR Z 171 73.46 47.09 52.21
N GLN Z 172 72.39 46.30 52.31
CA GLN Z 172 71.32 46.66 53.22
C GLN Z 172 71.77 46.64 54.68
N ALA Z 173 72.75 45.80 55.00
CA ALA Z 173 73.32 45.81 56.34
C ALA Z 173 74.04 47.12 56.60
N VAL Z 174 74.75 47.64 55.59
CA VAL Z 174 75.40 48.94 55.74
C VAL Z 174 74.35 50.03 55.86
N LYS Z 175 73.22 49.88 55.17
CA LYS Z 175 72.12 50.84 55.31
C LYS Z 175 71.63 50.89 56.75
N SER Z 176 71.21 49.74 57.28
CA SER Z 176 70.72 49.66 58.65
C SER Z 176 69.52 50.56 58.87
N ASN AA 3 5.82 15.06 2.65
CA ASN AA 3 6.24 14.67 1.31
C ASN AA 3 6.16 13.16 1.12
N ILE AA 4 6.01 12.75 -0.14
CA ILE AA 4 5.96 11.35 -0.52
C ILE AA 4 6.93 11.16 -1.69
N GLY AA 5 7.52 9.98 -1.76
CA GLY AA 5 8.46 9.67 -2.81
C GLY AA 5 7.77 9.28 -4.10
N ASN AA 6 8.43 9.60 -5.20
CA ASN AA 6 7.98 9.16 -6.51
C ASN AA 6 8.13 7.64 -6.61
N LEU AA 7 7.32 7.05 -7.48
CA LEU AA 7 7.36 5.62 -7.73
C LEU AA 7 7.14 5.35 -9.20
N SER AA 8 7.70 4.24 -9.64
CA SER AA 8 7.57 3.82 -11.02
C SER AA 8 6.19 3.21 -11.27
N ALA AA 9 5.88 3.01 -12.54
CA ALA AA 9 4.66 2.31 -12.90
C ALA AA 9 4.74 0.86 -12.45
N GLU AA 10 5.92 0.27 -12.56
CA GLU AA 10 6.12 -1.09 -12.08
C GLU AA 10 5.95 -1.12 -10.57
N LYS AA 11 5.11 -2.04 -10.10
CA LYS AA 11 4.83 -2.18 -8.68
C LYS AA 11 4.87 -3.65 -8.30
N GLN AA 12 5.31 -3.89 -7.08
CA GLN AA 12 5.63 -5.23 -6.60
C GLN AA 12 4.59 -5.63 -5.57
N ILE AA 13 3.88 -6.71 -5.85
CA ILE AA 13 2.72 -7.11 -5.07
C ILE AA 13 2.77 -8.61 -4.83
N SER AA 14 1.71 -9.13 -4.23
CA SER AA 14 1.54 -10.56 -4.03
C SER AA 14 0.05 -10.85 -3.97
N LEU AA 15 -0.40 -11.77 -4.82
CA LEU AA 15 -1.81 -12.05 -4.97
C LEU AA 15 -2.27 -13.07 -3.95
N TYR AA 16 -3.58 -13.16 -3.78
CA TYR AA 16 -4.14 -14.10 -2.82
C TYR AA 16 -5.64 -14.19 -3.04
N ASP AA 17 -6.30 -14.92 -2.15
CA ASP AA 17 -7.71 -15.23 -2.27
C ASP AA 17 -8.57 -13.98 -2.15
N GLY AA 18 -8.51 -13.32 -1.00
CA GLY AA 18 -9.38 -12.20 -0.72
C GLY AA 18 -9.07 -10.94 -1.49
N GLN AA 19 -9.18 -11.02 -2.81
CA GLN AA 19 -9.12 -9.88 -3.70
C GLN AA 19 -10.36 -9.93 -4.59
N PRO AA 20 -10.74 -8.80 -5.18
CA PRO AA 20 -11.98 -8.80 -5.97
C PRO AA 20 -11.86 -9.46 -7.34
N PHE AA 21 -10.79 -9.13 -8.06
CA PHE AA 21 -10.70 -9.54 -9.46
C PHE AA 21 -10.38 -11.02 -9.60
N ILE AA 22 -9.64 -11.58 -8.65
CA ILE AA 22 -9.55 -13.01 -8.55
C ILE AA 22 -10.94 -13.58 -8.27
N SER AA 23 -11.10 -14.87 -8.54
CA SER AA 23 -12.31 -15.60 -8.21
C SER AA 23 -11.93 -16.94 -7.62
N GLU AA 24 -12.93 -17.67 -7.15
CA GLU AA 24 -12.71 -19.02 -6.65
C GLU AA 24 -14.03 -19.77 -6.63
N GLN AA 25 -13.96 -21.00 -6.12
CA GLN AA 25 -15.14 -21.84 -5.95
C GLN AA 25 -14.71 -23.08 -5.18
N ASP AA 26 -15.71 -23.82 -4.72
CA ASP AA 26 -15.46 -25.10 -4.09
C ASP AA 26 -15.42 -26.20 -5.14
N VAL AA 27 -14.84 -27.33 -4.75
CA VAL AA 27 -14.52 -28.41 -5.67
C VAL AA 27 -14.83 -29.74 -4.98
N ALA AA 28 -15.17 -30.73 -5.79
CA ALA AA 28 -15.40 -32.10 -5.32
C ALA AA 28 -14.27 -33.00 -5.78
N ALA AA 29 -14.16 -34.14 -5.11
CA ALA AA 29 -13.14 -35.11 -5.49
C ALA AA 29 -13.44 -35.69 -6.87
N GLY AA 30 -12.38 -36.10 -7.55
CA GLY AA 30 -12.52 -36.70 -8.86
C GLY AA 30 -13.05 -35.76 -9.91
N ASP AA 31 -12.75 -34.47 -9.79
CA ASP AA 31 -13.16 -33.45 -10.76
C ASP AA 31 -12.00 -32.50 -10.98
N PRO AA 32 -11.07 -32.85 -11.87
CA PRO AA 32 -9.95 -31.93 -12.11
C PRO AA 32 -10.38 -30.67 -12.82
N ASN AA 33 -11.21 -30.78 -13.86
CA ASN AA 33 -11.48 -29.68 -14.77
C ASN AA 33 -12.36 -28.59 -14.17
N THR AA 34 -12.74 -28.69 -12.91
CA THR AA 34 -13.45 -27.62 -12.23
C THR AA 34 -12.42 -26.74 -11.50
N PRO AA 35 -12.01 -25.61 -12.07
CA PRO AA 35 -10.92 -24.85 -11.44
C PRO AA 35 -11.35 -24.23 -10.13
N ALA AA 36 -10.43 -24.28 -9.16
CA ALA AA 36 -10.69 -23.72 -7.84
C ALA AA 36 -10.35 -22.26 -7.74
N LEU AA 37 -9.41 -21.79 -8.56
CA LEU AA 37 -9.07 -20.38 -8.62
C LEU AA 37 -9.03 -19.93 -10.07
N THR AA 38 -9.62 -18.77 -10.31
CA THR AA 38 -9.79 -18.21 -11.65
C THR AA 38 -9.37 -16.75 -11.57
N ILE AA 39 -8.14 -16.48 -11.91
CA ILE AA 39 -7.64 -15.12 -11.98
C ILE AA 39 -8.02 -14.54 -13.33
N GLU AA 40 -8.43 -13.28 -13.32
CA GLU AA 40 -8.89 -12.58 -14.51
C GLU AA 40 -8.17 -11.25 -14.61
N GLY AA 41 -7.63 -10.97 -15.78
CA GLY AA 41 -6.92 -9.73 -16.01
C GLY AA 41 -7.79 -8.50 -15.81
N PRO AA 42 -7.37 -7.54 -14.99
CA PRO AA 42 -8.06 -6.26 -14.95
C PRO AA 42 -7.73 -5.39 -16.14
N ASP AA 43 -8.67 -4.50 -16.45
CA ASP AA 43 -8.56 -3.66 -17.62
C ASP AA 43 -7.52 -2.57 -17.41
N GLY AA 44 -6.64 -2.40 -18.39
CA GLY AA 44 -5.57 -1.44 -18.27
C GLY AA 44 -4.57 -1.78 -17.20
N TYR AA 45 -4.36 -3.06 -16.93
CA TYR AA 45 -3.40 -3.50 -15.93
C TYR AA 45 -2.80 -4.81 -16.39
N VAL AA 46 -1.67 -4.73 -17.04
CA VAL AA 46 -0.88 -5.93 -17.32
C VAL AA 46 -0.18 -6.34 -16.04
N ILE AA 47 0.05 -7.65 -15.89
CA ILE AA 47 0.86 -8.17 -14.81
C ILE AA 47 1.90 -9.08 -15.43
N ALA AA 48 2.89 -9.44 -14.62
CA ALA AA 48 4.04 -10.16 -15.15
C ALA AA 48 4.70 -10.95 -14.05
N VAL AA 49 5.28 -12.07 -14.47
CA VAL AA 49 5.91 -13.04 -13.59
C VAL AA 49 7.20 -13.47 -14.26
N ASP AA 50 8.31 -13.41 -13.52
CA ASP AA 50 9.59 -13.80 -14.09
C ASP AA 50 9.69 -15.32 -14.06
N ALA AA 51 10.89 -15.85 -14.33
CA ALA AA 51 11.05 -17.29 -14.54
C ALA AA 51 10.72 -18.09 -13.30
N GLY AA 52 10.83 -17.49 -12.12
CA GLY AA 52 10.55 -18.18 -10.88
C GLY AA 52 9.96 -17.29 -9.83
N THR AA 53 8.80 -17.66 -9.32
CA THR AA 53 8.16 -16.95 -8.24
C THR AA 53 7.47 -17.96 -7.34
N PRO AA 54 7.51 -17.78 -6.03
CA PRO AA 54 6.94 -18.78 -5.14
C PRO AA 54 5.44 -18.88 -5.30
N ILE AA 55 4.91 -19.97 -4.75
CA ILE AA 55 3.48 -20.15 -4.55
C ILE AA 55 3.35 -20.69 -3.13
N ALA AA 56 2.20 -20.43 -2.50
CA ALA AA 56 1.84 -21.02 -1.22
C ALA AA 56 0.53 -21.78 -1.39
N PRO AA 57 0.55 -22.89 -2.10
CA PRO AA 57 -0.69 -23.54 -2.50
C PRO AA 57 -1.39 -24.19 -1.32
N GLU AA 58 -1.93 -23.37 -0.44
CA GLU AA 58 -2.73 -23.88 0.67
C GLU AA 58 -4.06 -24.36 0.16
N PHE AA 59 -4.31 -25.66 0.30
CA PHE AA 59 -5.52 -26.29 -0.20
C PHE AA 59 -5.95 -27.31 0.86
N ARG AA 60 -6.82 -26.89 1.76
CA ARG AA 60 -7.24 -27.67 2.90
C ARG AA 60 -8.69 -28.13 2.73
N ASP AA 61 -9.12 -28.92 3.70
CA ASP AA 61 -10.43 -29.54 3.76
C ASP AA 61 -11.44 -28.60 4.40
N SER AA 62 -12.72 -28.97 4.30
CA SER AA 62 -13.75 -28.42 5.18
C SER AA 62 -13.31 -28.45 6.63
N ASN AA 63 -12.67 -29.55 7.03
CA ASN AA 63 -12.11 -29.73 8.36
C ASN AA 63 -10.71 -29.08 8.51
N GLY AA 64 -10.34 -28.19 7.60
CA GLY AA 64 -9.09 -27.46 7.74
C GLY AA 64 -7.86 -28.34 7.67
N GLU AA 65 -7.92 -29.39 6.86
CA GLU AA 65 -6.85 -30.36 6.72
C GLU AA 65 -6.41 -30.42 5.27
N LYS AA 66 -5.11 -30.50 5.06
CA LYS AA 66 -4.61 -30.59 3.69
C LYS AA 66 -5.04 -31.90 3.09
N LEU AA 67 -5.49 -31.83 1.84
CA LEU AA 67 -6.01 -32.99 1.17
C LEU AA 67 -4.88 -33.96 0.86
N ASP AA 68 -5.21 -35.04 0.16
CA ASP AA 68 -4.31 -36.17 0.08
C ASP AA 68 -3.01 -35.80 -0.63
N PRO AA 69 -1.90 -36.40 -0.24
CA PRO AA 69 -0.63 -36.10 -0.92
C PRO AA 69 -0.65 -36.47 -2.38
N SER AA 70 -1.41 -37.50 -2.74
CA SER AA 70 -1.57 -37.87 -4.14
C SER AA 70 -2.26 -36.81 -4.96
N THR AA 71 -2.90 -35.83 -4.32
CA THR AA 71 -3.50 -34.71 -5.01
C THR AA 71 -2.46 -34.01 -5.88
N ARG AA 72 -2.93 -33.38 -6.94
CA ARG AA 72 -2.09 -32.61 -7.83
C ARG AA 72 -2.72 -31.26 -8.10
N VAL AA 73 -1.85 -30.27 -8.31
CA VAL AA 73 -2.26 -28.91 -8.65
C VAL AA 73 -1.65 -28.58 -9.99
N ILE AA 74 -2.41 -27.84 -10.79
CA ILE AA 74 -1.97 -27.41 -12.11
C ILE AA 74 -2.38 -25.96 -12.25
N VAL AA 75 -1.41 -25.08 -12.26
CA VAL AA 75 -1.62 -23.72 -12.75
C VAL AA 75 -1.62 -23.80 -14.27
N GLN AA 76 -2.42 -22.96 -14.90
CA GLN AA 76 -2.56 -23.04 -16.35
C GLN AA 76 -3.01 -21.70 -16.89
N LYS AA 77 -2.41 -21.32 -18.02
CA LYS AA 77 -2.79 -20.11 -18.72
C LYS AA 77 -4.03 -20.36 -19.58
N CYS AA 78 -4.75 -19.28 -19.85
CA CYS AA 78 -5.95 -19.33 -20.66
C CYS AA 78 -6.11 -17.98 -21.31
N ASP AA 79 -6.55 -17.97 -22.56
CA ASP AA 79 -6.98 -16.72 -23.17
C ASP AA 79 -8.38 -16.44 -22.63
N ARG AA 80 -9.10 -15.52 -23.26
CA ARG AA 80 -10.46 -15.25 -22.86
C ARG AA 80 -11.32 -16.45 -23.28
N GLN AA 81 -12.64 -16.32 -23.13
CA GLN AA 81 -13.61 -17.38 -23.35
C GLN AA 81 -13.50 -18.49 -22.31
N GLY AA 82 -12.68 -18.33 -21.28
CA GLY AA 82 -12.46 -19.40 -20.33
C GLY AA 82 -11.85 -20.61 -20.95
N ASN AA 83 -11.12 -20.44 -22.05
CA ASN AA 83 -10.64 -21.57 -22.82
C ASN AA 83 -9.31 -22.04 -22.26
N PRO AA 84 -9.18 -23.29 -21.82
CA PRO AA 84 -7.87 -23.78 -21.39
C PRO AA 84 -6.90 -23.79 -22.55
N LEU AA 85 -5.62 -23.92 -22.18
CA LEU AA 85 -4.53 -23.82 -23.14
C LEU AA 85 -3.33 -24.53 -22.57
N GLY AA 86 -2.64 -25.28 -23.43
CA GLY AA 86 -1.54 -26.12 -22.96
C GLY AA 86 -0.19 -25.48 -23.13
N ASP AA 87 0.10 -25.00 -24.34
CA ASP AA 87 1.35 -24.32 -24.58
C ASP AA 87 1.30 -23.03 -23.79
N GLY AA 88 1.96 -23.05 -22.64
CA GLY AA 88 1.72 -22.08 -21.59
C GLY AA 88 1.08 -22.79 -20.43
N ILE AA 89 1.90 -23.16 -19.46
CA ILE AA 89 1.45 -23.88 -18.28
C ILE AA 89 2.53 -23.81 -17.23
N ILE AA 90 2.12 -23.75 -15.97
CA ILE AA 90 3.02 -23.56 -14.85
C ILE AA 90 2.64 -24.53 -13.76
N PHE AA 91 3.63 -24.94 -12.97
CA PHE AA 91 3.42 -25.57 -11.67
C PHE AA 91 2.58 -26.85 -11.80
N ASN AA 92 3.22 -27.83 -12.44
CA ASN AA 92 2.70 -29.18 -12.52
C ASN AA 92 3.26 -29.94 -11.32
N ASP AA 93 2.44 -30.13 -10.29
CA ASP AA 93 2.94 -30.52 -8.99
C ASP AA 93 1.91 -31.35 -8.25
N THR AA 94 2.41 -32.14 -7.31
CA THR AA 94 1.58 -32.80 -6.32
C THR AA 94 1.32 -31.86 -5.15
N LEU AA 95 0.50 -32.32 -4.21
CA LEU AA 95 0.17 -31.59 -3.01
C LEU AA 95 1.06 -31.99 -1.85
N GLY AA 96 1.36 -33.27 -1.71
CA GLY AA 96 2.01 -33.75 -0.51
C GLY AA 96 3.50 -33.53 -0.51
N ARG AA 97 3.91 -32.29 -0.77
CA ARG AA 97 5.31 -31.99 -1.00
C ARG AA 97 5.75 -30.64 -0.46
N PHE AA 98 4.86 -29.87 0.16
CA PHE AA 98 5.15 -28.46 0.42
C PHE AA 98 5.63 -28.17 1.83
N ASN AA 99 5.01 -28.75 2.85
CA ASN AA 99 5.28 -28.38 4.23
C ASN AA 99 4.98 -26.90 4.44
N TYR AA 100 3.68 -26.62 4.32
CA TYR AA 100 3.08 -25.29 4.29
C TYR AA 100 3.72 -24.32 5.26
N ASN AA 101 3.71 -24.76 6.51
CA ASN AA 101 3.99 -23.92 7.67
C ASN AA 101 5.41 -23.37 7.65
N LYS AA 102 6.30 -23.98 6.88
CA LYS AA 102 7.66 -23.50 6.65
C LYS AA 102 7.87 -22.93 5.27
N MET AA 103 7.30 -23.58 4.26
CA MET AA 103 7.56 -23.23 2.88
C MET AA 103 7.05 -21.85 2.51
N ARG AA 104 6.09 -21.31 3.26
CA ARG AA 104 5.75 -19.91 3.00
C ARG AA 104 6.93 -18.96 3.23
N THR AA 105 7.92 -19.40 4.00
CA THR AA 105 8.92 -18.54 4.59
C THR AA 105 10.33 -18.88 4.16
N ASP AA 106 10.65 -20.16 4.08
CA ASP AA 106 12.04 -20.57 3.90
C ASP AA 106 12.46 -20.48 2.45
N PRO AA 107 13.77 -20.32 2.17
CA PRO AA 107 14.25 -20.42 0.79
C PRO AA 107 14.31 -21.84 0.24
N ASP AA 108 14.67 -22.81 1.07
CA ASP AA 108 14.87 -24.15 0.53
C ASP AA 108 13.55 -24.83 0.26
N TYR AA 109 12.60 -24.72 1.18
CA TYR AA 109 11.26 -25.23 0.95
C TYR AA 109 10.49 -24.44 -0.10
N MET AA 110 10.98 -23.26 -0.47
CA MET AA 110 10.33 -22.44 -1.47
C MET AA 110 10.24 -23.17 -2.79
N ARG AA 111 9.16 -22.89 -3.54
CA ARG AA 111 8.89 -23.56 -4.81
C ARG AA 111 8.43 -22.53 -5.82
N LYS AA 112 9.28 -22.30 -6.81
CA LYS AA 112 9.05 -21.27 -7.79
C LYS AA 112 8.29 -21.85 -8.98
N THR AA 113 8.10 -21.05 -10.01
CA THR AA 113 7.34 -21.44 -11.18
C THR AA 113 8.21 -22.27 -12.12
N ALA AA 114 7.70 -22.53 -13.31
CA ALA AA 114 8.43 -23.17 -14.39
C ALA AA 114 9.13 -22.15 -15.26
N LYS AA 115 8.39 -21.13 -15.67
CA LYS AA 115 8.90 -20.13 -16.59
C LYS AA 115 8.21 -18.80 -16.30
N SER AA 116 8.40 -17.85 -17.20
CA SER AA 116 7.83 -16.53 -17.05
C SER AA 116 6.40 -16.54 -17.56
N LEU AA 117 5.76 -15.37 -17.52
CA LEU AA 117 4.36 -15.27 -17.89
C LEU AA 117 3.97 -13.80 -17.98
N MET AA 118 2.95 -13.54 -18.79
CA MET AA 118 2.36 -12.22 -18.89
C MET AA 118 0.87 -12.39 -19.11
N VAL AA 119 0.11 -11.37 -18.72
CA VAL AA 119 -1.34 -11.43 -18.66
C VAL AA 119 -1.87 -10.09 -19.14
N ASP AA 120 -2.60 -10.11 -20.25
CA ASP AA 120 -3.05 -8.87 -20.86
C ASP AA 120 -4.17 -8.26 -20.02
N GLU AA 121 -4.80 -7.22 -20.55
CA GLU AA 121 -5.87 -6.53 -19.84
C GLU AA 121 -7.00 -7.48 -19.46
N ARG AA 122 -7.18 -8.57 -20.20
CA ARG AA 122 -8.09 -9.62 -19.80
C ARG AA 122 -7.57 -10.93 -20.38
N GLU AA 123 -6.94 -11.72 -19.55
CA GLU AA 123 -6.73 -13.13 -19.82
C GLU AA 123 -7.06 -13.87 -18.54
N ILE AA 124 -7.17 -15.19 -18.65
CA ILE AA 124 -7.59 -15.99 -17.52
C ILE AA 124 -6.43 -16.90 -17.14
N VAL AA 125 -6.33 -17.16 -15.85
CA VAL AA 125 -5.43 -18.18 -15.33
C VAL AA 125 -6.24 -19.04 -14.39
N LYS AA 126 -6.06 -20.35 -14.51
CA LYS AA 126 -6.86 -21.31 -13.78
C LYS AA 126 -5.96 -22.19 -12.94
N VAL AA 127 -6.52 -22.64 -11.83
CA VAL AA 127 -5.87 -23.58 -10.93
C VAL AA 127 -6.77 -24.81 -10.90
N PHE AA 128 -6.36 -25.83 -11.62
CA PHE AA 128 -7.05 -27.10 -11.60
C PHE AA 128 -6.43 -27.98 -10.54
N VAL AA 129 -7.26 -28.83 -9.95
CA VAL AA 129 -6.90 -29.58 -8.75
C VAL AA 129 -7.39 -31.01 -8.95
N ASP AA 130 -6.46 -31.92 -9.22
CA ASP AA 130 -6.77 -33.33 -9.33
C ASP AA 130 -6.78 -33.91 -7.93
N VAL AA 131 -7.98 -34.09 -7.39
CA VAL AA 131 -8.19 -34.88 -6.17
C VAL AA 131 -8.53 -36.29 -6.63
N PRO AA 132 -7.60 -37.24 -6.63
CA PRO AA 132 -7.88 -38.53 -7.26
C PRO AA 132 -8.96 -39.33 -6.56
N ASP AA 133 -8.84 -39.50 -5.25
CA ASP AA 133 -9.73 -40.43 -4.57
C ASP AA 133 -9.59 -40.25 -3.06
N GLY AA 134 -10.57 -40.81 -2.34
CA GLY AA 134 -10.45 -40.99 -0.91
C GLY AA 134 -10.22 -39.71 -0.15
N ALA AA 135 -10.76 -38.60 -0.65
CA ALA AA 135 -10.56 -37.29 -0.05
C ALA AA 135 -11.91 -36.66 0.25
N ASN AA 136 -11.85 -35.66 1.13
CA ASN AA 136 -13.01 -34.88 1.45
C ASN AA 136 -13.18 -33.76 0.43
N GLY AA 137 -14.40 -33.24 0.36
CA GLY AA 137 -14.67 -32.13 -0.54
C GLY AA 137 -13.84 -30.91 -0.18
N TYR AA 138 -13.29 -30.29 -1.21
CA TYR AA 138 -12.45 -29.11 -1.00
C TYR AA 138 -13.30 -27.90 -0.63
N ASP AA 139 -12.74 -27.02 0.19
CA ASP AA 139 -13.31 -25.72 0.49
C ASP AA 139 -12.24 -24.65 0.40
N ALA AA 140 -12.69 -23.42 0.18
CA ALA AA 140 -11.81 -22.29 -0.04
C ALA AA 140 -11.69 -21.35 1.15
N GLU AA 141 -12.76 -21.21 1.94
CA GLU AA 141 -12.67 -20.34 3.12
C GLU AA 141 -11.65 -20.86 4.11
N ARG AA 142 -11.46 -22.17 4.17
CA ARG AA 142 -10.43 -22.78 4.98
C ARG AA 142 -9.12 -22.92 4.24
N SER AA 143 -8.90 -22.11 3.20
CA SER AA 143 -7.72 -22.21 2.38
C SER AA 143 -7.33 -20.84 1.89
N ARG AA 144 -6.11 -20.76 1.37
CA ARG AA 144 -5.55 -19.53 0.84
C ARG AA 144 -4.74 -19.89 -0.39
N PHE AA 145 -4.03 -18.91 -0.92
CA PHE AA 145 -3.18 -19.09 -2.07
C PHE AA 145 -2.33 -17.85 -2.21
N THR AA 146 -1.15 -17.99 -2.80
CA THR AA 146 -0.32 -16.85 -3.11
C THR AA 146 0.42 -17.10 -4.41
N LEU AA 147 1.16 -16.10 -4.84
CA LEU AA 147 1.98 -16.20 -6.03
C LEU AA 147 3.32 -15.49 -5.92
N GLY AA 148 3.60 -14.79 -4.83
CA GLY AA 148 4.84 -14.04 -4.73
C GLY AA 148 5.17 -13.74 -3.28
N ASP AA 149 6.39 -13.24 -3.10
CA ASP AA 149 6.92 -12.88 -1.78
C ASP AA 149 7.57 -11.52 -1.94
N ASP AA 150 6.78 -10.47 -1.75
CA ASP AA 150 7.26 -9.11 -1.91
C ASP AA 150 7.74 -8.50 -0.60
N THR AA 151 7.13 -8.91 0.52
CA THR AA 151 7.57 -8.42 1.82
C THR AA 151 9.00 -8.85 2.11
N SER AA 152 9.36 -10.06 1.70
CA SER AA 152 10.66 -10.62 2.02
C SER AA 152 11.73 -9.91 1.22
N ASP AA 153 12.97 -10.41 1.34
CA ASP AA 153 14.13 -9.81 0.71
C ASP AA 153 14.86 -10.76 -0.23
N PHE AA 154 14.50 -12.05 -0.26
CA PHE AA 154 15.03 -12.99 -1.22
C PHE AA 154 13.99 -13.48 -2.22
N GLY AA 155 12.73 -13.57 -1.82
CA GLY AA 155 11.70 -14.06 -2.70
C GLY AA 155 11.25 -13.00 -3.69
N LYS AA 156 10.80 -13.47 -4.85
CA LYS AA 156 10.41 -12.59 -5.94
C LYS AA 156 9.00 -12.08 -5.69
N ALA AA 157 8.52 -11.27 -6.63
CA ALA AA 157 7.20 -10.68 -6.53
C ALA AA 157 6.65 -10.41 -7.91
N VAL AA 158 5.33 -10.37 -7.99
CA VAL AA 158 4.64 -10.02 -9.21
C VAL AA 158 5.03 -8.61 -9.62
N GLU AA 159 4.89 -8.33 -10.92
CA GLU AA 159 5.18 -7.01 -11.47
C GLU AA 159 3.94 -6.54 -12.22
N ILE AA 160 3.22 -5.61 -11.62
CA ILE AA 160 2.02 -5.03 -12.23
C ILE AA 160 2.41 -3.72 -12.91
N VAL AA 161 1.69 -3.40 -13.98
CA VAL AA 161 1.88 -2.17 -14.73
C VAL AA 161 0.53 -1.72 -15.24
N ASP AA 162 0.32 -0.41 -15.22
CA ASP AA 162 -0.82 0.21 -15.88
C ASP AA 162 -0.52 0.35 -17.36
N HIS AA 163 -1.48 -0.06 -18.19
CA HIS AA 163 -1.25 -0.14 -19.63
C HIS AA 163 -0.94 1.22 -20.25
N ASP AA 164 -1.30 2.32 -19.60
CA ASP AA 164 -1.14 3.63 -20.21
C ASP AA 164 0.29 4.14 -20.11
N ASP AA 165 1.03 3.74 -19.08
CA ASP AA 165 2.32 4.33 -18.81
C ASP AA 165 3.38 3.94 -19.82
N LEU AA 166 3.17 2.89 -20.59
CA LEU AA 166 4.21 2.34 -21.45
C LEU AA 166 4.18 2.96 -22.83
N THR AA 167 5.27 2.72 -23.57
CA THR AA 167 5.32 2.92 -25.00
C THR AA 167 5.36 1.61 -25.77
N GLU AA 168 5.82 0.54 -25.14
CA GLU AA 168 5.72 -0.81 -25.67
C GLU AA 168 4.50 -1.57 -25.15
N GLY AA 169 3.64 -0.91 -24.36
CA GLY AA 169 2.48 -1.58 -23.81
C GLY AA 169 1.55 -2.16 -24.87
N GLU AA 170 1.52 -1.54 -26.05
CA GLU AA 170 0.72 -2.09 -27.15
C GLU AA 170 1.36 -3.33 -27.73
N THR AA 171 2.68 -3.44 -27.66
CA THR AA 171 3.37 -4.59 -28.21
C THR AA 171 3.18 -5.82 -27.33
N GLN AA 172 3.11 -5.61 -26.02
CA GLN AA 172 2.96 -6.71 -25.07
C GLN AA 172 1.50 -7.11 -24.89
N ASN BA 3 44.27 -56.16 -0.71
CA ASN BA 3 45.23 -55.06 -0.77
C ASN BA 3 44.75 -53.89 0.09
N ILE BA 4 45.70 -53.04 0.48
CA ILE BA 4 45.43 -51.82 1.21
C ILE BA 4 46.15 -50.70 0.49
N GLY BA 5 45.56 -49.51 0.53
CA GLY BA 5 46.16 -48.34 -0.05
C GLY BA 5 47.06 -47.64 0.94
N ASN BA 6 48.16 -47.11 0.43
CA ASN BA 6 49.12 -46.40 1.26
C ASN BA 6 48.50 -45.12 1.81
N LEU BA 7 49.06 -44.64 2.92
CA LEU BA 7 48.60 -43.44 3.57
C LEU BA 7 49.78 -42.59 3.98
N SER BA 8 49.50 -41.30 4.16
CA SER BA 8 50.52 -40.36 4.57
C SER BA 8 50.74 -40.43 6.08
N ALA BA 9 51.77 -39.73 6.53
CA ALA BA 9 52.02 -39.63 7.97
C ALA BA 9 50.94 -38.82 8.64
N GLU BA 10 50.48 -37.77 7.99
CA GLU BA 10 49.42 -36.94 8.54
C GLU BA 10 48.14 -37.75 8.58
N LYS BA 11 47.49 -37.76 9.74
CA LYS BA 11 46.27 -38.52 9.91
C LYS BA 11 45.23 -37.68 10.63
N GLN BA 12 44.00 -37.81 10.18
CA GLN BA 12 42.90 -36.96 10.60
C GLN BA 12 42.06 -37.71 11.62
N ILE BA 13 41.89 -37.12 12.81
CA ILE BA 13 41.25 -37.77 13.93
C ILE BA 13 40.36 -36.77 14.66
N SER BA 14 39.73 -37.25 15.72
CA SER BA 14 38.85 -36.44 16.55
C SER BA 14 38.94 -36.98 17.97
N LEU BA 15 39.45 -36.15 18.87
CA LEU BA 15 39.71 -36.58 20.24
C LEU BA 15 38.43 -36.58 21.05
N TYR BA 16 38.50 -37.20 22.22
CA TYR BA 16 37.34 -37.25 23.10
C TYR BA 16 37.78 -37.74 24.48
N ASP BA 17 36.78 -37.96 25.34
CA ASP BA 17 37.03 -38.28 26.73
C ASP BA 17 37.66 -39.66 26.88
N GLY BA 18 36.97 -40.70 26.43
CA GLY BA 18 37.41 -42.05 26.65
C GLY BA 18 38.58 -42.49 25.80
N GLN BA 19 39.69 -41.80 25.95
CA GLN BA 19 40.98 -42.20 25.43
C GLN BA 19 41.95 -42.33 26.59
N PRO BA 20 43.05 -43.05 26.44
CA PRO BA 20 43.94 -43.23 27.59
C PRO BA 20 44.81 -42.01 27.89
N PHE BA 21 45.40 -41.42 26.85
CA PHE BA 21 46.41 -40.39 27.10
C PHE BA 21 45.80 -39.09 27.56
N ILE BA 22 44.57 -38.81 27.15
CA ILE BA 22 43.79 -37.78 27.81
C ILE BA 22 43.52 -38.19 29.25
N SER BA 23 43.23 -37.18 30.08
CA SER BA 23 42.86 -37.40 31.47
C SER BA 23 41.69 -36.49 31.82
N GLU BA 24 41.16 -36.67 33.03
CA GLU BA 24 40.03 -35.88 33.47
C GLU BA 24 39.94 -35.94 34.99
N GLN BA 25 38.95 -35.24 35.51
CA GLN BA 25 38.62 -35.28 36.93
C GLN BA 25 37.31 -34.53 37.13
N ASP BA 26 36.65 -34.81 38.24
CA ASP BA 26 35.47 -34.05 38.61
C ASP BA 26 35.88 -32.68 39.14
N VAL BA 27 34.90 -31.77 39.17
CA VAL BA 27 35.13 -30.38 39.56
C VAL BA 27 33.97 -29.92 40.40
N ALA BA 28 34.25 -29.01 41.32
CA ALA BA 28 33.26 -28.40 42.18
C ALA BA 28 33.05 -26.94 41.80
N ALA BA 29 31.99 -26.36 42.34
CA ALA BA 29 31.64 -24.99 42.00
C ALA BA 29 32.67 -24.01 42.56
N GLY BA 30 32.87 -22.92 41.82
CA GLY BA 30 33.76 -21.87 42.26
C GLY BA 30 35.18 -22.35 42.44
N ASP BA 31 35.75 -22.92 41.39
CA ASP BA 31 37.10 -23.45 41.44
C ASP BA 31 37.64 -23.50 40.02
N PRO BA 32 37.91 -22.34 39.41
CA PRO BA 32 38.29 -22.34 38.00
C PRO BA 32 39.64 -22.99 37.75
N ASN BA 33 40.56 -22.89 38.68
CA ASN BA 33 41.92 -23.40 38.47
C ASN BA 33 42.01 -24.92 38.48
N THR BA 34 40.92 -25.63 38.74
CA THR BA 34 40.91 -27.08 38.72
C THR BA 34 40.47 -27.56 37.34
N PRO BA 35 41.38 -28.02 36.47
CA PRO BA 35 40.95 -28.43 35.14
C PRO BA 35 40.18 -29.74 35.18
N ALA BA 36 39.14 -29.81 34.35
CA ALA BA 36 38.36 -31.03 34.20
C ALA BA 36 38.89 -31.95 33.13
N LEU BA 37 39.71 -31.43 32.21
CA LEU BA 37 40.36 -32.25 31.21
C LEU BA 37 41.80 -31.80 31.04
N THR BA 38 42.68 -32.79 30.94
CA THR BA 38 44.11 -32.60 30.83
C THR BA 38 44.58 -33.45 29.67
N ILE BA 39 44.62 -32.85 28.50
CA ILE BA 39 45.22 -33.50 27.34
C ILE BA 39 46.73 -33.39 27.50
N GLU BA 40 47.42 -34.40 26.99
CA GLU BA 40 48.84 -34.57 27.29
C GLU BA 40 49.49 -35.25 26.11
N GLY BA 41 50.52 -34.61 25.54
CA GLY BA 41 51.19 -35.11 24.37
C GLY BA 41 51.77 -36.49 24.58
N PRO BA 42 51.41 -37.47 23.74
CA PRO BA 42 52.15 -38.72 23.74
C PRO BA 42 53.53 -38.54 23.15
N ASP BA 43 54.38 -39.52 23.42
CA ASP BA 43 55.76 -39.47 23.00
C ASP BA 43 55.89 -40.02 21.58
N GLY BA 44 56.79 -39.40 20.81
CA GLY BA 44 56.91 -39.73 19.41
C GLY BA 44 55.69 -39.34 18.61
N TYR BA 45 55.04 -38.26 18.99
CA TYR BA 45 53.88 -37.76 18.27
C TYR BA 45 53.81 -36.26 18.36
N VAL BA 46 53.29 -35.65 17.32
CA VAL BA 46 52.88 -34.27 17.32
C VAL BA 46 51.45 -34.23 16.83
N ILE BA 47 50.67 -33.30 17.36
CA ILE BA 47 49.30 -33.08 16.92
C ILE BA 47 49.13 -31.61 16.62
N ALA BA 48 48.26 -31.33 15.66
CA ALA BA 48 48.13 -30.00 15.11
C ALA BA 48 46.66 -29.66 14.92
N VAL BA 49 46.38 -28.38 15.11
CA VAL BA 49 45.04 -27.81 15.03
C VAL BA 49 45.16 -26.52 14.24
N ASP BA 50 44.42 -26.41 13.15
CA ASP BA 50 44.50 -25.22 12.32
C ASP BA 50 43.69 -24.11 12.99
N ALA BA 51 43.46 -23.02 12.25
CA ALA BA 51 42.89 -21.81 12.84
C ALA BA 51 41.52 -22.05 13.43
N GLY BA 52 40.74 -22.95 12.84
CA GLY BA 52 39.40 -23.22 13.30
C GLY BA 52 39.05 -24.68 13.27
N THR BA 53 38.68 -25.23 14.42
CA THR BA 53 38.26 -26.60 14.55
C THR BA 53 37.17 -26.67 15.61
N PRO BA 54 36.15 -27.48 15.41
CA PRO BA 54 35.03 -27.48 16.35
C PRO BA 54 35.43 -27.99 17.72
N ILE BA 55 34.50 -27.80 18.65
CA ILE BA 55 34.54 -28.44 19.96
C ILE BA 55 33.11 -28.88 20.23
N ALA BA 56 32.96 -29.92 21.04
CA ALA BA 56 31.67 -30.35 21.56
C ALA BA 56 31.70 -30.28 23.09
N PRO BA 57 31.70 -29.10 23.65
CA PRO BA 57 31.97 -28.98 25.10
C PRO BA 57 30.77 -29.39 25.94
N GLU BA 58 30.45 -30.68 25.92
CA GLU BA 58 29.42 -31.20 26.80
C GLU BA 58 29.94 -31.25 28.23
N PHE BA 59 29.27 -30.52 29.11
CA PHE BA 59 29.68 -30.41 30.51
C PHE BA 59 28.40 -30.39 31.33
N ARG BA 60 27.97 -31.56 31.76
CA ARG BA 60 26.70 -31.72 32.44
C ARG BA 60 26.89 -31.94 33.93
N ASP BA 61 25.77 -31.93 34.63
CA ASP BA 61 25.70 -32.17 36.05
C ASP BA 61 25.73 -33.66 36.33
N SER BA 62 25.92 -34.01 37.61
CA SER BA 62 25.73 -35.38 38.06
C SER BA 62 24.37 -35.90 37.64
N ASN BA 63 23.35 -35.05 37.67
CA ASN BA 63 22.01 -35.37 37.23
C ASN BA 63 21.83 -35.17 35.72
N GLY BA 64 22.93 -35.12 34.97
CA GLY BA 64 22.87 -35.12 33.52
C GLY BA 64 22.20 -33.90 32.94
N GLU BA 65 22.54 -32.74 33.50
CA GLU BA 65 22.00 -31.47 33.07
C GLU BA 65 23.14 -30.50 32.83
N LYS BA 66 23.06 -29.75 31.73
CA LYS BA 66 24.11 -28.79 31.44
C LYS BA 66 24.12 -27.74 32.54
N LEU BA 67 25.31 -27.41 32.99
CA LEU BA 67 25.46 -26.53 34.13
C LEU BA 67 25.02 -25.12 33.75
N ASP BA 68 25.16 -24.21 34.69
CA ASP BA 68 24.54 -22.90 34.56
C ASP BA 68 25.09 -22.18 33.33
N PRO BA 69 24.27 -21.42 32.61
CA PRO BA 69 24.81 -20.69 31.46
C PRO BA 69 25.86 -19.68 31.84
N SER BA 70 25.85 -19.22 33.09
CA SER BA 70 26.91 -18.37 33.60
C SER BA 70 28.25 -19.09 33.66
N THR BA 71 28.23 -20.42 33.62
CA THR BA 71 29.46 -21.20 33.58
C THR BA 71 30.29 -20.77 32.38
N ARG BA 72 31.60 -20.94 32.50
CA ARG BA 72 32.52 -20.61 31.42
C ARG BA 72 33.54 -21.71 31.22
N VAL BA 73 34.00 -21.81 29.98
CA VAL BA 73 35.00 -22.76 29.56
C VAL BA 73 36.18 -21.97 29.02
N ILE BA 74 37.38 -22.43 29.37
CA ILE BA 74 38.61 -21.87 28.84
C ILE BA 74 39.49 -23.04 28.47
N VAL BA 75 39.75 -23.18 27.19
CA VAL BA 75 40.83 -24.06 26.76
C VAL BA 75 42.13 -23.29 26.91
N GLN BA 76 43.21 -23.99 27.21
CA GLN BA 76 44.46 -23.30 27.46
C GLN BA 76 45.63 -24.22 27.18
N LYS BA 77 46.57 -23.73 26.37
CA LYS BA 77 47.82 -24.43 26.17
C LYS BA 77 48.64 -24.37 27.44
N CYS BA 78 49.48 -25.36 27.61
CA CYS BA 78 50.42 -25.42 28.71
C CYS BA 78 51.68 -26.08 28.18
N ASP BA 79 52.80 -25.49 28.51
CA ASP BA 79 54.09 -26.10 28.21
C ASP BA 79 54.30 -27.25 29.20
N ARG BA 80 55.51 -27.74 29.28
CA ARG BA 80 55.85 -28.66 30.34
C ARG BA 80 55.81 -27.91 31.67
N GLN BA 81 56.20 -28.58 32.75
CA GLN BA 81 56.13 -28.12 34.13
C GLN BA 81 54.71 -28.05 34.66
N GLY BA 82 53.74 -28.58 33.92
CA GLY BA 82 52.36 -28.51 34.37
C GLY BA 82 51.90 -27.08 34.57
N ASN BA 83 52.40 -26.18 33.76
CA ASN BA 83 52.35 -24.76 34.00
C ASN BA 83 51.39 -24.10 33.02
N PRO BA 84 50.40 -23.33 33.47
CA PRO BA 84 49.57 -22.62 32.50
C PRO BA 84 50.36 -21.59 31.72
N LEU BA 85 49.77 -21.17 30.61
CA LEU BA 85 50.40 -20.20 29.73
C LEU BA 85 49.32 -19.30 29.14
N GLY BA 86 49.64 -18.02 29.02
CA GLY BA 86 48.70 -17.02 28.56
C GLY BA 86 48.92 -16.69 27.11
N ASP BA 87 50.17 -16.46 26.74
CA ASP BA 87 50.53 -16.32 25.33
C ASP BA 87 50.39 -17.69 24.70
N GLY BA 88 49.25 -17.91 24.06
CA GLY BA 88 48.84 -19.23 23.63
C GLY BA 88 47.64 -19.66 24.44
N ILE BA 89 46.46 -19.47 23.87
CA ILE BA 89 45.22 -19.81 24.54
C ILE BA 89 44.14 -19.85 23.49
N ILE BA 90 43.19 -20.75 23.69
CA ILE BA 90 42.14 -21.03 22.73
C ILE BA 90 40.81 -21.02 23.47
N PHE BA 91 39.77 -20.56 22.80
CA PHE BA 91 38.39 -20.86 23.17
C PHE BA 91 38.09 -20.44 24.60
N ASN BA 92 38.01 -19.14 24.78
CA ASN BA 92 37.33 -18.55 25.93
C ASN BA 92 35.87 -18.38 25.57
N ASP BA 93 34.99 -19.02 26.32
CA ASP BA 93 33.58 -19.00 25.99
C ASP BA 93 32.78 -19.26 27.25
N THR BA 94 31.48 -18.97 27.17
CA THR BA 94 30.57 -19.42 28.21
C THR BA 94 30.27 -20.89 28.02
N LEU BA 95 29.35 -21.39 28.83
CA LEU BA 95 28.71 -22.68 28.63
C LEU BA 95 27.34 -22.55 28.00
N GLY BA 96 26.63 -21.48 28.33
CA GLY BA 96 25.23 -21.41 27.99
C GLY BA 96 24.96 -20.94 26.59
N ARG BA 97 25.74 -21.43 25.63
CA ARG BA 97 25.73 -20.89 24.28
C ARG BA 97 25.80 -21.96 23.20
N PHE BA 98 25.85 -23.23 23.54
CA PHE BA 98 26.21 -24.22 22.52
C PHE BA 98 25.00 -24.83 21.82
N ASN BA 99 23.91 -25.12 22.53
CA ASN BA 99 22.79 -25.83 21.96
C ASN BA 99 23.27 -27.19 21.43
N TYR BA 100 23.67 -28.00 22.40
CA TYR BA 100 24.42 -29.23 22.20
C TYR BA 100 23.86 -30.07 21.06
N ASN BA 101 22.55 -30.30 21.13
CA ASN BA 101 21.86 -31.28 20.31
C ASN BA 101 22.00 -30.99 18.82
N LYS BA 102 22.16 -29.72 18.46
CA LYS BA 102 22.40 -29.32 17.09
C LYS BA 102 23.85 -29.03 16.81
N MET BA 103 24.53 -28.36 17.73
CA MET BA 103 25.87 -27.88 17.45
C MET BA 103 26.86 -29.00 17.23
N ARG BA 104 26.58 -30.20 17.72
CA ARG BA 104 27.45 -31.31 17.32
C ARG BA 104 27.38 -31.58 15.81
N THR BA 105 26.36 -31.07 15.12
CA THR BA 105 26.03 -31.43 13.76
C THR BA 105 26.10 -30.27 12.78
N ASP BA 106 25.55 -29.12 13.16
CA ASP BA 106 25.21 -28.12 12.17
C ASP BA 106 26.37 -27.17 11.90
N PRO BA 107 26.58 -26.72 10.67
CA PRO BA 107 27.68 -25.78 10.41
C PRO BA 107 27.53 -24.45 11.12
N ASP BA 108 26.31 -23.96 11.29
CA ASP BA 108 26.14 -22.62 11.86
C ASP BA 108 26.29 -22.66 13.37
N TYR BA 109 25.65 -23.62 14.03
CA TYR BA 109 25.84 -23.79 15.45
C TYR BA 109 27.25 -24.24 15.80
N MET BA 110 28.00 -24.77 14.83
CA MET BA 110 29.37 -25.18 15.05
C MET BA 110 30.21 -24.01 15.54
N ARG BA 111 31.15 -24.31 16.42
CA ARG BA 111 32.00 -23.28 17.03
C ARG BA 111 33.44 -23.72 17.02
N LYS BA 112 34.27 -22.97 16.33
CA LYS BA 112 35.64 -23.31 16.06
C LYS BA 112 36.55 -22.64 17.09
N THR BA 113 37.85 -22.78 16.88
CA THR BA 113 38.85 -22.20 17.75
C THR BA 113 39.04 -20.72 17.42
N ALA BA 114 40.01 -20.12 18.09
CA ALA BA 114 40.43 -18.75 17.81
C ALA BA 114 41.61 -18.72 16.86
N LYS BA 115 42.53 -19.67 17.00
CA LYS BA 115 43.73 -19.70 16.19
C LYS BA 115 44.24 -21.13 16.14
N SER BA 116 45.43 -21.30 15.57
CA SER BA 116 46.02 -22.61 15.35
C SER BA 116 46.73 -23.04 16.62
N LEU BA 117 47.44 -24.17 16.54
CA LEU BA 117 48.07 -24.75 17.71
C LEU BA 117 48.96 -25.90 17.26
N MET BA 118 49.97 -26.18 18.08
CA MET BA 118 50.81 -27.36 17.92
C MET BA 118 51.18 -27.87 19.30
N VAL BA 119 51.44 -29.16 19.37
CA VAL BA 119 51.65 -29.85 20.65
C VAL BA 119 52.80 -30.82 20.42
N ASP BA 120 53.92 -30.56 21.06
CA ASP BA 120 55.10 -31.40 20.92
C ASP BA 120 54.84 -32.73 21.64
N GLU BA 121 55.89 -33.56 21.69
CA GLU BA 121 55.76 -34.89 22.29
C GLU BA 121 55.30 -34.81 23.74
N ARG BA 122 55.62 -33.73 24.44
CA ARG BA 122 55.26 -33.58 25.85
C ARG BA 122 54.87 -32.13 26.08
N GLU BA 123 53.59 -31.86 25.91
CA GLU BA 123 53.00 -30.57 26.22
C GLU BA 123 51.56 -30.83 26.63
N ILE BA 124 51.07 -30.01 27.53
CA ILE BA 124 49.78 -30.25 28.16
C ILE BA 124 48.81 -29.22 27.61
N VAL BA 125 47.54 -29.59 27.61
CA VAL BA 125 46.45 -28.66 27.37
C VAL BA 125 45.43 -28.91 28.46
N LYS BA 126 44.81 -27.83 28.92
CA LYS BA 126 43.91 -27.89 30.05
C LYS BA 126 42.60 -27.25 29.70
N VAL BA 127 41.55 -27.76 30.33
CA VAL BA 127 40.20 -27.27 30.15
C VAL BA 127 39.73 -26.76 31.50
N PHE BA 128 39.89 -25.46 31.73
CA PHE BA 128 39.45 -24.86 32.97
C PHE BA 128 37.99 -24.45 32.85
N VAL BA 129 37.29 -24.54 33.96
CA VAL BA 129 35.84 -24.40 34.00
C VAL BA 129 35.50 -23.48 35.16
N ASP BA 130 35.02 -22.28 34.84
CA ASP BA 130 34.62 -21.32 35.85
C ASP BA 130 33.13 -21.49 36.08
N VAL BA 131 32.80 -22.28 37.09
CA VAL BA 131 31.46 -22.28 37.67
C VAL BA 131 31.35 -21.08 38.61
N PRO BA 132 30.27 -20.28 38.56
CA PRO BA 132 30.28 -19.02 39.31
C PRO BA 132 30.38 -19.21 40.82
N ASP BA 133 29.41 -19.88 41.41
CA ASP BA 133 29.44 -20.33 42.80
C ASP BA 133 28.08 -20.98 43.07
N GLY BA 134 28.01 -21.73 44.16
CA GLY BA 134 26.75 -22.25 44.67
C GLY BA 134 25.90 -23.04 43.70
N ALA BA 135 26.50 -23.50 42.60
CA ALA BA 135 25.80 -24.25 41.58
C ALA BA 135 26.00 -25.74 41.83
N ASN BA 136 25.57 -26.55 40.87
CA ASN BA 136 25.73 -27.99 40.98
C ASN BA 136 27.13 -28.41 40.59
N GLY BA 137 27.60 -29.45 41.24
CA GLY BA 137 28.93 -29.95 40.95
C GLY BA 137 29.02 -30.60 39.58
N TYR BA 138 30.24 -30.65 39.07
CA TYR BA 138 30.51 -31.24 37.78
C TYR BA 138 30.83 -32.73 37.92
N ASP BA 139 30.40 -33.50 36.93
CA ASP BA 139 30.87 -34.86 36.73
C ASP BA 139 31.31 -35.04 35.29
N ALA BA 140 32.20 -36.00 35.10
CA ALA BA 140 32.81 -36.28 33.81
C ALA BA 140 32.20 -37.48 33.11
N GLU BA 141 31.85 -38.52 33.87
CA GLU BA 141 31.23 -39.69 33.28
C GLU BA 141 29.92 -39.36 32.59
N ARG BA 142 29.19 -38.37 33.11
CA ARG BA 142 27.99 -37.86 32.47
C ARG BA 142 28.29 -36.74 31.49
N SER BA 143 29.52 -36.68 30.98
CA SER BA 143 29.92 -35.61 30.09
C SER BA 143 30.88 -36.15 29.05
N ARG BA 144 30.99 -35.41 27.96
CA ARG BA 144 31.87 -35.74 26.85
C ARG BA 144 32.62 -34.49 26.44
N PHE BA 145 33.39 -34.61 25.37
CA PHE BA 145 34.18 -33.50 24.85
C PHE BA 145 34.75 -33.95 23.53
N THR BA 146 34.97 -33.00 22.63
CA THR BA 146 35.64 -33.29 21.37
C THR BA 146 36.51 -32.10 20.97
N LEU BA 147 37.19 -32.26 19.85
CA LEU BA 147 37.94 -31.17 19.26
C LEU BA 147 37.90 -31.15 17.74
N GLY BA 148 37.28 -32.13 17.10
CA GLY BA 148 37.30 -32.21 15.64
C GLY BA 148 36.10 -32.94 15.10
N ASP BA 149 35.87 -32.73 13.81
CA ASP BA 149 34.79 -33.38 13.08
C ASP BA 149 35.45 -34.01 11.86
N ASP BA 150 35.97 -35.21 12.04
CA ASP BA 150 36.68 -35.92 11.00
C ASP BA 150 35.77 -36.78 10.15
N THR BA 151 34.66 -37.24 10.70
CA THR BA 151 33.71 -38.03 9.94
C THR BA 151 33.05 -37.19 8.86
N SER BA 152 32.71 -35.95 9.18
CA SER BA 152 31.94 -35.10 8.29
C SER BA 152 32.78 -34.68 7.11
N ASP BA 153 32.21 -33.80 6.29
CA ASP BA 153 32.86 -33.30 5.08
C ASP BA 153 33.10 -31.80 5.10
N PHE BA 154 32.39 -31.05 5.94
CA PHE BA 154 32.60 -29.61 6.05
C PHE BA 154 33.46 -29.25 7.25
N GLY BA 155 33.39 -30.02 8.32
CA GLY BA 155 34.15 -29.70 9.50
C GLY BA 155 35.59 -30.20 9.45
N LYS BA 156 36.44 -29.55 10.23
CA LYS BA 156 37.85 -29.87 10.28
C LYS BA 156 38.10 -31.01 11.25
N ALA BA 157 39.37 -31.36 11.40
CA ALA BA 157 39.77 -32.47 12.25
C ALA BA 157 41.20 -32.25 12.71
N VAL BA 158 41.60 -33.05 13.69
CA VAL BA 158 42.92 -32.93 14.28
C VAL BA 158 43.91 -33.70 13.44
N GLU BA 159 45.11 -33.15 13.30
CA GLU BA 159 46.13 -33.68 12.39
C GLU BA 159 47.29 -34.21 13.20
N ILE BA 160 47.42 -35.53 13.28
CA ILE BA 160 48.49 -36.18 14.02
C ILE BA 160 49.58 -36.63 13.07
N VAL BA 161 50.81 -36.60 13.57
CA VAL BA 161 51.99 -37.06 12.85
C VAL BA 161 52.89 -37.76 13.85
N ASP BA 162 53.61 -38.77 13.37
CA ASP BA 162 54.65 -39.43 14.14
C ASP BA 162 55.95 -38.67 13.94
N HIS BA 163 56.64 -38.40 15.05
CA HIS BA 163 57.84 -37.57 15.02
C HIS BA 163 58.94 -38.14 14.16
N ASP BA 164 58.94 -39.45 13.92
CA ASP BA 164 60.03 -40.07 13.17
C ASP BA 164 59.94 -39.76 11.68
N ASP BA 165 58.74 -39.47 11.18
CA ASP BA 165 58.49 -39.38 9.75
C ASP BA 165 58.75 -38.00 9.19
N LEU BA 166 59.62 -37.20 9.80
CA LEU BA 166 59.86 -35.83 9.38
C LEU BA 166 61.33 -35.50 9.37
N THR BA 167 61.74 -34.76 8.34
CA THR BA 167 63.04 -34.10 8.29
C THR BA 167 62.98 -32.68 8.81
N GLU BA 168 61.78 -32.10 8.92
CA GLU BA 168 61.56 -30.83 9.58
C GLU BA 168 61.29 -30.99 11.08
N GLY BA 169 61.52 -32.18 11.62
CA GLY BA 169 61.24 -32.41 13.04
C GLY BA 169 62.08 -31.52 13.94
N GLU BA 170 63.33 -31.24 13.53
CA GLU BA 170 64.15 -30.33 14.32
C GLU BA 170 63.57 -28.92 14.29
N THR BA 171 63.01 -28.51 13.15
CA THR BA 171 62.46 -27.16 13.05
C THR BA 171 61.20 -27.02 13.87
N GLN BA 172 60.33 -28.04 13.84
CA GLN BA 172 59.12 -28.01 14.66
C GLN BA 172 59.42 -28.27 16.13
N ALA BA 173 60.59 -28.81 16.45
CA ALA BA 173 61.03 -28.88 17.83
C ALA BA 173 61.46 -27.52 18.34
N VAL BA 174 62.05 -26.70 17.47
CA VAL BA 174 62.42 -25.33 17.83
C VAL BA 174 61.15 -24.49 17.83
N SER CA 8 49.17 -11.01 17.24
CA SER CA 8 49.32 -9.57 17.04
C SER CA 8 48.75 -8.80 18.21
N ALA CA 9 48.95 -7.48 18.20
CA ALA CA 9 48.41 -6.63 19.26
C ALA CA 9 46.89 -6.70 19.30
N GLU CA 10 46.25 -6.87 18.15
CA GLU CA 10 44.81 -7.01 18.11
C GLU CA 10 44.39 -8.30 18.78
N LYS CA 11 43.28 -8.24 19.51
CA LYS CA 11 42.71 -9.45 20.11
C LYS CA 11 41.19 -9.39 20.03
N GLN CA 12 40.60 -10.57 19.89
CA GLN CA 12 39.18 -10.73 19.70
C GLN CA 12 38.58 -11.23 21.01
N ILE CA 13 37.63 -10.47 21.56
CA ILE CA 13 37.05 -10.75 22.86
C ILE CA 13 35.54 -10.54 22.79
N SER CA 14 34.88 -10.84 23.90
CA SER CA 14 33.44 -10.68 24.03
C SER CA 14 33.15 -10.34 25.48
N LEU CA 15 32.49 -9.22 25.70
CA LEU CA 15 32.30 -8.70 27.03
C LEU CA 15 31.07 -9.31 27.70
N TYR CA 16 30.91 -9.02 28.97
CA TYR CA 16 29.75 -9.45 29.73
C TYR CA 16 29.71 -8.69 31.05
N ASP CA 17 28.83 -9.14 31.95
CA ASP CA 17 28.55 -8.41 33.18
C ASP CA 17 29.71 -8.53 34.17
N GLY CA 18 30.05 -9.76 34.55
CA GLY CA 18 31.02 -9.98 35.62
C GLY CA 18 32.44 -9.63 35.23
N GLN CA 19 32.70 -8.34 35.07
CA GLN CA 19 34.02 -7.81 34.80
C GLN CA 19 34.25 -6.60 35.68
N PRO CA 20 35.50 -6.19 35.86
CA PRO CA 20 35.77 -5.08 36.79
C PRO CA 20 35.44 -3.69 36.24
N PHE CA 21 35.87 -3.40 35.02
CA PHE CA 21 35.77 -2.02 34.54
C PHE CA 21 34.32 -1.66 34.24
N ILE CA 22 33.55 -2.63 33.73
CA ILE CA 22 32.13 -2.46 33.63
C ILE CA 22 31.53 -2.24 35.01
N SER CA 23 30.37 -1.59 35.03
CA SER CA 23 29.62 -1.38 36.26
C SER CA 23 28.14 -1.51 35.96
N GLU CA 24 27.36 -1.65 37.02
CA GLU CA 24 25.93 -1.86 36.87
C GLU CA 24 25.21 -1.27 38.08
N GLN CA 25 23.89 -1.33 38.02
CA GLN CA 25 23.03 -0.88 39.12
C GLN CA 25 21.61 -1.30 38.81
N ASP CA 26 20.84 -1.48 39.88
CA ASP CA 26 19.43 -1.77 39.71
C ASP CA 26 18.69 -0.53 39.25
N VAL CA 27 17.51 -0.74 38.67
CA VAL CA 27 16.73 0.32 38.06
C VAL CA 27 15.26 0.10 38.41
N ALA CA 28 14.53 1.21 38.51
CA ALA CA 28 13.10 1.20 38.79
C ALA CA 28 12.32 1.56 37.55
N ALA CA 29 11.01 1.33 37.63
CA ALA CA 29 10.12 1.62 36.51
C ALA CA 29 10.05 3.12 36.26
N GLY CA 30 9.99 3.49 34.98
CA GLY CA 30 9.83 4.89 34.61
C GLY CA 30 11.00 5.74 35.05
N ASP CA 31 12.20 5.37 34.62
CA ASP CA 31 13.40 6.13 34.95
C ASP CA 31 14.45 5.86 33.87
N PRO CA 32 14.21 6.32 32.65
CA PRO CA 32 15.12 6.00 31.55
C PRO CA 32 16.49 6.60 31.68
N ASN CA 33 16.64 7.65 32.48
CA ASN CA 33 17.93 8.31 32.63
C ASN CA 33 18.88 7.60 33.58
N THR CA 34 18.43 6.52 34.22
CA THR CA 34 19.29 5.75 35.11
C THR CA 34 19.94 4.63 34.30
N PRO CA 35 21.24 4.70 34.00
CA PRO CA 35 21.86 3.61 33.24
C PRO CA 35 22.01 2.37 34.09
N ALA CA 36 21.58 1.23 33.54
CA ALA CA 36 21.74 -0.04 34.23
C ALA CA 36 23.13 -0.63 34.03
N LEU CA 37 23.84 -0.21 33.00
CA LEU CA 37 25.21 -0.65 32.77
C LEU CA 37 26.05 0.53 32.32
N THR CA 38 27.27 0.57 32.83
CA THR CA 38 28.21 1.66 32.60
C THR CA 38 29.55 1.02 32.24
N ILE CA 39 29.84 1.02 30.97
CA ILE CA 39 31.15 0.59 30.49
C ILE CA 39 32.04 1.80 30.51
N GLU CA 40 33.33 1.57 30.69
CA GLU CA 40 34.26 2.65 30.97
C GLU CA 40 35.65 2.24 30.53
N GLY CA 41 36.28 3.08 29.70
CA GLY CA 41 37.57 2.81 29.15
C GLY CA 41 38.63 2.54 30.21
N PRO CA 42 39.30 1.38 30.16
CA PRO CA 42 40.49 1.22 30.98
C PRO CA 42 41.65 2.03 30.44
N ASP CA 43 42.72 2.07 31.21
CA ASP CA 43 43.89 2.85 30.87
C ASP CA 43 44.82 2.03 29.99
N GLY CA 44 45.20 2.60 28.85
CA GLY CA 44 46.07 1.92 27.93
C GLY CA 44 45.45 0.72 27.26
N TYR CA 45 44.12 0.71 27.11
CA TYR CA 45 43.43 -0.38 26.43
C TYR CA 45 42.30 0.23 25.62
N VAL CA 46 42.59 0.54 24.38
CA VAL CA 46 41.56 0.96 23.43
C VAL CA 46 40.81 -0.28 22.97
N ILE CA 47 39.53 -0.10 22.65
CA ILE CA 47 38.72 -1.16 22.08
C ILE CA 47 38.02 -0.61 20.85
N ALA CA 48 37.43 -1.53 20.09
CA ALA CA 48 36.81 -1.17 18.84
C ALA CA 48 35.71 -2.16 18.50
N VAL CA 49 34.69 -1.63 17.84
CA VAL CA 49 33.48 -2.35 17.46
C VAL CA 49 33.18 -1.96 16.02
N ASP CA 50 33.12 -2.94 15.13
CA ASP CA 50 32.86 -2.64 13.74
C ASP CA 50 31.36 -2.34 13.57
N ALA CA 51 30.92 -2.22 12.32
CA ALA CA 51 29.57 -1.76 12.05
C ALA CA 51 28.50 -2.72 12.59
N GLY CA 52 28.86 -3.97 12.82
CA GLY CA 52 27.89 -4.95 13.31
C GLY CA 52 28.48 -5.98 14.22
N THR CA 53 27.93 -6.10 15.43
CA THR CA 53 28.37 -7.05 16.43
C THR CA 53 27.19 -7.49 17.26
N PRO CA 54 27.16 -8.73 17.73
CA PRO CA 54 26.02 -9.19 18.50
C PRO CA 54 25.88 -8.47 19.83
N ILE CA 55 24.70 -8.60 20.42
CA ILE CA 55 24.45 -8.25 21.79
C ILE CA 55 23.55 -9.34 22.36
N ALA CA 56 23.66 -9.58 23.67
CA ALA CA 56 22.77 -10.50 24.39
C ALA CA 56 22.03 -9.73 25.47
N PRO CA 57 21.11 -8.86 25.09
CA PRO CA 57 20.51 -7.98 26.09
C PRO CA 57 19.56 -8.71 27.02
N GLU CA 58 20.10 -9.54 27.90
CA GLU CA 58 19.30 -10.20 28.92
C GLU CA 58 19.01 -9.21 30.04
N PHE CA 59 17.73 -8.90 30.24
CA PHE CA 59 17.31 -7.91 31.22
C PHE CA 59 16.03 -8.43 31.87
N ARG CA 60 16.19 -9.13 32.98
CA ARG CA 60 15.10 -9.83 33.63
C ARG CA 60 14.71 -9.14 34.93
N ASP CA 61 13.60 -9.63 35.47
CA ASP CA 61 13.05 -9.15 36.72
C ASP CA 61 13.80 -9.78 37.90
N SER CA 62 13.52 -9.26 39.09
CA SER CA 62 13.90 -9.93 40.32
C SER CA 62 13.51 -11.40 40.29
N ASN CA 63 12.32 -11.69 39.78
CA ASN CA 63 11.79 -13.04 39.70
C ASN CA 63 12.25 -13.77 38.43
N GLY CA 64 13.35 -13.32 37.81
CA GLY CA 64 13.94 -14.00 36.70
C GLY CA 64 13.04 -14.10 35.50
N GLU CA 65 12.48 -12.96 35.10
CA GLU CA 65 11.55 -12.88 33.98
C GLU CA 65 11.89 -11.66 33.16
N LYS CA 66 11.95 -11.83 31.84
CA LYS CA 66 12.22 -10.71 30.98
C LYS CA 66 11.12 -9.67 31.16
N LEU CA 67 11.52 -8.42 31.25
CA LEU CA 67 10.56 -7.37 31.55
C LEU CA 67 9.64 -7.17 30.36
N ASP CA 68 8.77 -6.18 30.48
CA ASP CA 68 7.67 -6.02 29.54
C ASP CA 68 8.21 -5.80 28.13
N PRO CA 69 7.53 -6.32 27.11
CA PRO CA 69 8.05 -6.16 25.75
C PRO CA 69 8.12 -4.72 25.32
N SER CA 70 7.29 -3.87 25.90
CA SER CA 70 7.32 -2.44 25.64
C SER CA 70 8.57 -1.78 26.23
N THR CA 71 9.29 -2.49 27.09
CA THR CA 71 10.58 -2.00 27.56
C THR CA 71 11.49 -1.72 26.37
N ARG CA 72 12.41 -0.78 26.56
CA ARG CA 72 13.36 -0.41 25.53
C ARG CA 72 14.76 -0.32 26.10
N VAL CA 73 15.72 -0.58 25.22
CA VAL CA 73 17.13 -0.47 25.50
C VAL CA 73 17.70 0.54 24.53
N ILE CA 74 18.59 1.38 25.05
CA ILE CA 74 19.30 2.36 24.26
C ILE CA 74 20.75 2.28 24.70
N VAL CA 75 21.61 1.76 23.84
CA VAL CA 75 23.03 1.92 24.06
C VAL CA 75 23.40 3.32 23.63
N GLN CA 76 24.40 3.90 24.28
CA GLN CA 76 24.76 5.27 23.97
C GLN CA 76 26.20 5.55 24.38
N LYS CA 77 26.92 6.20 23.48
CA LYS CA 77 28.27 6.64 23.78
C LYS CA 77 28.23 7.83 24.72
N CYS CA 78 29.30 8.01 25.46
CA CYS CA 78 29.45 9.13 26.36
C CYS CA 78 30.92 9.48 26.38
N ASP CA 79 31.22 10.77 26.26
CA ASP CA 79 32.57 11.24 26.46
C ASP CA 79 32.83 11.31 27.95
N ARG CA 80 33.89 12.01 28.35
CA ARG CA 80 34.12 12.27 29.76
C ARG CA 80 33.00 13.13 30.33
N GLN CA 81 33.10 13.48 31.61
CA GLN CA 81 32.12 14.26 32.37
C GLN CA 81 30.86 13.47 32.68
N GLY CA 82 30.85 12.16 32.43
CA GLY CA 82 29.65 11.38 32.70
C GLY CA 82 28.47 11.83 31.89
N ASN CA 83 28.72 12.23 30.65
CA ASN CA 83 27.81 13.04 29.87
C ASN CA 83 27.25 12.25 28.70
N PRO CA 84 25.94 12.17 28.51
CA PRO CA 84 25.44 11.53 27.29
C PRO CA 84 25.76 12.34 26.06
N LEU CA 85 25.69 11.67 24.92
CA LEU CA 85 26.03 12.26 23.64
C LEU CA 85 25.07 11.76 22.57
N GLY CA 86 24.68 12.65 21.68
CA GLY CA 86 23.71 12.35 20.66
C GLY CA 86 24.36 11.92 19.36
N ASP CA 87 25.30 12.72 18.88
CA ASP CA 87 26.13 12.32 17.76
C ASP CA 87 26.98 11.15 18.22
N GLY CA 88 26.60 9.95 17.81
CA GLY CA 88 27.19 8.74 18.31
C GLY CA 88 26.22 8.03 19.21
N ILE CA 89 25.54 7.03 18.65
CA ILE CA 89 24.60 6.22 19.41
C ILE CA 89 24.44 4.90 18.68
N ILE CA 90 24.25 3.84 19.44
CA ILE CA 90 24.13 2.50 18.92
C ILE CA 90 22.90 1.87 19.55
N PHE CA 91 22.24 1.00 18.80
CA PHE CA 91 21.29 0.04 19.34
C PHE CA 91 20.19 0.72 20.15
N ASN CA 92 19.35 1.42 19.41
CA ASN CA 92 18.03 1.80 19.90
C ASN CA 92 17.09 0.69 19.53
N ASP CA 93 16.54 -0.01 20.53
CA ASP CA 93 15.73 -1.18 20.24
C ASP CA 93 14.80 -1.41 21.42
N THR CA 94 13.82 -2.26 21.22
CA THR CA 94 12.93 -2.63 22.30
C THR CA 94 13.59 -3.74 23.13
N LEU CA 95 12.81 -4.32 24.02
CA LEU CA 95 13.15 -5.56 24.72
C LEU CA 95 12.37 -6.74 24.18
N GLY CA 96 11.11 -6.54 23.84
CA GLY CA 96 10.20 -7.64 23.57
C GLY CA 96 10.39 -8.29 22.22
N ARG CA 97 11.64 -8.52 21.88
CA ARG CA 97 12.03 -8.80 20.51
C ARG CA 97 13.06 -9.90 20.38
N PHE CA 98 13.83 -10.23 21.40
CA PHE CA 98 15.07 -10.93 21.15
C PHE CA 98 14.92 -12.44 21.06
N ASN CA 99 14.02 -13.05 21.81
CA ASN CA 99 13.91 -14.51 21.86
C ASN CA 99 15.24 -15.12 22.29
N TYR CA 100 15.53 -14.86 23.56
CA TYR CA 100 16.84 -15.06 24.16
C TYR CA 100 17.44 -16.41 23.81
N ASN CA 101 16.70 -17.47 24.13
CA ASN CA 101 17.21 -18.83 24.06
C ASN CA 101 17.75 -19.19 22.69
N LYS CA 102 17.25 -18.56 21.64
CA LYS CA 102 17.72 -18.82 20.28
C LYS CA 102 18.70 -17.77 19.80
N MET CA 103 18.41 -16.50 20.08
CA MET CA 103 19.26 -15.43 19.58
C MET CA 103 20.67 -15.49 20.15
N ARG CA 104 20.87 -16.16 21.27
CA ARG CA 104 22.23 -16.36 21.74
C ARG CA 104 23.04 -17.26 20.80
N THR CA 105 22.39 -18.03 19.94
CA THR CA 105 23.04 -19.06 19.13
C THR CA 105 22.93 -18.80 17.64
N ASP CA 106 21.72 -18.56 17.14
CA ASP CA 106 21.49 -18.54 15.70
C ASP CA 106 22.19 -17.34 15.05
N PRO CA 107 22.57 -17.46 13.77
CA PRO CA 107 23.15 -16.29 13.09
C PRO CA 107 22.16 -15.20 12.75
N ASP CA 108 20.88 -15.51 12.63
CA ASP CA 108 19.91 -14.55 12.11
C ASP CA 108 19.05 -13.93 13.19
N TYR CA 109 18.75 -14.67 14.26
CA TYR CA 109 18.22 -14.04 15.45
C TYR CA 109 19.25 -13.12 16.12
N MET CA 110 20.52 -13.29 15.79
CA MET CA 110 21.62 -12.42 16.21
C MET CA 110 21.32 -10.95 15.90
N ARG CA 111 21.97 -10.02 16.60
CA ARG CA 111 21.68 -8.60 16.42
C ARG CA 111 22.92 -7.73 16.39
N LYS CA 112 23.09 -7.08 15.27
CA LYS CA 112 24.26 -6.27 15.00
C LYS CA 112 23.97 -4.81 15.31
N THR CA 113 25.06 -4.08 15.50
CA THR CA 113 24.98 -2.68 15.85
C THR CA 113 24.52 -1.85 14.67
N ALA CA 114 24.31 -0.57 14.94
CA ALA CA 114 23.97 0.37 13.88
C ALA CA 114 25.21 0.76 13.09
N LYS CA 115 26.26 1.17 13.79
CA LYS CA 115 27.49 1.61 13.17
C LYS CA 115 28.65 1.21 14.06
N SER CA 116 29.85 1.58 13.63
CA SER CA 116 31.07 1.18 14.31
C SER CA 116 31.26 2.05 15.54
N LEU CA 117 32.39 1.88 16.22
CA LEU CA 117 32.65 2.59 17.45
C LEU CA 117 34.12 2.44 17.82
N MET CA 118 34.60 3.40 18.60
CA MET CA 118 35.88 3.31 19.25
C MET CA 118 35.74 3.91 20.64
N VAL CA 119 36.61 3.46 21.54
CA VAL CA 119 36.56 3.87 22.95
C VAL CA 119 38.00 4.10 23.39
N ASP CA 120 38.34 5.35 23.65
CA ASP CA 120 39.68 5.70 24.09
C ASP CA 120 39.85 5.26 25.54
N GLU CA 121 40.99 5.64 26.12
CA GLU CA 121 41.36 5.14 27.44
C GLU CA 121 40.41 5.60 28.53
N ARG CA 122 39.71 6.72 28.32
CA ARG CA 122 38.73 7.21 29.29
C ARG CA 122 37.53 7.72 28.51
N GLU CA 123 36.59 6.83 28.25
CA GLU CA 123 35.34 7.17 27.60
C GLU CA 123 34.30 6.19 28.08
N ILE CA 124 33.09 6.67 28.28
CA ILE CA 124 32.04 5.91 28.95
C ILE CA 124 31.04 5.47 27.89
N VAL CA 125 30.38 4.36 28.16
CA VAL CA 125 29.22 3.95 27.41
C VAL CA 125 28.15 3.59 28.42
N LYS CA 126 26.90 3.88 28.09
CA LYS CA 126 25.79 3.66 28.98
C LYS CA 126 24.73 2.86 28.27
N VAL CA 127 23.96 2.13 29.07
CA VAL CA 127 22.86 1.32 28.60
C VAL CA 127 21.63 1.81 29.34
N PHE CA 128 20.94 2.76 28.73
CA PHE CA 128 19.72 3.27 29.33
C PHE CA 128 18.56 2.34 29.00
N VAL CA 129 17.63 2.25 29.93
CA VAL CA 129 16.56 1.28 29.89
C VAL CA 129 15.27 2.03 30.17
N ASP CA 130 14.42 2.14 29.16
CA ASP CA 130 13.11 2.78 29.30
C ASP CA 130 12.11 1.69 29.62
N VAL CA 131 11.86 1.48 30.91
CA VAL CA 131 10.66 0.82 31.38
C VAL CA 131 9.61 1.90 31.56
N PRO CA 132 8.56 1.96 30.74
CA PRO CA 132 7.69 3.14 30.78
C PRO CA 132 6.93 3.29 32.09
N ASP CA 133 6.29 2.21 32.53
CA ASP CA 133 5.36 2.29 33.65
C ASP CA 133 4.79 0.91 33.92
N GLY CA 134 4.08 0.81 35.04
CA GLY CA 134 3.25 -0.35 35.34
C GLY CA 134 3.97 -1.67 35.21
N ALA CA 135 5.21 -1.73 35.63
CA ALA CA 135 6.10 -2.85 35.36
C ALA CA 135 6.84 -3.24 36.63
N ASN CA 136 7.61 -4.30 36.51
CA ASN CA 136 8.46 -4.77 37.59
C ASN CA 136 9.80 -4.07 37.52
N GLY CA 137 10.37 -3.82 38.70
CA GLY CA 137 11.69 -3.24 38.75
C GLY CA 137 12.75 -4.15 38.20
N TYR CA 138 13.84 -3.54 37.78
CA TYR CA 138 14.96 -4.27 37.18
C TYR CA 138 15.93 -4.75 38.26
N ASP CA 139 16.50 -5.93 38.04
CA ASP CA 139 17.66 -6.39 38.78
C ASP CA 139 18.72 -6.88 37.80
N ALA CA 140 19.96 -6.78 38.24
CA ALA CA 140 21.13 -7.09 37.44
C ALA CA 140 21.69 -8.47 37.72
N GLU CA 141 21.64 -8.91 38.97
CA GLU CA 141 22.17 -10.22 39.33
C GLU CA 141 21.43 -11.33 38.61
N ARG CA 142 20.15 -11.13 38.32
CA ARG CA 142 19.36 -12.04 37.51
C ARG CA 142 19.42 -11.69 36.04
N SER CA 143 20.47 -10.97 35.60
CA SER CA 143 20.55 -10.49 34.25
C SER CA 143 21.99 -10.49 33.78
N ARG CA 144 22.16 -10.45 32.47
CA ARG CA 144 23.48 -10.53 31.84
C ARG CA 144 23.46 -9.62 30.62
N PHE CA 145 24.53 -9.70 29.83
CA PHE CA 145 24.75 -8.81 28.71
C PHE CA 145 25.99 -9.32 27.99
N THR CA 146 26.07 -9.03 26.69
CA THR CA 146 27.30 -9.30 25.93
C THR CA 146 27.44 -8.24 24.84
N LEU CA 147 28.52 -8.37 24.08
CA LEU CA 147 28.71 -7.54 22.90
C LEU CA 147 29.35 -8.27 21.72
N GLY CA 148 29.75 -9.52 21.87
CA GLY CA 148 30.53 -10.16 20.83
C GLY CA 148 30.44 -11.67 20.86
N ASP CA 149 30.83 -12.26 19.74
CA ASP CA 149 31.01 -13.71 19.61
C ASP CA 149 32.32 -13.93 18.88
N ASP CA 150 33.41 -13.96 19.63
CA ASP CA 150 34.72 -14.28 19.07
C ASP CA 150 34.91 -15.77 18.87
N THR CA 151 34.17 -16.59 19.62
CA THR CA 151 34.33 -18.03 19.54
C THR CA 151 33.91 -18.54 18.18
N SER CA 152 32.88 -17.94 17.62
CA SER CA 152 32.22 -18.48 16.45
C SER CA 152 32.95 -18.04 15.19
N ASP CA 153 32.31 -18.28 14.03
CA ASP CA 153 32.91 -18.06 12.72
C ASP CA 153 32.18 -16.94 11.98
N PHE CA 154 30.88 -17.11 11.77
CA PHE CA 154 30.10 -16.12 11.03
C PHE CA 154 30.07 -14.78 11.76
N GLY CA 155 30.09 -14.81 13.10
CA GLY CA 155 29.88 -13.62 13.88
C GLY CA 155 31.14 -12.84 14.16
N LYS CA 156 30.95 -11.63 14.67
CA LYS CA 156 32.03 -10.69 14.94
C LYS CA 156 32.36 -10.66 16.42
N ALA CA 157 33.30 -9.80 16.78
CA ALA CA 157 33.77 -9.70 18.15
C ALA CA 157 34.40 -8.33 18.34
N VAL CA 158 34.77 -8.07 19.59
CA VAL CA 158 35.36 -6.80 19.96
C VAL CA 158 36.86 -6.89 19.75
N GLU CA 159 37.43 -5.80 19.23
CA GLU CA 159 38.84 -5.73 18.90
C GLU CA 159 39.53 -4.85 19.92
N ILE CA 160 40.26 -5.46 20.84
CA ILE CA 160 41.00 -4.73 21.86
C ILE CA 160 42.45 -4.58 21.42
N VAL CA 161 43.05 -3.46 21.80
CA VAL CA 161 44.44 -3.17 21.56
C VAL CA 161 45.00 -2.44 22.78
N ASP CA 162 46.25 -2.75 23.11
CA ASP CA 162 46.98 -2.00 24.11
C ASP CA 162 47.57 -0.75 23.46
N HIS CA 163 47.34 0.39 24.09
CA HIS CA 163 47.77 1.66 23.52
C HIS CA 163 49.27 1.76 23.36
N ASP CA 164 50.04 0.97 24.11
CA ASP CA 164 51.49 1.12 24.11
C ASP CA 164 52.12 0.70 22.79
N ASP CA 165 51.52 -0.25 22.10
CA ASP CA 165 52.12 -0.87 20.93
C ASP CA 165 51.77 -0.16 19.63
N LEU CA 166 51.42 1.13 19.69
CA LEU CA 166 50.99 1.88 18.53
C LEU CA 166 51.76 3.17 18.37
N THR CA 167 51.70 3.70 17.15
CA THR CA 167 52.15 5.04 16.82
C THR CA 167 51.02 5.94 16.33
N GLU CA 168 49.87 5.35 15.96
CA GLU CA 168 48.65 6.09 15.67
C GLU CA 168 47.84 6.39 16.93
N GLY CA 169 48.43 6.23 18.11
CA GLY CA 169 47.70 6.47 19.34
C GLY CA 169 47.22 7.91 19.46
N GLU CA 170 48.04 8.85 19.01
CA GLU CA 170 47.61 10.26 19.05
C GLU CA 170 46.45 10.49 18.09
N THR CA 171 46.49 9.88 16.92
CA THR CA 171 45.40 10.06 15.96
C THR CA 171 44.10 9.48 16.50
N GLN CA 172 44.18 8.30 17.11
CA GLN CA 172 43.02 7.71 17.76
C GLN CA 172 42.58 8.51 18.98
N ALA CA 173 43.49 9.30 19.56
CA ALA CA 173 43.12 10.19 20.66
C ALA CA 173 42.40 11.43 20.17
N VAL CA 174 42.68 11.87 18.95
CA VAL CA 174 41.96 12.99 18.35
C VAL CA 174 40.53 12.54 18.11
N SER DA 8 11.46 -24.57 -25.56
CA SER DA 8 12.29 -25.44 -26.39
C SER DA 8 11.76 -26.86 -26.39
N ALA DA 9 12.37 -27.71 -27.22
CA ALA DA 9 11.98 -29.11 -27.27
C ALA DA 9 12.18 -29.80 -25.93
N GLU DA 10 13.20 -29.38 -25.19
CA GLU DA 10 13.45 -29.96 -23.88
C GLU DA 10 12.33 -29.55 -22.93
N LYS DA 11 11.93 -30.49 -22.07
CA LYS DA 11 10.95 -30.19 -21.04
C LYS DA 11 11.32 -30.90 -19.75
N GLN DA 12 10.99 -30.26 -18.64
CA GLN DA 12 11.34 -30.72 -17.31
C GLN DA 12 10.09 -31.30 -16.66
N ILE DA 13 10.16 -32.57 -16.28
CA ILE DA 13 9.02 -33.29 -15.75
C ILE DA 13 9.46 -34.13 -14.56
N SER DA 14 8.49 -34.79 -13.94
CA SER DA 14 8.71 -35.64 -12.78
C SER DA 14 7.69 -36.75 -12.83
N LEU DA 15 8.16 -37.99 -12.84
CA LEU DA 15 7.30 -39.14 -13.05
C LEU DA 15 6.67 -39.60 -11.75
N TYR DA 16 5.74 -40.55 -11.88
CA TYR DA 16 5.11 -41.15 -10.72
C TYR DA 16 4.35 -42.39 -11.19
N ASP DA 17 3.53 -42.93 -10.29
CA ASP DA 17 2.87 -44.21 -10.52
C ASP DA 17 1.75 -44.09 -11.55
N GLY DA 18 0.77 -43.23 -11.28
CA GLY DA 18 -0.43 -43.16 -12.09
C GLY DA 18 -0.20 -42.55 -13.46
N GLN DA 19 0.51 -43.27 -14.31
CA GLN DA 19 0.76 -42.90 -15.69
C GLN DA 19 0.53 -44.11 -16.58
N PRO DA 20 0.34 -43.91 -17.88
CA PRO DA 20 0.03 -45.06 -18.74
C PRO DA 20 1.22 -45.94 -19.09
N PHE DA 21 2.33 -45.33 -19.51
CA PHE DA 21 3.43 -46.12 -20.04
C PHE DA 21 4.12 -46.92 -18.95
N ILE DA 22 4.23 -46.32 -17.77
CA ILE DA 22 4.68 -47.06 -16.61
C ILE DA 22 3.70 -48.20 -16.33
N SER DA 23 4.21 -49.23 -15.66
CA SER DA 23 3.40 -50.36 -15.23
C SER DA 23 3.87 -50.79 -13.86
N GLU DA 24 3.05 -51.61 -13.21
CA GLU DA 24 3.33 -52.05 -11.86
C GLU DA 24 2.71 -53.43 -11.65
N GLN DA 25 2.98 -53.98 -10.46
CA GLN DA 25 2.41 -55.26 -10.05
C GLN DA 25 2.73 -55.47 -8.58
N ASP DA 26 1.88 -56.24 -7.92
CA ASP DA 26 2.15 -56.61 -6.55
C ASP DA 26 3.28 -57.62 -6.49
N VAL DA 27 3.89 -57.73 -5.31
CA VAL DA 27 5.07 -58.56 -5.11
C VAL DA 27 4.93 -59.27 -3.77
N ALA DA 28 5.52 -60.45 -3.69
CA ALA DA 28 5.53 -61.27 -2.48
C ALA DA 28 6.92 -61.27 -1.87
N ALA DA 29 6.99 -61.76 -0.64
CA ALA DA 29 8.25 -61.81 0.08
C ALA DA 29 9.20 -62.81 -0.57
N GLY DA 30 10.48 -62.46 -0.60
CA GLY DA 30 11.49 -63.35 -1.11
C GLY DA 30 11.31 -63.65 -2.59
N ASP DA 31 11.28 -62.60 -3.41
CA ASP DA 31 11.14 -62.74 -4.85
C ASP DA 31 11.74 -61.51 -5.51
N PRO DA 32 13.06 -61.34 -5.42
CA PRO DA 32 13.68 -60.12 -5.94
C PRO DA 32 13.60 -59.98 -7.45
N ASN DA 33 13.38 -61.07 -8.18
CA ASN DA 33 13.35 -61.01 -9.63
C ASN DA 33 12.01 -60.54 -10.17
N THR DA 34 11.02 -60.29 -9.32
CA THR DA 34 9.73 -59.78 -9.76
C THR DA 34 9.77 -58.26 -9.68
N PRO DA 35 9.81 -57.54 -10.81
CA PRO DA 35 9.83 -56.08 -10.73
C PRO DA 35 8.47 -55.54 -10.32
N ALA DA 36 8.48 -54.65 -9.34
CA ALA DA 36 7.25 -54.00 -8.91
C ALA DA 36 6.88 -52.82 -9.79
N LEU DA 37 7.84 -52.27 -10.53
CA LEU DA 37 7.56 -51.20 -11.47
C LEU DA 37 8.36 -51.42 -12.73
N THR DA 38 7.71 -51.13 -13.86
CA THR DA 38 8.26 -51.36 -15.19
C THR DA 38 8.02 -50.09 -15.99
N ILE DA 39 9.04 -49.30 -16.13
CA ILE DA 39 9.01 -48.14 -16.99
C ILE DA 39 9.42 -48.61 -18.37
N GLU DA 40 8.91 -47.92 -19.39
CA GLU DA 40 9.01 -48.41 -20.75
C GLU DA 40 8.93 -47.23 -21.71
N GLY DA 41 9.92 -47.13 -22.58
CA GLY DA 41 10.03 -46.03 -23.51
C GLY DA 41 8.80 -45.88 -24.39
N PRO DA 42 8.16 -44.72 -24.39
CA PRO DA 42 7.15 -44.45 -25.41
C PRO DA 42 7.80 -44.21 -26.77
N ASP DA 43 6.95 -44.13 -27.78
CA ASP DA 43 7.40 -43.98 -29.15
C ASP DA 43 7.59 -42.50 -29.46
N GLY DA 44 8.77 -42.15 -29.97
CA GLY DA 44 9.07 -40.78 -30.29
C GLY DA 44 9.19 -39.87 -29.11
N TYR DA 45 9.55 -40.41 -27.94
CA TYR DA 45 9.74 -39.61 -26.74
C TYR DA 45 10.95 -40.17 -26.00
N VAL DA 46 12.10 -39.63 -26.29
CA VAL DA 46 13.30 -39.94 -25.52
C VAL DA 46 13.24 -39.16 -24.21
N ILE DA 47 13.84 -39.72 -23.17
CA ILE DA 47 13.97 -39.06 -21.89
C ILE DA 47 15.42 -39.16 -21.44
N ALA DA 48 15.74 -38.39 -20.41
CA ALA DA 48 17.11 -38.30 -19.94
C ALA DA 48 17.12 -37.94 -18.47
N VAL DA 49 18.14 -38.46 -17.80
CA VAL DA 49 18.34 -38.31 -16.36
C VAL DA 49 19.81 -38.01 -16.16
N ASP DA 50 20.12 -36.89 -15.54
CA ASP DA 50 21.52 -36.52 -15.34
C ASP DA 50 22.07 -37.35 -14.18
N ALA DA 51 23.29 -37.02 -13.75
CA ALA DA 51 23.99 -37.85 -12.78
C ALA DA 51 23.26 -37.93 -11.43
N GLY DA 52 22.39 -36.97 -11.14
CA GLY DA 52 21.69 -36.97 -9.88
C GLY DA 52 20.30 -36.40 -9.94
N THR DA 53 19.31 -37.19 -9.51
CA THR DA 53 17.93 -36.79 -9.52
C THR DA 53 17.21 -37.47 -8.36
N PRO DA 54 16.22 -36.81 -7.76
CA PRO DA 54 15.55 -37.41 -6.62
C PRO DA 54 14.79 -38.67 -6.98
N ILE DA 55 14.44 -39.42 -5.95
CA ILE DA 55 13.47 -40.50 -6.02
C ILE DA 55 12.64 -40.41 -4.76
N ALA DA 56 11.38 -40.86 -4.85
CA ALA DA 56 10.48 -40.97 -3.70
C ALA DA 56 10.06 -42.42 -3.54
N PRO DA 57 10.96 -43.29 -3.14
CA PRO DA 57 10.64 -44.72 -3.16
C PRO DA 57 9.68 -45.11 -2.05
N GLU DA 58 8.43 -44.70 -2.19
CA GLU DA 58 7.38 -45.13 -1.26
C GLU DA 58 6.95 -46.54 -1.61
N PHE DA 59 7.15 -47.45 -0.68
CA PHE DA 59 6.87 -48.87 -0.91
C PHE DA 59 6.32 -49.42 0.41
N ARG DA 60 5.00 -49.40 0.51
CA ARG DA 60 4.30 -49.73 1.74
C ARG DA 60 3.59 -51.08 1.62
N ASP DA 61 3.10 -51.53 2.76
CA ASP DA 61 2.36 -52.76 2.90
C ASP DA 61 0.90 -52.55 2.45
N SER DA 62 0.19 -53.66 2.32
CA SER DA 62 -1.27 -53.63 2.22
C SER DA 62 -1.87 -52.72 3.29
N ASN DA 63 -1.35 -52.82 4.51
CA ASN DA 63 -1.82 -52.05 5.64
C ASN DA 63 -1.18 -50.66 5.72
N GLY DA 64 -0.64 -50.17 4.61
CA GLY DA 64 -0.12 -48.82 4.53
C GLY DA 64 1.03 -48.57 5.48
N GLU DA 65 2.03 -49.45 5.43
CA GLU DA 65 3.19 -49.38 6.29
C GLU DA 65 4.42 -49.68 5.47
N LYS DA 66 5.45 -48.87 5.62
CA LYS DA 66 6.69 -49.13 4.90
C LYS DA 66 7.23 -50.48 5.33
N LEU DA 67 7.68 -51.24 4.36
CA LEU DA 67 8.11 -52.60 4.62
C LEU DA 67 9.40 -52.58 5.42
N ASP DA 68 9.94 -53.76 5.68
CA ASP DA 68 11.01 -53.92 6.64
C ASP DA 68 12.22 -53.10 6.18
N PRO DA 69 12.98 -52.53 7.13
CA PRO DA 69 14.13 -51.72 6.73
C PRO DA 69 15.18 -52.51 5.98
N SER DA 70 15.25 -53.81 6.23
CA SER DA 70 16.14 -54.69 5.51
C SER DA 70 15.72 -54.89 4.06
N THR DA 71 14.51 -54.47 3.69
CA THR DA 71 14.10 -54.44 2.30
C THR DA 71 15.09 -53.63 1.49
N ARG DA 72 15.21 -53.98 0.21
CA ARG DA 72 16.08 -53.27 -0.70
C ARG DA 72 15.39 -52.96 -2.00
N VAL DA 73 15.84 -51.88 -2.62
CA VAL DA 73 15.39 -51.44 -3.92
C VAL DA 73 16.60 -51.41 -4.83
N ILE DA 74 16.39 -51.86 -6.06
CA ILE DA 74 17.41 -51.83 -7.09
C ILE DA 74 16.71 -51.32 -8.33
N VAL DA 75 17.04 -50.11 -8.73
CA VAL DA 75 16.66 -49.65 -10.06
C VAL DA 75 17.64 -50.28 -11.05
N GLN DA 76 17.17 -50.56 -12.25
CA GLN DA 76 18.03 -51.23 -13.21
C GLN DA 76 17.56 -50.96 -14.63
N LYS DA 77 18.49 -50.63 -15.50
CA LYS DA 77 18.19 -50.46 -16.91
C LYS DA 77 17.98 -51.83 -17.55
N CYS DA 78 17.23 -51.82 -18.64
CA CYS DA 78 16.97 -53.02 -19.40
C CYS DA 78 16.84 -52.60 -20.85
N ASP DA 79 17.50 -53.33 -21.73
CA ASP DA 79 17.32 -53.12 -23.15
C ASP DA 79 16.02 -53.81 -23.55
N ARG DA 80 15.81 -54.02 -24.84
CA ARG DA 80 14.68 -54.82 -25.30
C ARG DA 80 14.82 -56.25 -24.81
N GLN DA 81 13.87 -57.11 -25.19
CA GLN DA 81 13.78 -58.51 -24.80
C GLN DA 81 13.37 -58.69 -23.35
N GLY DA 82 12.96 -57.63 -22.67
CA GLY DA 82 12.57 -57.76 -21.28
C GLY DA 82 13.70 -58.23 -20.40
N ASN DA 83 14.91 -57.78 -20.70
CA ASN DA 83 16.13 -58.40 -20.25
C ASN DA 83 16.87 -57.49 -19.27
N PRO DA 84 17.24 -57.95 -18.08
CA PRO DA 84 18.06 -57.11 -17.21
C PRO DA 84 19.45 -56.93 -17.79
N LEU DA 85 20.11 -55.89 -17.29
CA LEU DA 85 21.43 -55.50 -17.77
C LEU DA 85 22.29 -55.05 -16.58
N GLY DA 86 23.55 -55.44 -16.61
CA GLY DA 86 24.46 -55.16 -15.52
C GLY DA 86 25.24 -53.88 -15.76
N ASP DA 87 25.87 -53.78 -16.93
CA ASP DA 87 26.49 -52.52 -17.33
C ASP DA 87 25.37 -51.52 -17.54
N GLY DA 88 25.22 -50.62 -16.58
CA GLY DA 88 24.09 -49.72 -16.52
C GLY DA 88 23.17 -50.13 -15.41
N ILE DA 89 23.29 -49.43 -14.28
CA ILE DA 89 22.43 -49.67 -13.13
C ILE DA 89 22.45 -48.43 -12.28
N ILE DA 90 21.32 -48.14 -11.65
CA ILE DA 90 21.15 -46.95 -10.83
C ILE DA 90 20.53 -47.41 -9.52
N PHE DA 91 20.89 -46.70 -8.45
CA PHE DA 91 20.13 -46.73 -7.20
C PHE DA 91 19.97 -48.15 -6.68
N ASN DA 92 21.10 -48.68 -6.21
CA ASN DA 92 21.11 -49.83 -5.32
C ASN DA 92 21.07 -49.28 -3.91
N ASP DA 93 19.98 -49.53 -3.19
CA ASP DA 93 19.81 -48.93 -1.89
C ASP DA 93 18.86 -49.78 -1.08
N THR DA 94 18.82 -49.53 0.22
CA THR DA 94 17.87 -50.23 1.08
C THR DA 94 16.52 -49.53 0.98
N LEU DA 95 15.60 -49.94 1.87
CA LEU DA 95 14.36 -49.23 2.12
C LEU DA 95 14.40 -48.47 3.42
N GLY DA 96 15.02 -49.03 4.44
CA GLY DA 96 14.89 -48.53 5.80
C GLY DA 96 15.70 -47.30 6.09
N ARG DA 97 15.65 -46.36 5.15
CA ARG DA 97 16.61 -45.29 5.08
C ARG DA 97 16.01 -43.94 4.75
N PHE DA 98 14.83 -43.86 4.15
CA PHE DA 98 14.48 -42.64 3.45
C PHE DA 98 13.87 -41.57 4.34
N ASN DA 99 13.09 -41.94 5.36
CA ASN DA 99 12.38 -40.96 6.17
C ASN DA 99 11.47 -40.11 5.30
N TYR DA 100 10.44 -40.81 4.80
CA TYR DA 100 9.58 -40.35 3.70
C TYR DA 100 9.13 -38.91 3.89
N ASN DA 101 8.49 -38.66 5.03
CA ASN DA 101 7.79 -37.40 5.28
C ASN DA 101 8.70 -36.19 5.10
N LYS DA 102 9.99 -36.35 5.34
CA LYS DA 102 10.95 -35.25 5.18
C LYS DA 102 11.68 -35.30 3.85
N MET DA 103 12.10 -36.50 3.44
CA MET DA 103 12.88 -36.63 2.22
C MET DA 103 12.11 -36.20 0.99
N ARG DA 104 10.78 -36.20 1.05
CA ARG DA 104 10.04 -35.64 -0.08
C ARG DA 104 10.25 -34.15 -0.25
N THR DA 105 10.75 -33.45 0.78
CA THR DA 105 10.83 -31.99 0.80
C THR DA 105 12.25 -31.49 0.91
N ASP DA 106 13.02 -31.97 1.88
CA ASP DA 106 14.30 -31.37 2.20
C ASP DA 106 15.30 -31.57 1.06
N PRO DA 107 16.28 -30.66 0.91
CA PRO DA 107 17.32 -30.88 -0.11
C PRO DA 107 18.31 -31.96 0.23
N ASP DA 108 18.51 -32.29 1.50
CA ASP DA 108 19.59 -33.17 1.91
C ASP DA 108 19.13 -34.57 2.24
N TYR DA 109 17.91 -34.71 2.77
CA TYR DA 109 17.29 -36.03 2.80
C TYR DA 109 16.97 -36.55 1.41
N MET DA 110 16.93 -35.66 0.42
CA MET DA 110 16.78 -35.99 -1.00
C MET DA 110 17.81 -37.02 -1.45
N ARG DA 111 17.53 -37.75 -2.54
CA ARG DA 111 18.42 -38.83 -2.98
C ARG DA 111 18.64 -38.86 -4.47
N LYS DA 112 19.89 -38.67 -4.84
CA LYS DA 112 20.28 -38.57 -6.22
C LYS DA 112 20.77 -39.92 -6.74
N THR DA 113 20.76 -40.04 -8.05
CA THR DA 113 21.13 -41.26 -8.72
C THR DA 113 22.64 -41.48 -8.63
N ALA DA 114 23.06 -42.65 -9.10
CA ALA DA 114 24.48 -42.94 -9.18
C ALA DA 114 25.11 -42.24 -10.36
N LYS DA 115 24.52 -42.41 -11.54
CA LYS DA 115 25.04 -41.84 -12.77
C LYS DA 115 23.86 -41.45 -13.65
N SER DA 116 24.18 -40.93 -14.83
CA SER DA 116 23.18 -40.41 -15.74
C SER DA 116 22.51 -41.58 -16.45
N LEU DA 117 21.64 -41.25 -17.41
CA LEU DA 117 20.87 -42.27 -18.10
C LEU DA 117 20.21 -41.66 -19.32
N MET DA 118 19.92 -42.52 -20.29
CA MET DA 118 19.07 -42.19 -21.41
C MET DA 118 18.20 -43.39 -21.71
N VAL DA 119 17.04 -43.11 -22.32
CA VAL DA 119 16.05 -44.14 -22.61
C VAL DA 119 15.51 -43.86 -24.00
N ASP DA 120 15.83 -44.74 -24.94
CA ASP DA 120 15.37 -44.58 -26.31
C ASP DA 120 13.88 -44.91 -26.37
N GLU DA 121 13.35 -44.95 -27.59
CA GLU DA 121 11.92 -45.09 -27.80
C GLU DA 121 11.38 -46.41 -27.30
N ARG DA 122 12.22 -47.44 -27.23
CA ARG DA 122 11.81 -48.75 -26.73
C ARG DA 122 12.95 -49.29 -25.87
N GLU DA 123 12.91 -48.95 -24.59
CA GLU DA 123 13.87 -49.46 -23.62
C GLU DA 123 13.17 -49.48 -22.28
N ILE DA 124 13.46 -50.50 -21.49
CA ILE DA 124 12.73 -50.78 -20.28
C ILE DA 124 13.61 -50.39 -19.10
N VAL DA 125 12.96 -50.05 -18.00
CA VAL DA 125 13.63 -49.91 -16.72
C VAL DA 125 12.78 -50.66 -15.71
N LYS DA 126 13.44 -51.30 -14.75
CA LYS DA 126 12.77 -52.11 -13.77
C LYS DA 126 13.20 -51.68 -12.37
N VAL DA 127 12.30 -51.91 -11.44
CA VAL DA 127 12.53 -51.60 -10.04
C VAL DA 127 12.35 -52.91 -9.28
N PHE DA 128 13.46 -53.62 -9.10
CA PHE DA 128 13.42 -54.86 -8.36
C PHE DA 128 13.46 -54.57 -6.88
N VAL DA 129 12.79 -55.42 -6.11
CA VAL DA 129 12.56 -55.20 -4.69
C VAL DA 129 12.92 -56.48 -3.97
N ASP DA 130 14.01 -56.45 -3.21
CA ASP DA 130 14.43 -57.60 -2.41
C ASP DA 130 13.83 -57.44 -1.03
N VAL DA 131 12.66 -58.06 -0.84
CA VAL DA 131 12.16 -58.38 0.49
C VAL DA 131 12.72 -59.76 0.84
N PRO DA 132 13.64 -59.88 1.79
CA PRO DA 132 14.34 -61.16 1.95
C PRO DA 132 13.43 -62.28 2.40
N ASP DA 133 12.66 -62.03 3.46
CA ASP DA 133 11.91 -63.09 4.12
C ASP DA 133 11.13 -62.50 5.28
N GLY DA 134 10.25 -63.33 5.83
CA GLY DA 134 9.58 -63.04 7.09
C GLY DA 134 8.93 -61.67 7.16
N ALA DA 135 8.30 -61.26 6.06
CA ALA DA 135 7.84 -59.90 5.89
C ALA DA 135 6.43 -59.90 5.32
N ASN DA 136 5.87 -58.71 5.19
CA ASN DA 136 4.57 -58.53 4.59
C ASN DA 136 4.71 -58.36 3.10
N GLY DA 137 3.71 -58.87 2.37
CA GLY DA 137 3.71 -58.70 0.94
C GLY DA 137 3.54 -57.26 0.53
N TYR DA 138 4.00 -56.97 -0.68
CA TYR DA 138 3.94 -55.62 -1.22
C TYR DA 138 2.62 -55.37 -1.91
N ASP DA 139 2.13 -54.13 -1.80
CA ASP DA 139 1.06 -53.63 -2.64
C ASP DA 139 1.46 -52.29 -3.23
N ALA DA 140 0.90 -52.00 -4.39
CA ALA DA 140 1.23 -50.81 -5.17
C ALA DA 140 0.23 -49.69 -4.98
N GLU DA 141 -1.05 -50.04 -4.85
CA GLU DA 141 -2.09 -49.03 -4.68
C GLU DA 141 -1.87 -48.20 -3.42
N ARG DA 142 -1.28 -48.80 -2.40
CA ARG DA 142 -0.88 -48.10 -1.19
C ARG DA 142 0.55 -47.59 -1.28
N SER DA 143 1.06 -47.39 -2.50
CA SER DA 143 2.45 -47.01 -2.68
C SER DA 143 2.58 -46.09 -3.89
N ARG DA 144 3.69 -45.38 -3.93
CA ARG DA 144 3.94 -44.39 -4.97
C ARG DA 144 5.43 -44.43 -5.30
N PHE DA 145 5.86 -43.48 -6.11
CA PHE DA 145 7.22 -43.45 -6.64
C PHE DA 145 7.37 -42.13 -7.39
N THR DA 146 8.60 -41.64 -7.50
CA THR DA 146 8.89 -40.50 -8.34
C THR DA 146 10.30 -40.63 -8.89
N LEU DA 147 10.70 -39.65 -9.69
CA LEU DA 147 12.06 -39.57 -10.17
C LEU DA 147 12.61 -38.14 -10.24
N GLY DA 148 11.81 -37.12 -9.97
CA GLY DA 148 12.25 -35.77 -10.24
C GLY DA 148 11.52 -34.74 -9.42
N ASP DA 149 12.13 -33.55 -9.35
CA ASP DA 149 11.50 -32.36 -8.77
C ASP DA 149 11.79 -31.21 -9.73
N ASP DA 150 10.92 -31.06 -10.73
CA ASP DA 150 11.01 -29.93 -11.64
C ASP DA 150 10.42 -28.66 -11.05
N THR DA 151 9.52 -28.79 -10.08
CA THR DA 151 8.88 -27.64 -9.49
C THR DA 151 9.88 -26.78 -8.74
N SER DA 152 10.83 -27.41 -8.09
CA SER DA 152 11.70 -26.73 -7.16
C SER DA 152 12.86 -26.06 -7.89
N ASP DA 153 13.85 -25.61 -7.12
CA ASP DA 153 14.97 -24.84 -7.62
C ASP DA 153 16.28 -25.60 -7.48
N PHE DA 154 16.63 -26.00 -6.26
CA PHE DA 154 17.87 -26.70 -6.01
C PHE DA 154 17.89 -28.05 -6.71
N GLY DA 155 16.73 -28.69 -6.84
CA GLY DA 155 16.68 -30.06 -7.32
C GLY DA 155 16.57 -30.17 -8.83
N LYS DA 156 16.75 -31.39 -9.31
CA LYS DA 156 16.77 -31.69 -10.73
C LYS DA 156 15.45 -32.31 -11.16
N ALA DA 157 15.39 -32.68 -12.43
CA ALA DA 157 14.17 -33.23 -13.01
C ALA DA 157 14.54 -34.01 -14.27
N VAL DA 158 13.54 -34.66 -14.82
CA VAL DA 158 13.71 -35.49 -16.00
C VAL DA 158 13.57 -34.62 -17.22
N GLU DA 159 14.43 -34.86 -18.20
CA GLU DA 159 14.48 -34.08 -19.43
C GLU DA 159 13.90 -34.92 -20.56
N ILE DA 160 12.68 -34.60 -20.97
CA ILE DA 160 12.03 -35.29 -22.07
C ILE DA 160 12.21 -34.50 -23.35
N VAL DA 161 12.30 -35.22 -24.45
CA VAL DA 161 12.40 -34.65 -25.79
C VAL DA 161 11.60 -35.53 -26.74
N ASP DA 162 10.93 -34.89 -27.69
CA ASP DA 162 10.30 -35.59 -28.79
C ASP DA 162 11.34 -35.88 -29.85
N HIS DA 163 11.40 -37.14 -30.28
CA HIS DA 163 12.42 -37.57 -31.23
C HIS DA 163 12.31 -36.85 -32.57
N ASP DA 164 11.15 -36.31 -32.90
CA ASP DA 164 10.95 -35.73 -34.23
C ASP DA 164 11.78 -34.47 -34.44
N ASP DA 165 12.02 -33.70 -33.38
CA ASP DA 165 12.61 -32.38 -33.49
C ASP DA 165 14.14 -32.40 -33.43
N LEU DA 166 14.76 -33.52 -33.78
CA LEU DA 166 16.20 -33.68 -33.66
C LEU DA 166 16.81 -34.19 -34.96
N THR DA 167 18.13 -33.97 -35.06
CA THR DA 167 18.97 -34.57 -36.08
C THR DA 167 20.03 -35.49 -35.50
N GLU DA 168 20.29 -35.42 -34.19
CA GLU DA 168 21.10 -36.39 -33.48
C GLU DA 168 20.32 -37.62 -33.05
N GLY DA 169 19.11 -37.82 -33.59
CA GLY DA 169 18.31 -38.96 -33.19
C GLY DA 169 18.99 -40.29 -33.49
N GLU DA 170 19.68 -40.36 -34.64
CA GLU DA 170 20.39 -41.59 -34.96
C GLU DA 170 21.55 -41.83 -34.00
N THR DA 171 22.26 -40.77 -33.61
CA THR DA 171 23.37 -40.93 -32.68
C THR DA 171 22.86 -41.38 -31.32
N GLN DA 172 21.76 -40.81 -30.86
CA GLN DA 172 21.15 -41.26 -29.62
C GLN DA 172 20.55 -42.66 -29.75
N ALA DA 173 20.27 -43.10 -30.98
CA ALA DA 173 19.82 -44.47 -31.19
C ALA DA 173 20.98 -45.45 -31.14
N VAL DA 174 22.18 -45.03 -31.51
CA VAL DA 174 23.36 -45.87 -31.39
C VAL DA 174 23.61 -46.10 -29.89
N ASN EA 3 57.84 -50.66 14.81
CA ASN EA 3 58.19 -50.72 13.40
C ASN EA 3 58.35 -52.15 12.92
N ILE EA 4 58.21 -52.35 11.62
CA ILE EA 4 58.42 -53.63 10.98
C ILE EA 4 59.36 -53.40 9.81
N GLY EA 5 60.18 -54.40 9.52
CA GLY EA 5 61.08 -54.34 8.40
C GLY EA 5 60.42 -54.87 7.14
N ASN EA 6 60.74 -54.24 6.02
CA ASN EA 6 60.18 -54.63 4.75
C ASN EA 6 60.68 -56.02 4.35
N LEU EA 7 59.92 -56.67 3.49
CA LEU EA 7 60.24 -58.00 3.02
C LEU EA 7 60.02 -58.09 1.52
N SER EA 8 60.69 -59.06 0.91
CA SER EA 8 60.56 -59.29 -0.51
C SER EA 8 59.30 -60.08 -0.82
N ALA EA 9 59.02 -60.21 -2.12
CA ALA EA 9 57.89 -61.03 -2.54
C ALA EA 9 58.18 -62.49 -2.30
N GLU EA 10 59.42 -62.90 -2.53
CA GLU EA 10 59.81 -64.28 -2.28
C GLU EA 10 59.75 -64.57 -0.79
N LYS EA 11 59.08 -65.65 -0.43
CA LYS EA 11 58.93 -66.01 0.97
C LYS EA 11 59.19 -67.49 1.16
N GLN EA 12 59.86 -67.80 2.25
CA GLN EA 12 60.39 -69.13 2.51
C GLN EA 12 59.47 -69.82 3.51
N ILE EA 13 58.94 -70.99 3.12
CA ILE EA 13 57.93 -71.69 3.89
C ILE EA 13 58.23 -73.19 3.87
N SER EA 14 57.37 -73.94 4.52
CA SER EA 14 57.47 -75.39 4.59
C SER EA 14 56.06 -75.95 4.68
N LEU EA 15 55.66 -76.70 3.67
CA LEU EA 15 54.30 -77.19 3.57
C LEU EA 15 54.10 -78.41 4.45
N TYR EA 16 52.85 -78.78 4.64
CA TYR EA 16 52.53 -79.94 5.45
C TYR EA 16 51.06 -80.30 5.26
N ASP EA 17 50.61 -81.27 6.06
CA ASP EA 17 49.29 -81.86 5.90
C ASP EA 17 48.20 -80.85 6.25
N GLY EA 18 48.20 -80.38 7.49
CA GLY EA 18 47.13 -79.53 7.96
C GLY EA 18 47.14 -78.11 7.44
N GLN EA 19 47.06 -77.97 6.13
CA GLN EA 19 46.80 -76.71 5.45
C GLN EA 19 45.52 -76.87 4.64
N PRO EA 20 44.87 -75.79 4.26
CA PRO EA 20 43.60 -75.93 3.55
C PRO EA 20 43.76 -76.31 2.09
N PHE EA 21 44.69 -75.66 1.38
CA PHE EA 21 44.74 -75.82 -0.07
C PHE EA 21 45.32 -77.17 -0.47
N ILE EA 22 46.19 -77.72 0.36
CA ILE EA 22 46.52 -79.13 0.23
C ILE EA 22 45.29 -79.99 0.52
N SER EA 23 45.31 -81.21 0.02
CA SER EA 23 44.24 -82.18 0.26
C SER EA 23 44.87 -83.53 0.57
N GLU EA 24 44.02 -84.48 0.93
CA GLU EA 24 44.51 -85.82 1.26
C GLU EA 24 43.35 -86.80 1.18
N GLN EA 25 43.65 -88.06 1.45
CA GLN EA 25 42.67 -89.13 1.55
C GLN EA 25 43.37 -90.37 2.07
N ASP EA 26 42.58 -91.28 2.62
CA ASP EA 26 43.11 -92.57 3.01
C ASP EA 26 43.34 -93.44 1.77
N VAL EA 27 44.14 -94.49 1.95
CA VAL EA 27 44.55 -95.36 0.87
C VAL EA 27 44.55 -96.79 1.38
N ALA EA 28 44.25 -97.72 0.48
CA ALA EA 28 44.27 -99.15 0.76
C ALA EA 28 45.44 -99.81 0.06
N ALA EA 29 45.70 -101.05 0.44
CA ALA EA 29 46.83 -101.78 -0.10
C ALA EA 29 46.61 -102.11 -1.56
N GLY EA 30 47.72 -102.12 -2.31
CA GLY EA 30 47.69 -102.49 -3.71
C GLY EA 30 46.81 -101.58 -4.53
N ASP EA 31 47.11 -100.29 -4.50
CA ASP EA 31 46.33 -99.30 -5.21
C ASP EA 31 47.19 -98.07 -5.42
N PRO EA 32 48.23 -98.17 -6.27
CA PRO EA 32 49.17 -97.06 -6.40
C PRO EA 32 48.56 -95.82 -6.99
N ASN EA 33 47.59 -95.96 -7.89
CA ASN EA 33 47.03 -94.81 -8.60
C ASN EA 33 46.14 -93.95 -7.72
N THR EA 34 45.91 -94.31 -6.46
CA THR EA 34 45.12 -93.50 -5.55
C THR EA 34 46.05 -92.60 -4.74
N PRO EA 35 46.15 -91.31 -5.05
CA PRO EA 35 47.08 -90.46 -4.30
C PRO EA 35 46.58 -90.20 -2.89
N ALA EA 36 47.51 -90.19 -1.95
CA ALA EA 36 47.21 -89.86 -0.57
C ALA EA 36 47.33 -88.37 -0.28
N LEU EA 37 48.05 -87.64 -1.11
CA LEU EA 37 48.14 -86.19 -0.98
C LEU EA 37 48.05 -85.55 -2.35
N THR EA 38 47.28 -84.47 -2.40
CA THR EA 38 47.00 -83.72 -3.62
C THR EA 38 47.26 -82.27 -3.30
N ILE EA 39 48.47 -81.83 -3.56
CA ILE EA 39 48.78 -80.41 -3.49
C ILE EA 39 48.23 -79.75 -4.73
N GLU EA 40 47.82 -78.50 -4.58
CA GLU EA 40 47.04 -77.82 -5.60
C GLU EA 40 47.35 -76.34 -5.54
N GLY EA 41 47.80 -75.78 -6.66
CA GLY EA 41 48.18 -74.40 -6.72
C GLY EA 41 47.07 -73.45 -6.33
N PRO EA 42 47.29 -72.58 -5.35
CA PRO EA 42 46.34 -71.49 -5.13
C PRO EA 42 46.43 -70.46 -6.24
N ASP EA 43 45.39 -69.64 -6.32
CA ASP EA 43 45.29 -68.64 -7.37
C ASP EA 43 46.03 -67.38 -6.96
N GLY EA 44 46.67 -66.73 -7.93
CA GLY EA 44 47.50 -65.60 -7.64
C GLY EA 44 48.73 -65.96 -6.86
N TYR EA 45 49.27 -67.16 -7.08
CA TYR EA 45 50.46 -67.59 -6.40
C TYR EA 45 51.25 -68.52 -7.30
N VAL EA 46 52.56 -68.46 -7.14
CA VAL EA 46 53.47 -69.46 -7.70
C VAL EA 46 54.34 -69.93 -6.56
N ILE EA 47 54.72 -71.21 -6.59
CA ILE EA 47 55.62 -71.79 -5.62
C ILE EA 47 56.73 -72.51 -6.36
N ALA EA 48 57.90 -72.52 -5.76
CA ALA EA 48 59.11 -72.96 -6.42
C ALA EA 48 59.92 -73.83 -5.47
N VAL EA 49 60.59 -74.80 -6.07
CA VAL EA 49 61.40 -75.79 -5.39
C VAL EA 49 62.67 -75.94 -6.19
N ASP EA 50 63.82 -75.71 -5.55
CA ASP EA 50 65.09 -75.78 -6.26
C ASP EA 50 65.47 -77.26 -6.40
N ALA EA 51 66.71 -77.50 -6.81
CA ALA EA 51 67.12 -78.85 -7.21
C ALA EA 51 66.99 -79.85 -6.07
N GLY EA 52 67.19 -79.40 -4.83
CA GLY EA 52 67.14 -80.28 -3.68
C GLY EA 52 66.46 -79.64 -2.50
N THR EA 53 65.39 -80.28 -2.02
CA THR EA 53 64.68 -79.83 -0.85
C THR EA 53 64.19 -81.06 -0.09
N PRO EA 54 64.23 -81.05 1.22
CA PRO EA 54 63.88 -82.25 1.98
C PRO EA 54 62.42 -82.63 1.81
N ILE EA 55 62.12 -83.82 2.30
CA ILE EA 55 60.76 -84.29 2.50
C ILE EA 55 60.77 -85.00 3.85
N ALA EA 56 59.63 -85.03 4.52
CA ALA EA 56 59.41 -85.83 5.72
C ALA EA 56 58.28 -86.81 5.47
N PRO EA 57 58.51 -87.82 4.66
CA PRO EA 57 57.39 -88.66 4.20
C PRO EA 57 56.91 -89.62 5.28
N GLU EA 58 56.31 -89.08 6.33
CA GLU EA 58 55.69 -89.90 7.35
C GLU EA 58 54.42 -90.51 6.80
N PHE EA 59 54.37 -91.83 6.75
CA PHE EA 59 53.23 -92.55 6.21
C PHE EA 59 53.04 -93.80 7.07
N ARG EA 60 52.19 -93.66 8.08
CA ARG EA 60 52.00 -94.69 9.08
C ARG EA 60 50.68 -95.41 8.89
N ASP EA 61 50.52 -96.47 9.67
CA ASP EA 61 49.33 -97.29 9.69
C ASP EA 61 48.27 -96.63 10.57
N SER EA 62 47.05 -97.14 10.47
CA SER EA 62 46.00 -96.79 11.43
C SER EA 62 46.48 -96.97 12.86
N ASN EA 63 47.27 -98.01 13.10
CA ASN EA 63 47.87 -98.28 14.39
C ASN EA 63 49.18 -97.53 14.60
N GLY EA 64 49.42 -96.48 13.80
CA GLY EA 64 50.55 -95.59 14.03
C GLY EA 64 51.88 -96.26 13.85
N GLU EA 65 52.00 -97.05 12.79
CA GLU EA 65 53.22 -97.78 12.48
C GLU EA 65 53.56 -97.53 11.03
N LYS EA 66 54.83 -97.29 10.75
CA LYS EA 66 55.25 -97.08 9.38
C LYS EA 66 54.99 -98.34 8.58
N LEU EA 67 54.44 -98.16 7.40
CA LEU EA 67 54.02 -99.29 6.60
C LEU EA 67 55.24 -100.05 6.11
N ASP EA 68 54.99 -101.08 5.31
CA ASP EA 68 56.02 -102.04 4.99
C ASP EA 68 57.17 -101.36 4.26
N PRO EA 69 58.41 -101.76 4.51
CA PRO EA 69 59.52 -101.13 3.78
C PRO EA 69 59.45 -101.37 2.29
N SER EA 70 58.75 -102.41 1.86
CA SER EA 70 58.49 -102.63 0.45
C SER EA 70 57.61 -101.54 -0.14
N THR EA 71 56.89 -100.80 0.70
CA THR EA 71 56.09 -99.68 0.24
C THR EA 71 56.97 -98.70 -0.51
N ARG EA 72 56.36 -97.97 -1.43
CA ARG EA 72 57.05 -96.96 -2.22
C ARG EA 72 56.26 -95.68 -2.30
N VAL EA 73 57.00 -94.59 -2.42
CA VAL EA 73 56.46 -93.25 -2.56
C VAL EA 73 56.91 -92.70 -3.90
N ILE EA 74 56.00 -92.02 -4.58
CA ILE EA 74 56.31 -91.33 -5.81
C ILE EA 74 55.65 -89.96 -5.72
N VAL EA 75 56.45 -88.93 -5.68
CA VAL EA 75 55.95 -87.59 -5.91
C VAL EA 75 55.83 -87.41 -7.41
N GLN EA 76 54.85 -86.63 -7.85
CA GLN EA 76 54.64 -86.48 -9.28
C GLN EA 76 53.96 -85.17 -9.57
N LYS EA 77 54.54 -84.41 -10.50
CA LYS EA 77 53.89 -83.22 -10.99
C LYS EA 77 52.68 -83.61 -11.83
N CYS EA 78 51.71 -82.72 -11.88
CA CYS EA 78 50.54 -82.87 -12.70
C CYS EA 78 50.16 -81.50 -13.20
N ASP EA 79 49.86 -81.42 -14.47
CA ASP EA 79 49.33 -80.19 -15.05
C ASP EA 79 47.87 -80.07 -14.62
N ARG EA 80 47.13 -79.20 -15.26
CA ARG EA 80 45.70 -79.19 -15.07
C ARG EA 80 45.12 -80.47 -15.67
N GLN EA 81 43.79 -80.58 -15.69
CA GLN EA 81 43.02 -81.74 -16.09
C GLN EA 81 43.12 -82.89 -15.10
N GLY EA 82 43.72 -82.66 -13.93
CA GLY EA 82 43.87 -83.74 -12.96
C GLY EA 82 44.66 -84.90 -13.52
N ASN EA 83 45.61 -84.60 -14.37
CA ASN EA 83 46.24 -85.56 -15.25
C ASN EA 83 47.67 -85.81 -14.80
N PRO EA 84 48.08 -87.06 -14.58
CA PRO EA 84 49.50 -87.28 -14.25
C PRO EA 84 50.39 -86.93 -15.41
N LEU EA 85 51.67 -86.77 -15.09
CA LEU EA 85 52.68 -86.40 -16.06
C LEU EA 85 53.98 -87.10 -15.72
N GLY EA 86 54.68 -87.56 -16.76
CA GLY EA 86 55.90 -88.32 -16.60
C GLY EA 86 57.12 -87.45 -16.80
N ASP EA 87 57.12 -86.66 -17.86
CA ASP EA 87 58.14 -85.66 -18.05
C ASP EA 87 57.91 -84.59 -17.01
N GLY EA 88 58.65 -84.68 -15.91
CA GLY EA 88 58.38 -83.90 -14.72
C GLY EA 88 57.92 -84.83 -13.64
N ILE EA 89 58.85 -85.22 -12.77
CA ILE EA 89 58.55 -86.12 -11.68
C ILE EA 89 59.69 -86.03 -10.68
N ILE EA 90 59.35 -86.17 -9.41
CA ILE EA 90 60.28 -85.98 -8.32
C ILE EA 90 60.15 -87.18 -7.39
N PHE EA 91 61.27 -87.57 -6.79
CA PHE EA 91 61.27 -88.39 -5.58
C PHE EA 91 60.51 -89.70 -5.78
N ASN EA 92 61.12 -90.57 -6.56
CA ASN EA 92 60.79 -91.98 -6.54
C ASN EA 92 61.65 -92.64 -5.48
N ASP EA 93 61.01 -93.25 -4.48
CA ASP EA 93 61.74 -93.81 -3.37
C ASP EA 93 60.91 -94.91 -2.75
N THR EA 94 61.55 -95.72 -1.92
CA THR EA 94 60.81 -96.63 -1.07
C THR EA 94 60.23 -95.87 0.12
N LEU EA 95 59.64 -96.62 1.04
CA LEU EA 95 59.28 -96.13 2.36
C LEU EA 95 60.29 -96.55 3.40
N GLY EA 96 60.86 -97.72 3.25
CA GLY EA 96 61.62 -98.31 4.33
C GLY EA 96 63.04 -97.82 4.42
N ARG EA 97 63.24 -96.52 4.24
CA ARG EA 97 64.57 -95.97 4.08
C ARG EA 97 64.78 -94.64 4.82
N PHE EA 98 63.79 -94.14 5.54
CA PHE EA 98 63.90 -92.76 5.99
C PHE EA 98 64.49 -92.64 7.40
N ASN EA 99 64.15 -93.53 8.32
CA ASN EA 99 64.56 -93.37 9.71
C ASN EA 99 64.05 -92.03 10.25
N TYR EA 100 62.72 -91.99 10.33
CA TYR EA 100 61.94 -90.77 10.55
C TYR EA 100 62.53 -89.91 11.64
N ASN EA 101 62.78 -90.53 12.79
CA ASN EA 101 63.09 -89.85 14.02
C ASN EA 101 64.33 -88.99 13.92
N LYS EA 102 65.25 -89.36 13.05
CA LYS EA 102 66.46 -88.59 12.78
C LYS EA 102 66.35 -87.77 11.52
N MET EA 103 65.80 -88.35 10.46
CA MET EA 103 65.84 -87.71 9.16
C MET EA 103 65.06 -86.41 9.12
N ARG EA 104 64.10 -86.22 10.02
CA ARG EA 104 63.51 -84.89 10.10
C ARG EA 104 64.53 -83.82 10.51
N THR EA 105 65.66 -84.22 11.05
CA THR EA 105 66.62 -83.33 11.70
C THR EA 105 67.98 -83.31 11.04
N ASP EA 106 68.53 -84.47 10.71
CA ASP EA 106 69.95 -84.59 10.47
C ASP EA 106 70.29 -84.30 9.01
N PRO EA 107 71.42 -83.65 8.72
CA PRO EA 107 71.77 -83.41 7.31
C PRO EA 107 72.03 -84.66 6.50
N ASP EA 108 72.58 -85.70 7.12
CA ASP EA 108 72.94 -86.88 6.36
C ASP EA 108 71.72 -87.75 6.08
N TYR EA 109 70.89 -87.98 7.10
CA TYR EA 109 69.65 -88.70 6.88
C TYR EA 109 68.66 -87.91 6.03
N MET EA 110 68.87 -86.59 5.90
CA MET EA 110 68.02 -85.76 5.07
C MET EA 110 68.02 -86.25 3.63
N ARG EA 111 66.87 -86.14 2.97
CA ARG EA 111 66.70 -86.63 1.61
C ARG EA 111 65.98 -85.61 0.76
N LYS EA 112 66.67 -85.12 -0.25
CA LYS EA 112 66.22 -84.03 -1.07
C LYS EA 112 65.52 -84.55 -2.31
N THR EA 113 65.17 -83.63 -3.20
CA THR EA 113 64.49 -83.96 -4.44
C THR EA 113 65.51 -84.45 -5.47
N ALA EA 114 65.01 -84.68 -6.68
CA ALA EA 114 65.85 -85.03 -7.82
C ALA EA 114 66.20 -83.80 -8.64
N LYS EA 115 65.26 -82.87 -8.77
CA LYS EA 115 65.47 -81.68 -9.57
C LYS EA 115 64.54 -80.59 -9.07
N SER EA 116 64.49 -79.50 -9.81
CA SER EA 116 63.73 -78.32 -9.42
C SER EA 116 62.29 -78.49 -9.86
N LEU EA 117 61.49 -77.44 -9.69
CA LEU EA 117 60.07 -77.52 -9.97
C LEU EA 117 59.48 -76.13 -9.87
N MET EA 118 58.35 -75.95 -10.58
CA MET EA 118 57.56 -74.75 -10.48
C MET EA 118 56.10 -75.14 -10.62
N VAL EA 119 55.22 -74.35 -10.01
CA VAL EA 119 53.81 -74.65 -9.91
C VAL EA 119 53.05 -73.36 -10.16
N ASP EA 120 52.35 -73.29 -11.27
CA ASP EA 120 51.59 -72.10 -11.63
C ASP EA 120 50.40 -71.97 -10.70
N GLU EA 121 49.54 -70.99 -10.98
CA GLU EA 121 48.39 -70.71 -10.14
C GLU EA 121 47.48 -71.92 -10.01
N ARG EA 122 47.44 -72.78 -11.02
CA ARG EA 122 46.57 -73.95 -11.00
C ARG EA 122 47.33 -75.11 -11.64
N GLU EA 123 48.04 -75.85 -10.79
CA GLU EA 123 48.70 -77.07 -11.18
C GLU EA 123 48.73 -77.97 -9.96
N ILE EA 124 48.67 -79.26 -10.20
CA ILE EA 124 48.47 -80.23 -9.13
C ILE EA 124 49.78 -80.97 -8.95
N VAL EA 125 50.00 -81.46 -7.75
CA VAL EA 125 51.06 -82.41 -7.46
C VAL EA 125 50.43 -83.52 -6.64
N LYS EA 126 50.89 -84.74 -6.89
CA LYS EA 126 50.28 -85.91 -6.30
C LYS EA 126 51.35 -86.76 -5.65
N VAL EA 127 50.92 -87.46 -4.59
CA VAL EA 127 51.78 -88.34 -3.83
C VAL EA 127 51.18 -89.73 -3.96
N PHE EA 128 51.68 -90.49 -4.91
CA PHE EA 128 51.22 -91.85 -5.11
C PHE EA 128 52.02 -92.80 -4.22
N VAL EA 129 51.34 -93.83 -3.75
CA VAL EA 129 51.88 -94.72 -2.73
C VAL EA 129 51.62 -96.15 -3.18
N ASP EA 130 52.69 -96.87 -3.53
CA ASP EA 130 52.59 -98.27 -3.93
C ASP EA 130 52.82 -99.12 -2.70
N VAL EA 131 51.71 -99.51 -2.09
CA VAL EA 131 51.71 -100.61 -1.12
C VAL EA 131 51.69 -101.92 -1.90
N PRO EA 132 52.54 -102.91 -1.55
CA PRO EA 132 52.67 -104.08 -2.45
C PRO EA 132 51.38 -104.87 -2.59
N ASP EA 133 50.87 -105.41 -1.49
CA ASP EA 133 49.56 -106.04 -1.39
C ASP EA 133 49.43 -106.58 0.01
N GLY EA 134 48.21 -106.90 0.40
CA GLY EA 134 47.95 -107.63 1.64
C GLY EA 134 48.52 -107.04 2.91
N ALA EA 135 48.90 -105.76 2.87
CA ALA EA 135 49.50 -105.08 4.00
C ALA EA 135 48.42 -104.31 4.75
N ASN EA 136 48.84 -103.49 5.70
CA ASN EA 136 47.91 -102.69 6.47
C ASN EA 136 47.50 -101.45 5.69
N GLY EA 137 46.26 -101.03 5.89
CA GLY EA 137 45.77 -99.86 5.21
C GLY EA 137 46.42 -98.59 5.73
N TYR EA 138 46.38 -97.58 4.87
CA TYR EA 138 46.95 -96.28 5.19
C TYR EA 138 45.91 -95.38 5.86
N ASP EA 139 46.38 -94.56 6.79
CA ASP EA 139 45.61 -93.44 7.30
C ASP EA 139 46.46 -92.18 7.25
N ALA EA 140 45.77 -91.04 7.18
CA ALA EA 140 46.40 -89.75 7.04
C ALA EA 140 46.47 -88.97 8.34
N GLU EA 141 45.43 -89.08 9.17
CA GLU EA 141 45.42 -88.39 10.45
C GLU EA 141 46.57 -88.85 11.34
N ARG EA 142 46.98 -90.11 11.22
CA ARG EA 142 48.13 -90.64 11.91
C ARG EA 142 49.41 -90.47 11.10
N SER EA 143 49.42 -89.51 10.18
CA SER EA 143 50.57 -89.32 9.31
C SER EA 143 50.74 -87.84 9.03
N ARG EA 144 51.95 -87.49 8.61
CA ARG EA 144 52.31 -86.13 8.29
C ARG EA 144 53.08 -86.14 6.97
N PHE EA 145 53.57 -84.98 6.59
CA PHE EA 145 54.32 -84.82 5.35
C PHE EA 145 54.90 -83.42 5.35
N THR EA 146 56.03 -83.25 4.69
CA THR EA 146 56.62 -81.92 4.51
C THR EA 146 57.29 -81.85 3.15
N LEU EA 147 57.83 -80.68 2.85
CA LEU EA 147 58.65 -80.50 1.66
C LEU EA 147 59.84 -79.56 1.88
N GLY EA 148 59.98 -78.96 3.05
CA GLY EA 148 61.03 -77.98 3.25
C GLY EA 148 61.42 -77.88 4.70
N ASP EA 149 62.61 -77.32 4.91
CA ASP EA 149 63.16 -77.07 6.24
C ASP EA 149 63.53 -75.60 6.27
N ASP EA 150 62.54 -74.77 6.60
CA ASP EA 150 62.71 -73.33 6.62
C ASP EA 150 63.17 -72.80 7.96
N THR EA 151 62.86 -73.52 9.03
CA THR EA 151 63.32 -73.11 10.36
C THR EA 151 64.83 -73.24 10.47
N SER EA 152 65.38 -74.31 9.92
CA SER EA 152 66.79 -74.63 10.10
C SER EA 152 67.64 -73.64 9.32
N ASP EA 153 68.96 -73.92 9.32
CA ASP EA 153 69.93 -73.08 8.66
C ASP EA 153 70.68 -73.78 7.54
N PHE EA 154 70.70 -75.12 7.52
CA PHE EA 154 71.34 -75.84 6.43
C PHE EA 154 70.35 -76.34 5.40
N GLY EA 155 69.12 -76.64 5.80
CA GLY EA 155 68.14 -77.15 4.87
C GLY EA 155 67.44 -76.07 4.09
N LYS EA 156 66.93 -76.46 2.93
CA LYS EA 156 66.25 -75.54 2.03
C LYS EA 156 64.78 -75.40 2.43
N ALA EA 157 64.05 -74.62 1.64
CA ALA EA 157 62.66 -74.33 1.92
C ALA EA 157 61.95 -73.97 0.62
N VAL EA 158 60.63 -73.94 0.70
CA VAL EA 158 59.81 -73.66 -0.47
C VAL EA 158 59.70 -72.16 -0.65
N GLU EA 159 59.72 -71.72 -1.91
CA GLU EA 159 59.78 -70.31 -2.24
C GLU EA 159 58.48 -69.90 -2.91
N ILE EA 160 57.65 -69.15 -2.19
CA ILE EA 160 56.36 -68.70 -2.71
C ILE EA 160 56.49 -67.25 -3.15
N VAL EA 161 55.71 -66.91 -4.18
CA VAL EA 161 55.62 -65.56 -4.71
C VAL EA 161 54.17 -65.32 -5.10
N ASP EA 162 53.73 -64.07 -4.96
CA ASP EA 162 52.44 -63.64 -5.45
C ASP EA 162 52.58 -63.22 -6.91
N HIS EA 163 51.65 -63.70 -7.74
CA HIS EA 163 51.75 -63.49 -9.18
C HIS EA 163 51.73 -62.02 -9.57
N ASP EA 164 51.17 -61.16 -8.73
CA ASP EA 164 51.04 -59.75 -9.08
C ASP EA 164 52.38 -59.02 -9.02
N ASP EA 165 53.31 -59.51 -8.22
CA ASP EA 165 54.54 -58.79 -7.91
C ASP EA 165 55.65 -59.04 -8.90
N LEU EA 166 55.33 -59.40 -10.15
CA LEU EA 166 56.35 -59.75 -11.13
C LEU EA 166 56.05 -59.12 -12.48
N THR EA 167 57.12 -58.66 -13.13
CA THR EA 167 57.10 -58.27 -14.53
C THR EA 167 57.52 -59.42 -15.44
N GLU EA 168 58.14 -60.46 -14.89
CA GLU EA 168 58.43 -61.71 -15.59
C GLU EA 168 57.29 -62.71 -15.46
N GLY EA 169 56.12 -62.28 -14.97
CA GLY EA 169 55.02 -63.19 -14.79
C GLY EA 169 54.55 -63.80 -16.09
N GLU EA 170 54.60 -63.02 -17.18
CA GLU EA 170 54.24 -63.57 -18.48
C GLU EA 170 55.24 -64.64 -18.91
N THR EA 171 56.52 -64.45 -18.59
CA THR EA 171 57.53 -65.42 -19.00
C THR EA 171 57.39 -66.71 -18.21
N GLN EA 172 57.14 -66.60 -16.91
CA GLN EA 172 56.93 -67.79 -16.09
C GLN EA 172 55.57 -68.43 -16.34
N ALA EA 173 54.64 -67.69 -16.95
CA ALA EA 173 53.39 -68.30 -17.40
C ALA EA 173 53.63 -69.14 -18.65
N VAL EA 174 54.55 -68.71 -19.52
CA VAL EA 174 54.92 -69.48 -20.69
C VAL EA 174 55.81 -70.64 -20.24
N SER FA 8 105.83 -70.40 23.21
CA SER FA 8 105.73 -68.95 23.20
C SER FA 8 105.12 -68.44 24.52
N ALA FA 9 105.09 -67.12 24.67
CA ALA FA 9 104.49 -66.52 25.86
C ALA FA 9 103.02 -66.88 25.97
N GLU FA 10 102.33 -67.01 24.85
CA GLU FA 10 100.93 -67.39 24.86
C GLU FA 10 100.79 -68.81 25.37
N LYS FA 11 99.75 -69.05 26.16
CA LYS FA 11 99.44 -70.40 26.61
C LYS FA 11 97.94 -70.61 26.63
N GLN FA 12 97.55 -71.85 26.36
CA GLN FA 12 96.16 -72.23 26.23
C GLN FA 12 95.75 -73.00 27.47
N ILE FA 13 94.74 -72.49 28.17
CA ILE FA 13 94.32 -73.04 29.45
C ILE FA 13 92.79 -73.09 29.49
N SER FA 14 92.28 -73.65 30.59
CA SER FA 14 90.85 -73.77 30.82
C SER FA 14 90.62 -73.69 32.31
N LEU FA 15 89.80 -72.73 32.72
CA LEU FA 15 89.61 -72.43 34.12
C LEU FA 15 88.57 -73.33 34.75
N TYR FA 16 88.46 -73.24 36.07
CA TYR FA 16 87.45 -73.97 36.82
C TYR FA 16 87.39 -73.41 38.23
N ASP FA 17 86.67 -74.11 39.09
CA ASP FA 17 86.36 -73.61 40.44
C ASP FA 17 87.60 -73.64 41.33
N GLY FA 18 88.17 -74.83 41.52
CA GLY FA 18 89.23 -75.01 42.49
C GLY FA 18 90.54 -74.36 42.09
N GLN FA 19 90.57 -73.04 42.09
CA GLN FA 19 91.75 -72.25 41.82
C GLN FA 19 91.85 -71.14 42.85
N PRO FA 20 93.02 -70.54 43.03
CA PRO FA 20 93.17 -69.53 44.08
C PRO FA 20 92.57 -68.17 43.76
N PHE FA 21 92.85 -67.64 42.57
CA PHE FA 21 92.46 -66.26 42.28
C PHE FA 21 90.96 -66.13 42.12
N ILE FA 22 90.34 -67.14 41.52
CA ILE FA 22 88.90 -67.22 41.51
C ILE FA 22 88.38 -67.29 42.95
N SER FA 23 87.13 -66.87 43.13
CA SER FA 23 86.45 -66.96 44.41
C SER FA 23 85.00 -67.32 44.17
N GLU FA 24 84.33 -67.72 45.24
CA GLU FA 24 82.96 -68.16 45.15
C GLU FA 24 82.24 -67.87 46.45
N GLN FA 25 80.95 -68.16 46.47
CA GLN FA 25 80.12 -68.02 47.65
C GLN FA 25 78.77 -68.64 47.38
N ASP FA 26 78.12 -69.10 48.44
CA ASP FA 26 76.77 -69.62 48.30
C ASP FA 26 75.80 -68.47 48.06
N VAL FA 27 74.63 -68.82 47.53
CA VAL FA 27 73.63 -67.84 47.11
C VAL FA 27 72.26 -68.36 47.51
N ALA FA 28 71.35 -67.44 47.80
CA ALA FA 28 69.98 -67.73 48.17
C ALA FA 28 69.04 -67.35 47.02
N ALA FA 29 67.81 -67.82 47.14
CA ALA FA 29 66.81 -67.56 46.11
C ALA FA 29 66.46 -66.07 46.08
N GLY FA 30 66.24 -65.57 44.87
CA GLY FA 30 65.82 -64.19 44.71
C GLY FA 30 66.85 -63.20 45.21
N ASP FA 31 68.07 -63.28 44.66
CA ASP FA 31 69.14 -62.37 45.03
C ASP FA 31 70.13 -62.31 43.87
N PRO FA 32 69.71 -61.75 42.74
CA PRO FA 32 70.58 -61.76 41.56
C PRO FA 32 71.83 -60.93 41.70
N ASN FA 33 71.87 -60.00 42.63
CA ASN FA 33 73.04 -59.13 42.79
C ASN FA 33 74.16 -59.78 43.59
N THR FA 34 73.96 -61.00 44.09
CA THR FA 34 75.00 -61.71 44.82
C THR FA 34 75.77 -62.57 43.83
N PRO FA 35 77.01 -62.24 43.48
CA PRO FA 35 77.74 -63.10 42.53
C PRO FA 35 78.18 -64.39 43.19
N ALA FA 36 77.90 -65.51 42.52
CA ALA FA 36 78.33 -66.80 43.00
C ALA FA 36 79.78 -67.10 42.66
N LEU FA 37 80.33 -66.43 41.66
CA LEU FA 37 81.73 -66.59 41.30
C LEU FA 37 82.31 -65.23 40.97
N THR FA 38 83.55 -65.03 41.42
CA THR FA 38 84.27 -63.78 41.29
C THR FA 38 85.66 -64.11 40.77
N ILE FA 39 85.86 -63.90 39.51
CA ILE FA 39 87.17 -64.02 38.90
C ILE FA 39 87.85 -62.67 39.04
N GLU FA 40 89.18 -62.70 39.11
CA GLU FA 40 89.92 -61.51 39.50
C GLU FA 40 91.32 -61.60 38.93
N GLY FA 41 91.72 -60.57 38.20
CA GLY FA 41 93.01 -60.54 37.53
C GLY FA 41 94.17 -60.74 38.49
N PRO FA 42 95.02 -61.74 38.25
CA PRO FA 42 96.29 -61.80 38.98
C PRO FA 42 97.23 -60.73 38.49
N ASP FA 43 98.34 -60.59 39.21
CA ASP FA 43 99.34 -59.59 38.92
C ASP FA 43 100.32 -60.10 37.88
N GLY FA 44 100.51 -59.33 36.81
CA GLY FA 44 101.41 -59.72 35.75
C GLY FA 44 100.95 -60.92 34.96
N TYR FA 45 99.65 -61.14 34.88
CA TYR FA 45 99.10 -62.24 34.09
C TYR FA 45 97.81 -61.74 33.44
N VAL FA 46 97.96 -61.23 32.23
CA VAL FA 46 96.80 -60.89 31.43
C VAL FA 46 96.23 -62.17 30.83
N ILE FA 47 94.92 -62.18 30.60
CA ILE FA 47 94.26 -63.29 29.94
C ILE FA 47 93.39 -62.73 28.84
N ALA FA 48 92.90 -63.62 27.98
CA ALA FA 48 92.13 -63.22 26.83
C ALA FA 48 91.20 -64.34 26.42
N VAL FA 49 90.06 -63.92 25.89
CA VAL FA 49 88.97 -64.80 25.47
C VAL FA 49 88.49 -64.28 24.13
N ASP FA 50 88.52 -65.13 23.11
CA ASP FA 50 88.11 -64.70 21.79
C ASP FA 50 86.58 -64.67 21.75
N ALA FA 51 86.03 -64.47 20.56
CA ALA FA 51 84.59 -64.23 20.42
C ALA FA 51 83.76 -65.42 20.88
N GLY FA 52 84.34 -66.62 20.92
CA GLY FA 52 83.60 -67.79 21.31
C GLY FA 52 84.43 -68.82 22.04
N THR FA 53 83.99 -69.19 23.24
CA THR FA 53 84.67 -70.17 24.07
C THR FA 53 83.64 -70.90 24.90
N PRO FA 54 83.86 -72.18 25.19
CA PRO FA 54 82.87 -72.94 25.96
C PRO FA 54 82.73 -72.43 27.37
N ILE FA 55 81.63 -72.84 27.99
CA ILE FA 55 81.43 -72.73 29.43
C ILE FA 55 80.77 -74.02 29.88
N ALA FA 56 81.02 -74.41 31.13
CA ALA FA 56 80.37 -75.55 31.76
C ALA FA 56 79.58 -75.07 32.98
N PRO FA 57 78.51 -74.35 32.77
CA PRO FA 57 77.85 -73.72 33.92
C PRO FA 57 77.10 -74.72 34.79
N GLU FA 58 77.85 -75.55 35.51
CA GLU FA 58 77.25 -76.46 36.48
C GLU FA 58 76.88 -75.70 37.73
N PHE FA 59 75.60 -75.66 38.04
CA PHE FA 59 75.09 -74.89 39.17
C PHE FA 59 73.97 -75.71 39.80
N ARG FA 60 74.33 -76.51 40.79
CA ARG FA 60 73.43 -77.47 41.39
C ARG FA 60 73.03 -77.03 42.80
N ASP FA 61 72.07 -77.77 43.33
CA ASP FA 61 71.54 -77.56 44.66
C ASP FA 61 72.46 -78.20 45.69
N SER FA 62 72.20 -77.89 46.96
CA SER FA 62 72.78 -78.64 48.06
C SER FA 62 72.65 -80.14 47.84
N ASN FA 63 71.48 -80.57 47.37
CA ASN FA 63 71.19 -81.97 47.12
C ASN FA 63 71.68 -82.44 45.75
N GLY FA 64 72.62 -81.72 45.14
CA GLY FA 64 73.24 -82.14 43.91
C GLY FA 64 72.27 -82.23 42.76
N GLU FA 65 71.51 -81.17 42.55
CA GLU FA 65 70.49 -81.13 41.51
C GLU FA 65 70.55 -79.77 40.85
N LYS FA 66 70.54 -79.75 39.52
CA LYS FA 66 70.55 -78.49 38.81
C LYS FA 66 69.30 -77.71 39.20
N LEU FA 67 69.48 -76.42 39.44
CA LEU FA 67 68.39 -75.61 39.93
C LEU FA 67 67.36 -75.42 38.83
N ASP FA 68 66.34 -74.64 39.13
CA ASP FA 68 65.16 -74.56 38.29
C ASP FA 68 65.56 -74.07 36.89
N PRO FA 69 64.89 -74.57 35.85
CA PRO FA 69 65.27 -74.14 34.50
C PRO FA 69 65.06 -72.67 34.27
N SER FA 70 64.14 -72.06 35.00
CA SER FA 70 63.92 -70.63 34.94
C SER FA 70 65.07 -69.83 35.55
N THR FA 71 65.97 -70.50 36.27
CA THR FA 71 67.19 -69.86 36.73
C THR FA 71 67.94 -69.27 35.56
N ARG FA 72 68.70 -68.21 35.83
CA ARG FA 72 69.49 -67.55 34.80
C ARG FA 72 70.89 -67.28 35.30
N VAL FA 73 71.80 -67.26 34.35
CA VAL FA 73 73.20 -66.92 34.56
C VAL FA 73 73.52 -65.72 33.72
N ILE FA 74 74.29 -64.80 34.30
CA ILE FA 74 74.76 -63.62 33.62
C ILE FA 74 76.22 -63.50 33.97
N VAL FA 75 77.08 -63.74 33.01
CA VAL FA 75 78.48 -63.36 33.17
C VAL FA 75 78.58 -61.87 32.92
N GLN FA 76 79.51 -61.21 33.58
CA GLN FA 76 79.59 -59.77 33.45
C GLN FA 76 81.00 -59.29 33.81
N LYS FA 77 81.52 -58.41 32.98
CA LYS FA 77 82.79 -57.78 33.27
C LYS FA 77 82.62 -56.74 34.36
N CYS FA 78 83.71 -56.47 35.07
CA CYS FA 78 83.74 -55.47 36.11
C CYS FA 78 85.12 -54.86 36.10
N ASP FA 79 85.18 -53.54 36.14
CA ASP FA 79 86.45 -52.86 36.33
C ASP FA 79 86.80 -52.93 37.80
N ARG FA 80 87.75 -52.12 38.24
CA ARG FA 80 88.04 -52.01 39.66
C ARG FA 80 86.84 -51.44 40.40
N GLN FA 81 86.98 -51.24 41.70
CA GLN FA 81 85.94 -50.76 42.62
C GLN FA 81 84.86 -51.80 42.88
N GLY FA 82 85.06 -53.04 42.46
CA GLY FA 82 84.04 -54.05 42.69
C GLY FA 82 82.74 -53.72 42.00
N ASN FA 83 82.82 -53.13 40.82
CA ASN FA 83 81.73 -52.40 40.22
C ASN FA 83 81.22 -53.11 38.96
N PRO FA 84 79.93 -53.41 38.84
CA PRO FA 84 79.45 -53.97 37.57
C PRO FA 84 79.54 -52.95 36.45
N LEU FA 85 79.50 -53.48 35.24
CA LEU FA 85 79.63 -52.68 34.03
C LEU FA 85 78.69 -53.20 32.96
N GLY FA 86 78.09 -52.28 32.22
CA GLY FA 86 77.10 -52.63 31.22
C GLY FA 86 77.73 -52.76 29.85
N ASP FA 87 78.47 -51.75 29.44
CA ASP FA 87 79.26 -51.85 28.22
C ASP FA 87 80.34 -52.89 28.47
N GLY FA 88 80.14 -54.08 27.91
CA GLY FA 88 80.95 -55.22 28.21
C GLY FA 88 80.18 -56.21 29.05
N ILE FA 89 79.66 -57.23 28.40
CA ILE FA 89 78.93 -58.29 29.09
C ILE FA 89 78.94 -59.50 28.19
N ILE FA 90 78.99 -60.67 28.80
CA ILE FA 90 79.06 -61.94 28.10
C ILE FA 90 78.01 -62.85 28.70
N PHE FA 91 77.46 -63.72 27.87
CA PHE FA 91 76.73 -64.90 28.32
C PHE FA 91 75.60 -64.53 29.28
N ASN FA 92 74.59 -63.91 28.69
CA ASN FA 92 73.27 -63.82 29.29
C ASN FA 92 72.49 -65.04 28.83
N ASP FA 93 72.16 -65.94 29.74
CA ASP FA 93 71.54 -67.19 29.35
C ASP FA 93 70.77 -67.74 30.53
N THR FA 94 69.91 -68.71 30.26
CA THR FA 94 69.19 -69.39 31.32
C THR FA 94 70.09 -70.45 31.95
N LEU FA 95 69.49 -71.27 32.79
CA LEU FA 95 70.09 -72.50 33.29
C LEU FA 95 69.50 -73.73 32.63
N GLY FA 96 68.19 -73.72 32.39
CA GLY FA 96 67.46 -74.91 32.02
C GLY FA 96 67.65 -75.34 30.59
N ARG FA 97 68.90 -75.30 30.15
CA ARG FA 97 69.22 -75.32 28.74
C ARG FA 97 70.41 -76.19 28.40
N PHE FA 98 71.30 -76.51 29.32
CA PHE FA 98 72.63 -76.94 28.91
C PHE FA 98 72.72 -78.42 28.61
N ASN FA 99 72.01 -79.28 29.33
CA ASN FA 99 72.14 -80.73 29.16
C ASN FA 99 73.59 -81.15 29.43
N TYR FA 100 73.92 -81.00 30.71
CA TYR FA 100 75.30 -81.03 31.21
C TYR FA 100 76.10 -82.21 30.65
N ASN FA 101 75.57 -83.41 30.84
CA ASN FA 101 76.29 -84.64 30.57
C ASN FA 101 76.79 -84.71 29.13
N LYS FA 102 76.09 -84.05 28.20
CA LYS FA 102 76.50 -84.05 26.80
C LYS FA 102 77.25 -82.79 26.42
N MET FA 103 76.77 -81.64 26.88
CA MET FA 103 77.39 -80.37 26.51
C MET FA 103 78.82 -80.25 26.97
N ARG FA 104 79.22 -81.02 27.99
CA ARG FA 104 80.63 -81.03 28.34
C ARG FA 104 81.51 -81.64 27.26
N THR FA 105 80.93 -82.40 26.33
CA THR FA 105 81.69 -83.18 25.35
C THR FA 105 81.41 -82.75 23.92
N ASP FA 106 80.15 -82.68 23.52
CA ASP FA 106 79.81 -82.51 22.12
C ASP FA 106 80.24 -81.14 21.60
N PRO FA 107 80.54 -81.01 20.30
CA PRO FA 107 80.85 -79.69 19.76
C PRO FA 107 79.67 -78.75 19.62
N ASP FA 108 78.45 -79.26 19.53
CA ASP FA 108 77.30 -78.44 19.21
C ASP FA 108 76.43 -78.13 20.41
N TYR FA 109 76.34 -79.04 21.37
CA TYR FA 109 75.81 -78.67 22.67
C TYR FA 109 76.71 -77.68 23.40
N MET FA 110 77.97 -77.58 23.00
CA MET FA 110 78.93 -76.59 23.47
C MET FA 110 78.37 -75.17 23.38
N ARG FA 111 78.90 -74.23 24.17
CA ARG FA 111 78.36 -72.87 24.22
C ARG FA 111 79.42 -71.80 24.23
N LYS FA 112 79.39 -70.99 23.20
CA LYS FA 112 80.37 -69.95 22.98
C LYS FA 112 79.88 -68.62 23.51
N THR FA 113 80.82 -67.73 23.75
CA THR FA 113 80.55 -66.43 24.31
C THR FA 113 79.87 -65.55 23.27
N ALA FA 114 79.45 -64.38 23.73
CA ALA FA 114 78.88 -63.39 22.83
C ALA FA 114 79.96 -62.69 22.03
N LYS FA 115 80.98 -62.18 22.74
CA LYS FA 115 82.07 -61.45 22.11
C LYS FA 115 83.35 -61.75 22.88
N SER FA 116 84.43 -61.12 22.44
CA SER FA 116 85.75 -61.38 22.99
C SER FA 116 85.89 -60.65 24.33
N LEU FA 117 87.07 -60.71 24.90
CA LEU FA 117 87.30 -60.12 26.21
C LEU FA 117 88.80 -60.06 26.47
N MET FA 118 89.17 -59.14 27.35
CA MET FA 118 90.50 -59.07 27.91
C MET FA 118 90.37 -58.70 29.38
N VAL FA 119 91.36 -59.09 30.17
CA VAL FA 119 91.35 -58.88 31.61
C VAL FA 119 92.75 -58.46 32.01
N ASP FA 120 92.90 -57.21 32.42
CA ASP FA 120 94.19 -56.69 32.83
C ASP FA 120 94.54 -57.27 34.20
N GLU FA 121 95.65 -56.78 34.76
CA GLU FA 121 96.19 -57.35 35.98
C GLU FA 121 95.26 -57.22 37.17
N ARG FA 122 94.37 -56.23 37.16
CA ARG FA 122 93.40 -56.04 38.24
C ARG FA 122 92.07 -55.67 37.60
N GLU FA 123 91.28 -56.67 37.27
CA GLU FA 123 89.95 -56.48 36.74
C GLU FA 123 89.13 -57.69 37.13
N ILE FA 124 87.87 -57.45 37.46
CA ILE FA 124 87.03 -58.47 38.07
C ILE FA 124 86.04 -58.94 37.01
N VAL FA 125 85.59 -60.17 37.17
CA VAL FA 125 84.46 -60.69 36.43
C VAL FA 125 83.56 -61.37 37.43
N LYS FA 126 82.26 -61.26 37.21
CA LYS FA 126 81.27 -61.79 38.13
C LYS FA 126 80.30 -62.68 37.37
N VAL FA 127 79.75 -63.62 38.09
CA VAL FA 127 78.76 -64.55 37.57
C VAL FA 127 77.52 -64.39 38.43
N PHE FA 128 76.64 -63.52 38.01
CA PHE FA 128 75.40 -63.31 38.74
C PHE FA 128 74.40 -64.38 38.35
N VAL FA 129 73.56 -64.76 39.31
CA VAL FA 129 72.67 -65.89 39.18
C VAL FA 129 71.30 -65.42 39.63
N ASP FA 130 70.37 -65.34 38.69
CA ASP FA 130 69.00 -64.97 38.99
C ASP FA 130 68.22 -66.25 39.20
N VAL FA 131 68.12 -66.66 40.47
CA VAL FA 131 67.08 -67.59 40.90
C VAL FA 131 65.87 -66.75 41.30
N PRO FA 132 64.77 -66.77 40.55
CA PRO FA 132 63.72 -65.78 40.79
C PRO FA 132 63.05 -65.94 42.15
N ASP FA 133 62.64 -67.16 42.46
CA ASP FA 133 61.80 -67.39 43.63
C ASP FA 133 61.49 -68.87 43.73
N GLY FA 134 60.90 -69.25 44.87
CA GLY FA 134 60.30 -70.56 45.06
C GLY FA 134 61.22 -71.71 44.70
N ALA FA 135 62.49 -71.60 45.04
CA ALA FA 135 63.53 -72.50 44.57
C ALA FA 135 64.42 -72.90 45.72
N ASN FA 136 65.36 -73.79 45.42
CA ASN FA 136 66.35 -74.22 46.37
C ASN FA 136 67.55 -73.30 46.33
N GLY FA 137 68.16 -73.11 47.50
CA GLY FA 137 69.34 -72.30 47.57
C GLY FA 137 70.51 -72.94 46.84
N TYR FA 138 71.45 -72.09 46.44
CA TYR FA 138 72.62 -72.53 45.70
C TYR FA 138 73.73 -72.96 46.64
N ASP FA 139 74.48 -73.98 46.22
CA ASP FA 139 75.75 -74.32 46.83
C ASP FA 139 76.80 -74.47 45.75
N ALA FA 140 78.05 -74.21 46.13
CA ALA FA 140 79.18 -74.20 45.22
C ALA FA 140 79.98 -75.49 45.27
N GLU FA 141 80.12 -76.08 46.46
CA GLU FA 141 80.88 -77.31 46.60
C GLU FA 141 80.29 -78.44 45.77
N ARG FA 142 78.97 -78.43 45.59
CA ARG FA 142 78.29 -79.35 44.69
C ARG FA 142 78.17 -78.81 43.28
N SER FA 143 79.05 -77.87 42.91
CA SER FA 143 78.94 -77.21 41.62
C SER FA 143 80.33 -76.89 41.09
N ARG FA 144 80.38 -76.66 39.78
CA ARG FA 144 81.64 -76.41 39.07
C ARG FA 144 81.38 -75.38 38.01
N PHE FA 145 82.38 -75.16 37.16
CA PHE FA 145 82.35 -74.11 36.16
C PHE FA 145 83.60 -74.29 35.31
N THR FA 146 83.54 -73.82 34.07
CA THR FA 146 84.72 -73.76 33.21
C THR FA 146 84.61 -72.58 32.27
N LEU FA 147 85.62 -72.41 31.45
CA LEU FA 147 85.59 -71.40 30.39
C LEU FA 147 86.24 -71.85 29.09
N GLY FA 148 86.85 -73.03 29.04
CA GLY FA 148 87.65 -73.38 27.88
C GLY FA 148 87.83 -74.86 27.70
N ASP FA 149 88.22 -75.23 26.48
CA ASP FA 149 88.63 -76.60 26.15
C ASP FA 149 89.91 -76.48 25.32
N ASP FA 150 91.04 -76.42 26.01
CA ASP FA 150 92.34 -76.41 25.33
C ASP FA 150 92.77 -77.81 24.92
N THR FA 151 92.24 -78.83 25.58
CA THR FA 151 92.64 -80.20 25.30
C THR FA 151 92.20 -80.60 23.90
N SER FA 152 91.04 -80.13 23.49
CA SER FA 152 90.40 -80.62 22.29
C SER FA 152 90.94 -79.90 21.06
N ASP FA 153 90.27 -80.10 19.93
CA ASP FA 153 90.71 -79.61 18.63
C ASP FA 153 89.76 -78.55 18.08
N PHE FA 154 88.48 -78.92 17.93
CA PHE FA 154 87.50 -78.01 17.38
C PHE FA 154 87.29 -76.80 18.28
N GLY FA 155 87.42 -76.99 19.60
CA GLY FA 155 87.07 -75.97 20.56
C GLY FA 155 88.19 -75.02 20.87
N LYS FA 156 87.84 -73.94 21.56
CA LYS FA 156 88.76 -72.86 21.89
C LYS FA 156 89.20 -72.97 23.35
N ALA FA 157 89.99 -72.00 23.77
CA ALA FA 157 90.54 -71.99 25.12
C ALA FA 157 90.95 -70.58 25.47
N VAL FA 158 91.36 -70.42 26.72
CA VAL FA 158 91.76 -69.11 27.24
C VAL FA 158 93.22 -68.91 26.93
N GLU FA 159 93.56 -67.68 26.54
CA GLU FA 159 94.92 -67.33 26.14
C GLU FA 159 95.52 -66.47 27.25
N ILE FA 160 96.42 -67.05 28.03
CA ILE FA 160 97.10 -66.33 29.10
C ILE FA 160 98.45 -65.87 28.61
N VAL FA 161 98.88 -64.72 29.11
CA VAL FA 161 100.18 -64.14 28.83
C VAL FA 161 100.70 -63.50 30.11
N ASP FA 162 102.01 -63.62 30.33
CA ASP FA 162 102.67 -62.89 31.38
C ASP FA 162 102.99 -61.49 30.88
N HIS FA 163 102.62 -60.49 31.69
CA HIS FA 163 102.78 -59.10 31.27
C HIS FA 163 104.23 -58.71 31.06
N ASP FA 164 105.18 -59.45 31.64
CA ASP FA 164 106.58 -59.03 31.59
C ASP FA 164 107.16 -59.15 30.19
N ASP FA 165 106.68 -60.11 29.40
CA ASP FA 165 107.29 -60.46 28.12
C ASP FA 165 106.72 -59.66 26.96
N LEU FA 166 106.17 -58.47 27.22
CA LEU FA 166 105.52 -57.67 26.19
C LEU FA 166 106.05 -56.24 26.19
N THR FA 167 105.80 -55.58 25.05
CA THR FA 167 105.99 -54.15 24.89
C THR FA 167 104.69 -53.43 24.59
N GLU FA 168 103.64 -54.14 24.20
CA GLU FA 168 102.28 -53.61 24.09
C GLU FA 168 101.54 -53.62 25.41
N GLY FA 169 102.24 -53.83 26.53
CA GLY FA 169 101.58 -53.88 27.82
C GLY FA 169 100.87 -52.59 28.16
N GLU FA 170 101.47 -51.46 27.81
CA GLU FA 170 100.82 -50.18 28.07
C GLU FA 170 99.56 -50.02 27.22
N THR FA 171 99.61 -50.47 25.96
CA THR FA 171 98.44 -50.37 25.10
C THR FA 171 97.31 -51.23 25.62
N GLN FA 172 97.64 -52.44 26.06
CA GLN FA 172 96.64 -53.31 26.67
C GLN FA 172 96.18 -52.77 28.02
N ALA FA 173 96.96 -51.91 28.66
CA ALA FA 173 96.53 -51.25 29.89
C ALA FA 173 95.58 -50.11 29.61
N VAL FA 174 95.69 -49.46 28.45
CA VAL FA 174 94.75 -48.43 28.06
C VAL FA 174 93.39 -49.09 27.84
#